data_6Z05
#
_entry.id   6Z05
#
_cell.length_a   1.00
_cell.length_b   1.00
_cell.length_c   1.00
_cell.angle_alpha   90.00
_cell.angle_beta   90.00
_cell.angle_gamma   90.00
#
_symmetry.space_group_name_H-M   'P 1'
#
_entity_poly.entity_id   1
_entity_poly.type   'polypeptide(L)'
_entity_poly.pdbx_seq_one_letter_code
;VLSYHDSIKDAKKSVVNISTSKTITRANRPSPLDDFFNDPYFKQFFDFDFPQRKGKNDKEVVSSLGSGVIISKDGYIVTN
NHVVDDADTITVNLPGSDIEYKAKLIGKDPKTDLAVIKIEANNLSAITFTNSDDLMEGDVVFALGNPFGVGFSVTSGIIS
ALNKDNIGLNQYENFIQTDASINPGNSGGALVDSRGYLVGINSAILSRGGGNNGIGFAIPSNMVKDIAKKLIEKGKIDRG
FLGVTILALQGDTKKAYKNQEGALITDVQKGSSADEAGLKRGDLVTKVNNKVIKSPIDLKNYIGTLEIGQKISLSYERDG
ENKQASFILKGEKENPKGVQSDLIDGLSLRNLDPRLKDRLQIPKDVNGVLVDSVKEKSKGKNSGFQEGDIIIGVGQSEIK
NLKDLEQALKQVNKKEFTKVWVYRNGFATLLVLK
;
_entity_poly.pdbx_strand_id   A,B,C,D,E,F,G,H,I,J,K,L
#
# COMPACT_ATOMS: atom_id res chain seq x y z
N VAL A 1 46.32 39.56 -50.08
CA VAL A 1 44.99 39.40 -49.49
C VAL A 1 44.71 40.53 -48.52
N LEU A 2 43.55 41.18 -48.61
CA LEU A 2 43.05 42.08 -47.59
C LEU A 2 42.54 41.26 -46.40
N SER A 3 43.23 41.59 -45.29
CA SER A 3 42.96 41.11 -43.96
C SER A 3 43.22 42.20 -42.93
N TYR A 4 42.23 42.42 -42.07
CA TYR A 4 42.31 43.28 -40.90
C TYR A 4 42.77 42.48 -39.69
N HIS A 5 43.84 41.68 -39.81
CA HIS A 5 44.74 41.30 -38.75
C HIS A 5 45.44 42.43 -38.02
N ASP A 6 45.59 43.61 -38.62
CA ASP A 6 46.37 44.76 -38.18
C ASP A 6 45.96 45.39 -36.86
N SER A 7 44.65 45.35 -36.59
CA SER A 7 44.10 45.56 -35.27
C SER A 7 44.44 44.45 -34.27
N ILE A 8 44.14 43.24 -34.74
CA ILE A 8 44.32 42.02 -33.97
C ILE A 8 45.74 42.03 -33.39
N LYS A 9 46.65 42.51 -34.21
CA LYS A 9 48.09 42.50 -33.95
C LYS A 9 48.52 43.16 -32.65
N ASP A 10 48.09 44.41 -32.43
CA ASP A 10 48.53 45.15 -31.26
C ASP A 10 47.54 45.04 -30.11
N ALA A 11 46.31 44.59 -30.40
CA ALA A 11 45.26 44.43 -29.43
C ALA A 11 45.45 43.18 -28.57
N LYS A 12 46.01 42.09 -29.11
CA LYS A 12 46.50 41.12 -28.16
C LYS A 12 47.46 41.55 -27.07
N LYS A 13 48.30 42.55 -27.31
CA LYS A 13 49.33 42.99 -26.39
C LYS A 13 48.78 43.96 -25.35
N SER A 14 47.52 44.38 -25.42
CA SER A 14 46.74 45.23 -24.54
C SER A 14 45.60 44.43 -23.92
N VAL A 15 44.85 43.65 -24.71
CA VAL A 15 43.75 42.81 -24.27
C VAL A 15 44.23 41.47 -23.75
N VAL A 16 44.27 41.34 -22.42
CA VAL A 16 44.81 40.22 -21.67
C VAL A 16 43.86 39.03 -21.53
N ASN A 17 44.36 37.82 -21.28
CA ASN A 17 43.67 36.64 -20.82
C ASN A 17 44.03 36.28 -19.39
N ILE A 18 43.20 35.65 -18.56
CA ILE A 18 43.39 35.68 -17.13
C ILE A 18 43.41 34.30 -16.47
N SER A 19 44.50 34.02 -15.75
CA SER A 19 44.72 32.85 -14.92
C SER A 19 44.22 33.08 -13.50
N THR A 20 42.98 33.52 -13.34
CA THR A 20 42.32 34.16 -12.21
C THR A 20 42.17 33.30 -10.96
N SER A 21 43.20 32.65 -10.44
CA SER A 21 43.28 31.77 -9.28
C SER A 21 42.73 32.47 -8.06
N LYS A 22 41.58 31.97 -7.60
CA LYS A 22 40.93 32.45 -6.40
C LYS A 22 40.13 31.33 -5.73
N THR A 23 40.13 31.23 -4.41
CA THR A 23 39.59 30.03 -3.79
C THR A 23 38.09 29.89 -3.59
N ILE A 24 37.40 31.03 -3.60
CA ILE A 24 35.97 31.25 -3.58
C ILE A 24 35.45 31.73 -4.93
N THR A 25 35.50 30.87 -5.96
CA THR A 25 34.71 31.21 -7.13
C THR A 25 33.23 30.91 -6.95
N ARG A 26 32.52 31.82 -6.26
CA ARG A 26 31.13 31.59 -5.96
C ARG A 26 30.27 32.81 -6.24
N ALA A 27 30.81 33.94 -6.68
CA ALA A 27 29.98 35.02 -7.17
C ALA A 27 29.60 34.98 -8.65
N ASN A 28 30.27 34.22 -9.51
CA ASN A 28 30.05 33.82 -10.89
C ASN A 28 29.84 32.31 -10.99
N ARG A 29 29.36 31.62 -9.96
CA ARG A 29 28.97 30.23 -9.90
C ARG A 29 27.89 30.03 -10.93
N PRO A 30 27.85 28.88 -11.60
CA PRO A 30 26.87 28.61 -12.63
C PRO A 30 25.51 28.63 -11.95
N SER A 31 24.52 29.25 -12.59
CA SER A 31 23.15 29.19 -12.12
C SER A 31 22.67 27.76 -12.29
N PRO A 32 21.71 27.24 -11.51
CA PRO A 32 21.10 25.94 -11.70
C PRO A 32 20.28 25.89 -12.99
N LEU A 33 20.88 25.45 -14.09
CA LEU A 33 20.33 25.43 -15.42
C LEU A 33 20.54 24.06 -16.05
N ASP A 34 19.64 23.71 -16.96
CA ASP A 34 19.73 22.49 -17.73
C ASP A 34 20.75 22.65 -18.85
N ASP A 35 22.05 22.71 -18.53
CA ASP A 35 23.07 22.81 -19.56
C ASP A 35 23.49 21.42 -20.00
N PHE A 36 24.75 21.18 -20.38
CA PHE A 36 25.42 19.92 -20.65
C PHE A 36 25.87 19.11 -19.44
N PHE A 37 25.01 19.12 -18.42
CA PHE A 37 25.32 18.54 -17.13
C PHE A 37 25.21 17.02 -17.07
N ASN A 38 25.61 16.41 -15.95
CA ASN A 38 26.03 15.05 -15.67
C ASN A 38 27.31 14.59 -16.35
N ASP A 39 27.55 14.87 -17.64
CA ASP A 39 28.74 14.50 -18.36
C ASP A 39 29.48 15.66 -19.03
N PRO A 40 29.77 16.77 -18.35
CA PRO A 40 30.49 17.86 -18.96
C PRO A 40 31.98 17.53 -19.09
N TYR A 41 32.55 17.54 -20.29
CA TYR A 41 33.97 17.40 -20.55
C TYR A 41 34.74 18.69 -20.31
N PHE A 42 35.32 19.36 -21.30
CA PHE A 42 35.97 20.63 -21.06
C PHE A 42 34.89 21.70 -20.96
N LYS A 43 35.07 22.68 -20.07
CA LYS A 43 34.02 23.66 -19.88
C LYS A 43 33.69 24.43 -21.16
N GLN A 44 32.44 24.78 -21.47
CA GLN A 44 32.08 25.54 -22.65
C GLN A 44 32.26 24.84 -24.00
N PHE A 45 32.34 23.51 -24.01
CA PHE A 45 32.21 22.66 -25.18
C PHE A 45 30.78 22.15 -25.33
N PHE A 46 30.45 21.28 -26.28
CA PHE A 46 29.20 20.55 -26.36
C PHE A 46 29.48 19.06 -26.48
N ASP A 47 30.70 18.53 -26.44
CA ASP A 47 31.10 17.34 -27.18
C ASP A 47 31.07 15.98 -26.53
N PHE A 48 31.18 14.85 -27.24
CA PHE A 48 31.15 13.51 -26.68
C PHE A 48 32.61 13.17 -26.44
N ASP A 49 32.99 12.01 -25.90
CA ASP A 49 34.35 11.72 -25.48
C ASP A 49 35.34 11.83 -26.63
N PHE A 50 36.23 12.82 -26.57
CA PHE A 50 37.42 12.98 -27.38
C PHE A 50 38.73 12.63 -26.71
N PRO A 51 39.78 12.12 -27.36
CA PRO A 51 41.00 11.62 -26.78
C PRO A 51 41.68 12.43 -25.68
N GLN A 52 41.74 13.76 -25.73
CA GLN A 52 42.30 14.58 -24.67
C GLN A 52 41.48 14.68 -23.39
N ARG A 53 41.96 13.99 -22.36
CA ARG A 53 41.59 14.18 -20.97
C ARG A 53 41.77 15.59 -20.43
N LYS A 54 41.24 15.78 -19.23
CA LYS A 54 41.28 16.95 -18.36
C LYS A 54 42.68 17.53 -18.25
N GLY A 55 42.73 18.86 -18.16
CA GLY A 55 43.95 19.61 -17.94
C GLY A 55 44.10 20.92 -18.70
N LYS A 56 43.14 21.34 -19.53
CA LYS A 56 43.05 22.54 -20.33
C LYS A 56 41.99 23.59 -19.97
N ASN A 57 40.74 23.15 -19.82
CA ASN A 57 39.64 23.85 -19.19
C ASN A 57 38.95 23.01 -18.12
N ASP A 58 39.25 23.32 -16.86
CA ASP A 58 38.66 22.74 -15.66
C ASP A 58 38.76 23.69 -14.48
N LYS A 59 39.81 24.50 -14.34
CA LYS A 59 40.11 25.34 -13.21
C LYS A 59 39.08 26.38 -12.79
N GLU A 60 38.08 26.71 -13.61
CA GLU A 60 37.08 27.75 -13.50
C GLU A 60 36.19 27.72 -12.27
N VAL A 61 36.26 26.72 -11.38
CA VAL A 61 35.51 26.47 -10.18
C VAL A 61 36.34 26.79 -8.94
N VAL A 62 37.67 26.92 -9.03
CA VAL A 62 38.58 27.34 -7.99
C VAL A 62 39.54 28.33 -8.66
N SER A 63 39.08 28.98 -9.73
CA SER A 63 39.76 30.01 -10.49
C SER A 63 38.64 30.72 -11.26
N SER A 64 38.99 31.64 -12.16
CA SER A 64 38.13 31.96 -13.28
C SER A 64 38.90 32.07 -14.57
N LEU A 65 38.24 32.21 -15.72
CA LEU A 65 38.73 32.45 -17.05
C LEU A 65 38.10 33.74 -17.57
N GLY A 66 39.01 34.62 -18.01
CA GLY A 66 38.55 35.91 -18.48
C GLY A 66 39.49 36.61 -19.44
N SER A 67 39.14 37.90 -19.55
CA SER A 67 39.83 38.83 -20.41
C SER A 67 39.80 40.25 -19.86
N GLY A 68 40.77 41.11 -20.17
CA GLY A 68 40.85 42.49 -19.78
C GLY A 68 41.72 43.32 -20.73
N VAL A 69 41.97 44.58 -20.36
CA VAL A 69 42.62 45.57 -21.18
C VAL A 69 43.58 46.38 -20.31
N ILE A 70 44.85 46.52 -20.65
CA ILE A 70 45.81 47.39 -20.00
C ILE A 70 45.60 48.76 -20.61
N ILE A 71 45.17 49.70 -19.74
CA ILE A 71 44.66 50.98 -20.21
C ILE A 71 45.81 51.95 -20.39
N SER A 72 46.72 52.11 -19.42
CA SER A 72 47.87 52.99 -19.41
C SER A 72 49.15 52.19 -19.19
N LYS A 73 50.31 52.76 -19.50
CA LYS A 73 51.62 52.14 -19.39
C LYS A 73 52.04 51.77 -17.98
N ASP A 74 51.38 52.23 -16.92
CA ASP A 74 51.43 51.77 -15.55
C ASP A 74 51.16 50.27 -15.49
N GLY A 75 50.56 49.66 -16.51
CA GLY A 75 50.04 48.30 -16.45
C GLY A 75 48.75 48.19 -15.64
N TYR A 76 47.91 49.23 -15.66
CA TYR A 76 46.61 49.26 -15.02
C TYR A 76 45.68 48.53 -15.98
N ILE A 77 45.51 47.23 -15.70
CA ILE A 77 44.49 46.40 -16.32
C ILE A 77 43.13 46.71 -15.71
N VAL A 78 42.14 46.60 -16.61
CA VAL A 78 40.74 46.61 -16.24
C VAL A 78 40.14 45.33 -16.79
N THR A 79 39.24 44.69 -16.05
CA THR A 79 38.27 43.67 -16.41
C THR A 79 36.98 43.77 -15.60
N ASN A 80 36.02 42.89 -15.87
CA ASN A 80 34.84 42.72 -15.05
C ASN A 80 35.17 42.49 -13.58
N ASN A 81 34.35 43.01 -12.66
CA ASN A 81 34.55 42.72 -11.25
C ASN A 81 34.13 41.30 -10.92
N HIS A 82 33.07 40.78 -11.55
CA HIS A 82 32.61 39.45 -11.20
C HIS A 82 33.61 38.35 -11.54
N VAL A 83 34.59 38.54 -12.43
CA VAL A 83 35.64 37.64 -12.85
C VAL A 83 36.59 37.58 -11.68
N VAL A 84 36.87 38.71 -11.01
CA VAL A 84 37.77 38.84 -9.88
C VAL A 84 37.23 39.02 -8.48
N ASP A 85 35.91 39.00 -8.24
CA ASP A 85 35.25 38.94 -6.95
C ASP A 85 35.86 37.89 -6.04
N ASP A 86 36.35 38.24 -4.85
CA ASP A 86 37.37 37.49 -4.13
C ASP A 86 38.65 37.32 -4.94
N ALA A 87 39.60 38.26 -5.01
CA ALA A 87 40.68 38.44 -5.97
C ALA A 87 42.03 37.83 -5.63
N ASP A 88 42.11 36.82 -4.76
CA ASP A 88 43.29 36.26 -4.14
C ASP A 88 44.58 36.29 -4.94
N THR A 89 44.72 35.39 -5.93
CA THR A 89 45.96 35.11 -6.63
C THR A 89 45.95 35.36 -8.13
N ILE A 90 45.10 36.32 -8.51
CA ILE A 90 44.79 36.59 -9.90
C ILE A 90 46.01 36.79 -10.79
N THR A 91 46.39 35.73 -11.49
CA THR A 91 47.59 35.64 -12.31
C THR A 91 47.22 35.70 -13.78
N VAL A 92 48.19 36.05 -14.64
CA VAL A 92 47.92 36.36 -16.03
C VAL A 92 48.54 35.52 -17.13
N ASN A 93 47.78 35.36 -18.22
CA ASN A 93 48.29 35.21 -19.57
C ASN A 93 48.04 36.36 -20.53
N LEU A 94 49.13 37.10 -20.76
CA LEU A 94 49.16 38.12 -21.79
C LEU A 94 49.48 37.56 -23.17
N PRO A 95 48.46 37.39 -24.01
CA PRO A 95 48.64 36.73 -25.30
C PRO A 95 49.69 37.45 -26.15
N GLY A 96 50.76 36.72 -26.46
CA GLY A 96 51.83 37.20 -27.32
C GLY A 96 53.10 37.46 -26.52
N SER A 97 53.07 37.35 -25.20
CA SER A 97 54.25 37.41 -24.35
C SER A 97 54.28 36.49 -23.16
N ASP A 98 53.13 35.96 -22.73
CA ASP A 98 53.01 34.83 -21.84
C ASP A 98 53.61 35.04 -20.46
N ILE A 99 53.34 36.19 -19.84
CA ILE A 99 53.95 36.64 -18.60
C ILE A 99 53.17 36.29 -17.33
N GLU A 100 53.50 35.15 -16.71
CA GLU A 100 52.68 34.57 -15.66
C GLU A 100 52.95 35.12 -14.27
N TYR A 101 53.00 36.44 -14.07
CA TYR A 101 52.89 37.09 -12.78
C TYR A 101 51.46 37.16 -12.26
N LYS A 102 51.39 37.31 -10.92
CA LYS A 102 50.19 37.88 -10.33
C LYS A 102 50.06 39.37 -10.62
N ALA A 103 48.84 39.89 -10.45
CA ALA A 103 48.47 41.29 -10.46
C ALA A 103 47.86 41.75 -9.15
N LYS A 104 48.25 42.95 -8.70
CA LYS A 104 47.56 43.61 -7.61
C LYS A 104 46.19 44.18 -7.98
N LEU A 105 45.14 43.65 -7.34
CA LEU A 105 43.85 44.30 -7.37
C LEU A 105 43.94 45.64 -6.63
N ILE A 106 43.91 46.75 -7.36
CA ILE A 106 43.92 48.05 -6.70
C ILE A 106 42.51 48.40 -6.28
N GLY A 107 41.49 48.16 -7.11
CA GLY A 107 40.16 48.43 -6.59
C GLY A 107 39.05 47.99 -7.54
N LYS A 108 37.86 47.75 -6.98
CA LYS A 108 36.75 47.12 -7.67
C LYS A 108 35.46 47.79 -7.19
N ASP A 109 34.50 47.87 -8.12
CA ASP A 109 33.18 48.43 -7.86
C ASP A 109 32.11 47.50 -8.42
N PRO A 110 31.19 46.97 -7.61
CA PRO A 110 30.30 45.90 -7.99
C PRO A 110 28.97 46.43 -8.50
N LYS A 111 28.91 47.74 -8.73
CA LYS A 111 27.70 48.37 -9.22
C LYS A 111 27.77 48.62 -10.72
N THR A 112 28.93 49.09 -11.19
CA THR A 112 29.32 49.01 -12.58
C THR A 112 29.87 47.67 -13.03
N ASP A 113 30.38 46.87 -12.08
CA ASP A 113 31.09 45.62 -12.15
C ASP A 113 32.38 45.77 -12.95
N LEU A 114 33.31 46.61 -12.51
CA LEU A 114 34.61 46.90 -13.08
C LEU A 114 35.65 47.11 -11.99
N ALA A 115 36.85 46.69 -12.35
CA ALA A 115 37.98 46.76 -11.46
C ALA A 115 39.30 47.11 -12.12
N VAL A 116 40.18 47.83 -11.43
CA VAL A 116 41.50 48.30 -11.84
C VAL A 116 42.53 47.49 -11.07
N ILE A 117 43.52 47.01 -11.82
CA ILE A 117 44.42 45.95 -11.42
C ILE A 117 45.78 46.15 -12.07
N LYS A 118 46.76 46.56 -11.25
CA LYS A 118 48.17 46.65 -11.57
C LYS A 118 48.80 45.28 -11.78
N ILE A 119 49.31 44.91 -12.95
CA ILE A 119 50.13 43.75 -13.25
C ILE A 119 51.57 44.18 -12.97
N GLU A 120 52.26 43.45 -12.11
CA GLU A 120 53.63 43.74 -11.72
C GLU A 120 54.72 43.24 -12.65
N ALA A 121 54.71 43.72 -13.89
CA ALA A 121 55.81 43.79 -14.83
C ALA A 121 56.06 45.18 -15.40
N ASN A 122 56.72 45.21 -16.56
CA ASN A 122 57.07 46.47 -17.18
C ASN A 122 56.85 46.42 -18.69
N ASN A 123 56.99 47.55 -19.37
CA ASN A 123 56.75 47.75 -20.78
C ASN A 123 55.42 47.12 -21.16
N LEU A 124 54.42 47.51 -20.33
CA LEU A 124 53.05 47.06 -20.45
C LEU A 124 52.19 48.06 -21.20
N SER A 125 51.26 47.61 -22.03
CA SER A 125 50.63 48.37 -23.10
C SER A 125 49.61 49.38 -22.55
N ALA A 126 49.61 50.59 -23.10
CA ALA A 126 48.46 51.47 -23.11
C ALA A 126 47.49 50.84 -24.10
N ILE A 127 46.29 51.44 -24.13
CA ILE A 127 45.34 51.29 -25.22
C ILE A 127 44.88 52.67 -25.63
N THR A 128 44.56 52.84 -26.92
CA THR A 128 44.18 54.12 -27.47
C THR A 128 42.71 54.31 -27.15
N PHE A 129 42.34 55.05 -26.09
CA PHE A 129 41.03 55.05 -25.47
C PHE A 129 40.19 56.21 -26.00
N THR A 130 39.50 55.98 -27.12
CA THR A 130 38.66 56.94 -27.80
C THR A 130 37.28 56.89 -27.16
N ASN A 131 36.36 57.71 -27.68
CA ASN A 131 35.02 57.87 -27.14
C ASN A 131 34.12 56.73 -27.64
N SER A 132 33.34 56.08 -26.77
CA SER A 132 32.23 55.26 -27.20
C SER A 132 31.11 56.02 -27.87
N ASP A 133 30.83 57.28 -27.52
CA ASP A 133 29.65 58.04 -27.87
C ASP A 133 29.76 58.91 -29.12
N ASP A 134 30.91 58.92 -29.79
CA ASP A 134 31.13 59.38 -31.15
C ASP A 134 30.81 58.33 -32.21
N LEU A 135 30.55 57.11 -31.76
CA LEU A 135 29.95 56.01 -32.50
C LEU A 135 28.51 56.31 -32.88
N MET A 136 28.20 55.92 -34.11
CA MET A 136 26.84 55.74 -34.59
C MET A 136 26.69 54.25 -34.90
N GLU A 137 25.41 53.87 -34.94
CA GLU A 137 24.89 52.62 -35.44
C GLU A 137 25.34 52.28 -36.85
N GLY A 138 25.70 51.06 -37.27
CA GLY A 138 26.37 50.70 -38.50
C GLY A 138 27.89 50.84 -38.59
N ASP A 139 28.49 51.60 -37.68
CA ASP A 139 29.93 51.70 -37.59
C ASP A 139 30.57 50.35 -37.34
N VAL A 140 31.71 50.11 -37.98
CA VAL A 140 32.49 48.89 -38.02
C VAL A 140 33.37 48.76 -36.79
N VAL A 141 33.46 47.57 -36.21
CA VAL A 141 34.12 47.29 -34.95
C VAL A 141 34.73 45.90 -34.97
N PHE A 142 35.78 45.74 -34.15
CA PHE A 142 36.31 44.43 -33.83
C PHE A 142 36.02 44.11 -32.37
N ALA A 143 35.91 42.81 -32.08
CA ALA A 143 35.60 42.31 -30.76
C ALA A 143 36.64 41.32 -30.25
N LEU A 144 37.11 41.49 -29.01
CA LEU A 144 38.43 41.04 -28.62
C LEU A 144 38.43 40.32 -27.27
N GLY A 145 39.48 39.54 -27.05
CA GLY A 145 39.66 38.68 -25.88
C GLY A 145 39.86 37.21 -26.21
N ASN A 146 39.45 36.36 -25.27
CA ASN A 146 39.55 34.92 -25.36
C ASN A 146 38.22 34.20 -25.17
N PRO A 147 37.50 33.85 -26.23
CA PRO A 147 36.24 33.13 -26.20
C PRO A 147 36.31 31.71 -25.67
N PHE A 148 35.54 31.35 -24.64
CA PHE A 148 35.39 30.02 -24.09
C PHE A 148 36.69 29.26 -23.89
N GLY A 149 37.78 29.96 -23.57
CA GLY A 149 39.12 29.41 -23.49
C GLY A 149 39.84 28.89 -24.72
N VAL A 150 39.40 29.13 -25.96
CA VAL A 150 40.12 28.68 -27.15
C VAL A 150 41.46 29.38 -27.29
N GLY A 151 41.75 30.38 -26.47
CA GLY A 151 42.92 31.23 -26.59
C GLY A 151 42.47 32.54 -27.22
N PHE A 152 43.37 33.50 -27.37
CA PHE A 152 43.07 34.82 -27.90
C PHE A 152 42.61 34.77 -29.35
N SER A 153 41.37 35.14 -29.68
CA SER A 153 40.61 34.98 -30.90
C SER A 153 39.64 36.13 -31.05
N VAL A 154 39.69 36.77 -32.22
CA VAL A 154 38.95 37.98 -32.49
C VAL A 154 37.83 37.88 -33.51
N THR A 155 36.92 38.85 -33.53
CA THR A 155 35.84 38.90 -34.50
C THR A 155 35.75 40.34 -34.99
N SER A 156 34.91 40.56 -36.01
CA SER A 156 34.59 41.88 -36.50
C SER A 156 33.23 42.02 -37.18
N GLY A 157 32.61 43.19 -36.97
CA GLY A 157 31.20 43.32 -37.27
C GLY A 157 30.79 44.78 -37.18
N ILE A 158 29.52 45.04 -36.87
CA ILE A 158 28.97 46.39 -36.82
C ILE A 158 28.03 46.62 -35.65
N ILE A 159 27.77 47.91 -35.38
CA ILE A 159 26.86 48.30 -34.31
C ILE A 159 25.40 48.29 -34.76
N SER A 160 24.60 47.61 -33.93
CA SER A 160 23.18 47.49 -34.22
C SER A 160 22.21 48.09 -33.21
N ALA A 161 22.73 48.48 -32.05
CA ALA A 161 21.99 49.32 -31.10
C ALA A 161 22.93 50.05 -30.16
N LEU A 162 22.56 51.22 -29.61
CA LEU A 162 23.39 52.12 -28.87
C LEU A 162 22.89 52.33 -27.44
N ASN A 163 23.86 52.65 -26.59
CA ASN A 163 23.76 53.46 -25.39
C ASN A 163 22.60 53.10 -24.46
N LYS A 164 22.55 51.81 -24.09
CA LYS A 164 21.38 51.14 -23.56
C LYS A 164 21.44 50.72 -22.09
N ASP A 165 20.40 51.02 -21.32
CA ASP A 165 20.00 50.40 -20.07
C ASP A 165 18.92 49.36 -20.25
N ASN A 166 18.12 49.02 -19.23
CA ASN A 166 17.16 47.94 -19.23
C ASN A 166 17.73 46.54 -19.43
N ILE A 167 18.96 46.34 -18.98
CA ILE A 167 19.74 45.13 -19.19
C ILE A 167 19.98 44.55 -17.82
N GLY A 168 20.38 45.33 -16.80
CA GLY A 168 20.49 45.11 -15.36
C GLY A 168 21.36 43.94 -14.90
N LEU A 169 22.55 43.85 -15.50
CA LEU A 169 23.58 42.87 -15.25
C LEU A 169 24.12 43.06 -13.84
N ASN A 170 24.05 44.32 -13.38
CA ASN A 170 24.46 44.82 -12.09
C ASN A 170 23.53 45.90 -11.56
N GLN A 171 24.03 47.14 -11.57
CA GLN A 171 23.32 48.28 -11.02
C GLN A 171 23.57 49.56 -11.82
N TYR A 172 24.42 49.55 -12.83
CA TYR A 172 24.76 50.71 -13.64
C TYR A 172 25.12 50.14 -15.00
N GLU A 173 24.46 50.62 -16.06
CA GLU A 173 24.49 50.06 -17.40
C GLU A 173 24.32 51.12 -18.48
N ASN A 174 24.94 51.01 -19.66
CA ASN A 174 24.70 51.86 -20.80
C ASN A 174 25.28 51.25 -22.08
N PHE A 175 25.15 49.93 -22.26
CA PHE A 175 25.89 49.12 -23.21
C PHE A 175 25.55 49.56 -24.63
N ILE A 176 26.53 49.39 -25.54
CA ILE A 176 26.40 49.39 -26.97
C ILE A 176 26.60 47.97 -27.51
N GLN A 177 26.01 47.67 -28.69
CA GLN A 177 25.63 46.35 -29.13
C GLN A 177 26.13 46.03 -30.53
N THR A 178 26.82 44.93 -30.83
CA THR A 178 27.31 44.48 -32.11
C THR A 178 26.75 43.10 -32.42
N ASP A 179 26.86 42.69 -33.69
CA ASP A 179 26.66 41.33 -34.19
C ASP A 179 27.88 40.44 -33.99
N ALA A 180 29.10 40.97 -33.80
CA ALA A 180 30.30 40.18 -33.90
C ALA A 180 30.37 39.10 -32.82
N SER A 181 30.85 37.88 -33.02
CA SER A 181 30.74 36.78 -32.08
C SER A 181 31.64 36.85 -30.86
N ILE A 182 31.03 36.83 -29.67
CA ILE A 182 31.77 36.95 -28.43
C ILE A 182 31.17 36.08 -27.33
N ASN A 183 31.90 35.37 -26.48
CA ASN A 183 31.37 34.49 -25.46
C ASN A 183 31.89 34.82 -24.07
N PRO A 184 31.42 34.13 -23.03
CA PRO A 184 32.09 34.08 -21.74
C PRO A 184 33.56 33.73 -21.90
N GLY A 185 34.37 34.45 -21.14
CA GLY A 185 35.82 34.46 -21.28
C GLY A 185 36.34 35.61 -22.13
N ASN A 186 35.48 36.25 -22.92
CA ASN A 186 35.66 37.62 -23.38
C ASN A 186 35.16 38.63 -22.37
N SER A 187 34.58 38.18 -21.25
CA SER A 187 34.29 38.92 -20.04
C SER A 187 35.46 39.79 -19.57
N GLY A 188 35.21 41.09 -19.74
CA GLY A 188 36.13 42.20 -19.58
C GLY A 188 36.95 42.70 -20.75
N GLY A 189 36.95 41.89 -21.81
CA GLY A 189 37.58 42.23 -23.08
C GLY A 189 37.04 43.34 -23.97
N ALA A 190 37.86 44.02 -24.77
CA ALA A 190 37.60 45.17 -25.60
C ALA A 190 36.73 45.01 -26.84
N LEU A 191 36.17 46.11 -27.36
CA LEU A 191 35.49 46.35 -28.62
C LEU A 191 36.20 47.61 -29.08
N VAL A 192 36.89 47.54 -30.23
CA VAL A 192 37.61 48.62 -30.88
C VAL A 192 36.98 48.95 -32.22
N ASP A 193 37.10 50.20 -32.63
CA ASP A 193 36.63 50.65 -33.93
C ASP A 193 37.43 50.07 -35.08
N SER A 194 36.97 50.25 -36.32
CA SER A 194 37.74 49.91 -37.50
C SER A 194 39.15 50.46 -37.55
N ARG A 195 39.43 51.50 -36.76
CA ARG A 195 40.75 52.12 -36.66
C ARG A 195 41.58 51.54 -35.52
N GLY A 196 41.03 50.76 -34.59
CA GLY A 196 41.80 50.10 -33.56
C GLY A 196 41.89 50.74 -32.17
N TYR A 197 40.88 51.57 -31.91
CA TYR A 197 40.82 52.37 -30.70
C TYR A 197 39.59 51.94 -29.89
N LEU A 198 39.74 51.85 -28.56
CA LEU A 198 38.78 51.35 -27.60
C LEU A 198 37.48 52.14 -27.55
N VAL A 199 36.36 51.61 -28.05
CA VAL A 199 35.04 52.21 -27.96
C VAL A 199 34.16 51.41 -26.99
N GLY A 200 34.51 50.19 -26.61
CA GLY A 200 33.79 49.50 -25.56
C GLY A 200 34.32 48.20 -24.97
N ILE A 201 33.71 47.81 -23.84
CA ILE A 201 34.12 46.71 -22.99
C ILE A 201 33.04 45.68 -22.75
N ASN A 202 33.23 44.52 -23.38
CA ASN A 202 32.28 43.42 -23.45
C ASN A 202 32.09 42.78 -22.08
N SER A 203 30.88 42.59 -21.58
CA SER A 203 30.51 42.04 -20.29
C SER A 203 29.45 40.95 -20.46
N ALA A 204 28.58 40.94 -21.46
CA ALA A 204 27.55 39.93 -21.64
C ALA A 204 26.95 39.92 -23.03
N ILE A 205 26.14 38.90 -23.30
CA ILE A 205 25.54 38.68 -24.60
C ILE A 205 24.12 38.15 -24.44
N LEU A 206 23.13 38.56 -25.24
CA LEU A 206 21.85 37.91 -25.43
C LEU A 206 22.10 36.75 -26.38
N SER A 207 22.34 35.56 -25.86
CA SER A 207 22.29 34.30 -26.60
C SER A 207 21.56 33.20 -25.83
N ARG A 208 21.41 32.12 -26.60
CA ARG A 208 20.76 30.88 -26.22
C ARG A 208 21.75 29.75 -26.00
N GLY A 209 22.80 30.06 -25.22
CA GLY A 209 23.67 29.04 -24.67
C GLY A 209 25.12 29.48 -24.55
N GLY A 210 25.34 30.78 -24.75
CA GLY A 210 26.62 31.43 -24.49
C GLY A 210 27.59 31.41 -25.66
N GLY A 211 27.28 30.82 -26.81
CA GLY A 211 27.96 31.06 -28.07
C GLY A 211 27.17 32.17 -28.75
N ASN A 212 27.72 33.25 -29.31
CA ASN A 212 27.04 34.45 -29.78
C ASN A 212 26.00 34.14 -30.85
N ASN A 213 24.88 34.84 -30.63
CA ASN A 213 23.83 34.87 -31.62
C ASN A 213 23.41 36.24 -32.15
N GLY A 214 24.40 37.04 -32.57
CA GLY A 214 24.18 38.37 -33.11
C GLY A 214 24.02 39.54 -32.14
N ILE A 215 23.91 39.29 -30.83
CA ILE A 215 23.51 40.24 -29.80
C ILE A 215 24.47 40.23 -28.62
N GLY A 216 25.66 40.82 -28.81
CA GLY A 216 26.68 41.06 -27.82
C GLY A 216 26.85 42.46 -27.27
N PHE A 217 27.11 42.70 -25.98
CA PHE A 217 27.07 43.98 -25.30
C PHE A 217 28.37 44.43 -24.63
N ALA A 218 28.86 45.59 -25.04
CA ALA A 218 30.01 46.29 -24.50
C ALA A 218 29.67 47.62 -23.82
N ILE A 219 30.04 47.76 -22.55
CA ILE A 219 29.98 49.01 -21.82
C ILE A 219 30.66 50.11 -22.61
N PRO A 220 30.18 51.37 -22.73
CA PRO A 220 30.84 52.43 -23.45
C PRO A 220 32.17 52.75 -22.79
N SER A 221 33.29 52.91 -23.50
CA SER A 221 34.62 53.21 -23.00
C SER A 221 34.70 54.48 -22.17
N ASN A 222 33.83 55.46 -22.46
CA ASN A 222 33.76 56.74 -21.80
C ASN A 222 33.26 56.61 -20.37
N MET A 223 32.48 55.59 -19.97
CA MET A 223 32.06 55.31 -18.61
C MET A 223 33.15 54.60 -17.83
N VAL A 224 33.93 53.70 -18.44
CA VAL A 224 35.04 52.93 -17.89
C VAL A 224 36.21 53.88 -17.69
N LYS A 225 36.37 54.92 -18.52
CA LYS A 225 37.48 55.83 -18.38
C LYS A 225 37.40 56.73 -17.15
N ASP A 226 36.19 57.03 -16.66
CA ASP A 226 36.04 57.74 -15.41
C ASP A 226 35.83 56.81 -14.23
N ILE A 227 35.36 55.57 -14.46
CA ILE A 227 35.35 54.51 -13.48
C ILE A 227 36.72 54.06 -13.04
N ALA A 228 37.60 53.88 -14.02
CA ALA A 228 38.94 53.39 -13.72
C ALA A 228 39.69 54.43 -12.89
N LYS A 229 39.48 55.71 -13.19
CA LYS A 229 40.14 56.83 -12.52
C LYS A 229 39.71 56.95 -11.07
N LYS A 230 38.42 56.90 -10.81
CA LYS A 230 37.94 56.96 -9.44
C LYS A 230 38.40 55.76 -8.63
N LEU A 231 38.70 54.63 -9.27
CA LEU A 231 39.22 53.42 -8.64
C LEU A 231 40.74 53.38 -8.57
N ILE A 232 41.50 54.09 -9.42
CA ILE A 232 42.92 54.34 -9.25
C ILE A 232 43.15 55.21 -8.02
N GLU A 233 42.27 56.19 -7.74
CA GLU A 233 42.49 57.32 -6.86
C GLU A 233 42.36 56.96 -5.39
N LYS A 234 41.43 56.09 -5.02
CA LYS A 234 41.14 55.64 -3.67
C LYS A 234 40.72 54.17 -3.56
N GLY A 235 40.79 53.33 -4.59
CA GLY A 235 40.58 51.91 -4.41
C GLY A 235 39.12 51.50 -4.47
N LYS A 236 38.12 52.34 -4.72
CA LYS A 236 36.69 52.09 -4.76
C LYS A 236 36.06 53.23 -5.55
N ILE A 237 34.76 53.22 -5.87
CA ILE A 237 34.04 54.38 -6.32
C ILE A 237 32.89 54.64 -5.36
N ASP A 238 32.68 55.93 -5.04
CA ASP A 238 31.50 56.33 -4.30
C ASP A 238 30.45 57.16 -5.02
N ARG A 239 29.31 56.55 -5.34
CA ARG A 239 28.20 57.18 -6.03
C ARG A 239 27.10 57.66 -5.10
N GLY A 240 26.47 58.79 -5.42
CA GLY A 240 25.35 59.34 -4.67
C GLY A 240 24.00 59.12 -5.34
N PHE A 241 23.12 60.12 -5.19
CA PHE A 241 21.86 60.18 -5.90
C PHE A 241 21.29 61.59 -5.69
N LEU A 242 20.08 61.91 -6.12
CA LEU A 242 19.34 63.14 -5.86
C LEU A 242 18.20 62.84 -4.89
N GLY A 243 18.05 61.57 -4.50
CA GLY A 243 17.00 61.27 -3.56
C GLY A 243 15.62 61.33 -4.18
N VAL A 244 15.24 60.56 -5.21
CA VAL A 244 14.20 60.90 -6.18
C VAL A 244 13.95 59.70 -7.09
N THR A 245 12.75 59.11 -7.03
CA THR A 245 12.33 58.12 -7.97
C THR A 245 11.91 58.82 -9.26
N ILE A 246 12.22 58.15 -10.37
CA ILE A 246 12.26 58.74 -11.69
C ILE A 246 11.87 57.74 -12.78
N LEU A 247 11.23 58.26 -13.83
CA LEU A 247 10.77 57.69 -15.09
C LEU A 247 10.95 58.62 -16.28
N ALA A 248 10.68 58.12 -17.49
CA ALA A 248 10.53 58.91 -18.70
C ALA A 248 9.13 59.44 -18.88
N LEU A 249 9.01 60.64 -19.45
CA LEU A 249 7.78 61.30 -19.86
C LEU A 249 7.18 60.53 -21.04
N GLN A 250 6.07 59.86 -20.73
CA GLN A 250 5.17 59.13 -21.60
C GLN A 250 4.24 60.14 -22.27
N GLY A 251 3.63 59.59 -23.35
CA GLY A 251 3.18 60.38 -24.48
C GLY A 251 1.92 61.19 -24.23
N ASP A 252 0.98 60.66 -23.45
CA ASP A 252 -0.18 61.40 -23.00
C ASP A 252 0.22 62.18 -21.77
N THR A 253 1.18 61.70 -20.97
CA THR A 253 1.75 62.43 -19.87
C THR A 253 2.31 63.78 -20.29
N LYS A 254 2.90 63.92 -21.49
CA LYS A 254 3.19 65.22 -22.03
C LYS A 254 1.96 66.12 -22.13
N LYS A 255 0.87 65.69 -22.78
CA LYS A 255 -0.30 66.51 -22.98
C LYS A 255 -1.24 66.75 -21.80
N ALA A 256 -1.28 65.80 -20.86
CA ALA A 256 -1.91 65.87 -19.55
C ALA A 256 -1.11 66.85 -18.69
N TYR A 257 0.22 66.77 -18.64
CA TYR A 257 1.03 67.62 -17.78
C TYR A 257 1.51 68.91 -18.44
N LYS A 258 0.72 69.35 -19.41
CA LYS A 258 0.90 70.56 -20.20
C LYS A 258 2.26 70.77 -20.84
N ASN A 259 2.62 69.88 -21.76
CA ASN A 259 3.65 70.03 -22.78
C ASN A 259 5.03 70.49 -22.36
N GLN A 260 5.47 70.12 -21.16
CA GLN A 260 6.85 70.16 -20.70
C GLN A 260 7.58 68.94 -21.23
N GLU A 261 8.89 68.86 -21.03
CA GLU A 261 9.68 67.70 -21.38
C GLU A 261 10.98 67.52 -20.60
N GLY A 262 11.29 66.25 -20.31
CA GLY A 262 12.28 65.88 -19.32
C GLY A 262 11.95 64.50 -18.77
N ALA A 263 12.80 64.06 -17.84
CA ALA A 263 12.54 62.86 -17.06
C ALA A 263 11.56 63.09 -15.91
N LEU A 264 10.48 62.32 -15.91
CA LEU A 264 9.31 62.28 -15.04
C LEU A 264 9.66 61.83 -13.63
N ILE A 265 9.67 62.75 -12.66
CA ILE A 265 9.77 62.30 -11.28
C ILE A 265 8.51 61.52 -10.94
N THR A 266 8.68 60.26 -10.55
CA THR A 266 7.54 59.48 -10.13
C THR A 266 7.13 59.73 -8.69
N ASP A 267 8.07 59.82 -7.75
CA ASP A 267 7.86 60.25 -6.38
C ASP A 267 9.21 60.61 -5.78
N VAL A 268 9.20 61.77 -5.10
CA VAL A 268 10.46 62.22 -4.52
C VAL A 268 10.68 61.43 -3.25
N GLN A 269 11.88 60.87 -3.10
CA GLN A 269 12.28 60.32 -1.80
C GLN A 269 12.55 61.44 -0.81
N LYS A 270 11.67 62.43 -0.67
CA LYS A 270 11.46 63.33 0.44
C LYS A 270 12.68 64.13 0.89
N GLY A 271 12.57 65.45 0.72
CA GLY A 271 13.27 66.43 1.52
C GLY A 271 14.75 66.27 1.19
N SER A 272 15.08 65.86 -0.04
CA SER A 272 16.39 65.43 -0.46
C SER A 272 17.06 66.68 -1.04
N SER A 273 18.23 66.50 -1.65
CA SER A 273 18.75 67.58 -2.46
C SER A 273 17.85 67.99 -3.61
N ALA A 274 16.99 67.12 -4.15
CA ALA A 274 15.94 67.45 -5.08
C ALA A 274 14.99 68.45 -4.44
N ASP A 275 14.41 68.04 -3.31
CA ASP A 275 13.29 68.74 -2.74
C ASP A 275 13.56 70.13 -2.22
N GLU A 276 14.71 70.34 -1.56
CA GLU A 276 15.30 71.56 -1.07
C GLU A 276 15.82 72.47 -2.17
N ALA A 277 15.91 71.91 -3.38
CA ALA A 277 16.12 72.58 -4.63
C ALA A 277 14.82 72.86 -5.37
N GLY A 278 13.63 72.61 -4.80
CA GLY A 278 12.37 72.79 -5.47
C GLY A 278 11.80 71.71 -6.40
N LEU A 279 12.47 70.56 -6.57
CA LEU A 279 12.00 69.44 -7.36
C LEU A 279 10.94 68.64 -6.62
N LYS A 280 9.70 68.71 -7.11
CA LYS A 280 8.54 68.02 -6.58
C LYS A 280 8.01 66.94 -7.51
N ARG A 281 6.71 66.61 -7.45
CA ARG A 281 6.08 65.63 -8.30
C ARG A 281 5.06 66.33 -9.19
N GLY A 282 5.04 65.97 -10.47
CA GLY A 282 4.55 66.89 -11.47
C GLY A 282 5.71 67.69 -12.05
N ASP A 283 6.97 67.43 -11.67
CA ASP A 283 8.15 68.13 -12.11
C ASP A 283 8.98 67.18 -12.95
N LEU A 284 9.78 67.77 -13.85
CA LEU A 284 10.57 67.03 -14.81
C LEU A 284 12.03 67.50 -14.80
N VAL A 285 12.98 66.60 -14.50
CA VAL A 285 14.41 66.79 -14.47
C VAL A 285 14.88 66.99 -15.90
N THR A 286 15.55 68.07 -16.31
CA THR A 286 16.07 68.28 -17.65
C THR A 286 17.59 68.18 -17.77
N LYS A 287 18.45 68.70 -16.89
CA LYS A 287 19.87 68.67 -17.20
C LYS A 287 20.76 68.79 -15.98
N VAL A 288 21.85 68.00 -15.91
CA VAL A 288 22.97 68.16 -15.00
C VAL A 288 23.91 69.17 -15.65
N ASN A 289 24.61 70.03 -14.90
CA ASN A 289 25.60 70.92 -15.45
C ASN A 289 26.38 70.49 -16.68
N ASN A 290 26.62 69.19 -16.86
CA ASN A 290 27.40 68.49 -17.86
C ASN A 290 26.66 67.56 -18.82
N LYS A 291 25.42 67.14 -18.57
CA LYS A 291 24.69 66.02 -19.12
C LYS A 291 23.17 66.14 -19.21
N VAL A 292 22.58 65.80 -20.37
CA VAL A 292 21.21 66.18 -20.68
C VAL A 292 20.21 65.05 -20.45
N ILE A 293 19.04 65.34 -19.86
CA ILE A 293 18.13 64.34 -19.36
C ILE A 293 16.77 64.34 -20.03
N LYS A 294 16.29 63.25 -20.62
CA LYS A 294 14.89 62.97 -20.88
C LYS A 294 14.25 61.76 -20.22
N SER A 295 15.08 60.78 -19.84
CA SER A 295 14.65 59.54 -19.21
C SER A 295 15.28 59.26 -17.87
N PRO A 296 14.85 58.30 -17.05
CA PRO A 296 15.45 58.05 -15.76
C PRO A 296 16.82 57.37 -15.67
N ILE A 297 17.16 56.53 -16.66
CA ILE A 297 18.46 55.93 -16.88
C ILE A 297 19.47 57.02 -17.19
N ASP A 298 19.10 58.17 -17.75
CA ASP A 298 20.03 59.28 -17.80
C ASP A 298 20.41 59.75 -16.39
N LEU A 299 19.39 60.06 -15.59
CA LEU A 299 19.79 60.54 -14.27
C LEU A 299 20.54 59.51 -13.42
N LYS A 300 20.10 58.26 -13.28
CA LYS A 300 20.77 57.12 -12.71
C LYS A 300 22.26 57.01 -13.06
N ASN A 301 22.58 56.90 -14.35
CA ASN A 301 23.92 56.67 -14.85
C ASN A 301 24.80 57.90 -14.71
N TYR A 302 24.26 59.11 -14.93
CA TYR A 302 24.94 60.35 -14.60
C TYR A 302 25.32 60.50 -13.13
N ILE A 303 24.45 60.02 -12.25
CA ILE A 303 24.81 59.83 -10.86
C ILE A 303 25.78 58.70 -10.60
N GLY A 304 25.71 57.60 -11.35
CA GLY A 304 26.72 56.57 -11.34
C GLY A 304 28.11 57.14 -11.52
N THR A 305 28.23 58.05 -12.49
CA THR A 305 29.46 58.72 -12.81
C THR A 305 29.91 60.00 -12.10
N LEU A 306 29.21 60.31 -11.01
CA LEU A 306 29.50 61.39 -10.08
C LEU A 306 29.65 60.96 -8.63
N GLU A 307 30.53 61.60 -7.85
CA GLU A 307 30.77 61.33 -6.45
C GLU A 307 30.34 62.39 -5.44
N ILE A 308 30.27 62.08 -4.14
CA ILE A 308 29.56 62.76 -3.07
C ILE A 308 29.94 64.21 -2.81
N GLY A 309 29.05 64.95 -2.15
CA GLY A 309 29.17 66.20 -1.43
C GLY A 309 29.38 67.45 -2.29
N GLN A 310 29.72 67.31 -3.58
CA GLN A 310 29.64 68.40 -4.52
C GLN A 310 28.19 68.84 -4.69
N LYS A 311 27.98 70.14 -4.94
CA LYS A 311 26.79 70.81 -5.41
C LYS A 311 26.58 70.92 -6.91
N ILE A 312 25.60 70.18 -7.44
CA ILE A 312 25.12 70.18 -8.81
C ILE A 312 23.96 71.17 -8.91
N SER A 313 24.19 72.24 -9.67
CA SER A 313 23.18 73.16 -10.19
C SER A 313 22.38 72.67 -11.39
N LEU A 314 21.57 71.65 -11.13
CA LEU A 314 20.73 70.94 -12.08
C LEU A 314 19.49 71.76 -12.46
N SER A 315 18.89 71.59 -13.64
CA SER A 315 17.72 72.32 -14.09
C SER A 315 16.57 71.32 -14.15
N TYR A 316 15.40 71.83 -13.75
CA TYR A 316 14.12 71.17 -13.85
C TYR A 316 12.98 72.07 -14.33
N GLU A 317 11.83 71.52 -14.71
CA GLU A 317 10.68 72.32 -15.05
C GLU A 317 9.41 71.78 -14.41
N ARG A 318 8.38 72.61 -14.25
CA ARG A 318 7.12 72.18 -13.66
C ARG A 318 5.99 72.97 -14.30
N ASP A 319 4.96 72.26 -14.77
CA ASP A 319 3.88 72.76 -15.60
C ASP A 319 4.17 73.49 -16.91
N GLY A 320 5.21 74.32 -16.97
CA GLY A 320 5.43 75.30 -18.01
C GLY A 320 6.47 76.36 -17.60
N GLU A 321 7.21 76.21 -16.51
CA GLU A 321 8.38 76.98 -16.14
C GLU A 321 9.56 76.17 -15.64
N ASN A 322 10.76 76.44 -16.17
CA ASN A 322 12.03 75.84 -15.81
C ASN A 322 12.92 76.64 -14.89
N LYS A 323 13.35 76.02 -13.79
CA LYS A 323 14.11 76.64 -12.73
C LYS A 323 15.49 76.03 -12.49
N GLN A 324 16.46 76.77 -11.97
CA GLN A 324 17.84 76.40 -11.71
C GLN A 324 18.43 76.82 -10.36
N ALA A 325 18.12 76.06 -9.31
CA ALA A 325 18.80 76.09 -8.03
C ALA A 325 19.90 75.05 -8.11
N SER A 326 20.12 74.50 -6.91
CA SER A 326 21.24 73.62 -6.65
C SER A 326 21.05 72.54 -5.60
N PHE A 327 21.56 71.35 -5.92
CA PHE A 327 21.39 70.02 -5.35
C PHE A 327 22.72 69.55 -4.76
N ILE A 328 22.78 69.04 -3.54
CA ILE A 328 23.89 68.16 -3.19
C ILE A 328 23.77 66.80 -3.86
N LEU A 329 24.89 66.13 -4.16
CA LEU A 329 24.84 64.72 -4.50
C LEU A 329 24.58 63.81 -3.30
N LYS A 330 23.31 63.62 -2.97
CA LYS A 330 22.77 62.89 -1.84
C LYS A 330 22.13 61.54 -2.09
N GLY A 331 22.76 60.51 -1.56
CA GLY A 331 22.31 59.12 -1.65
C GLY A 331 20.91 58.77 -1.20
N GLU A 332 20.55 57.52 -1.52
CA GLU A 332 19.50 56.80 -0.85
C GLU A 332 19.68 56.74 0.67
N LYS A 333 20.92 56.92 1.12
CA LYS A 333 21.28 56.95 2.52
C LYS A 333 21.31 58.37 3.10
N GLU A 334 20.65 59.38 2.52
CA GLU A 334 20.98 60.76 2.79
C GLU A 334 19.94 61.88 2.86
N ASN A 335 18.67 61.58 3.17
CA ASN A 335 17.55 62.34 2.66
C ASN A 335 16.48 62.80 3.65
N PRO A 336 16.49 64.04 4.13
CA PRO A 336 15.69 64.51 5.24
C PRO A 336 14.18 64.55 5.33
N LYS A 337 13.41 64.50 4.24
CA LYS A 337 11.98 64.67 4.07
C LYS A 337 11.24 66.00 4.10
N GLY A 338 10.35 66.58 3.29
CA GLY A 338 9.78 66.39 1.97
C GLY A 338 8.35 66.83 1.64
N VAL A 339 7.99 67.13 0.39
CA VAL A 339 6.64 67.43 -0.01
C VAL A 339 6.24 67.08 -1.44
N GLN A 340 5.02 66.63 -1.72
CA GLN A 340 4.63 65.78 -2.84
C GLN A 340 3.55 66.20 -3.82
N SER A 341 2.30 66.53 -3.50
CA SER A 341 1.28 67.06 -4.38
C SER A 341 0.74 66.13 -5.46
N ASP A 342 0.60 66.56 -6.72
CA ASP A 342 -0.21 65.97 -7.76
C ASP A 342 -1.73 65.90 -7.66
N LEU A 343 -2.35 64.76 -8.00
CA LEU A 343 -3.79 64.67 -7.95
C LEU A 343 -4.54 64.73 -6.63
N ILE A 344 -3.86 65.24 -5.60
CA ILE A 344 -4.43 65.70 -4.35
C ILE A 344 -4.24 67.20 -4.13
N ASP A 345 -3.79 67.98 -5.10
CA ASP A 345 -3.39 69.34 -4.87
C ASP A 345 -4.52 70.34 -4.59
N GLY A 346 -4.50 70.91 -3.38
CA GLY A 346 -5.59 71.71 -2.87
C GLY A 346 -6.92 71.00 -2.91
N LEU A 347 -6.99 69.68 -3.04
CA LEU A 347 -8.25 69.02 -2.80
C LEU A 347 -8.55 68.97 -1.31
N SER A 348 -9.80 69.06 -0.85
CA SER A 348 -10.23 68.83 0.51
C SER A 348 -11.00 67.52 0.65
N LEU A 349 -10.39 66.51 1.27
CA LEU A 349 -10.96 65.20 1.46
C LEU A 349 -10.85 64.68 2.88
N ARG A 350 -11.90 64.02 3.38
CA ARG A 350 -12.04 63.32 4.65
C ARG A 350 -12.81 62.01 4.57
N ASN A 351 -12.64 61.12 5.55
CA ASN A 351 -13.18 59.79 5.69
C ASN A 351 -14.71 59.76 5.69
N LEU A 352 -15.31 58.59 5.48
CA LEU A 352 -16.76 58.55 5.56
C LEU A 352 -17.32 57.18 5.93
N ASP A 353 -18.43 57.27 6.66
CA ASP A 353 -19.62 56.44 6.49
C ASP A 353 -20.84 57.35 6.53
N PRO A 354 -21.50 57.57 5.38
CA PRO A 354 -22.25 58.79 5.26
C PRO A 354 -23.61 58.92 5.92
N ARG A 355 -24.04 60.17 6.14
CA ARG A 355 -25.38 60.50 6.56
C ARG A 355 -26.25 61.06 5.45
N LEU A 356 -26.55 60.27 4.42
CA LEU A 356 -27.63 60.52 3.50
C LEU A 356 -28.25 59.24 2.96
N LYS A 357 -29.51 59.14 2.50
CA LYS A 357 -29.96 57.98 1.77
C LYS A 357 -29.49 57.79 0.33
N ASP A 358 -29.46 56.59 -0.25
CA ASP A 358 -29.88 55.30 0.27
C ASP A 358 -28.87 54.18 -0.01
N ARG A 359 -28.77 53.77 -1.26
CA ARG A 359 -28.13 52.56 -1.75
C ARG A 359 -28.44 51.28 -0.98
N LEU A 360 -27.51 50.79 -0.16
CA LEU A 360 -27.23 49.42 0.23
C LEU A 360 -26.79 49.17 1.67
N GLN A 361 -26.63 47.91 2.08
CA GLN A 361 -26.42 47.50 3.46
C GLN A 361 -25.10 46.76 3.61
N ILE A 362 -23.99 47.27 3.07
CA ILE A 362 -22.69 46.69 3.23
C ILE A 362 -21.65 47.80 3.08
N PRO A 363 -20.60 47.86 3.89
CA PRO A 363 -19.61 48.92 3.79
C PRO A 363 -18.65 48.92 2.61
N LYS A 364 -18.43 47.79 1.94
CA LYS A 364 -17.62 47.55 0.76
C LYS A 364 -17.71 48.61 -0.32
N ASP A 365 -18.97 49.04 -0.41
CA ASP A 365 -19.40 49.93 -1.47
C ASP A 365 -19.51 51.41 -1.17
N VAL A 366 -19.38 51.80 0.10
CA VAL A 366 -19.58 53.16 0.52
C VAL A 366 -18.47 53.73 1.39
N ASN A 367 -17.61 52.94 2.03
CA ASN A 367 -16.37 53.42 2.64
C ASN A 367 -15.36 53.86 1.59
N GLY A 368 -14.39 54.72 1.91
CA GLY A 368 -13.76 55.57 0.91
C GLY A 368 -13.17 56.83 1.52
N VAL A 369 -13.33 57.97 0.85
CA VAL A 369 -13.16 59.33 1.29
C VAL A 369 -14.14 60.27 0.60
N LEU A 370 -14.84 61.21 1.26
CA LEU A 370 -15.74 62.13 0.62
C LEU A 370 -15.06 63.41 0.14
N VAL A 371 -15.68 64.15 -0.77
CA VAL A 371 -15.15 65.35 -1.39
C VAL A 371 -15.86 66.65 -1.05
N ASP A 372 -15.20 67.45 -0.21
CA ASP A 372 -15.65 68.75 0.23
C ASP A 372 -15.47 69.84 -0.81
N SER A 373 -14.31 70.01 -1.47
CA SER A 373 -13.78 70.89 -2.48
C SER A 373 -12.82 70.25 -3.48
N VAL A 374 -12.94 70.65 -4.75
CA VAL A 374 -12.01 70.30 -5.82
C VAL A 374 -11.39 71.56 -6.37
N LYS A 375 -10.05 71.67 -6.38
CA LYS A 375 -9.47 72.87 -6.93
C LYS A 375 -9.60 72.90 -8.46
N GLU A 376 -9.83 74.10 -8.99
CA GLU A 376 -10.13 74.34 -10.40
C GLU A 376 -8.97 73.98 -11.31
N LYS A 377 -7.73 74.34 -10.95
CA LYS A 377 -6.58 73.86 -11.68
C LYS A 377 -6.41 72.34 -11.66
N SER A 378 -6.99 71.58 -10.72
CA SER A 378 -6.73 70.17 -10.52
C SER A 378 -7.24 69.29 -11.65
N LYS A 379 -6.58 68.17 -11.95
CA LYS A 379 -6.86 67.17 -12.96
C LYS A 379 -8.25 66.57 -12.92
N GLY A 380 -8.85 66.59 -11.72
CA GLY A 380 -10.21 66.18 -11.60
C GLY A 380 -11.14 67.12 -12.37
N LYS A 381 -10.88 68.42 -12.21
CA LYS A 381 -11.55 69.45 -12.98
C LYS A 381 -11.34 69.53 -14.49
N ASN A 382 -10.32 68.84 -14.99
CA ASN A 382 -10.13 68.61 -16.41
C ASN A 382 -11.01 67.52 -17.02
N SER A 383 -11.70 66.74 -16.18
CA SER A 383 -11.90 65.32 -16.39
C SER A 383 -13.11 64.83 -15.61
N GLY A 384 -14.11 65.70 -15.45
CA GLY A 384 -15.43 65.25 -15.03
C GLY A 384 -15.66 64.95 -13.55
N PHE A 385 -14.76 65.41 -12.67
CA PHE A 385 -14.88 65.22 -11.24
C PHE A 385 -15.59 66.41 -10.58
N GLN A 386 -16.44 66.18 -9.60
CA GLN A 386 -17.20 67.25 -8.96
C GLN A 386 -17.07 67.30 -7.45
N GLU A 387 -17.37 68.47 -6.90
CA GLU A 387 -17.70 68.65 -5.48
C GLU A 387 -18.93 67.86 -5.09
N GLY A 388 -18.87 67.24 -3.92
CA GLY A 388 -19.91 66.35 -3.44
C GLY A 388 -19.95 64.96 -4.04
N ASP A 389 -18.86 64.60 -4.74
CA ASP A 389 -18.58 63.21 -5.00
C ASP A 389 -17.90 62.55 -3.81
N ILE A 390 -17.79 61.23 -3.92
CA ILE A 390 -17.16 60.40 -2.92
C ILE A 390 -16.17 59.51 -3.66
N ILE A 391 -14.86 59.66 -3.39
CA ILE A 391 -14.00 58.67 -4.00
C ILE A 391 -14.10 57.29 -3.37
N ILE A 392 -14.44 56.33 -4.24
CA ILE A 392 -14.44 54.92 -3.90
C ILE A 392 -13.20 54.24 -4.45
N GLY A 393 -12.75 54.69 -5.62
CA GLY A 393 -11.66 54.07 -6.35
C GLY A 393 -10.62 55.00 -6.97
N VAL A 394 -9.36 54.57 -7.08
CA VAL A 394 -8.20 55.34 -7.46
C VAL A 394 -7.33 54.53 -8.40
N GLY A 395 -7.90 53.98 -9.48
CA GLY A 395 -7.36 53.46 -10.71
C GLY A 395 -7.61 51.97 -10.87
N GLN A 396 -8.89 51.63 -11.02
CA GLN A 396 -9.47 50.31 -10.97
C GLN A 396 -9.12 49.55 -9.71
N SER A 397 -8.84 50.26 -8.61
CA SER A 397 -8.51 49.68 -7.32
C SER A 397 -9.09 50.50 -6.18
N GLU A 398 -9.61 49.84 -5.13
CA GLU A 398 -10.54 50.45 -4.20
C GLU A 398 -10.03 50.82 -2.82
N ILE A 399 -10.61 51.73 -2.03
CA ILE A 399 -10.06 52.37 -0.85
C ILE A 399 -11.10 52.48 0.26
N LYS A 400 -10.64 52.31 1.50
CA LYS A 400 -11.55 52.47 2.61
C LYS A 400 -11.38 53.79 3.34
N ASN A 401 -10.31 54.57 3.18
CA ASN A 401 -10.02 55.73 4.00
C ASN A 401 -9.03 56.65 3.29
N LEU A 402 -8.77 57.83 3.85
CA LEU A 402 -7.71 58.75 3.48
C LEU A 402 -6.33 58.15 3.24
N LYS A 403 -5.92 57.13 3.98
CA LYS A 403 -4.63 56.47 3.84
C LYS A 403 -4.49 55.79 2.49
N ASP A 404 -5.40 54.87 2.17
CA ASP A 404 -5.33 54.20 0.89
C ASP A 404 -5.72 55.06 -0.31
N LEU A 405 -6.40 56.17 -0.02
CA LEU A 405 -6.52 57.25 -0.98
C LEU A 405 -5.14 57.86 -1.18
N GLU A 406 -4.55 58.42 -0.13
CA GLU A 406 -3.39 59.27 -0.34
C GLU A 406 -2.16 58.47 -0.77
N GLN A 407 -2.10 57.16 -0.51
CA GLN A 407 -1.17 56.20 -1.06
C GLN A 407 -1.33 56.05 -2.56
N ALA A 408 -2.50 55.81 -3.17
CA ALA A 408 -2.67 55.80 -4.61
C ALA A 408 -2.44 57.21 -5.15
N LEU A 409 -2.82 58.29 -4.47
CA LEU A 409 -2.50 59.66 -4.83
C LEU A 409 -1.04 60.04 -4.68
N LYS A 410 -0.25 59.10 -4.15
CA LYS A 410 1.17 59.05 -4.42
C LYS A 410 1.55 58.31 -5.70
N GLN A 411 0.87 57.24 -6.06
CA GLN A 411 1.11 56.52 -7.30
C GLN A 411 0.51 57.10 -8.57
N VAL A 412 -0.26 58.19 -8.54
CA VAL A 412 -0.84 58.86 -9.68
C VAL A 412 0.10 59.58 -10.64
N ASN A 413 1.32 59.88 -10.18
CA ASN A 413 2.47 60.43 -10.88
C ASN A 413 3.36 59.29 -11.36
N LYS A 414 2.89 58.04 -11.24
CA LYS A 414 3.31 56.91 -12.05
C LYS A 414 2.25 56.53 -13.08
N LYS A 415 1.33 57.44 -13.43
CA LYS A 415 0.22 57.15 -14.30
C LYS A 415 0.16 58.28 -15.32
N GLU A 416 -0.34 58.02 -16.53
CA GLU A 416 -0.67 59.09 -17.46
C GLU A 416 -2.00 59.79 -17.20
N PHE A 417 -3.01 59.00 -16.82
CA PHE A 417 -4.33 59.33 -16.34
C PHE A 417 -4.67 58.33 -15.24
N THR A 418 -5.67 58.70 -14.45
CA THR A 418 -6.26 57.84 -13.45
C THR A 418 -7.72 57.49 -13.74
N LYS A 419 -8.12 56.23 -13.69
CA LYS A 419 -9.49 55.79 -13.50
C LYS A 419 -10.05 55.86 -12.08
N VAL A 420 -10.23 57.06 -11.55
CA VAL A 420 -11.05 57.14 -10.36
C VAL A 420 -12.46 56.59 -10.56
N TRP A 421 -13.04 55.95 -9.54
CA TRP A 421 -14.47 55.68 -9.53
C TRP A 421 -15.04 56.48 -8.35
N VAL A 422 -16.05 57.31 -8.63
CA VAL A 422 -16.57 58.32 -7.74
C VAL A 422 -18.08 58.32 -7.65
N TYR A 423 -18.55 57.97 -6.45
CA TYR A 423 -19.95 57.89 -6.10
C TYR A 423 -20.46 59.31 -5.94
N ARG A 424 -21.56 59.67 -6.60
CA ARG A 424 -22.11 61.01 -6.63
C ARG A 424 -23.30 61.03 -5.68
N ASN A 425 -24.08 62.11 -5.75
CA ASN A 425 -25.40 62.29 -5.14
C ASN A 425 -26.41 61.18 -5.39
N GLY A 426 -26.10 60.12 -6.14
CA GLY A 426 -26.89 58.92 -6.34
C GLY A 426 -26.20 57.78 -7.08
N PHE A 427 -25.18 58.01 -7.90
CA PHE A 427 -24.57 56.97 -8.70
C PHE A 427 -23.05 57.02 -8.82
N ALA A 428 -22.38 55.88 -9.03
CA ALA A 428 -20.96 55.73 -9.28
C ALA A 428 -20.51 55.95 -10.72
N THR A 429 -20.04 57.14 -11.07
CA THR A 429 -19.30 57.37 -12.29
C THR A 429 -17.90 56.75 -12.35
N LEU A 430 -17.36 56.77 -13.57
CA LEU A 430 -15.97 56.46 -13.82
C LEU A 430 -15.27 57.53 -14.67
N LEU A 431 -14.01 57.86 -14.36
CA LEU A 431 -13.40 59.05 -14.93
C LEU A 431 -11.97 58.94 -15.44
N VAL A 432 -11.57 59.94 -16.23
CA VAL A 432 -10.29 59.94 -16.90
C VAL A 432 -9.37 61.12 -16.62
N LEU A 433 -8.56 60.96 -15.57
CA LEU A 433 -7.84 62.03 -14.91
C LEU A 433 -6.49 62.38 -15.51
N LYS A 434 -6.58 63.15 -16.60
CA LYS A 434 -5.46 63.87 -17.16
C LYS A 434 -5.24 65.26 -16.56
N VAL B 1 25.96 46.36 -58.44
CA VAL B 1 25.98 45.67 -57.13
C VAL B 1 27.24 44.86 -56.94
N LEU B 2 27.96 44.93 -55.83
CA LEU B 2 28.99 43.97 -55.47
C LEU B 2 28.41 42.68 -54.90
N SER B 3 28.69 41.55 -55.55
CA SER B 3 28.50 40.21 -55.02
C SER B 3 29.71 39.29 -55.14
N TYR B 4 29.90 38.51 -54.08
CA TYR B 4 30.78 37.36 -54.01
C TYR B 4 30.10 36.01 -54.15
N HIS B 5 29.05 35.99 -55.00
CA HIS B 5 28.65 34.85 -55.80
C HIS B 5 29.77 34.33 -56.70
N ASP B 6 30.78 35.12 -57.05
CA ASP B 6 31.65 34.74 -58.15
C ASP B 6 32.44 33.50 -57.77
N SER B 7 32.79 33.34 -56.49
CA SER B 7 33.30 32.08 -55.96
C SER B 7 32.31 30.92 -56.05
N ILE B 8 31.05 31.20 -55.69
CA ILE B 8 29.92 30.32 -55.48
C ILE B 8 29.53 29.69 -56.81
N LYS B 9 29.78 30.37 -57.94
CA LYS B 9 29.42 29.74 -59.19
C LYS B 9 30.24 28.51 -59.53
N ASP B 10 31.56 28.58 -59.34
CA ASP B 10 32.45 27.49 -59.69
C ASP B 10 32.57 26.60 -58.47
N ALA B 11 32.36 27.09 -57.24
CA ALA B 11 32.74 26.31 -56.08
C ALA B 11 31.82 25.12 -55.93
N LYS B 12 30.56 25.30 -56.34
CA LYS B 12 29.61 24.21 -56.34
C LYS B 12 29.96 23.13 -57.36
N LYS B 13 30.58 23.49 -58.49
CA LYS B 13 31.05 22.57 -59.50
C LYS B 13 32.01 21.53 -58.95
N SER B 14 32.61 21.77 -57.78
CA SER B 14 33.50 20.91 -57.02
C SER B 14 32.87 20.38 -55.75
N VAL B 15 32.21 21.21 -54.95
CA VAL B 15 31.62 20.80 -53.69
C VAL B 15 30.28 20.09 -53.87
N VAL B 16 30.22 18.77 -53.70
CA VAL B 16 29.10 17.89 -53.94
C VAL B 16 28.11 17.97 -52.79
N ASN B 17 26.80 17.79 -52.97
CA ASN B 17 25.93 17.21 -51.95
C ASN B 17 25.98 15.70 -52.13
N ILE B 18 25.71 14.95 -51.04
CA ILE B 18 25.93 13.52 -51.02
C ILE B 18 24.70 12.80 -50.46
N SER B 19 24.20 11.81 -51.19
CA SER B 19 22.98 11.07 -50.99
C SER B 19 22.92 9.77 -50.19
N THR B 20 24.10 9.17 -50.19
CA THR B 20 24.56 8.26 -49.16
C THR B 20 23.68 7.10 -48.74
N SER B 21 22.88 6.47 -49.61
CA SER B 21 22.20 5.29 -49.15
C SER B 21 23.12 4.24 -48.53
N LYS B 22 22.95 3.95 -47.24
CA LYS B 22 23.61 2.93 -46.45
C LYS B 22 22.59 2.17 -45.63
N THR B 23 22.63 0.84 -45.65
CA THR B 23 21.75 0.05 -44.82
C THR B 23 22.00 0.25 -43.33
N ILE B 24 23.21 0.70 -43.00
CA ILE B 24 23.67 0.95 -41.65
C ILE B 24 24.29 2.33 -41.54
N THR B 25 23.55 3.26 -40.94
CA THR B 25 23.95 4.57 -40.49
C THR B 25 24.08 4.54 -38.97
N ARG B 26 24.96 3.68 -38.47
CA ARG B 26 25.10 3.43 -37.05
C ARG B 26 26.27 4.12 -36.36
N ALA B 27 27.20 4.64 -37.18
CA ALA B 27 28.19 5.63 -36.79
C ALA B 27 27.81 7.11 -36.78
N ASN B 28 26.98 7.48 -37.75
CA ASN B 28 26.32 8.76 -37.79
C ASN B 28 24.91 8.67 -37.23
N ARG B 29 24.84 8.19 -35.98
CA ARG B 29 23.61 8.04 -35.24
C ARG B 29 23.70 8.98 -34.04
N PRO B 30 22.69 9.81 -33.75
CA PRO B 30 22.63 10.75 -32.64
C PRO B 30 22.78 10.11 -31.28
N SER B 31 23.50 10.79 -30.36
CA SER B 31 23.67 10.35 -29.00
C SER B 31 22.49 10.79 -28.15
N PRO B 32 22.28 10.30 -26.92
CA PRO B 32 21.17 10.67 -26.09
C PRO B 32 21.33 12.07 -25.51
N LEU B 33 21.10 13.04 -26.40
CA LEU B 33 20.87 14.45 -26.15
C LEU B 33 19.37 14.69 -26.22
N ASP B 34 18.95 15.66 -25.39
CA ASP B 34 17.55 16.03 -25.29
C ASP B 34 17.11 17.08 -26.30
N ASP B 35 17.12 16.67 -27.57
CA ASP B 35 16.87 17.43 -28.78
C ASP B 35 15.40 17.53 -29.15
N PHE B 36 15.02 17.94 -30.37
CA PHE B 36 13.66 18.11 -30.82
C PHE B 36 13.02 16.77 -31.19
N PHE B 37 13.07 15.76 -30.32
CA PHE B 37 12.30 14.54 -30.38
C PHE B 37 10.88 14.88 -29.98
N ASN B 38 9.94 13.92 -30.05
CA ASN B 38 8.53 14.09 -29.77
C ASN B 38 7.72 14.85 -30.80
N ASP B 39 8.30 15.80 -31.53
CA ASP B 39 7.73 16.35 -32.75
C ASP B 39 8.83 16.43 -33.81
N PRO B 40 9.48 15.35 -34.25
CA PRO B 40 10.46 15.39 -35.31
C PRO B 40 9.78 15.39 -36.67
N TYR B 41 10.01 16.49 -37.38
CA TYR B 41 9.58 16.74 -38.74
C TYR B 41 10.69 16.42 -39.72
N PHE B 42 11.08 17.31 -40.63
CA PHE B 42 12.21 17.19 -41.52
C PHE B 42 13.47 17.35 -40.68
N LYS B 43 14.52 16.57 -40.91
CA LYS B 43 15.62 16.62 -39.97
C LYS B 43 16.26 18.00 -39.91
N GLN B 44 16.90 18.32 -38.78
CA GLN B 44 17.57 19.55 -38.45
C GLN B 44 16.77 20.80 -38.80
N PHE B 45 15.51 20.91 -38.36
CA PHE B 45 14.61 22.03 -38.38
C PHE B 45 14.35 22.53 -36.96
N PHE B 46 13.36 23.40 -36.76
CA PHE B 46 12.72 23.66 -35.49
C PHE B 46 11.21 23.86 -35.53
N ASP B 47 10.54 24.23 -36.61
CA ASP B 47 9.14 24.58 -36.76
C ASP B 47 8.15 23.47 -36.42
N PHE B 48 6.96 23.95 -36.06
CA PHE B 48 5.68 23.32 -35.77
C PHE B 48 5.11 22.55 -36.93
N ASP B 49 3.95 21.90 -36.79
CA ASP B 49 3.17 21.29 -37.85
C ASP B 49 2.87 22.26 -38.96
N PHE B 50 3.46 22.01 -40.14
CA PHE B 50 3.34 22.69 -41.42
C PHE B 50 2.89 21.78 -42.55
N PRO B 51 2.15 22.26 -43.55
CA PRO B 51 1.55 21.33 -44.48
C PRO B 51 2.33 20.29 -45.29
N GLN B 52 3.64 20.51 -45.46
CA GLN B 52 4.55 19.67 -46.21
C GLN B 52 4.98 18.55 -45.26
N ARG B 53 4.22 17.46 -45.31
CA ARG B 53 4.42 16.17 -44.69
C ARG B 53 5.76 15.60 -45.14
N LYS B 54 6.10 14.41 -44.64
CA LYS B 54 7.32 13.68 -44.88
C LYS B 54 7.71 13.36 -46.33
N GLY B 55 9.02 13.29 -46.55
CA GLY B 55 9.66 12.98 -47.81
C GLY B 55 10.90 13.81 -48.12
N LYS B 56 10.91 15.11 -47.80
CA LYS B 56 12.01 16.00 -48.10
C LYS B 56 13.34 15.72 -47.41
N ASN B 57 13.37 15.59 -46.07
CA ASN B 57 14.45 15.12 -45.25
C ASN B 57 14.03 14.10 -44.20
N ASP B 58 14.36 12.84 -44.49
CA ASP B 58 13.91 11.72 -43.70
C ASP B 58 14.97 10.62 -43.68
N LYS B 59 15.60 10.31 -44.83
CA LYS B 59 16.43 9.18 -45.13
C LYS B 59 17.74 8.98 -44.35
N GLU B 60 18.15 10.01 -43.60
CA GLU B 60 19.31 10.07 -42.72
C GLU B 60 19.49 9.01 -41.64
N VAL B 61 18.54 8.07 -41.51
CA VAL B 61 18.45 7.01 -40.52
C VAL B 61 18.92 5.67 -41.09
N VAL B 62 18.75 5.43 -42.40
CA VAL B 62 19.02 4.22 -43.15
C VAL B 62 19.51 4.67 -44.53
N SER B 63 20.33 5.72 -44.47
CA SER B 63 21.03 6.51 -45.46
C SER B 63 21.68 7.63 -44.66
N SER B 64 22.38 8.52 -45.37
CA SER B 64 22.94 9.73 -44.79
C SER B 64 22.92 10.90 -45.76
N LEU B 65 22.79 12.14 -45.28
CA LEU B 65 23.11 13.37 -45.99
C LEU B 65 24.50 13.87 -45.62
N GLY B 66 25.14 14.63 -46.52
CA GLY B 66 26.46 15.22 -46.38
C GLY B 66 26.90 16.03 -47.58
N SER B 67 28.19 16.35 -47.55
CA SER B 67 28.87 17.10 -48.59
C SER B 67 30.28 16.54 -48.79
N GLY B 68 30.90 16.85 -49.92
CA GLY B 68 32.20 16.40 -50.35
C GLY B 68 32.78 17.37 -51.36
N VAL B 69 34.06 17.22 -51.72
CA VAL B 69 34.69 18.04 -52.74
C VAL B 69 35.35 17.10 -53.74
N ILE B 70 35.15 17.26 -55.04
CA ILE B 70 35.90 16.54 -56.06
C ILE B 70 37.26 17.19 -56.21
N ILE B 71 38.28 16.40 -55.85
CA ILE B 71 39.63 16.90 -55.64
C ILE B 71 40.29 16.97 -57.00
N SER B 72 40.15 15.95 -57.84
CA SER B 72 40.83 15.88 -59.12
C SER B 72 39.84 15.66 -60.27
N LYS B 73 40.25 16.01 -61.49
CA LYS B 73 39.50 15.73 -62.71
C LYS B 73 39.37 14.23 -62.91
N ASP B 74 40.02 13.36 -62.15
CA ASP B 74 39.78 11.92 -62.20
C ASP B 74 38.41 11.52 -61.66
N GLY B 75 37.70 12.49 -61.08
CA GLY B 75 36.40 12.33 -60.44
C GLY B 75 36.49 11.66 -59.08
N TYR B 76 37.57 11.91 -58.34
CA TYR B 76 37.76 11.42 -56.97
C TYR B 76 37.31 12.54 -56.04
N ILE B 77 36.29 12.25 -55.22
CA ILE B 77 35.74 13.01 -54.12
C ILE B 77 36.30 12.64 -52.74
N VAL B 78 36.39 13.65 -51.89
CA VAL B 78 36.68 13.66 -50.47
C VAL B 78 35.50 14.06 -49.59
N THR B 79 35.25 13.25 -48.57
CA THR B 79 34.43 13.62 -47.43
C THR B 79 34.87 12.91 -46.16
N ASN B 80 34.32 13.37 -45.04
CA ASN B 80 34.59 12.93 -43.69
C ASN B 80 34.18 11.47 -43.53
N ASN B 81 34.89 10.60 -42.79
CA ASN B 81 34.50 9.20 -42.77
C ASN B 81 33.26 8.93 -41.93
N HIS B 82 32.95 9.65 -40.86
CA HIS B 82 31.65 9.42 -40.27
C HIS B 82 30.54 9.53 -41.30
N VAL B 83 30.67 10.38 -42.32
CA VAL B 83 29.69 10.46 -43.38
C VAL B 83 29.68 9.22 -44.26
N VAL B 84 30.80 8.51 -44.47
CA VAL B 84 30.88 7.37 -45.35
C VAL B 84 31.20 6.03 -44.71
N ASP B 85 31.15 5.89 -43.40
CA ASP B 85 31.16 4.60 -42.73
C ASP B 85 30.02 3.75 -43.27
N ASP B 86 30.28 2.46 -43.49
CA ASP B 86 29.44 1.46 -44.11
C ASP B 86 28.95 1.78 -45.51
N ALA B 87 29.91 1.83 -46.44
CA ALA B 87 29.74 2.40 -47.76
C ALA B 87 29.23 1.45 -48.84
N ASP B 88 27.95 1.06 -48.76
CA ASP B 88 27.18 0.36 -49.76
C ASP B 88 27.00 1.24 -50.99
N THR B 89 25.92 2.01 -51.11
CA THR B 89 25.57 2.78 -52.30
C THR B 89 25.53 4.27 -52.09
N ILE B 90 26.73 4.82 -51.91
CA ILE B 90 27.02 6.20 -51.58
C ILE B 90 26.84 7.06 -52.83
N THR B 91 25.55 7.20 -53.17
CA THR B 91 25.00 8.03 -54.21
C THR B 91 25.33 9.48 -53.92
N VAL B 92 25.49 10.28 -55.00
CA VAL B 92 25.79 11.69 -54.78
C VAL B 92 24.79 12.57 -55.53
N ASN B 93 24.88 13.88 -55.29
CA ASN B 93 24.18 14.95 -55.98
C ASN B 93 25.08 16.17 -56.11
N LEU B 94 25.55 16.38 -57.33
CA LEU B 94 26.40 17.54 -57.52
C LEU B 94 25.66 18.82 -57.88
N PRO B 95 25.58 19.81 -56.98
CA PRO B 95 25.01 21.11 -57.27
C PRO B 95 25.77 21.75 -58.42
N GLY B 96 25.00 22.10 -59.45
CA GLY B 96 25.45 22.69 -60.70
C GLY B 96 25.43 21.71 -61.87
N SER B 97 25.04 20.47 -61.55
CA SER B 97 24.82 19.49 -62.60
C SER B 97 23.79 18.42 -62.30
N ASP B 98 23.40 18.22 -61.04
CA ASP B 98 22.24 17.46 -60.59
C ASP B 98 22.39 15.95 -60.77
N ILE B 99 23.60 15.47 -61.03
CA ILE B 99 23.86 14.09 -61.36
C ILE B 99 23.81 13.11 -60.19
N GLU B 100 23.37 11.86 -60.35
CA GLU B 100 22.90 11.03 -59.26
C GLU B 100 23.32 9.58 -59.44
N TYR B 101 24.61 9.34 -59.61
CA TYR B 101 25.17 8.00 -59.72
C TYR B 101 25.57 7.49 -58.36
N LYS B 102 25.84 6.19 -58.21
CA LYS B 102 26.60 5.67 -57.09
C LYS B 102 28.04 6.12 -57.32
N ALA B 103 28.70 6.51 -56.23
CA ALA B 103 30.13 6.60 -55.99
C ALA B 103 30.72 5.33 -55.40
N LYS B 104 32.01 5.07 -55.67
CA LYS B 104 32.78 3.91 -55.32
C LYS B 104 33.83 4.28 -54.28
N LEU B 105 33.71 4.01 -52.97
CA LEU B 105 34.75 4.28 -52.00
C LEU B 105 36.05 3.63 -52.45
N ILE B 106 37.14 4.39 -52.62
CA ILE B 106 38.44 3.88 -52.98
C ILE B 106 39.12 3.57 -51.66
N GLY B 107 38.85 4.34 -50.60
CA GLY B 107 39.61 4.17 -49.37
C GLY B 107 39.28 5.14 -48.25
N LYS B 108 39.43 4.76 -46.98
CA LYS B 108 39.12 5.53 -45.79
C LYS B 108 40.14 5.25 -44.71
N ASP B 109 40.18 6.23 -43.79
CA ASP B 109 40.79 6.18 -42.47
C ASP B 109 39.85 6.88 -41.49
N PRO B 110 39.41 6.22 -40.41
CA PRO B 110 38.64 6.73 -39.32
C PRO B 110 39.39 7.55 -38.28
N LYS B 111 40.73 7.56 -38.22
CA LYS B 111 41.59 8.25 -37.29
C LYS B 111 41.74 9.72 -37.67
N THR B 112 42.26 10.01 -38.87
CA THR B 112 42.07 11.33 -39.43
C THR B 112 40.62 11.65 -39.76
N ASP B 113 39.75 10.64 -39.74
CA ASP B 113 38.38 10.65 -40.21
C ASP B 113 38.06 11.25 -41.58
N LEU B 114 38.52 10.61 -42.66
CA LEU B 114 38.59 11.06 -44.03
C LEU B 114 38.59 9.86 -44.97
N ALA B 115 38.07 10.06 -46.17
CA ALA B 115 37.81 9.13 -47.25
C ALA B 115 38.00 9.70 -48.65
N VAL B 116 38.34 8.89 -49.65
CA VAL B 116 38.39 9.18 -51.07
C VAL B 116 37.56 8.17 -51.84
N ILE B 117 36.82 8.69 -52.81
CA ILE B 117 35.69 7.99 -53.42
C ILE B 117 35.65 8.39 -54.88
N LYS B 118 35.63 7.48 -55.85
CA LYS B 118 35.56 7.66 -57.28
C LYS B 118 34.06 7.75 -57.59
N ILE B 119 33.65 8.89 -58.14
CA ILE B 119 32.31 9.03 -58.71
C ILE B 119 32.47 8.63 -60.17
N GLU B 120 31.57 7.78 -60.69
CA GLU B 120 31.60 7.12 -61.98
C GLU B 120 31.07 7.94 -63.15
N ALA B 121 31.50 9.20 -63.33
CA ALA B 121 31.32 9.96 -64.54
C ALA B 121 32.62 10.53 -65.09
N ASN B 122 32.61 11.13 -66.28
CA ASN B 122 33.69 11.97 -66.78
C ASN B 122 33.42 13.46 -66.93
N ASN B 123 34.38 14.26 -67.40
CA ASN B 123 34.42 15.69 -67.27
C ASN B 123 33.87 16.26 -65.97
N LEU B 124 34.36 15.71 -64.86
CA LEU B 124 34.22 16.14 -63.48
C LEU B 124 35.28 17.16 -63.11
N SER B 125 34.88 18.14 -62.28
CA SER B 125 35.74 19.25 -61.94
C SER B 125 36.77 18.78 -60.93
N ALA B 126 37.99 19.34 -60.89
CA ALA B 126 38.88 19.25 -59.74
C ALA B 126 38.58 20.33 -58.71
N ILE B 127 39.57 20.73 -57.91
CA ILE B 127 39.60 21.91 -57.05
C ILE B 127 41.03 22.45 -56.99
N THR B 128 41.15 23.77 -57.01
CA THR B 128 42.43 24.41 -56.81
C THR B 128 42.80 24.24 -55.35
N PHE B 129 43.46 23.14 -54.99
CA PHE B 129 44.09 22.88 -53.71
C PHE B 129 45.32 23.76 -53.50
N THR B 130 45.24 24.58 -52.44
CA THR B 130 46.28 25.50 -52.05
C THR B 130 46.57 25.33 -50.57
N ASN B 131 47.48 26.12 -49.98
CA ASN B 131 48.09 25.79 -48.70
C ASN B 131 47.36 26.49 -47.56
N SER B 132 46.86 25.72 -46.58
CA SER B 132 46.17 26.16 -45.38
C SER B 132 46.95 26.93 -44.33
N ASP B 133 48.24 27.08 -44.60
CA ASP B 133 49.14 27.72 -43.65
C ASP B 133 49.91 28.89 -44.23
N ASP B 134 49.45 29.45 -45.36
CA ASP B 134 49.71 30.83 -45.71
C ASP B 134 48.76 31.86 -45.10
N LEU B 135 47.84 31.30 -44.30
CA LEU B 135 46.77 32.06 -43.69
C LEU B 135 47.38 32.82 -42.52
N MET B 136 46.69 33.96 -42.34
CA MET B 136 46.61 34.74 -41.13
C MET B 136 45.20 34.61 -40.59
N GLU B 137 45.05 35.08 -39.35
CA GLU B 137 43.76 35.35 -38.73
C GLU B 137 43.20 36.63 -39.34
N GLY B 138 41.90 36.91 -39.42
CA GLY B 138 41.41 38.06 -40.15
C GLY B 138 41.32 37.80 -41.65
N ASP B 139 41.88 36.74 -42.23
CA ASP B 139 41.70 36.43 -43.64
C ASP B 139 40.26 36.06 -43.94
N VAL B 140 39.80 36.60 -45.07
CA VAL B 140 38.49 36.36 -45.65
C VAL B 140 38.47 35.01 -46.36
N VAL B 141 37.31 34.36 -46.22
CA VAL B 141 36.95 33.02 -46.63
C VAL B 141 35.47 32.73 -46.89
N PHE B 142 35.19 31.71 -47.70
CA PHE B 142 33.87 31.22 -48.00
C PHE B 142 33.74 29.78 -47.55
N ALA B 143 32.75 29.39 -46.75
CA ALA B 143 32.60 28.00 -46.31
C ALA B 143 31.33 27.42 -46.92
N LEU B 144 31.23 26.15 -47.34
CA LEU B 144 30.40 25.58 -48.38
C LEU B 144 29.92 24.19 -48.03
N GLY B 145 28.73 23.77 -48.49
CA GLY B 145 28.14 22.46 -48.46
C GLY B 145 26.62 22.51 -48.62
N ASN B 146 25.88 21.58 -48.02
CA ASN B 146 24.44 21.62 -47.86
C ASN B 146 24.10 21.71 -46.39
N PRO B 147 23.91 22.85 -45.71
CA PRO B 147 23.54 22.92 -44.31
C PRO B 147 22.09 22.46 -44.15
N PHE B 148 21.92 21.43 -43.33
CA PHE B 148 20.67 20.99 -42.73
C PHE B 148 19.52 20.86 -43.73
N GLY B 149 19.77 20.52 -44.99
CA GLY B 149 18.85 20.21 -46.05
C GLY B 149 18.32 21.41 -46.84
N VAL B 150 18.76 22.65 -46.62
CA VAL B 150 18.29 23.73 -47.46
C VAL B 150 18.60 23.58 -48.95
N GLY B 151 19.43 22.65 -49.41
CA GLY B 151 20.20 22.66 -50.64
C GLY B 151 21.64 23.07 -50.48
N PHE B 152 22.37 23.39 -51.56
CA PHE B 152 23.75 23.82 -51.56
C PHE B 152 23.85 25.31 -51.22
N SER B 153 24.75 25.69 -50.32
CA SER B 153 24.83 26.98 -49.69
C SER B 153 26.26 27.27 -49.22
N VAL B 154 26.53 28.57 -48.98
CA VAL B 154 27.81 29.18 -48.73
C VAL B 154 27.67 30.41 -47.84
N THR B 155 28.47 30.51 -46.79
CA THR B 155 28.50 31.67 -45.90
C THR B 155 29.83 32.40 -45.85
N SER B 156 29.78 33.72 -46.08
CA SER B 156 30.95 34.56 -46.03
C SER B 156 31.46 34.87 -44.62
N GLY B 157 32.76 34.74 -44.34
CA GLY B 157 33.48 34.79 -43.08
C GLY B 157 34.92 35.27 -43.17
N ILE B 158 35.48 35.27 -41.96
CA ILE B 158 36.89 35.44 -41.65
C ILE B 158 37.38 34.27 -40.80
N ILE B 159 38.68 34.02 -40.81
CA ILE B 159 39.39 33.21 -39.84
C ILE B 159 39.28 33.89 -38.48
N SER B 160 39.15 33.06 -37.45
CA SER B 160 39.21 33.54 -36.07
C SER B 160 40.08 32.71 -35.15
N ALA B 161 40.72 31.64 -35.64
CA ALA B 161 41.73 30.83 -34.99
C ALA B 161 42.58 29.99 -35.92
N LEU B 162 43.84 29.68 -35.58
CA LEU B 162 44.69 28.86 -36.41
C LEU B 162 45.11 27.55 -35.74
N ASN B 163 45.11 26.45 -36.48
CA ASN B 163 45.82 25.21 -36.20
C ASN B 163 45.69 24.70 -34.76
N LYS B 164 44.49 24.26 -34.43
CA LYS B 164 43.92 23.82 -33.16
C LYS B 164 43.62 22.34 -33.03
N ASP B 165 44.36 21.63 -32.18
CA ASP B 165 43.99 20.36 -31.59
C ASP B 165 43.84 20.70 -30.11
N ASN B 166 43.55 19.66 -29.32
CA ASN B 166 42.67 19.59 -28.17
C ASN B 166 41.19 19.60 -28.54
N ILE B 167 40.80 18.80 -29.54
CA ILE B 167 39.46 18.75 -30.07
C ILE B 167 39.10 17.29 -30.31
N GLY B 168 39.96 16.46 -30.90
CA GLY B 168 39.95 15.01 -31.03
C GLY B 168 38.60 14.44 -31.46
N LEU B 169 37.97 15.02 -32.47
CA LEU B 169 36.71 14.46 -32.92
C LEU B 169 36.85 12.99 -33.29
N ASN B 170 38.05 12.49 -33.61
CA ASN B 170 38.39 11.10 -33.83
C ASN B 170 39.78 10.82 -33.29
N GLN B 171 40.86 11.29 -33.92
CA GLN B 171 42.18 10.92 -33.43
C GLN B 171 43.33 11.82 -33.87
N TYR B 172 43.23 12.31 -35.11
CA TYR B 172 44.20 13.27 -35.57
C TYR B 172 43.53 14.52 -36.11
N GLU B 173 43.86 15.73 -35.67
CA GLU B 173 43.16 17.00 -35.75
C GLU B 173 44.10 18.19 -35.78
N ASN B 174 43.87 19.19 -36.63
CA ASN B 174 44.60 20.44 -36.65
C ASN B 174 43.75 21.65 -37.03
N PHE B 175 42.51 21.78 -36.52
CA PHE B 175 41.45 22.53 -37.13
C PHE B 175 41.71 24.03 -37.22
N ILE B 176 41.08 24.74 -38.15
CA ILE B 176 41.22 26.17 -38.30
C ILE B 176 39.80 26.72 -38.16
N GLN B 177 39.66 27.91 -37.58
CA GLN B 177 38.35 28.39 -37.19
C GLN B 177 37.92 29.57 -38.06
N THR B 178 36.64 29.66 -38.40
CA THR B 178 35.97 30.76 -39.08
C THR B 178 34.70 31.02 -38.27
N ASP B 179 34.14 32.22 -38.38
CA ASP B 179 32.90 32.63 -37.74
C ASP B 179 31.63 32.31 -38.51
N ALA B 180 31.82 31.71 -39.67
CA ALA B 180 30.85 31.46 -40.72
C ALA B 180 29.68 30.54 -40.37
N SER B 181 28.41 30.90 -40.64
CA SER B 181 27.30 29.99 -40.41
C SER B 181 27.31 28.70 -41.20
N ILE B 182 27.81 27.59 -40.65
CA ILE B 182 27.85 26.27 -41.25
C ILE B 182 27.36 25.19 -40.29
N ASN B 183 26.87 24.07 -40.84
CA ASN B 183 26.12 23.08 -40.11
C ASN B 183 26.64 21.68 -40.45
N PRO B 184 26.29 20.59 -39.75
CA PRO B 184 26.23 19.29 -40.37
C PRO B 184 25.30 19.27 -41.57
N GLY B 185 25.69 18.44 -42.54
CA GLY B 185 25.37 18.48 -43.94
C GLY B 185 26.39 19.32 -44.71
N ASN B 186 27.09 20.31 -44.13
CA ASN B 186 28.31 20.86 -44.68
C ASN B 186 29.41 19.89 -44.27
N SER B 187 29.13 18.72 -43.70
CA SER B 187 30.01 17.66 -43.24
C SER B 187 30.83 17.12 -44.40
N GLY B 188 32.02 17.61 -44.73
CA GLY B 188 32.85 17.25 -45.86
C GLY B 188 32.79 18.34 -46.92
N GLY B 189 31.95 19.38 -46.84
CA GLY B 189 32.11 20.46 -47.78
C GLY B 189 33.09 21.52 -47.31
N ALA B 190 33.64 22.18 -48.34
CA ALA B 190 34.85 22.97 -48.35
C ALA B 190 34.84 24.28 -47.58
N LEU B 191 36.01 24.86 -47.30
CA LEU B 191 36.35 26.21 -46.93
C LEU B 191 37.42 26.57 -47.95
N VAL B 192 37.06 27.57 -48.76
CA VAL B 192 37.94 28.27 -49.66
C VAL B 192 38.31 29.66 -49.18
N ASP B 193 39.42 30.26 -49.61
CA ASP B 193 39.81 31.65 -49.45
C ASP B 193 39.05 32.65 -50.31
N SER B 194 39.21 33.95 -50.06
CA SER B 194 38.58 34.98 -50.84
C SER B 194 38.83 35.06 -52.34
N ARG B 195 39.85 34.37 -52.85
CA ARG B 195 40.12 34.03 -54.25
C ARG B 195 39.61 32.68 -54.73
N GLY B 196 38.93 31.90 -53.89
CA GLY B 196 38.13 30.74 -54.24
C GLY B 196 38.98 29.48 -54.39
N TYR B 197 40.15 29.40 -53.74
CA TYR B 197 41.09 28.31 -53.66
C TYR B 197 41.07 27.52 -52.36
N LEU B 198 41.22 26.19 -52.37
CA LEU B 198 40.94 25.38 -51.21
C LEU B 198 41.86 25.50 -49.98
N VAL B 199 41.33 25.91 -48.84
CA VAL B 199 42.10 26.13 -47.62
C VAL B 199 41.72 25.33 -46.38
N GLY B 200 40.50 24.83 -46.28
CA GLY B 200 40.19 23.77 -45.32
C GLY B 200 38.87 23.07 -45.60
N ILE B 201 38.47 22.09 -44.79
CA ILE B 201 37.24 21.35 -44.98
C ILE B 201 36.40 21.23 -43.71
N ASN B 202 35.09 21.50 -43.70
CA ASN B 202 34.22 21.42 -42.53
C ASN B 202 33.78 20.01 -42.16
N SER B 203 33.59 19.76 -40.87
CA SER B 203 33.17 18.47 -40.34
C SER B 203 32.26 18.58 -39.13
N ALA B 204 32.48 19.59 -38.30
CA ALA B 204 31.94 19.81 -36.98
C ALA B 204 32.01 21.23 -36.44
N ILE B 205 31.20 21.62 -35.45
CA ILE B 205 31.11 23.01 -35.06
C ILE B 205 30.89 23.09 -33.55
N LEU B 206 31.59 23.89 -32.73
CA LEU B 206 31.12 24.21 -31.40
C LEU B 206 29.93 25.13 -31.37
N SER B 207 28.72 24.69 -30.99
CA SER B 207 27.52 25.51 -31.03
C SER B 207 26.51 24.75 -30.18
N ARG B 208 25.34 25.34 -29.88
CA ARG B 208 24.37 24.82 -28.94
C ARG B 208 23.17 24.11 -29.55
N GLY B 209 22.80 24.34 -30.81
CA GLY B 209 21.73 23.86 -31.65
C GLY B 209 22.16 23.12 -32.91
N GLY B 210 23.43 22.69 -32.91
CA GLY B 210 24.01 22.03 -34.06
C GLY B 210 24.44 22.90 -35.23
N GLY B 211 23.68 23.98 -35.46
CA GLY B 211 24.00 25.07 -36.35
C GLY B 211 24.71 26.24 -35.68
N ASN B 212 25.50 26.89 -36.54
CA ASN B 212 26.59 27.73 -36.07
C ASN B 212 26.25 28.89 -35.14
N ASN B 213 27.12 29.07 -34.14
CA ASN B 213 27.10 30.13 -33.15
C ASN B 213 28.40 30.93 -33.16
N GLY B 214 29.28 30.85 -34.15
CA GLY B 214 30.51 31.62 -34.24
C GLY B 214 31.76 30.77 -34.42
N ILE B 215 31.67 29.45 -34.27
CA ILE B 215 32.80 28.58 -33.96
C ILE B 215 32.84 27.35 -34.87
N GLY B 216 33.02 27.65 -36.16
CA GLY B 216 33.10 26.63 -37.17
C GLY B 216 34.52 26.09 -37.25
N PHE B 217 34.73 24.79 -37.45
CA PHE B 217 36.04 24.20 -37.63
C PHE B 217 36.29 23.52 -38.97
N ALA B 218 37.27 23.96 -39.75
CA ALA B 218 37.86 23.28 -40.89
C ALA B 218 39.14 22.51 -40.62
N ILE B 219 39.26 21.34 -41.26
CA ILE B 219 40.50 20.60 -41.32
C ILE B 219 41.47 21.37 -42.20
N PRO B 220 42.79 21.42 -42.09
CA PRO B 220 43.68 21.98 -43.10
C PRO B 220 43.65 21.43 -44.52
N SER B 221 43.80 22.22 -45.59
CA SER B 221 43.79 21.66 -46.92
C SER B 221 45.07 20.90 -47.21
N ASN B 222 46.22 21.23 -46.62
CA ASN B 222 47.45 20.47 -46.71
C ASN B 222 47.48 19.08 -46.09
N MET B 223 46.68 18.99 -45.02
CA MET B 223 46.41 17.76 -44.31
C MET B 223 45.63 16.88 -45.30
N VAL B 224 44.52 17.32 -45.89
CA VAL B 224 43.71 16.49 -46.73
C VAL B 224 44.41 16.12 -48.03
N LYS B 225 45.32 16.96 -48.52
CA LYS B 225 46.12 16.66 -49.70
C LYS B 225 46.91 15.37 -49.54
N ASP B 226 47.76 15.27 -48.50
CA ASP B 226 48.60 14.12 -48.29
C ASP B 226 47.82 12.92 -47.77
N ILE B 227 46.80 13.18 -46.96
CA ILE B 227 45.84 12.16 -46.56
C ILE B 227 45.12 11.53 -47.73
N ALA B 228 44.57 12.28 -48.69
CA ALA B 228 43.94 11.73 -49.87
C ALA B 228 44.83 10.89 -50.76
N LYS B 229 46.10 11.28 -50.94
CA LYS B 229 47.14 10.61 -51.69
C LYS B 229 47.42 9.24 -51.09
N LYS B 230 47.56 9.13 -49.76
CA LYS B 230 47.74 7.88 -49.06
C LYS B 230 46.51 6.97 -49.08
N LEU B 231 45.27 7.48 -49.02
CA LEU B 231 44.02 6.80 -49.27
C LEU B 231 43.78 6.45 -50.74
N ILE B 232 44.40 7.15 -51.70
CA ILE B 232 44.36 6.67 -53.05
C ILE B 232 45.36 5.54 -53.22
N GLU B 233 46.62 5.74 -52.86
CA GLU B 233 47.75 4.97 -53.33
C GLU B 233 47.90 3.60 -52.68
N LYS B 234 47.20 3.34 -51.58
CA LYS B 234 46.91 2.01 -51.06
C LYS B 234 45.50 1.76 -50.53
N GLY B 235 44.57 2.69 -50.75
CA GLY B 235 43.22 2.60 -50.22
C GLY B 235 43.06 2.66 -48.70
N LYS B 236 44.07 3.02 -47.90
CA LYS B 236 44.01 3.42 -46.52
C LYS B 236 45.24 4.20 -46.05
N ILE B 237 45.36 4.49 -44.75
CA ILE B 237 46.53 5.12 -44.17
C ILE B 237 47.12 4.19 -43.13
N ASP B 238 48.44 4.12 -42.97
CA ASP B 238 49.16 3.24 -42.08
C ASP B 238 50.21 4.05 -41.33
N ARG B 239 49.99 4.39 -40.06
CA ARG B 239 50.94 5.14 -39.26
C ARG B 239 51.68 4.20 -38.32
N GLY B 240 52.91 4.59 -37.99
CA GLY B 240 53.50 4.13 -36.74
C GLY B 240 53.62 5.32 -35.80
N PHE B 241 54.72 5.50 -35.06
CA PHE B 241 54.88 6.65 -34.20
C PHE B 241 56.38 6.69 -33.91
N LEU B 242 56.88 7.47 -32.96
CA LEU B 242 58.16 7.23 -32.32
C LEU B 242 58.16 6.46 -31.01
N GLY B 243 57.07 5.71 -30.78
CA GLY B 243 56.84 4.92 -29.59
C GLY B 243 57.09 5.68 -28.29
N VAL B 244 56.18 6.62 -28.02
CA VAL B 244 56.41 7.65 -27.03
C VAL B 244 55.20 8.17 -26.28
N THR B 245 55.29 8.84 -25.14
CA THR B 245 54.31 9.75 -24.57
C THR B 245 54.98 11.10 -24.33
N ILE B 246 54.16 12.14 -24.50
CA ILE B 246 54.72 13.45 -24.75
C ILE B 246 53.77 14.53 -24.26
N LEU B 247 54.29 15.71 -23.90
CA LEU B 247 53.64 16.94 -23.49
C LEU B 247 54.44 18.07 -24.11
N ALA B 248 54.02 19.32 -23.96
CA ALA B 248 54.84 20.49 -24.20
C ALA B 248 55.63 20.81 -22.94
N LEU B 249 56.74 21.49 -23.21
CA LEU B 249 57.54 22.19 -22.23
C LEU B 249 56.67 23.34 -21.73
N GLN B 250 56.40 23.43 -20.43
CA GLN B 250 55.80 24.56 -19.76
C GLN B 250 56.79 25.50 -19.10
N GLY B 251 56.51 26.81 -18.98
CA GLY B 251 57.35 27.85 -18.46
C GLY B 251 58.13 27.53 -17.19
N ASP B 252 57.44 26.87 -16.26
CA ASP B 252 58.12 26.54 -15.02
C ASP B 252 58.95 25.25 -15.13
N THR B 253 58.44 24.28 -15.88
CA THR B 253 59.26 23.15 -16.28
C THR B 253 60.54 23.55 -16.98
N LYS B 254 60.56 24.52 -17.90
CA LYS B 254 61.67 25.02 -18.69
C LYS B 254 62.90 25.43 -17.89
N LYS B 255 62.83 26.42 -16.98
CA LYS B 255 63.87 26.70 -16.02
C LYS B 255 64.23 25.51 -15.14
N ALA B 256 63.25 24.71 -14.73
CA ALA B 256 63.53 23.58 -13.85
C ALA B 256 64.30 22.52 -14.63
N TYR B 257 64.06 22.27 -15.92
CA TYR B 257 64.70 21.38 -16.88
C TYR B 257 65.81 22.03 -17.65
N LYS B 258 66.38 23.08 -17.08
CA LYS B 258 67.56 23.75 -17.59
C LYS B 258 67.44 24.29 -19.02
N ASN B 259 66.44 25.12 -19.26
CA ASN B 259 66.15 26.02 -20.36
C ASN B 259 66.45 25.58 -21.79
N GLN B 260 66.42 24.26 -21.98
CA GLN B 260 66.13 23.63 -23.24
C GLN B 260 64.68 23.84 -23.67
N GLU B 261 64.39 23.73 -24.97
CA GLU B 261 63.11 24.03 -25.60
C GLU B 261 62.70 23.17 -26.79
N GLY B 262 61.47 22.67 -26.71
CA GLY B 262 60.82 21.64 -27.49
C GLY B 262 59.70 20.96 -26.72
N ALA B 263 59.19 19.87 -27.29
CA ALA B 263 58.22 19.02 -26.60
C ALA B 263 58.85 18.15 -25.52
N LEU B 264 58.26 18.26 -24.34
CA LEU B 264 58.53 17.46 -23.15
C LEU B 264 58.23 15.99 -23.43
N ILE B 265 59.22 15.10 -23.38
CA ILE B 265 58.93 13.69 -23.23
C ILE B 265 58.32 13.58 -21.84
N THR B 266 57.16 12.95 -21.75
CA THR B 266 56.63 12.54 -20.46
C THR B 266 57.26 11.23 -20.03
N ASP B 267 57.10 10.24 -20.91
CA ASP B 267 57.69 8.92 -20.78
C ASP B 267 57.99 8.41 -22.19
N VAL B 268 59.25 8.08 -22.49
CA VAL B 268 59.53 7.31 -23.68
C VAL B 268 59.00 5.88 -23.59
N GLN B 269 58.12 5.35 -24.44
CA GLN B 269 57.42 4.10 -24.27
C GLN B 269 58.29 2.91 -24.67
N LYS B 270 59.29 2.72 -23.80
CA LYS B 270 60.33 1.72 -23.72
C LYS B 270 60.75 0.98 -24.97
N GLY B 271 62.02 1.09 -25.37
CA GLY B 271 62.62 0.26 -26.40
C GLY B 271 62.09 0.46 -27.81
N SER B 272 61.05 1.27 -28.02
CA SER B 272 60.82 1.92 -29.29
C SER B 272 62.01 2.72 -29.84
N SER B 273 61.87 3.27 -31.05
CA SER B 273 62.89 4.02 -31.76
C SER B 273 63.41 5.22 -30.97
N ALA B 274 62.57 5.86 -30.16
CA ALA B 274 62.98 6.88 -29.22
C ALA B 274 64.13 6.45 -28.32
N ASP B 275 63.90 5.31 -27.68
CA ASP B 275 64.86 4.79 -26.73
C ASP B 275 66.20 4.44 -27.35
N GLU B 276 66.11 3.81 -28.52
CA GLU B 276 67.23 3.21 -29.22
C GLU B 276 68.08 4.31 -29.86
N ALA B 277 67.43 5.35 -30.34
CA ALA B 277 68.12 6.59 -30.66
C ALA B 277 68.61 7.39 -29.46
N GLY B 278 68.41 6.88 -28.25
CA GLY B 278 68.90 7.49 -27.03
C GLY B 278 68.16 8.68 -26.46
N LEU B 279 66.93 8.97 -26.91
CA LEU B 279 66.00 9.84 -26.22
C LEU B 279 65.50 9.29 -24.90
N LYS B 280 65.36 10.11 -23.86
CA LYS B 280 65.01 9.75 -22.50
C LYS B 280 64.08 10.78 -21.87
N ARG B 281 63.85 10.71 -20.56
CA ARG B 281 63.00 11.55 -19.75
C ARG B 281 63.82 12.74 -19.29
N GLY B 282 63.11 13.87 -19.22
CA GLY B 282 63.84 15.12 -19.24
C GLY B 282 64.51 15.57 -20.54
N ASP B 283 64.31 14.78 -21.59
CA ASP B 283 64.65 15.23 -22.92
C ASP B 283 63.44 15.90 -23.60
N LEU B 284 63.77 16.60 -24.66
CA LEU B 284 62.79 17.31 -25.47
C LEU B 284 63.04 16.97 -26.93
N VAL B 285 61.90 16.73 -27.57
CA VAL B 285 61.81 16.64 -29.02
C VAL B 285 61.94 18.02 -29.69
N THR B 286 62.90 18.27 -30.57
CA THR B 286 62.96 19.49 -31.36
C THR B 286 62.55 19.43 -32.81
N LYS B 287 62.98 18.47 -33.65
CA LYS B 287 62.62 18.56 -35.05
C LYS B 287 62.77 17.26 -35.83
N VAL B 288 61.71 16.93 -36.58
CA VAL B 288 61.62 15.97 -37.65
C VAL B 288 62.28 16.63 -38.85
N ASN B 289 63.04 15.93 -39.69
CA ASN B 289 63.67 16.41 -40.90
C ASN B 289 62.85 17.27 -41.84
N ASN B 290 61.51 17.22 -41.80
CA ASN B 290 60.51 18.10 -42.37
C ASN B 290 59.69 19.06 -41.51
N LYS B 291 59.59 18.73 -40.23
CA LYS B 291 58.62 19.38 -39.35
C LYS B 291 59.04 19.74 -37.92
N VAL B 292 58.75 20.92 -37.38
CA VAL B 292 59.33 21.36 -36.13
C VAL B 292 58.45 21.02 -34.93
N ILE B 293 59.01 20.49 -33.84
CA ILE B 293 58.23 20.10 -32.69
C ILE B 293 58.51 21.02 -31.50
N LYS B 294 57.42 21.41 -30.83
CA LYS B 294 57.21 22.07 -29.56
C LYS B 294 56.21 21.43 -28.61
N SER B 295 55.27 20.62 -29.11
CA SER B 295 54.11 20.19 -28.37
C SER B 295 53.91 18.70 -28.58
N PRO B 296 53.02 18.06 -27.83
CA PRO B 296 52.64 16.66 -27.97
C PRO B 296 51.83 16.37 -29.23
N ILE B 297 50.93 17.30 -29.59
CA ILE B 297 50.03 17.24 -30.73
C ILE B 297 50.79 17.50 -32.03
N ASP B 298 51.97 18.11 -31.94
CA ASP B 298 52.90 18.17 -33.04
C ASP B 298 53.39 16.80 -33.50
N LEU B 299 53.96 15.96 -32.63
CA LEU B 299 54.39 14.63 -33.03
C LEU B 299 53.27 13.68 -33.42
N LYS B 300 52.23 13.46 -32.61
CA LYS B 300 50.94 12.88 -32.93
C LYS B 300 50.44 13.15 -34.34
N ASN B 301 50.19 14.39 -34.75
CA ASN B 301 49.63 14.75 -36.03
C ASN B 301 50.62 14.91 -37.19
N TYR B 302 51.91 15.15 -36.95
CA TYR B 302 52.97 14.87 -37.88
C TYR B 302 53.10 13.38 -38.20
N ILE B 303 53.06 12.43 -37.27
CA ILE B 303 52.95 11.00 -37.50
C ILE B 303 51.62 10.55 -38.05
N GLY B 304 50.50 11.22 -37.74
CA GLY B 304 49.30 11.17 -38.54
C GLY B 304 49.44 11.52 -40.01
N THR B 305 50.63 11.99 -40.40
CA THR B 305 51.09 12.27 -41.75
C THR B 305 52.43 11.61 -42.04
N LEU B 306 52.84 10.51 -41.41
CA LEU B 306 53.96 9.72 -41.84
C LEU B 306 53.65 8.24 -41.87
N GLU B 307 54.29 7.46 -42.75
CA GLU B 307 54.11 6.03 -42.83
C GLU B 307 55.20 5.04 -42.43
N ILE B 308 54.94 3.73 -42.51
CA ILE B 308 55.67 2.72 -41.78
C ILE B 308 57.15 2.69 -42.11
N GLY B 309 57.99 2.27 -41.16
CA GLY B 309 59.27 1.62 -41.38
C GLY B 309 60.41 2.46 -41.92
N GLN B 310 60.21 3.65 -42.47
CA GLN B 310 61.21 4.64 -42.85
C GLN B 310 61.96 5.15 -41.63
N LYS B 311 63.27 5.35 -41.75
CA LYS B 311 63.99 5.99 -40.66
C LYS B 311 63.91 7.51 -40.71
N ILE B 312 63.97 8.10 -39.51
CA ILE B 312 63.92 9.53 -39.33
C ILE B 312 65.06 9.99 -38.43
N SER B 313 65.95 10.83 -38.95
CA SER B 313 67.06 11.33 -38.16
C SER B 313 66.54 12.54 -37.39
N LEU B 314 65.70 12.32 -36.38
CA LEU B 314 65.15 13.27 -35.44
C LEU B 314 66.16 13.90 -34.49
N SER B 315 66.18 15.23 -34.36
CA SER B 315 66.88 16.06 -33.40
C SER B 315 66.19 16.22 -32.06
N TYR B 316 66.90 16.19 -30.93
CA TYR B 316 66.34 16.18 -29.60
C TYR B 316 67.43 16.70 -28.68
N GLU B 317 67.08 17.26 -27.52
CA GLU B 317 68.02 17.72 -26.51
C GLU B 317 67.67 17.12 -25.16
N ARG B 318 68.64 17.10 -24.23
CA ARG B 318 68.43 16.96 -22.80
C ARG B 318 69.20 18.01 -22.03
N ASP B 319 68.71 18.60 -20.94
CA ASP B 319 69.52 19.51 -20.15
C ASP B 319 70.15 20.79 -20.67
N GLY B 320 70.42 20.91 -21.98
CA GLY B 320 71.44 21.80 -22.49
C GLY B 320 72.20 21.27 -23.71
N GLU B 321 71.92 20.03 -24.14
CA GLU B 321 72.65 19.26 -25.11
C GLU B 321 71.83 18.50 -26.14
N ASN B 322 71.96 18.91 -27.40
CA ASN B 322 71.35 18.31 -28.57
C ASN B 322 72.12 17.18 -29.27
N LYS B 323 71.33 16.15 -29.54
CA LYS B 323 71.69 15.08 -30.46
C LYS B 323 70.69 15.00 -31.60
N GLN B 324 71.16 14.53 -32.77
CA GLN B 324 70.41 14.00 -33.88
C GLN B 324 70.84 12.57 -34.15
N ALA B 325 69.83 11.71 -33.97
CA ALA B 325 69.97 10.27 -33.94
C ALA B 325 68.91 9.62 -34.81
N SER B 326 68.97 8.33 -35.11
CA SER B 326 68.22 7.70 -36.19
C SER B 326 67.11 6.78 -35.71
N PHE B 327 65.81 7.04 -35.92
CA PHE B 327 64.70 6.42 -35.24
C PHE B 327 63.90 5.82 -36.40
N ILE B 328 63.54 4.52 -36.31
CA ILE B 328 62.46 3.92 -37.06
C ILE B 328 61.10 4.45 -36.64
N LEU B 329 60.19 4.68 -37.60
CA LEU B 329 58.81 4.99 -37.28
C LEU B 329 58.10 3.75 -36.77
N LYS B 330 58.00 3.62 -35.44
CA LYS B 330 57.50 2.52 -34.66
C LYS B 330 56.29 2.94 -33.84
N GLY B 331 55.08 2.44 -34.10
CA GLY B 331 53.81 2.74 -33.48
C GLY B 331 53.59 2.20 -32.07
N GLU B 332 52.40 2.39 -31.51
CA GLU B 332 51.95 1.71 -30.31
C GLU B 332 52.08 0.19 -30.40
N LYS B 333 51.84 -0.34 -31.60
CA LYS B 333 51.89 -1.75 -31.92
C LYS B 333 53.32 -2.14 -32.31
N GLU B 334 54.37 -1.45 -31.83
CA GLU B 334 55.72 -1.51 -32.36
C GLU B 334 56.84 -1.31 -31.37
N ASN B 335 56.72 -1.68 -30.08
CA ASN B 335 57.63 -1.26 -29.04
C ASN B 335 58.35 -2.23 -28.10
N PRO B 336 59.67 -2.42 -28.09
CA PRO B 336 60.27 -3.50 -27.33
C PRO B 336 61.25 -3.17 -26.22
N LYS B 337 60.94 -2.29 -25.27
CA LYS B 337 61.49 -2.17 -23.93
C LYS B 337 62.85 -1.58 -23.65
N GLY B 338 62.96 -0.77 -22.60
CA GLY B 338 63.78 0.41 -22.39
C GLY B 338 63.91 1.26 -21.13
N VAL B 339 64.53 2.42 -21.08
CA VAL B 339 65.03 2.98 -19.83
C VAL B 339 64.75 4.45 -19.60
N GLN B 340 64.54 4.84 -18.33
CA GLN B 340 64.45 6.20 -17.81
C GLN B 340 64.32 6.50 -16.34
N SER B 341 64.77 7.66 -15.85
CA SER B 341 65.23 7.81 -14.49
C SER B 341 65.23 9.19 -13.87
N ASP B 342 64.67 10.30 -14.36
CA ASP B 342 65.18 11.62 -14.06
C ASP B 342 64.75 12.36 -12.81
N LEU B 343 64.05 11.78 -11.83
CA LEU B 343 63.98 12.15 -10.44
C LEU B 343 64.16 10.96 -9.52
N ILE B 344 64.67 9.89 -10.12
CA ILE B 344 65.23 8.69 -9.52
C ILE B 344 66.68 8.56 -9.96
N ASP B 345 67.34 9.71 -10.08
CA ASP B 345 68.65 9.84 -10.68
C ASP B 345 69.82 9.72 -9.71
N GLY B 346 70.41 8.54 -9.56
CA GLY B 346 71.33 8.08 -8.53
C GLY B 346 70.79 8.24 -7.13
N LEU B 347 69.51 7.88 -7.08
CA LEU B 347 68.82 7.60 -5.83
C LEU B 347 68.98 6.14 -5.43
N SER B 348 69.96 5.93 -4.56
CA SER B 348 70.08 4.69 -3.83
C SER B 348 69.18 4.61 -2.60
N LEU B 349 68.01 3.99 -2.79
CA LEU B 349 66.87 4.02 -1.90
C LEU B 349 66.18 2.68 -1.76
N ARG B 350 65.62 2.31 -0.59
CA ARG B 350 65.19 0.98 -0.29
C ARG B 350 64.09 0.94 0.76
N ASN B 351 63.40 -0.18 0.99
CA ASN B 351 62.15 -0.31 1.72
C ASN B 351 62.44 -0.31 3.21
N LEU B 352 61.46 -0.01 4.07
CA LEU B 352 61.70 0.10 5.50
C LEU B 352 60.58 -0.52 6.32
N ASP B 353 61.00 -1.08 7.47
CA ASP B 353 60.27 -0.77 8.68
C ASP B 353 61.47 -0.50 9.58
N PRO B 354 61.73 0.76 9.90
CA PRO B 354 63.08 1.11 10.31
C PRO B 354 63.30 0.74 11.78
N ARG B 355 64.56 0.59 12.19
CA ARG B 355 65.11 0.29 13.50
C ARG B 355 65.58 1.49 14.32
N LEU B 356 64.85 2.60 14.37
CA LEU B 356 65.06 3.72 15.27
C LEU B 356 63.77 4.30 15.84
N LYS B 357 63.89 5.08 16.91
CA LYS B 357 62.82 5.72 17.65
C LYS B 357 62.59 7.09 17.05
N ASP B 358 61.42 7.69 17.31
CA ASP B 358 60.34 7.38 18.22
C ASP B 358 58.91 7.57 17.71
N ARG B 359 58.59 8.34 16.67
CA ARG B 359 57.32 8.90 16.25
C ARG B 359 56.12 8.31 16.97
N LEU B 360 55.55 7.17 16.55
CA LEU B 360 54.34 6.53 17.02
C LEU B 360 54.22 5.05 16.70
N GLN B 361 53.02 4.48 16.91
CA GLN B 361 52.82 3.04 16.94
C GLN B 361 51.89 2.56 15.84
N ILE B 362 52.14 3.04 14.62
CA ILE B 362 51.40 2.64 13.44
C ILE B 362 52.26 2.63 12.19
N PRO B 363 52.22 1.58 11.35
CA PRO B 363 53.04 1.47 10.17
C PRO B 363 52.71 2.50 9.10
N LYS B 364 51.46 2.97 8.95
CA LYS B 364 50.87 4.02 8.14
C LYS B 364 51.83 5.17 7.94
N ASP B 365 52.47 5.69 9.00
CA ASP B 365 53.25 6.90 8.97
C ASP B 365 54.73 6.60 8.74
N VAL B 366 55.20 5.37 8.53
CA VAL B 366 56.57 4.92 8.50
C VAL B 366 56.88 3.89 7.41
N ASN B 367 55.91 3.23 6.80
CA ASN B 367 56.23 2.60 5.53
C ASN B 367 56.33 3.63 4.40
N GLY B 368 57.19 3.35 3.42
CA GLY B 368 57.72 4.20 2.38
C GLY B 368 59.04 3.72 1.79
N VAL B 369 60.04 4.58 1.59
CA VAL B 369 61.39 4.19 1.20
C VAL B 369 62.43 5.11 1.84
N LEU B 370 63.49 4.51 2.38
CA LEU B 370 64.55 5.19 3.10
C LEU B 370 65.73 5.52 2.20
N VAL B 371 66.34 6.71 2.34
CA VAL B 371 67.34 7.24 1.44
C VAL B 371 68.71 6.84 1.96
N ASP B 372 69.44 6.15 1.07
CA ASP B 372 70.81 5.80 1.37
C ASP B 372 71.76 6.93 0.98
N SER B 373 71.49 7.53 -0.18
CA SER B 373 72.12 8.75 -0.65
C SER B 373 71.53 9.45 -1.87
N VAL B 374 72.05 10.65 -2.15
CA VAL B 374 71.47 11.59 -3.08
C VAL B 374 72.51 12.29 -3.96
N LYS B 375 72.52 11.96 -5.25
CA LYS B 375 73.38 12.53 -6.27
C LYS B 375 73.21 14.04 -6.27
N GLU B 376 74.31 14.79 -6.41
CA GLU B 376 74.43 16.23 -6.47
C GLU B 376 73.61 16.82 -7.61
N LYS B 377 73.55 16.15 -8.77
CA LYS B 377 72.74 16.50 -9.92
C LYS B 377 71.24 16.33 -9.70
N SER B 378 70.85 15.43 -8.80
CA SER B 378 69.45 15.14 -8.58
C SER B 378 68.72 16.37 -8.06
N LYS B 379 67.55 16.65 -8.66
CA LYS B 379 66.69 17.77 -8.33
C LYS B 379 66.27 17.91 -6.87
N GLY B 380 66.42 16.78 -6.18
CA GLY B 380 66.35 16.64 -4.74
C GLY B 380 67.34 17.61 -4.09
N LYS B 381 68.63 17.65 -4.43
CA LYS B 381 69.52 18.51 -3.67
C LYS B 381 69.36 19.95 -4.09
N ASN B 382 68.74 20.26 -5.24
CA ASN B 382 68.43 21.61 -5.64
C ASN B 382 67.58 22.28 -4.57
N SER B 383 66.72 21.40 -4.04
CA SER B 383 65.43 21.58 -3.41
C SER B 383 65.38 21.09 -1.96
N GLY B 384 66.54 20.67 -1.45
CA GLY B 384 66.75 20.45 -0.04
C GLY B 384 66.43 19.06 0.50
N PHE B 385 66.41 18.01 -0.32
CA PHE B 385 66.33 16.62 0.08
C PHE B 385 67.71 15.98 0.27
N GLN B 386 67.90 15.22 1.35
CA GLN B 386 69.25 14.90 1.78
C GLN B 386 69.43 13.42 2.07
N GLU B 387 70.67 12.92 2.14
CA GLU B 387 70.93 11.55 2.48
C GLU B 387 70.48 11.23 3.91
N GLY B 388 69.87 10.06 4.13
CA GLY B 388 69.13 9.81 5.35
C GLY B 388 67.77 10.48 5.47
N ASP B 389 67.20 11.06 4.41
CA ASP B 389 65.76 11.24 4.37
C ASP B 389 64.99 9.94 4.20
N ILE B 390 63.67 9.97 4.45
CA ILE B 390 62.71 8.92 4.17
C ILE B 390 61.55 9.46 3.37
N ILE B 391 61.22 8.95 2.17
CA ILE B 391 60.11 9.40 1.34
C ILE B 391 58.85 8.68 1.78
N ILE B 392 57.81 9.43 2.15
CA ILE B 392 56.51 8.94 2.57
C ILE B 392 55.41 9.32 1.59
N GLY B 393 55.48 10.55 1.07
CA GLY B 393 54.59 10.95 -0.01
C GLY B 393 55.29 11.66 -1.16
N VAL B 394 54.78 11.44 -2.37
CA VAL B 394 55.40 11.91 -3.59
C VAL B 394 54.36 12.60 -4.46
N GLY B 395 54.34 13.94 -4.51
CA GLY B 395 53.19 14.70 -4.96
C GLY B 395 52.00 14.54 -4.04
N GLN B 396 52.14 14.86 -2.74
CA GLN B 396 51.24 14.79 -1.60
C GLN B 396 50.83 13.34 -1.39
N SER B 397 50.71 12.48 -2.39
CA SER B 397 50.12 11.15 -2.40
C SER B 397 51.07 10.09 -1.90
N GLU B 398 50.59 9.18 -1.04
CA GLU B 398 51.49 8.46 -0.17
C GLU B 398 51.90 7.10 -0.69
N ILE B 399 53.00 6.49 -0.25
CA ILE B 399 53.69 5.31 -0.74
C ILE B 399 54.04 4.28 0.34
N LYS B 400 54.19 3.00 -0.01
CA LYS B 400 54.56 2.00 0.98
C LYS B 400 55.88 1.26 0.74
N ASN B 401 56.60 1.37 -0.38
CA ASN B 401 57.74 0.60 -0.85
C ASN B 401 58.30 1.27 -2.10
N LEU B 402 59.43 0.76 -2.60
CA LEU B 402 60.06 1.02 -3.88
C LEU B 402 59.12 0.97 -5.08
N LYS B 403 58.18 0.03 -5.21
CA LYS B 403 57.28 -0.04 -6.35
C LYS B 403 56.47 1.25 -6.44
N ASP B 404 55.88 1.70 -5.33
CA ASP B 404 55.01 2.84 -5.24
C ASP B 404 55.69 4.20 -5.09
N LEU B 405 57.00 4.24 -4.84
CA LEU B 405 57.93 5.27 -5.23
C LEU B 405 58.12 5.30 -6.75
N GLU B 406 58.48 4.16 -7.35
CA GLU B 406 58.92 4.17 -8.72
C GLU B 406 57.72 4.41 -9.63
N GLN B 407 56.51 4.06 -9.18
CA GLN B 407 55.30 4.49 -9.82
C GLN B 407 55.09 6.00 -9.71
N ALA B 408 55.29 6.66 -8.56
CA ALA B 408 55.15 8.11 -8.51
C ALA B 408 56.31 8.87 -9.14
N LEU B 409 57.53 8.37 -9.00
CA LEU B 409 58.66 8.81 -9.80
C LEU B 409 58.64 8.53 -11.30
N LYS B 410 57.74 7.68 -11.79
CA LYS B 410 57.44 7.60 -13.21
C LYS B 410 56.42 8.62 -13.69
N GLN B 411 55.70 9.32 -12.82
CA GLN B 411 54.82 10.45 -13.02
C GLN B 411 55.51 11.78 -12.75
N VAL B 412 56.71 11.88 -12.17
CA VAL B 412 57.45 13.11 -12.05
C VAL B 412 57.90 13.85 -13.30
N ASN B 413 58.15 13.17 -14.42
CA ASN B 413 58.52 13.82 -15.66
C ASN B 413 57.22 14.21 -16.36
N LYS B 414 56.20 14.44 -15.55
CA LYS B 414 54.90 15.05 -15.79
C LYS B 414 54.59 16.12 -14.76
N LYS B 415 55.56 16.67 -14.04
CA LYS B 415 55.44 17.64 -12.97
C LYS B 415 56.61 18.61 -13.01
N GLU B 416 56.32 19.91 -13.10
CA GLU B 416 57.25 21.02 -13.05
C GLU B 416 58.17 20.88 -11.84
N PHE B 417 57.56 20.56 -10.69
CA PHE B 417 58.22 20.10 -9.49
C PHE B 417 57.46 19.00 -8.75
N THR B 418 58.00 18.45 -7.67
CA THR B 418 57.28 17.50 -6.83
C THR B 418 57.12 18.01 -5.41
N LYS B 419 55.89 17.99 -4.88
CA LYS B 419 55.64 18.02 -3.46
C LYS B 419 55.83 16.64 -2.84
N VAL B 420 57.08 16.26 -2.59
CA VAL B 420 57.39 15.16 -1.69
C VAL B 420 57.15 15.49 -0.22
N TRP B 421 56.82 14.54 0.66
CA TRP B 421 56.94 14.59 2.11
C TRP B 421 57.94 13.56 2.60
N VAL B 422 58.98 14.12 3.24
CA VAL B 422 60.17 13.41 3.68
C VAL B 422 60.40 13.46 5.18
N TYR B 423 60.19 12.26 5.74
CA TYR B 423 60.55 12.12 7.15
C TYR B 423 62.05 12.02 7.33
N ARG B 424 62.60 12.60 8.39
CA ARG B 424 64.00 12.64 8.71
C ARG B 424 64.30 11.92 10.02
N ASN B 425 65.15 12.49 10.88
CA ASN B 425 65.47 11.84 12.13
C ASN B 425 64.31 11.91 13.11
N GLY B 426 63.33 12.80 12.90
CA GLY B 426 62.30 13.03 13.88
C GLY B 426 61.03 13.69 13.36
N PHE B 427 61.12 14.44 12.26
CA PHE B 427 60.03 15.26 11.75
C PHE B 427 59.94 14.91 10.27
N ALA B 428 58.78 15.19 9.66
CA ALA B 428 58.54 15.18 8.23
C ALA B 428 58.38 16.57 7.63
N THR B 429 59.25 16.90 6.66
CA THR B 429 59.23 18.19 5.99
C THR B 429 58.70 18.08 4.57
N LEU B 430 58.32 19.21 3.97
CA LEU B 430 57.66 19.39 2.70
C LEU B 430 58.65 20.02 1.73
N LEU B 431 58.92 19.37 0.59
CA LEU B 431 59.87 19.96 -0.35
C LEU B 431 59.27 20.22 -1.72
N VAL B 432 60.03 20.76 -2.67
CA VAL B 432 59.52 21.43 -3.85
C VAL B 432 60.46 21.16 -5.01
N LEU B 433 60.56 19.90 -5.45
CA LEU B 433 61.67 19.37 -6.22
C LEU B 433 61.71 19.75 -7.70
N LYS B 434 62.73 20.53 -8.08
CA LYS B 434 62.95 20.99 -9.44
C LYS B 434 64.42 21.26 -9.72
N VAL C 1 34.80 57.46 -41.74
CA VAL C 1 34.20 56.16 -41.42
C VAL C 1 33.22 55.79 -42.51
N LEU C 2 33.21 54.48 -42.78
CA LEU C 2 32.23 53.81 -43.62
C LEU C 2 31.32 52.95 -42.75
N SER C 3 30.05 53.34 -42.88
CA SER C 3 28.91 52.70 -42.28
C SER C 3 27.63 52.85 -43.09
N TYR C 4 26.78 51.81 -43.19
CA TYR C 4 25.55 51.85 -43.95
C TYR C 4 24.34 52.17 -43.09
N HIS C 5 24.41 53.30 -42.39
CA HIS C 5 23.35 53.96 -41.66
C HIS C 5 22.50 54.82 -42.60
N ASP C 6 22.94 55.03 -43.84
CA ASP C 6 22.38 55.88 -44.87
C ASP C 6 20.98 55.42 -45.25
N SER C 7 20.77 54.11 -45.44
CA SER C 7 19.50 53.43 -45.58
C SER C 7 18.67 53.27 -44.32
N ILE C 8 19.32 53.24 -43.16
CA ILE C 8 18.75 53.10 -41.84
C ILE C 8 17.97 54.30 -41.33
N LYS C 9 18.34 55.48 -41.83
CA LYS C 9 17.61 56.72 -41.82
C LYS C 9 16.22 56.71 -42.45
N ASP C 10 16.09 56.33 -43.72
CA ASP C 10 14.78 56.44 -44.34
C ASP C 10 14.03 55.13 -44.19
N ALA C 11 14.65 53.98 -43.95
CA ALA C 11 13.93 52.78 -43.59
C ALA C 11 13.01 52.89 -42.39
N LYS C 12 13.46 53.40 -41.24
CA LYS C 12 12.63 53.65 -40.07
C LYS C 12 11.40 54.52 -40.27
N LYS C 13 11.52 55.47 -41.20
CA LYS C 13 10.42 56.26 -41.73
C LYS C 13 9.26 55.54 -42.41
N SER C 14 9.44 54.29 -42.85
CA SER C 14 8.35 53.43 -43.25
C SER C 14 8.21 52.11 -42.51
N VAL C 15 9.23 51.59 -41.82
CA VAL C 15 9.21 50.26 -41.24
C VAL C 15 8.82 50.36 -39.78
N VAL C 16 7.51 50.28 -39.54
CA VAL C 16 6.86 50.38 -38.26
C VAL C 16 7.21 49.26 -37.29
N ASN C 17 7.14 49.73 -36.04
CA ASN C 17 7.00 48.85 -34.90
C ASN C 17 5.53 48.92 -34.53
N ILE C 18 4.93 47.90 -33.90
CA ILE C 18 3.51 47.80 -33.65
C ILE C 18 3.23 47.36 -32.22
N SER C 19 2.24 47.93 -31.53
CA SER C 19 1.86 47.61 -30.17
C SER C 19 0.38 47.26 -30.18
N THR C 20 0.23 46.04 -30.70
CA THR C 20 -0.89 45.55 -31.48
C THR C 20 -2.13 45.20 -30.68
N SER C 21 -2.65 46.21 -29.98
CA SER C 21 -3.41 45.79 -28.82
C SER C 21 -4.74 45.15 -29.23
N LYS C 22 -5.02 43.99 -28.64
CA LYS C 22 -6.23 43.21 -28.87
C LYS C 22 -6.45 42.29 -27.67
N THR C 23 -7.70 41.89 -27.47
CA THR C 23 -8.11 40.96 -26.44
C THR C 23 -7.77 39.53 -26.81
N ILE C 24 -7.82 39.17 -28.10
CA ILE C 24 -7.51 37.83 -28.57
C ILE C 24 -6.18 37.75 -29.29
N THR C 25 -5.18 37.43 -28.46
CA THR C 25 -3.91 36.92 -28.93
C THR C 25 -3.74 35.41 -29.03
N ARG C 26 -4.80 34.68 -29.38
CA ARG C 26 -4.89 33.24 -29.24
C ARG C 26 -4.49 32.47 -30.49
N ALA C 27 -4.05 33.17 -31.54
CA ALA C 27 -3.35 32.61 -32.68
C ALA C 27 -1.84 32.74 -32.54
N ASN C 28 -1.31 33.84 -32.00
CA ASN C 28 0.08 34.05 -31.64
C ASN C 28 0.36 33.85 -30.16
N ARG C 29 -0.34 32.87 -29.60
CA ARG C 29 -0.03 32.25 -28.32
C ARG C 29 1.14 31.27 -28.46
N PRO C 30 2.04 31.23 -27.48
CA PRO C 30 3.09 30.22 -27.48
C PRO C 30 2.61 28.79 -27.61
N SER C 31 3.38 27.95 -28.31
CA SER C 31 3.18 26.52 -28.38
C SER C 31 3.89 25.90 -27.17
N PRO C 32 3.41 24.81 -26.57
CA PRO C 32 4.22 23.94 -25.74
C PRO C 32 5.55 23.52 -26.33
N LEU C 33 6.61 24.25 -25.97
CA LEU C 33 8.01 23.89 -25.96
C LEU C 33 8.63 24.08 -24.58
N ASP C 34 9.82 23.50 -24.42
CA ASP C 34 10.74 23.93 -23.38
C ASP C 34 11.58 25.15 -23.73
N ASP C 35 10.91 26.17 -24.26
CA ASP C 35 11.43 27.52 -24.12
C ASP C 35 11.41 27.91 -22.64
N PHE C 36 11.91 29.10 -22.30
CA PHE C 36 11.96 29.53 -20.92
C PHE C 36 10.56 29.71 -20.34
N PHE C 37 10.30 29.16 -19.15
CA PHE C 37 9.10 29.12 -18.36
C PHE C 37 9.43 28.81 -16.90
N ASN C 38 8.41 28.99 -16.05
CA ASN C 38 8.51 29.07 -14.62
C ASN C 38 9.34 30.22 -14.03
N ASP C 39 10.21 30.82 -14.85
CA ASP C 39 10.97 32.01 -14.58
C ASP C 39 10.99 33.13 -15.62
N PRO C 40 9.95 33.49 -16.38
CA PRO C 40 10.04 34.58 -17.33
C PRO C 40 10.28 35.95 -16.73
N TYR C 41 11.00 36.79 -17.48
CA TYR C 41 11.20 38.20 -17.23
C TYR C 41 10.52 38.99 -18.34
N PHE C 42 11.23 39.87 -19.04
CA PHE C 42 10.82 40.52 -20.27
C PHE C 42 10.81 39.43 -21.33
N LYS C 43 9.88 39.45 -22.29
CA LYS C 43 9.77 38.54 -23.41
C LYS C 43 11.06 38.61 -24.22
N GLN C 44 11.59 37.46 -24.63
CA GLN C 44 12.69 37.14 -25.53
C GLN C 44 14.08 37.51 -25.03
N PHE C 45 14.21 37.84 -23.75
CA PHE C 45 15.46 37.75 -23.00
C PHE C 45 15.69 36.30 -22.64
N PHE C 46 16.86 36.15 -22.01
CA PHE C 46 17.28 34.95 -21.32
C PHE C 46 17.71 35.15 -19.87
N ASP C 47 18.13 36.39 -19.59
CA ASP C 47 18.75 36.91 -18.38
C ASP C 47 18.06 36.63 -17.04
N PHE C 48 18.93 36.38 -16.06
CA PHE C 48 18.67 36.38 -14.64
C PHE C 48 18.22 37.77 -14.18
N ASP C 49 17.70 37.79 -12.96
CA ASP C 49 17.16 38.90 -12.20
C ASP C 49 17.97 40.17 -12.45
N PHE C 50 17.29 41.18 -12.99
CA PHE C 50 17.78 42.52 -13.26
C PHE C 50 16.92 43.57 -12.59
N PRO C 51 17.48 44.65 -12.05
CA PRO C 51 16.79 45.75 -11.41
C PRO C 51 16.01 46.64 -12.35
N GLN C 52 15.25 46.04 -13.27
CA GLN C 52 14.28 46.71 -14.12
C GLN C 52 13.03 45.87 -14.26
N ARG C 53 12.00 46.25 -13.49
CA ARG C 53 10.92 45.30 -13.24
C ARG C 53 9.78 45.39 -14.26
N LYS C 54 8.91 44.38 -14.28
CA LYS C 54 7.72 44.27 -15.11
C LYS C 54 7.09 45.59 -15.50
N GLY C 55 6.89 45.84 -16.80
CA GLY C 55 6.37 47.08 -17.34
C GLY C 55 6.85 47.24 -18.77
N LYS C 56 8.08 46.91 -19.16
CA LYS C 56 8.68 47.02 -20.48
C LYS C 56 8.07 46.16 -21.58
N ASN C 57 7.92 44.87 -21.31
CA ASN C 57 7.54 43.91 -22.33
C ASN C 57 6.85 42.66 -21.80
N ASP C 58 5.69 42.91 -21.21
CA ASP C 58 4.73 41.89 -20.80
C ASP C 58 3.60 41.70 -21.80
N LYS C 59 3.22 42.79 -22.46
CA LYS C 59 1.93 42.94 -23.13
C LYS C 59 1.61 41.96 -24.26
N GLU C 60 2.55 41.15 -24.75
CA GLU C 60 2.24 40.36 -25.92
C GLU C 60 1.36 39.14 -25.64
N VAL C 61 0.96 38.88 -24.39
CA VAL C 61 -0.20 38.08 -24.09
C VAL C 61 -1.54 38.73 -24.44
N VAL C 62 -1.72 40.05 -24.30
CA VAL C 62 -2.98 40.75 -24.46
C VAL C 62 -2.82 41.90 -25.44
N SER C 63 -1.93 41.76 -26.43
CA SER C 63 -1.46 42.55 -27.54
C SER C 63 -0.55 41.69 -28.38
N SER C 64 -0.21 42.07 -29.62
CA SER C 64 0.95 41.52 -30.26
C SER C 64 2.09 42.54 -30.21
N LEU C 65 3.31 42.08 -30.47
CA LEU C 65 4.44 42.89 -30.88
C LEU C 65 4.93 42.43 -32.24
N GLY C 66 5.06 43.32 -33.23
CA GLY C 66 5.52 43.01 -34.57
C GLY C 66 6.07 44.24 -35.26
N SER C 67 6.40 44.04 -36.55
CA SER C 67 6.81 45.02 -37.53
C SER C 67 5.93 45.05 -38.75
N GLY C 68 6.09 46.13 -39.53
CA GLY C 68 5.47 46.32 -40.82
C GLY C 68 6.21 47.32 -41.69
N VAL C 69 5.56 47.71 -42.79
CA VAL C 69 6.03 48.67 -43.76
C VAL C 69 4.91 49.52 -44.38
N ILE C 70 5.02 50.86 -44.35
CA ILE C 70 4.07 51.73 -45.00
C ILE C 70 4.44 51.71 -46.47
N ILE C 71 3.61 51.23 -47.40
CA ILE C 71 3.83 50.91 -48.79
C ILE C 71 3.72 52.26 -49.50
N SER C 72 2.61 52.94 -49.21
CA SER C 72 2.24 54.12 -49.96
C SER C 72 1.81 55.25 -49.03
N LYS C 73 2.10 56.48 -49.45
CA LYS C 73 1.91 57.81 -48.93
C LYS C 73 0.49 58.17 -48.51
N ASP C 74 -0.46 57.36 -48.95
CA ASP C 74 -1.84 57.11 -48.58
C ASP C 74 -1.91 56.48 -47.20
N GLY C 75 -0.82 56.12 -46.49
CA GLY C 75 -0.83 55.57 -45.15
C GLY C 75 -1.01 54.06 -45.01
N TYR C 76 -0.67 53.27 -46.04
CA TYR C 76 -1.14 51.91 -46.21
C TYR C 76 0.08 51.07 -45.91
N ILE C 77 -0.08 50.32 -44.81
CA ILE C 77 0.98 49.54 -44.22
C ILE C 77 0.66 48.06 -44.44
N VAL C 78 1.75 47.34 -44.66
CA VAL C 78 1.86 45.90 -44.87
C VAL C 78 2.61 45.14 -43.80
N THR C 79 2.07 44.03 -43.29
CA THR C 79 2.60 43.14 -42.28
C THR C 79 1.96 41.76 -42.38
N ASN C 80 2.53 40.77 -41.69
CA ASN C 80 1.86 39.52 -41.45
C ASN C 80 0.39 39.56 -41.05
N ASN C 81 -0.41 38.54 -41.39
CA ASN C 81 -1.73 38.39 -40.82
C ASN C 81 -1.77 37.96 -39.35
N HIS C 82 -0.92 37.02 -38.96
CA HIS C 82 -0.82 36.53 -37.61
C HIS C 82 -0.50 37.53 -36.51
N VAL C 83 0.19 38.62 -36.87
CA VAL C 83 0.44 39.77 -36.02
C VAL C 83 -0.87 40.51 -35.74
N VAL C 84 -1.77 40.74 -36.70
CA VAL C 84 -3.03 41.43 -36.55
C VAL C 84 -4.23 40.48 -36.55
N ASP C 85 -4.05 39.19 -36.28
CA ASP C 85 -5.20 38.30 -36.09
C ASP C 85 -6.06 38.81 -34.94
N ASP C 86 -7.34 39.05 -35.27
CA ASP C 86 -8.23 39.74 -34.36
C ASP C 86 -7.68 41.12 -34.03
N ALA C 87 -7.69 42.01 -35.02
CA ALA C 87 -7.27 43.40 -35.11
C ALA C 87 -8.18 44.35 -34.36
N ASP C 88 -8.27 44.23 -33.04
CA ASP C 88 -9.03 45.18 -32.23
C ASP C 88 -8.55 46.61 -32.43
N THR C 89 -7.45 46.89 -31.73
CA THR C 89 -6.94 48.22 -31.49
C THR C 89 -5.44 48.28 -31.77
N ILE C 90 -5.17 48.04 -33.05
CA ILE C 90 -3.82 47.82 -33.54
C ILE C 90 -2.86 48.99 -33.51
N THR C 91 -2.36 49.45 -32.36
CA THR C 91 -1.64 50.68 -32.18
C THR C 91 -0.21 50.63 -32.70
N VAL C 92 0.34 51.73 -33.24
CA VAL C 92 1.61 51.79 -33.94
C VAL C 92 2.66 52.66 -33.27
N ASN C 93 3.94 52.35 -33.49
CA ASN C 93 5.07 53.16 -33.12
C ASN C 93 6.11 53.10 -34.25
N LEU C 94 5.87 53.84 -35.33
CA LEU C 94 6.80 54.14 -36.41
C LEU C 94 8.05 54.82 -35.86
N PRO C 95 9.21 54.17 -35.98
CA PRO C 95 10.44 54.72 -35.43
C PRO C 95 10.90 56.03 -36.04
N GLY C 96 11.32 56.98 -35.21
CA GLY C 96 11.71 58.32 -35.59
C GLY C 96 10.48 59.19 -35.77
N SER C 97 9.29 58.84 -35.26
CA SER C 97 8.12 59.70 -35.26
C SER C 97 7.16 59.41 -34.12
N ASP C 98 7.04 58.15 -33.69
CA ASP C 98 6.32 57.83 -32.47
C ASP C 98 4.82 58.10 -32.38
N ILE C 99 4.12 58.16 -33.51
CA ILE C 99 2.73 58.57 -33.52
C ILE C 99 1.72 57.51 -33.12
N GLU C 100 1.39 57.46 -31.83
CA GLU C 100 0.79 56.36 -31.10
C GLU C 100 -0.73 56.36 -31.25
N TYR C 101 -1.16 56.28 -32.51
CA TYR C 101 -2.53 56.02 -32.88
C TYR C 101 -2.81 54.52 -32.95
N LYS C 102 -4.08 54.16 -32.96
CA LYS C 102 -4.60 52.97 -33.61
C LYS C 102 -4.46 52.96 -35.13
N ALA C 103 -4.23 51.86 -35.85
CA ALA C 103 -4.42 51.74 -37.28
C ALA C 103 -5.67 50.96 -37.65
N LYS C 104 -6.31 51.18 -38.81
CA LYS C 104 -7.52 50.60 -39.34
C LYS C 104 -7.17 49.47 -40.30
N LEU C 105 -7.44 48.20 -39.95
CA LEU C 105 -7.22 47.13 -40.88
C LEU C 105 -8.12 47.30 -42.10
N ILE C 106 -7.61 47.38 -43.34
CA ILE C 106 -8.36 47.40 -44.57
C ILE C 106 -8.70 45.98 -44.99
N GLY C 107 -7.67 45.13 -45.06
CA GLY C 107 -7.91 43.71 -45.24
C GLY C 107 -6.74 42.78 -44.95
N LYS C 108 -7.05 41.48 -44.97
CA LYS C 108 -6.26 40.32 -44.62
C LYS C 108 -6.56 39.10 -45.48
N ASP C 109 -5.55 38.27 -45.71
CA ASP C 109 -5.63 36.93 -46.25
C ASP C 109 -4.71 36.00 -45.46
N PRO C 110 -5.28 35.09 -44.67
CA PRO C 110 -4.48 34.16 -43.89
C PRO C 110 -3.66 33.14 -44.68
N LYS C 111 -3.86 33.14 -45.99
CA LYS C 111 -3.44 32.05 -46.84
C LYS C 111 -1.97 32.26 -47.20
N THR C 112 -1.69 33.46 -47.72
CA THR C 112 -0.38 34.08 -47.73
C THR C 112 0.03 34.66 -46.40
N ASP C 113 -0.92 34.87 -45.49
CA ASP C 113 -0.77 35.46 -44.17
C ASP C 113 -0.22 36.88 -44.20
N LEU C 114 -0.97 37.72 -44.91
CA LEU C 114 -0.56 39.07 -45.29
C LEU C 114 -1.75 39.99 -45.11
N ALA C 115 -1.46 41.23 -44.73
CA ALA C 115 -2.38 42.33 -44.44
C ALA C 115 -2.01 43.63 -45.13
N VAL C 116 -3.03 44.49 -45.27
CA VAL C 116 -2.99 45.89 -45.57
C VAL C 116 -3.76 46.68 -44.53
N ILE C 117 -3.15 47.70 -43.91
CA ILE C 117 -3.72 48.48 -42.83
C ILE C 117 -3.52 49.97 -43.05
N LYS C 118 -4.52 50.80 -42.84
CA LYS C 118 -4.45 52.24 -43.01
C LYS C 118 -4.03 52.77 -41.65
N ILE C 119 -2.94 53.53 -41.58
CA ILE C 119 -2.73 54.46 -40.49
C ILE C 119 -3.32 55.83 -40.81
N GLU C 120 -4.07 56.30 -39.81
CA GLU C 120 -5.04 57.37 -39.78
C GLU C 120 -4.49 58.78 -39.61
N ALA C 121 -3.31 59.05 -40.20
CA ALA C 121 -2.65 60.32 -40.06
C ALA C 121 -2.34 60.86 -41.45
N ASN C 122 -1.53 61.93 -41.51
CA ASN C 122 -1.11 62.64 -42.67
C ASN C 122 0.37 63.02 -42.69
N ASN C 123 0.85 63.33 -43.90
CA ASN C 123 2.19 63.03 -44.34
C ASN C 123 2.86 61.77 -43.79
N LEU C 124 2.44 60.61 -44.30
CA LEU C 124 2.95 59.27 -44.01
C LEU C 124 3.82 58.81 -45.17
N SER C 125 4.94 58.14 -44.93
CA SER C 125 5.88 57.89 -46.01
C SER C 125 5.38 56.79 -46.92
N ALA C 126 6.16 56.44 -47.95
CA ALA C 126 6.01 55.22 -48.71
C ALA C 126 7.22 54.29 -48.61
N ILE C 127 7.22 53.20 -49.39
CA ILE C 127 8.45 52.46 -49.63
C ILE C 127 8.71 52.07 -51.07
N THR C 128 9.93 52.32 -51.58
CA THR C 128 10.32 52.02 -52.94
C THR C 128 10.29 50.53 -53.26
N PHE C 129 9.17 49.97 -53.72
CA PHE C 129 8.85 48.61 -54.05
C PHE C 129 9.62 48.27 -55.31
N THR C 130 10.83 47.69 -55.26
CA THR C 130 11.46 47.16 -56.45
C THR C 130 11.25 45.69 -56.75
N ASN C 131 11.93 45.06 -57.73
CA ASN C 131 11.70 43.67 -58.07
C ASN C 131 12.49 42.76 -57.14
N SER C 132 11.80 41.78 -56.55
CA SER C 132 12.29 40.64 -55.80
C SER C 132 12.90 39.55 -56.67
N ASP C 133 12.82 39.61 -58.00
CA ASP C 133 13.22 38.55 -58.91
C ASP C 133 14.19 38.91 -60.01
N ASP C 134 14.67 40.16 -59.98
CA ASP C 134 15.88 40.61 -60.63
C ASP C 134 17.10 40.29 -59.77
N LEU C 135 16.91 39.44 -58.75
CA LEU C 135 17.80 39.06 -57.67
C LEU C 135 18.59 37.78 -57.84
N MET C 136 19.60 37.57 -56.99
CA MET C 136 20.67 36.59 -57.04
C MET C 136 21.21 36.17 -55.68
N GLU C 137 21.85 35.00 -55.64
CA GLU C 137 22.68 34.62 -54.52
C GLU C 137 23.89 35.55 -54.39
N GLY C 138 24.27 35.77 -53.13
CA GLY C 138 25.35 36.65 -52.72
C GLY C 138 25.20 38.17 -52.81
N ASP C 139 24.18 38.72 -53.47
CA ASP C 139 24.01 40.15 -53.35
C ASP C 139 23.75 40.60 -51.91
N VAL C 140 24.23 41.81 -51.64
CA VAL C 140 24.15 42.55 -50.40
C VAL C 140 22.75 43.12 -50.19
N VAL C 141 22.21 43.03 -48.97
CA VAL C 141 20.90 43.40 -48.47
C VAL C 141 21.04 43.79 -47.01
N PHE C 142 19.89 44.27 -46.53
CA PHE C 142 19.67 44.60 -45.14
C PHE C 142 18.31 44.09 -44.68
N ALA C 143 18.22 43.63 -43.43
CA ALA C 143 17.06 43.07 -42.76
C ALA C 143 16.66 43.88 -41.53
N LEU C 144 15.38 44.18 -41.35
CA LEU C 144 14.93 45.29 -40.53
C LEU C 144 13.75 45.01 -39.61
N GLY C 145 13.67 45.65 -38.44
CA GLY C 145 12.42 45.88 -37.73
C GLY C 145 12.60 45.98 -36.21
N ASN C 146 11.81 45.25 -35.42
CA ASN C 146 11.97 45.25 -33.97
C ASN C 146 12.49 43.91 -33.47
N PRO C 147 13.77 43.54 -33.50
CA PRO C 147 14.33 42.29 -33.03
C PRO C 147 14.21 42.24 -31.51
N PHE C 148 13.32 41.38 -31.00
CA PHE C 148 12.93 41.14 -29.63
C PHE C 148 12.73 42.41 -28.82
N GLY C 149 11.90 43.36 -29.27
CA GLY C 149 11.33 44.41 -28.46
C GLY C 149 12.25 45.56 -28.10
N VAL C 150 13.38 45.72 -28.79
CA VAL C 150 14.44 46.63 -28.44
C VAL C 150 14.28 48.05 -28.95
N GLY C 151 13.34 48.30 -29.88
CA GLY C 151 13.37 49.47 -30.73
C GLY C 151 13.43 49.15 -32.21
N PHE C 152 14.06 50.02 -32.99
CA PHE C 152 14.35 49.80 -34.39
C PHE C 152 15.84 49.51 -34.61
N SER C 153 16.12 48.22 -34.79
CA SER C 153 17.45 47.78 -35.16
C SER C 153 17.46 47.10 -36.53
N VAL C 154 18.64 47.18 -37.16
CA VAL C 154 18.94 46.73 -38.51
C VAL C 154 20.22 45.92 -38.47
N THR C 155 20.13 44.77 -39.15
CA THR C 155 21.27 43.98 -39.59
C THR C 155 21.41 43.94 -41.10
N SER C 156 22.58 43.52 -41.59
CA SER C 156 23.15 43.49 -42.92
C SER C 156 23.75 42.15 -43.29
N GLY C 157 23.64 41.77 -44.57
CA GLY C 157 24.02 40.44 -45.00
C GLY C 157 23.87 40.21 -46.50
N ILE C 158 24.03 38.93 -46.89
CA ILE C 158 24.08 38.35 -48.22
C ILE C 158 23.08 37.21 -48.37
N ILE C 159 22.52 37.18 -49.59
CA ILE C 159 21.51 36.19 -49.93
C ILE C 159 22.14 34.82 -50.12
N SER C 160 21.59 33.86 -49.36
CA SER C 160 21.95 32.47 -49.13
C SER C 160 20.97 31.40 -49.58
N ALA C 161 19.83 31.77 -50.15
CA ALA C 161 18.90 30.93 -50.87
C ALA C 161 17.75 31.67 -51.55
N LEU C 162 17.13 31.11 -52.59
CA LEU C 162 16.20 31.74 -53.49
C LEU C 162 14.91 30.95 -53.62
N ASN C 163 13.90 31.79 -53.89
CA ASN C 163 12.48 31.59 -54.10
C ASN C 163 12.07 30.19 -53.65
N LYS C 164 11.51 30.00 -52.46
CA LYS C 164 11.37 28.72 -51.81
C LYS C 164 9.97 28.50 -51.26
N ASP C 165 9.38 27.33 -51.47
CA ASP C 165 8.40 26.70 -50.60
C ASP C 165 9.11 25.56 -49.89
N ASN C 166 8.30 24.68 -49.29
CA ASN C 166 8.78 23.72 -48.31
C ASN C 166 9.16 24.33 -46.98
N ILE C 167 8.47 25.40 -46.60
CA ILE C 167 8.65 26.15 -45.38
C ILE C 167 7.32 26.22 -44.65
N GLY C 168 6.22 26.40 -45.38
CA GLY C 168 4.88 26.04 -44.97
C GLY C 168 4.27 26.76 -43.76
N LEU C 169 4.70 27.99 -43.50
CA LEU C 169 4.24 28.64 -42.29
C LEU C 169 2.75 28.87 -42.42
N ASN C 170 2.19 29.09 -43.61
CA ASN C 170 0.77 29.13 -43.91
C ASN C 170 0.30 28.20 -45.01
N GLN C 171 -0.10 28.73 -46.17
CA GLN C 171 -0.64 28.02 -47.31
C GLN C 171 -0.01 28.37 -48.65
N TYR C 172 0.72 29.48 -48.76
CA TYR C 172 1.42 29.89 -49.97
C TYR C 172 2.78 30.52 -49.68
N GLU C 173 3.83 30.22 -50.44
CA GLU C 173 5.21 30.40 -50.02
C GLU C 173 6.17 30.54 -51.18
N ASN C 174 6.97 31.60 -51.13
CA ASN C 174 8.01 31.77 -52.13
C ASN C 174 9.21 32.51 -51.60
N PHE C 175 9.58 32.23 -50.34
CA PHE C 175 10.56 32.92 -49.54
C PHE C 175 12.00 32.95 -50.05
N ILE C 176 12.75 33.95 -49.57
CA ILE C 176 14.16 34.08 -49.92
C ILE C 176 14.92 34.23 -48.62
N GLN C 177 16.18 33.80 -48.52
CA GLN C 177 16.95 33.64 -47.31
C GLN C 177 18.19 34.50 -47.37
N THR C 178 18.54 35.06 -46.20
CA THR C 178 19.82 35.63 -45.84
C THR C 178 20.22 35.33 -44.40
N ASP C 179 21.54 35.40 -44.18
CA ASP C 179 22.20 35.18 -42.93
C ASP C 179 21.95 36.24 -41.85
N ALA C 180 21.29 37.36 -42.15
CA ALA C 180 21.30 38.55 -41.32
C ALA C 180 20.31 38.46 -40.17
N SER C 181 20.69 38.96 -38.99
CA SER C 181 20.12 38.51 -37.74
C SER C 181 18.84 39.20 -37.29
N ILE C 182 17.75 38.45 -37.33
CA ILE C 182 16.34 38.82 -37.38
C ILE C 182 15.72 37.89 -36.35
N ASN C 183 14.71 38.38 -35.63
CA ASN C 183 14.03 37.79 -34.50
C ASN C 183 12.54 37.90 -34.68
N PRO C 184 11.64 37.10 -34.10
CA PRO C 184 10.25 37.47 -34.00
C PRO C 184 10.13 38.85 -33.36
N GLY C 185 9.11 39.53 -33.89
CA GLY C 185 9.01 40.97 -33.79
C GLY C 185 9.64 41.80 -34.90
N ASN C 186 10.65 41.25 -35.57
CA ASN C 186 10.74 41.55 -36.99
C ASN C 186 9.61 40.91 -37.77
N SER C 187 8.67 40.17 -37.17
CA SER C 187 7.51 39.64 -37.85
C SER C 187 6.75 40.72 -38.60
N GLY C 188 6.84 40.70 -39.94
CA GLY C 188 6.23 41.62 -40.87
C GLY C 188 7.15 42.74 -41.35
N GLY C 189 8.35 42.88 -40.79
CA GLY C 189 9.38 43.86 -41.09
C GLY C 189 10.16 43.49 -42.34
N ALA C 190 11.04 44.39 -42.81
CA ALA C 190 11.50 44.32 -44.18
C ALA C 190 12.86 43.68 -44.44
N LEU C 191 13.18 43.47 -45.71
CA LEU C 191 14.46 43.16 -46.32
C LEU C 191 14.61 44.10 -47.49
N VAL C 192 15.59 45.01 -47.50
CA VAL C 192 15.80 45.93 -48.60
C VAL C 192 17.18 45.75 -49.23
N ASP C 193 17.29 46.05 -50.53
CA ASP C 193 18.57 45.96 -51.20
C ASP C 193 19.62 46.95 -50.72
N SER C 194 20.86 46.91 -51.20
CA SER C 194 21.96 47.77 -50.83
C SER C 194 21.72 49.19 -51.33
N ARG C 195 20.63 49.51 -52.03
CA ARG C 195 20.18 50.85 -52.37
C ARG C 195 18.99 51.43 -51.61
N GLY C 196 18.49 50.64 -50.66
CA GLY C 196 17.39 50.91 -49.75
C GLY C 196 16.00 50.56 -50.25
N TYR C 197 15.81 49.82 -51.34
CA TYR C 197 14.53 49.55 -51.99
C TYR C 197 14.12 48.17 -51.49
N LEU C 198 12.81 48.01 -51.35
CA LEU C 198 12.11 46.88 -50.81
C LEU C 198 12.13 45.74 -51.81
N VAL C 199 12.63 44.61 -51.30
CA VAL C 199 12.82 43.35 -51.98
C VAL C 199 12.20 42.15 -51.27
N GLY C 200 11.99 42.18 -49.96
CA GLY C 200 11.49 41.06 -49.17
C GLY C 200 10.82 41.51 -47.88
N ILE C 201 10.01 40.66 -47.23
CA ILE C 201 9.31 40.91 -46.00
C ILE C 201 9.53 39.71 -45.10
N ASN C 202 10.22 39.87 -43.97
CA ASN C 202 10.50 38.79 -43.06
C ASN C 202 9.26 38.44 -42.25
N SER C 203 8.82 37.18 -42.24
CA SER C 203 7.78 36.64 -41.39
C SER C 203 8.30 35.88 -40.18
N ALA C 204 9.35 35.08 -40.36
CA ALA C 204 9.88 34.15 -39.38
C ALA C 204 11.29 33.67 -39.72
N ILE C 205 11.85 32.77 -38.89
CA ILE C 205 13.22 32.35 -38.97
C ILE C 205 13.44 30.94 -38.44
N LEU C 206 14.04 30.07 -39.27
CA LEU C 206 14.28 28.67 -38.98
C LEU C 206 15.50 28.67 -38.08
N SER C 207 15.38 29.18 -36.85
CA SER C 207 16.39 29.28 -35.81
C SER C 207 16.56 28.06 -34.92
N ARG C 208 17.53 28.08 -33.99
CA ARG C 208 17.58 27.16 -32.87
C ARG C 208 17.21 27.76 -31.52
N GLY C 209 17.40 29.08 -31.43
CA GLY C 209 17.02 29.82 -30.24
C GLY C 209 15.90 30.84 -30.34
N GLY C 210 15.03 30.83 -31.34
CA GLY C 210 14.06 31.83 -31.77
C GLY C 210 14.68 33.09 -32.35
N GLY C 211 15.72 33.71 -31.80
CA GLY C 211 16.50 34.67 -32.55
C GLY C 211 17.42 34.06 -33.59
N ASN C 212 17.68 34.81 -34.66
CA ASN C 212 18.35 34.29 -35.84
C ASN C 212 19.68 33.64 -35.52
N ASN C 213 19.77 32.35 -35.85
CA ASN C 213 20.96 31.54 -35.96
C ASN C 213 21.43 31.26 -37.37
N GLY C 214 21.03 32.05 -38.38
CA GLY C 214 21.56 31.98 -39.73
C GLY C 214 20.59 31.92 -40.90
N ILE C 215 19.27 31.88 -40.67
CA ILE C 215 18.31 31.36 -41.62
C ILE C 215 16.97 32.07 -41.53
N GLY C 216 17.05 33.36 -41.86
CA GLY C 216 15.83 34.14 -42.03
C GLY C 216 14.97 33.87 -43.25
N PHE C 217 13.74 34.38 -43.39
CA PHE C 217 12.84 34.03 -44.46
C PHE C 217 11.92 35.17 -44.87
N ALA C 218 12.19 35.75 -46.04
CA ALA C 218 11.46 36.86 -46.64
C ALA C 218 10.51 36.50 -47.79
N ILE C 219 9.20 36.67 -47.63
CA ILE C 219 8.35 36.62 -48.82
C ILE C 219 8.76 37.72 -49.79
N PRO C 220 8.93 37.43 -51.09
CA PRO C 220 9.28 38.36 -52.14
C PRO C 220 8.37 39.58 -52.23
N SER C 221 9.00 40.74 -52.39
CA SER C 221 8.27 42.00 -52.58
C SER C 221 7.43 42.12 -53.84
N ASN C 222 7.74 41.45 -54.97
CA ASN C 222 6.79 41.33 -56.05
C ASN C 222 5.56 40.42 -55.86
N MET C 223 5.57 39.60 -54.81
CA MET C 223 4.40 38.85 -54.41
C MET C 223 3.58 39.74 -53.48
N VAL C 224 4.05 40.39 -52.42
CA VAL C 224 3.24 41.26 -51.59
C VAL C 224 2.73 42.51 -52.30
N LYS C 225 3.38 43.00 -53.36
CA LYS C 225 2.98 44.10 -54.21
C LYS C 225 1.58 43.91 -54.79
N ASP C 226 1.31 42.79 -55.46
CA ASP C 226 -0.02 42.57 -56.00
C ASP C 226 -1.03 42.08 -54.97
N ILE C 227 -0.71 41.15 -54.08
CA ILE C 227 -1.41 40.83 -52.85
C ILE C 227 -1.99 42.07 -52.18
N ALA C 228 -1.19 43.12 -52.00
CA ALA C 228 -1.62 44.38 -51.41
C ALA C 228 -2.69 45.08 -52.23
N LYS C 229 -2.56 45.09 -53.57
CA LYS C 229 -3.56 45.62 -54.49
C LYS C 229 -4.83 44.80 -54.41
N LYS C 230 -4.78 43.46 -54.40
CA LYS C 230 -5.97 42.68 -54.11
C LYS C 230 -6.58 42.84 -52.73
N LEU C 231 -5.88 43.33 -51.71
CA LEU C 231 -6.31 43.55 -50.34
C LEU C 231 -6.89 44.95 -50.30
N ILE C 232 -6.31 46.02 -50.84
CA ILE C 232 -6.84 47.36 -50.95
C ILE C 232 -8.17 47.24 -51.69
N GLU C 233 -8.16 46.51 -52.81
CA GLU C 233 -9.32 46.40 -53.69
C GLU C 233 -10.64 46.02 -53.04
N LYS C 234 -10.58 45.07 -52.10
CA LYS C 234 -11.76 44.49 -51.50
C LYS C 234 -11.69 43.92 -50.09
N GLY C 235 -10.56 44.05 -49.38
CA GLY C 235 -10.38 43.60 -48.02
C GLY C 235 -9.94 42.17 -47.77
N LYS C 236 -10.02 41.42 -48.86
CA LYS C 236 -9.65 40.02 -48.88
C LYS C 236 -9.09 39.55 -50.21
N ILE C 237 -8.54 38.36 -50.40
CA ILE C 237 -8.11 37.87 -51.69
C ILE C 237 -8.92 36.61 -52.01
N ASP C 238 -9.22 36.41 -53.30
CA ASP C 238 -9.94 35.25 -53.76
C ASP C 238 -9.12 34.20 -54.50
N ARG C 239 -8.70 33.09 -53.88
CA ARG C 239 -7.94 32.05 -54.54
C ARG C 239 -8.81 30.94 -55.12
N GLY C 240 -8.76 30.61 -56.41
CA GLY C 240 -9.38 29.42 -56.97
C GLY C 240 -8.28 28.38 -56.90
N PHE C 241 -8.28 27.48 -57.89
CA PHE C 241 -7.20 26.55 -58.15
C PHE C 241 -7.28 26.21 -59.62
N LEU C 242 -6.72 25.11 -60.14
CA LEU C 242 -7.27 24.47 -61.32
C LEU C 242 -7.86 23.08 -61.07
N GLY C 243 -8.06 22.80 -59.78
CA GLY C 243 -8.74 21.60 -59.32
C GLY C 243 -7.89 20.38 -59.66
N VAL C 244 -6.73 20.27 -59.01
CA VAL C 244 -5.73 19.28 -59.35
C VAL C 244 -4.77 18.84 -58.26
N THR C 245 -4.07 17.71 -58.46
CA THR C 245 -2.85 17.38 -57.74
C THR C 245 -1.65 17.34 -58.67
N ILE C 246 -0.54 17.88 -58.20
CA ILE C 246 0.67 18.11 -58.97
C ILE C 246 1.97 17.83 -58.20
N LEU C 247 3.13 17.55 -58.81
CA LEU C 247 4.47 17.40 -58.31
C LEU C 247 5.44 17.92 -59.36
N ALA C 248 6.74 17.97 -59.07
CA ALA C 248 7.67 18.19 -60.16
C ALA C 248 8.05 16.85 -60.79
N LEU C 249 8.31 16.86 -62.10
CA LEU C 249 8.84 15.71 -62.83
C LEU C 249 10.18 15.18 -62.34
N GLN C 250 10.10 13.96 -61.81
CA GLN C 250 11.30 13.29 -61.36
C GLN C 250 12.12 12.75 -62.55
N GLY C 251 13.43 12.58 -62.43
CA GLY C 251 14.28 12.23 -63.55
C GLY C 251 14.05 10.88 -64.22
N ASP C 252 13.68 9.84 -63.49
CA ASP C 252 13.34 8.56 -64.08
C ASP C 252 11.86 8.47 -64.43
N THR C 253 11.00 9.34 -63.93
CA THR C 253 9.71 9.66 -64.51
C THR C 253 9.98 10.22 -65.90
N LYS C 254 10.81 11.25 -66.07
CA LYS C 254 11.13 11.82 -67.36
C LYS C 254 11.29 10.77 -68.45
N LYS C 255 12.07 9.75 -68.10
CA LYS C 255 12.50 8.77 -69.09
C LYS C 255 11.46 7.71 -69.34
N ALA C 256 10.67 7.42 -68.29
CA ALA C 256 9.60 6.46 -68.41
C ALA C 256 8.43 7.03 -69.20
N TYR C 257 8.01 8.27 -68.93
CA TYR C 257 6.86 9.01 -69.42
C TYR C 257 7.26 9.92 -70.57
N LYS C 258 8.22 9.39 -71.36
CA LYS C 258 8.55 9.80 -72.71
C LYS C 258 9.05 11.21 -72.97
N ASN C 259 9.75 11.69 -71.93
CA ASN C 259 10.78 12.70 -72.08
C ASN C 259 10.29 14.09 -72.49
N GLN C 260 9.17 14.43 -71.85
CA GLN C 260 8.46 15.70 -71.78
C GLN C 260 9.00 16.39 -70.53
N GLU C 261 8.74 17.68 -70.34
CA GLU C 261 9.41 18.51 -69.35
C GLU C 261 8.54 19.61 -68.79
N GLY C 262 8.07 19.46 -67.56
CA GLY C 262 7.14 20.36 -66.90
C GLY C 262 6.96 20.02 -65.43
N ALA C 263 5.85 20.43 -64.83
CA ALA C 263 5.35 19.78 -63.63
C ALA C 263 4.48 18.55 -63.86
N LEU C 264 4.74 17.48 -63.11
CA LEU C 264 4.04 16.21 -63.21
C LEU C 264 2.71 16.31 -62.50
N ILE C 265 1.59 16.31 -63.23
CA ILE C 265 0.27 16.05 -62.67
C ILE C 265 0.28 14.63 -62.12
N THR C 266 -0.22 14.42 -60.90
CA THR C 266 -0.15 13.18 -60.16
C THR C 266 -1.52 12.53 -60.16
N ASP C 267 -2.55 13.33 -59.86
CA ASP C 267 -3.93 13.03 -60.16
C ASP C 267 -4.69 14.30 -60.46
N VAL C 268 -5.15 14.35 -61.72
CA VAL C 268 -6.10 15.39 -62.05
C VAL C 268 -7.30 15.32 -61.11
N GLN C 269 -7.61 16.32 -60.29
CA GLN C 269 -8.77 16.42 -59.43
C GLN C 269 -10.04 16.74 -60.21
N LYS C 270 -10.27 15.85 -61.18
CA LYS C 270 -11.48 15.34 -61.82
C LYS C 270 -12.51 16.40 -62.19
N GLY C 271 -12.86 16.53 -63.47
CA GLY C 271 -13.83 17.42 -64.06
C GLY C 271 -13.67 18.83 -63.50
N SER C 272 -12.43 19.18 -63.15
CA SER C 272 -12.04 20.57 -62.93
C SER C 272 -11.94 21.32 -64.25
N SER C 273 -11.36 22.52 -64.20
CA SER C 273 -11.02 23.26 -65.42
C SER C 273 -9.88 22.60 -66.18
N ALA C 274 -9.21 21.59 -65.62
CA ALA C 274 -8.20 20.79 -66.30
C ALA C 274 -8.71 19.76 -67.29
N ASP C 275 -9.50 18.85 -66.73
CA ASP C 275 -10.23 17.80 -67.43
C ASP C 275 -11.16 18.22 -68.56
N GLU C 276 -11.99 19.24 -68.33
CA GLU C 276 -12.74 19.99 -69.31
C GLU C 276 -11.95 20.99 -70.14
N ALA C 277 -10.64 21.17 -69.94
CA ALA C 277 -9.71 21.62 -70.94
C ALA C 277 -8.85 20.55 -71.61
N GLY C 278 -9.17 19.26 -71.52
CA GLY C 278 -8.38 18.19 -72.08
C GLY C 278 -7.11 17.70 -71.41
N LEU C 279 -6.78 18.19 -70.20
CA LEU C 279 -5.63 17.82 -69.42
C LEU C 279 -5.99 16.61 -68.55
N LYS C 280 -5.00 15.72 -68.51
CA LYS C 280 -5.04 14.35 -68.05
C LYS C 280 -3.92 14.09 -67.05
N ARG C 281 -3.88 12.87 -66.51
CA ARG C 281 -2.78 12.24 -65.80
C ARG C 281 -1.62 11.84 -66.70
N GLY C 282 -0.42 11.97 -66.15
CA GLY C 282 0.79 11.70 -66.90
C GLY C 282 1.07 12.72 -68.00
N ASP C 283 0.30 13.79 -68.10
CA ASP C 283 0.47 15.00 -68.87
C ASP C 283 1.23 16.00 -67.99
N LEU C 284 2.13 16.80 -68.55
CA LEU C 284 2.99 17.72 -67.83
C LEU C 284 2.50 19.13 -68.12
N VAL C 285 2.60 20.00 -67.12
CA VAL C 285 2.11 21.37 -67.20
C VAL C 285 3.34 22.20 -67.54
N THR C 286 3.35 22.97 -68.64
CA THR C 286 4.51 23.70 -69.09
C THR C 286 4.45 25.20 -68.84
N LYS C 287 3.33 25.88 -69.11
CA LYS C 287 3.27 27.32 -68.94
C LYS C 287 1.85 27.79 -68.66
N VAL C 288 1.67 28.58 -67.60
CA VAL C 288 0.60 29.56 -67.53
C VAL C 288 0.88 30.70 -68.49
N ASN C 289 -0.10 31.39 -69.07
CA ASN C 289 0.11 32.57 -69.89
C ASN C 289 1.11 33.59 -69.38
N ASN C 290 1.05 33.93 -68.09
CA ASN C 290 2.08 34.75 -67.47
C ASN C 290 3.14 34.03 -66.65
N LYS C 291 3.09 32.75 -66.30
CA LYS C 291 3.98 32.13 -65.34
C LYS C 291 4.35 30.70 -65.69
N VAL C 292 5.63 30.35 -65.93
CA VAL C 292 6.14 29.12 -66.46
C VAL C 292 6.31 28.13 -65.31
N ILE C 293 5.84 26.90 -65.54
CA ILE C 293 5.68 25.91 -64.50
C ILE C 293 6.70 24.82 -64.80
N LYS C 294 7.44 24.32 -63.81
CA LYS C 294 8.26 23.13 -63.69
C LYS C 294 8.01 22.31 -62.43
N SER C 295 7.24 22.84 -61.50
CA SER C 295 6.99 22.22 -60.21
C SER C 295 5.55 22.42 -59.73
N PRO C 296 5.06 21.75 -58.68
CA PRO C 296 3.72 21.99 -58.18
C PRO C 296 3.54 23.31 -57.45
N ILE C 297 4.64 23.73 -56.82
CA ILE C 297 4.81 24.88 -55.94
C ILE C 297 4.79 26.10 -56.86
N ASP C 298 5.26 26.00 -58.11
CA ASP C 298 4.85 26.85 -59.21
C ASP C 298 3.35 27.06 -59.33
N LEU C 299 2.60 26.07 -59.83
CA LEU C 299 1.17 26.19 -60.00
C LEU C 299 0.36 26.55 -58.76
N LYS C 300 0.69 26.01 -57.58
CA LYS C 300 0.15 26.36 -56.28
C LYS C 300 0.21 27.86 -56.07
N ASN C 301 1.45 28.39 -56.03
CA ASN C 301 1.71 29.77 -55.65
C ASN C 301 1.39 30.65 -56.84
N TYR C 302 1.28 30.23 -58.10
CA TYR C 302 0.77 31.07 -59.16
C TYR C 302 -0.73 31.25 -59.03
N ILE C 303 -1.45 30.18 -58.69
CA ILE C 303 -2.80 30.28 -58.14
C ILE C 303 -2.83 31.20 -56.92
N GLY C 304 -1.84 31.13 -56.05
CA GLY C 304 -1.65 32.07 -54.97
C GLY C 304 -1.38 33.53 -55.32
N THR C 305 -1.43 33.86 -56.62
CA THR C 305 -1.23 35.22 -57.07
C THR C 305 -2.14 35.48 -58.27
N LEU C 306 -3.37 34.95 -58.30
CA LEU C 306 -4.37 34.88 -59.35
C LEU C 306 -5.77 34.87 -58.78
N GLU C 307 -6.81 35.53 -59.29
CA GLU C 307 -8.18 35.52 -58.80
C GLU C 307 -9.18 34.75 -59.64
N ILE C 308 -10.38 34.62 -59.07
CA ILE C 308 -11.47 33.78 -59.51
C ILE C 308 -11.98 34.09 -60.92
N GLY C 309 -12.49 33.06 -61.60
CA GLY C 309 -13.42 33.06 -62.71
C GLY C 309 -12.88 33.41 -64.09
N GLN C 310 -11.67 33.96 -64.18
CA GLN C 310 -10.99 34.23 -65.43
C GLN C 310 -10.57 32.88 -66.01
N LYS C 311 -10.53 32.86 -67.34
CA LYS C 311 -10.08 31.77 -68.18
C LYS C 311 -8.64 32.01 -68.62
N ILE C 312 -7.81 31.00 -68.34
CA ILE C 312 -6.36 30.85 -68.35
C ILE C 312 -5.97 29.84 -69.42
N SER C 313 -5.50 30.35 -70.58
CA SER C 313 -5.16 29.52 -71.72
C SER C 313 -3.79 28.88 -71.63
N LEU C 314 -3.75 27.85 -70.79
CA LEU C 314 -2.59 27.16 -70.27
C LEU C 314 -2.05 26.06 -71.16
N SER C 315 -0.72 25.95 -71.17
CA SER C 315 0.04 24.93 -71.87
C SER C 315 0.26 23.66 -71.07
N TYR C 316 -0.02 22.51 -71.70
CA TYR C 316 0.35 21.20 -71.21
C TYR C 316 0.78 20.33 -72.37
N GLU C 317 1.52 19.26 -72.07
CA GLU C 317 1.84 18.23 -73.03
C GLU C 317 1.53 16.81 -72.58
N ARG C 318 1.42 15.91 -73.55
CA ARG C 318 1.29 14.48 -73.30
C ARG C 318 2.35 13.78 -74.13
N ASP C 319 3.15 12.92 -73.49
CA ASP C 319 4.22 12.14 -74.09
C ASP C 319 5.23 12.79 -75.03
N GLY C 320 4.82 13.41 -76.15
CA GLY C 320 5.70 14.12 -77.06
C GLY C 320 5.06 15.34 -77.70
N GLU C 321 3.83 15.71 -77.31
CA GLU C 321 2.96 16.62 -78.01
C GLU C 321 2.30 17.53 -76.97
N ASN C 322 2.38 18.82 -77.27
CA ASN C 322 1.82 20.01 -76.65
C ASN C 322 0.44 20.42 -77.16
N LYS C 323 -0.47 20.81 -76.26
CA LYS C 323 -1.72 21.47 -76.52
C LYS C 323 -1.89 22.77 -75.73
N GLN C 324 -2.67 23.77 -76.15
CA GLN C 324 -3.02 24.89 -75.29
C GLN C 324 -4.53 25.00 -75.42
N ALA C 325 -5.26 24.86 -74.32
CA ALA C 325 -6.69 25.07 -74.19
C ALA C 325 -7.07 25.96 -73.00
N SER C 326 -8.34 26.28 -72.75
CA SER C 326 -8.69 27.27 -71.75
C SER C 326 -9.35 26.71 -70.50
N PHE C 327 -8.93 27.23 -69.34
CA PHE C 327 -9.19 26.71 -68.02
C PHE C 327 -9.73 27.79 -67.09
N ILE C 328 -10.92 27.68 -66.49
CA ILE C 328 -11.40 28.63 -65.51
C ILE C 328 -10.62 28.50 -64.21
N LEU C 329 -10.42 29.50 -63.36
CA LEU C 329 -9.72 29.34 -62.11
C LEU C 329 -10.59 28.74 -61.01
N LYS C 330 -10.75 27.42 -61.08
CA LYS C 330 -11.67 26.69 -60.23
C LYS C 330 -11.07 26.07 -58.98
N GLY C 331 -11.52 26.52 -57.80
CA GLY C 331 -11.25 26.06 -56.45
C GLY C 331 -11.29 24.54 -56.26
N GLU C 332 -10.84 24.13 -55.08
CA GLU C 332 -11.08 22.81 -54.50
C GLU C 332 -12.55 22.47 -54.37
N LYS C 333 -13.39 23.50 -54.21
CA LYS C 333 -14.82 23.50 -54.03
C LYS C 333 -15.52 23.90 -55.33
N GLU C 334 -15.10 23.43 -56.51
CA GLU C 334 -15.61 23.98 -57.76
C GLU C 334 -15.63 23.04 -58.95
N ASN C 335 -15.45 21.72 -58.83
CA ASN C 335 -15.09 20.73 -59.82
C ASN C 335 -15.96 19.49 -60.04
N PRO C 336 -16.71 19.47 -61.14
CA PRO C 336 -17.64 18.41 -61.47
C PRO C 336 -17.28 16.98 -61.81
N LYS C 337 -16.08 16.40 -61.93
CA LYS C 337 -15.64 15.03 -62.15
C LYS C 337 -15.83 14.20 -63.42
N GLY C 338 -14.96 13.56 -64.20
CA GLY C 338 -13.59 13.13 -64.04
C GLY C 338 -13.04 12.16 -65.07
N VAL C 339 -11.78 12.13 -65.53
CA VAL C 339 -11.23 11.14 -66.43
C VAL C 339 -9.78 10.79 -66.11
N GLN C 340 -9.43 9.52 -65.93
CA GLN C 340 -8.34 9.03 -65.10
C GLN C 340 -7.28 8.01 -65.50
N SER C 341 -7.05 7.45 -66.69
CA SER C 341 -6.24 6.29 -66.95
C SER C 341 -4.73 6.37 -67.17
N ASP C 342 -3.87 5.54 -66.59
CA ASP C 342 -2.44 5.61 -66.82
C ASP C 342 -1.66 4.30 -66.82
N LEU C 343 -1.39 3.54 -65.75
CA LEU C 343 -0.85 2.22 -65.90
C LEU C 343 -1.95 1.16 -65.93
N ILE C 344 -3.24 1.51 -66.04
CA ILE C 344 -4.40 0.77 -66.47
C ILE C 344 -4.69 0.96 -67.95
N ASP C 345 -3.68 1.35 -68.74
CA ASP C 345 -3.90 1.83 -70.10
C ASP C 345 -4.21 0.78 -71.14
N GLY C 346 -5.49 0.55 -71.49
CA GLY C 346 -5.89 -0.70 -72.12
C GLY C 346 -5.78 -1.98 -71.32
N LEU C 347 -5.77 -1.92 -69.98
CA LEU C 347 -5.60 -3.12 -69.17
C LEU C 347 -7.00 -3.67 -68.95
N SER C 348 -7.34 -4.83 -69.53
CA SER C 348 -8.62 -5.46 -69.30
C SER C 348 -8.56 -6.58 -68.26
N LEU C 349 -8.82 -6.13 -67.03
CA LEU C 349 -8.65 -6.88 -65.80
C LEU C 349 -10.01 -7.23 -65.24
N ARG C 350 -10.16 -8.34 -64.50
CA ARG C 350 -11.29 -8.75 -63.69
C ARG C 350 -11.02 -9.54 -62.43
N ASN C 351 -11.91 -9.42 -61.45
CA ASN C 351 -11.90 -10.11 -60.17
C ASN C 351 -11.75 -11.62 -60.31
N LEU C 352 -11.00 -12.30 -59.44
CA LEU C 352 -10.87 -13.74 -59.42
C LEU C 352 -10.99 -14.38 -58.04
N ASP C 353 -11.34 -15.67 -58.03
CA ASP C 353 -10.76 -16.71 -57.22
C ASP C 353 -10.69 -17.95 -58.10
N PRO C 354 -9.64 -18.35 -58.81
CA PRO C 354 -9.57 -18.80 -60.18
C PRO C 354 -9.57 -20.31 -60.34
N ARG C 355 -9.99 -20.77 -61.51
CA ARG C 355 -10.34 -22.17 -61.62
C ARG C 355 -9.21 -22.92 -62.31
N LEU C 356 -7.99 -22.93 -61.77
CA LEU C 356 -6.94 -23.87 -62.12
C LEU C 356 -6.17 -24.36 -60.91
N LYS C 357 -5.49 -25.49 -61.08
CA LYS C 357 -4.55 -26.07 -60.14
C LYS C 357 -3.28 -25.25 -60.11
N ASP C 358 -2.53 -25.23 -59.00
CA ASP C 358 -2.75 -25.92 -57.74
C ASP C 358 -2.41 -25.09 -56.50
N ARG C 359 -1.21 -24.49 -56.47
CA ARG C 359 -0.63 -23.67 -55.42
C ARG C 359 -1.08 -24.08 -54.02
N LEU C 360 -1.84 -23.22 -53.33
CA LEU C 360 -2.17 -23.23 -51.92
C LEU C 360 -3.64 -23.14 -51.58
N GLN C 361 -3.99 -23.23 -50.30
CA GLN C 361 -5.34 -23.39 -49.84
C GLN C 361 -5.95 -22.10 -49.28
N ILE C 362 -5.10 -21.11 -48.96
CA ILE C 362 -5.54 -19.82 -48.43
C ILE C 362 -5.82 -18.82 -49.53
N PRO C 363 -6.88 -18.01 -49.53
CA PRO C 363 -6.99 -16.97 -50.54
C PRO C 363 -5.90 -15.89 -50.56
N LYS C 364 -5.07 -15.63 -49.55
CA LYS C 364 -4.18 -14.53 -49.31
C LYS C 364 -3.18 -14.19 -50.42
N ASP C 365 -2.79 -15.19 -51.22
CA ASP C 365 -1.81 -15.14 -52.30
C ASP C 365 -2.42 -15.40 -53.65
N VAL C 366 -3.75 -15.48 -53.78
CA VAL C 366 -4.47 -15.63 -55.02
C VAL C 366 -5.71 -14.76 -55.17
N ASN C 367 -6.20 -14.06 -54.14
CA ASN C 367 -7.19 -13.03 -54.38
C ASN C 367 -6.53 -11.75 -54.81
N GLY C 368 -7.11 -10.89 -55.65
CA GLY C 368 -6.39 -10.04 -56.58
C GLY C 368 -7.25 -9.71 -57.80
N VAL C 369 -6.63 -9.72 -58.98
CA VAL C 369 -7.25 -9.38 -60.25
C VAL C 369 -6.59 -10.10 -61.43
N LEU C 370 -7.37 -10.80 -62.24
CA LEU C 370 -6.86 -11.51 -63.39
C LEU C 370 -6.72 -10.66 -64.64
N VAL C 371 -5.69 -10.85 -65.47
CA VAL C 371 -5.41 -10.07 -66.65
C VAL C 371 -5.82 -10.72 -67.96
N ASP C 372 -6.99 -10.33 -68.48
CA ASP C 372 -7.49 -10.81 -69.75
C ASP C 372 -6.76 -10.22 -70.94
N SER C 373 -6.39 -8.94 -70.87
CA SER C 373 -5.53 -8.40 -71.89
C SER C 373 -4.56 -7.31 -71.45
N VAL C 374 -3.56 -6.95 -72.25
CA VAL C 374 -2.62 -5.86 -72.02
C VAL C 374 -2.39 -5.09 -73.31
N LYS C 375 -2.67 -3.79 -73.43
CA LYS C 375 -2.40 -3.07 -74.66
C LYS C 375 -0.90 -2.80 -74.77
N GLU C 376 -0.46 -2.88 -76.02
CA GLU C 376 0.93 -2.84 -76.44
C GLU C 376 1.66 -1.59 -75.98
N LYS C 377 1.00 -0.43 -75.89
CA LYS C 377 1.64 0.72 -75.26
C LYS C 377 1.91 0.68 -73.78
N SER C 378 1.41 -0.34 -73.06
CA SER C 378 1.41 -0.31 -71.62
C SER C 378 2.80 -0.49 -71.02
N LYS C 379 3.18 0.30 -70.01
CA LYS C 379 4.48 0.31 -69.39
C LYS C 379 4.72 -1.05 -68.76
N GLY C 380 3.64 -1.77 -68.49
CA GLY C 380 3.69 -3.22 -68.41
C GLY C 380 4.42 -3.99 -69.51
N LYS C 381 4.13 -3.87 -70.81
CA LYS C 381 4.92 -4.46 -71.87
C LYS C 381 6.24 -3.77 -72.20
N ASN C 382 6.44 -2.51 -71.84
CA ASN C 382 7.75 -1.89 -71.78
C ASN C 382 8.60 -2.65 -70.78
N SER C 383 8.14 -3.31 -69.72
CA SER C 383 8.80 -3.86 -68.54
C SER C 383 8.53 -5.31 -68.15
N GLY C 384 7.98 -6.17 -69.00
CA GLY C 384 7.82 -7.58 -68.71
C GLY C 384 6.43 -8.13 -68.41
N PHE C 385 5.42 -7.26 -68.32
CA PHE C 385 4.06 -7.60 -67.94
C PHE C 385 3.35 -8.12 -69.18
N GLN C 386 2.72 -9.29 -69.02
CA GLN C 386 2.04 -9.86 -70.16
C GLN C 386 0.57 -10.16 -69.92
N GLU C 387 -0.14 -10.72 -70.90
CA GLU C 387 -1.50 -11.23 -70.73
C GLU C 387 -1.58 -12.67 -70.24
N GLY C 388 -2.69 -12.95 -69.56
CA GLY C 388 -2.80 -14.10 -68.70
C GLY C 388 -2.09 -13.96 -67.35
N ASP C 389 -1.28 -12.95 -67.04
CA ASP C 389 -0.95 -12.70 -65.65
C ASP C 389 -2.09 -12.44 -64.67
N ILE C 390 -1.77 -12.23 -63.41
CA ILE C 390 -2.73 -12.05 -62.34
C ILE C 390 -2.02 -11.02 -61.48
N ILE C 391 -2.64 -9.83 -61.29
CA ILE C 391 -1.99 -8.91 -60.39
C ILE C 391 -2.35 -9.25 -58.95
N ILE C 392 -1.34 -9.51 -58.11
CA ILE C 392 -1.56 -9.84 -56.72
C ILE C 392 -1.14 -8.68 -55.82
N GLY C 393 -0.28 -7.77 -56.30
CA GLY C 393 0.10 -6.56 -55.62
C GLY C 393 0.77 -5.51 -56.51
N VAL C 394 0.64 -4.24 -56.18
CA VAL C 394 1.02 -3.08 -56.98
C VAL C 394 1.96 -2.19 -56.19
N GLY C 395 3.29 -2.29 -56.31
CA GLY C 395 4.31 -1.71 -55.45
C GLY C 395 4.33 -2.29 -54.04
N GLN C 396 4.88 -3.50 -53.88
CA GLN C 396 4.72 -4.34 -52.71
C GLN C 396 3.32 -4.59 -52.16
N SER C 397 2.43 -3.59 -52.11
CA SER C 397 1.13 -3.68 -51.49
C SER C 397 0.13 -4.56 -52.23
N GLU C 398 -0.43 -5.54 -51.52
CA GLU C 398 -1.35 -6.55 -52.01
C GLU C 398 -2.79 -6.13 -52.27
N ILE C 399 -3.43 -6.56 -53.35
CA ILE C 399 -4.79 -6.20 -53.69
C ILE C 399 -5.75 -7.38 -53.64
N LYS C 400 -7.04 -7.15 -53.38
CA LYS C 400 -7.90 -8.31 -53.30
C LYS C 400 -8.88 -8.45 -54.45
N ASN C 401 -9.12 -7.36 -55.19
CA ASN C 401 -10.17 -7.14 -56.15
C ASN C 401 -9.81 -6.01 -57.11
N LEU C 402 -10.66 -5.65 -58.08
CA LEU C 402 -10.63 -4.44 -58.88
C LEU C 402 -10.62 -3.09 -58.17
N LYS C 403 -11.31 -2.91 -57.05
CA LYS C 403 -11.37 -1.69 -56.25
C LYS C 403 -9.97 -1.42 -55.70
N ASP C 404 -9.31 -2.39 -55.07
CA ASP C 404 -8.01 -2.26 -54.47
C ASP C 404 -7.00 -2.14 -55.58
N LEU C 405 -7.09 -2.89 -56.69
CA LEU C 405 -6.27 -2.65 -57.85
C LEU C 405 -6.27 -1.17 -58.16
N GLU C 406 -7.47 -0.66 -58.50
CA GLU C 406 -7.55 0.71 -58.97
C GLU C 406 -7.16 1.79 -57.98
N GLN C 407 -7.22 1.60 -56.66
CA GLN C 407 -6.72 2.54 -55.69
C GLN C 407 -5.23 2.65 -55.97
N ALA C 408 -4.55 1.51 -56.12
CA ALA C 408 -3.11 1.54 -56.31
C ALA C 408 -2.70 1.95 -57.71
N LEU C 409 -3.36 1.53 -58.80
CA LEU C 409 -3.15 2.05 -60.14
C LEU C 409 -3.62 3.48 -60.36
N LYS C 410 -4.37 4.12 -59.46
CA LYS C 410 -4.38 5.55 -59.30
C LYS C 410 -3.12 6.19 -58.70
N GLN C 411 -2.42 5.59 -57.73
CA GLN C 411 -1.22 6.19 -57.16
C GLN C 411 0.00 5.95 -58.04
N VAL C 412 0.02 5.09 -59.08
CA VAL C 412 1.18 4.89 -59.91
C VAL C 412 1.65 6.16 -60.62
N ASN C 413 0.76 7.14 -60.80
CA ASN C 413 1.15 8.44 -61.32
C ASN C 413 1.65 9.35 -60.21
N LYS C 414 1.97 8.76 -59.05
CA LYS C 414 2.90 9.28 -58.08
C LYS C 414 4.15 8.42 -57.98
N LYS C 415 4.50 7.63 -59.00
CA LYS C 415 5.71 6.82 -59.00
C LYS C 415 6.40 7.00 -60.34
N GLU C 416 7.71 6.75 -60.39
CA GLU C 416 8.50 6.61 -61.60
C GLU C 416 8.36 5.19 -62.11
N PHE C 417 8.62 4.20 -61.26
CA PHE C 417 8.27 2.83 -61.58
C PHE C 417 7.55 2.24 -60.39
N THR C 418 6.80 1.16 -60.68
CA THR C 418 6.08 0.31 -59.75
C THR C 418 6.59 -1.13 -59.70
N LYS C 419 6.80 -1.66 -58.49
CA LYS C 419 7.10 -3.06 -58.31
C LYS C 419 5.81 -3.83 -58.06
N VAL C 420 5.10 -4.02 -59.18
CA VAL C 420 4.01 -4.98 -59.28
C VAL C 420 4.48 -6.38 -58.96
N TRP C 421 3.64 -7.15 -58.28
CA TRP C 421 3.77 -8.54 -57.93
C TRP C 421 2.68 -9.29 -58.71
N VAL C 422 3.02 -10.10 -59.71
CA VAL C 422 2.08 -10.66 -60.68
C VAL C 422 2.34 -12.16 -60.76
N TYR C 423 1.36 -12.91 -60.27
CA TYR C 423 1.26 -14.36 -60.44
C TYR C 423 1.00 -14.79 -61.87
N ARG C 424 1.64 -15.81 -62.43
CA ARG C 424 1.47 -16.42 -63.74
C ARG C 424 0.94 -17.83 -63.59
N ASN C 425 1.32 -18.73 -64.51
CA ASN C 425 0.75 -20.06 -64.57
C ASN C 425 1.08 -20.93 -63.36
N GLY C 426 1.97 -20.50 -62.47
CA GLY C 426 2.56 -21.38 -61.48
C GLY C 426 3.42 -20.62 -60.49
N PHE C 427 3.94 -19.43 -60.80
CA PHE C 427 4.85 -18.63 -59.99
C PHE C 427 4.46 -17.16 -60.02
N ALA C 428 5.02 -16.31 -59.16
CA ALA C 428 4.84 -14.87 -59.22
C ALA C 428 6.11 -14.05 -59.42
N THR C 429 6.24 -13.21 -60.45
CA THR C 429 7.38 -12.37 -60.79
C THR C 429 7.26 -10.95 -60.28
N LEU C 430 8.40 -10.32 -59.97
CA LEU C 430 8.38 -8.89 -59.69
C LEU C 430 8.98 -8.19 -60.89
N LEU C 431 8.35 -7.07 -61.26
CA LEU C 431 8.53 -6.27 -62.45
C LEU C 431 8.79 -4.80 -62.14
N VAL C 432 9.12 -4.00 -63.15
CA VAL C 432 9.67 -2.67 -62.94
C VAL C 432 9.14 -1.69 -63.98
N LEU C 433 7.90 -1.24 -63.74
CA LEU C 433 7.13 -0.69 -64.84
C LEU C 433 7.41 0.78 -65.16
N LYS C 434 8.07 1.09 -66.28
CA LYS C 434 8.41 2.39 -66.82
C LYS C 434 7.90 2.80 -68.20
N VAL D 1 -69.19 34.14 11.07
CA VAL D 1 -68.19 33.06 11.10
C VAL D 1 -68.40 31.90 12.05
N LEU D 2 -68.30 30.63 11.63
CA LEU D 2 -68.39 29.47 12.49
C LEU D 2 -67.07 28.96 13.05
N SER D 3 -66.53 29.57 14.11
CA SER D 3 -65.31 29.18 14.79
C SER D 3 -65.63 28.25 15.95
N TYR D 4 -64.89 27.15 16.10
CA TYR D 4 -64.99 26.13 17.13
C TYR D 4 -63.96 26.24 18.24
N HIS D 5 -63.48 27.47 18.48
CA HIS D 5 -62.59 27.95 19.52
C HIS D 5 -63.20 27.88 20.91
N ASP D 6 -64.47 27.55 21.14
CA ASP D 6 -64.99 27.40 22.49
C ASP D 6 -64.49 26.18 23.27
N SER D 7 -64.08 25.12 22.59
CA SER D 7 -63.28 24.06 23.19
C SER D 7 -61.79 24.32 23.29
N ILE D 8 -61.31 25.52 22.91
CA ILE D 8 -59.94 25.95 22.82
C ILE D 8 -59.62 27.11 23.75
N LYS D 9 -60.64 27.94 23.96
CA LYS D 9 -60.79 28.89 25.04
C LYS D 9 -60.61 28.29 26.44
N ASP D 10 -61.16 27.12 26.74
CA ASP D 10 -61.19 26.42 28.02
C ASP D 10 -60.19 25.27 28.13
N ALA D 11 -59.81 24.70 26.99
CA ALA D 11 -58.77 23.70 27.05
C ALA D 11 -57.40 24.29 27.29
N LYS D 12 -57.17 25.59 27.08
CA LYS D 12 -55.92 26.22 27.50
C LYS D 12 -55.95 26.65 28.96
N LYS D 13 -57.09 26.47 29.64
CA LYS D 13 -57.23 26.65 31.06
C LYS D 13 -56.70 25.37 31.71
N SER D 14 -56.82 24.19 31.11
CA SER D 14 -56.66 22.89 31.72
C SER D 14 -55.51 22.08 31.15
N VAL D 15 -55.24 22.27 29.86
CA VAL D 15 -54.07 21.72 29.22
C VAL D 15 -52.90 22.63 29.52
N VAL D 16 -51.84 22.13 30.17
CA VAL D 16 -50.57 22.81 30.30
C VAL D 16 -49.57 22.66 29.17
N ASN D 17 -48.62 23.56 28.94
CA ASN D 17 -47.34 23.15 28.38
C ASN D 17 -46.36 22.85 29.52
N ILE D 18 -45.28 22.16 29.18
CA ILE D 18 -44.32 21.83 30.21
C ILE D 18 -42.94 22.28 29.79
N SER D 19 -42.21 23.01 30.64
CA SER D 19 -40.86 23.50 30.50
C SER D 19 -39.79 22.60 31.10
N THR D 20 -40.18 21.70 31.99
CA THR D 20 -39.63 20.40 32.33
C THR D 20 -38.12 20.31 32.56
N SER D 21 -37.46 21.31 33.14
CA SER D 21 -36.07 21.37 33.55
C SER D 21 -35.67 20.24 34.49
N LYS D 22 -35.24 19.13 33.91
CA LYS D 22 -34.58 17.98 34.47
C LYS D 22 -33.21 17.86 33.84
N THR D 23 -32.24 17.36 34.62
CA THR D 23 -30.87 17.17 34.16
C THR D 23 -30.64 15.92 33.32
N ILE D 24 -31.50 14.91 33.37
CA ILE D 24 -31.48 13.59 32.75
C ILE D 24 -32.66 13.50 31.80
N THR D 25 -32.39 13.76 30.52
CA THR D 25 -33.23 13.48 29.38
C THR D 25 -32.63 12.36 28.55
N ARG D 26 -32.18 11.27 29.17
CA ARG D 26 -31.60 10.18 28.40
C ARG D 26 -32.63 9.12 28.02
N ALA D 27 -33.90 9.19 28.41
CA ALA D 27 -35.04 8.36 28.06
C ALA D 27 -35.72 8.95 26.85
N ASN D 28 -35.97 10.26 26.76
CA ASN D 28 -36.30 11.08 25.61
C ASN D 28 -35.09 11.61 24.87
N ARG D 29 -34.07 10.78 24.67
CA ARG D 29 -32.98 11.08 23.77
C ARG D 29 -33.28 10.77 22.31
N PRO D 30 -32.94 11.61 21.33
CA PRO D 30 -33.05 11.31 19.91
C PRO D 30 -32.11 10.17 19.53
N SER D 31 -32.70 9.05 19.07
CA SER D 31 -32.01 7.86 18.62
C SER D 31 -31.34 7.99 17.26
N PRO D 32 -30.45 7.10 16.84
CA PRO D 32 -29.66 7.14 15.63
C PRO D 32 -30.43 6.93 14.33
N LEU D 33 -31.19 7.96 13.97
CA LEU D 33 -31.79 8.16 12.66
C LEU D 33 -31.18 9.43 12.08
N ASP D 34 -30.94 9.45 10.77
CA ASP D 34 -30.60 10.62 9.98
C ASP D 34 -31.67 11.70 9.94
N ASP D 35 -31.90 12.41 11.05
CA ASP D 35 -32.71 13.59 11.23
C ASP D 35 -32.09 14.81 10.57
N PHE D 36 -32.49 16.04 10.87
CA PHE D 36 -31.75 17.25 10.58
C PHE D 36 -30.68 17.37 11.65
N PHE D 37 -29.57 16.67 11.40
CA PHE D 37 -28.40 16.80 12.25
C PHE D 37 -27.34 17.55 11.46
N ASN D 38 -26.19 17.82 12.09
CA ASN D 38 -25.12 18.66 11.60
C ASN D 38 -25.56 20.11 11.73
N ASP D 39 -26.80 20.52 11.43
CA ASP D 39 -27.22 21.90 11.33
C ASP D 39 -28.43 22.26 12.18
N PRO D 40 -28.81 21.63 13.30
CA PRO D 40 -30.02 22.08 13.95
C PRO D 40 -29.96 23.49 14.52
N TYR D 41 -31.03 24.25 14.31
CA TYR D 41 -31.15 25.66 14.64
C TYR D 41 -31.91 25.79 15.96
N PHE D 42 -33.18 25.41 15.83
CA PHE D 42 -34.15 25.21 16.88
C PHE D 42 -34.72 23.81 16.69
N LYS D 43 -34.92 23.09 17.79
CA LYS D 43 -35.54 21.77 17.77
C LYS D 43 -36.87 21.83 17.03
N GLN D 44 -37.21 20.81 16.24
CA GLN D 44 -38.35 20.70 15.36
C GLN D 44 -38.62 21.75 14.30
N PHE D 45 -37.56 22.39 13.79
CA PHE D 45 -37.64 23.13 12.55
C PHE D 45 -37.18 22.23 11.40
N PHE D 46 -37.35 22.75 10.18
CA PHE D 46 -36.82 22.22 8.95
C PHE D 46 -36.06 23.22 8.08
N ASP D 47 -36.24 24.50 8.36
CA ASP D 47 -35.61 25.65 7.71
C ASP D 47 -34.11 25.74 7.98
N PHE D 48 -33.55 26.80 7.39
CA PHE D 48 -32.16 27.25 7.40
C PHE D 48 -31.80 28.40 8.34
N ASP D 49 -30.82 29.18 7.85
CA ASP D 49 -30.34 30.30 8.63
C ASP D 49 -31.31 31.47 8.53
N PHE D 50 -32.33 31.40 9.40
CA PHE D 50 -33.25 32.50 9.65
C PHE D 50 -32.65 33.45 10.66
N PRO D 51 -32.89 34.76 10.72
CA PRO D 51 -32.35 35.65 11.73
C PRO D 51 -32.77 35.54 13.19
N GLN D 52 -32.86 34.34 13.77
CA GLN D 52 -33.13 34.18 15.19
C GLN D 52 -32.23 33.06 15.69
N ARG D 53 -31.28 33.55 16.52
CA ARG D 53 -30.23 32.70 17.01
C ARG D 53 -30.63 31.91 18.25
N LYS D 54 -29.79 30.97 18.69
CA LYS D 54 -30.13 30.11 19.81
C LYS D 54 -30.66 30.85 21.02
N GLY D 55 -31.71 30.24 21.59
CA GLY D 55 -32.42 30.77 22.75
C GLY D 55 -33.82 30.19 22.90
N LYS D 56 -34.64 30.22 21.84
CA LYS D 56 -36.02 29.80 21.77
C LYS D 56 -36.29 28.32 22.07
N ASN D 57 -35.55 27.42 21.43
CA ASN D 57 -35.89 26.01 21.47
C ASN D 57 -34.61 25.21 21.39
N ASP D 58 -34.02 24.87 22.55
CA ASP D 58 -32.64 24.48 22.79
C ASP D 58 -32.59 23.53 23.98
N LYS D 59 -33.42 23.70 25.01
CA LYS D 59 -33.31 23.03 26.29
C LYS D 59 -33.50 21.52 26.27
N GLU D 60 -34.04 20.97 25.18
CA GLU D 60 -34.56 19.61 25.11
C GLU D 60 -33.50 18.52 25.26
N VAL D 61 -32.25 18.88 25.54
CA VAL D 61 -31.10 18.01 25.72
C VAL D 61 -30.86 17.80 27.20
N VAL D 62 -31.20 18.80 28.02
CA VAL D 62 -31.01 18.81 29.46
C VAL D 62 -32.25 19.49 30.01
N SER D 63 -33.43 19.05 29.59
CA SER D 63 -34.79 19.31 30.02
C SER D 63 -35.68 18.45 29.13
N SER D 64 -36.98 18.70 29.10
CA SER D 64 -37.87 18.33 28.01
C SER D 64 -38.88 19.40 27.64
N LEU D 65 -39.57 19.29 26.50
CA LEU D 65 -40.81 19.95 26.15
C LEU D 65 -42.00 19.01 26.03
N GLY D 66 -43.20 19.48 26.36
CA GLY D 66 -44.42 18.68 26.41
C GLY D 66 -45.76 19.27 26.79
N SER D 67 -46.82 18.48 26.94
CA SER D 67 -48.12 18.92 27.39
C SER D 67 -48.67 18.01 28.47
N GLY D 68 -49.68 18.46 29.22
CA GLY D 68 -50.19 17.75 30.37
C GLY D 68 -51.61 18.23 30.66
N VAL D 69 -52.56 17.47 31.20
CA VAL D 69 -53.92 17.84 31.53
C VAL D 69 -54.11 17.88 33.05
N ILE D 70 -54.66 18.95 33.61
CA ILE D 70 -54.95 19.08 35.02
C ILE D 70 -56.29 18.39 35.27
N ILE D 71 -56.25 17.20 35.87
CA ILE D 71 -57.38 16.30 35.81
C ILE D 71 -58.46 16.68 36.82
N SER D 72 -57.97 17.24 37.93
CA SER D 72 -58.73 17.90 38.97
C SER D 72 -58.04 19.10 39.59
N LYS D 73 -59.00 19.91 40.02
CA LYS D 73 -58.89 21.18 40.71
C LYS D 73 -58.05 21.11 41.99
N ASP D 74 -57.66 19.91 42.41
CA ASP D 74 -56.64 19.68 43.41
C ASP D 74 -55.21 19.95 42.96
N GLY D 75 -55.02 20.16 41.65
CA GLY D 75 -53.76 20.50 41.02
C GLY D 75 -52.98 19.33 40.45
N TYR D 76 -53.67 18.20 40.29
CA TYR D 76 -53.07 17.05 39.67
C TYR D 76 -53.10 17.17 38.16
N ILE D 77 -51.94 17.48 37.57
CA ILE D 77 -51.67 17.30 36.16
C ILE D 77 -51.38 15.83 35.89
N VAL D 78 -51.74 15.39 34.68
CA VAL D 78 -51.22 14.14 34.16
C VAL D 78 -50.41 14.30 32.88
N THR D 79 -49.35 13.56 32.58
CA THR D 79 -48.65 13.56 31.31
C THR D 79 -47.96 12.21 31.15
N ASN D 80 -47.23 12.05 30.05
CA ASN D 80 -46.51 10.82 29.81
C ASN D 80 -45.26 10.78 30.66
N ASN D 81 -45.03 9.60 31.24
CA ASN D 81 -43.87 9.31 32.05
C ASN D 81 -42.58 9.62 31.29
N HIS D 82 -42.46 9.36 29.99
CA HIS D 82 -41.31 9.74 29.20
C HIS D 82 -40.91 11.22 29.13
N VAL D 83 -41.92 12.07 29.31
CA VAL D 83 -41.67 13.49 29.27
C VAL D 83 -40.89 13.80 30.54
N VAL D 84 -41.29 13.19 31.65
CA VAL D 84 -40.92 13.52 33.01
C VAL D 84 -39.98 12.53 33.68
N ASP D 85 -39.69 11.39 33.03
CA ASP D 85 -38.75 10.39 33.48
C ASP D 85 -37.44 10.94 34.02
N ASP D 86 -37.21 10.71 35.32
CA ASP D 86 -36.22 11.33 36.16
C ASP D 86 -36.57 12.78 36.43
N ALA D 87 -37.44 13.04 37.41
CA ALA D 87 -38.32 14.20 37.39
C ALA D 87 -37.91 15.44 38.16
N ASP D 88 -36.66 15.89 38.03
CA ASP D 88 -36.10 16.76 39.03
C ASP D 88 -36.84 18.06 39.34
N THR D 89 -36.81 19.05 38.45
CA THR D 89 -37.56 20.27 38.61
C THR D 89 -38.52 20.46 37.44
N ILE D 90 -39.49 19.55 37.30
CA ILE D 90 -40.41 19.59 36.18
C ILE D 90 -41.32 20.81 36.17
N THR D 91 -40.84 21.92 35.60
CA THR D 91 -41.51 23.21 35.57
C THR D 91 -42.66 23.24 34.58
N VAL D 92 -43.81 23.83 34.93
CA VAL D 92 -44.93 23.99 34.02
C VAL D 92 -44.90 25.33 33.31
N ASN D 93 -45.54 25.47 32.14
CA ASN D 93 -45.98 26.72 31.56
C ASN D 93 -47.45 26.58 31.16
N LEU D 94 -48.43 26.87 32.02
CA LEU D 94 -49.85 26.77 31.73
C LEU D 94 -50.27 27.89 30.80
N PRO D 95 -50.76 27.64 29.58
CA PRO D 95 -51.19 28.70 28.69
C PRO D 95 -52.43 29.46 29.16
N GLY D 96 -52.93 29.26 30.38
CA GLY D 96 -54.06 30.01 30.89
C GLY D 96 -53.67 31.07 31.90
N SER D 97 -52.45 31.04 32.45
CA SER D 97 -51.94 31.90 33.49
C SER D 97 -50.43 32.08 33.57
N ASP D 98 -49.62 31.53 32.67
CA ASP D 98 -48.20 31.82 32.59
C ASP D 98 -47.45 31.70 33.91
N ILE D 99 -47.71 30.62 34.64
CA ILE D 99 -47.12 30.28 35.92
C ILE D 99 -45.99 29.26 35.92
N GLU D 100 -44.79 29.78 35.70
CA GLU D 100 -43.52 29.07 35.73
C GLU D 100 -43.10 28.57 37.10
N TYR D 101 -43.87 27.67 37.70
CA TYR D 101 -43.77 26.92 38.95
C TYR D 101 -43.16 25.56 38.68
N LYS D 102 -42.31 25.07 39.59
CA LYS D 102 -42.05 23.65 39.67
C LYS D 102 -43.40 22.95 39.83
N ALA D 103 -43.45 21.68 39.40
CA ALA D 103 -44.41 20.76 39.98
C ALA D 103 -43.71 19.71 40.83
N LYS D 104 -44.43 19.05 41.74
CA LYS D 104 -44.13 17.79 42.38
C LYS D 104 -44.65 16.55 41.66
N LEU D 105 -43.73 15.67 41.25
CA LEU D 105 -44.15 14.35 40.81
C LEU D 105 -44.76 13.68 42.03
N ILE D 106 -46.00 13.19 41.97
CA ILE D 106 -46.57 12.35 43.00
C ILE D 106 -46.26 10.92 42.66
N GLY D 107 -46.45 10.53 41.40
CA GLY D 107 -46.37 9.18 40.87
C GLY D 107 -46.28 8.95 39.37
N LYS D 108 -45.51 7.92 39.02
CA LYS D 108 -45.25 7.51 37.66
C LYS D 108 -45.29 6.00 37.51
N ASP D 109 -45.91 5.57 36.41
CA ASP D 109 -45.85 4.21 35.89
C ASP D 109 -45.30 4.18 34.46
N PRO D 110 -44.14 3.52 34.30
CA PRO D 110 -43.62 3.35 32.98
C PRO D 110 -44.17 2.14 32.21
N LYS D 111 -45.21 1.48 32.72
CA LYS D 111 -45.87 0.40 31.99
C LYS D 111 -46.95 0.92 31.06
N THR D 112 -47.85 1.79 31.53
CA THR D 112 -48.68 2.68 30.73
C THR D 112 -47.93 3.93 30.28
N ASP D 113 -46.84 4.28 30.96
CA ASP D 113 -46.11 5.51 30.72
C ASP D 113 -46.71 6.90 30.90
N LEU D 114 -47.15 7.09 32.15
CA LEU D 114 -48.08 8.08 32.67
C LEU D 114 -47.71 8.44 34.10
N ALA D 115 -47.91 9.72 34.40
CA ALA D 115 -47.49 10.33 35.65
C ALA D 115 -48.47 11.36 36.21
N VAL D 116 -48.78 11.24 37.49
CA VAL D 116 -49.58 12.23 38.19
C VAL D 116 -48.63 13.10 39.01
N ILE D 117 -48.81 14.40 38.72
CA ILE D 117 -47.96 15.46 39.22
C ILE D 117 -48.71 16.63 39.81
N LYS D 118 -48.47 17.04 41.06
CA LYS D 118 -49.03 18.19 41.73
C LYS D 118 -48.36 19.43 41.14
N ILE D 119 -49.08 20.37 40.52
CA ILE D 119 -48.64 21.74 40.35
C ILE D 119 -49.03 22.60 41.55
N GLU D 120 -48.04 23.12 42.27
CA GLU D 120 -48.14 23.74 43.59
C GLU D 120 -48.73 25.14 43.70
N ALA D 121 -49.94 25.32 43.16
CA ALA D 121 -50.80 26.48 43.30
C ALA D 121 -52.27 26.28 43.65
N ASN D 122 -53.08 27.33 43.47
CA ASN D 122 -54.47 27.45 43.87
C ASN D 122 -55.36 28.04 42.79
N ASN D 123 -56.68 27.89 42.93
CA ASN D 123 -57.62 28.08 41.84
C ASN D 123 -57.30 27.44 40.51
N LEU D 124 -56.74 26.23 40.50
CA LEU D 124 -56.36 25.47 39.34
C LEU D 124 -57.48 24.62 38.73
N SER D 125 -57.28 24.18 37.50
CA SER D 125 -58.38 23.61 36.74
C SER D 125 -58.62 22.13 36.99
N ALA D 126 -59.84 21.66 36.72
CA ALA D 126 -59.92 20.28 36.27
C ALA D 126 -60.31 20.16 34.80
N ILE D 127 -60.91 19.01 34.47
CA ILE D 127 -61.49 18.75 33.17
C ILE D 127 -62.68 17.81 33.32
N THR D 128 -63.56 17.82 32.31
CA THR D 128 -64.68 16.90 32.22
C THR D 128 -64.05 15.65 31.65
N PHE D 129 -63.84 14.64 32.49
CA PHE D 129 -63.42 13.28 32.21
C PHE D 129 -64.64 12.48 31.79
N THR D 130 -64.93 12.41 30.49
CA THR D 130 -66.08 11.74 29.93
C THR D 130 -65.61 10.36 29.51
N ASN D 131 -66.40 9.52 28.84
CA ASN D 131 -65.97 8.18 28.51
C ASN D 131 -65.41 8.10 27.10
N SER D 132 -64.24 7.46 26.96
CA SER D 132 -63.63 7.15 25.68
C SER D 132 -64.16 6.10 24.72
N ASP D 133 -65.07 5.28 25.25
CA ASP D 133 -65.88 4.27 24.61
C ASP D 133 -67.36 4.57 24.42
N ASP D 134 -67.69 5.87 24.43
CA ASP D 134 -68.91 6.34 23.78
C ASP D 134 -68.71 6.54 22.29
N LEU D 135 -67.48 6.49 21.76
CA LEU D 135 -67.09 7.04 20.48
C LEU D 135 -67.36 6.04 19.37
N MET D 136 -67.60 6.57 18.18
CA MET D 136 -67.55 5.92 16.88
C MET D 136 -66.65 6.55 15.83
N GLU D 137 -66.48 5.75 14.77
CA GLU D 137 -65.80 6.25 13.60
C GLU D 137 -66.59 7.36 12.93
N GLY D 138 -65.90 8.37 12.39
CA GLY D 138 -66.49 9.62 11.94
C GLY D 138 -67.06 10.58 12.98
N ASP D 139 -67.08 10.26 14.27
CA ASP D 139 -67.38 11.22 15.32
C ASP D 139 -66.38 12.36 15.30
N VAL D 140 -66.76 13.60 15.62
CA VAL D 140 -65.87 14.75 15.65
C VAL D 140 -65.11 15.03 16.94
N VAL D 141 -63.85 15.48 16.92
CA VAL D 141 -63.05 15.81 18.08
C VAL D 141 -62.12 16.99 17.82
N PHE D 142 -61.36 17.42 18.83
CA PHE D 142 -60.22 18.31 18.85
C PHE D 142 -59.01 17.54 19.36
N ALA D 143 -57.81 17.92 18.91
CA ALA D 143 -56.57 17.36 19.39
C ALA D 143 -55.61 18.43 19.90
N LEU D 144 -54.99 18.40 21.09
CA LEU D 144 -54.53 19.62 21.73
C LEU D 144 -53.10 19.50 22.26
N GLY D 145 -52.43 20.64 22.42
CA GLY D 145 -51.21 20.81 23.18
C GLY D 145 -50.28 21.90 22.65
N ASN D 146 -48.97 21.65 22.76
CA ASN D 146 -47.80 22.37 22.29
C ASN D 146 -47.08 21.76 21.09
N PRO D 147 -47.73 21.71 19.93
CA PRO D 147 -47.20 21.03 18.76
C PRO D 147 -45.90 21.65 18.27
N PHE D 148 -44.75 21.02 18.46
CA PHE D 148 -43.39 21.39 18.18
C PHE D 148 -42.84 22.61 18.90
N GLY D 149 -43.38 22.85 20.10
CA GLY D 149 -43.03 24.03 20.86
C GLY D 149 -43.46 25.43 20.43
N VAL D 150 -44.51 25.52 19.61
CA VAL D 150 -45.10 26.74 19.11
C VAL D 150 -45.89 27.65 20.03
N GLY D 151 -46.05 27.22 21.29
CA GLY D 151 -47.03 27.67 22.24
C GLY D 151 -48.32 26.87 22.10
N PHE D 152 -49.36 27.05 22.92
CA PHE D 152 -50.54 26.23 22.80
C PHE D 152 -51.29 26.41 21.49
N SER D 153 -51.45 25.34 20.71
CA SER D 153 -52.25 25.28 19.50
C SER D 153 -52.93 23.92 19.40
N VAL D 154 -54.05 23.92 18.67
CA VAL D 154 -55.07 22.91 18.54
C VAL D 154 -55.62 22.75 17.12
N THR D 155 -55.86 21.49 16.79
CA THR D 155 -56.45 21.03 15.53
C THR D 155 -57.74 20.26 15.77
N SER D 156 -58.49 19.97 14.70
CA SER D 156 -59.81 19.41 14.87
C SER D 156 -60.07 18.36 13.79
N GLY D 157 -60.58 17.18 14.18
CA GLY D 157 -60.63 16.00 13.35
C GLY D 157 -61.77 15.03 13.61
N ILE D 158 -61.78 13.88 12.93
CA ILE D 158 -62.74 12.81 13.03
C ILE D 158 -62.00 11.50 13.32
N ILE D 159 -62.66 10.64 14.11
CA ILE D 159 -62.10 9.36 14.48
C ILE D 159 -62.03 8.52 13.21
N SER D 160 -60.87 7.85 13.14
CA SER D 160 -60.40 7.05 12.04
C SER D 160 -60.09 5.59 12.37
N ALA D 161 -59.49 5.34 13.54
CA ALA D 161 -59.41 4.02 14.13
C ALA D 161 -59.66 4.05 15.63
N LEU D 162 -59.91 2.86 16.18
CA LEU D 162 -60.51 2.66 17.48
C LEU D 162 -59.86 1.48 18.19
N ASN D 163 -59.81 1.64 19.52
CA ASN D 163 -59.22 0.85 20.58
C ASN D 163 -58.18 -0.14 20.04
N LYS D 164 -56.89 0.16 20.21
CA LYS D 164 -55.86 -0.53 19.48
C LYS D 164 -54.58 -0.79 20.28
N ASP D 165 -54.18 -2.06 20.38
CA ASP D 165 -52.85 -2.48 20.79
C ASP D 165 -52.13 -2.92 19.53
N ASN D 166 -50.94 -3.50 19.68
CA ASN D 166 -49.98 -3.70 18.61
C ASN D 166 -49.31 -2.38 18.25
N ILE D 167 -48.79 -1.66 19.25
CA ILE D 167 -48.36 -0.29 19.09
C ILE D 167 -47.20 -0.34 20.07
N GLY D 168 -47.40 -0.67 21.35
CA GLY D 168 -46.37 -1.23 22.20
C GLY D 168 -45.25 -0.26 22.53
N LEU D 169 -45.59 1.04 22.52
CA LEU D 169 -44.73 2.13 22.92
C LEU D 169 -44.11 1.80 24.28
N ASN D 170 -44.81 1.03 25.12
CA ASN D 170 -44.48 0.67 26.49
C ASN D 170 -45.03 -0.73 26.72
N GLN D 171 -46.01 -0.98 27.58
CA GLN D 171 -46.41 -2.28 28.09
C GLN D 171 -47.89 -2.57 28.16
N TYR D 172 -48.67 -1.54 27.82
CA TYR D 172 -50.12 -1.57 27.97
C TYR D 172 -50.73 -0.53 27.06
N GLU D 173 -51.57 -0.92 26.10
CA GLU D 173 -51.95 -0.07 25.00
C GLU D 173 -53.34 -0.37 24.46
N ASN D 174 -54.16 0.67 24.31
CA ASN D 174 -55.47 0.54 23.69
C ASN D 174 -55.90 1.79 22.94
N PHE D 175 -55.00 2.40 22.17
CA PHE D 175 -55.19 3.71 21.57
C PHE D 175 -56.34 3.86 20.58
N ILE D 176 -56.93 5.06 20.50
CA ILE D 176 -57.86 5.55 19.51
C ILE D 176 -57.10 6.49 18.58
N GLN D 177 -57.48 6.67 17.32
CA GLN D 177 -56.79 7.39 16.27
C GLN D 177 -57.73 8.28 15.47
N THR D 178 -57.35 9.56 15.33
CA THR D 178 -57.94 10.64 14.55
C THR D 178 -56.88 11.28 13.67
N ASP D 179 -57.41 11.92 12.63
CA ASP D 179 -56.69 12.47 11.51
C ASP D 179 -55.97 13.79 11.84
N ALA D 180 -56.39 14.60 12.80
CA ALA D 180 -55.89 15.93 13.06
C ALA D 180 -54.39 15.97 13.37
N SER D 181 -53.71 17.07 13.06
CA SER D 181 -52.27 17.14 13.12
C SER D 181 -51.79 17.40 14.54
N ILE D 182 -50.92 16.48 14.94
CA ILE D 182 -50.33 16.48 16.25
C ILE D 182 -48.90 15.97 16.25
N ASN D 183 -47.98 16.49 17.06
CA ASN D 183 -46.54 16.39 17.13
C ASN D 183 -46.07 15.87 18.47
N PRO D 184 -44.82 15.40 18.61
CA PRO D 184 -44.04 15.48 19.83
C PRO D 184 -44.08 16.84 20.51
N GLY D 185 -44.19 16.98 21.84
CA GLY D 185 -44.62 18.25 22.40
C GLY D 185 -46.13 18.31 22.55
N ASN D 186 -46.99 17.64 21.77
CA ASN D 186 -48.30 17.25 22.25
C ASN D 186 -48.23 15.97 23.08
N SER D 187 -47.05 15.70 23.62
CA SER D 187 -46.72 14.61 24.53
C SER D 187 -47.46 14.63 25.86
N GLY D 188 -48.48 13.80 26.02
CA GLY D 188 -49.40 13.86 27.13
C GLY D 188 -50.44 14.97 27.08
N GLY D 189 -50.73 15.66 25.99
CA GLY D 189 -51.86 16.55 25.80
C GLY D 189 -53.19 15.95 25.37
N ALA D 190 -54.26 16.72 25.47
CA ALA D 190 -55.60 16.16 25.37
C ALA D 190 -56.07 15.84 23.97
N LEU D 191 -57.06 14.94 23.95
CA LEU D 191 -58.02 14.86 22.87
C LEU D 191 -59.35 15.10 23.56
N VAL D 192 -60.18 16.06 23.13
CA VAL D 192 -61.51 16.31 23.66
C VAL D 192 -62.56 16.12 22.58
N ASP D 193 -63.85 15.93 22.84
CA ASP D 193 -64.91 15.83 21.86
C ASP D 193 -65.43 17.19 21.45
N SER D 194 -66.47 17.13 20.62
CA SER D 194 -67.18 18.24 20.03
C SER D 194 -68.08 18.99 21.02
N ARG D 195 -67.92 18.73 22.32
CA ARG D 195 -68.52 19.36 23.48
C ARG D 195 -67.42 19.92 24.39
N GLY D 196 -66.16 19.51 24.18
CA GLY D 196 -64.99 19.86 24.95
C GLY D 196 -64.65 18.94 26.11
N TYR D 197 -65.10 17.67 26.14
CA TYR D 197 -64.84 16.78 27.25
C TYR D 197 -63.81 15.73 26.88
N LEU D 198 -62.99 15.26 27.83
CA LEU D 198 -61.78 14.49 27.56
C LEU D 198 -62.09 13.06 27.14
N VAL D 199 -61.61 12.62 25.98
CA VAL D 199 -62.02 11.42 25.30
C VAL D 199 -60.82 10.60 24.84
N GLY D 200 -59.62 11.16 24.85
CA GLY D 200 -58.34 10.49 24.66
C GLY D 200 -57.21 11.42 25.07
N ILE D 201 -55.97 10.94 25.14
CA ILE D 201 -54.80 11.74 25.48
C ILE D 201 -53.68 11.40 24.51
N ASN D 202 -53.09 12.36 23.79
CA ASN D 202 -52.11 12.07 22.78
C ASN D 202 -50.79 11.51 23.30
N SER D 203 -50.12 10.64 22.55
CA SER D 203 -48.81 10.19 23.00
C SER D 203 -47.84 9.96 21.84
N ALA D 204 -48.26 9.44 20.69
CA ALA D 204 -47.46 9.24 19.50
C ALA D 204 -48.30 9.21 18.23
N ILE D 205 -47.71 9.23 17.03
CA ILE D 205 -48.28 9.47 15.72
C ILE D 205 -47.47 8.62 14.76
N LEU D 206 -48.16 7.82 13.94
CA LEU D 206 -47.62 7.07 12.81
C LEU D 206 -47.29 8.05 11.71
N SER D 207 -46.20 8.81 11.91
CA SER D 207 -45.61 9.72 10.96
C SER D 207 -44.24 9.32 10.44
N ARG D 208 -43.66 9.95 9.42
CA ARG D 208 -42.29 9.88 8.94
C ARG D 208 -41.49 11.10 9.35
N GLY D 209 -42.08 12.30 9.39
CA GLY D 209 -41.43 13.55 9.67
C GLY D 209 -41.58 14.11 11.08
N GLY D 210 -42.38 13.48 11.95
CA GLY D 210 -42.73 13.94 13.28
C GLY D 210 -43.70 15.11 13.39
N GLY D 211 -43.88 15.85 12.30
CA GLY D 211 -45.16 16.47 12.01
C GLY D 211 -46.14 15.40 11.55
N ASN D 212 -47.46 15.56 11.75
CA ASN D 212 -48.33 14.43 11.51
C ASN D 212 -48.39 13.96 10.06
N ASN D 213 -48.72 12.69 9.77
CA ASN D 213 -49.05 12.10 8.49
C ASN D 213 -50.35 11.33 8.61
N GLY D 214 -51.36 12.04 9.10
CA GLY D 214 -52.77 11.73 9.21
C GLY D 214 -53.19 10.55 10.09
N ILE D 215 -52.38 10.20 11.10
CA ILE D 215 -52.50 8.92 11.77
C ILE D 215 -52.08 9.07 13.22
N GLY D 216 -52.56 10.05 13.99
CA GLY D 216 -52.12 10.35 15.35
C GLY D 216 -52.88 9.53 16.38
N PHE D 217 -52.23 8.99 17.41
CA PHE D 217 -52.82 8.11 18.41
C PHE D 217 -53.02 8.69 19.81
N ALA D 218 -54.11 8.37 20.50
CA ALA D 218 -54.38 8.78 21.86
C ALA D 218 -54.91 7.66 22.74
N ILE D 219 -54.53 7.73 24.01
CA ILE D 219 -54.81 6.84 25.12
C ILE D 219 -56.26 7.00 25.55
N PRO D 220 -57.04 5.98 25.85
CA PRO D 220 -58.41 6.12 26.29
C PRO D 220 -58.56 6.87 27.61
N SER D 221 -59.46 7.87 27.70
CA SER D 221 -59.69 8.69 28.87
C SER D 221 -60.31 7.91 30.02
N ASN D 222 -61.09 6.85 29.75
CA ASN D 222 -61.54 5.91 30.74
C ASN D 222 -60.48 4.96 31.27
N MET D 223 -59.37 4.74 30.56
CA MET D 223 -58.23 4.14 31.22
C MET D 223 -57.56 5.15 32.14
N VAL D 224 -57.18 6.34 31.62
CA VAL D 224 -56.41 7.22 32.48
C VAL D 224 -57.03 7.76 33.74
N LYS D 225 -58.37 7.88 33.75
CA LYS D 225 -59.13 8.05 34.96
C LYS D 225 -58.75 7.01 36.01
N ASP D 226 -58.58 5.76 35.58
CA ASP D 226 -58.22 4.67 36.46
C ASP D 226 -56.76 4.66 36.86
N ILE D 227 -55.85 5.01 35.95
CA ILE D 227 -54.42 5.04 36.19
C ILE D 227 -54.10 6.06 37.28
N ALA D 228 -54.65 7.28 37.20
CA ALA D 228 -54.53 8.42 38.07
C ALA D 228 -54.94 8.03 39.48
N LYS D 229 -56.12 7.42 39.64
CA LYS D 229 -56.47 6.89 40.94
C LYS D 229 -55.45 6.00 41.62
N LYS D 230 -54.68 5.18 40.90
CA LYS D 230 -53.75 4.30 41.57
C LYS D 230 -52.41 4.96 41.84
N LEU D 231 -51.94 5.77 40.90
CA LEU D 231 -50.85 6.71 41.09
C LEU D 231 -51.10 7.73 42.19
N ILE D 232 -52.37 8.06 42.49
CA ILE D 232 -52.70 9.04 43.49
C ILE D 232 -52.78 8.42 44.88
N GLU D 233 -53.21 7.15 44.95
CA GLU D 233 -53.50 6.34 46.10
C GLU D 233 -52.26 5.65 46.66
N LYS D 234 -51.12 5.49 45.97
CA LYS D 234 -49.85 5.09 46.53
C LYS D 234 -48.57 5.48 45.81
N GLY D 235 -48.66 6.53 44.99
CA GLY D 235 -47.56 6.98 44.17
C GLY D 235 -47.08 6.16 42.97
N LYS D 236 -47.68 4.97 42.87
CA LYS D 236 -47.32 4.04 41.81
C LYS D 236 -48.43 3.07 41.44
N ILE D 237 -48.36 2.19 40.44
CA ILE D 237 -49.35 1.22 40.04
C ILE D 237 -48.68 -0.15 40.05
N ASP D 238 -49.36 -1.10 40.71
CA ASP D 238 -48.91 -2.47 40.69
C ASP D 238 -49.81 -3.36 39.86
N ARG D 239 -49.28 -4.02 38.82
CA ARG D 239 -50.00 -4.92 37.95
C ARG D 239 -49.59 -6.38 38.09
N GLY D 240 -50.54 -7.30 38.24
CA GLY D 240 -50.22 -8.71 38.32
C GLY D 240 -50.26 -9.29 36.92
N PHE D 241 -50.78 -10.51 36.82
CA PHE D 241 -51.31 -11.13 35.62
C PHE D 241 -52.39 -12.15 35.98
N LEU D 242 -52.79 -13.08 35.12
CA LEU D 242 -53.24 -14.39 35.53
C LEU D 242 -52.26 -15.54 35.41
N GLY D 243 -51.00 -15.30 35.04
CA GLY D 243 -49.95 -16.23 34.70
C GLY D 243 -50.30 -17.17 33.55
N VAL D 244 -50.28 -16.63 32.34
CA VAL D 244 -50.64 -17.35 31.13
C VAL D 244 -50.30 -16.57 29.87
N THR D 245 -49.88 -17.32 28.85
CA THR D 245 -49.48 -16.82 27.54
C THR D 245 -50.51 -17.15 26.48
N ILE D 246 -50.93 -16.16 25.69
CA ILE D 246 -52.30 -16.06 25.23
C ILE D 246 -52.25 -15.41 23.85
N LEU D 247 -53.27 -15.70 23.06
CA LEU D 247 -53.54 -15.14 21.74
C LEU D 247 -55.04 -15.01 21.53
N ALA D 248 -55.40 -14.56 20.33
CA ALA D 248 -56.74 -14.50 19.81
C ALA D 248 -57.07 -15.78 19.06
N LEU D 249 -58.22 -16.37 19.39
CA LEU D 249 -58.67 -17.43 18.49
C LEU D 249 -58.64 -17.08 17.00
N GLN D 250 -58.38 -18.10 16.18
CA GLN D 250 -58.30 -17.98 14.74
C GLN D 250 -59.43 -18.73 14.05
N GLY D 251 -59.65 -18.32 12.79
CA GLY D 251 -60.80 -18.79 12.03
C GLY D 251 -60.96 -20.27 11.71
N ASP D 252 -59.87 -20.99 11.41
CA ASP D 252 -59.77 -22.42 11.27
C ASP D 252 -59.56 -23.07 12.65
N THR D 253 -58.86 -22.37 13.54
CA THR D 253 -58.77 -22.77 14.94
C THR D 253 -60.11 -23.00 15.59
N LYS D 254 -61.03 -22.05 15.39
CA LYS D 254 -62.37 -22.16 15.94
C LYS D 254 -63.02 -23.44 15.42
N LYS D 255 -63.04 -23.71 14.11
CA LYS D 255 -63.47 -24.97 13.53
C LYS D 255 -62.83 -26.23 14.09
N ALA D 256 -61.50 -26.23 14.22
CA ALA D 256 -60.72 -27.34 14.74
C ALA D 256 -61.06 -27.70 16.19
N TYR D 257 -61.05 -26.65 17.00
CA TYR D 257 -61.26 -26.67 18.44
C TYR D 257 -62.74 -26.50 18.75
N LYS D 258 -63.69 -27.28 18.17
CA LYS D 258 -65.03 -27.44 18.71
C LYS D 258 -65.90 -26.20 18.86
N ASN D 259 -65.58 -25.09 18.21
CA ASN D 259 -66.38 -23.89 18.07
C ASN D 259 -66.74 -23.27 19.41
N GLN D 260 -65.78 -23.33 20.34
CA GLN D 260 -65.73 -22.36 21.41
C GLN D 260 -65.33 -20.97 20.94
N GLU D 261 -65.68 -19.95 21.74
CA GLU D 261 -65.43 -18.59 21.30
C GLU D 261 -64.82 -17.77 22.43
N GLY D 262 -63.68 -17.11 22.24
CA GLY D 262 -62.86 -16.59 23.32
C GLY D 262 -61.43 -16.26 22.92
N ALA D 263 -60.64 -15.86 23.92
CA ALA D 263 -59.21 -15.74 23.70
C ALA D 263 -58.55 -17.09 23.86
N LEU D 264 -57.58 -17.33 22.98
CA LEU D 264 -56.90 -18.62 22.84
C LEU D 264 -55.75 -18.72 23.84
N ILE D 265 -55.83 -19.68 24.76
CA ILE D 265 -54.64 -20.03 25.53
C ILE D 265 -53.58 -20.75 24.68
N THR D 266 -52.38 -20.24 24.48
CA THR D 266 -51.36 -20.94 23.71
C THR D 266 -50.49 -21.82 24.60
N ASP D 267 -50.21 -21.33 25.80
CA ASP D 267 -49.52 -22.07 26.85
C ASP D 267 -49.97 -21.41 28.14
N VAL D 268 -50.46 -22.25 29.06
CA VAL D 268 -50.59 -21.85 30.44
C VAL D 268 -49.21 -21.84 31.08
N GLN D 269 -48.83 -20.63 31.52
CA GLN D 269 -47.69 -20.54 32.40
C GLN D 269 -48.01 -21.43 33.59
N LYS D 270 -47.20 -22.49 33.69
CA LYS D 270 -47.40 -23.72 34.42
C LYS D 270 -47.85 -23.47 35.85
N GLY D 271 -48.99 -23.99 36.32
CA GLY D 271 -49.48 -23.91 37.68
C GLY D 271 -49.82 -22.57 38.32
N SER D 272 -49.91 -21.49 37.53
CA SER D 272 -50.47 -20.23 37.97
C SER D 272 -51.85 -20.26 38.60
N SER D 273 -52.40 -19.07 38.83
CA SER D 273 -53.80 -18.91 39.19
C SER D 273 -54.75 -19.40 38.10
N ALA D 274 -54.41 -19.34 36.81
CA ALA D 274 -55.06 -20.05 35.73
C ALA D 274 -55.19 -21.54 35.99
N ASP D 275 -54.07 -22.22 36.26
CA ASP D 275 -53.97 -23.65 36.32
C ASP D 275 -54.62 -24.15 37.62
N GLU D 276 -54.36 -23.52 38.77
CA GLU D 276 -55.11 -23.60 40.01
C GLU D 276 -56.60 -23.34 39.90
N ALA D 277 -57.10 -22.60 38.89
CA ALA D 277 -58.52 -22.44 38.62
C ALA D 277 -59.09 -23.52 37.70
N GLY D 278 -58.28 -24.25 36.95
CA GLY D 278 -58.66 -25.32 36.05
C GLY D 278 -58.63 -24.88 34.60
N LEU D 279 -57.90 -23.80 34.30
CA LEU D 279 -57.66 -23.35 32.95
C LEU D 279 -56.42 -24.02 32.38
N LYS D 280 -56.48 -24.49 31.13
CA LYS D 280 -55.52 -25.33 30.45
C LYS D 280 -55.17 -24.83 29.05
N ARG D 281 -54.39 -25.57 28.28
CA ARG D 281 -54.33 -25.32 26.85
C ARG D 281 -55.49 -26.04 26.17
N GLY D 282 -55.76 -25.73 24.90
CA GLY D 282 -56.99 -26.00 24.18
C GLY D 282 -58.18 -25.22 24.73
N ASP D 283 -58.07 -24.58 25.90
CA ASP D 283 -59.10 -23.73 26.47
C ASP D 283 -59.08 -22.30 25.97
N LEU D 284 -60.25 -21.66 26.02
CA LEU D 284 -60.46 -20.25 25.79
C LEU D 284 -60.96 -19.52 27.03
N VAL D 285 -60.44 -18.30 27.18
CA VAL D 285 -60.84 -17.33 28.18
C VAL D 285 -62.04 -16.56 27.65
N THR D 286 -63.12 -16.35 28.42
CA THR D 286 -64.35 -15.68 28.04
C THR D 286 -64.59 -14.33 28.69
N LYS D 287 -64.46 -14.16 30.00
CA LYS D 287 -64.89 -13.00 30.75
C LYS D 287 -64.37 -12.92 32.18
N VAL D 288 -63.59 -11.88 32.50
CA VAL D 288 -63.28 -11.43 33.84
C VAL D 288 -64.57 -10.83 34.40
N ASN D 289 -64.72 -10.78 35.72
CA ASN D 289 -66.00 -10.41 36.31
C ASN D 289 -66.61 -9.06 35.92
N ASN D 290 -65.71 -8.13 35.56
CA ASN D 290 -65.98 -6.79 35.09
C ASN D 290 -65.73 -6.61 33.60
N LYS D 291 -65.04 -7.50 32.88
CA LYS D 291 -64.40 -7.22 31.61
C LYS D 291 -64.36 -8.41 30.66
N VAL D 292 -64.82 -8.32 29.41
CA VAL D 292 -65.16 -9.40 28.50
C VAL D 292 -64.01 -9.67 27.55
N ILE D 293 -63.68 -10.92 27.21
CA ILE D 293 -62.48 -11.34 26.51
C ILE D 293 -62.76 -12.06 25.21
N LYS D 294 -61.99 -11.70 24.16
CA LYS D 294 -61.77 -12.46 22.96
C LYS D 294 -60.31 -12.47 22.51
N SER D 295 -59.44 -11.59 23.01
CA SER D 295 -58.08 -11.29 22.60
C SER D 295 -57.01 -11.29 23.69
N PRO D 296 -55.75 -11.54 23.33
CA PRO D 296 -54.78 -11.56 24.40
C PRO D 296 -54.40 -10.19 24.95
N ILE D 297 -54.54 -9.16 24.12
CA ILE D 297 -54.46 -7.76 24.47
C ILE D 297 -55.64 -7.37 25.34
N ASP D 298 -56.76 -8.11 25.41
CA ASP D 298 -57.73 -7.89 26.46
C ASP D 298 -57.27 -8.31 27.85
N LEU D 299 -56.91 -9.56 28.15
CA LEU D 299 -56.43 -9.97 29.44
C LEU D 299 -55.18 -9.19 29.85
N LYS D 300 -54.25 -8.90 28.94
CA LYS D 300 -53.09 -8.04 29.09
C LYS D 300 -53.49 -6.67 29.63
N ASN D 301 -54.38 -5.94 28.95
CA ASN D 301 -54.75 -4.62 29.42
C ASN D 301 -55.83 -4.59 30.50
N TYR D 302 -56.67 -5.59 30.75
CA TYR D 302 -57.45 -5.68 31.96
C TYR D 302 -56.62 -5.87 33.20
N ILE D 303 -55.54 -6.63 33.03
CA ILE D 303 -54.54 -6.78 34.07
C ILE D 303 -53.86 -5.43 34.33
N GLY D 304 -53.52 -4.75 33.25
CA GLY D 304 -53.09 -3.35 33.24
C GLY D 304 -54.06 -2.32 33.80
N THR D 305 -55.25 -2.77 34.20
CA THR D 305 -56.16 -1.97 35.00
C THR D 305 -56.69 -2.74 36.20
N LEU D 306 -55.97 -3.73 36.74
CA LEU D 306 -56.24 -4.46 37.96
C LEU D 306 -54.95 -4.42 38.78
N GLU D 307 -55.07 -4.60 40.10
CA GLU D 307 -54.04 -4.65 41.12
C GLU D 307 -54.08 -5.91 41.99
N ILE D 308 -52.93 -6.27 42.55
CA ILE D 308 -52.56 -7.56 43.12
C ILE D 308 -53.47 -8.08 44.22
N GLY D 309 -53.38 -9.41 44.41
CA GLY D 309 -53.84 -10.14 45.57
C GLY D 309 -55.27 -10.64 45.45
N GLN D 310 -56.11 -9.74 44.95
CA GLN D 310 -57.53 -10.03 45.02
C GLN D 310 -57.93 -11.21 44.15
N LYS D 311 -58.94 -12.00 44.53
CA LYS D 311 -59.43 -12.97 43.57
C LYS D 311 -60.64 -12.63 42.71
N ILE D 312 -60.67 -13.23 41.53
CA ILE D 312 -61.44 -12.96 40.33
C ILE D 312 -62.10 -14.24 39.85
N SER D 313 -63.43 -14.34 39.85
CA SER D 313 -64.21 -15.43 39.30
C SER D 313 -64.55 -15.27 37.82
N LEU D 314 -63.45 -15.31 37.04
CA LEU D 314 -63.41 -15.39 35.59
C LEU D 314 -64.00 -16.68 35.03
N SER D 315 -64.61 -16.55 33.85
CA SER D 315 -65.28 -17.62 33.15
C SER D 315 -64.49 -18.04 31.92
N TYR D 316 -64.48 -19.35 31.65
CA TYR D 316 -63.67 -19.93 30.59
C TYR D 316 -64.05 -21.33 30.15
N GLU D 317 -63.89 -21.62 28.86
CA GLU D 317 -64.32 -22.84 28.21
C GLU D 317 -63.17 -23.74 27.77
N ARG D 318 -63.58 -24.98 27.52
CA ARG D 318 -62.93 -26.13 26.94
C ARG D 318 -63.77 -26.94 25.97
N ASP D 319 -63.42 -26.94 24.68
CA ASP D 319 -64.00 -27.48 23.46
C ASP D 319 -65.48 -27.17 23.25
N GLY D 320 -66.33 -27.54 24.20
CA GLY D 320 -67.73 -27.15 24.25
C GLY D 320 -68.25 -26.73 25.62
N GLU D 321 -67.52 -26.75 26.74
CA GLU D 321 -68.01 -26.48 28.08
C GLU D 321 -67.40 -25.34 28.89
N ASN D 322 -68.19 -24.44 29.46
CA ASN D 322 -67.78 -23.29 30.25
C ASN D 322 -67.85 -23.50 31.75
N LYS D 323 -66.91 -22.93 32.50
CA LYS D 323 -66.77 -23.12 33.94
C LYS D 323 -66.56 -21.74 34.59
N GLN D 324 -66.73 -21.66 35.91
CA GLN D 324 -66.39 -20.51 36.72
C GLN D 324 -65.72 -20.96 38.00
N ALA D 325 -64.43 -20.61 38.02
CA ALA D 325 -63.63 -20.83 39.21
C ALA D 325 -62.88 -19.54 39.55
N SER D 326 -62.22 -19.49 40.71
CA SER D 326 -61.64 -18.26 41.19
C SER D 326 -60.13 -18.18 41.15
N PHE D 327 -59.67 -17.01 40.71
CA PHE D 327 -58.32 -16.80 40.21
C PHE D 327 -57.71 -15.66 40.99
N ILE D 328 -56.49 -15.76 41.52
CA ILE D 328 -55.70 -14.64 42.00
C ILE D 328 -55.12 -13.82 40.84
N LEU D 329 -54.98 -12.50 40.92
CA LEU D 329 -54.17 -11.73 39.99
C LEU D 329 -52.67 -11.96 40.06
N LYS D 330 -52.23 -13.20 39.83
CA LYS D 330 -50.86 -13.68 39.97
C LYS D 330 -50.00 -13.16 38.82
N GLY D 331 -49.00 -12.31 38.98
CA GLY D 331 -47.95 -11.99 38.03
C GLY D 331 -47.17 -13.12 37.36
N GLU D 332 -46.42 -12.70 36.35
CA GLU D 332 -45.28 -13.48 35.91
C GLU D 332 -44.34 -13.85 37.06
N LYS D 333 -44.42 -13.18 38.21
CA LYS D 333 -43.63 -13.23 39.42
C LYS D 333 -44.23 -14.04 40.54
N GLU D 334 -45.34 -14.72 40.24
CA GLU D 334 -46.25 -15.35 41.19
C GLU D 334 -46.67 -16.78 40.95
N ASN D 335 -46.07 -17.59 40.07
CA ASN D 335 -46.62 -18.84 39.57
C ASN D 335 -46.01 -20.18 39.94
N PRO D 336 -46.73 -21.16 40.50
CA PRO D 336 -46.13 -22.38 40.97
C PRO D 336 -46.19 -23.72 40.24
N LYS D 337 -46.32 -23.91 38.92
CA LYS D 337 -46.15 -25.09 38.11
C LYS D 337 -47.16 -26.21 38.00
N GLY D 338 -47.50 -26.61 36.77
CA GLY D 338 -48.77 -27.20 36.41
C GLY D 338 -48.75 -27.92 35.07
N VAL D 339 -49.75 -27.79 34.19
CA VAL D 339 -50.11 -28.87 33.29
C VAL D 339 -50.84 -28.55 32.00
N GLN D 340 -50.67 -29.29 30.90
CA GLN D 340 -51.09 -29.09 29.53
C GLN D 340 -50.86 -30.19 28.51
N SER D 341 -51.89 -30.37 27.68
CA SER D 341 -52.13 -31.44 26.74
C SER D 341 -52.48 -31.24 25.28
N ASP D 342 -53.76 -31.31 24.86
CA ASP D 342 -54.49 -31.05 23.64
C ASP D 342 -53.99 -31.58 22.30
N LEU D 343 -52.68 -31.80 22.14
CA LEU D 343 -52.13 -32.52 21.00
C LEU D 343 -51.07 -33.52 21.43
N ILE D 344 -50.87 -33.62 22.74
CA ILE D 344 -50.07 -34.62 23.42
C ILE D 344 -50.95 -35.59 24.19
N ASP D 345 -52.28 -35.49 24.04
CA ASP D 345 -53.23 -35.94 25.03
C ASP D 345 -53.49 -37.41 24.74
N GLY D 346 -53.26 -38.26 25.74
CA GLY D 346 -53.54 -39.66 25.51
C GLY D 346 -52.67 -40.49 24.58
N LEU D 347 -51.54 -39.86 24.21
CA LEU D 347 -50.49 -40.34 23.35
C LEU D 347 -49.35 -41.00 24.12
N SER D 348 -49.23 -42.30 23.82
CA SER D 348 -48.11 -43.09 24.28
C SER D 348 -46.94 -43.08 23.30
N LEU D 349 -45.94 -42.18 23.44
CA LEU D 349 -44.87 -42.04 22.47
C LEU D 349 -43.53 -42.28 23.14
N ARG D 350 -42.46 -42.74 22.47
CA ARG D 350 -41.21 -43.11 23.09
C ARG D 350 -39.96 -42.99 22.20
N ASN D 351 -38.75 -42.66 22.63
CA ASN D 351 -37.52 -42.58 21.86
C ASN D 351 -37.25 -43.85 21.06
N LEU D 352 -36.45 -43.84 19.99
CA LEU D 352 -36.18 -44.97 19.11
C LEU D 352 -34.86 -44.96 18.36
N ASP D 353 -34.24 -46.14 18.30
CA ASP D 353 -33.45 -46.61 17.18
C ASP D 353 -34.03 -47.96 16.77
N PRO D 354 -35.02 -47.97 15.87
CA PRO D 354 -35.95 -49.08 15.73
C PRO D 354 -35.35 -50.33 15.09
N ARG D 355 -36.18 -51.37 15.19
CA ARG D 355 -35.85 -52.76 14.91
C ARG D 355 -36.89 -53.48 14.07
N LEU D 356 -36.96 -52.87 12.88
CA LEU D 356 -37.51 -53.48 11.69
C LEU D 356 -36.74 -53.06 10.44
N LYS D 357 -37.01 -53.61 9.25
CA LYS D 357 -36.31 -53.28 8.03
C LYS D 357 -37.16 -52.27 7.27
N ASP D 358 -36.60 -51.44 6.39
CA ASP D 358 -35.28 -51.34 5.80
C ASP D 358 -34.69 -49.96 5.63
N ARG D 359 -35.46 -49.03 5.06
CA ARG D 359 -35.04 -47.72 4.59
C ARG D 359 -33.57 -47.61 4.18
N LEU D 360 -32.69 -46.94 4.90
CA LEU D 360 -31.52 -46.16 4.58
C LEU D 360 -30.40 -46.20 5.60
N GLN D 361 -29.23 -45.66 5.24
CA GLN D 361 -28.01 -45.75 6.01
C GLN D 361 -27.56 -44.45 6.67
N ILE D 362 -28.42 -43.79 7.44
CA ILE D 362 -28.00 -42.74 8.36
C ILE D 362 -29.08 -42.69 9.43
N PRO D 363 -28.79 -42.10 10.59
CA PRO D 363 -29.77 -41.75 11.60
C PRO D 363 -30.80 -40.67 11.32
N LYS D 364 -30.39 -39.76 10.43
CA LYS D 364 -31.08 -38.52 10.12
C LYS D 364 -32.54 -38.61 9.74
N ASP D 365 -32.92 -39.69 9.05
CA ASP D 365 -34.32 -39.85 8.75
C ASP D 365 -35.17 -40.44 9.88
N VAL D 366 -34.56 -41.00 10.93
CA VAL D 366 -35.15 -42.00 11.78
C VAL D 366 -35.05 -41.74 13.27
N ASN D 367 -34.16 -40.81 13.67
CA ASN D 367 -34.11 -40.18 14.98
C ASN D 367 -35.32 -39.26 15.09
N GLY D 368 -36.22 -39.48 16.04
CA GLY D 368 -37.55 -38.90 16.20
C GLY D 368 -38.22 -39.49 17.42
N VAL D 369 -39.48 -39.95 17.30
CA VAL D 369 -40.27 -40.65 18.29
C VAL D 369 -41.25 -41.72 17.85
N LEU D 370 -41.38 -42.89 18.47
CA LEU D 370 -42.17 -44.07 18.14
C LEU D 370 -43.51 -44.10 18.87
N VAL D 371 -44.54 -44.40 18.09
CA VAL D 371 -45.93 -44.25 18.46
C VAL D 371 -46.55 -45.60 18.82
N ASP D 372 -46.70 -45.89 20.10
CA ASP D 372 -47.39 -47.11 20.48
C ASP D 372 -48.90 -46.99 20.59
N SER D 373 -49.39 -45.86 21.12
CA SER D 373 -50.81 -45.68 21.14
C SER D 373 -51.22 -44.23 20.89
N VAL D 374 -52.32 -44.00 20.16
CA VAL D 374 -53.00 -42.75 19.90
C VAL D 374 -54.47 -42.82 20.30
N LYS D 375 -54.89 -41.90 21.17
CA LYS D 375 -56.21 -41.89 21.75
C LYS D 375 -57.15 -41.33 20.69
N GLU D 376 -58.37 -41.87 20.61
CA GLU D 376 -59.30 -41.43 19.59
C GLU D 376 -59.60 -39.94 19.51
N LYS D 377 -59.86 -39.27 20.65
CA LYS D 377 -60.29 -37.89 20.67
C LYS D 377 -59.21 -37.00 20.07
N SER D 378 -57.96 -37.45 19.99
CA SER D 378 -56.85 -36.56 19.73
C SER D 378 -56.79 -36.30 18.23
N LYS D 379 -56.47 -35.02 18.02
CA LYS D 379 -56.48 -34.32 16.75
C LYS D 379 -55.77 -35.03 15.61
N GLY D 380 -54.78 -35.85 15.97
CA GLY D 380 -54.21 -36.95 15.21
C GLY D 380 -55.16 -37.82 14.41
N LYS D 381 -56.14 -38.39 15.13
CA LYS D 381 -57.07 -39.40 14.69
C LYS D 381 -58.29 -38.81 13.99
N ASN D 382 -58.41 -37.48 13.94
CA ASN D 382 -59.25 -36.81 12.96
C ASN D 382 -58.69 -36.62 11.56
N SER D 383 -57.39 -36.92 11.44
CA SER D 383 -56.49 -36.35 10.46
C SER D 383 -55.51 -37.40 9.96
N GLY D 384 -55.80 -38.69 10.21
CA GLY D 384 -54.99 -39.77 9.69
C GLY D 384 -53.69 -40.17 10.39
N PHE D 385 -53.45 -39.82 11.65
CA PHE D 385 -52.40 -40.38 12.48
C PHE D 385 -52.81 -41.66 13.19
N GLN D 386 -51.89 -42.61 13.35
CA GLN D 386 -52.20 -44.02 13.45
C GLN D 386 -51.20 -44.63 14.43
N GLU D 387 -51.69 -45.73 15.01
CA GLU D 387 -50.84 -46.79 15.50
C GLU D 387 -49.96 -47.44 14.45
N GLY D 388 -48.67 -47.45 14.82
CA GLY D 388 -47.53 -47.89 14.05
C GLY D 388 -46.68 -46.89 13.28
N ASP D 389 -46.90 -45.61 13.55
CA ASP D 389 -46.16 -44.44 13.12
C ASP D 389 -44.93 -44.12 13.98
N ILE D 390 -44.17 -43.18 13.42
CA ILE D 390 -42.99 -42.60 14.03
C ILE D 390 -43.05 -41.13 13.65
N ILE D 391 -43.11 -40.18 14.59
CA ILE D 391 -43.03 -38.76 14.30
C ILE D 391 -41.58 -38.38 14.02
N ILE D 392 -41.31 -37.81 12.85
CA ILE D 392 -40.02 -37.23 12.51
C ILE D 392 -40.02 -35.70 12.49
N GLY D 393 -41.18 -35.12 12.20
CA GLY D 393 -41.36 -33.69 12.35
C GLY D 393 -42.76 -33.31 12.80
N VAL D 394 -42.87 -32.08 13.31
CA VAL D 394 -43.95 -31.59 14.12
C VAL D 394 -44.33 -30.17 13.73
N GLY D 395 -44.52 -29.86 12.45
CA GLY D 395 -44.84 -28.58 11.83
C GLY D 395 -43.77 -27.91 10.96
N GLN D 396 -43.25 -28.79 10.10
CA GLN D 396 -42.11 -28.67 9.21
C GLN D 396 -40.80 -28.48 9.94
N SER D 397 -40.80 -28.77 11.25
CA SER D 397 -39.68 -28.78 12.17
C SER D 397 -39.32 -30.22 12.51
N GLU D 398 -38.02 -30.56 12.38
CA GLU D 398 -37.61 -31.90 12.72
C GLU D 398 -37.41 -32.17 14.21
N ILE D 399 -37.55 -33.43 14.63
CA ILE D 399 -37.28 -33.85 15.99
C ILE D 399 -36.33 -35.04 16.10
N LYS D 400 -35.81 -35.35 17.29
CA LYS D 400 -34.92 -36.47 17.47
C LYS D 400 -35.31 -37.39 18.62
N ASN D 401 -36.21 -36.92 19.50
CA ASN D 401 -36.53 -37.50 20.77
C ASN D 401 -37.76 -36.89 21.45
N LEU D 402 -38.12 -37.51 22.57
CA LEU D 402 -39.26 -37.13 23.40
C LEU D 402 -39.16 -35.66 23.79
N LYS D 403 -37.98 -35.10 24.01
CA LYS D 403 -37.78 -33.69 24.32
C LYS D 403 -38.26 -32.77 23.20
N ASP D 404 -37.74 -33.01 21.99
CA ASP D 404 -38.02 -32.09 20.93
C ASP D 404 -39.37 -32.35 20.26
N LEU D 405 -40.05 -33.46 20.52
CA LEU D 405 -41.47 -33.69 20.34
C LEU D 405 -42.24 -32.79 21.29
N GLU D 406 -41.96 -32.90 22.59
CA GLU D 406 -42.78 -32.34 23.64
C GLU D 406 -42.63 -30.83 23.69
N GLN D 407 -41.43 -30.35 23.34
CA GLN D 407 -41.26 -28.93 23.06
C GLN D 407 -42.06 -28.43 21.87
N ALA D 408 -42.25 -29.17 20.78
CA ALA D 408 -42.99 -28.73 19.62
C ALA D 408 -44.48 -29.02 19.81
N LEU D 409 -44.87 -30.00 20.63
CA LEU D 409 -46.27 -30.15 20.99
C LEU D 409 -46.68 -29.09 22.00
N LYS D 410 -45.84 -28.54 22.89
CA LYS D 410 -46.08 -27.28 23.57
C LYS D 410 -46.29 -26.08 22.65
N GLN D 411 -45.84 -26.09 21.39
CA GLN D 411 -46.03 -25.17 20.29
C GLN D 411 -47.25 -25.47 19.42
N VAL D 412 -47.85 -26.66 19.40
CA VAL D 412 -48.96 -26.95 18.53
C VAL D 412 -50.27 -26.33 18.97
N ASN D 413 -50.48 -25.83 20.18
CA ASN D 413 -51.60 -24.94 20.42
C ASN D 413 -51.49 -23.49 19.98
N LYS D 414 -50.43 -23.23 19.21
CA LYS D 414 -50.28 -22.00 18.47
C LYS D 414 -50.34 -22.27 16.97
N LYS D 415 -50.84 -23.42 16.51
CA LYS D 415 -50.88 -24.00 15.18
C LYS D 415 -52.29 -24.54 15.00
N GLU D 416 -53.14 -23.86 14.21
CA GLU D 416 -54.51 -24.23 13.94
C GLU D 416 -54.69 -25.63 13.37
N PHE D 417 -53.65 -26.07 12.65
CA PHE D 417 -53.30 -27.43 12.25
C PHE D 417 -51.79 -27.52 12.27
N THR D 418 -51.28 -28.73 12.55
CA THR D 418 -49.88 -29.08 12.44
C THR D 418 -49.59 -29.98 11.25
N LYS D 419 -48.53 -29.59 10.54
CA LYS D 419 -47.81 -30.36 9.54
C LYS D 419 -46.72 -31.20 10.18
N VAL D 420 -47.23 -32.20 10.90
CA VAL D 420 -46.39 -33.31 11.31
C VAL D 420 -46.10 -34.21 10.11
N TRP D 421 -44.94 -34.88 10.12
CA TRP D 421 -44.58 -35.90 9.16
C TRP D 421 -44.18 -37.19 9.86
N VAL D 422 -44.79 -38.29 9.43
CA VAL D 422 -44.84 -39.53 10.18
C VAL D 422 -44.48 -40.68 9.26
N TYR D 423 -43.43 -41.40 9.67
CA TYR D 423 -42.93 -42.63 9.08
C TYR D 423 -43.69 -43.88 9.50
N ARG D 424 -44.34 -44.46 8.49
CA ARG D 424 -44.93 -45.79 8.50
C ARG D 424 -43.93 -46.84 8.04
N ASN D 425 -44.28 -48.13 8.09
CA ASN D 425 -43.43 -49.28 7.87
C ASN D 425 -42.62 -49.10 6.59
N GLY D 426 -42.95 -48.37 5.53
CA GLY D 426 -41.98 -47.95 4.52
C GLY D 426 -41.97 -46.48 4.09
N PHE D 427 -42.71 -45.50 4.59
CA PHE D 427 -42.59 -44.18 3.99
C PHE D 427 -43.12 -43.19 5.02
N ALA D 428 -42.64 -41.94 4.97
CA ALA D 428 -43.11 -40.80 5.72
C ALA D 428 -44.16 -39.95 5.02
N THR D 429 -45.36 -39.95 5.58
CA THR D 429 -46.46 -39.14 5.06
C THR D 429 -46.77 -37.89 5.85
N LEU D 430 -47.28 -36.89 5.10
CA LEU D 430 -47.53 -35.55 5.60
C LEU D 430 -48.99 -35.39 6.00
N LEU D 431 -49.31 -34.78 7.14
CA LEU D 431 -50.66 -34.73 7.67
C LEU D 431 -51.24 -33.37 8.04
N VAL D 432 -52.51 -33.19 8.42
CA VAL D 432 -53.12 -31.90 8.70
C VAL D 432 -53.89 -31.96 10.02
N LEU D 433 -53.17 -31.91 11.14
CA LEU D 433 -53.78 -32.25 12.41
C LEU D 433 -54.71 -31.16 12.93
N LYS D 434 -56.02 -31.26 12.65
CA LYS D 434 -57.01 -30.37 13.21
C LYS D 434 -58.14 -31.09 13.94
N VAL E 1 -76.41 19.00 -2.40
CA VAL E 1 -75.21 18.76 -1.58
C VAL E 1 -74.67 20.15 -1.25
N LEU E 2 -74.19 20.21 -0.01
CA LEU E 2 -73.49 21.39 0.46
C LEU E 2 -72.02 21.27 0.07
N SER E 3 -71.48 22.36 -0.48
CA SER E 3 -70.12 22.62 -0.92
C SER E 3 -69.76 24.08 -0.79
N TYR E 4 -68.50 24.34 -0.43
CA TYR E 4 -68.00 25.69 -0.32
C TYR E 4 -67.10 25.97 -1.53
N HIS E 5 -67.52 25.46 -2.69
CA HIS E 5 -67.05 25.85 -4.00
C HIS E 5 -67.40 27.28 -4.37
N ASP E 6 -68.31 27.88 -3.60
CA ASP E 6 -68.78 29.24 -3.82
C ASP E 6 -67.64 30.23 -3.70
N SER E 7 -66.53 30.06 -2.96
CA SER E 7 -65.41 30.98 -2.87
C SER E 7 -64.31 30.63 -3.86
N ILE E 8 -64.24 29.33 -4.15
CA ILE E 8 -63.31 28.79 -5.13
C ILE E 8 -63.69 29.22 -6.54
N LYS E 9 -64.97 29.39 -6.85
CA LYS E 9 -65.45 29.98 -8.08
C LYS E 9 -64.88 31.38 -8.24
N ASP E 10 -64.97 32.28 -7.27
CA ASP E 10 -64.60 33.67 -7.45
C ASP E 10 -63.14 33.96 -7.15
N ALA E 11 -62.51 33.17 -6.27
CA ALA E 11 -61.11 33.38 -5.92
C ALA E 11 -60.19 32.99 -7.08
N LYS E 12 -60.50 31.98 -7.88
CA LYS E 12 -59.74 31.76 -9.11
C LYS E 12 -59.66 32.96 -10.05
N LYS E 13 -60.70 33.78 -10.19
CA LYS E 13 -60.76 34.91 -11.09
C LYS E 13 -59.77 36.02 -10.75
N SER E 14 -59.16 35.94 -9.56
CA SER E 14 -58.12 36.84 -9.10
C SER E 14 -56.80 36.15 -8.82
N VAL E 15 -56.79 34.93 -8.26
CA VAL E 15 -55.67 34.08 -7.84
C VAL E 15 -54.93 33.53 -9.04
N VAL E 16 -54.01 34.32 -9.59
CA VAL E 16 -53.25 33.97 -10.77
C VAL E 16 -52.24 32.85 -10.50
N ASN E 17 -51.97 31.98 -11.47
CA ASN E 17 -50.71 31.25 -11.39
C ASN E 17 -49.66 31.87 -12.29
N ILE E 18 -48.37 31.60 -12.10
CA ILE E 18 -47.27 32.31 -12.71
C ILE E 18 -46.32 31.29 -13.33
N SER E 19 -45.84 31.60 -14.54
CA SER E 19 -44.75 31.05 -15.33
C SER E 19 -43.61 32.04 -15.45
N THR E 20 -42.83 32.17 -14.38
CA THR E 20 -41.96 33.29 -14.09
C THR E 20 -40.72 33.09 -14.95
N SER E 21 -40.76 33.51 -16.20
CA SER E 21 -39.67 33.27 -17.13
C SER E 21 -38.51 34.20 -16.80
N LYS E 22 -37.61 33.81 -15.90
CA LYS E 22 -36.33 34.48 -15.70
C LYS E 22 -35.17 33.53 -15.98
N THR E 23 -34.10 34.24 -16.34
CA THR E 23 -32.83 33.62 -16.65
C THR E 23 -31.97 33.48 -15.41
N ILE E 24 -32.20 34.19 -14.31
CA ILE E 24 -31.54 34.07 -13.03
C ILE E 24 -32.52 33.40 -12.08
N THR E 25 -32.61 32.07 -12.03
CA THR E 25 -33.14 31.25 -10.96
C THR E 25 -32.01 30.76 -10.07
N ARG E 26 -31.46 31.67 -9.27
CA ARG E 26 -30.47 31.37 -8.25
C ARG E 26 -30.90 31.82 -6.86
N ALA E 27 -31.90 32.70 -6.72
CA ALA E 27 -32.39 33.04 -5.40
C ALA E 27 -33.39 31.97 -4.97
N ASN E 28 -34.26 31.43 -5.82
CA ASN E 28 -35.15 30.32 -5.60
C ASN E 28 -34.45 29.02 -5.98
N ARG E 29 -33.39 28.61 -5.29
CA ARG E 29 -32.60 27.39 -5.45
C ARG E 29 -32.90 26.34 -4.40
N PRO E 30 -33.01 25.05 -4.69
CA PRO E 30 -33.29 24.05 -3.68
C PRO E 30 -32.04 23.87 -2.84
N SER E 31 -32.11 24.12 -1.52
CA SER E 31 -30.94 24.13 -0.66
C SER E 31 -30.40 22.71 -0.68
N PRO E 32 -29.14 22.50 -0.29
CA PRO E 32 -28.57 21.17 -0.24
C PRO E 32 -29.12 20.18 0.76
N LEU E 33 -30.04 19.33 0.30
CA LEU E 33 -30.84 18.37 1.04
C LEU E 33 -31.10 17.12 0.23
N ASP E 34 -31.45 16.03 0.91
CA ASP E 34 -31.72 14.72 0.33
C ASP E 34 -33.15 14.56 -0.15
N ASP E 35 -33.83 15.57 -0.72
CA ASP E 35 -34.98 15.36 -1.55
C ASP E 35 -34.69 14.56 -2.82
N PHE E 36 -35.74 13.89 -3.33
CA PHE E 36 -35.58 12.83 -4.31
C PHE E 36 -34.68 13.30 -5.46
N PHE E 37 -33.52 12.66 -5.64
CA PHE E 37 -32.43 13.15 -6.46
C PHE E 37 -31.72 11.96 -7.07
N ASN E 38 -30.96 12.26 -8.13
CA ASN E 38 -30.50 11.31 -9.13
C ASN E 38 -31.64 10.70 -9.96
N ASP E 39 -32.89 10.61 -9.50
CA ASP E 39 -33.98 10.07 -10.26
C ASP E 39 -35.06 11.07 -10.69
N PRO E 40 -35.03 12.38 -10.48
CA PRO E 40 -36.22 13.21 -10.64
C PRO E 40 -36.82 13.31 -12.03
N TYR E 41 -38.14 13.13 -12.12
CA TYR E 41 -38.96 13.21 -13.30
C TYR E 41 -39.35 14.67 -13.50
N PHE E 42 -40.63 14.96 -13.28
CA PHE E 42 -41.15 16.32 -13.19
C PHE E 42 -40.80 16.82 -11.79
N LYS E 43 -40.76 18.15 -11.60
CA LYS E 43 -40.52 18.75 -10.31
C LYS E 43 -41.65 18.46 -9.33
N GLN E 44 -41.26 18.20 -8.08
CA GLN E 44 -42.14 17.98 -6.94
C GLN E 44 -43.05 16.78 -7.15
N PHE E 45 -42.50 15.74 -7.80
CA PHE E 45 -43.17 14.45 -7.78
C PHE E 45 -42.61 13.48 -6.77
N PHE E 46 -43.06 12.22 -6.73
CA PHE E 46 -42.30 11.21 -6.04
C PHE E 46 -42.38 9.83 -6.65
N ASP E 47 -43.31 9.51 -7.55
CA ASP E 47 -43.45 8.26 -8.27
C ASP E 47 -42.27 7.89 -9.17
N PHE E 48 -42.38 6.71 -9.77
CA PHE E 48 -41.40 6.05 -10.61
C PHE E 48 -41.64 6.31 -12.08
N ASP E 49 -41.19 5.46 -13.00
CA ASP E 49 -41.34 5.69 -14.43
C ASP E 49 -42.77 5.71 -14.94
N PHE E 50 -43.59 6.68 -14.53
CA PHE E 50 -44.89 6.95 -15.12
C PHE E 50 -44.70 7.23 -16.61
N PRO E 51 -45.56 6.71 -17.49
CA PRO E 51 -45.50 6.89 -18.92
C PRO E 51 -45.61 8.30 -19.50
N GLN E 52 -45.66 9.42 -18.77
CA GLN E 52 -45.64 10.76 -19.33
C GLN E 52 -44.24 11.26 -18.96
N ARG E 53 -43.40 11.36 -19.99
CA ARG E 53 -42.01 11.77 -19.88
C ARG E 53 -41.95 13.29 -19.89
N LYS E 54 -40.76 13.90 -19.73
CA LYS E 54 -40.57 15.33 -19.60
C LYS E 54 -41.50 16.09 -20.53
N GLY E 55 -42.05 17.21 -20.09
CA GLY E 55 -43.11 18.01 -20.65
C GLY E 55 -43.77 18.92 -19.64
N LYS E 56 -44.26 18.38 -18.52
CA LYS E 56 -45.23 19.03 -17.67
C LYS E 56 -44.71 20.06 -16.67
N ASN E 57 -43.78 19.61 -15.83
CA ASN E 57 -43.04 20.49 -14.95
C ASN E 57 -41.54 20.28 -14.77
N ASP E 58 -40.68 21.14 -15.33
CA ASP E 58 -39.23 21.04 -15.41
C ASP E 58 -38.57 22.38 -15.67
N LYS E 59 -39.39 23.23 -16.30
CA LYS E 59 -39.03 24.58 -16.69
C LYS E 59 -38.52 25.47 -15.56
N GLU E 60 -38.92 25.12 -14.34
CA GLU E 60 -38.80 25.87 -13.10
C GLU E 60 -37.34 26.16 -12.82
N VAL E 61 -36.29 25.40 -13.17
CA VAL E 61 -34.89 25.56 -12.87
C VAL E 61 -34.26 26.69 -13.67
N VAL E 62 -35.01 27.20 -14.65
CA VAL E 62 -34.70 28.43 -15.35
C VAL E 62 -36.00 29.19 -15.56
N SER E 63 -36.83 29.31 -14.52
CA SER E 63 -38.09 30.02 -14.47
C SER E 63 -38.52 30.19 -13.02
N SER E 64 -39.82 30.26 -12.73
CA SER E 64 -40.50 29.72 -11.57
C SER E 64 -41.92 29.25 -11.83
N LEU E 65 -42.44 28.30 -11.06
CA LEU E 65 -43.87 28.08 -10.97
C LEU E 65 -44.38 28.85 -9.76
N GLY E 66 -45.51 29.57 -9.95
CA GLY E 66 -46.08 30.38 -8.89
C GLY E 66 -47.57 30.65 -8.82
N SER E 67 -47.94 31.52 -7.89
CA SER E 67 -49.30 31.94 -7.61
C SER E 67 -49.25 33.25 -6.85
N GLY E 68 -50.24 34.07 -7.19
CA GLY E 68 -50.38 35.46 -6.81
C GLY E 68 -51.84 35.91 -6.83
N VAL E 69 -52.17 37.15 -6.49
CA VAL E 69 -53.55 37.62 -6.49
C VAL E 69 -53.64 39.07 -6.93
N ILE E 70 -54.63 39.37 -7.77
CA ILE E 70 -54.86 40.68 -8.35
C ILE E 70 -55.50 41.53 -7.26
N ILE E 71 -54.86 42.59 -6.77
CA ILE E 71 -55.22 43.39 -5.62
C ILE E 71 -56.06 44.61 -5.97
N SER E 72 -55.95 45.17 -7.18
CA SER E 72 -56.85 46.14 -7.76
C SER E 72 -57.09 45.90 -9.25
N LYS E 73 -58.30 46.23 -9.71
CA LYS E 73 -58.81 46.25 -11.06
C LYS E 73 -57.95 47.02 -12.04
N ASP E 74 -56.90 47.70 -11.57
CA ASP E 74 -55.89 48.24 -12.45
C ASP E 74 -55.02 47.16 -13.07
N GLY E 75 -55.04 45.94 -12.50
CA GLY E 75 -54.40 44.73 -12.97
C GLY E 75 -53.16 44.45 -12.12
N TYR E 76 -53.12 44.85 -10.86
CA TYR E 76 -51.96 44.92 -9.98
C TYR E 76 -51.85 43.74 -9.04
N ILE E 77 -51.06 42.70 -9.37
CA ILE E 77 -50.91 41.43 -8.68
C ILE E 77 -49.86 41.53 -7.58
N VAL E 78 -49.86 40.61 -6.61
CA VAL E 78 -48.85 40.49 -5.59
C VAL E 78 -48.41 39.03 -5.54
N THR E 79 -47.13 38.75 -5.28
CA THR E 79 -46.53 37.45 -5.12
C THR E 79 -45.24 37.65 -4.33
N ASN E 80 -44.62 36.58 -3.84
CA ASN E 80 -43.41 36.62 -3.03
C ASN E 80 -42.24 37.07 -3.89
N ASN E 81 -41.39 37.87 -3.23
CA ASN E 81 -40.25 38.37 -3.97
C ASN E 81 -39.25 37.32 -4.41
N HIS E 82 -38.96 36.28 -3.61
CA HIS E 82 -38.20 35.11 -4.01
C HIS E 82 -38.59 34.41 -5.31
N VAL E 83 -39.89 34.39 -5.58
CA VAL E 83 -40.49 33.85 -6.78
C VAL E 83 -40.13 34.69 -8.01
N VAL E 84 -40.37 36.00 -8.06
CA VAL E 84 -40.13 36.93 -9.14
C VAL E 84 -38.82 37.70 -9.02
N ASP E 85 -37.88 37.40 -8.12
CA ASP E 85 -36.59 38.04 -7.95
C ASP E 85 -35.78 37.88 -9.23
N ASP E 86 -35.27 38.92 -9.88
CA ASP E 86 -34.92 38.94 -11.29
C ASP E 86 -36.10 38.76 -12.24
N ALA E 87 -37.01 39.74 -12.29
CA ALA E 87 -38.36 39.56 -12.79
C ALA E 87 -38.45 39.69 -14.30
N ASP E 88 -37.54 39.14 -15.11
CA ASP E 88 -37.41 39.49 -16.52
C ASP E 88 -38.68 39.37 -17.34
N THR E 89 -39.33 38.23 -17.54
CA THR E 89 -40.57 38.06 -18.28
C THR E 89 -41.57 37.30 -17.42
N ILE E 90 -42.06 37.97 -16.38
CA ILE E 90 -43.07 37.47 -15.48
C ILE E 90 -44.44 37.14 -16.05
N THR E 91 -44.53 36.16 -16.96
CA THR E 91 -45.65 35.65 -17.72
C THR E 91 -46.57 34.95 -16.73
N VAL E 92 -47.88 35.20 -16.81
CA VAL E 92 -48.92 34.74 -15.91
C VAL E 92 -49.85 33.82 -16.70
N ASN E 93 -50.63 33.03 -15.96
CA ASN E 93 -51.64 32.11 -16.44
C ASN E 93 -52.73 32.09 -15.38
N LEU E 94 -53.80 32.86 -15.60
CA LEU E 94 -54.87 33.10 -14.65
C LEU E 94 -56.01 32.09 -14.73
N PRO E 95 -56.20 31.18 -13.77
CA PRO E 95 -57.32 30.26 -13.70
C PRO E 95 -58.68 30.97 -13.75
N GLY E 96 -59.34 30.73 -14.88
CA GLY E 96 -60.64 31.27 -15.27
C GLY E 96 -60.52 32.31 -16.37
N SER E 97 -59.33 32.60 -16.91
CA SER E 97 -59.27 33.26 -18.19
C SER E 97 -58.10 32.84 -19.07
N ASP E 98 -57.12 32.13 -18.52
CA ASP E 98 -56.00 31.51 -19.21
C ASP E 98 -55.11 32.46 -19.99
N ILE E 99 -55.16 33.76 -19.65
CA ILE E 99 -54.40 34.80 -20.29
C ILE E 99 -52.91 34.82 -19.99
N GLU E 100 -52.12 34.69 -21.06
CA GLU E 100 -50.72 34.31 -21.08
C GLU E 100 -49.83 35.43 -21.61
N TYR E 101 -50.19 36.64 -21.15
CA TYR E 101 -49.29 37.78 -21.17
C TYR E 101 -48.19 37.82 -20.11
N LYS E 102 -47.09 38.48 -20.44
CA LYS E 102 -46.17 39.15 -19.53
C LYS E 102 -46.97 40.10 -18.64
N ALA E 103 -46.35 40.52 -17.55
CA ALA E 103 -46.70 41.53 -16.57
C ALA E 103 -45.50 42.43 -16.28
N LYS E 104 -45.64 43.63 -15.73
CA LYS E 104 -44.54 44.54 -15.43
C LYS E 104 -44.35 44.61 -13.92
N LEU E 105 -43.13 44.44 -13.40
CA LEU E 105 -42.78 44.72 -12.03
C LEU E 105 -42.92 46.20 -11.71
N ILE E 106 -43.93 46.53 -10.89
CA ILE E 106 -44.08 47.85 -10.33
C ILE E 106 -43.02 48.00 -9.26
N GLY E 107 -42.64 46.94 -8.54
CA GLY E 107 -41.65 46.98 -7.48
C GLY E 107 -41.67 45.75 -6.57
N LYS E 108 -40.50 45.46 -5.98
CA LYS E 108 -40.24 44.45 -4.98
C LYS E 108 -39.67 45.07 -3.70
N ASP E 109 -39.93 44.38 -2.59
CA ASP E 109 -39.26 44.60 -1.32
C ASP E 109 -38.97 43.26 -0.65
N PRO E 110 -37.71 42.80 -0.74
CA PRO E 110 -37.15 41.65 -0.07
C PRO E 110 -37.07 41.60 1.44
N LYS E 111 -37.57 42.59 2.20
CA LYS E 111 -37.54 42.58 3.66
C LYS E 111 -38.84 42.01 4.22
N THR E 112 -39.99 42.31 3.62
CA THR E 112 -41.20 41.53 3.68
C THR E 112 -41.36 40.47 2.60
N ASP E 113 -40.45 40.46 1.62
CA ASP E 113 -40.32 39.61 0.45
C ASP E 113 -41.65 39.64 -0.30
N LEU E 114 -42.09 40.83 -0.73
CA LEU E 114 -43.31 40.97 -1.48
C LEU E 114 -43.07 41.75 -2.77
N ALA E 115 -43.93 41.64 -3.78
CA ALA E 115 -43.77 42.38 -5.02
C ALA E 115 -45.07 42.90 -5.59
N VAL E 116 -45.31 44.13 -6.06
CA VAL E 116 -46.45 44.53 -6.85
C VAL E 116 -46.15 44.54 -8.35
N ILE E 117 -47.04 44.09 -9.24
CA ILE E 117 -46.72 43.67 -10.59
C ILE E 117 -47.90 44.05 -11.48
N LYS E 118 -47.80 44.78 -12.60
CA LYS E 118 -48.95 45.01 -13.45
C LYS E 118 -49.19 43.99 -14.57
N ILE E 119 -50.18 43.10 -14.47
CA ILE E 119 -50.55 42.24 -15.58
C ILE E 119 -51.29 43.08 -16.61
N GLU E 120 -50.65 43.08 -17.79
CA GLU E 120 -50.85 44.08 -18.81
C GLU E 120 -52.06 43.88 -19.72
N ALA E 121 -53.16 43.39 -19.13
CA ALA E 121 -54.48 43.24 -19.72
C ALA E 121 -55.55 44.15 -19.13
N ASN E 122 -56.80 43.98 -19.55
CA ASN E 122 -58.00 44.72 -19.21
C ASN E 122 -59.03 43.76 -18.64
N ASN E 123 -60.01 44.43 -18.03
CA ASN E 123 -60.99 43.91 -17.09
C ASN E 123 -60.45 42.81 -16.18
N LEU E 124 -59.25 43.00 -15.66
CA LEU E 124 -58.70 42.11 -14.65
C LEU E 124 -59.44 42.31 -13.33
N SER E 125 -59.33 41.34 -12.42
CA SER E 125 -60.03 41.50 -11.16
C SER E 125 -59.38 42.35 -10.09
N ALA E 126 -60.10 42.53 -8.97
CA ALA E 126 -59.51 42.67 -7.65
C ALA E 126 -59.69 41.46 -6.73
N ILE E 127 -59.40 41.61 -5.43
CA ILE E 127 -59.96 40.76 -4.39
C ILE E 127 -60.46 41.61 -3.24
N THR E 128 -61.59 41.26 -2.64
CA THR E 128 -62.12 41.86 -1.43
C THR E 128 -61.11 41.75 -0.30
N PHE E 129 -60.51 42.86 0.13
CA PHE E 129 -59.51 42.96 1.17
C PHE E 129 -60.10 43.24 2.54
N THR E 130 -60.63 42.25 3.24
CA THR E 130 -60.95 42.24 4.66
C THR E 130 -59.75 42.30 5.59
N ASN E 131 -59.99 42.70 6.84
CA ASN E 131 -58.93 42.96 7.79
C ASN E 131 -58.60 41.71 8.60
N SER E 132 -57.33 41.32 8.47
CA SER E 132 -56.76 40.11 9.02
C SER E 132 -56.68 40.00 10.53
N ASP E 133 -57.01 41.09 11.23
CA ASP E 133 -57.09 41.10 12.68
C ASP E 133 -58.54 41.07 13.11
N ASP E 134 -59.53 41.11 12.23
CA ASP E 134 -60.89 40.70 12.54
C ASP E 134 -61.18 39.30 13.05
N LEU E 135 -60.09 38.55 13.23
CA LEU E 135 -60.02 37.12 13.05
C LEU E 135 -59.71 36.36 14.33
N MET E 136 -60.14 35.10 14.41
CA MET E 136 -59.89 34.25 15.56
C MET E 136 -59.23 32.92 15.23
N GLU E 137 -58.72 32.23 16.25
CA GLU E 137 -58.30 30.84 16.18
C GLU E 137 -59.53 29.95 15.96
N GLY E 138 -59.36 28.83 15.26
CA GLY E 138 -60.45 28.00 14.80
C GLY E 138 -61.39 28.60 13.76
N ASP E 139 -61.11 29.83 13.34
CA ASP E 139 -61.92 30.49 12.34
C ASP E 139 -61.89 29.78 10.99
N VAL E 140 -63.01 29.77 10.29
CA VAL E 140 -63.11 29.07 9.01
C VAL E 140 -62.60 29.71 7.73
N VAL E 141 -61.78 28.95 7.01
CA VAL E 141 -60.92 29.35 5.90
C VAL E 141 -60.69 28.35 4.78
N PHE E 142 -60.03 28.81 3.71
CA PHE E 142 -59.64 28.08 2.52
C PHE E 142 -58.30 28.58 2.04
N ALA E 143 -57.44 27.73 1.46
CA ALA E 143 -56.03 27.94 1.23
C ALA E 143 -55.80 27.60 -0.24
N LEU E 144 -55.38 28.59 -1.02
CA LEU E 144 -55.51 28.63 -2.46
C LEU E 144 -54.23 28.71 -3.28
N GLY E 145 -54.12 28.35 -4.56
CA GLY E 145 -53.05 28.72 -5.46
C GLY E 145 -52.90 27.52 -6.37
N ASN E 146 -51.66 27.14 -6.71
CA ASN E 146 -51.33 25.93 -7.45
C ASN E 146 -50.31 25.05 -6.74
N PRO E 147 -50.71 24.11 -5.88
CA PRO E 147 -49.79 23.27 -5.14
C PRO E 147 -48.96 22.35 -6.02
N PHE E 148 -47.67 22.65 -6.14
CA PHE E 148 -46.73 22.05 -7.06
C PHE E 148 -47.17 21.85 -8.50
N GLY E 149 -47.89 22.77 -9.16
CA GLY E 149 -48.05 22.66 -10.59
C GLY E 149 -48.95 21.53 -11.07
N VAL E 150 -50.03 21.29 -10.32
CA VAL E 150 -51.11 20.41 -10.70
C VAL E 150 -52.21 21.14 -11.47
N GLY E 151 -52.19 22.48 -11.48
CA GLY E 151 -53.25 23.43 -11.71
C GLY E 151 -53.84 23.98 -10.42
N PHE E 152 -54.76 24.93 -10.59
CA PHE E 152 -55.37 25.62 -9.46
C PHE E 152 -56.24 24.58 -8.76
N SER E 153 -56.01 24.41 -7.46
CA SER E 153 -56.77 23.57 -6.56
C SER E 153 -56.81 24.23 -5.19
N VAL E 154 -57.89 24.09 -4.42
CA VAL E 154 -58.13 24.80 -3.18
C VAL E 154 -58.51 23.77 -2.13
N THR E 155 -58.16 24.08 -0.88
CA THR E 155 -58.35 23.27 0.30
C THR E 155 -59.05 24.07 1.39
N SER E 156 -59.73 23.44 2.36
CA SER E 156 -60.53 24.03 3.40
C SER E 156 -60.03 23.70 4.80
N GLY E 157 -60.05 24.64 5.74
CA GLY E 157 -59.60 24.41 7.10
C GLY E 157 -59.94 25.49 8.12
N ILE E 158 -59.17 25.40 9.21
CA ILE E 158 -59.46 26.25 10.35
C ILE E 158 -58.19 26.75 11.03
N ILE E 159 -58.21 28.02 11.45
CA ILE E 159 -57.04 28.64 12.03
C ILE E 159 -56.46 27.80 13.16
N SER E 160 -55.12 27.65 13.22
CA SER E 160 -54.45 26.97 14.32
C SER E 160 -53.56 27.93 15.10
N ALA E 161 -53.07 29.05 14.56
CA ALA E 161 -52.41 29.99 15.43
C ALA E 161 -52.33 31.37 14.79
N LEU E 162 -51.96 32.39 15.57
CA LEU E 162 -52.14 33.76 15.15
C LEU E 162 -50.88 34.60 15.24
N ASN E 163 -50.77 35.67 14.45
CA ASN E 163 -49.86 36.79 14.59
C ASN E 163 -48.49 36.49 15.17
N LYS E 164 -47.63 35.75 14.48
CA LYS E 164 -46.40 35.11 14.92
C LYS E 164 -45.19 35.42 14.03
N ASP E 165 -44.15 36.05 14.60
CA ASP E 165 -42.79 36.06 14.09
C ASP E 165 -42.03 35.03 14.92
N ASN E 166 -40.75 35.32 15.24
CA ASN E 166 -39.74 34.28 15.24
C ASN E 166 -39.53 33.43 13.99
N ILE E 167 -39.97 33.79 12.79
CA ILE E 167 -40.07 32.90 11.66
C ILE E 167 -39.04 33.19 10.58
N GLY E 168 -38.69 34.48 10.45
CA GLY E 168 -37.43 34.95 9.91
C GLY E 168 -37.03 34.48 8.52
N LEU E 169 -38.00 34.26 7.63
CA LEU E 169 -37.70 33.71 6.33
C LEU E 169 -37.14 34.82 5.46
N ASN E 170 -37.36 36.09 5.81
CA ASN E 170 -36.69 37.27 5.29
C ASN E 170 -36.34 38.27 6.39
N GLN E 171 -37.20 39.18 6.86
CA GLN E 171 -36.82 40.21 7.81
C GLN E 171 -37.93 40.90 8.59
N TYR E 172 -39.11 40.96 7.99
CA TYR E 172 -40.39 41.42 8.49
C TYR E 172 -41.47 40.35 8.33
N GLU E 173 -42.09 40.01 9.46
CA GLU E 173 -42.92 38.83 9.58
C GLU E 173 -44.07 38.98 10.56
N ASN E 174 -45.25 38.44 10.26
CA ASN E 174 -46.42 38.41 11.13
C ASN E 174 -47.40 37.28 10.90
N PHE E 175 -46.84 36.12 10.55
CA PHE E 175 -47.59 34.96 10.11
C PHE E 175 -48.73 34.44 10.98
N ILE E 176 -49.90 34.23 10.39
CA ILE E 176 -50.99 33.43 10.91
C ILE E 176 -50.76 31.98 10.47
N GLN E 177 -51.45 30.98 11.00
CA GLN E 177 -51.21 29.57 10.76
C GLN E 177 -52.54 28.84 10.62
N THR E 178 -52.61 27.88 9.70
CA THR E 178 -53.75 26.98 9.50
C THR E 178 -53.47 25.52 9.15
N ASP E 179 -54.46 24.64 9.04
CA ASP E 179 -54.30 23.20 8.89
C ASP E 179 -54.36 22.86 7.41
N ALA E 180 -54.88 23.78 6.61
CA ALA E 180 -55.19 23.52 5.22
C ALA E 180 -53.97 23.39 4.31
N SER E 181 -53.96 22.38 3.43
CA SER E 181 -52.84 21.91 2.66
C SER E 181 -52.46 22.93 1.58
N ILE E 182 -51.19 23.31 1.57
CA ILE E 182 -50.53 24.38 0.83
C ILE E 182 -49.13 23.85 0.55
N ASN E 183 -48.62 23.77 -0.67
CA ASN E 183 -47.26 23.40 -1.02
C ASN E 183 -46.52 24.57 -1.64
N PRO E 184 -45.18 24.54 -1.73
CA PRO E 184 -44.54 25.48 -2.62
C PRO E 184 -45.18 25.49 -4.01
N GLY E 185 -45.30 26.66 -4.64
CA GLY E 185 -46.14 26.85 -5.80
C GLY E 185 -47.48 27.49 -5.45
N ASN E 186 -48.02 27.39 -4.24
CA ASN E 186 -48.79 28.34 -3.46
C ASN E 186 -47.88 29.40 -2.85
N SER E 187 -46.67 29.67 -3.35
CA SER E 187 -45.70 30.61 -2.81
C SER E 187 -46.07 32.05 -3.13
N GLY E 188 -47.20 32.50 -2.59
CA GLY E 188 -48.00 33.67 -2.91
C GLY E 188 -49.46 33.33 -3.16
N GLY E 189 -49.79 32.08 -2.84
CA GLY E 189 -51.14 31.59 -2.71
C GLY E 189 -51.96 32.21 -1.57
N ALA E 190 -53.25 32.47 -1.80
CA ALA E 190 -54.04 33.22 -0.87
C ALA E 190 -54.57 32.33 0.25
N LEU E 191 -55.04 32.95 1.34
CA LEU E 191 -56.00 32.41 2.30
C LEU E 191 -57.20 33.33 2.15
N VAL E 192 -58.40 32.73 2.13
CA VAL E 192 -59.58 33.57 2.07
C VAL E 192 -60.54 32.87 3.03
N ASP E 193 -61.52 33.60 3.53
CA ASP E 193 -62.37 33.11 4.60
C ASP E 193 -63.60 32.47 3.99
N SER E 194 -64.38 31.85 4.89
CA SER E 194 -65.70 31.32 4.62
C SER E 194 -66.55 32.23 3.75
N ARG E 195 -66.39 33.54 3.58
CA ARG E 195 -67.10 34.47 2.73
C ARG E 195 -66.50 34.70 1.34
N GLY E 196 -65.22 34.37 1.21
CA GLY E 196 -64.32 34.49 0.09
C GLY E 196 -63.36 35.67 0.18
N TYR E 197 -63.24 36.40 1.29
CA TYR E 197 -62.42 37.59 1.46
C TYR E 197 -61.00 37.29 1.86
N LEU E 198 -60.04 38.11 1.43
CA LEU E 198 -58.62 38.02 1.77
C LEU E 198 -58.38 38.30 3.25
N VAL E 199 -57.82 37.28 3.90
CA VAL E 199 -57.37 37.31 5.29
C VAL E 199 -55.89 36.96 5.35
N GLY E 200 -55.29 36.40 4.30
CA GLY E 200 -53.90 36.00 4.37
C GLY E 200 -53.21 35.48 3.11
N ILE E 201 -51.87 35.41 3.08
CA ILE E 201 -51.07 35.18 1.90
C ILE E 201 -49.96 34.19 2.23
N ASN E 202 -50.12 32.94 1.80
CA ASN E 202 -49.22 31.81 1.91
C ASN E 202 -47.84 32.13 1.37
N SER E 203 -46.77 31.46 1.82
CA SER E 203 -45.42 31.55 1.31
C SER E 203 -44.59 30.31 1.62
N ALA E 204 -44.43 29.88 2.88
CA ALA E 204 -43.68 28.71 3.29
C ALA E 204 -44.54 27.95 4.29
N ILE E 205 -44.09 26.72 4.58
CA ILE E 205 -44.81 25.77 5.41
C ILE E 205 -43.79 25.13 6.35
N LEU E 206 -44.08 25.07 7.64
CA LEU E 206 -43.39 24.11 8.47
C LEU E 206 -43.88 22.72 8.13
N SER E 207 -43.19 21.98 7.25
CA SER E 207 -43.40 20.58 6.94
C SER E 207 -42.16 19.82 6.51
N ARG E 208 -42.30 18.48 6.52
CA ARG E 208 -41.22 17.52 6.46
C ARG E 208 -40.94 16.75 5.17
N GLY E 209 -41.58 17.25 4.11
CA GLY E 209 -41.71 16.46 2.90
C GLY E 209 -42.33 17.15 1.71
N GLY E 210 -42.22 18.47 1.65
CA GLY E 210 -42.87 19.31 0.67
C GLY E 210 -44.39 19.51 0.73
N GLY E 211 -45.17 18.45 0.83
CA GLY E 211 -46.59 18.52 1.14
C GLY E 211 -46.91 18.83 2.60
N ASN E 212 -47.90 19.67 2.88
CA ASN E 212 -48.21 20.10 4.23
C ASN E 212 -48.47 18.96 5.20
N ASN E 213 -48.09 19.19 6.45
CA ASN E 213 -48.39 18.27 7.52
C ASN E 213 -49.29 18.90 8.57
N GLY E 214 -49.85 20.10 8.35
CA GLY E 214 -50.86 20.76 9.13
C GLY E 214 -50.45 22.15 9.61
N ILE E 215 -49.42 22.78 9.03
CA ILE E 215 -48.74 23.97 9.52
C ILE E 215 -48.22 24.88 8.42
N GLY E 216 -49.10 25.14 7.46
CA GLY E 216 -48.84 26.32 6.66
C GLY E 216 -49.14 27.68 7.27
N PHE E 217 -48.38 28.69 6.82
CA PHE E 217 -48.20 30.00 7.42
C PHE E 217 -48.53 31.05 6.37
N ALA E 218 -49.29 32.10 6.68
CA ALA E 218 -49.79 33.09 5.75
C ALA E 218 -49.54 34.46 6.38
N ILE E 219 -48.88 35.35 5.63
CA ILE E 219 -48.72 36.70 6.07
C ILE E 219 -50.05 37.46 6.04
N PRO E 220 -50.38 38.30 7.01
CA PRO E 220 -51.71 38.86 7.18
C PRO E 220 -52.17 39.81 6.07
N SER E 221 -53.47 39.96 5.83
CA SER E 221 -54.00 40.78 4.76
C SER E 221 -53.74 42.27 4.96
N ASN E 222 -53.78 42.75 6.20
CA ASN E 222 -53.47 44.13 6.54
C ASN E 222 -52.00 44.50 6.47
N MET E 223 -51.15 43.47 6.57
CA MET E 223 -49.74 43.75 6.34
C MET E 223 -49.49 43.90 4.85
N VAL E 224 -49.95 43.02 3.96
CA VAL E 224 -49.79 43.20 2.53
C VAL E 224 -50.46 44.42 1.92
N LYS E 225 -51.54 44.94 2.51
CA LYS E 225 -52.28 46.10 2.06
C LYS E 225 -51.45 47.39 1.99
N ASP E 226 -50.80 47.66 3.12
CA ASP E 226 -49.91 48.79 3.31
C ASP E 226 -48.63 48.61 2.48
N ILE E 227 -48.07 47.40 2.44
CA ILE E 227 -46.94 47.09 1.60
C ILE E 227 -47.25 47.28 0.13
N ALA E 228 -48.40 46.82 -0.37
CA ALA E 228 -48.86 46.95 -1.74
C ALA E 228 -48.91 48.41 -2.16
N LYS E 229 -49.34 49.31 -1.27
CA LYS E 229 -49.43 50.73 -1.56
C LYS E 229 -48.11 51.47 -1.68
N LYS E 230 -47.14 51.20 -0.81
CA LYS E 230 -45.76 51.67 -0.81
C LYS E 230 -45.08 51.29 -2.11
N LEU E 231 -45.25 50.06 -2.58
CA LEU E 231 -44.84 49.45 -3.83
C LEU E 231 -45.51 49.96 -5.10
N ILE E 232 -46.78 50.34 -4.97
CA ILE E 232 -47.50 51.10 -5.97
C ILE E 232 -46.88 52.49 -6.14
N GLU E 233 -46.53 53.15 -5.03
CA GLU E 233 -46.14 54.54 -5.08
C GLU E 233 -44.73 54.81 -5.55
N LYS E 234 -43.70 54.18 -4.95
CA LYS E 234 -42.32 54.50 -5.28
C LYS E 234 -41.55 53.42 -6.00
N GLY E 235 -42.18 52.28 -6.28
CA GLY E 235 -41.57 51.06 -6.75
C GLY E 235 -40.60 50.25 -5.91
N LYS E 236 -40.51 50.73 -4.66
CA LYS E 236 -39.87 50.02 -3.57
C LYS E 236 -40.49 50.48 -2.26
N ILE E 237 -40.05 49.96 -1.10
CA ILE E 237 -40.42 50.50 0.18
C ILE E 237 -39.22 50.91 1.04
N ASP E 238 -39.37 51.97 1.83
CA ASP E 238 -38.27 52.45 2.65
C ASP E 238 -38.74 52.38 4.10
N ARG E 239 -37.93 51.72 4.94
CA ARG E 239 -38.07 51.39 6.34
C ARG E 239 -36.94 52.04 7.12
N GLY E 240 -37.27 52.76 8.20
CA GLY E 240 -36.25 53.23 9.11
C GLY E 240 -36.03 52.16 10.17
N PHE E 241 -35.86 52.75 11.36
CA PHE E 241 -35.90 52.07 12.65
C PHE E 241 -36.15 53.13 13.72
N LEU E 242 -36.13 52.73 14.99
CA LEU E 242 -35.88 53.58 16.13
C LEU E 242 -34.42 53.58 16.58
N GLY E 243 -33.52 52.84 15.91
CA GLY E 243 -32.21 52.35 16.26
C GLY E 243 -32.01 51.83 17.69
N VAL E 244 -32.35 50.57 17.94
CA VAL E 244 -32.44 49.99 19.28
C VAL E 244 -32.42 48.48 19.10
N THR E 245 -31.76 47.79 20.03
CA THR E 245 -31.86 46.36 20.17
C THR E 245 -32.81 46.26 21.36
N ILE E 246 -33.86 45.44 21.25
CA ILE E 246 -35.00 45.28 22.13
C ILE E 246 -35.36 43.81 22.26
N LEU E 247 -36.11 43.44 23.30
CA LEU E 247 -36.62 42.15 23.68
C LEU E 247 -37.94 42.33 24.42
N ALA E 248 -38.63 41.28 24.87
CA ALA E 248 -39.85 41.33 25.67
C ALA E 248 -39.43 41.44 27.13
N LEU E 249 -40.31 42.08 27.89
CA LEU E 249 -40.21 42.03 29.34
C LEU E 249 -40.67 40.66 29.79
N GLN E 250 -39.72 40.02 30.49
CA GLN E 250 -39.94 38.73 31.15
C GLN E 250 -40.46 38.82 32.56
N GLY E 251 -41.01 37.72 33.07
CA GLY E 251 -41.62 37.66 34.39
C GLY E 251 -40.85 38.20 35.59
N ASP E 252 -39.61 37.78 35.80
CA ASP E 252 -38.76 38.15 36.92
C ASP E 252 -37.97 39.41 36.58
N THR E 253 -37.72 39.71 35.30
CA THR E 253 -37.37 41.05 34.86
C THR E 253 -38.40 42.09 35.25
N LYS E 254 -39.68 41.76 35.32
CA LYS E 254 -40.77 42.66 35.65
C LYS E 254 -40.66 43.03 37.11
N LYS E 255 -40.46 41.99 37.92
CA LYS E 255 -40.31 42.15 39.35
C LYS E 255 -39.06 42.90 39.76
N ALA E 256 -37.96 42.62 39.05
CA ALA E 256 -36.72 43.31 39.36
C ALA E 256 -36.68 44.77 38.91
N TYR E 257 -37.08 45.07 37.68
CA TYR E 257 -37.05 46.38 37.06
C TYR E 257 -38.30 47.21 37.36
N LYS E 258 -38.80 47.02 38.59
CA LYS E 258 -39.85 47.73 39.30
C LYS E 258 -41.21 47.83 38.66
N ASN E 259 -41.71 46.76 38.01
CA ASN E 259 -43.09 46.46 37.73
C ASN E 259 -43.78 47.27 36.64
N GLN E 260 -42.97 47.98 35.84
CA GLN E 260 -43.41 48.47 34.56
C GLN E 260 -43.75 47.34 33.60
N GLU E 261 -44.39 47.59 32.46
CA GLU E 261 -44.78 46.56 31.53
C GLU E 261 -44.60 47.10 30.12
N GLY E 262 -43.89 46.40 29.24
CA GLY E 262 -43.65 46.74 27.86
C GLY E 262 -42.65 45.81 27.19
N ALA E 263 -42.21 46.29 26.03
CA ALA E 263 -41.03 45.76 25.36
C ALA E 263 -39.74 46.36 25.90
N LEU E 264 -39.01 45.50 26.62
CA LEU E 264 -37.69 45.72 27.17
C LEU E 264 -36.58 46.11 26.21
N ILE E 265 -36.19 47.39 26.27
CA ILE E 265 -34.93 47.76 25.64
C ILE E 265 -33.80 46.94 26.24
N THR E 266 -32.92 46.38 25.41
CA THR E 266 -31.80 45.56 25.84
C THR E 266 -30.52 46.36 25.91
N ASP E 267 -30.18 46.92 24.75
CA ASP E 267 -29.21 47.98 24.58
C ASP E 267 -29.72 49.05 23.63
N VAL E 268 -30.02 50.22 24.21
CA VAL E 268 -30.29 51.34 23.34
C VAL E 268 -29.18 51.45 22.31
N GLN E 269 -29.37 51.31 20.99
CA GLN E 269 -28.25 51.58 20.12
C GLN E 269 -27.92 53.06 20.25
N LYS E 270 -26.66 53.38 19.98
CA LYS E 270 -26.22 54.65 20.52
C LYS E 270 -26.92 55.76 19.75
N GLY E 271 -27.69 56.57 20.47
CA GLY E 271 -28.50 57.72 20.13
C GLY E 271 -28.84 57.88 18.65
N SER E 272 -29.72 56.98 18.23
CA SER E 272 -30.43 56.98 16.95
C SER E 272 -31.51 58.05 16.92
N SER E 273 -32.73 57.73 17.32
CA SER E 273 -33.70 58.69 17.79
C SER E 273 -34.15 58.32 19.19
N ALA E 274 -33.55 57.35 19.89
CA ALA E 274 -33.95 56.97 21.22
C ALA E 274 -33.49 57.97 22.27
N ASP E 275 -32.23 58.34 22.16
CA ASP E 275 -31.52 59.10 23.17
C ASP E 275 -32.03 60.53 23.18
N GLU E 276 -32.09 61.11 21.98
CA GLU E 276 -32.57 62.47 21.87
C GLU E 276 -34.08 62.65 22.01
N ALA E 277 -34.71 61.55 22.45
CA ALA E 277 -36.04 61.43 22.98
C ALA E 277 -36.14 60.77 24.35
N GLY E 278 -35.04 60.71 25.10
CA GLY E 278 -34.84 60.26 26.46
C GLY E 278 -34.92 58.78 26.78
N LEU E 279 -35.05 57.92 25.75
CA LEU E 279 -35.09 56.48 25.82
C LEU E 279 -33.70 55.86 25.98
N LYS E 280 -33.49 55.04 27.01
CA LYS E 280 -32.23 54.55 27.53
C LYS E 280 -32.22 53.05 27.74
N ARG E 281 -31.26 52.43 28.44
CA ARG E 281 -31.33 51.12 29.04
C ARG E 281 -32.07 51.25 30.38
N GLY E 282 -32.76 50.15 30.71
CA GLY E 282 -33.63 49.89 31.84
C GLY E 282 -35.07 50.32 31.63
N ASP E 283 -35.26 50.83 30.40
CA ASP E 283 -36.46 51.51 29.96
C ASP E 283 -37.38 50.63 29.11
N LEU E 284 -38.69 50.67 29.32
CA LEU E 284 -39.65 49.95 28.51
C LEU E 284 -40.43 50.76 27.48
N VAL E 285 -40.62 50.23 26.28
CA VAL E 285 -41.41 50.87 25.24
C VAL E 285 -42.81 50.27 25.36
N THR E 286 -43.83 51.08 25.07
CA THR E 286 -45.20 50.78 25.40
C THR E 286 -46.22 51.07 24.31
N LYS E 287 -46.21 52.17 23.56
CA LYS E 287 -47.05 52.36 22.39
C LYS E 287 -46.38 53.32 21.42
N VAL E 288 -46.41 52.92 20.14
CA VAL E 288 -46.32 53.85 19.04
C VAL E 288 -47.70 54.46 18.86
N ASN E 289 -47.78 55.71 18.39
CA ASN E 289 -48.98 56.51 18.29
C ASN E 289 -50.21 55.76 17.81
N ASN E 290 -50.03 54.77 16.93
CA ASN E 290 -51.05 53.88 16.42
C ASN E 290 -50.83 52.38 16.62
N LYS E 291 -49.79 51.96 17.34
CA LYS E 291 -49.44 50.56 17.51
C LYS E 291 -48.89 50.29 18.91
N VAL E 292 -49.48 49.33 19.63
CA VAL E 292 -49.21 48.97 21.02
C VAL E 292 -48.04 48.00 21.04
N ILE E 293 -47.06 48.20 21.93
CA ILE E 293 -45.87 47.41 22.07
C ILE E 293 -45.78 46.70 23.41
N LYS E 294 -45.50 45.38 23.35
CA LYS E 294 -45.11 44.51 24.44
C LYS E 294 -43.93 43.60 24.11
N SER E 295 -43.44 43.45 22.88
CA SER E 295 -42.34 42.58 22.46
C SER E 295 -41.48 43.29 21.42
N PRO E 296 -40.31 42.76 21.04
CA PRO E 296 -39.44 43.34 20.05
C PRO E 296 -39.87 43.23 18.60
N ILE E 297 -40.62 42.18 18.28
CA ILE E 297 -41.32 41.87 17.05
C ILE E 297 -42.58 42.72 16.93
N ASP E 298 -42.92 43.45 18.00
CA ASP E 298 -43.88 44.54 17.85
C ASP E 298 -43.09 45.68 17.21
N LEU E 299 -42.16 46.31 17.92
CA LEU E 299 -41.34 47.33 17.28
C LEU E 299 -40.65 47.08 15.94
N LYS E 300 -39.87 46.00 15.83
CA LYS E 300 -39.30 45.52 14.58
C LYS E 300 -40.28 45.42 13.43
N ASN E 301 -41.42 44.74 13.55
CA ASN E 301 -42.44 44.68 12.51
C ASN E 301 -43.31 45.90 12.31
N TYR E 302 -43.57 46.71 13.32
CA TYR E 302 -44.02 48.08 13.14
C TYR E 302 -43.10 48.99 12.33
N ILE E 303 -41.78 48.86 12.47
CA ILE E 303 -40.89 49.56 11.56
C ILE E 303 -40.94 49.01 10.14
N GLY E 304 -41.16 47.70 9.99
CA GLY E 304 -41.61 47.04 8.79
C GLY E 304 -42.82 47.72 8.18
N THR E 305 -43.62 48.55 8.87
CA THR E 305 -44.83 49.21 8.44
C THR E 305 -44.78 50.68 8.82
N LEU E 306 -43.64 51.38 8.81
CA LEU E 306 -43.54 52.81 9.00
C LEU E 306 -42.50 53.41 8.07
N GLU E 307 -42.63 54.61 7.49
CA GLU E 307 -41.82 55.24 6.48
C GLU E 307 -40.90 56.29 7.08
N ILE E 308 -39.88 56.60 6.28
CA ILE E 308 -38.69 57.31 6.70
C ILE E 308 -38.99 58.74 7.11
N GLY E 309 -38.11 59.26 7.97
CA GLY E 309 -38.02 60.67 8.29
C GLY E 309 -39.06 61.30 9.19
N GLN E 310 -40.32 60.84 9.18
CA GLN E 310 -41.33 61.30 10.12
C GLN E 310 -41.04 61.16 11.60
N LYS E 311 -41.51 62.17 12.33
CA LYS E 311 -41.62 62.22 13.77
C LYS E 311 -42.79 61.55 14.47
N ILE E 312 -42.43 60.72 15.46
CA ILE E 312 -43.25 59.71 16.08
C ILE E 312 -43.33 59.90 17.58
N SER E 313 -44.42 60.43 18.13
CA SER E 313 -44.56 60.80 19.53
C SER E 313 -44.98 59.58 20.34
N LEU E 314 -44.01 58.69 20.52
CA LEU E 314 -44.05 57.45 21.29
C LEU E 314 -44.03 57.62 22.80
N SER E 315 -44.69 56.67 23.47
CA SER E 315 -44.62 56.55 24.91
C SER E 315 -43.67 55.42 25.28
N TYR E 316 -43.02 55.76 26.41
CA TYR E 316 -42.07 54.84 27.00
C TYR E 316 -42.12 55.01 28.51
N GLU E 317 -41.66 54.05 29.32
CA GLU E 317 -41.47 54.20 30.74
C GLU E 317 -40.12 53.80 31.31
N ARG E 318 -39.80 54.43 32.44
CA ARG E 318 -38.86 53.95 33.44
C ARG E 318 -39.49 53.24 34.62
N ASP E 319 -38.63 52.66 35.46
CA ASP E 319 -38.97 52.23 36.80
C ASP E 319 -40.37 52.34 37.39
N GLY E 320 -40.82 53.58 37.60
CA GLY E 320 -42.23 53.73 37.85
C GLY E 320 -42.82 55.01 37.27
N GLU E 321 -42.34 55.42 36.08
CA GLU E 321 -42.78 56.68 35.50
C GLU E 321 -42.76 56.59 33.98
N ASN E 322 -43.92 56.67 33.31
CA ASN E 322 -44.10 56.79 31.88
C ASN E 322 -43.88 58.20 31.38
N LYS E 323 -43.39 58.42 30.16
CA LYS E 323 -43.12 59.68 29.49
C LYS E 323 -43.58 59.54 28.04
N GLN E 324 -43.79 60.66 27.36
CA GLN E 324 -43.87 60.75 25.92
C GLN E 324 -42.88 61.79 25.44
N ALA E 325 -42.09 61.38 24.45
CA ALA E 325 -41.35 62.32 23.61
C ALA E 325 -41.44 61.88 22.16
N SER E 326 -40.80 62.59 21.24
CA SER E 326 -40.96 62.40 19.81
C SER E 326 -39.66 62.03 19.10
N PHE E 327 -39.79 61.03 18.23
CA PHE E 327 -38.71 60.21 17.72
C PHE E 327 -38.68 60.34 16.21
N ILE E 328 -37.58 60.65 15.51
CA ILE E 328 -37.51 60.58 14.08
C ILE E 328 -37.28 59.12 13.68
N LEU E 329 -37.92 58.62 12.62
CA LEU E 329 -37.60 57.27 12.19
C LEU E 329 -36.19 57.31 11.59
N LYS E 330 -35.24 56.59 12.19
CA LYS E 330 -33.80 56.56 11.96
C LYS E 330 -33.37 55.10 11.93
N GLY E 331 -32.94 54.75 10.72
CA GLY E 331 -32.41 53.42 10.50
C GLY E 331 -31.31 52.99 11.45
N GLU E 332 -30.81 51.79 11.20
CA GLU E 332 -29.56 51.21 11.66
C GLU E 332 -28.41 52.00 11.06
N LYS E 333 -28.56 52.44 9.82
CA LYS E 333 -27.69 53.17 8.90
C LYS E 333 -27.98 54.65 9.14
N GLU E 334 -28.14 55.05 10.40
CA GLU E 334 -28.76 56.30 10.77
C GLU E 334 -28.56 56.89 12.16
N ASN E 335 -27.54 56.46 12.92
CA ASN E 335 -27.55 56.77 14.34
C ASN E 335 -26.43 57.58 14.99
N PRO E 336 -26.68 58.76 15.56
CA PRO E 336 -25.72 59.65 16.18
C PRO E 336 -25.20 59.59 17.61
N LYS E 337 -25.48 58.60 18.46
CA LYS E 337 -24.80 58.17 19.66
C LYS E 337 -25.31 58.67 21.01
N GLY E 338 -25.34 57.83 22.05
CA GLY E 338 -25.93 58.11 23.35
C GLY E 338 -25.53 57.33 24.59
N VAL E 339 -26.40 57.23 25.61
CA VAL E 339 -26.19 56.94 27.01
C VAL E 339 -26.81 55.68 27.58
N GLN E 340 -26.08 55.00 28.49
CA GLN E 340 -26.18 53.56 28.67
C GLN E 340 -26.13 52.82 30.00
N SER E 341 -26.61 53.37 31.11
CA SER E 341 -26.26 52.97 32.46
C SER E 341 -26.65 51.66 33.11
N ASP E 342 -27.79 51.54 33.82
CA ASP E 342 -28.18 50.42 34.65
C ASP E 342 -27.22 49.96 35.74
N LEU E 343 -26.82 48.69 35.81
CA LEU E 343 -26.06 48.21 36.95
C LEU E 343 -24.67 48.78 37.15
N ILE E 344 -24.22 49.68 36.29
CA ILE E 344 -22.99 50.45 36.40
C ILE E 344 -23.28 51.85 36.94
N ASP E 345 -24.57 52.20 37.10
CA ASP E 345 -25.07 53.56 37.23
C ASP E 345 -24.41 54.36 38.34
N GLY E 346 -23.35 55.10 38.01
CA GLY E 346 -22.75 55.88 39.07
C GLY E 346 -21.88 55.12 40.07
N LEU E 347 -21.55 53.87 39.80
CA LEU E 347 -20.53 53.06 40.45
C LEU E 347 -19.15 53.69 40.24
N SER E 348 -18.34 53.72 41.31
CA SER E 348 -16.95 54.09 41.21
C SER E 348 -16.01 52.90 41.31
N LEU E 349 -15.55 52.35 40.19
CA LEU E 349 -14.80 51.12 40.09
C LEU E 349 -13.60 51.50 39.24
N ARG E 350 -12.44 51.02 39.70
CA ARG E 350 -11.22 51.03 38.92
C ARG E 350 -10.42 49.73 39.00
N ASN E 351 -9.47 49.64 38.07
CA ASN E 351 -8.61 48.50 37.80
C ASN E 351 -7.67 48.16 38.95
N LEU E 352 -7.28 46.89 39.08
CA LEU E 352 -6.37 46.49 40.13
C LEU E 352 -5.30 45.43 39.84
N ASP E 353 -4.27 45.49 40.68
CA ASP E 353 -3.60 44.39 41.35
C ASP E 353 -3.43 44.87 42.79
N PRO E 354 -4.21 44.36 43.75
CA PRO E 354 -4.46 45.23 44.88
C PRO E 354 -3.31 45.18 45.89
N ARG E 355 -3.34 46.16 46.79
CA ARG E 355 -2.31 46.25 47.80
C ARG E 355 -2.76 45.74 49.18
N LEU E 356 -2.95 44.44 49.21
CA LEU E 356 -3.09 43.61 50.39
C LEU E 356 -2.81 42.12 50.14
N LYS E 357 -2.94 41.28 51.17
CA LYS E 357 -2.57 39.88 51.11
C LYS E 357 -3.84 39.05 51.20
N ASP E 358 -3.79 37.77 50.80
CA ASP E 358 -2.67 36.91 50.49
C ASP E 358 -2.88 36.07 49.24
N ARG E 359 -3.95 35.28 49.34
CA ARG E 359 -4.56 34.32 48.43
C ARG E 359 -3.54 33.40 47.80
N LEU E 360 -3.14 33.73 46.58
CA LEU E 360 -2.55 32.81 45.63
C LEU E 360 -1.47 33.56 44.84
N GLN E 361 -0.55 32.78 44.26
CA GLN E 361 0.49 33.22 43.35
C GLN E 361 0.19 33.16 41.87
N ILE E 362 -0.94 33.73 41.41
CA ILE E 362 -1.32 33.86 40.03
C ILE E 362 -2.24 35.06 39.81
N PRO E 363 -2.05 35.87 38.75
CA PRO E 363 -3.02 36.87 38.34
C PRO E 363 -4.41 36.32 38.06
N LYS E 364 -4.63 35.04 37.79
CA LYS E 364 -5.91 34.51 37.34
C LYS E 364 -7.14 34.75 38.23
N ASP E 365 -6.97 35.03 39.52
CA ASP E 365 -8.11 35.23 40.40
C ASP E 365 -8.22 36.65 40.94
N VAL E 366 -7.40 37.59 40.48
CA VAL E 366 -7.08 38.86 41.09
C VAL E 366 -6.92 40.03 40.14
N ASN E 367 -6.76 39.75 38.84
CA ASN E 367 -7.13 40.57 37.71
C ASN E 367 -8.65 40.70 37.74
N GLY E 368 -9.22 41.85 37.39
CA GLY E 368 -10.53 42.18 37.92
C GLY E 368 -10.95 43.63 37.89
N VAL E 369 -11.85 44.12 38.75
CA VAL E 369 -11.99 45.51 39.11
C VAL E 369 -12.46 45.72 40.55
N LEU E 370 -12.05 46.85 41.12
CA LEU E 370 -12.22 47.04 42.56
C LEU E 370 -13.25 48.13 42.87
N VAL E 371 -14.04 48.07 43.94
CA VAL E 371 -15.26 48.81 44.14
C VAL E 371 -15.03 49.82 45.26
N ASP E 372 -14.90 51.11 44.93
CA ASP E 372 -14.88 52.16 45.94
C ASP E 372 -16.28 52.42 46.51
N SER E 373 -17.28 52.64 45.68
CA SER E 373 -18.64 52.82 46.16
C SER E 373 -19.73 52.04 45.43
N VAL E 374 -20.85 51.87 46.10
CA VAL E 374 -22.06 51.21 45.67
C VAL E 374 -23.25 52.07 46.12
N LYS E 375 -23.99 52.61 45.15
CA LYS E 375 -25.28 53.25 45.23
C LYS E 375 -26.43 52.41 45.77
N GLU E 376 -27.17 52.88 46.78
CA GLU E 376 -28.34 52.28 47.38
C GLU E 376 -29.51 52.08 46.44
N LYS E 377 -29.79 52.93 45.46
CA LYS E 377 -30.88 52.85 44.50
C LYS E 377 -30.61 51.68 43.58
N SER E 378 -29.38 51.15 43.47
CA SER E 378 -29.02 50.16 42.49
C SER E 378 -29.06 48.70 42.85
N LYS E 379 -28.99 47.81 41.86
CA LYS E 379 -29.36 46.40 41.89
C LYS E 379 -28.45 45.46 42.66
N GLY E 380 -27.25 45.98 42.91
CA GLY E 380 -26.30 45.40 43.84
C GLY E 380 -26.76 45.44 45.29
N LYS E 381 -27.30 46.58 45.70
CA LYS E 381 -27.74 46.65 47.08
C LYS E 381 -29.10 46.06 47.44
N ASN E 382 -29.92 45.86 46.41
CA ASN E 382 -31.02 44.93 46.53
C ASN E 382 -30.51 43.53 46.86
N SER E 383 -29.28 43.18 46.47
CA SER E 383 -28.82 41.83 46.30
C SER E 383 -27.63 41.28 47.07
N GLY E 384 -27.07 42.08 47.98
CA GLY E 384 -25.98 41.73 48.87
C GLY E 384 -24.61 42.25 48.39
N PHE E 385 -24.43 43.03 47.33
CA PHE E 385 -23.20 43.66 46.88
C PHE E 385 -22.79 44.89 47.67
N GLN E 386 -21.52 45.13 47.99
CA GLN E 386 -21.09 46.16 48.90
C GLN E 386 -19.82 46.91 48.52
N GLU E 387 -19.54 48.03 49.21
CA GLU E 387 -18.26 48.70 49.12
C GLU E 387 -17.18 47.84 49.77
N GLY E 388 -15.95 47.96 49.26
CA GLY E 388 -14.92 47.03 49.67
C GLY E 388 -14.91 45.74 48.85
N ASP E 389 -15.78 45.62 47.83
CA ASP E 389 -15.73 44.46 46.98
C ASP E 389 -14.81 44.68 45.77
N ILE E 390 -14.69 43.62 44.97
CA ILE E 390 -13.77 43.41 43.87
C ILE E 390 -14.55 42.50 42.92
N ILE E 391 -15.02 42.86 41.72
CA ILE E 391 -15.65 42.01 40.74
C ILE E 391 -14.49 41.36 40.01
N ILE E 392 -14.48 40.02 40.07
CA ILE E 392 -13.61 39.16 39.29
C ILE E 392 -14.36 38.49 38.14
N GLY E 393 -15.69 38.44 38.17
CA GLY E 393 -16.51 37.84 37.13
C GLY E 393 -17.98 38.24 37.27
N VAL E 394 -18.66 38.21 36.13
CA VAL E 394 -19.97 38.78 35.87
C VAL E 394 -20.72 37.85 34.91
N GLY E 395 -21.82 37.23 35.30
CA GLY E 395 -22.62 36.35 34.45
C GLY E 395 -21.98 35.03 34.10
N GLN E 396 -21.27 34.49 35.11
CA GLN E 396 -20.35 33.37 35.09
C GLN E 396 -19.26 33.49 34.02
N SER E 397 -18.72 34.68 33.78
CA SER E 397 -17.56 34.93 32.95
C SER E 397 -16.62 35.96 33.53
N GLU E 398 -15.31 35.70 33.55
CA GLU E 398 -14.38 36.49 34.33
C GLU E 398 -13.85 37.74 33.64
N ILE E 399 -13.52 38.80 34.37
CA ILE E 399 -13.16 40.13 33.93
C ILE E 399 -11.74 40.46 34.36
N LYS E 400 -10.94 41.17 33.56
CA LYS E 400 -9.57 41.55 33.88
C LYS E 400 -9.39 43.01 34.26
N ASN E 401 -10.33 43.85 33.85
CA ASN E 401 -10.32 45.30 33.95
C ASN E 401 -11.71 45.87 33.75
N LEU E 402 -11.83 47.20 33.72
CA LEU E 402 -12.98 48.00 33.34
C LEU E 402 -13.55 47.73 31.96
N LYS E 403 -12.79 47.42 30.89
CA LYS E 403 -13.44 47.00 29.66
C LYS E 403 -14.31 45.76 29.76
N ASP E 404 -13.78 44.71 30.39
CA ASP E 404 -14.55 43.50 30.52
C ASP E 404 -15.65 43.60 31.57
N LEU E 405 -15.51 44.51 32.52
CA LEU E 405 -16.64 44.95 33.33
C LEU E 405 -17.67 45.56 32.40
N GLU E 406 -17.40 46.72 31.80
CA GLU E 406 -18.36 47.50 31.06
C GLU E 406 -19.07 46.75 29.95
N GLN E 407 -18.27 45.96 29.23
CA GLN E 407 -18.75 45.00 28.25
C GLN E 407 -19.80 44.04 28.78
N ALA E 408 -19.70 43.64 30.06
CA ALA E 408 -20.66 42.68 30.55
C ALA E 408 -21.78 43.35 31.32
N LEU E 409 -21.55 44.55 31.87
CA LEU E 409 -22.54 45.47 32.38
C LEU E 409 -23.18 46.31 31.28
N LYS E 410 -22.94 46.01 30.00
CA LYS E 410 -23.66 46.27 28.77
C LYS E 410 -24.55 45.13 28.29
N GLN E 411 -24.55 44.04 29.05
CA GLN E 411 -25.46 42.93 28.85
C GLN E 411 -26.39 42.64 30.02
N VAL E 412 -26.28 43.29 31.18
CA VAL E 412 -27.15 43.06 32.31
C VAL E 412 -28.61 43.42 32.10
N ASN E 413 -28.97 44.35 31.21
CA ASN E 413 -30.35 44.61 30.85
C ASN E 413 -30.74 43.53 29.85
N LYS E 414 -30.10 42.37 29.73
CA LYS E 414 -30.47 41.20 28.97
C LYS E 414 -30.61 39.98 29.87
N LYS E 415 -30.47 40.24 31.17
CA LYS E 415 -30.30 39.22 32.18
C LYS E 415 -31.24 39.45 33.37
N GLU E 416 -32.30 38.67 33.56
CA GLU E 416 -33.30 38.90 34.57
C GLU E 416 -32.73 39.19 35.96
N PHE E 417 -31.63 38.48 36.23
CA PHE E 417 -30.67 38.77 37.27
C PHE E 417 -29.27 38.36 36.81
N THR E 418 -28.21 38.86 37.43
CA THR E 418 -26.83 38.48 37.20
C THR E 418 -26.27 37.70 38.38
N LYS E 419 -25.50 36.68 38.01
CA LYS E 419 -24.60 35.91 38.84
C LYS E 419 -23.23 36.57 38.75
N VAL E 420 -23.01 37.68 39.46
CA VAL E 420 -21.66 38.16 39.65
C VAL E 420 -20.97 37.41 40.78
N TRP E 421 -19.64 37.43 40.77
CA TRP E 421 -18.75 36.93 41.80
C TRP E 421 -17.79 37.99 42.30
N VAL E 422 -18.02 38.30 43.58
CA VAL E 422 -17.36 39.39 44.28
C VAL E 422 -16.38 38.91 45.35
N TYR E 423 -15.09 38.92 45.01
CA TYR E 423 -14.09 38.88 46.06
C TYR E 423 -14.26 40.12 46.91
N ARG E 424 -14.18 39.85 48.22
CA ARG E 424 -14.08 40.86 49.25
C ARG E 424 -12.71 40.90 49.91
N ASN E 425 -12.67 41.22 51.20
CA ASN E 425 -11.47 41.32 52.01
C ASN E 425 -10.74 40.01 52.20
N GLY E 426 -11.46 38.88 52.24
CA GLY E 426 -10.79 37.60 52.25
C GLY E 426 -11.28 36.56 51.26
N PHE E 427 -12.44 36.70 50.59
CA PHE E 427 -13.09 35.60 49.90
C PHE E 427 -14.14 35.93 48.86
N ALA E 428 -14.57 35.07 47.93
CA ALA E 428 -15.30 35.46 46.74
C ALA E 428 -16.67 34.81 46.59
N THR E 429 -17.76 35.58 46.59
CA THR E 429 -19.14 35.16 46.76
C THR E 429 -20.04 35.43 45.56
N LEU E 430 -20.66 34.41 44.97
CA LEU E 430 -21.75 34.50 44.03
C LEU E 430 -22.97 35.30 44.48
N LEU E 431 -23.41 36.29 43.70
CA LEU E 431 -24.58 37.08 44.01
C LEU E 431 -25.81 36.92 43.13
N VAL E 432 -27.02 37.30 43.52
CA VAL E 432 -28.19 37.20 42.67
C VAL E 432 -28.75 38.58 42.37
N LEU E 433 -28.18 39.30 41.40
CA LEU E 433 -28.34 40.73 41.20
C LEU E 433 -29.68 41.02 40.53
N LYS E 434 -30.74 41.27 41.32
CA LYS E 434 -32.08 41.55 40.85
C LYS E 434 -32.43 43.03 40.71
N VAL F 1 -75.36 13.84 18.85
CA VAL F 1 -74.08 14.16 18.19
C VAL F 1 -74.27 14.02 16.70
N LEU F 2 -73.87 15.05 15.93
CA LEU F 2 -73.81 14.90 14.50
C LEU F 2 -72.56 14.12 14.13
N SER F 3 -72.67 12.88 13.62
CA SER F 3 -71.58 12.05 13.13
C SER F 3 -71.98 11.37 11.83
N TYR F 4 -70.98 11.24 10.94
CA TYR F 4 -71.19 10.61 9.65
C TYR F 4 -70.74 9.16 9.63
N HIS F 5 -70.73 8.44 10.75
CA HIS F 5 -70.82 7.01 10.98
C HIS F 5 -71.88 6.22 10.24
N ASP F 6 -72.89 6.93 9.73
CA ASP F 6 -74.00 6.37 8.99
C ASP F 6 -73.60 5.83 7.62
N SER F 7 -72.73 6.50 6.86
CA SER F 7 -72.16 6.10 5.59
C SER F 7 -71.14 4.98 5.78
N ILE F 8 -70.39 5.04 6.88
CA ILE F 8 -69.39 4.09 7.32
C ILE F 8 -69.97 2.71 7.61
N LYS F 9 -71.26 2.64 7.95
CA LYS F 9 -71.96 1.40 8.23
C LYS F 9 -72.38 0.70 6.96
N ASP F 10 -73.05 1.36 6.01
CA ASP F 10 -73.41 0.67 4.80
C ASP F 10 -72.17 0.34 3.99
N ALA F 11 -71.16 1.22 3.92
CA ALA F 11 -69.97 1.02 3.11
C ALA F 11 -69.31 -0.34 3.28
N LYS F 12 -68.99 -0.70 4.53
CA LYS F 12 -68.38 -1.97 4.85
C LYS F 12 -69.05 -3.28 4.44
N LYS F 13 -70.34 -3.19 4.14
CA LYS F 13 -71.11 -4.30 3.65
C LYS F 13 -70.84 -4.63 2.19
N SER F 14 -70.20 -3.68 1.51
CA SER F 14 -69.85 -3.73 0.11
C SER F 14 -68.34 -3.68 -0.08
N VAL F 15 -67.62 -2.85 0.68
CA VAL F 15 -66.18 -2.79 0.72
C VAL F 15 -65.64 -4.08 1.33
N VAL F 16 -64.79 -4.78 0.57
CA VAL F 16 -63.98 -5.88 1.04
C VAL F 16 -62.59 -5.37 1.47
N ASN F 17 -62.01 -6.13 2.40
CA ASN F 17 -60.58 -6.23 2.58
C ASN F 17 -60.18 -7.52 1.87
N ILE F 18 -58.91 -7.55 1.44
CA ILE F 18 -58.42 -8.66 0.64
C ILE F 18 -57.29 -9.43 1.32
N SER F 19 -57.34 -10.74 1.48
CA SER F 19 -56.38 -11.69 2.02
C SER F 19 -55.59 -12.48 0.98
N THR F 20 -55.31 -11.81 -0.15
CA THR F 20 -54.89 -12.11 -1.49
C THR F 20 -53.73 -13.10 -1.44
N SER F 21 -53.95 -14.35 -1.04
CA SER F 21 -52.92 -15.37 -0.97
C SER F 21 -52.54 -15.98 -2.30
N LYS F 22 -51.81 -15.09 -2.97
CA LYS F 22 -51.04 -15.43 -4.16
C LYS F 22 -49.57 -15.61 -3.81
N THR F 23 -48.91 -16.58 -4.45
CA THR F 23 -47.53 -16.93 -4.15
C THR F 23 -46.42 -16.14 -4.82
N ILE F 24 -46.85 -15.37 -5.83
CA ILE F 24 -46.04 -14.42 -6.56
C ILE F 24 -46.61 -13.01 -6.48
N THR F 25 -46.17 -12.27 -5.46
CA THR F 25 -46.44 -10.85 -5.26
C THR F 25 -45.36 -10.01 -5.94
N ARG F 26 -44.58 -10.53 -6.90
CA ARG F 26 -43.37 -9.96 -7.45
C ARG F 26 -43.68 -8.67 -8.20
N ALA F 27 -44.89 -8.47 -8.73
CA ALA F 27 -45.29 -7.26 -9.42
C ALA F 27 -45.68 -6.09 -8.53
N ASN F 28 -46.12 -6.39 -7.31
CA ASN F 28 -46.30 -5.45 -6.22
C ASN F 28 -45.18 -5.40 -5.22
N ARG F 29 -44.07 -6.00 -5.63
CA ARG F 29 -42.81 -5.95 -4.91
C ARG F 29 -42.39 -4.50 -4.63
N PRO F 30 -41.93 -4.19 -3.41
CA PRO F 30 -41.43 -2.87 -3.05
C PRO F 30 -40.28 -2.49 -3.97
N SER F 31 -40.42 -1.31 -4.57
CA SER F 31 -39.34 -0.86 -5.41
C SER F 31 -38.19 -0.54 -4.46
N PRO F 32 -36.95 -0.59 -4.95
CA PRO F 32 -35.79 -0.16 -4.21
C PRO F 32 -35.85 1.34 -4.02
N LEU F 33 -36.02 1.74 -2.76
CA LEU F 33 -36.12 3.08 -2.24
C LEU F 33 -35.62 2.97 -0.80
N ASP F 34 -35.42 4.11 -0.14
CA ASP F 34 -35.04 4.22 1.25
C ASP F 34 -36.21 4.27 2.22
N ASP F 35 -37.08 3.26 2.24
CA ASP F 35 -38.10 2.98 3.22
C ASP F 35 -37.54 2.42 4.53
N PHE F 36 -38.32 1.95 5.51
CA PHE F 36 -37.76 1.46 6.75
C PHE F 36 -37.21 0.04 6.70
N PHE F 37 -35.91 -0.18 6.87
CA PHE F 37 -35.23 -1.41 6.55
C PHE F 37 -34.17 -1.79 7.56
N ASN F 38 -33.63 -3.02 7.53
CA ASN F 38 -32.99 -3.65 8.66
C ASN F 38 -33.97 -4.06 9.75
N ASP F 39 -34.85 -3.11 10.05
CA ASP F 39 -35.82 -3.30 11.12
C ASP F 39 -37.31 -3.41 10.79
N PRO F 40 -37.78 -4.09 9.75
CA PRO F 40 -39.18 -3.94 9.38
C PRO F 40 -39.92 -4.89 10.31
N TYR F 41 -40.78 -4.44 11.24
CA TYR F 41 -41.41 -5.34 12.19
C TYR F 41 -42.74 -5.80 11.62
N PHE F 42 -43.69 -4.88 11.45
CA PHE F 42 -44.92 -5.05 10.70
C PHE F 42 -44.64 -4.16 9.51
N LYS F 43 -45.23 -4.57 8.38
CA LYS F 43 -45.34 -3.71 7.21
C LYS F 43 -46.15 -2.45 7.52
N GLN F 44 -45.78 -1.31 6.94
CA GLN F 44 -46.58 -0.12 7.11
C GLN F 44 -46.80 0.36 8.54
N PHE F 45 -45.76 0.19 9.37
CA PHE F 45 -45.45 0.80 10.64
C PHE F 45 -44.14 1.58 10.52
N PHE F 46 -43.85 2.40 11.54
CA PHE F 46 -42.58 3.10 11.57
C PHE F 46 -41.79 2.96 12.87
N ASP F 47 -42.39 2.30 13.86
CA ASP F 47 -42.00 2.22 15.26
C ASP F 47 -40.62 1.62 15.49
N PHE F 48 -40.14 1.88 16.70
CA PHE F 48 -39.18 1.08 17.43
C PHE F 48 -39.69 -0.28 17.91
N ASP F 49 -38.81 -1.10 18.49
CA ASP F 49 -39.09 -2.47 18.84
C ASP F 49 -40.23 -2.62 19.84
N PHE F 50 -41.44 -2.94 19.33
CA PHE F 50 -42.59 -3.02 20.18
C PHE F 50 -43.02 -4.41 20.64
N PRO F 51 -43.56 -4.59 21.85
CA PRO F 51 -43.89 -5.84 22.47
C PRO F 51 -44.98 -6.78 21.92
N GLN F 52 -45.46 -6.63 20.68
CA GLN F 52 -46.38 -7.52 20.01
C GLN F 52 -45.77 -8.07 18.73
N ARG F 53 -45.32 -9.33 18.84
CA ARG F 53 -44.31 -9.82 17.92
C ARG F 53 -44.84 -10.31 16.59
N LYS F 54 -43.95 -10.54 15.62
CA LYS F 54 -44.25 -10.99 14.28
C LYS F 54 -45.50 -11.83 14.11
N GLY F 55 -46.35 -11.63 13.09
CA GLY F 55 -47.56 -12.40 12.93
C GLY F 55 -48.67 -11.62 12.23
N LYS F 56 -49.01 -10.39 12.64
CA LYS F 56 -50.10 -9.56 12.19
C LYS F 56 -50.10 -9.17 10.72
N ASN F 57 -49.10 -8.37 10.35
CA ASN F 57 -48.86 -7.92 9.00
C ASN F 57 -47.45 -8.28 8.53
N ASP F 58 -47.24 -9.55 8.21
CA ASP F 58 -46.00 -10.15 7.73
C ASP F 58 -46.10 -10.78 6.36
N LYS F 59 -47.28 -10.98 5.77
CA LYS F 59 -47.47 -11.95 4.72
C LYS F 59 -47.53 -11.40 3.30
N GLU F 60 -47.51 -10.06 3.20
CA GLU F 60 -47.63 -9.31 1.97
C GLU F 60 -46.48 -9.52 0.98
N VAL F 61 -45.56 -10.47 1.18
CA VAL F 61 -44.53 -10.79 0.22
C VAL F 61 -44.82 -12.07 -0.56
N VAL F 62 -45.57 -12.96 0.07
CA VAL F 62 -46.05 -14.23 -0.44
C VAL F 62 -47.57 -14.33 -0.29
N SER F 63 -48.17 -13.14 -0.43
CA SER F 63 -49.55 -12.76 -0.60
C SER F 63 -49.71 -11.26 -0.87
N SER F 64 -50.93 -10.72 -0.79
CA SER F 64 -51.05 -9.28 -0.69
C SER F 64 -52.04 -8.92 0.41
N LEU F 65 -52.13 -7.64 0.76
CA LEU F 65 -53.14 -6.91 1.53
C LEU F 65 -53.71 -5.78 0.69
N GLY F 66 -55.02 -5.57 0.67
CA GLY F 66 -55.72 -4.70 -0.27
C GLY F 66 -57.19 -4.57 0.12
N SER F 67 -57.95 -3.71 -0.56
CA SER F 67 -59.37 -3.49 -0.46
C SER F 67 -60.04 -3.64 -1.83
N GLY F 68 -61.37 -3.66 -1.93
CA GLY F 68 -62.16 -3.51 -3.15
C GLY F 68 -63.64 -3.37 -2.82
N VAL F 69 -64.47 -3.42 -3.87
CA VAL F 69 -65.91 -3.29 -3.73
C VAL F 69 -66.76 -4.33 -4.44
N ILE F 70 -67.69 -4.98 -3.74
CA ILE F 70 -68.68 -5.79 -4.42
C ILE F 70 -69.63 -4.81 -5.12
N ILE F 71 -69.58 -4.75 -6.45
CA ILE F 71 -70.39 -3.83 -7.23
C ILE F 71 -71.82 -4.28 -7.44
N SER F 72 -72.12 -5.58 -7.46
CA SER F 72 -73.41 -6.11 -7.87
C SER F 72 -73.74 -7.30 -6.98
N LYS F 73 -75.04 -7.45 -6.81
CA LYS F 73 -75.63 -8.43 -5.92
C LYS F 73 -75.33 -9.88 -6.30
N ASP F 74 -74.77 -10.17 -7.46
CA ASP F 74 -74.14 -11.41 -7.91
C ASP F 74 -72.87 -11.86 -7.19
N GLY F 75 -72.16 -10.91 -6.60
CA GLY F 75 -70.93 -11.12 -5.86
C GLY F 75 -69.62 -10.82 -6.58
N TYR F 76 -69.67 -9.84 -7.49
CA TYR F 76 -68.56 -9.50 -8.35
C TYR F 76 -67.93 -8.27 -7.71
N ILE F 77 -66.75 -8.43 -7.14
CA ILE F 77 -65.91 -7.39 -6.54
C ILE F 77 -65.01 -6.82 -7.62
N VAL F 78 -64.59 -5.56 -7.39
CA VAL F 78 -63.59 -4.88 -8.18
C VAL F 78 -62.41 -4.47 -7.31
N THR F 79 -61.17 -4.44 -7.82
CA THR F 79 -59.95 -4.03 -7.15
C THR F 79 -58.86 -3.75 -8.19
N ASN F 80 -57.73 -3.15 -7.78
CA ASN F 80 -56.62 -2.98 -8.69
C ASN F 80 -56.16 -4.29 -9.30
N ASN F 81 -55.66 -4.32 -10.54
CA ASN F 81 -54.89 -5.37 -11.18
C ASN F 81 -53.54 -5.55 -10.48
N HIS F 82 -52.80 -4.49 -10.13
CA HIS F 82 -51.56 -4.73 -9.41
C HIS F 82 -51.74 -5.04 -7.93
N VAL F 83 -52.97 -5.27 -7.46
CA VAL F 83 -53.20 -6.00 -6.24
C VAL F 83 -53.35 -7.47 -6.57
N VAL F 84 -54.10 -7.93 -7.58
CA VAL F 84 -54.36 -9.34 -7.81
C VAL F 84 -53.52 -9.85 -8.96
N ASP F 85 -52.44 -9.18 -9.39
CA ASP F 85 -51.58 -9.66 -10.45
C ASP F 85 -50.92 -10.97 -10.04
N ASP F 86 -50.90 -11.96 -10.94
CA ASP F 86 -50.56 -13.34 -10.62
C ASP F 86 -51.45 -13.91 -9.52
N ALA F 87 -52.77 -13.67 -9.58
CA ALA F 87 -53.83 -14.21 -8.76
C ALA F 87 -53.81 -15.72 -8.70
N ASP F 88 -53.51 -16.26 -7.51
CA ASP F 88 -53.77 -17.65 -7.14
C ASP F 88 -54.99 -17.74 -6.24
N THR F 89 -54.77 -18.07 -4.97
CA THR F 89 -55.80 -18.10 -3.95
C THR F 89 -56.14 -16.72 -3.41
N ILE F 90 -56.82 -15.87 -4.18
CA ILE F 90 -57.14 -14.51 -3.81
C ILE F 90 -58.27 -14.50 -2.79
N THR F 91 -57.94 -14.89 -1.56
CA THR F 91 -58.88 -14.88 -0.46
C THR F 91 -59.23 -13.48 0.01
N VAL F 92 -60.42 -13.34 0.62
CA VAL F 92 -60.97 -12.10 1.13
C VAL F 92 -61.04 -12.08 2.65
N ASN F 93 -61.31 -10.93 3.27
CA ASN F 93 -61.96 -10.73 4.54
C ASN F 93 -62.98 -9.63 4.28
N LEU F 94 -64.26 -9.84 4.59
CA LEU F 94 -65.31 -8.85 4.46
C LEU F 94 -65.61 -8.20 5.81
N PRO F 95 -65.16 -6.99 6.12
CA PRO F 95 -65.40 -6.27 7.36
C PRO F 95 -66.82 -5.99 7.81
N GLY F 96 -67.85 -6.47 7.11
CA GLY F 96 -69.25 -6.55 7.48
C GLY F 96 -69.89 -7.85 7.89
N SER F 97 -69.16 -8.94 7.63
CA SER F 97 -69.51 -10.31 7.98
C SER F 97 -68.43 -11.38 8.07
N ASP F 98 -67.15 -10.97 8.07
CA ASP F 98 -65.92 -11.71 8.25
C ASP F 98 -65.76 -12.92 7.33
N ILE F 99 -66.55 -12.99 6.26
CA ILE F 99 -66.44 -14.07 5.29
C ILE F 99 -65.08 -14.08 4.60
N GLU F 100 -64.48 -15.26 4.46
CA GLU F 100 -63.06 -15.42 4.29
C GLU F 100 -62.89 -16.66 3.41
N TYR F 101 -63.43 -16.62 2.19
CA TYR F 101 -63.14 -17.61 1.17
C TYR F 101 -62.15 -17.12 0.13
N LYS F 102 -61.50 -18.00 -0.63
CA LYS F 102 -60.96 -17.64 -1.92
C LYS F 102 -62.09 -16.99 -2.69
N ALA F 103 -61.69 -16.22 -3.71
CA ALA F 103 -62.52 -15.74 -4.80
C ALA F 103 -61.90 -16.08 -6.15
N LYS F 104 -62.66 -15.92 -7.23
CA LYS F 104 -62.35 -16.27 -8.61
C LYS F 104 -62.23 -15.04 -9.51
N LEU F 105 -61.00 -14.69 -9.89
CA LEU F 105 -60.77 -13.67 -10.90
C LEU F 105 -61.45 -13.94 -12.23
N ILE F 106 -62.55 -13.28 -12.60
CA ILE F 106 -63.20 -13.36 -13.89
C ILE F 106 -62.28 -12.72 -14.90
N GLY F 107 -61.76 -11.51 -14.63
CA GLY F 107 -61.04 -10.77 -15.65
C GLY F 107 -60.14 -9.71 -15.04
N LYS F 108 -59.01 -9.46 -15.71
CA LYS F 108 -58.06 -8.40 -15.42
C LYS F 108 -57.77 -7.67 -16.73
N ASP F 109 -57.45 -6.39 -16.57
CA ASP F 109 -56.87 -5.50 -17.56
C ASP F 109 -55.73 -4.70 -16.97
N PRO F 110 -54.48 -4.83 -17.45
CA PRO F 110 -53.33 -4.14 -16.91
C PRO F 110 -53.23 -2.67 -17.32
N LYS F 111 -54.08 -2.20 -18.24
CA LYS F 111 -54.01 -0.91 -18.88
C LYS F 111 -54.74 0.22 -18.19
N THR F 112 -55.91 -0.05 -17.61
CA THR F 112 -56.66 0.61 -16.56
C THR F 112 -56.43 0.07 -15.17
N ASP F 113 -55.71 -1.06 -15.18
CA ASP F 113 -55.35 -1.81 -14.00
C ASP F 113 -56.52 -2.23 -13.11
N LEU F 114 -57.61 -2.79 -13.65
CA LEU F 114 -58.83 -3.14 -12.96
C LEU F 114 -59.02 -4.64 -13.15
N ALA F 115 -59.57 -5.29 -12.12
CA ALA F 115 -59.95 -6.69 -12.08
C ALA F 115 -61.27 -7.00 -11.39
N VAL F 116 -62.12 -7.73 -12.12
CA VAL F 116 -63.39 -8.24 -11.69
C VAL F 116 -63.20 -9.68 -11.21
N ILE F 117 -63.75 -9.94 -10.02
CA ILE F 117 -63.54 -11.16 -9.27
C ILE F 117 -64.85 -11.54 -8.61
N LYS F 118 -65.30 -12.77 -8.84
CA LYS F 118 -66.37 -13.38 -8.08
C LYS F 118 -65.97 -14.01 -6.75
N ILE F 119 -66.39 -13.42 -5.63
CA ILE F 119 -66.27 -14.02 -4.32
C ILE F 119 -67.44 -14.99 -4.18
N GLU F 120 -67.20 -16.23 -3.74
CA GLU F 120 -68.02 -17.40 -4.00
C GLU F 120 -69.12 -17.63 -2.97
N ALA F 121 -69.41 -16.61 -2.15
CA ALA F 121 -70.37 -16.69 -1.07
C ALA F 121 -71.78 -16.29 -1.49
N ASN F 122 -72.69 -16.29 -0.52
CA ASN F 122 -74.10 -16.00 -0.69
C ASN F 122 -74.55 -14.66 -0.10
N ASN F 123 -75.62 -14.06 -0.62
CA ASN F 123 -76.24 -12.84 -0.13
C ASN F 123 -75.37 -11.59 -0.15
N LEU F 124 -74.50 -11.58 -1.16
CA LEU F 124 -73.41 -10.62 -1.27
C LEU F 124 -73.92 -9.24 -1.62
N SER F 125 -73.30 -8.19 -1.08
CA SER F 125 -73.72 -6.83 -1.30
C SER F 125 -73.49 -6.33 -2.71
N ALA F 126 -74.15 -5.21 -3.05
CA ALA F 126 -73.82 -4.36 -4.17
C ALA F 126 -73.38 -3.03 -3.61
N ILE F 127 -72.97 -2.13 -4.51
CA ILE F 127 -73.03 -0.72 -4.23
C ILE F 127 -74.07 -0.07 -5.13
N THR F 128 -74.33 1.21 -4.83
CA THR F 128 -75.10 2.09 -5.69
C THR F 128 -74.12 2.83 -6.60
N PHE F 129 -73.95 2.39 -7.85
CA PHE F 129 -73.02 2.88 -8.85
C PHE F 129 -73.45 4.19 -9.49
N THR F 130 -73.41 5.32 -8.79
CA THR F 130 -73.77 6.64 -9.26
C THR F 130 -72.78 7.30 -10.22
N ASN F 131 -73.03 8.49 -10.75
CA ASN F 131 -72.27 9.13 -11.80
C ASN F 131 -71.24 10.12 -11.27
N SER F 132 -69.99 9.87 -11.67
CA SER F 132 -68.78 10.49 -11.14
C SER F 132 -68.49 11.81 -11.82
N ASP F 133 -69.31 12.19 -12.81
CA ASP F 133 -69.46 13.50 -13.40
C ASP F 133 -70.74 14.21 -12.99
N ASP F 134 -71.32 13.95 -11.81
CA ASP F 134 -72.12 14.90 -11.07
C ASP F 134 -71.28 15.62 -10.03
N LEU F 135 -70.00 15.26 -9.90
CA LEU F 135 -69.08 15.91 -8.99
C LEU F 135 -68.51 17.26 -9.45
N MET F 136 -68.22 18.08 -8.44
CA MET F 136 -67.43 19.29 -8.55
C MET F 136 -66.44 19.28 -7.39
N GLU F 137 -65.54 20.27 -7.38
CA GLU F 137 -64.57 20.52 -6.34
C GLU F 137 -65.30 21.15 -5.16
N GLY F 138 -64.73 20.94 -3.97
CA GLY F 138 -65.17 21.17 -2.62
C GLY F 138 -66.48 20.50 -2.20
N ASP F 139 -67.01 19.55 -2.97
CA ASP F 139 -68.00 18.60 -2.50
C ASP F 139 -67.57 17.60 -1.45
N VAL F 140 -68.42 17.30 -0.47
CA VAL F 140 -68.21 16.33 0.60
C VAL F 140 -68.41 14.88 0.20
N VAL F 141 -67.50 14.03 0.69
CA VAL F 141 -67.27 12.65 0.34
C VAL F 141 -66.66 11.90 1.52
N PHE F 142 -66.62 10.57 1.42
CA PHE F 142 -65.93 9.71 2.37
C PHE F 142 -65.08 8.69 1.64
N ALA F 143 -63.87 8.38 2.12
CA ALA F 143 -62.88 7.45 1.60
C ALA F 143 -62.75 6.29 2.57
N LEU F 144 -62.71 5.05 2.07
CA LEU F 144 -63.08 3.88 2.84
C LEU F 144 -62.15 2.71 2.54
N GLY F 145 -62.02 1.80 3.50
CA GLY F 145 -61.31 0.54 3.31
C GLY F 145 -60.33 0.26 4.42
N ASN F 146 -59.16 -0.32 4.12
CA ASN F 146 -58.23 -0.93 5.05
C ASN F 146 -56.86 -0.27 5.02
N PRO F 147 -56.70 0.94 5.56
CA PRO F 147 -55.48 1.72 5.43
C PRO F 147 -54.37 0.98 6.14
N PHE F 148 -53.27 0.75 5.42
CA PHE F 148 -52.13 -0.04 5.83
C PHE F 148 -52.39 -1.36 6.53
N GLY F 149 -53.55 -1.96 6.26
CA GLY F 149 -54.00 -3.18 6.91
C GLY F 149 -54.39 -3.07 8.38
N VAL F 150 -54.74 -1.95 8.99
CA VAL F 150 -55.13 -1.90 10.38
C VAL F 150 -56.43 -2.61 10.73
N GLY F 151 -57.27 -2.93 9.73
CA GLY F 151 -58.68 -3.27 9.80
C GLY F 151 -59.48 -2.27 8.98
N PHE F 152 -60.81 -2.38 8.85
CA PHE F 152 -61.65 -1.40 8.22
C PHE F 152 -61.83 -0.06 8.96
N SER F 153 -61.49 1.01 8.26
CA SER F 153 -61.34 2.40 8.66
C SER F 153 -61.82 3.40 7.62
N VAL F 154 -62.37 4.58 7.91
CA VAL F 154 -62.92 5.58 7.02
C VAL F 154 -62.46 6.98 7.37
N THR F 155 -62.22 7.82 6.35
CA THR F 155 -62.03 9.24 6.55
C THR F 155 -63.04 10.01 5.70
N SER F 156 -63.27 11.27 6.05
CA SER F 156 -64.03 12.23 5.28
C SER F 156 -63.07 13.24 4.67
N GLY F 157 -63.43 13.62 3.43
CA GLY F 157 -62.83 14.72 2.71
C GLY F 157 -63.80 15.57 1.90
N ILE F 158 -63.18 16.59 1.30
CA ILE F 158 -63.76 17.32 0.19
C ILE F 158 -62.79 17.40 -0.98
N ILE F 159 -63.40 17.47 -2.16
CA ILE F 159 -62.68 17.53 -3.42
C ILE F 159 -61.76 18.73 -3.60
N SER F 160 -60.54 18.40 -4.03
CA SER F 160 -59.51 19.31 -4.47
C SER F 160 -59.05 19.22 -5.91
N ALA F 161 -59.32 18.20 -6.73
CA ALA F 161 -59.17 18.18 -8.16
C ALA F 161 -60.00 17.13 -8.88
N LEU F 162 -60.37 17.36 -10.14
CA LEU F 162 -61.22 16.48 -10.91
C LEU F 162 -60.50 16.04 -12.18
N ASN F 163 -60.77 14.83 -12.67
CA ASN F 163 -60.49 14.32 -14.00
C ASN F 163 -59.08 14.41 -14.55
N LYS F 164 -58.04 13.83 -13.96
CA LYS F 164 -56.62 14.07 -14.19
C LYS F 164 -55.92 12.83 -14.70
N ASP F 165 -55.34 13.05 -15.88
CA ASP F 165 -54.28 12.18 -16.36
C ASP F 165 -52.94 12.79 -15.97
N ASN F 166 -51.83 12.32 -16.55
CA ASN F 166 -50.47 12.77 -16.36
C ASN F 166 -49.86 12.23 -15.08
N ILE F 167 -50.64 11.41 -14.38
CA ILE F 167 -50.28 10.59 -13.23
C ILE F 167 -49.56 9.28 -13.53
N GLY F 168 -50.06 8.54 -14.52
CA GLY F 168 -49.49 7.41 -15.23
C GLY F 168 -49.08 6.20 -14.39
N LEU F 169 -49.96 5.82 -13.45
CA LEU F 169 -49.83 4.56 -12.73
C LEU F 169 -49.88 3.34 -13.62
N ASN F 170 -50.53 3.40 -14.78
CA ASN F 170 -50.48 2.38 -15.81
C ASN F 170 -50.56 2.95 -17.21
N GLN F 171 -51.74 2.89 -17.83
CA GLN F 171 -51.98 3.30 -19.20
C GLN F 171 -53.19 4.14 -19.57
N TYR F 172 -54.19 4.16 -18.67
CA TYR F 172 -55.34 5.00 -18.91
C TYR F 172 -55.74 5.56 -17.56
N GLU F 173 -55.94 6.87 -17.41
CA GLU F 173 -56.06 7.57 -16.14
C GLU F 173 -57.05 8.73 -16.21
N ASN F 174 -57.89 8.92 -15.19
CA ASN F 174 -58.67 10.14 -15.12
C ASN F 174 -58.89 10.53 -13.67
N PHE F 175 -57.90 10.40 -12.79
CA PHE F 175 -58.16 10.58 -11.38
C PHE F 175 -58.84 11.82 -10.80
N ILE F 176 -59.60 11.71 -9.72
CA ILE F 176 -60.33 12.69 -8.91
C ILE F 176 -59.64 12.62 -7.55
N GLN F 177 -59.66 13.75 -6.84
CA GLN F 177 -58.73 13.96 -5.75
C GLN F 177 -59.41 14.66 -4.58
N THR F 178 -59.21 14.21 -3.34
CA THR F 178 -59.78 14.79 -2.15
C THR F 178 -58.67 14.86 -1.11
N ASP F 179 -58.97 15.66 -0.08
CA ASP F 179 -57.98 15.81 0.97
C ASP F 179 -57.74 14.64 1.90
N ALA F 180 -58.67 13.69 1.99
CA ALA F 180 -58.82 12.71 3.05
C ALA F 180 -57.60 11.80 3.12
N SER F 181 -57.28 11.32 4.32
CA SER F 181 -56.25 10.31 4.46
C SER F 181 -56.64 8.91 4.00
N ILE F 182 -55.75 8.36 3.19
CA ILE F 182 -55.80 7.03 2.62
C ILE F 182 -54.38 6.51 2.41
N ASN F 183 -54.26 5.23 2.75
CA ASN F 183 -53.02 4.48 2.76
C ASN F 183 -53.09 3.12 2.05
N PRO F 184 -52.02 2.70 1.37
CA PRO F 184 -52.05 1.42 0.69
C PRO F 184 -52.50 0.21 1.49
N GLY F 185 -53.29 -0.68 0.89
CA GLY F 185 -54.32 -1.34 1.66
C GLY F 185 -55.72 -0.85 1.36
N ASN F 186 -55.81 0.47 1.15
CA ASN F 186 -57.03 0.96 0.56
C ASN F 186 -56.99 0.71 -0.95
N SER F 187 -55.88 0.19 -1.48
CA SER F 187 -55.62 -0.18 -2.85
C SER F 187 -56.83 -0.86 -3.46
N GLY F 188 -57.42 -0.14 -4.41
CA GLY F 188 -58.59 -0.49 -5.18
C GLY F 188 -59.93 -0.31 -4.49
N GLY F 189 -59.89 0.43 -3.39
CA GLY F 189 -61.08 0.74 -2.62
C GLY F 189 -61.78 2.01 -3.07
N ALA F 190 -62.72 2.51 -2.25
CA ALA F 190 -63.74 3.40 -2.77
C ALA F 190 -63.84 4.74 -2.03
N LEU F 191 -64.21 5.73 -2.82
CA LEU F 191 -64.69 7.07 -2.52
C LEU F 191 -66.17 7.13 -2.86
N VAL F 192 -66.99 7.34 -1.82
CA VAL F 192 -68.41 7.55 -2.01
C VAL F 192 -68.71 9.02 -1.76
N ASP F 193 -69.82 9.54 -2.31
CA ASP F 193 -70.39 10.83 -1.99
C ASP F 193 -71.01 10.97 -0.60
N SER F 194 -71.38 12.22 -0.31
CA SER F 194 -71.91 12.53 0.99
C SER F 194 -73.23 11.84 1.32
N ARG F 195 -73.80 11.12 0.36
CA ARG F 195 -74.95 10.24 0.56
C ARG F 195 -74.66 8.75 0.47
N GLY F 196 -73.40 8.35 0.27
CA GLY F 196 -72.84 7.02 0.33
C GLY F 196 -72.88 6.20 -0.96
N TYR F 197 -73.14 6.92 -2.06
CA TYR F 197 -73.09 6.44 -3.42
C TYR F 197 -71.75 6.49 -4.16
N LEU F 198 -71.37 5.46 -4.92
CA LEU F 198 -70.09 5.33 -5.58
C LEU F 198 -69.72 6.41 -6.57
N VAL F 199 -68.61 7.10 -6.30
CA VAL F 199 -68.17 8.14 -7.20
C VAL F 199 -66.71 8.19 -7.63
N GLY F 200 -65.85 7.44 -6.92
CA GLY F 200 -64.48 7.14 -7.26
C GLY F 200 -63.91 5.93 -6.52
N ILE F 201 -62.76 5.43 -6.99
CA ILE F 201 -62.01 4.23 -6.68
C ILE F 201 -60.53 4.55 -6.50
N ASN F 202 -59.96 4.63 -5.31
CA ASN F 202 -58.61 4.98 -4.90
C ASN F 202 -57.61 3.87 -5.23
N SER F 203 -56.52 4.15 -5.94
CA SER F 203 -55.48 3.18 -6.23
C SER F 203 -54.13 3.53 -5.64
N ALA F 204 -53.73 4.79 -5.42
CA ALA F 204 -52.48 5.30 -4.90
C ALA F 204 -52.64 6.75 -4.47
N ILE F 205 -51.55 7.41 -4.05
CA ILE F 205 -51.41 8.74 -3.52
C ILE F 205 -50.11 9.47 -3.84
N LEU F 206 -50.15 10.74 -4.23
CA LEU F 206 -49.06 11.67 -4.13
C LEU F 206 -48.69 11.95 -2.68
N SER F 207 -47.70 11.30 -2.06
CA SER F 207 -47.28 11.45 -0.69
C SER F 207 -45.81 11.06 -0.51
N ARG F 208 -45.28 11.35 0.68
CA ARG F 208 -43.93 10.98 1.06
C ARG F 208 -43.86 9.68 1.85
N GLY F 209 -44.88 9.38 2.65
CA GLY F 209 -44.88 8.33 3.65
C GLY F 209 -45.54 7.00 3.28
N GLY F 210 -45.81 6.63 2.03
CA GLY F 210 -46.79 5.62 1.68
C GLY F 210 -48.26 5.94 1.97
N GLY F 211 -48.61 6.35 3.19
CA GLY F 211 -49.87 6.97 3.55
C GLY F 211 -49.82 8.48 3.37
N ASN F 212 -51.01 9.06 3.44
CA ASN F 212 -51.45 10.31 2.85
C ASN F 212 -50.82 11.55 3.45
N ASN F 213 -50.58 12.56 2.61
CA ASN F 213 -50.20 13.90 3.02
C ASN F 213 -51.17 14.95 2.54
N GLY F 214 -52.11 14.59 1.65
CA GLY F 214 -53.26 15.38 1.28
C GLY F 214 -53.88 15.24 -0.10
N ILE F 215 -53.51 14.19 -0.84
CA ILE F 215 -53.56 14.14 -2.27
C ILE F 215 -53.87 12.74 -2.79
N GLY F 216 -54.73 11.97 -2.11
CA GLY F 216 -55.28 10.73 -2.59
C GLY F 216 -56.03 10.84 -3.92
N PHE F 217 -55.87 9.82 -4.77
CA PHE F 217 -56.38 9.78 -6.12
C PHE F 217 -57.28 8.60 -6.47
N ALA F 218 -58.48 8.92 -6.93
CA ALA F 218 -59.55 8.05 -7.41
C ALA F 218 -59.92 7.97 -8.88
N ILE F 219 -59.94 6.80 -9.54
CA ILE F 219 -60.55 6.54 -10.81
C ILE F 219 -62.05 6.76 -10.77
N PRO F 220 -62.70 7.46 -11.70
CA PRO F 220 -64.14 7.68 -11.62
C PRO F 220 -65.03 6.44 -11.65
N SER F 221 -66.25 6.55 -11.13
CA SER F 221 -67.20 5.45 -11.14
C SER F 221 -67.61 5.11 -12.57
N ASN F 222 -67.89 6.12 -13.39
CA ASN F 222 -68.42 6.04 -14.73
C ASN F 222 -67.42 5.48 -15.73
N MET F 223 -66.13 5.58 -15.40
CA MET F 223 -65.14 4.72 -15.99
C MET F 223 -65.27 3.27 -15.53
N VAL F 224 -65.18 3.02 -14.22
CA VAL F 224 -65.04 1.65 -13.79
C VAL F 224 -66.27 0.76 -14.04
N LYS F 225 -67.49 1.29 -14.18
CA LYS F 225 -68.67 0.55 -14.56
C LYS F 225 -68.49 -0.01 -15.96
N ASP F 226 -68.08 0.76 -16.98
CA ASP F 226 -67.75 0.33 -18.32
C ASP F 226 -66.66 -0.73 -18.40
N ILE F 227 -65.65 -0.53 -17.55
CA ILE F 227 -64.50 -1.39 -17.38
C ILE F 227 -64.95 -2.75 -16.88
N ALA F 228 -65.80 -2.68 -15.85
CA ALA F 228 -66.43 -3.74 -15.10
C ALA F 228 -67.28 -4.57 -16.04
N LYS F 229 -68.06 -3.88 -16.89
CA LYS F 229 -68.93 -4.53 -17.85
C LYS F 229 -68.13 -5.37 -18.83
N LYS F 230 -67.02 -4.86 -19.37
CA LYS F 230 -66.17 -5.56 -20.31
C LYS F 230 -65.40 -6.69 -19.64
N LEU F 231 -65.04 -6.63 -18.35
CA LEU F 231 -64.60 -7.82 -17.66
C LEU F 231 -65.64 -8.92 -17.48
N ILE F 232 -66.91 -8.65 -17.18
CA ILE F 232 -67.92 -9.67 -17.00
C ILE F 232 -68.21 -10.37 -18.33
N GLU F 233 -68.19 -9.55 -19.37
CA GLU F 233 -68.71 -9.89 -20.68
C GLU F 233 -67.84 -10.76 -21.58
N LYS F 234 -66.53 -10.77 -21.28
CA LYS F 234 -65.43 -11.46 -21.92
C LYS F 234 -64.16 -11.81 -21.16
N GLY F 235 -64.10 -11.45 -19.87
CA GLY F 235 -62.94 -11.77 -19.07
C GLY F 235 -61.66 -10.93 -19.18
N LYS F 236 -61.80 -9.97 -20.09
CA LYS F 236 -60.77 -8.96 -20.26
C LYS F 236 -61.33 -7.72 -20.95
N ILE F 237 -60.49 -6.74 -21.27
CA ILE F 237 -60.87 -5.62 -22.10
C ILE F 237 -59.96 -5.59 -23.32
N ASP F 238 -60.43 -5.10 -24.46
CA ASP F 238 -59.75 -5.15 -25.75
C ASP F 238 -59.85 -3.81 -26.43
N ARG F 239 -58.69 -3.15 -26.46
CA ARG F 239 -58.54 -1.78 -26.87
C ARG F 239 -57.82 -1.73 -28.21
N GLY F 240 -58.20 -0.77 -29.06
CA GLY F 240 -57.73 -0.33 -30.37
C GLY F 240 -57.22 1.09 -30.24
N PHE F 241 -57.21 1.88 -31.32
CA PHE F 241 -56.95 3.30 -31.38
C PHE F 241 -57.54 3.89 -32.64
N LEU F 242 -57.34 5.17 -32.97
CA LEU F 242 -57.62 5.69 -34.30
C LEU F 242 -56.35 5.87 -35.12
N GLY F 243 -55.23 5.53 -34.46
CA GLY F 243 -53.85 5.54 -34.89
C GLY F 243 -53.52 7.00 -35.12
N VAL F 244 -53.18 7.76 -34.05
CA VAL F 244 -52.71 9.12 -34.10
C VAL F 244 -51.84 9.52 -32.92
N THR F 245 -50.70 10.15 -33.19
CA THR F 245 -50.08 10.95 -32.15
C THR F 245 -50.60 12.37 -31.99
N ILE F 246 -50.74 12.85 -30.75
CA ILE F 246 -51.66 13.89 -30.33
C ILE F 246 -51.09 14.62 -29.13
N LEU F 247 -51.59 15.86 -29.07
CA LEU F 247 -51.42 16.81 -27.98
C LEU F 247 -52.65 17.67 -27.82
N ALA F 248 -52.66 18.62 -26.88
CA ALA F 248 -53.62 19.70 -26.86
C ALA F 248 -53.12 20.93 -27.58
N LEU F 249 -53.98 21.64 -28.32
CA LEU F 249 -53.71 22.84 -29.10
C LEU F 249 -53.40 23.99 -28.15
N GLN F 250 -52.14 24.42 -28.16
CA GLN F 250 -51.69 25.50 -27.29
C GLN F 250 -51.99 26.89 -27.83
N GLY F 251 -51.85 27.88 -26.94
CA GLY F 251 -52.42 29.20 -27.13
C GLY F 251 -51.82 30.03 -28.25
N ASP F 252 -50.58 29.83 -28.71
CA ASP F 252 -50.01 30.43 -29.89
C ASP F 252 -50.07 29.52 -31.11
N THR F 253 -50.14 28.22 -30.88
CA THR F 253 -50.57 27.20 -31.81
C THR F 253 -51.95 27.46 -32.42
N LYS F 254 -52.89 27.87 -31.58
CA LYS F 254 -54.20 28.30 -32.02
C LYS F 254 -54.16 29.39 -33.08
N LYS F 255 -53.40 30.47 -32.88
CA LYS F 255 -53.23 31.59 -33.77
C LYS F 255 -52.39 31.23 -35.01
N ALA F 256 -51.27 30.54 -34.90
CA ALA F 256 -50.38 30.06 -35.95
C ALA F 256 -51.09 29.14 -36.91
N TYR F 257 -51.95 28.26 -36.37
CA TYR F 257 -52.77 27.30 -37.08
C TYR F 257 -54.21 27.76 -37.16
N LYS F 258 -54.38 29.08 -37.30
CA LYS F 258 -55.50 29.85 -37.80
C LYS F 258 -56.85 29.90 -37.10
N ASN F 259 -56.87 29.68 -35.79
CA ASN F 259 -57.82 29.83 -34.71
C ASN F 259 -58.88 28.75 -34.50
N GLN F 260 -58.67 27.57 -35.06
CA GLN F 260 -59.44 26.36 -34.76
C GLN F 260 -59.10 25.93 -33.35
N GLU F 261 -59.91 25.09 -32.70
CA GLU F 261 -59.83 24.56 -31.36
C GLU F 261 -60.21 23.11 -31.14
N GLY F 262 -59.24 22.26 -30.74
CA GLY F 262 -59.49 20.87 -30.38
C GLY F 262 -58.23 20.09 -30.05
N ALA F 263 -58.21 18.76 -29.98
CA ALA F 263 -56.92 18.13 -29.75
C ALA F 263 -56.08 18.29 -31.01
N LEU F 264 -54.84 18.79 -30.89
CA LEU F 264 -53.76 18.99 -31.82
C LEU F 264 -53.15 17.62 -32.11
N ILE F 265 -53.41 17.18 -33.34
CA ILE F 265 -52.61 16.10 -33.89
C ILE F 265 -51.17 16.56 -34.02
N THR F 266 -50.14 15.75 -33.76
CA THR F 266 -48.76 16.17 -33.67
C THR F 266 -48.05 15.54 -34.86
N ASP F 267 -48.18 14.22 -35.00
CA ASP F 267 -47.82 13.48 -36.19
C ASP F 267 -48.84 12.37 -36.41
N VAL F 268 -49.61 12.42 -37.50
CA VAL F 268 -50.52 11.34 -37.81
C VAL F 268 -49.78 10.00 -37.80
N GLN F 269 -50.20 8.95 -37.11
CA GLN F 269 -49.61 7.64 -37.25
C GLN F 269 -50.12 6.97 -38.51
N LYS F 270 -49.56 7.47 -39.61
CA LYS F 270 -49.62 6.96 -40.97
C LYS F 270 -50.76 5.97 -41.15
N GLY F 271 -51.82 6.42 -41.84
CA GLY F 271 -52.83 5.56 -42.42
C GLY F 271 -53.92 5.06 -41.49
N SER F 272 -53.57 4.26 -40.49
CA SER F 272 -54.46 3.83 -39.43
C SER F 272 -55.95 3.78 -39.80
N SER F 273 -56.85 4.40 -39.04
CA SER F 273 -58.07 4.92 -39.62
C SER F 273 -57.93 6.40 -39.97
N ALA F 274 -56.97 7.20 -39.51
CA ALA F 274 -56.95 8.65 -39.60
C ALA F 274 -56.81 9.13 -41.04
N ASP F 275 -55.98 8.55 -41.92
CA ASP F 275 -55.69 9.09 -43.23
C ASP F 275 -56.85 8.73 -44.16
N GLU F 276 -57.37 7.52 -43.93
CA GLU F 276 -58.48 6.84 -44.58
C GLU F 276 -59.79 7.47 -44.13
N ALA F 277 -59.67 8.41 -43.18
CA ALA F 277 -60.71 9.32 -42.76
C ALA F 277 -60.40 10.81 -42.86
N GLY F 278 -59.41 11.23 -43.65
CA GLY F 278 -59.03 12.59 -43.99
C GLY F 278 -58.19 13.28 -42.92
N LEU F 279 -58.15 12.82 -41.68
CA LEU F 279 -57.33 13.43 -40.65
C LEU F 279 -55.85 13.49 -41.00
N LYS F 280 -55.29 14.71 -41.02
CA LYS F 280 -53.88 14.98 -41.23
C LYS F 280 -53.24 15.74 -40.08
N ARG F 281 -52.01 16.24 -40.22
CA ARG F 281 -51.43 17.22 -39.32
C ARG F 281 -51.65 18.65 -39.79
N GLY F 282 -51.61 19.51 -38.78
CA GLY F 282 -52.26 20.80 -38.79
C GLY F 282 -53.78 20.75 -38.66
N ASP F 283 -54.41 19.59 -38.45
CA ASP F 283 -55.78 19.28 -38.09
C ASP F 283 -55.93 19.11 -36.59
N LEU F 284 -57.16 19.29 -36.12
CA LEU F 284 -57.66 19.11 -34.78
C LEU F 284 -58.88 18.20 -34.73
N VAL F 285 -58.98 17.46 -33.62
CA VAL F 285 -60.08 16.56 -33.33
C VAL F 285 -61.01 17.14 -32.27
N THR F 286 -62.32 16.95 -32.44
CA THR F 286 -63.25 17.82 -31.73
C THR F 286 -64.28 17.07 -30.89
N LYS F 287 -64.86 15.97 -31.38
CA LYS F 287 -65.96 15.15 -30.90
C LYS F 287 -66.01 13.74 -31.44
N VAL F 288 -65.82 12.72 -30.60
CA VAL F 288 -66.32 11.38 -30.77
C VAL F 288 -67.85 11.40 -30.71
N ASN F 289 -68.46 10.47 -31.46
CA ASN F 289 -69.88 10.23 -31.48
C ASN F 289 -70.57 10.12 -30.12
N ASN F 290 -69.87 10.03 -28.99
CA ASN F 290 -70.32 10.02 -27.60
C ASN F 290 -69.41 10.79 -26.65
N LYS F 291 -68.26 11.41 -26.97
CA LYS F 291 -67.26 11.96 -26.09
C LYS F 291 -66.60 13.19 -26.71
N VAL F 292 -66.46 14.36 -26.08
CA VAL F 292 -65.88 15.58 -26.58
C VAL F 292 -64.38 15.71 -26.36
N ILE F 293 -63.67 16.11 -27.42
CA ILE F 293 -62.23 16.21 -27.51
C ILE F 293 -61.69 17.64 -27.57
N LYS F 294 -60.64 17.96 -26.82
CA LYS F 294 -59.94 19.22 -26.66
C LYS F 294 -58.47 18.88 -26.52
N SER F 295 -58.09 17.80 -25.82
CA SER F 295 -56.80 17.39 -25.32
C SER F 295 -56.38 15.97 -25.74
N PRO F 296 -55.14 15.52 -25.53
CA PRO F 296 -54.74 14.21 -26.01
C PRO F 296 -55.20 13.03 -25.16
N ILE F 297 -55.13 13.24 -23.84
CA ILE F 297 -55.66 12.44 -22.75
C ILE F 297 -57.17 12.39 -22.88
N ASP F 298 -57.89 13.20 -23.66
CA ASP F 298 -59.25 12.94 -24.05
C ASP F 298 -59.31 11.76 -25.01
N LEU F 299 -58.85 11.83 -26.25
CA LEU F 299 -58.89 10.74 -27.22
C LEU F 299 -58.34 9.45 -26.66
N LYS F 300 -57.23 9.52 -25.93
CA LYS F 300 -56.53 8.40 -25.33
C LYS F 300 -57.43 7.58 -24.44
N ASN F 301 -58.10 8.16 -23.44
CA ASN F 301 -58.89 7.55 -22.41
C ASN F 301 -60.31 7.26 -22.89
N TYR F 302 -60.76 8.01 -23.89
CA TYR F 302 -61.91 7.75 -24.72
C TYR F 302 -61.83 6.44 -25.49
N ILE F 303 -60.73 6.16 -26.19
CA ILE F 303 -60.30 4.87 -26.69
C ILE F 303 -60.04 3.82 -25.62
N GLY F 304 -59.60 4.18 -24.41
CA GLY F 304 -59.48 3.29 -23.27
C GLY F 304 -60.84 2.95 -22.69
N THR F 305 -61.97 3.47 -23.19
CA THR F 305 -63.32 3.03 -22.89
C THR F 305 -64.10 2.81 -24.18
N LEU F 306 -63.46 2.21 -25.18
CA LEU F 306 -63.96 1.67 -26.43
C LEU F 306 -63.36 0.39 -26.96
N GLU F 307 -64.19 -0.35 -27.68
CA GLU F 307 -63.93 -1.74 -28.00
C GLU F 307 -63.85 -2.02 -29.51
N ILE F 308 -63.20 -3.11 -29.93
CA ILE F 308 -62.52 -3.14 -31.22
C ILE F 308 -63.41 -3.23 -32.45
N GLY F 309 -63.05 -2.67 -33.61
CA GLY F 309 -63.55 -3.09 -34.90
C GLY F 309 -64.79 -2.29 -35.25
N GLN F 310 -65.40 -1.56 -34.30
CA GLN F 310 -66.48 -0.66 -34.63
C GLN F 310 -66.06 0.56 -35.45
N LYS F 311 -66.96 1.11 -36.28
CA LYS F 311 -66.68 2.37 -36.95
C LYS F 311 -67.17 3.60 -36.20
N ILE F 312 -66.41 4.70 -36.23
CA ILE F 312 -66.75 5.92 -35.50
C ILE F 312 -66.79 7.08 -36.46
N SER F 313 -68.01 7.58 -36.68
CA SER F 313 -68.29 8.72 -37.54
C SER F 313 -67.98 10.07 -36.92
N LEU F 314 -66.69 10.22 -36.58
CA LEU F 314 -66.08 11.26 -35.79
C LEU F 314 -65.81 12.55 -36.55
N SER F 315 -65.89 13.72 -35.90
CA SER F 315 -65.57 15.01 -36.47
C SER F 315 -64.16 15.51 -36.17
N TYR F 316 -63.65 16.18 -37.21
CA TYR F 316 -62.38 16.87 -37.10
C TYR F 316 -62.31 18.14 -37.94
N GLU F 317 -61.29 18.98 -37.77
CA GLU F 317 -61.14 20.25 -38.46
C GLU F 317 -59.72 20.50 -38.92
N ARG F 318 -59.64 21.32 -39.96
CA ARG F 318 -58.43 21.96 -40.44
C ARG F 318 -58.64 23.47 -40.32
N ASP F 319 -57.61 24.28 -40.58
CA ASP F 319 -57.49 25.71 -40.56
C ASP F 319 -58.77 26.54 -40.52
N GLY F 320 -59.83 26.24 -41.29
CA GLY F 320 -61.14 26.84 -41.22
C GLY F 320 -62.31 25.94 -41.60
N GLU F 321 -62.18 24.62 -41.59
CA GLU F 321 -63.19 23.73 -42.14
C GLU F 321 -63.34 22.43 -41.34
N ASN F 322 -64.53 21.95 -40.98
CA ASN F 322 -64.81 20.69 -40.32
C ASN F 322 -65.36 19.58 -41.21
N LYS F 323 -65.07 18.30 -40.96
CA LYS F 323 -65.48 17.16 -41.77
C LYS F 323 -65.90 16.05 -40.83
N GLN F 324 -66.80 15.15 -41.25
CA GLN F 324 -67.10 13.96 -40.49
C GLN F 324 -66.87 12.71 -41.33
N ALA F 325 -65.87 11.88 -41.03
CA ALA F 325 -65.61 10.66 -41.76
C ALA F 325 -65.64 9.49 -40.79
N SER F 326 -65.62 8.24 -41.29
CA SER F 326 -65.88 7.05 -40.51
C SER F 326 -64.64 6.22 -40.22
N PHE F 327 -64.29 6.17 -38.92
CA PHE F 327 -63.00 5.73 -38.44
C PHE F 327 -63.19 4.40 -37.74
N ILE F 328 -62.74 3.27 -38.31
CA ILE F 328 -62.62 2.01 -37.60
C ILE F 328 -61.77 2.18 -36.35
N LEU F 329 -62.08 1.60 -35.18
CA LEU F 329 -61.12 1.41 -34.12
C LEU F 329 -59.97 0.44 -34.40
N LYS F 330 -58.75 0.95 -34.53
CA LYS F 330 -57.60 0.14 -34.88
C LYS F 330 -56.33 0.45 -34.09
N GLY F 331 -55.74 -0.56 -33.44
CA GLY F 331 -54.64 -0.45 -32.50
C GLY F 331 -53.34 0.18 -32.97
N GLU F 332 -52.36 0.32 -32.06
CA GLU F 332 -50.98 0.64 -32.42
C GLU F 332 -50.32 -0.47 -33.20
N LYS F 333 -50.75 -1.70 -32.88
CA LYS F 333 -50.63 -2.91 -33.67
C LYS F 333 -51.68 -3.02 -34.76
N GLU F 334 -51.76 -2.07 -35.71
CA GLU F 334 -52.80 -2.12 -36.70
C GLU F 334 -52.82 -1.29 -38.00
N ASN F 335 -51.99 -0.26 -38.09
CA ASN F 335 -52.04 0.82 -39.05
C ASN F 335 -51.50 0.64 -40.47
N PRO F 336 -52.16 0.98 -41.56
CA PRO F 336 -51.66 0.77 -42.90
C PRO F 336 -50.81 1.80 -43.63
N LYS F 337 -50.36 2.94 -43.12
CA LYS F 337 -49.45 3.98 -43.58
C LYS F 337 -50.02 5.07 -44.49
N GLY F 338 -49.62 6.35 -44.48
CA GLY F 338 -50.23 7.55 -45.00
C GLY F 338 -49.36 8.79 -44.88
N VAL F 339 -49.99 9.96 -44.73
CA VAL F 339 -49.48 11.25 -45.15
C VAL F 339 -49.47 12.39 -44.14
N GLN F 340 -48.38 13.15 -44.17
CA GLN F 340 -47.93 14.34 -43.48
C GLN F 340 -47.62 15.52 -44.39
N SER F 341 -47.76 16.77 -43.93
CA SER F 341 -47.12 17.93 -44.52
C SER F 341 -46.78 19.04 -43.53
N ASP F 342 -47.66 20.00 -43.28
CA ASP F 342 -47.41 21.27 -42.63
C ASP F 342 -46.23 22.06 -43.19
N LEU F 343 -45.18 22.38 -42.46
CA LEU F 343 -44.13 23.29 -42.90
C LEU F 343 -43.30 22.81 -44.09
N ILE F 344 -43.70 21.73 -44.75
CA ILE F 344 -43.16 21.16 -45.98
C ILE F 344 -44.16 21.30 -47.11
N ASP F 345 -45.17 22.15 -46.95
CA ASP F 345 -46.26 22.23 -47.91
C ASP F 345 -45.93 23.11 -49.11
N GLY F 346 -46.00 22.55 -50.33
CA GLY F 346 -45.63 23.27 -51.53
C GLY F 346 -44.17 23.68 -51.67
N LEU F 347 -43.37 23.14 -50.75
CA LEU F 347 -41.96 23.47 -50.63
C LEU F 347 -41.27 22.41 -51.49
N SER F 348 -40.58 22.92 -52.51
CA SER F 348 -39.66 22.17 -53.34
C SER F 348 -38.21 22.57 -53.07
N LEU F 349 -37.53 21.63 -52.39
CA LEU F 349 -36.25 21.76 -51.74
C LEU F 349 -35.46 20.52 -52.08
N ARG F 350 -34.16 20.59 -52.34
CA ARG F 350 -33.21 19.59 -52.77
C ARG F 350 -31.79 19.79 -52.27
N ASN F 351 -31.16 18.65 -52.00
CA ASN F 351 -29.83 18.57 -51.42
C ASN F 351 -28.86 19.48 -52.15
N LEU F 352 -27.83 20.02 -51.48
CA LEU F 352 -26.71 20.81 -51.98
C LEU F 352 -25.34 20.40 -51.46
N ASP F 353 -24.37 20.72 -52.32
CA ASP F 353 -23.20 21.56 -52.13
C ASP F 353 -23.34 22.65 -53.17
N PRO F 354 -23.50 23.91 -52.78
CA PRO F 354 -23.80 25.06 -53.60
C PRO F 354 -22.67 25.40 -54.54
N ARG F 355 -22.98 25.63 -55.82
CA ARG F 355 -22.08 26.25 -56.78
C ARG F 355 -22.10 27.77 -56.81
N LEU F 356 -21.67 28.38 -55.70
CA LEU F 356 -21.30 29.79 -55.71
C LEU F 356 -20.20 30.10 -54.70
N LYS F 357 -19.74 31.35 -54.59
CA LYS F 357 -18.74 31.83 -53.65
C LYS F 357 -19.39 32.61 -52.52
N ASP F 358 -18.69 32.95 -51.43
CA ASP F 358 -17.43 32.42 -50.95
C ASP F 358 -17.50 31.59 -49.67
N ARG F 359 -18.13 32.20 -48.67
CA ARG F 359 -18.12 31.86 -47.27
C ARG F 359 -16.85 31.15 -46.79
N LEU F 360 -16.87 29.93 -46.27
CA LEU F 360 -15.92 29.25 -45.41
C LEU F 360 -15.60 27.96 -46.16
N GLN F 361 -14.45 27.34 -45.84
CA GLN F 361 -13.97 26.17 -46.54
C GLN F 361 -14.30 24.80 -45.95
N ILE F 362 -14.74 24.76 -44.69
CA ILE F 362 -15.37 23.63 -44.06
C ILE F 362 -16.81 23.33 -44.47
N PRO F 363 -17.29 22.10 -44.69
CA PRO F 363 -18.69 21.80 -44.95
C PRO F 363 -19.79 22.10 -43.94
N LYS F 364 -19.33 22.10 -42.68
CA LYS F 364 -20.16 22.28 -41.51
C LYS F 364 -21.35 23.22 -41.66
N ASP F 365 -21.07 24.41 -42.22
CA ASP F 365 -22.03 25.49 -42.22
C ASP F 365 -22.80 25.60 -43.51
N VAL F 366 -22.49 24.75 -44.51
CA VAL F 366 -22.89 24.88 -45.89
C VAL F 366 -23.63 23.65 -46.39
N ASN F 367 -23.78 22.60 -45.58
CA ASN F 367 -24.63 21.49 -45.94
C ASN F 367 -25.96 21.69 -45.23
N GLY F 368 -27.01 21.12 -45.82
CA GLY F 368 -28.40 21.36 -45.53
C GLY F 368 -29.30 20.96 -46.69
N VAL F 369 -30.27 21.83 -47.00
CA VAL F 369 -31.08 21.83 -48.20
C VAL F 369 -31.31 23.20 -48.83
N LEU F 370 -31.24 23.32 -50.15
CA LEU F 370 -31.59 24.50 -50.93
C LEU F 370 -33.09 24.61 -51.16
N VAL F 371 -33.60 25.78 -51.55
CA VAL F 371 -34.99 26.19 -51.52
C VAL F 371 -35.36 26.68 -52.92
N ASP F 372 -35.74 25.76 -53.80
CA ASP F 372 -36.13 26.05 -55.18
C ASP F 372 -37.42 26.86 -55.15
N SER F 373 -38.36 26.66 -54.22
CA SER F 373 -39.59 27.42 -54.18
C SER F 373 -40.24 27.42 -52.81
N VAL F 374 -40.93 28.50 -52.42
CA VAL F 374 -41.73 28.56 -51.21
C VAL F 374 -43.13 29.01 -51.60
N LYS F 375 -44.15 28.28 -51.16
CA LYS F 375 -45.56 28.56 -51.39
C LYS F 375 -46.12 29.59 -50.43
N GLU F 376 -47.00 30.51 -50.86
CA GLU F 376 -47.40 31.67 -50.10
C GLU F 376 -48.26 31.26 -48.91
N LYS F 377 -49.14 30.25 -49.02
CA LYS F 377 -49.93 29.77 -47.90
C LYS F 377 -49.00 29.30 -46.79
N SER F 378 -47.74 28.94 -47.02
CA SER F 378 -46.91 28.21 -46.10
C SER F 378 -46.51 29.09 -44.91
N LYS F 379 -46.32 28.49 -43.73
CA LYS F 379 -45.76 29.01 -42.51
C LYS F 379 -44.36 29.60 -42.65
N GLY F 380 -43.58 29.19 -43.66
CA GLY F 380 -42.52 29.98 -44.25
C GLY F 380 -42.88 31.45 -44.42
N LYS F 381 -43.75 31.75 -45.38
CA LYS F 381 -43.99 33.09 -45.88
C LYS F 381 -44.78 33.98 -44.93
N ASN F 382 -45.68 33.38 -44.14
CA ASN F 382 -46.29 34.03 -43.01
C ASN F 382 -45.38 34.78 -42.04
N SER F 383 -44.10 34.47 -41.82
CA SER F 383 -43.06 35.27 -41.21
C SER F 383 -41.77 35.34 -41.99
N GLY F 384 -41.82 35.33 -43.34
CA GLY F 384 -40.68 35.81 -44.11
C GLY F 384 -39.57 34.85 -44.49
N PHE F 385 -39.82 33.55 -44.55
CA PHE F 385 -39.07 32.68 -45.43
C PHE F 385 -39.33 33.00 -46.90
N GLN F 386 -38.28 32.97 -47.70
CA GLN F 386 -38.36 33.34 -49.10
C GLN F 386 -37.83 32.27 -50.04
N GLU F 387 -38.08 32.23 -51.35
CA GLU F 387 -37.33 31.57 -52.40
C GLU F 387 -35.83 31.82 -52.36
N GLY F 388 -35.07 30.76 -52.64
CA GLY F 388 -33.67 31.04 -52.91
C GLY F 388 -32.79 31.01 -51.65
N ASP F 389 -33.41 30.92 -50.48
CA ASP F 389 -32.72 30.52 -49.29
C ASP F 389 -32.29 29.06 -49.19
N ILE F 390 -31.48 28.73 -48.19
CA ILE F 390 -30.91 27.40 -48.04
C ILE F 390 -31.06 27.14 -46.56
N ILE F 391 -31.85 26.15 -46.13
CA ILE F 391 -32.02 25.77 -44.74
C ILE F 391 -30.81 24.96 -44.26
N ILE F 392 -30.38 25.35 -43.06
CA ILE F 392 -29.21 24.73 -42.46
C ILE F 392 -29.64 24.33 -41.05
N GLY F 393 -30.43 25.15 -40.35
CA GLY F 393 -31.03 24.76 -39.10
C GLY F 393 -32.54 24.90 -38.96
N VAL F 394 -33.22 24.01 -38.24
CA VAL F 394 -34.66 23.93 -38.08
C VAL F 394 -34.96 23.74 -36.61
N GLY F 395 -35.58 24.70 -35.94
CA GLY F 395 -35.92 24.51 -34.54
C GLY F 395 -34.70 24.58 -33.63
N GLN F 396 -33.72 25.45 -33.88
CA GLN F 396 -32.40 25.40 -33.30
C GLN F 396 -31.66 24.06 -33.33
N SER F 397 -31.92 23.19 -34.31
CA SER F 397 -31.24 21.97 -34.68
C SER F 397 -30.73 21.97 -36.12
N GLU F 398 -29.55 21.46 -36.48
CA GLU F 398 -28.95 21.54 -37.79
C GLU F 398 -29.29 20.35 -38.69
N ILE F 399 -29.06 20.50 -39.98
CA ILE F 399 -29.29 19.47 -40.98
C ILE F 399 -28.19 19.42 -42.04
N LYS F 400 -28.13 18.29 -42.75
CA LYS F 400 -27.28 18.14 -43.92
C LYS F 400 -27.96 17.80 -45.24
N ASN F 401 -29.26 17.47 -45.29
CA ASN F 401 -29.91 16.96 -46.48
C ASN F 401 -31.42 17.05 -46.28
N LEU F 402 -32.17 16.47 -47.21
CA LEU F 402 -33.61 16.27 -47.16
C LEU F 402 -34.04 15.26 -46.10
N LYS F 403 -33.32 14.17 -45.85
CA LYS F 403 -33.70 13.17 -44.85
C LYS F 403 -33.69 13.77 -43.46
N ASP F 404 -32.72 14.62 -43.12
CA ASP F 404 -32.66 15.36 -41.87
C ASP F 404 -33.48 16.65 -41.89
N LEU F 405 -33.75 17.26 -43.05
CA LEU F 405 -34.77 18.28 -43.15
C LEU F 405 -36.10 17.67 -42.73
N GLU F 406 -36.52 16.57 -43.37
CA GLU F 406 -37.79 15.93 -43.07
C GLU F 406 -37.91 15.29 -41.70
N GLN F 407 -36.80 15.08 -40.97
CA GLN F 407 -36.97 14.67 -39.60
C GLN F 407 -37.48 15.86 -38.80
N ALA F 408 -36.81 17.01 -38.93
CA ALA F 408 -37.24 18.19 -38.22
C ALA F 408 -38.63 18.65 -38.69
N LEU F 409 -38.91 18.57 -39.99
CA LEU F 409 -40.25 18.85 -40.44
C LEU F 409 -41.28 17.78 -40.08
N LYS F 410 -40.95 16.62 -39.52
CA LYS F 410 -41.96 15.76 -38.96
C LYS F 410 -42.37 16.21 -37.56
N GLN F 411 -41.51 17.01 -36.91
CA GLN F 411 -41.72 17.59 -35.60
C GLN F 411 -42.32 18.99 -35.57
N VAL F 412 -42.39 19.80 -36.63
CA VAL F 412 -42.80 21.19 -36.60
C VAL F 412 -44.27 21.34 -36.27
N ASN F 413 -45.08 20.32 -36.59
CA ASN F 413 -46.42 20.23 -36.06
C ASN F 413 -46.36 19.85 -34.57
N LYS F 414 -45.22 19.92 -33.88
CA LYS F 414 -45.05 19.81 -32.45
C LYS F 414 -44.41 21.07 -31.90
N LYS F 415 -44.61 22.20 -32.59
CA LYS F 415 -44.03 23.52 -32.51
C LYS F 415 -45.03 24.57 -32.97
N GLU F 416 -45.29 25.51 -32.05
CA GLU F 416 -46.19 26.63 -32.28
C GLU F 416 -45.68 27.64 -33.30
N PHE F 417 -44.35 27.76 -33.24
CA PHE F 417 -43.54 28.37 -34.29
C PHE F 417 -42.22 27.61 -34.30
N THR F 418 -41.55 27.58 -35.46
CA THR F 418 -40.26 26.98 -35.73
C THR F 418 -39.08 27.93 -35.96
N LYS F 419 -38.02 27.93 -35.16
CA LYS F 419 -36.87 28.79 -35.29
C LYS F 419 -35.82 28.21 -36.23
N VAL F 420 -35.91 28.63 -37.49
CA VAL F 420 -35.05 28.12 -38.54
C VAL F 420 -33.90 29.09 -38.75
N TRP F 421 -32.77 28.53 -39.19
CA TRP F 421 -31.66 29.32 -39.70
C TRP F 421 -31.53 29.07 -41.20
N VAL F 422 -31.67 30.08 -42.07
CA VAL F 422 -31.55 29.93 -43.50
C VAL F 422 -30.53 30.85 -44.15
N TYR F 423 -29.46 30.27 -44.70
CA TYR F 423 -28.37 30.88 -45.46
C TYR F 423 -28.98 31.35 -46.78
N ARG F 424 -29.16 32.67 -46.91
CA ARG F 424 -29.62 33.35 -48.10
C ARG F 424 -28.58 33.49 -49.20
N ASN F 425 -28.81 34.49 -50.05
CA ASN F 425 -27.86 34.80 -51.11
C ASN F 425 -26.53 35.23 -50.53
N GLY F 426 -26.41 35.66 -49.27
CA GLY F 426 -25.17 35.83 -48.52
C GLY F 426 -25.09 35.81 -47.00
N PHE F 427 -26.16 35.38 -46.32
CA PHE F 427 -26.16 35.40 -44.87
C PHE F 427 -27.17 34.48 -44.20
N ALA F 428 -26.92 33.84 -43.04
CA ALA F 428 -27.80 32.87 -42.43
C ALA F 428 -28.67 33.64 -41.45
N THR F 429 -29.91 33.84 -41.92
CA THR F 429 -30.81 34.65 -41.14
C THR F 429 -31.71 33.74 -40.30
N LEU F 430 -32.25 34.23 -39.19
CA LEU F 430 -33.13 33.51 -38.28
C LEU F 430 -34.60 33.85 -38.41
N LEU F 431 -35.40 32.86 -38.80
CA LEU F 431 -36.83 33.05 -38.95
C LEU F 431 -37.63 32.20 -37.99
N VAL F 432 -38.92 32.55 -37.92
CA VAL F 432 -39.85 32.08 -36.91
C VAL F 432 -41.22 31.71 -37.48
N LEU F 433 -41.23 30.48 -38.01
CA LEU F 433 -42.29 29.90 -38.81
C LEU F 433 -43.55 29.47 -38.06
N LYS F 434 -44.53 30.36 -38.03
CA LYS F 434 -45.88 30.34 -37.49
C LYS F 434 -46.96 30.02 -38.52
N VAL G 1 47.54 0.41 63.34
CA VAL G 1 46.42 0.32 62.39
C VAL G 1 45.48 -0.81 62.79
N LEU G 2 44.18 -0.57 62.72
CA LEU G 2 43.04 -1.47 62.92
C LEU G 2 42.53 -1.93 61.57
N SER G 3 42.48 -3.25 61.38
CA SER G 3 41.68 -3.93 60.38
C SER G 3 41.09 -5.16 61.07
N TYR G 4 39.85 -5.44 60.67
CA TYR G 4 39.25 -6.73 60.96
C TYR G 4 39.36 -7.78 59.87
N HIS G 5 40.50 -7.71 59.17
CA HIS G 5 40.80 -8.73 58.18
C HIS G 5 41.20 -10.06 58.79
N ASP G 6 41.46 -10.14 60.10
CA ASP G 6 41.52 -11.34 60.92
C ASP G 6 40.36 -12.34 60.84
N SER G 7 39.10 -11.94 60.67
CA SER G 7 37.98 -12.83 60.41
C SER G 7 38.11 -13.32 58.97
N ILE G 8 38.37 -12.36 58.07
CA ILE G 8 38.54 -12.52 56.65
C ILE G 8 39.64 -13.50 56.28
N LYS G 9 40.58 -13.74 57.21
CA LYS G 9 41.60 -14.77 57.16
C LYS G 9 41.25 -16.24 57.36
N ASP G 10 40.42 -16.64 58.32
CA ASP G 10 39.85 -17.96 58.47
C ASP G 10 38.65 -18.14 57.56
N ALA G 11 37.94 -17.07 57.19
CA ALA G 11 36.70 -17.08 56.44
C ALA G 11 36.78 -17.78 55.08
N LYS G 12 37.65 -17.29 54.19
CA LYS G 12 37.95 -17.96 52.94
C LYS G 12 38.35 -19.43 53.06
N LYS G 13 38.93 -19.79 54.20
CA LYS G 13 39.31 -21.18 54.38
C LYS G 13 38.10 -22.11 54.41
N SER G 14 36.91 -21.58 54.71
CA SER G 14 35.59 -22.16 54.62
C SER G 14 34.80 -21.84 53.36
N VAL G 15 34.81 -20.58 52.93
CA VAL G 15 33.98 -20.10 51.83
C VAL G 15 34.56 -20.60 50.51
N VAL G 16 33.78 -21.29 49.69
CA VAL G 16 34.16 -21.71 48.35
C VAL G 16 33.84 -20.62 47.32
N ASN G 17 34.57 -20.47 46.22
CA ASN G 17 34.11 -20.02 44.93
C ASN G 17 33.91 -21.31 44.15
N ILE G 18 33.04 -21.26 43.14
CA ILE G 18 32.48 -22.42 42.48
C ILE G 18 32.75 -22.33 40.98
N SER G 19 33.45 -23.36 40.49
CA SER G 19 33.72 -23.69 39.10
C SER G 19 32.61 -24.62 38.60
N THR G 20 31.40 -24.08 38.45
CA THR G 20 30.12 -24.76 38.41
C THR G 20 29.70 -25.34 37.06
N SER G 21 30.47 -26.25 36.46
CA SER G 21 30.30 -26.78 35.12
C SER G 21 29.07 -27.68 35.00
N LYS G 22 27.88 -27.11 35.19
CA LYS G 22 26.60 -27.72 34.88
C LYS G 22 26.19 -27.37 33.45
N THR G 23 26.00 -28.37 32.58
CA THR G 23 25.80 -27.96 31.21
C THR G 23 24.48 -27.26 30.92
N ILE G 24 23.50 -27.29 31.82
CA ILE G 24 22.17 -26.72 31.66
C ILE G 24 22.02 -25.63 32.71
N THR G 25 22.62 -24.46 32.46
CA THR G 25 22.39 -23.28 33.27
C THR G 25 21.21 -22.52 32.67
N ARG G 26 20.04 -23.17 32.61
CA ARG G 26 18.82 -22.58 32.10
C ARG G 26 17.91 -22.14 33.24
N ALA G 27 18.09 -22.64 34.47
CA ALA G 27 17.41 -22.12 35.64
C ALA G 27 18.00 -20.89 36.28
N ASN G 28 19.34 -20.81 36.34
CA ASN G 28 20.07 -19.61 36.72
C ASN G 28 20.20 -18.67 35.52
N ARG G 29 19.28 -18.75 34.55
CA ARG G 29 19.23 -17.89 33.39
C ARG G 29 18.87 -16.46 33.75
N PRO G 30 19.61 -15.44 33.31
CA PRO G 30 19.02 -14.13 33.15
C PRO G 30 17.66 -14.13 32.48
N SER G 31 16.60 -13.62 33.10
CA SER G 31 15.33 -13.33 32.45
C SER G 31 15.34 -12.05 31.62
N PRO G 32 14.44 -11.99 30.64
CA PRO G 32 14.39 -10.87 29.73
C PRO G 32 14.11 -9.51 30.34
N LEU G 33 15.14 -8.67 30.48
CA LEU G 33 15.24 -7.38 31.11
C LEU G 33 16.12 -6.44 30.29
N ASP G 34 16.02 -5.11 30.29
CA ASP G 34 16.96 -4.27 29.57
C ASP G 34 18.25 -4.07 30.34
N ASP G 35 19.09 -5.10 30.51
CA ASP G 35 20.44 -5.06 31.03
C ASP G 35 21.44 -4.56 30.01
N PHE G 36 22.77 -4.61 30.18
CA PHE G 36 23.68 -4.48 29.08
C PHE G 36 23.61 -5.66 28.12
N PHE G 37 23.25 -5.41 26.86
CA PHE G 37 22.98 -6.35 25.79
C PHE G 37 23.19 -5.70 24.43
N ASN G 38 23.43 -6.52 23.39
CA ASN G 38 24.26 -6.19 22.25
C ASN G 38 25.70 -5.78 22.52
N ASP G 39 26.05 -5.57 23.80
CA ASP G 39 27.42 -5.65 24.25
C ASP G 39 27.74 -6.44 25.51
N PRO G 40 27.31 -7.70 25.68
CA PRO G 40 27.86 -8.50 26.75
C PRO G 40 29.34 -8.79 26.61
N TYR G 41 30.22 -8.10 27.35
CA TYR G 41 31.61 -8.45 27.43
C TYR G 41 31.79 -9.54 28.48
N PHE G 42 32.60 -9.29 29.50
CA PHE G 42 32.61 -10.29 30.56
C PHE G 42 31.35 -10.13 31.41
N LYS G 43 30.88 -11.16 32.11
CA LYS G 43 29.60 -11.02 32.74
C LYS G 43 29.73 -10.09 33.94
N GLN G 44 28.69 -9.29 34.18
CA GLN G 44 28.55 -8.37 35.30
C GLN G 44 29.43 -7.13 35.36
N PHE G 45 29.81 -6.69 34.16
CA PHE G 45 30.47 -5.43 33.89
C PHE G 45 29.50 -4.30 33.63
N PHE G 46 30.00 -3.08 33.41
CA PHE G 46 29.33 -2.06 32.62
C PHE G 46 30.16 -1.24 31.65
N ASP G 47 31.50 -1.35 31.71
CA ASP G 47 32.53 -0.63 31.00
C ASP G 47 32.65 -0.76 29.47
N PHE G 48 33.23 0.25 28.83
CA PHE G 48 33.55 0.36 27.42
C PHE G 48 34.58 -0.66 26.97
N ASP G 49 34.86 -0.77 25.67
CA ASP G 49 35.71 -1.79 25.07
C ASP G 49 37.10 -1.69 25.68
N PHE G 50 37.57 -2.79 26.26
CA PHE G 50 38.75 -2.82 27.12
C PHE G 50 39.74 -3.83 26.55
N PRO G 51 41.04 -3.56 26.57
CA PRO G 51 42.04 -4.42 25.98
C PRO G 51 42.28 -5.81 26.57
N GLN G 52 41.26 -6.38 27.23
CA GLN G 52 41.24 -7.77 27.63
C GLN G 52 40.05 -8.38 26.90
N ARG G 53 40.21 -9.59 26.36
CA ARG G 53 39.36 -10.25 25.39
C ARG G 53 38.78 -11.44 26.16
N LYS G 54 37.79 -12.10 25.57
CA LYS G 54 37.09 -13.21 26.20
C LYS G 54 37.94 -14.29 26.85
N GLY G 55 37.66 -14.69 28.08
CA GLY G 55 38.29 -15.83 28.73
C GLY G 55 38.12 -15.87 30.23
N LYS G 56 37.91 -14.74 30.93
CA LYS G 56 37.83 -14.65 32.38
C LYS G 56 36.49 -15.08 32.98
N ASN G 57 35.42 -14.49 32.41
CA ASN G 57 34.12 -14.80 32.96
C ASN G 57 33.10 -14.75 31.84
N ASP G 58 33.08 -15.87 31.11
CA ASP G 58 32.29 -16.07 29.91
C ASP G 58 31.45 -17.34 29.99
N LYS G 59 31.65 -18.01 31.12
CA LYS G 59 31.17 -19.35 31.40
C LYS G 59 29.72 -19.54 31.81
N GLU G 60 29.06 -18.48 32.28
CA GLU G 60 27.92 -18.59 33.18
C GLU G 60 26.61 -19.01 32.51
N VAL G 61 26.68 -19.40 31.23
CA VAL G 61 25.59 -19.80 30.37
C VAL G 61 25.53 -21.30 30.11
N VAL G 62 26.62 -22.05 30.20
CA VAL G 62 26.84 -23.48 30.16
C VAL G 62 27.67 -23.99 31.33
N SER G 63 27.62 -23.23 32.41
CA SER G 63 28.31 -23.34 33.68
C SER G 63 27.70 -22.39 34.70
N SER G 64 28.26 -22.30 35.90
CA SER G 64 27.93 -21.24 36.83
C SER G 64 29.18 -20.87 37.63
N LEU G 65 28.97 -19.67 38.17
CA LEU G 65 29.79 -19.09 39.22
C LEU G 65 28.87 -18.95 40.42
N GLY G 66 29.51 -18.90 41.59
CA GLY G 66 28.80 -18.81 42.84
C GLY G 66 29.78 -18.90 44.01
N SER G 67 29.25 -19.03 45.23
CA SER G 67 29.98 -19.34 46.43
C SER G 67 29.20 -20.39 47.22
N GLY G 68 29.61 -20.67 48.46
CA GLY G 68 29.33 -21.86 49.25
C GLY G 68 30.08 -21.76 50.57
N VAL G 69 29.75 -22.57 51.57
CA VAL G 69 30.54 -22.66 52.79
C VAL G 69 30.70 -24.11 53.20
N ILE G 70 31.93 -24.53 53.53
CA ILE G 70 32.14 -25.83 54.16
C ILE G 70 31.63 -25.74 55.59
N ILE G 71 30.65 -26.60 55.97
CA ILE G 71 30.02 -26.73 57.26
C ILE G 71 30.61 -27.82 58.14
N SER G 72 31.27 -28.81 57.52
CA SER G 72 31.81 -29.99 58.15
C SER G 72 33.24 -30.37 57.77
N LYS G 73 33.94 -30.85 58.80
CA LYS G 73 35.33 -31.19 58.61
C LYS G 73 35.41 -32.39 57.68
N ASP G 74 34.32 -33.11 57.40
CA ASP G 74 34.15 -34.09 56.35
C ASP G 74 34.11 -33.50 54.95
N GLY G 75 33.88 -32.19 54.77
CA GLY G 75 33.79 -31.56 53.48
C GLY G 75 32.47 -31.39 52.74
N TYR G 76 31.40 -31.36 53.54
CA TYR G 76 30.07 -30.93 53.12
C TYR G 76 30.04 -29.41 53.12
N ILE G 77 30.15 -28.88 51.90
CA ILE G 77 29.78 -27.50 51.64
C ILE G 77 28.27 -27.39 51.50
N VAL G 78 27.82 -26.18 51.87
CA VAL G 78 26.50 -25.73 51.52
C VAL G 78 26.47 -24.65 50.45
N THR G 79 25.51 -24.57 49.51
CA THR G 79 25.25 -23.45 48.64
C THR G 79 23.78 -23.29 48.27
N ASN G 80 23.45 -22.33 47.40
CA ASN G 80 22.16 -22.22 46.76
C ASN G 80 21.78 -23.38 45.85
N ASN G 81 20.54 -23.88 45.84
CA ASN G 81 20.06 -24.85 44.89
C ASN G 81 20.09 -24.34 43.45
N HIS G 82 19.67 -23.09 43.26
CA HIS G 82 19.59 -22.40 42.00
C HIS G 82 20.95 -22.30 41.30
N VAL G 83 22.04 -21.98 41.99
CA VAL G 83 23.41 -22.04 41.53
C VAL G 83 23.71 -23.43 40.98
N VAL G 84 23.25 -24.47 41.68
CA VAL G 84 23.51 -25.88 41.37
C VAL G 84 22.38 -26.68 40.74
N ASP G 85 21.30 -26.11 40.19
CA ASP G 85 20.12 -26.79 39.69
C ASP G 85 20.54 -27.57 38.45
N ASP G 86 20.43 -28.90 38.50
CA ASP G 86 21.06 -29.97 37.74
C ASP G 86 22.56 -29.88 37.76
N ALA G 87 23.12 -30.25 38.92
CA ALA G 87 24.49 -30.16 39.39
C ALA G 87 25.44 -31.14 38.74
N ASP G 88 25.60 -31.19 37.42
CA ASP G 88 26.49 -32.10 36.74
C ASP G 88 27.94 -32.20 37.18
N THR G 89 28.77 -31.19 36.92
CA THR G 89 30.13 -31.31 37.39
C THR G 89 30.57 -30.01 38.08
N ILE G 90 30.01 -29.91 39.27
CA ILE G 90 30.12 -28.70 40.06
C ILE G 90 31.49 -28.59 40.71
N THR G 91 32.51 -28.31 39.89
CA THR G 91 33.84 -28.00 40.39
C THR G 91 33.89 -26.80 41.31
N VAL G 92 34.90 -26.72 42.18
CA VAL G 92 35.12 -25.63 43.09
C VAL G 92 36.48 -24.98 42.92
N ASN G 93 36.60 -23.71 43.34
CA ASN G 93 37.87 -23.10 43.61
C ASN G 93 37.79 -22.53 45.02
N LEU G 94 38.52 -23.17 45.95
CA LEU G 94 38.52 -22.71 47.32
C LEU G 94 39.54 -21.61 47.61
N PRO G 95 39.16 -20.35 47.81
CA PRO G 95 40.16 -19.31 47.96
C PRO G 95 41.05 -19.47 49.19
N GLY G 96 42.35 -19.67 48.98
CA GLY G 96 43.31 -20.04 50.02
C GLY G 96 43.95 -21.41 49.88
N SER G 97 43.34 -22.31 49.10
CA SER G 97 43.89 -23.61 48.78
C SER G 97 43.87 -24.02 47.31
N ASP G 98 43.10 -23.29 46.50
CA ASP G 98 43.13 -23.54 45.07
C ASP G 98 42.83 -24.95 44.59
N ILE G 99 42.10 -25.76 45.37
CA ILE G 99 41.76 -27.13 45.05
C ILE G 99 40.71 -27.19 43.95
N GLU G 100 40.95 -27.78 42.77
CA GLU G 100 40.06 -27.71 41.63
C GLU G 100 39.48 -29.08 41.31
N TYR G 101 38.78 -29.68 42.28
CA TYR G 101 38.08 -30.92 42.11
C TYR G 101 36.61 -30.80 41.71
N LYS G 102 35.94 -31.82 41.16
CA LYS G 102 34.52 -31.92 41.33
C LYS G 102 34.09 -32.11 42.77
N ALA G 103 32.80 -31.84 43.01
CA ALA G 103 32.11 -32.05 44.27
C ALA G 103 30.86 -32.82 43.92
N LYS G 104 30.44 -33.82 44.70
CA LYS G 104 29.31 -34.72 44.57
C LYS G 104 28.12 -34.05 45.27
N LEU G 105 26.96 -33.90 44.64
CA LEU G 105 25.78 -33.37 45.28
C LEU G 105 25.27 -34.51 46.17
N ILE G 106 25.41 -34.38 47.50
CA ILE G 106 24.71 -35.23 48.45
C ILE G 106 23.21 -35.01 48.31
N GLY G 107 22.72 -33.77 48.33
CA GLY G 107 21.29 -33.53 48.39
C GLY G 107 20.98 -32.07 48.09
N LYS G 108 19.80 -31.77 47.53
CA LYS G 108 19.20 -30.49 47.19
C LYS G 108 17.73 -30.38 47.59
N ASP G 109 17.37 -29.15 48.01
CA ASP G 109 16.01 -28.70 48.23
C ASP G 109 15.73 -27.44 47.44
N PRO G 110 14.87 -27.46 46.42
CA PRO G 110 14.39 -26.24 45.77
C PRO G 110 13.30 -25.41 46.42
N LYS G 111 12.83 -25.72 47.62
CA LYS G 111 11.95 -24.92 48.43
C LYS G 111 12.60 -23.94 49.39
N THR G 112 13.70 -24.37 50.02
CA THR G 112 14.59 -23.42 50.65
C THR G 112 15.64 -22.89 49.68
N ASP G 113 15.79 -23.48 48.49
CA ASP G 113 16.91 -23.28 47.60
C ASP G 113 18.28 -23.46 48.24
N LEU G 114 18.56 -24.69 48.67
CA LEU G 114 19.73 -24.99 49.46
C LEU G 114 20.23 -26.38 49.07
N ALA G 115 21.54 -26.50 48.85
CA ALA G 115 22.23 -27.72 48.49
C ALA G 115 23.40 -28.14 49.38
N VAL G 116 23.57 -29.43 49.70
CA VAL G 116 24.68 -30.01 50.41
C VAL G 116 25.56 -30.85 49.52
N ILE G 117 26.85 -30.50 49.42
CA ILE G 117 27.81 -30.98 48.45
C ILE G 117 29.14 -31.36 49.09
N LYS G 118 29.49 -32.63 48.88
CA LYS G 118 30.79 -33.15 49.20
C LYS G 118 31.89 -32.81 48.20
N ILE G 119 32.90 -32.05 48.61
CA ILE G 119 34.00 -31.75 47.72
C ILE G 119 35.09 -32.73 48.10
N GLU G 120 35.78 -33.28 47.11
CA GLU G 120 36.48 -34.55 47.26
C GLU G 120 37.95 -34.51 47.67
N ALA G 121 38.21 -33.73 48.73
CA ALA G 121 39.49 -33.51 49.36
C ALA G 121 39.40 -33.90 50.84
N ASN G 122 40.57 -33.94 51.49
CA ASN G 122 40.86 -34.01 52.90
C ASN G 122 41.40 -32.75 53.55
N ASN G 123 41.32 -32.63 54.88
CA ASN G 123 41.48 -31.45 55.69
C ASN G 123 40.87 -30.17 55.14
N LEU G 124 39.67 -30.34 54.59
CA LEU G 124 38.71 -29.27 54.40
C LEU G 124 38.27 -28.59 55.69
N SER G 125 38.03 -27.28 55.69
CA SER G 125 37.66 -26.54 56.89
C SER G 125 36.21 -26.71 57.32
N ALA G 126 35.75 -26.28 58.51
CA ALA G 126 34.33 -26.13 58.76
C ALA G 126 34.21 -24.75 59.39
N ILE G 127 33.10 -24.09 59.09
CA ILE G 127 32.62 -22.88 59.76
C ILE G 127 32.00 -23.17 61.11
N THR G 128 32.31 -22.33 62.09
CA THR G 128 31.71 -22.34 63.41
C THR G 128 30.32 -21.73 63.33
N PHE G 129 29.30 -22.56 63.57
CA PHE G 129 27.88 -22.50 63.28
C PHE G 129 27.11 -21.98 64.49
N THR G 130 27.25 -20.71 64.88
CA THR G 130 26.46 -20.12 65.94
C THR G 130 25.01 -19.88 65.53
N ASN G 131 24.22 -19.26 66.40
CA ASN G 131 22.78 -19.08 66.30
C ASN G 131 22.45 -17.67 65.83
N SER G 132 21.92 -17.52 64.61
CA SER G 132 21.32 -16.39 63.95
C SER G 132 20.23 -15.70 64.77
N ASP G 133 19.51 -16.21 65.76
CA ASP G 133 18.62 -15.48 66.65
C ASP G 133 19.24 -15.08 67.98
N ASP G 134 20.56 -15.15 68.10
CA ASP G 134 21.26 -14.25 68.97
C ASP G 134 21.54 -12.87 68.37
N LEU G 135 20.94 -12.57 67.21
CA LEU G 135 21.12 -11.34 66.47
C LEU G 135 20.13 -10.27 66.87
N MET G 136 20.53 -9.00 66.82
CA MET G 136 19.65 -7.86 66.99
C MET G 136 19.97 -6.87 65.89
N GLU G 137 19.03 -5.96 65.61
CA GLU G 137 19.40 -4.83 64.77
C GLU G 137 20.52 -4.01 65.38
N GLY G 138 21.27 -3.33 64.52
CA GLY G 138 22.47 -2.60 64.86
C GLY G 138 23.72 -3.33 65.34
N ASP G 139 23.71 -4.66 65.37
CA ASP G 139 24.89 -5.45 65.68
C ASP G 139 25.80 -5.50 64.47
N VAL G 140 27.11 -5.55 64.75
CA VAL G 140 28.14 -5.70 63.74
C VAL G 140 28.34 -7.14 63.29
N VAL G 141 28.69 -7.25 62.01
CA VAL G 141 28.66 -8.43 61.14
C VAL G 141 29.54 -8.20 59.93
N PHE G 142 29.71 -9.22 59.08
CA PHE G 142 30.40 -9.16 57.80
C PHE G 142 29.73 -10.04 56.77
N ALA G 143 29.63 -9.62 55.51
CA ALA G 143 29.05 -10.33 54.39
C ALA G 143 30.14 -10.81 53.44
N LEU G 144 30.00 -12.01 52.88
CA LEU G 144 31.04 -12.80 52.26
C LEU G 144 30.57 -13.47 50.98
N GLY G 145 31.54 -13.86 50.15
CA GLY G 145 31.47 -14.68 48.97
C GLY G 145 32.31 -14.21 47.79
N ASN G 146 31.72 -14.14 46.59
CA ASN G 146 32.29 -13.88 45.28
C ASN G 146 31.52 -12.91 44.40
N PRO G 147 31.64 -11.64 44.79
CA PRO G 147 30.73 -10.65 44.24
C PRO G 147 31.00 -10.32 42.77
N PHE G 148 30.22 -10.85 41.84
CA PHE G 148 30.37 -10.77 40.40
C PHE G 148 31.65 -11.36 39.82
N GLY G 149 31.96 -12.59 40.24
CA GLY G 149 32.97 -13.43 39.64
C GLY G 149 34.37 -12.86 39.71
N VAL G 150 34.67 -12.13 40.79
CA VAL G 150 35.91 -11.41 40.91
C VAL G 150 37.04 -12.19 41.56
N GLY G 151 36.70 -13.24 42.34
CA GLY G 151 37.58 -13.63 43.43
C GLY G 151 36.95 -13.47 44.80
N PHE G 152 37.55 -13.96 45.89
CA PHE G 152 37.08 -13.73 47.24
C PHE G 152 37.26 -12.29 47.69
N SER G 153 36.17 -11.65 48.10
CA SER G 153 36.16 -10.39 48.81
C SER G 153 35.04 -10.37 49.85
N VAL G 154 35.14 -9.49 50.83
CA VAL G 154 34.27 -9.46 51.99
C VAL G 154 33.93 -8.02 52.36
N THR G 155 32.73 -7.80 52.90
CA THR G 155 32.26 -6.48 53.28
C THR G 155 31.76 -6.50 54.72
N SER G 156 32.00 -5.42 55.48
CA SER G 156 31.57 -5.18 56.84
C SER G 156 30.37 -4.26 57.04
N GLY G 157 29.55 -4.63 58.03
CA GLY G 157 28.18 -4.18 58.13
C GLY G 157 27.57 -3.94 59.52
N ILE G 158 26.32 -3.49 59.53
CA ILE G 158 25.44 -3.69 60.66
C ILE G 158 24.10 -4.31 60.29
N ILE G 159 23.45 -5.07 61.18
CA ILE G 159 22.20 -5.67 60.79
C ILE G 159 21.18 -4.56 60.64
N SER G 160 20.43 -4.44 59.55
CA SER G 160 19.35 -3.49 59.37
C SER G 160 17.92 -3.99 59.48
N ALA G 161 17.62 -5.27 59.27
CA ALA G 161 16.34 -5.85 59.67
C ALA G 161 16.47 -7.37 59.77
N LEU G 162 15.53 -8.01 60.44
CA LEU G 162 15.46 -9.38 60.94
C LEU G 162 14.28 -10.14 60.36
N ASN G 163 14.47 -11.46 60.19
CA ASN G 163 13.54 -12.56 60.24
C ASN G 163 12.38 -12.28 59.28
N LYS G 164 12.65 -12.20 57.98
CA LYS G 164 11.63 -11.67 57.11
C LYS G 164 11.31 -12.68 56.02
N ASP G 165 10.10 -13.25 56.06
CA ASP G 165 9.48 -13.78 54.86
C ASP G 165 9.04 -12.67 53.91
N ASN G 166 8.15 -12.97 52.95
CA ASN G 166 7.59 -12.00 52.03
C ASN G 166 8.53 -11.43 50.98
N ILE G 167 9.40 -12.28 50.42
CA ILE G 167 10.41 -11.88 49.45
C ILE G 167 10.55 -12.98 48.41
N GLY G 168 10.65 -14.19 48.96
CA GLY G 168 10.13 -15.39 48.34
C GLY G 168 10.62 -15.75 46.94
N LEU G 169 11.94 -15.84 46.83
CA LEU G 169 12.50 -16.49 45.69
C LEU G 169 12.01 -17.92 45.42
N ASN G 170 11.63 -18.72 46.42
CA ASN G 170 11.30 -20.13 46.28
C ASN G 170 9.97 -20.48 46.93
N GLN G 171 9.98 -20.84 48.22
CA GLN G 171 8.83 -21.27 48.97
C GLN G 171 9.03 -21.19 50.48
N TYR G 172 10.26 -21.24 50.98
CA TYR G 172 10.58 -21.08 52.37
C TYR G 172 11.66 -20.06 52.69
N GLU G 173 11.38 -19.18 53.65
CA GLU G 173 12.20 -18.02 53.98
C GLU G 173 12.05 -17.49 55.40
N ASN G 174 13.08 -16.78 55.88
CA ASN G 174 13.13 -16.10 57.15
C ASN G 174 14.34 -15.19 57.04
N PHE G 175 14.45 -14.32 56.02
CA PHE G 175 15.66 -13.61 55.68
C PHE G 175 16.12 -12.49 56.61
N ILE G 176 17.40 -12.33 56.95
CA ILE G 176 17.98 -11.26 57.74
C ILE G 176 18.77 -10.32 56.82
N GLN G 177 18.63 -9.03 57.10
CA GLN G 177 19.08 -7.94 56.24
C GLN G 177 20.23 -7.15 56.87
N THR G 178 21.22 -6.75 56.06
CA THR G 178 22.31 -5.89 56.46
C THR G 178 22.72 -4.93 55.36
N ASP G 179 23.43 -3.86 55.69
CA ASP G 179 23.86 -2.85 54.74
C ASP G 179 24.96 -3.37 53.82
N ALA G 180 25.95 -4.16 54.24
CA ALA G 180 27.23 -4.35 53.58
C ALA G 180 27.10 -4.88 52.16
N SER G 181 28.01 -4.58 51.23
CA SER G 181 27.81 -4.77 49.82
C SER G 181 28.06 -6.15 49.25
N ILE G 182 27.05 -6.64 48.49
CA ILE G 182 26.84 -8.01 48.09
C ILE G 182 26.06 -8.08 46.78
N ASN G 183 26.51 -8.98 45.93
CA ASN G 183 25.95 -9.22 44.61
C ASN G 183 25.55 -10.66 44.35
N PRO G 184 24.92 -10.96 43.21
CA PRO G 184 25.08 -12.27 42.63
C PRO G 184 26.53 -12.71 42.50
N GLY G 185 26.67 -14.04 42.61
CA GLY G 185 27.91 -14.72 42.91
C GLY G 185 28.36 -14.88 44.36
N ASN G 186 27.85 -14.04 45.26
CA ASN G 186 27.75 -14.36 46.67
C ASN G 186 26.62 -15.35 46.88
N SER G 187 25.83 -15.76 45.88
CA SER G 187 24.84 -16.80 46.13
C SER G 187 25.50 -18.08 46.62
N GLY G 188 25.23 -18.25 47.91
CA GLY G 188 25.70 -19.37 48.71
C GLY G 188 26.72 -18.94 49.74
N GLY G 189 27.25 -17.71 49.71
CA GLY G 189 28.38 -17.25 50.49
C GLY G 189 27.86 -16.75 51.83
N ALA G 190 28.75 -16.74 52.83
CA ALA G 190 28.33 -16.61 54.21
C ALA G 190 27.98 -15.16 54.56
N LEU G 191 27.35 -14.99 55.73
CA LEU G 191 27.29 -13.81 56.58
C LEU G 191 27.74 -14.22 57.97
N VAL G 192 28.65 -13.46 58.61
CA VAL G 192 29.19 -13.78 59.92
C VAL G 192 29.14 -12.61 60.88
N ASP G 193 29.15 -12.87 62.19
CA ASP G 193 29.11 -11.90 63.26
C ASP G 193 30.47 -11.24 63.43
N SER G 194 30.63 -10.23 64.28
CA SER G 194 31.89 -9.63 64.65
C SER G 194 32.92 -10.55 65.31
N ARG G 195 32.68 -11.85 65.51
CA ARG G 195 33.66 -12.84 65.93
C ARG G 195 33.89 -13.87 64.84
N GLY G 196 33.23 -13.80 63.67
CA GLY G 196 33.43 -14.63 62.50
C GLY G 196 32.68 -15.94 62.48
N TYR G 197 31.69 -16.12 63.37
CA TYR G 197 30.83 -17.28 63.49
C TYR G 197 29.69 -17.14 62.50
N LEU G 198 29.21 -18.22 61.88
CA LEU G 198 28.20 -18.17 60.84
C LEU G 198 26.84 -17.78 61.42
N VAL G 199 26.25 -16.73 60.85
CA VAL G 199 24.96 -16.24 61.28
C VAL G 199 23.95 -16.12 60.14
N GLY G 200 24.40 -16.19 58.88
CA GLY G 200 23.58 -16.38 57.71
C GLY G 200 24.33 -16.88 56.47
N ILE G 201 23.64 -17.07 55.35
CA ILE G 201 24.13 -17.36 54.01
C ILE G 201 23.34 -16.59 52.96
N ASN G 202 24.01 -15.74 52.18
CA ASN G 202 23.53 -14.77 51.24
C ASN G 202 22.99 -15.44 49.99
N SER G 203 21.74 -15.20 49.61
CA SER G 203 21.24 -15.69 48.34
C SER G 203 20.94 -14.69 47.23
N ALA G 204 20.37 -13.58 47.67
CA ALA G 204 19.77 -12.55 46.85
C ALA G 204 19.70 -11.23 47.59
N ILE G 205 19.42 -10.14 46.87
CA ILE G 205 19.56 -8.78 47.33
C ILE G 205 18.51 -8.00 46.55
N LEU G 206 17.63 -7.25 47.20
CA LEU G 206 16.72 -6.34 46.54
C LEU G 206 17.35 -5.09 45.93
N SER G 207 18.39 -5.30 45.11
CA SER G 207 19.11 -4.31 44.35
C SER G 207 18.38 -3.82 43.11
N ARG G 208 18.95 -2.81 42.45
CA ARG G 208 18.57 -2.21 41.19
C ARG G 208 19.63 -2.49 40.12
N GLY G 209 20.92 -2.55 40.45
CA GLY G 209 22.00 -2.78 39.50
C GLY G 209 22.57 -4.18 39.56
N GLY G 210 22.11 -5.05 40.48
CA GLY G 210 22.77 -6.28 40.87
C GLY G 210 24.05 -6.14 41.70
N GLY G 211 24.59 -4.94 41.59
CA GLY G 211 25.44 -4.34 42.60
C GLY G 211 24.66 -3.83 43.81
N ASN G 212 25.14 -3.85 45.05
CA ASN G 212 24.32 -3.57 46.21
C ASN G 212 23.81 -2.16 46.36
N ASN G 213 22.55 -1.96 46.79
CA ASN G 213 21.88 -0.72 47.11
C ASN G 213 21.25 -0.72 48.49
N GLY G 214 21.80 -1.59 49.35
CA GLY G 214 21.58 -1.51 50.79
C GLY G 214 20.74 -2.56 51.49
N ILE G 215 20.46 -3.66 50.79
CA ILE G 215 19.26 -4.44 51.03
C ILE G 215 19.41 -5.94 50.85
N GLY G 216 20.53 -6.49 51.33
CA GLY G 216 20.88 -7.88 51.11
C GLY G 216 20.06 -8.83 51.95
N PHE G 217 19.80 -10.04 51.49
CA PHE G 217 18.99 -11.00 52.24
C PHE G 217 19.68 -12.35 52.33
N ALA G 218 19.80 -12.79 53.59
CA ALA G 218 20.58 -13.92 54.05
C ALA G 218 19.71 -14.88 54.86
N ILE G 219 19.77 -16.17 54.57
CA ILE G 219 19.02 -17.20 55.26
C ILE G 219 19.66 -17.61 56.59
N PRO G 220 18.93 -17.69 57.70
CA PRO G 220 19.60 -17.80 58.97
C PRO G 220 20.51 -19.01 59.21
N SER G 221 21.57 -18.94 60.02
CA SER G 221 22.36 -20.13 60.30
C SER G 221 21.53 -21.14 61.09
N ASN G 222 20.55 -20.86 61.96
CA ASN G 222 19.80 -21.89 62.63
C ASN G 222 18.75 -22.53 61.73
N MET G 223 18.32 -21.72 60.75
CA MET G 223 17.52 -22.18 59.63
C MET G 223 18.30 -23.26 58.91
N VAL G 224 19.45 -22.88 58.34
CA VAL G 224 20.26 -23.78 57.55
C VAL G 224 20.80 -24.98 58.31
N LYS G 225 21.11 -24.92 59.60
CA LYS G 225 21.72 -26.06 60.27
C LYS G 225 20.88 -27.33 60.26
N ASP G 226 19.56 -27.21 60.17
CA ASP G 226 18.67 -28.35 60.05
C ASP G 226 18.47 -28.81 58.62
N ILE G 227 18.41 -27.84 57.70
CA ILE G 227 18.18 -27.95 56.28
C ILE G 227 19.35 -28.74 55.71
N ALA G 228 20.56 -28.49 56.21
CA ALA G 228 21.75 -29.21 55.80
C ALA G 228 21.58 -30.64 56.29
N LYS G 229 21.20 -30.89 57.55
CA LYS G 229 21.20 -32.20 58.17
C LYS G 229 20.20 -33.11 57.47
N LYS G 230 19.02 -32.64 57.08
CA LYS G 230 18.03 -33.33 56.28
C LYS G 230 18.54 -33.64 54.89
N LEU G 231 19.32 -32.80 54.21
CA LEU G 231 19.88 -33.17 52.93
C LEU G 231 21.00 -34.20 53.08
N ILE G 232 21.91 -34.16 54.05
CA ILE G 232 22.88 -35.21 54.31
C ILE G 232 22.24 -36.57 54.53
N GLU G 233 21.21 -36.60 55.38
CA GLU G 233 20.53 -37.82 55.77
C GLU G 233 19.93 -38.65 54.63
N LYS G 234 19.18 -37.98 53.76
CA LYS G 234 18.38 -38.59 52.72
C LYS G 234 18.40 -38.03 51.31
N GLY G 235 19.22 -37.03 50.98
CA GLY G 235 19.38 -36.41 49.68
C GLY G 235 18.44 -35.27 49.34
N LYS G 236 17.45 -35.08 50.21
CA LYS G 236 16.40 -34.09 50.09
C LYS G 236 15.89 -33.84 51.51
N ILE G 237 14.89 -32.97 51.53
CA ILE G 237 14.03 -32.69 52.66
C ILE G 237 12.58 -32.84 52.23
N ASP G 238 11.75 -33.18 53.22
CA ASP G 238 10.38 -33.65 53.18
C ASP G 238 9.47 -32.94 54.16
N ARG G 239 8.45 -32.21 53.71
CA ARG G 239 7.46 -31.46 54.46
C ARG G 239 6.06 -32.01 54.25
N GLY G 240 5.33 -31.94 55.36
CA GLY G 240 3.89 -31.79 55.35
C GLY G 240 3.44 -30.34 55.40
N PHE G 241 2.25 -30.31 56.00
CA PHE G 241 1.43 -29.17 56.35
C PHE G 241 0.57 -29.54 57.55
N LEU G 242 -0.31 -28.64 58.01
CA LEU G 242 -1.44 -28.99 58.85
C LEU G 242 -2.74 -28.96 58.06
N GLY G 243 -2.67 -28.82 56.74
CA GLY G 243 -3.73 -28.59 55.78
C GLY G 243 -4.69 -27.47 56.12
N VAL G 244 -4.14 -26.25 56.21
CA VAL G 244 -4.86 -25.06 56.62
C VAL G 244 -4.32 -23.80 55.97
N THR G 245 -5.19 -22.96 55.42
CA THR G 245 -4.97 -21.63 54.86
C THR G 245 -5.06 -20.56 55.93
N ILE G 246 -4.08 -19.66 56.07
CA ILE G 246 -3.87 -18.88 57.27
C ILE G 246 -3.26 -17.50 56.98
N LEU G 247 -3.46 -16.59 57.93
CA LEU G 247 -2.97 -15.22 57.87
C LEU G 247 -2.60 -14.79 59.28
N ALA G 248 -2.09 -13.59 59.55
CA ALA G 248 -1.83 -13.09 60.88
C ALA G 248 -3.11 -12.46 61.44
N LEU G 249 -3.23 -12.31 62.76
CA LEU G 249 -4.35 -11.60 63.31
C LEU G 249 -4.04 -10.16 62.91
N GLN G 250 -5.17 -9.48 62.65
CA GLN G 250 -5.29 -8.06 62.46
C GLN G 250 -5.93 -7.35 63.64
N GLY G 251 -5.59 -6.06 63.86
CA GLY G 251 -5.98 -5.16 64.92
C GLY G 251 -7.47 -5.27 65.17
N ASP G 252 -8.31 -4.91 64.20
CA ASP G 252 -9.75 -4.87 64.38
C ASP G 252 -10.32 -6.29 64.47
N THR G 253 -9.67 -7.30 63.90
CA THR G 253 -10.04 -8.70 63.94
C THR G 253 -9.87 -9.29 65.34
N LYS G 254 -8.91 -8.80 66.14
CA LYS G 254 -8.81 -9.21 67.52
C LYS G 254 -10.04 -8.71 68.27
N LYS G 255 -10.30 -7.40 68.31
CA LYS G 255 -11.44 -6.76 68.93
C LYS G 255 -12.68 -7.51 68.47
N ALA G 256 -12.89 -7.79 67.18
CA ALA G 256 -14.08 -8.40 66.62
C ALA G 256 -14.32 -9.86 66.96
N TYR G 257 -13.24 -10.65 66.99
CA TYR G 257 -13.17 -12.07 67.32
C TYR G 257 -12.68 -12.33 68.72
N LYS G 258 -13.21 -11.51 69.64
CA LYS G 258 -13.29 -11.70 71.07
C LYS G 258 -11.94 -11.59 71.74
N ASN G 259 -10.91 -10.93 71.19
CA ASN G 259 -9.66 -10.54 71.81
C ASN G 259 -8.83 -11.78 72.11
N GLN G 260 -8.99 -12.87 71.35
CA GLN G 260 -7.90 -13.81 71.15
C GLN G 260 -6.71 -13.25 70.36
N GLU G 261 -5.54 -13.88 70.45
CA GLU G 261 -4.22 -13.60 69.95
C GLU G 261 -3.64 -14.87 69.34
N GLY G 262 -2.78 -14.67 68.35
CA GLY G 262 -2.18 -15.70 67.54
C GLY G 262 -2.25 -15.54 66.03
N ALA G 263 -2.15 -16.58 65.18
CA ALA G 263 -2.34 -16.55 63.75
C ALA G 263 -3.77 -16.93 63.39
N LEU G 264 -4.44 -16.13 62.55
CA LEU G 264 -5.78 -16.22 62.01
C LEU G 264 -5.88 -17.28 60.92
N ILE G 265 -6.57 -18.36 61.26
CA ILE G 265 -7.00 -19.25 60.20
C ILE G 265 -7.98 -18.54 59.28
N THR G 266 -7.60 -18.47 58.00
CA THR G 266 -8.48 -17.91 57.00
C THR G 266 -9.49 -18.93 56.49
N ASP G 267 -9.02 -20.13 56.13
CA ASP G 267 -9.83 -21.28 55.83
C ASP G 267 -9.13 -22.61 56.09
N VAL G 268 -9.81 -23.57 56.73
CA VAL G 268 -9.33 -24.92 56.95
C VAL G 268 -9.49 -25.66 55.64
N GLN G 269 -8.36 -26.21 55.16
CA GLN G 269 -8.29 -27.09 54.04
C GLN G 269 -8.72 -28.49 54.44
N LYS G 270 -9.81 -28.58 55.20
CA LYS G 270 -10.74 -29.69 55.26
C LYS G 270 -10.11 -30.99 55.74
N GLY G 271 -10.52 -31.53 56.90
CA GLY G 271 -10.26 -32.86 57.41
C GLY G 271 -8.83 -33.31 57.67
N SER G 272 -7.97 -32.38 57.23
CA SER G 272 -6.57 -32.26 57.55
C SER G 272 -6.35 -32.39 59.05
N SER G 273 -5.08 -32.47 59.49
CA SER G 273 -4.71 -32.49 60.88
C SER G 273 -5.20 -31.29 61.68
N ALA G 274 -5.27 -30.08 61.11
CA ALA G 274 -6.04 -29.00 61.68
C ALA G 274 -7.51 -29.23 62.05
N ASP G 275 -8.39 -29.60 61.13
CA ASP G 275 -9.77 -30.01 61.31
C ASP G 275 -9.83 -31.23 62.22
N GLU G 276 -9.09 -32.30 61.96
CA GLU G 276 -9.15 -33.52 62.74
C GLU G 276 -8.48 -33.47 64.11
N ALA G 277 -8.05 -32.29 64.59
CA ALA G 277 -7.69 -31.88 65.93
C ALA G 277 -8.55 -30.78 66.52
N GLY G 278 -9.44 -30.25 65.68
CA GLY G 278 -10.52 -29.35 66.03
C GLY G 278 -10.27 -27.86 65.77
N LEU G 279 -9.25 -27.53 64.99
CA LEU G 279 -9.12 -26.18 64.48
C LEU G 279 -10.16 -26.01 63.37
N LYS G 280 -10.93 -24.94 63.52
CA LYS G 280 -12.02 -24.44 62.68
C LYS G 280 -11.66 -23.09 62.09
N ARG G 281 -12.59 -22.39 61.43
CA ARG G 281 -12.49 -20.97 61.14
C ARG G 281 -13.10 -20.10 62.22
N GLY G 282 -12.58 -18.89 62.41
CA GLY G 282 -12.68 -18.01 63.55
C GLY G 282 -11.69 -18.42 64.64
N ASP G 283 -10.88 -19.45 64.36
CA ASP G 283 -9.91 -20.05 65.26
C ASP G 283 -8.54 -19.46 65.01
N LEU G 284 -7.74 -19.28 66.06
CA LEU G 284 -6.37 -18.83 66.03
C LEU G 284 -5.30 -19.81 66.51
N VAL G 285 -4.22 -20.00 65.74
CA VAL G 285 -3.15 -20.92 66.04
C VAL G 285 -2.16 -20.21 66.96
N THR G 286 -1.72 -20.78 68.08
CA THR G 286 -0.91 -20.13 69.11
C THR G 286 0.49 -20.67 69.37
N LYS G 287 0.71 -21.98 69.50
CA LYS G 287 1.98 -22.57 69.86
C LYS G 287 2.06 -24.02 69.43
N VAL G 288 2.96 -24.29 68.48
CA VAL G 288 3.57 -25.58 68.23
C VAL G 288 4.35 -25.95 69.49
N ASN G 289 4.38 -27.24 69.79
CA ASN G 289 5.10 -27.76 70.94
C ASN G 289 6.40 -27.03 71.25
N ASN G 290 7.19 -26.84 70.19
CA ASN G 290 8.42 -26.09 70.16
C ASN G 290 8.38 -24.66 69.65
N LYS G 291 7.35 -24.16 68.97
CA LYS G 291 7.43 -22.89 68.25
C LYS G 291 6.19 -22.03 68.40
N VAL G 292 6.28 -20.72 68.60
CA VAL G 292 5.18 -19.83 68.94
C VAL G 292 4.72 -19.15 67.66
N ILE G 293 3.39 -19.09 67.52
CA ILE G 293 2.80 -18.64 66.30
C ILE G 293 1.91 -17.43 66.52
N LYS G 294 2.27 -16.36 65.80
CA LYS G 294 1.32 -15.28 65.62
C LYS G 294 0.96 -15.02 64.17
N SER G 295 1.69 -15.54 63.18
CA SER G 295 1.62 -15.16 61.78
C SER G 295 1.60 -16.37 60.84
N PRO G 296 1.19 -16.21 59.57
CA PRO G 296 1.13 -17.29 58.60
C PRO G 296 2.53 -17.73 58.20
N ILE G 297 3.54 -16.86 58.21
CA ILE G 297 4.89 -17.22 57.86
C ILE G 297 5.70 -17.78 59.03
N ASP G 298 5.04 -17.77 60.19
CA ASP G 298 5.47 -18.65 61.26
C ASP G 298 5.12 -20.08 60.85
N LEU G 299 3.83 -20.41 60.83
CA LEU G 299 3.46 -21.78 60.50
C LEU G 299 4.00 -22.32 59.19
N LYS G 300 4.13 -21.57 58.09
CA LYS G 300 4.75 -21.88 56.82
C LYS G 300 6.15 -22.40 57.11
N ASN G 301 7.04 -21.61 57.71
CA ASN G 301 8.44 -21.95 57.80
C ASN G 301 8.80 -22.87 58.96
N TYR G 302 7.91 -23.03 59.94
CA TYR G 302 7.95 -24.10 60.92
C TYR G 302 7.61 -25.48 60.38
N ILE G 303 6.64 -25.58 59.46
CA ILE G 303 6.31 -26.65 58.56
C ILE G 303 7.40 -26.96 57.53
N GLY G 304 8.01 -25.94 56.92
CA GLY G 304 9.22 -26.03 56.12
C GLY G 304 10.38 -26.73 56.82
N THR G 305 10.31 -26.92 58.13
CA THR G 305 11.36 -27.48 58.95
C THR G 305 11.06 -28.80 59.65
N LEU G 306 9.86 -29.34 59.40
CA LEU G 306 9.40 -30.49 60.15
C LEU G 306 9.06 -31.65 59.22
N GLU G 307 9.27 -32.92 59.59
CA GLU G 307 9.10 -34.01 58.65
C GLU G 307 7.99 -35.00 59.04
N ILE G 308 7.44 -35.81 58.13
CA ILE G 308 6.09 -36.32 58.11
C ILE G 308 5.88 -37.43 59.14
N GLY G 309 4.70 -37.41 59.77
CA GLY G 309 4.09 -38.63 60.24
C GLY G 309 4.10 -38.66 61.76
N GLN G 310 5.01 -37.95 62.41
CA GLN G 310 4.99 -37.51 63.79
C GLN G 310 3.93 -36.50 64.17
N LYS G 311 3.49 -36.61 65.43
CA LYS G 311 2.28 -35.98 65.92
C LYS G 311 2.59 -34.83 66.86
N ILE G 312 1.99 -33.66 66.63
CA ILE G 312 2.34 -32.35 67.14
C ILE G 312 1.15 -31.87 67.97
N SER G 313 1.35 -31.74 69.29
CA SER G 313 0.36 -31.35 70.27
C SER G 313 0.35 -29.83 70.36
N LEU G 314 -0.29 -29.19 69.37
CA LEU G 314 -0.43 -27.76 69.18
C LEU G 314 -1.62 -27.18 69.92
N SER G 315 -1.46 -25.93 70.38
CA SER G 315 -2.55 -25.20 71.00
C SER G 315 -3.15 -24.19 70.04
N TYR G 316 -4.48 -24.15 70.13
CA TYR G 316 -5.30 -23.21 69.39
C TYR G 316 -6.48 -22.69 70.19
N GLU G 317 -6.91 -21.46 69.93
CA GLU G 317 -8.09 -20.93 70.59
C GLU G 317 -9.20 -20.48 69.66
N ARG G 318 -10.44 -20.27 70.15
CA ARG G 318 -11.74 -19.91 69.64
C ARG G 318 -12.42 -18.95 70.62
N ASP G 319 -12.51 -17.69 70.21
CA ASP G 319 -13.15 -16.57 70.89
C ASP G 319 -12.57 -16.11 72.22
N GLY G 320 -12.54 -17.01 73.20
CA GLY G 320 -11.79 -16.83 74.43
C GLY G 320 -11.33 -18.10 75.13
N GLU G 321 -11.36 -19.29 74.50
CA GLU G 321 -10.75 -20.49 75.02
C GLU G 321 -9.73 -21.21 74.16
N ASN G 322 -8.65 -21.65 74.79
CA ASN G 322 -7.59 -22.39 74.15
C ASN G 322 -7.73 -23.89 74.36
N LYS G 323 -7.33 -24.71 73.39
CA LYS G 323 -7.38 -26.16 73.31
C LYS G 323 -6.17 -26.81 72.69
N GLN G 324 -5.89 -28.08 73.01
CA GLN G 324 -4.72 -28.77 72.51
C GLN G 324 -4.95 -30.24 72.19
N ALA G 325 -5.27 -30.56 70.93
CA ALA G 325 -5.24 -31.91 70.39
C ALA G 325 -3.89 -32.21 69.78
N SER G 326 -3.83 -33.34 69.05
CA SER G 326 -2.63 -33.75 68.35
C SER G 326 -2.82 -33.95 66.85
N PHE G 327 -1.82 -33.52 66.09
CA PHE G 327 -1.85 -33.09 64.71
C PHE G 327 -0.79 -33.84 63.92
N ILE G 328 -1.16 -34.37 62.77
CA ILE G 328 -0.24 -35.18 61.99
C ILE G 328 0.27 -34.23 60.91
N LEU G 329 1.51 -34.40 60.44
CA LEU G 329 2.09 -33.51 59.45
C LEU G 329 1.63 -33.82 58.04
N LYS G 330 0.41 -33.39 57.72
CA LYS G 330 -0.32 -33.77 56.51
C LYS G 330 -0.15 -32.67 55.48
N GLY G 331 0.55 -32.98 54.39
CA GLY G 331 0.73 -32.06 53.26
C GLY G 331 -0.48 -31.75 52.43
N GLU G 332 -0.36 -30.84 51.44
CA GLU G 332 -1.50 -30.52 50.61
C GLU G 332 -1.92 -31.63 49.67
N LYS G 333 -1.15 -32.72 49.66
CA LYS G 333 -1.40 -33.98 48.99
C LYS G 333 -2.00 -35.05 49.89
N GLU G 334 -2.48 -34.75 51.11
CA GLU G 334 -2.72 -35.73 52.15
C GLU G 334 -3.90 -35.45 53.07
N ASN G 335 -4.71 -34.43 52.78
CA ASN G 335 -5.85 -33.97 53.55
C ASN G 335 -7.24 -34.47 53.17
N PRO G 336 -8.00 -35.10 54.06
CA PRO G 336 -9.24 -35.78 53.76
C PRO G 336 -10.63 -35.20 54.02
N LYS G 337 -10.83 -33.89 54.14
CA LYS G 337 -12.07 -33.15 54.08
C LYS G 337 -12.96 -32.99 55.31
N GLY G 338 -13.50 -31.79 55.50
CA GLY G 338 -13.90 -31.09 56.71
C GLY G 338 -14.83 -29.89 56.77
N VAL G 339 -14.83 -29.12 57.86
CA VAL G 339 -15.82 -28.19 58.38
C VAL G 339 -15.46 -26.76 58.75
N GLN G 340 -16.28 -25.76 58.41
CA GLN G 340 -15.90 -24.36 58.44
C GLN G 340 -16.39 -23.29 59.40
N SER G 341 -17.68 -23.08 59.64
CA SER G 341 -18.37 -22.05 60.39
C SER G 341 -18.23 -20.59 59.99
N ASP G 342 -18.21 -19.65 60.93
CA ASP G 342 -18.22 -18.22 60.79
C ASP G 342 -19.53 -17.55 60.40
N LEU G 343 -19.60 -16.61 59.46
CA LEU G 343 -20.77 -15.77 59.28
C LEU G 343 -22.05 -16.49 58.83
N ILE G 344 -21.88 -17.77 58.55
CA ILE G 344 -22.96 -18.69 58.23
C ILE G 344 -23.53 -19.45 59.43
N ASP G 345 -22.94 -19.38 60.62
CA ASP G 345 -23.41 -20.05 61.81
C ASP G 345 -24.83 -19.76 62.31
N GLY G 346 -25.66 -20.80 62.32
CA GLY G 346 -27.08 -20.70 62.62
C GLY G 346 -27.94 -19.89 61.65
N LEU G 347 -27.33 -19.52 60.52
CA LEU G 347 -27.95 -18.75 59.46
C LEU G 347 -28.82 -19.71 58.66
N SER G 348 -30.11 -19.71 59.02
CA SER G 348 -31.13 -20.42 58.27
C SER G 348 -31.66 -19.59 57.10
N LEU G 349 -31.15 -19.98 55.94
CA LEU G 349 -31.01 -19.22 54.71
C LEU G 349 -31.32 -20.04 53.47
N ARG G 350 -32.25 -19.57 52.66
CA ARG G 350 -32.63 -20.30 51.46
C ARG G 350 -32.86 -19.41 50.25
N ASN G 351 -32.94 -19.98 49.05
CA ASN G 351 -33.00 -19.24 47.81
C ASN G 351 -34.31 -18.48 47.67
N LEU G 352 -34.36 -17.51 46.76
CA LEU G 352 -35.56 -16.78 46.42
C LEU G 352 -35.56 -16.41 44.94
N ASP G 353 -36.71 -16.67 44.31
CA ASP G 353 -37.54 -15.61 43.77
C ASP G 353 -38.73 -15.33 44.69
N PRO G 354 -38.89 -14.17 45.32
CA PRO G 354 -39.83 -14.07 46.43
C PRO G 354 -41.27 -13.77 46.05
N ARG G 355 -42.20 -14.12 46.94
CA ARG G 355 -43.60 -13.76 46.83
C ARG G 355 -44.06 -12.58 47.69
N LEU G 356 -43.63 -11.35 47.39
CA LEU G 356 -44.09 -10.09 47.92
C LEU G 356 -43.74 -8.83 47.10
N LYS G 357 -44.47 -7.75 47.31
CA LYS G 357 -44.38 -6.50 46.59
C LYS G 357 -43.27 -5.57 47.06
N ASP G 358 -42.84 -4.55 46.30
CA ASP G 358 -43.05 -4.39 44.87
C ASP G 358 -41.72 -4.17 44.14
N ARG G 359 -40.89 -3.19 44.52
CA ARG G 359 -39.69 -2.71 43.86
C ARG G 359 -39.91 -2.52 42.37
N LEU G 360 -39.46 -3.44 41.51
CA LEU G 360 -39.19 -3.29 40.09
C LEU G 360 -39.37 -4.62 39.35
N GLN G 361 -39.05 -4.65 38.06
CA GLN G 361 -39.36 -5.79 37.22
C GLN G 361 -38.21 -6.79 37.10
N ILE G 362 -36.96 -6.36 37.14
CA ILE G 362 -35.77 -7.08 36.73
C ILE G 362 -35.30 -7.99 37.84
N PRO G 363 -34.83 -9.20 37.48
CA PRO G 363 -34.43 -10.14 38.51
C PRO G 363 -33.14 -9.72 39.20
N LYS G 364 -32.28 -8.92 38.57
CA LYS G 364 -31.00 -8.42 39.00
C LYS G 364 -30.93 -8.17 40.50
N ASP G 365 -31.90 -7.46 41.06
CA ASP G 365 -31.94 -6.76 42.32
C ASP G 365 -32.46 -7.64 43.44
N VAL G 366 -33.03 -8.77 43.01
CA VAL G 366 -34.01 -9.59 43.69
C VAL G 366 -33.66 -11.07 43.75
N ASN G 367 -32.71 -11.61 42.97
CA ASN G 367 -32.07 -12.87 43.26
C ASN G 367 -31.09 -12.72 44.41
N GLY G 368 -30.57 -13.85 44.93
CA GLY G 368 -29.84 -13.87 46.17
C GLY G 368 -30.41 -14.89 47.15
N VAL G 369 -30.41 -14.70 48.47
CA VAL G 369 -30.81 -15.65 49.48
C VAL G 369 -31.63 -14.91 50.53
N LEU G 370 -32.84 -15.40 50.80
CA LEU G 370 -33.79 -14.90 51.78
C LEU G 370 -33.47 -15.36 53.19
N VAL G 371 -33.65 -14.52 54.21
CA VAL G 371 -33.21 -14.90 55.53
C VAL G 371 -34.39 -15.32 56.39
N ASP G 372 -34.34 -16.50 57.03
CA ASP G 372 -35.35 -17.17 57.83
C ASP G 372 -35.13 -17.04 59.32
N SER G 373 -33.87 -17.24 59.73
CA SER G 373 -33.43 -16.97 61.07
C SER G 373 -31.99 -16.48 61.03
N VAL G 374 -31.58 -15.73 62.06
CA VAL G 374 -30.22 -15.33 62.32
C VAL G 374 -30.03 -15.57 63.81
N LYS G 375 -28.96 -16.34 64.04
CA LYS G 375 -28.47 -16.59 65.38
C LYS G 375 -28.12 -15.36 66.18
N GLU G 376 -28.44 -15.34 67.49
CA GLU G 376 -28.30 -14.20 68.36
C GLU G 376 -26.83 -13.88 68.53
N LYS G 377 -26.00 -14.93 68.63
CA LYS G 377 -24.56 -14.86 68.80
C LYS G 377 -23.85 -14.36 67.55
N SER G 378 -24.51 -14.43 66.38
CA SER G 378 -23.94 -13.94 65.13
C SER G 378 -23.35 -12.55 65.29
N LYS G 379 -22.28 -12.33 64.53
CA LYS G 379 -21.74 -11.07 64.08
C LYS G 379 -22.55 -10.22 63.10
N GLY G 380 -23.60 -10.88 62.63
CA GLY G 380 -24.67 -10.20 61.93
C GLY G 380 -25.46 -9.37 62.93
N LYS G 381 -26.02 -9.95 64.00
CA LYS G 381 -26.94 -9.42 64.98
C LYS G 381 -26.11 -8.57 65.92
N ASN G 382 -24.77 -8.61 66.01
CA ASN G 382 -23.92 -7.60 66.61
C ASN G 382 -23.92 -6.28 65.85
N SER G 383 -24.15 -6.34 64.54
CA SER G 383 -23.84 -5.42 63.47
C SER G 383 -25.03 -5.03 62.59
N GLY G 384 -26.23 -5.45 62.97
CA GLY G 384 -27.49 -4.93 62.46
C GLY G 384 -28.20 -5.78 61.41
N PHE G 385 -27.80 -7.03 61.10
CA PHE G 385 -28.54 -8.03 60.36
C PHE G 385 -29.57 -8.80 61.17
N GLN G 386 -30.70 -9.12 60.53
CA GLN G 386 -31.90 -9.56 61.23
C GLN G 386 -32.65 -10.64 60.46
N GLU G 387 -33.72 -11.13 61.09
CA GLU G 387 -34.68 -12.02 60.44
C GLU G 387 -35.54 -11.12 59.55
N GLY G 388 -35.79 -11.66 58.35
CA GLY G 388 -36.54 -10.89 57.38
C GLY G 388 -35.75 -10.09 56.35
N ASP G 389 -34.42 -10.18 56.40
CA ASP G 389 -33.63 -9.62 55.33
C ASP G 389 -33.62 -10.56 54.13
N ILE G 390 -33.20 -10.03 52.97
CA ILE G 390 -32.77 -10.87 51.87
C ILE G 390 -31.32 -10.47 51.67
N ILE G 391 -30.32 -11.35 51.56
CA ILE G 391 -28.97 -10.97 51.22
C ILE G 391 -28.77 -10.97 49.71
N ILE G 392 -28.40 -9.78 49.25
CA ILE G 392 -28.21 -9.40 47.86
C ILE G 392 -26.71 -9.26 47.63
N GLY G 393 -25.89 -8.89 48.61
CA GLY G 393 -24.46 -8.74 48.42
C GLY G 393 -23.63 -8.96 49.67
N VAL G 394 -22.43 -9.52 49.48
CA VAL G 394 -21.60 -9.87 50.61
C VAL G 394 -20.23 -9.21 50.49
N GLY G 395 -20.24 -7.88 50.58
CA GLY G 395 -18.98 -7.18 50.65
C GLY G 395 -18.79 -6.32 49.41
N GLN G 396 -19.79 -5.51 49.04
CA GLN G 396 -19.86 -4.77 47.79
C GLN G 396 -19.88 -5.57 46.49
N SER G 397 -20.34 -6.82 46.51
CA SER G 397 -20.38 -7.83 45.46
C SER G 397 -21.62 -8.70 45.63
N GLU G 398 -22.22 -9.13 44.51
CA GLU G 398 -23.63 -9.47 44.53
C GLU G 398 -23.70 -10.98 44.34
N ILE G 399 -24.77 -11.58 44.88
CA ILE G 399 -25.01 -12.99 45.10
C ILE G 399 -26.41 -13.30 44.57
N LYS G 400 -26.55 -14.41 43.83
CA LYS G 400 -27.74 -14.91 43.17
C LYS G 400 -28.46 -16.09 43.80
N ASN G 401 -27.71 -16.86 44.58
CA ASN G 401 -28.25 -18.00 45.29
C ASN G 401 -27.42 -18.33 46.53
N LEU G 402 -27.78 -19.42 47.21
CA LEU G 402 -26.99 -20.12 48.22
C LEU G 402 -25.54 -20.45 47.86
N LYS G 403 -25.22 -20.65 46.58
CA LYS G 403 -23.88 -21.02 46.16
C LYS G 403 -22.97 -19.80 46.15
N ASP G 404 -23.50 -18.67 45.66
CA ASP G 404 -22.75 -17.44 45.74
C ASP G 404 -22.62 -16.95 47.18
N LEU G 405 -23.66 -17.13 48.01
CA LEU G 405 -23.57 -16.95 49.45
C LEU G 405 -22.36 -17.65 50.04
N GLU G 406 -22.38 -18.98 50.03
CA GLU G 406 -21.35 -19.68 50.77
C GLU G 406 -19.96 -19.39 50.22
N GLN G 407 -19.77 -19.13 48.92
CA GLN G 407 -18.46 -18.76 48.44
C GLN G 407 -17.96 -17.49 49.10
N ALA G 408 -18.85 -16.50 49.26
CA ALA G 408 -18.48 -15.19 49.81
C ALA G 408 -18.38 -15.38 51.31
N LEU G 409 -19.08 -16.27 52.01
CA LEU G 409 -19.01 -16.46 53.45
C LEU G 409 -17.90 -17.44 53.80
N LYS G 410 -17.38 -18.22 52.87
CA LYS G 410 -16.10 -18.91 52.91
C LYS G 410 -14.93 -17.94 52.84
N GLN G 411 -15.10 -16.70 52.39
CA GLN G 411 -14.19 -15.56 52.41
C GLN G 411 -14.31 -14.59 53.57
N VAL G 412 -15.38 -14.64 54.37
CA VAL G 412 -15.47 -13.73 55.49
C VAL G 412 -14.44 -13.79 56.60
N ASN G 413 -13.73 -14.93 56.73
CA ASN G 413 -12.64 -15.04 57.66
C ASN G 413 -11.26 -14.64 57.18
N LYS G 414 -11.32 -13.76 56.18
CA LYS G 414 -10.27 -12.91 55.63
C LYS G 414 -10.72 -11.46 55.74
N LYS G 415 -11.90 -11.12 56.26
CA LYS G 415 -12.57 -9.82 56.27
C LYS G 415 -12.88 -9.35 57.68
N GLU G 416 -12.23 -8.27 58.12
CA GLU G 416 -12.23 -7.87 59.52
C GLU G 416 -13.65 -7.58 59.99
N PHE G 417 -14.34 -6.87 59.10
CA PHE G 417 -15.78 -6.76 58.94
C PHE G 417 -16.17 -7.02 57.49
N THR G 418 -17.43 -7.30 57.16
CA THR G 418 -17.92 -7.52 55.82
C THR G 418 -19.00 -6.52 55.41
N LYS G 419 -18.89 -5.73 54.34
CA LYS G 419 -19.91 -4.81 53.88
C LYS G 419 -21.07 -5.42 53.12
N VAL G 420 -21.92 -6.21 53.76
CA VAL G 420 -23.08 -6.81 53.13
C VAL G 420 -24.15 -5.79 52.77
N TRP G 421 -24.91 -6.13 51.72
CA TRP G 421 -26.06 -5.32 51.33
C TRP G 421 -27.34 -6.14 51.44
N VAL G 422 -28.26 -5.70 52.29
CA VAL G 422 -29.39 -6.55 52.61
C VAL G 422 -30.73 -5.88 52.38
N TYR G 423 -31.60 -6.47 51.56
CA TYR G 423 -32.96 -6.01 51.31
C TYR G 423 -33.99 -6.27 52.41
N ARG G 424 -34.45 -5.20 53.08
CA ARG G 424 -35.58 -5.28 53.99
C ARG G 424 -36.90 -5.07 53.27
N ASN G 425 -37.99 -5.34 54.00
CA ASN G 425 -39.35 -5.18 53.55
C ASN G 425 -39.67 -4.13 52.49
N GLY G 426 -39.00 -2.98 52.54
CA GLY G 426 -39.08 -1.74 51.78
C GLY G 426 -37.74 -1.24 51.28
N PHE G 427 -36.56 -1.76 51.60
CA PHE G 427 -35.33 -1.13 51.16
C PHE G 427 -34.07 -1.97 51.37
N ALA G 428 -33.04 -1.76 50.55
CA ALA G 428 -31.73 -2.34 50.80
C ALA G 428 -30.74 -1.44 51.53
N THR G 429 -30.14 -2.00 52.59
CA THR G 429 -29.29 -1.25 53.49
C THR G 429 -27.93 -1.90 53.70
N LEU G 430 -26.96 -1.10 54.14
CA LEU G 430 -25.60 -1.62 54.21
C LEU G 430 -25.17 -1.82 55.64
N LEU G 431 -24.33 -2.85 55.87
CA LEU G 431 -23.98 -3.22 57.22
C LEU G 431 -22.49 -3.48 57.36
N VAL G 432 -22.03 -3.81 58.57
CA VAL G 432 -20.65 -3.65 58.96
C VAL G 432 -20.08 -4.80 59.79
N LEU G 433 -20.30 -6.06 59.38
CA LEU G 433 -20.41 -7.24 60.22
C LEU G 433 -19.11 -7.58 60.91
N LYS G 434 -19.11 -7.51 62.25
CA LYS G 434 -17.98 -7.77 63.14
C LYS G 434 -18.46 -8.45 64.41
N VAL H 1 32.67 14.54 70.59
CA VAL H 1 32.38 13.70 69.41
C VAL H 1 33.71 13.47 68.70
N LEU H 2 33.90 12.17 68.45
CA LEU H 2 34.95 11.65 67.60
C LEU H 2 34.49 11.77 66.15
N SER H 3 35.16 12.68 65.44
CA SER H 3 34.95 12.94 64.03
C SER H 3 36.28 12.79 63.31
N TYR H 4 36.39 11.91 62.32
CA TYR H 4 37.57 11.89 61.48
C TYR H 4 37.49 12.98 60.42
N HIS H 5 37.32 14.24 60.82
CA HIS H 5 37.48 15.38 59.94
C HIS H 5 38.95 15.74 59.82
N ASP H 6 39.87 15.13 60.58
CA ASP H 6 41.27 15.47 60.49
C ASP H 6 41.84 15.22 59.11
N SER H 7 41.74 13.99 58.58
CA SER H 7 42.11 13.63 57.22
C SER H 7 41.41 14.56 56.23
N ILE H 8 40.10 14.78 56.28
CA ILE H 8 39.33 15.64 55.40
C ILE H 8 39.85 17.08 55.37
N LYS H 9 40.41 17.51 56.49
CA LYS H 9 40.91 18.86 56.64
C LYS H 9 42.24 19.13 55.94
N ASP H 10 43.25 18.26 55.87
CA ASP H 10 44.37 18.66 55.06
C ASP H 10 44.43 17.96 53.70
N ALA H 11 43.52 17.02 53.44
CA ALA H 11 43.30 16.51 52.11
C ALA H 11 43.18 17.63 51.09
N LYS H 12 42.18 18.50 51.23
CA LYS H 12 41.71 19.49 50.28
C LYS H 12 42.81 20.43 49.85
N LYS H 13 43.69 20.75 50.81
CA LYS H 13 44.84 21.58 50.52
C LYS H 13 45.67 21.06 49.35
N SER H 14 45.79 19.76 49.13
CA SER H 14 46.48 19.07 48.05
C SER H 14 45.53 18.62 46.94
N VAL H 15 44.35 18.11 47.30
CA VAL H 15 43.31 17.64 46.39
C VAL H 15 42.66 18.85 45.73
N VAL H 16 43.08 19.15 44.50
CA VAL H 16 42.34 20.08 43.68
C VAL H 16 41.02 19.55 43.12
N ASN H 17 40.04 20.43 42.91
CA ASN H 17 38.89 20.27 42.03
C ASN H 17 39.23 21.07 40.79
N ILE H 18 38.73 20.67 39.61
CA ILE H 18 39.22 21.20 38.35
C ILE H 18 38.14 21.58 37.35
N SER H 19 38.07 22.81 36.85
CA SER H 19 37.31 23.36 35.74
C SER H 19 38.19 23.42 34.50
N THR H 20 38.43 22.25 33.90
CA THR H 20 39.45 22.03 32.89
C THR H 20 38.91 22.45 31.53
N SER H 21 39.02 23.75 31.22
CA SER H 21 38.54 24.31 29.96
C SER H 21 39.44 24.01 28.77
N LYS H 22 39.22 22.80 28.25
CA LYS H 22 39.65 22.32 26.95
C LYS H 22 38.48 22.52 26.00
N THR H 23 38.75 22.94 24.77
CA THR H 23 37.79 23.11 23.70
C THR H 23 37.43 21.78 23.06
N ILE H 24 38.21 20.70 23.26
CA ILE H 24 37.98 19.34 22.83
C ILE H 24 37.85 18.43 24.04
N THR H 25 36.64 18.34 24.60
CA THR H 25 36.21 17.21 25.40
C THR H 25 35.61 16.11 24.54
N ARG H 26 36.41 15.47 23.68
CA ARG H 26 35.91 14.37 22.87
C ARG H 26 36.54 13.02 23.14
N ALA H 27 37.57 12.98 23.98
CA ALA H 27 37.98 11.80 24.71
C ALA H 27 37.02 11.43 25.84
N ASN H 28 36.64 12.40 26.66
CA ASN H 28 35.78 12.29 27.83
C ASN H 28 34.30 12.53 27.56
N ARG H 29 33.78 11.84 26.55
CA ARG H 29 32.50 12.17 25.94
C ARG H 29 31.54 11.05 26.33
N PRO H 30 30.26 11.37 26.53
CA PRO H 30 29.27 10.37 26.87
C PRO H 30 29.13 9.38 25.74
N SER H 31 29.25 8.09 26.06
CA SER H 31 29.01 7.08 25.05
C SER H 31 27.54 6.74 24.93
N PRO H 32 27.05 6.09 23.87
CA PRO H 32 25.67 5.75 23.62
C PRO H 32 24.98 4.81 24.60
N LEU H 33 24.90 5.18 25.88
CA LEU H 33 24.11 4.54 26.91
C LEU H 33 22.81 5.32 27.10
N ASP H 34 21.81 4.58 27.57
CA ASP H 34 20.67 5.14 28.25
C ASP H 34 21.08 5.82 29.55
N ASP H 35 21.80 6.95 29.51
CA ASP H 35 21.81 7.94 30.59
C ASP H 35 20.53 8.76 30.63
N PHE H 36 20.44 9.73 31.54
CA PHE H 36 19.21 10.49 31.49
C PHE H 36 19.29 11.52 30.38
N PHE H 37 18.40 11.37 29.39
CA PHE H 37 18.35 12.15 28.17
C PHE H 37 16.96 12.70 27.82
N ASN H 38 16.95 13.50 26.74
CA ASN H 38 15.95 14.49 26.41
C ASN H 38 15.73 15.53 27.50
N ASP H 39 15.75 15.23 28.80
CA ASP H 39 15.49 16.08 29.95
C ASP H 39 16.62 16.49 30.88
N PRO H 40 17.91 16.40 30.55
CA PRO H 40 19.00 16.61 31.46
C PRO H 40 19.09 18.05 31.94
N TYR H 41 19.10 18.26 33.26
CA TYR H 41 19.29 19.54 33.93
C TYR H 41 20.78 19.73 34.20
N PHE H 42 21.14 19.73 35.47
CA PHE H 42 22.54 19.69 35.86
C PHE H 42 23.10 18.30 35.60
N LYS H 43 24.30 18.20 35.03
CA LYS H 43 24.98 16.93 34.92
C LYS H 43 24.99 16.21 36.25
N GLN H 44 25.05 14.87 36.17
CA GLN H 44 25.32 14.00 37.30
C GLN H 44 24.31 14.05 38.43
N PHE H 45 23.05 14.48 38.25
CA PHE H 45 21.88 14.26 39.06
C PHE H 45 21.02 13.10 38.57
N PHE H 46 19.76 13.06 39.02
CA PHE H 46 18.73 12.37 38.28
C PHE H 46 17.33 12.99 38.32
N ASP H 47 17.06 13.84 39.31
CA ASP H 47 15.80 14.52 39.50
C ASP H 47 15.25 15.26 38.29
N PHE H 48 13.94 15.47 38.41
CA PHE H 48 13.04 16.36 37.67
C PHE H 48 13.27 17.83 37.95
N ASP H 49 12.58 18.76 37.27
CA ASP H 49 12.66 20.20 37.41
C ASP H 49 12.68 20.68 38.85
N PHE H 50 13.86 21.19 39.23
CA PHE H 50 14.12 22.00 40.41
C PHE H 50 14.38 23.45 40.05
N PRO H 51 14.00 24.53 40.73
CA PRO H 51 14.07 25.91 40.29
C PRO H 51 15.38 26.61 39.97
N GLN H 52 16.51 26.11 40.48
CA GLN H 52 17.84 26.63 40.21
C GLN H 52 18.32 26.16 38.85
N ARG H 53 18.11 27.02 37.84
CA ARG H 53 18.32 26.71 36.45
C ARG H 53 19.74 26.48 35.91
N LYS H 54 19.99 26.02 34.68
CA LYS H 54 21.24 25.95 33.97
C LYS H 54 22.27 27.06 34.21
N GLY H 55 23.47 26.76 34.71
CA GLY H 55 24.42 27.71 35.23
C GLY H 55 25.06 27.31 36.55
N LYS H 56 25.55 26.07 36.65
CA LYS H 56 26.35 25.54 37.73
C LYS H 56 27.24 24.36 37.32
N ASN H 57 26.62 23.36 36.69
CA ASN H 57 27.15 22.16 36.07
C ASN H 57 26.64 22.04 34.64
N ASP H 58 27.37 22.36 33.58
CA ASP H 58 27.04 22.17 32.18
C ASP H 58 28.21 22.37 31.22
N LYS H 59 29.35 22.85 31.72
CA LYS H 59 30.45 23.06 30.80
C LYS H 59 31.18 21.80 30.38
N GLU H 60 30.83 20.62 30.91
CA GLU H 60 31.48 19.35 30.63
C GLU H 60 31.59 18.88 29.19
N VAL H 61 31.05 19.58 28.20
CA VAL H 61 31.13 19.26 26.79
C VAL H 61 32.12 20.16 26.08
N VAL H 62 32.30 21.43 26.47
CA VAL H 62 33.37 22.28 26.00
C VAL H 62 34.32 22.73 27.10
N SER H 63 34.44 21.87 28.11
CA SER H 63 35.34 21.80 29.23
C SER H 63 35.27 20.41 29.83
N SER H 64 35.99 20.14 30.92
CA SER H 64 35.77 18.98 31.78
C SER H 64 35.72 19.34 33.26
N LEU H 65 35.27 18.36 34.04
CA LEU H 65 35.30 18.41 35.49
C LEU H 65 36.10 17.23 36.00
N GLY H 66 36.77 17.47 37.12
CA GLY H 66 37.61 16.50 37.79
C GLY H 66 38.30 16.88 39.09
N SER H 67 39.20 16.00 39.53
CA SER H 67 40.07 16.13 40.68
C SER H 67 41.47 15.65 40.35
N GLY H 68 42.38 16.03 41.25
CA GLY H 68 43.80 15.80 41.14
C GLY H 68 44.51 16.21 42.42
N VAL H 69 45.84 16.06 42.46
CA VAL H 69 46.58 16.10 43.71
C VAL H 69 47.94 16.74 43.51
N ILE H 70 48.28 17.75 44.32
CA ILE H 70 49.51 18.49 44.16
C ILE H 70 50.51 17.65 44.94
N ILE H 71 51.34 16.94 44.18
CA ILE H 71 52.17 15.86 44.68
C ILE H 71 53.38 16.49 45.35
N SER H 72 54.08 17.35 44.60
CA SER H 72 55.20 18.04 45.22
C SER H 72 54.99 19.53 45.49
N LYS H 73 55.59 19.96 46.60
CA LYS H 73 55.45 21.36 47.00
C LYS H 73 55.62 22.39 45.89
N ASP H 74 56.42 22.03 44.90
CA ASP H 74 56.70 22.84 43.73
C ASP H 74 55.53 23.25 42.85
N GLY H 75 54.37 22.63 43.13
CA GLY H 75 53.08 22.82 42.51
C GLY H 75 52.74 21.81 41.41
N TYR H 76 53.16 20.54 41.45
CA TYR H 76 52.96 19.59 40.38
C TYR H 76 51.86 18.59 40.72
N ILE H 77 50.70 18.86 40.12
CA ILE H 77 49.53 18.02 40.25
C ILE H 77 49.56 16.78 39.38
N VAL H 78 48.78 15.78 39.78
CA VAL H 78 48.40 14.57 39.06
C VAL H 78 46.89 14.51 38.94
N THR H 79 46.31 14.14 37.80
CA THR H 79 44.98 13.62 37.55
C THR H 79 45.07 12.62 36.40
N ASN H 80 43.93 12.09 35.96
CA ASN H 80 43.86 11.14 34.87
C ASN H 80 44.26 11.88 33.60
N ASN H 81 44.76 11.17 32.59
CA ASN H 81 44.99 11.79 31.29
C ASN H 81 43.69 12.17 30.60
N HIS H 82 42.68 11.30 30.47
CA HIS H 82 41.49 11.56 29.70
C HIS H 82 40.63 12.75 30.12
N VAL H 83 40.54 12.87 31.44
CA VAL H 83 40.05 14.05 32.14
C VAL H 83 40.50 15.44 31.73
N VAL H 84 41.78 15.48 31.39
CA VAL H 84 42.40 16.70 30.91
C VAL H 84 42.73 16.65 29.43
N ASP H 85 42.82 15.54 28.71
CA ASP H 85 43.58 15.37 27.49
C ASP H 85 43.10 16.37 26.45
N ASP H 86 43.91 16.76 25.45
CA ASP H 86 43.62 17.90 24.60
C ASP H 86 43.56 19.17 25.46
N ALA H 87 44.62 19.30 26.26
CA ALA H 87 44.66 20.03 27.51
C ALA H 87 44.88 21.54 27.43
N ASP H 88 43.95 22.26 26.80
CA ASP H 88 44.15 23.67 26.51
C ASP H 88 44.28 24.49 27.77
N THR H 89 43.14 24.84 28.38
CA THR H 89 43.08 25.84 29.43
C THR H 89 42.57 25.13 30.68
N ILE H 90 43.49 24.65 31.52
CA ILE H 90 43.25 23.64 32.52
C ILE H 90 43.14 24.36 33.87
N THR H 91 42.06 25.14 34.01
CA THR H 91 41.86 26.06 35.12
C THR H 91 41.36 25.36 36.36
N VAL H 92 42.13 25.41 37.45
CA VAL H 92 41.90 24.79 38.75
C VAL H 92 40.91 25.53 39.63
N ASN H 93 40.25 24.87 40.59
CA ASN H 93 39.66 25.51 41.75
C ASN H 93 40.04 24.86 43.07
N LEU H 94 40.99 25.42 43.82
CA LEU H 94 41.59 24.59 44.84
C LEU H 94 40.81 24.79 46.13
N PRO H 95 40.10 23.82 46.71
CA PRO H 95 39.41 23.85 47.99
C PRO H 95 40.40 24.06 49.13
N GLY H 96 40.22 25.12 49.92
CA GLY H 96 41.10 25.51 51.00
C GLY H 96 42.06 26.60 50.53
N SER H 97 41.84 27.10 49.32
CA SER H 97 42.48 28.33 48.89
C SER H 97 41.80 29.15 47.80
N ASP H 98 40.80 28.62 47.09
CA ASP H 98 39.92 29.23 46.11
C ASP H 98 40.59 29.67 44.81
N ILE H 99 41.89 29.39 44.68
CA ILE H 99 42.72 29.84 43.58
C ILE H 99 42.22 29.33 42.24
N GLU H 100 42.14 30.23 41.25
CA GLU H 100 41.58 29.89 39.96
C GLU H 100 42.43 30.43 38.83
N TYR H 101 43.30 29.59 38.27
CA TYR H 101 44.21 29.89 37.19
C TYR H 101 44.25 28.64 36.32
N LYS H 102 44.53 28.81 35.03
CA LYS H 102 45.19 27.77 34.27
C LYS H 102 46.46 27.18 34.91
N ALA H 103 46.71 25.90 34.68
CA ALA H 103 47.95 25.22 34.93
C ALA H 103 48.64 24.85 33.63
N LYS H 104 49.94 24.54 33.68
CA LYS H 104 50.62 23.95 32.55
C LYS H 104 50.74 22.43 32.75
N LEU H 105 50.21 21.64 31.82
CA LEU H 105 50.68 20.29 31.57
C LEU H 105 52.17 20.26 31.23
N ILE H 106 52.86 19.44 32.03
CA ILE H 106 54.29 19.17 31.96
C ILE H 106 54.37 17.93 31.08
N GLY H 107 53.56 16.89 31.32
CA GLY H 107 53.51 15.66 30.55
C GLY H 107 52.33 14.73 30.79
N LYS H 108 52.06 13.90 29.78
CA LYS H 108 50.95 12.97 29.71
C LYS H 108 51.31 11.58 29.20
N ASP H 109 50.86 10.45 29.75
CA ASP H 109 50.75 9.19 29.05
C ASP H 109 49.36 8.56 29.15
N PRO H 110 48.61 8.45 28.05
CA PRO H 110 47.39 7.67 28.03
C PRO H 110 47.45 6.17 28.29
N LYS H 111 48.61 5.50 28.37
CA LYS H 111 48.82 4.09 28.56
C LYS H 111 48.62 3.61 29.99
N THR H 112 49.03 4.49 30.89
CA THR H 112 48.49 4.49 32.25
C THR H 112 47.36 5.48 32.43
N ASP H 113 47.21 6.35 31.42
CA ASP H 113 46.31 7.49 31.59
C ASP H 113 46.53 8.27 32.87
N LEU H 114 47.64 9.01 32.83
CA LEU H 114 48.17 9.79 33.92
C LEU H 114 48.91 10.96 33.31
N ALA H 115 48.89 12.09 34.04
CA ALA H 115 49.56 13.34 33.73
C ALA H 115 50.20 13.99 34.94
N VAL H 116 51.13 14.88 34.62
CA VAL H 116 51.73 15.85 35.52
C VAL H 116 51.68 17.31 35.06
N ILE H 117 51.34 18.28 35.92
CA ILE H 117 50.79 19.58 35.57
C ILE H 117 51.28 20.59 36.59
N LYS H 118 51.98 21.66 36.20
CA LYS H 118 52.40 22.77 37.04
C LYS H 118 51.31 23.83 37.22
N ILE H 119 50.80 24.12 38.41
CA ILE H 119 49.97 25.27 38.71
C ILE H 119 50.82 26.48 39.11
N GLU H 120 50.83 27.55 38.30
CA GLU H 120 51.44 28.86 38.47
C GLU H 120 50.91 29.71 39.61
N ALA H 121 51.09 29.09 40.79
CA ALA H 121 50.83 29.67 42.09
C ALA H 121 51.92 29.22 43.05
N ASN H 122 52.03 29.89 44.20
CA ASN H 122 53.04 29.72 45.22
C ASN H 122 52.56 29.46 46.64
N ASN H 123 53.41 28.95 47.54
CA ASN H 123 53.01 28.23 48.73
C ASN H 123 51.77 27.36 48.64
N LEU H 124 51.84 26.36 47.75
CA LEU H 124 50.89 25.29 47.52
C LEU H 124 51.22 24.16 48.48
N SER H 125 50.29 23.19 48.43
CA SER H 125 50.39 21.95 49.18
C SER H 125 51.25 20.96 48.39
N ALA H 126 51.73 19.96 49.14
CA ALA H 126 52.22 18.68 48.69
C ALA H 126 51.26 17.61 49.18
N ILE H 127 51.55 16.34 48.88
CA ILE H 127 51.01 15.25 49.65
C ILE H 127 52.17 14.40 50.20
N THR H 128 51.97 13.82 51.38
CA THR H 128 52.83 12.83 52.02
C THR H 128 52.50 11.40 51.59
N PHE H 129 53.38 10.78 50.80
CA PHE H 129 53.14 9.71 49.85
C PHE H 129 53.68 8.36 50.29
N THR H 130 52.97 7.69 51.22
CA THR H 130 53.44 6.41 51.69
C THR H 130 53.25 5.29 50.67
N ASN H 131 53.73 4.07 50.89
CA ASN H 131 53.73 2.98 49.93
C ASN H 131 52.40 2.27 49.81
N SER H 132 51.97 1.86 48.61
CA SER H 132 50.69 1.25 48.36
C SER H 132 50.70 -0.28 48.47
N ASP H 133 51.88 -0.82 48.77
CA ASP H 133 52.10 -2.22 49.07
C ASP H 133 52.32 -2.56 50.54
N ASP H 134 52.44 -1.56 51.40
CA ASP H 134 52.24 -1.70 52.83
C ASP H 134 50.79 -1.84 53.27
N LEU H 135 49.88 -2.04 52.31
CA LEU H 135 48.46 -2.11 52.63
C LEU H 135 47.99 -3.55 52.75
N MET H 136 46.85 -3.80 53.40
CA MET H 136 46.10 -5.05 53.42
C MET H 136 44.63 -4.74 53.17
N GLU H 137 43.90 -5.85 52.99
CA GLU H 137 42.47 -5.87 53.12
C GLU H 137 41.92 -5.57 54.51
N GLY H 138 40.70 -5.02 54.57
CA GLY H 138 39.99 -4.45 55.70
C GLY H 138 40.51 -3.16 56.34
N ASP H 139 41.67 -2.69 55.85
CA ASP H 139 42.21 -1.48 56.39
C ASP H 139 41.40 -0.21 56.15
N VAL H 140 41.28 0.66 57.15
CA VAL H 140 40.51 1.89 57.19
C VAL H 140 41.19 2.98 56.38
N VAL H 141 40.43 3.56 55.44
CA VAL H 141 40.80 4.48 54.38
C VAL H 141 39.74 5.52 54.05
N PHE H 142 40.19 6.71 53.63
CA PHE H 142 39.30 7.71 53.09
C PHE H 142 39.53 7.97 51.60
N ALA H 143 38.44 8.34 50.92
CA ALA H 143 38.28 8.58 49.50
C ALA H 143 37.74 9.97 49.22
N LEU H 144 38.46 10.64 48.31
CA LEU H 144 38.46 12.07 48.14
C LEU H 144 38.29 12.59 46.72
N GLY H 145 37.93 13.87 46.56
CA GLY H 145 37.86 14.56 45.29
C GLY H 145 36.57 15.37 45.15
N ASN H 146 36.11 15.58 43.92
CA ASN H 146 34.95 16.41 43.69
C ASN H 146 33.83 15.50 43.20
N PRO H 147 33.12 14.72 44.02
CA PRO H 147 32.16 13.75 43.56
C PRO H 147 30.98 14.40 42.84
N PHE H 148 30.91 14.20 41.53
CA PHE H 148 29.91 14.74 40.63
C PHE H 148 29.73 16.25 40.64
N GLY H 149 30.78 17.05 40.80
CA GLY H 149 30.73 18.51 40.78
C GLY H 149 30.20 19.12 42.07
N VAL H 150 29.86 18.46 43.17
CA VAL H 150 29.15 19.10 44.26
C VAL H 150 30.00 20.10 45.04
N GLY H 151 31.31 19.97 44.86
CA GLY H 151 32.43 20.48 45.61
C GLY H 151 33.32 19.45 46.31
N PHE H 152 34.25 19.91 47.14
CA PHE H 152 35.07 18.98 47.88
C PHE H 152 34.29 18.22 48.94
N SER H 153 34.26 16.90 48.73
CA SER H 153 33.56 15.96 49.59
C SER H 153 34.35 14.66 49.71
N VAL H 154 34.29 14.04 50.89
CA VAL H 154 35.02 12.85 51.26
C VAL H 154 34.11 11.74 51.76
N THR H 155 34.55 10.49 51.70
CA THR H 155 33.88 9.29 52.16
C THR H 155 34.90 8.50 52.97
N SER H 156 34.41 7.62 53.85
CA SER H 156 35.27 6.71 54.56
C SER H 156 34.97 5.24 54.30
N GLY H 157 35.96 4.36 54.39
CA GLY H 157 35.70 3.01 53.95
C GLY H 157 36.70 1.95 54.39
N ILE H 158 36.56 0.68 53.99
CA ILE H 158 37.59 -0.32 54.26
C ILE H 158 37.89 -1.12 53.01
N ILE H 159 39.12 -1.65 52.90
CA ILE H 159 39.62 -2.22 51.66
C ILE H 159 38.94 -3.57 51.48
N SER H 160 38.43 -3.85 50.29
CA SER H 160 37.75 -5.07 49.87
C SER H 160 38.51 -5.92 48.86
N ALA H 161 39.43 -5.41 48.05
CA ALA H 161 40.41 -6.18 47.33
C ALA H 161 41.60 -5.33 46.92
N LEU H 162 42.66 -6.07 46.52
CA LEU H 162 44.02 -5.64 46.29
C LEU H 162 44.50 -5.87 44.86
N ASN H 163 45.44 -5.03 44.43
CA ASN H 163 46.24 -5.12 43.23
C ASN H 163 45.63 -5.93 42.11
N LYS H 164 44.77 -5.29 41.30
CA LYS H 164 43.98 -5.83 40.22
C LYS H 164 44.17 -5.21 38.83
N ASP H 165 44.29 -6.18 37.93
CA ASP H 165 44.32 -6.12 36.48
C ASP H 165 43.27 -7.03 35.85
N ASN H 166 43.05 -6.90 34.55
CA ASN H 166 41.84 -7.32 33.88
C ASN H 166 40.59 -6.49 34.19
N ILE H 167 40.75 -5.18 33.98
CA ILE H 167 39.83 -4.08 34.21
C ILE H 167 39.83 -3.19 32.97
N GLY H 168 41.04 -2.82 32.53
CA GLY H 168 41.30 -2.49 31.15
C GLY H 168 40.90 -1.09 30.69
N LEU H 169 40.84 -0.13 31.60
CA LEU H 169 40.41 1.22 31.30
C LEU H 169 41.30 1.92 30.30
N ASN H 170 42.59 1.58 30.26
CA ASN H 170 43.60 2.19 29.40
C ASN H 170 44.53 1.09 28.90
N GLN H 171 45.82 1.06 29.28
CA GLN H 171 46.69 0.00 28.81
C GLN H 171 47.48 -0.57 29.99
N TYR H 172 47.51 -0.03 31.21
CA TYR H 172 48.24 -0.45 32.40
C TYR H 172 47.46 -0.31 33.70
N GLU H 173 47.26 -1.40 34.44
CA GLU H 173 46.29 -1.48 35.51
C GLU H 173 46.90 -2.29 36.65
N ASN H 174 46.90 -1.73 37.86
CA ASN H 174 47.14 -2.51 39.07
C ASN H 174 46.35 -2.10 40.29
N PHE H 175 45.06 -1.80 40.03
CA PHE H 175 44.14 -1.20 40.97
C PHE H 175 43.79 -1.88 42.27
N ILE H 176 43.48 -1.11 43.33
CA ILE H 176 43.09 -1.50 44.68
C ILE H 176 41.65 -1.05 44.83
N GLN H 177 40.90 -1.74 45.69
CA GLN H 177 39.46 -1.65 45.75
C GLN H 177 38.91 -1.62 47.17
N THR H 178 38.06 -0.64 47.45
CA THR H 178 37.35 -0.24 48.65
C THR H 178 35.86 -0.06 48.41
N ASP H 179 35.12 0.12 49.50
CA ASP H 179 33.67 0.18 49.49
C ASP H 179 33.22 1.61 49.29
N ALA H 180 33.83 2.63 49.89
CA ALA H 180 33.45 4.03 49.95
C ALA H 180 32.93 4.65 48.67
N SER H 181 32.00 5.61 48.82
CA SER H 181 31.34 6.25 47.70
C SER H 181 32.01 7.33 46.87
N ILE H 182 32.30 6.99 45.60
CA ILE H 182 33.13 7.75 44.69
C ILE H 182 32.47 7.70 43.31
N ASN H 183 32.69 8.73 42.50
CA ASN H 183 31.93 9.05 41.31
C ASN H 183 32.89 9.50 40.22
N PRO H 184 32.44 9.67 38.97
CA PRO H 184 33.01 10.66 38.06
C PRO H 184 33.28 12.01 38.70
N GLY H 185 34.40 12.65 38.34
CA GLY H 185 34.84 13.89 38.96
C GLY H 185 35.74 13.69 40.18
N ASN H 186 35.66 12.49 40.75
CA ASN H 186 36.76 11.91 41.50
C ASN H 186 37.70 11.16 40.56
N SER H 187 37.66 11.53 39.27
CA SER H 187 38.62 11.01 38.32
C SER H 187 39.92 11.81 38.45
N GLY H 188 40.87 11.09 39.04
CA GLY H 188 42.04 11.77 39.56
C GLY H 188 41.94 11.91 41.06
N GLY H 189 40.84 11.43 41.66
CA GLY H 189 40.51 11.70 43.04
C GLY H 189 41.35 10.89 43.99
N ALA H 190 41.84 11.45 45.11
CA ALA H 190 42.65 10.67 46.04
C ALA H 190 42.02 9.55 46.85
N LEU H 191 42.87 8.59 47.22
CA LEU H 191 42.71 7.67 48.33
C LEU H 191 43.84 7.79 49.33
N VAL H 192 43.60 8.18 50.59
CA VAL H 192 44.55 8.30 51.67
C VAL H 192 44.18 7.38 52.83
N ASP H 193 45.07 6.94 53.72
CA ASP H 193 44.84 5.95 54.75
C ASP H 193 44.21 6.50 56.01
N SER H 194 44.13 5.74 57.11
CA SER H 194 43.76 6.33 58.38
C SER H 194 44.64 7.43 58.95
N ARG H 195 45.81 7.67 58.33
CA ARG H 195 46.73 8.73 58.69
C ARG H 195 46.80 9.97 57.80
N GLY H 196 46.17 9.99 56.61
CA GLY H 196 46.19 11.07 55.64
C GLY H 196 47.26 10.95 54.57
N TYR H 197 48.00 9.84 54.50
CA TYR H 197 49.05 9.54 53.55
C TYR H 197 48.46 8.99 52.25
N LEU H 198 49.04 9.35 51.10
CA LEU H 198 48.63 8.94 49.77
C LEU H 198 48.85 7.45 49.54
N VAL H 199 47.76 6.71 49.28
CA VAL H 199 47.86 5.29 49.02
C VAL H 199 47.10 4.77 47.80
N GLY H 200 46.16 5.53 47.25
CA GLY H 200 45.69 5.30 45.90
C GLY H 200 45.18 6.53 45.17
N ILE H 201 44.92 6.40 43.87
CA ILE H 201 44.32 7.46 43.09
C ILE H 201 43.15 6.82 42.33
N ASN H 202 41.94 7.26 42.72
CA ASN H 202 40.67 7.00 42.08
C ASN H 202 40.69 7.33 40.60
N SER H 203 40.41 6.37 39.72
CA SER H 203 40.32 6.54 38.29
C SER H 203 38.86 6.38 37.88
N ALA H 204 38.30 5.19 38.11
CA ALA H 204 36.94 4.85 37.74
C ALA H 204 36.31 3.85 38.69
N ILE H 205 35.03 3.53 38.53
CA ILE H 205 34.24 2.80 39.50
C ILE H 205 33.35 1.75 38.83
N LEU H 206 33.34 0.50 39.27
CA LEU H 206 32.35 -0.48 38.88
C LEU H 206 31.00 -0.14 39.51
N SER H 207 30.10 0.52 38.79
CA SER H 207 28.79 0.74 39.36
C SER H 207 27.72 1.01 38.32
N ARG H 208 26.45 1.13 38.75
CA ARG H 208 25.25 0.93 37.97
C ARG H 208 24.40 2.19 37.86
N GLY H 209 24.99 3.37 37.76
CA GLY H 209 24.31 4.65 37.87
C GLY H 209 25.23 5.81 38.21
N GLY H 210 26.50 5.78 37.78
CA GLY H 210 27.42 6.87 38.02
C GLY H 210 27.96 7.14 39.41
N GLY H 211 27.11 7.20 40.44
CA GLY H 211 27.59 6.97 41.78
C GLY H 211 27.73 5.53 42.23
N ASN H 212 28.33 5.27 43.40
CA ASN H 212 28.90 3.99 43.78
C ASN H 212 27.95 2.95 44.36
N ASN H 213 28.30 1.67 44.24
CA ASN H 213 27.56 0.51 44.71
C ASN H 213 28.35 -0.44 45.60
N GLY H 214 29.60 -0.06 45.88
CA GLY H 214 30.60 -0.72 46.69
C GLY H 214 31.97 -1.03 46.11
N ILE H 215 32.37 -0.65 44.90
CA ILE H 215 33.48 -1.29 44.23
C ILE H 215 34.20 -0.22 43.42
N GLY H 216 34.89 0.71 44.10
CA GLY H 216 35.75 1.66 43.44
C GLY H 216 37.20 1.23 43.27
N PHE H 217 37.86 1.81 42.27
CA PHE H 217 39.23 1.43 42.05
C PHE H 217 40.19 2.60 41.96
N ALA H 218 41.30 2.28 42.65
CA ALA H 218 42.37 3.22 42.88
C ALA H 218 43.73 2.72 42.40
N ILE H 219 44.48 3.52 41.63
CA ILE H 219 45.79 3.24 41.09
C ILE H 219 46.79 3.29 42.24
N PRO H 220 47.79 2.40 42.24
CA PRO H 220 48.76 2.34 43.32
C PRO H 220 49.52 3.64 43.49
N SER H 221 49.64 4.16 44.72
CA SER H 221 50.38 5.36 45.06
C SER H 221 51.83 5.29 44.61
N ASN H 222 52.41 4.09 44.70
CA ASN H 222 53.78 3.85 44.30
C ASN H 222 54.05 3.72 42.81
N MET H 223 53.00 3.28 42.11
CA MET H 223 52.91 3.36 40.68
C MET H 223 52.90 4.83 40.29
N VAL H 224 52.00 5.67 40.78
CA VAL H 224 51.99 7.04 40.30
C VAL H 224 53.12 7.91 40.82
N LYS H 225 53.88 7.43 41.81
CA LYS H 225 55.10 8.05 42.29
C LYS H 225 56.26 7.94 41.33
N ASP H 226 56.37 6.79 40.66
CA ASP H 226 57.33 6.57 39.58
C ASP H 226 56.91 7.11 38.21
N ILE H 227 55.64 6.87 37.87
CA ILE H 227 55.06 7.47 36.67
C ILE H 227 55.13 8.98 36.63
N ALA H 228 54.85 9.61 37.77
CA ALA H 228 54.95 11.06 37.74
C ALA H 228 56.38 11.52 37.54
N LYS H 229 57.40 10.85 38.11
CA LYS H 229 58.80 11.18 37.97
C LYS H 229 59.16 10.99 36.50
N LYS H 230 58.68 9.97 35.79
CA LYS H 230 58.90 9.91 34.35
C LYS H 230 58.31 11.05 33.53
N LEU H 231 57.16 11.59 33.93
CA LEU H 231 56.55 12.71 33.25
C LEU H 231 57.27 14.01 33.57
N ILE H 232 57.92 14.18 34.72
CA ILE H 232 58.60 15.38 35.16
C ILE H 232 59.86 15.61 34.34
N GLU H 233 60.56 14.50 34.06
CA GLU H 233 61.94 14.50 33.62
C GLU H 233 62.08 14.67 32.11
N LYS H 234 61.07 14.37 31.31
CA LYS H 234 60.94 14.44 29.87
C LYS H 234 59.57 14.71 29.27
N GLY H 235 58.46 15.05 29.93
CA GLY H 235 57.20 15.32 29.27
C GLY H 235 56.35 14.09 28.92
N LYS H 236 56.90 12.88 28.96
CA LYS H 236 56.28 11.61 28.68
C LYS H 236 56.99 10.43 29.35
N ILE H 237 56.49 9.20 29.21
CA ILE H 237 57.00 7.93 29.66
C ILE H 237 57.29 7.14 28.39
N ASP H 238 58.40 6.39 28.47
CA ASP H 238 58.90 5.60 27.37
C ASP H 238 59.02 4.16 27.85
N ARG H 239 58.35 3.31 27.09
CA ARG H 239 58.02 1.94 27.45
C ARG H 239 58.35 0.97 26.34
N GLY H 240 58.84 -0.19 26.76
CA GLY H 240 59.11 -1.32 25.88
C GLY H 240 58.17 -2.51 25.90
N PHE H 241 58.70 -3.72 25.68
CA PHE H 241 58.34 -5.03 26.13
C PHE H 241 59.62 -5.87 26.17
N LEU H 242 59.54 -7.18 26.40
CA LEU H 242 60.64 -7.98 25.91
C LEU H 242 60.36 -8.71 24.60
N GLY H 243 59.23 -8.33 24.00
CA GLY H 243 58.70 -8.92 22.78
C GLY H 243 58.36 -10.38 23.01
N VAL H 244 57.26 -10.57 23.75
CA VAL H 244 56.78 -11.89 24.10
C VAL H 244 55.29 -11.88 24.38
N THR H 245 54.59 -12.93 23.93
CA THR H 245 53.22 -13.22 24.32
C THR H 245 53.08 -14.14 25.52
N ILE H 246 52.27 -13.88 26.55
CA ILE H 246 52.47 -14.42 27.88
C ILE H 246 51.13 -14.67 28.57
N LEU H 247 51.05 -15.52 29.60
CA LEU H 247 49.88 -15.93 30.35
C LEU H 247 50.32 -16.46 31.71
N ALA H 248 49.42 -16.83 32.61
CA ALA H 248 49.74 -17.46 33.88
C ALA H 248 49.74 -18.97 33.86
N LEU H 249 50.67 -19.52 34.64
CA LEU H 249 50.69 -20.97 34.72
C LEU H 249 49.46 -21.55 35.40
N GLN H 250 48.68 -22.36 34.67
CA GLN H 250 47.60 -23.12 35.25
C GLN H 250 48.03 -24.31 36.09
N GLY H 251 47.22 -24.75 37.05
CA GLY H 251 47.35 -25.87 37.95
C GLY H 251 47.61 -27.23 37.31
N ASP H 252 46.99 -27.57 36.17
CA ASP H 252 47.28 -28.78 35.43
C ASP H 252 48.42 -28.54 34.44
N THR H 253 48.62 -27.36 33.87
CA THR H 253 49.80 -27.02 33.09
C THR H 253 51.09 -27.18 33.89
N LYS H 254 51.09 -26.89 35.21
CA LYS H 254 52.18 -27.11 36.12
C LYS H 254 52.50 -28.59 36.15
N LYS H 255 51.56 -29.54 36.28
CA LYS H 255 51.81 -30.96 36.20
C LYS H 255 52.25 -31.38 34.80
N ALA H 256 51.63 -30.87 33.73
CA ALA H 256 52.00 -31.26 32.38
C ALA H 256 53.41 -30.82 32.00
N TYR H 257 53.63 -29.50 32.10
CA TYR H 257 54.84 -28.72 31.99
C TYR H 257 55.79 -28.89 33.16
N LYS H 258 55.78 -30.08 33.79
CA LYS H 258 56.87 -30.66 34.54
C LYS H 258 57.23 -30.06 35.89
N ASN H 259 56.29 -29.30 36.45
CA ASN H 259 56.37 -28.75 37.79
C ASN H 259 57.39 -27.63 37.97
N GLN H 260 57.58 -26.77 36.97
CA GLN H 260 58.24 -25.48 37.06
C GLN H 260 57.26 -24.46 37.59
N GLU H 261 57.74 -23.31 38.10
CA GLU H 261 56.92 -22.24 38.64
C GLU H 261 57.32 -20.86 38.11
N GLY H 262 56.28 -20.18 37.61
CA GLY H 262 56.40 -18.83 37.08
C GLY H 262 55.20 -18.43 36.23
N ALA H 263 55.44 -17.43 35.39
CA ALA H 263 54.51 -16.99 34.37
C ALA H 263 54.74 -17.67 33.02
N LEU H 264 53.64 -18.19 32.49
CA LEU H 264 53.60 -19.02 31.31
C LEU H 264 53.79 -18.27 30.00
N ILE H 265 54.85 -18.62 29.27
CA ILE H 265 55.05 -18.01 27.97
C ILE H 265 54.17 -18.82 27.03
N THR H 266 53.38 -18.10 26.22
CA THR H 266 52.48 -18.83 25.35
C THR H 266 53.15 -18.86 23.98
N ASP H 267 53.80 -17.77 23.60
CA ASP H 267 54.55 -17.65 22.35
C ASP H 267 55.59 -16.56 22.53
N VAL H 268 56.88 -16.90 22.38
CA VAL H 268 57.94 -15.92 22.34
C VAL H 268 57.78 -15.16 21.04
N GLN H 269 57.74 -13.83 21.18
CA GLN H 269 57.41 -12.99 20.05
C GLN H 269 58.61 -12.56 19.21
N LYS H 270 59.60 -13.46 19.20
CA LYS H 270 60.42 -13.84 18.08
C LYS H 270 61.69 -13.01 17.99
N GLY H 271 62.86 -13.57 18.29
CA GLY H 271 64.15 -12.93 18.16
C GLY H 271 64.42 -11.73 19.06
N SER H 272 63.40 -11.22 19.76
CA SER H 272 63.32 -10.15 20.74
C SER H 272 64.28 -10.48 21.87
N SER H 273 64.48 -9.59 22.85
CA SER H 273 65.24 -9.78 24.07
C SER H 273 64.96 -11.10 24.78
N ALA H 274 63.69 -11.49 24.75
CA ALA H 274 63.21 -12.76 25.29
C ALA H 274 63.94 -13.86 24.53
N ASP H 275 63.91 -13.77 23.20
CA ASP H 275 64.46 -14.89 22.48
C ASP H 275 65.98 -15.01 22.41
N GLU H 276 66.65 -13.91 22.07
CA GLU H 276 68.09 -13.75 21.99
C GLU H 276 68.77 -13.81 23.34
N ALA H 277 67.98 -13.98 24.41
CA ALA H 277 68.40 -14.35 25.75
C ALA H 277 67.84 -15.67 26.28
N GLY H 278 67.38 -16.59 25.44
CA GLY H 278 67.20 -18.02 25.68
C GLY H 278 65.85 -18.54 26.14
N LEU H 279 64.89 -17.61 26.16
CA LEU H 279 63.50 -17.96 26.36
C LEU H 279 62.72 -18.43 25.14
N LYS H 280 62.22 -19.67 25.24
CA LYS H 280 61.45 -20.44 24.29
C LYS H 280 60.00 -20.67 24.74
N ARG H 281 59.34 -21.56 23.99
CA ARG H 281 58.01 -22.04 24.32
C ARG H 281 58.12 -23.23 25.27
N GLY H 282 57.26 -23.29 26.28
CA GLY H 282 57.31 -24.24 27.37
C GLY H 282 58.25 -23.74 28.46
N ASP H 283 58.80 -22.54 28.28
CA ASP H 283 59.49 -21.78 29.29
C ASP H 283 58.55 -20.99 30.19
N LEU H 284 58.97 -20.68 31.42
CA LEU H 284 58.35 -19.74 32.31
C LEU H 284 59.33 -18.65 32.73
N VAL H 285 58.77 -17.46 33.01
CA VAL H 285 59.48 -16.36 33.60
C VAL H 285 59.33 -16.32 35.11
N THR H 286 60.31 -15.89 35.91
CA THR H 286 60.34 -15.91 37.35
C THR H 286 60.68 -14.57 37.97
N LYS H 287 61.74 -13.82 37.62
CA LYS H 287 62.15 -12.62 38.33
C LYS H 287 62.83 -11.57 37.46
N VAL H 288 62.34 -10.33 37.41
CA VAL H 288 63.06 -9.15 37.00
C VAL H 288 63.98 -8.89 38.19
N ASN H 289 65.08 -8.18 37.97
CA ASN H 289 66.02 -7.71 38.97
C ASN H 289 65.48 -6.76 40.02
N ASN H 290 64.18 -6.47 40.00
CA ASN H 290 63.44 -5.83 41.07
C ASN H 290 61.98 -6.19 41.25
N LYS H 291 61.48 -7.17 40.50
CA LYS H 291 60.07 -7.46 40.28
C LYS H 291 59.78 -8.92 39.97
N VAL H 292 58.94 -9.57 40.79
CA VAL H 292 58.76 -11.00 40.75
C VAL H 292 57.43 -11.38 40.13
N ILE H 293 57.51 -12.48 39.38
CA ILE H 293 56.54 -12.82 38.36
C ILE H 293 55.89 -14.19 38.53
N LYS H 294 54.56 -14.36 38.58
CA LYS H 294 53.83 -15.58 38.32
C LYS H 294 52.82 -15.44 37.18
N SER H 295 52.57 -14.20 36.74
CA SER H 295 51.50 -13.93 35.81
C SER H 295 51.87 -12.94 34.70
N PRO H 296 51.04 -12.84 33.67
CA PRO H 296 51.28 -12.04 32.48
C PRO H 296 51.10 -10.56 32.82
N ILE H 297 50.02 -10.30 33.56
CA ILE H 297 49.78 -8.97 34.08
C ILE H 297 50.86 -8.45 35.02
N ASP H 298 51.69 -9.28 35.64
CA ASP H 298 52.92 -8.74 36.18
C ASP H 298 53.82 -8.11 35.12
N LEU H 299 54.31 -9.00 34.26
CA LEU H 299 55.40 -8.62 33.38
C LEU H 299 54.96 -7.49 32.45
N LYS H 300 53.73 -7.52 31.95
CA LYS H 300 53.04 -6.38 31.39
C LYS H 300 53.38 -5.07 32.10
N ASN H 301 52.91 -4.83 33.33
CA ASN H 301 52.95 -3.62 34.13
C ASN H 301 54.30 -3.27 34.73
N TYR H 302 55.15 -4.30 34.85
CA TYR H 302 56.55 -4.21 35.23
C TYR H 302 57.26 -3.52 34.08
N ILE H 303 57.06 -3.90 32.82
CA ILE H 303 57.66 -3.19 31.72
C ILE H 303 57.00 -1.81 31.60
N GLY H 304 55.71 -1.76 31.89
CA GLY H 304 55.08 -0.49 32.23
C GLY H 304 55.70 0.47 33.23
N THR H 305 56.71 0.11 34.02
CA THR H 305 57.44 0.96 34.94
C THR H 305 58.96 0.93 34.74
N LEU H 306 59.36 0.72 33.49
CA LEU H 306 60.73 0.72 33.01
C LEU H 306 60.93 1.44 31.69
N GLU H 307 62.05 2.18 31.59
CA GLU H 307 62.51 2.90 30.42
C GLU H 307 63.37 2.07 29.48
N ILE H 308 63.50 2.48 28.21
CA ILE H 308 64.19 1.84 27.10
C ILE H 308 65.68 1.65 27.33
N GLY H 309 66.21 0.56 26.77
CA GLY H 309 67.58 0.53 26.29
C GLY H 309 68.57 -0.21 27.18
N GLN H 310 68.39 -0.10 28.50
CA GLN H 310 68.97 -0.86 29.57
C GLN H 310 68.77 -2.37 29.44
N LYS H 311 69.69 -3.20 29.96
CA LYS H 311 69.57 -4.65 29.98
C LYS H 311 69.14 -5.21 31.33
N ILE H 312 68.11 -6.06 31.41
CA ILE H 312 67.58 -6.56 32.66
C ILE H 312 68.11 -7.98 32.74
N SER H 313 68.88 -8.38 33.75
CA SER H 313 69.38 -9.75 33.76
C SER H 313 68.43 -10.70 34.48
N LEU H 314 67.31 -10.99 33.81
CA LEU H 314 66.13 -11.68 34.31
C LEU H 314 66.20 -13.20 34.15
N SER H 315 65.64 -13.80 35.20
CA SER H 315 65.57 -15.24 35.32
C SER H 315 64.36 -15.95 34.72
N TYR H 316 64.56 -17.17 34.23
CA TYR H 316 63.58 -18.01 33.57
C TYR H 316 63.98 -19.49 33.62
N GLU H 317 62.96 -20.34 33.62
CA GLU H 317 63.12 -21.78 33.53
C GLU H 317 62.58 -22.51 32.32
N ARG H 318 63.12 -23.71 32.04
CA ARG H 318 62.62 -24.80 31.23
C ARG H 318 62.57 -26.12 31.96
N ASP H 319 61.44 -26.83 31.94
CA ASP H 319 61.17 -28.16 32.45
C ASP H 319 61.60 -28.52 33.86
N GLY H 320 62.80 -28.21 34.35
CA GLY H 320 63.14 -28.36 35.76
C GLY H 320 64.28 -27.44 36.17
N GLU H 321 64.75 -26.46 35.38
CA GLU H 321 66.04 -25.85 35.63
C GLU H 321 66.01 -24.42 35.12
N ASN H 322 66.54 -23.49 35.91
CA ASN H 322 66.44 -22.06 35.67
C ASN H 322 67.76 -21.51 35.13
N LYS H 323 67.74 -20.46 34.30
CA LYS H 323 68.85 -19.70 33.77
C LYS H 323 68.64 -18.20 34.00
N GLN H 324 69.73 -17.47 33.73
CA GLN H 324 69.75 -16.03 33.88
C GLN H 324 70.64 -15.33 32.86
N ALA H 325 69.98 -14.99 31.75
CA ALA H 325 70.61 -14.24 30.68
C ALA H 325 70.32 -12.74 30.74
N SER H 326 70.26 -11.97 29.65
CA SER H 326 70.08 -10.54 29.79
C SER H 326 69.28 -9.93 28.65
N PHE H 327 68.29 -9.12 29.04
CA PHE H 327 67.13 -8.75 28.24
C PHE H 327 67.02 -7.23 28.16
N ILE H 328 67.26 -6.60 27.00
CA ILE H 328 67.01 -5.23 26.60
C ILE H 328 65.49 -5.02 26.61
N LEU H 329 65.03 -3.79 26.82
CA LEU H 329 63.62 -3.48 26.87
C LEU H 329 62.99 -3.39 25.48
N LYS H 330 62.90 -4.49 24.72
CA LYS H 330 62.50 -4.36 23.35
C LYS H 330 60.99 -4.54 23.11
N GLY H 331 60.33 -3.44 22.71
CA GLY H 331 58.93 -3.52 22.38
C GLY H 331 58.54 -4.12 21.03
N GLU H 332 57.27 -3.95 20.70
CA GLU H 332 56.53 -4.31 19.50
C GLU H 332 57.05 -3.74 18.20
N LYS H 333 57.83 -2.66 18.31
CA LYS H 333 58.59 -2.05 17.23
C LYS H 333 60.07 -2.25 17.46
N GLU H 334 60.53 -3.46 17.78
CA GLU H 334 61.91 -3.78 18.13
C GLU H 334 62.33 -5.24 18.07
N ASN H 335 61.73 -6.17 17.33
CA ASN H 335 61.79 -7.57 17.65
C ASN H 335 62.14 -8.46 16.47
N PRO H 336 63.37 -8.96 16.30
CA PRO H 336 63.88 -9.51 15.07
C PRO H 336 63.83 -10.98 14.66
N LYS H 337 62.93 -11.82 15.17
CA LYS H 337 62.68 -13.22 14.82
C LYS H 337 63.71 -14.30 15.10
N GLY H 338 63.49 -15.47 15.67
CA GLY H 338 62.50 -16.31 16.34
C GLY H 338 62.69 -17.81 16.49
N VAL H 339 62.30 -18.55 17.54
CA VAL H 339 62.25 -19.99 17.63
C VAL H 339 61.21 -20.59 18.57
N GLN H 340 60.62 -21.78 18.39
CA GLN H 340 59.22 -21.97 18.70
C GLN H 340 58.67 -23.37 18.97
N SER H 341 59.42 -24.46 19.02
CA SER H 341 58.90 -25.82 18.99
C SER H 341 57.83 -26.38 19.93
N ASP H 342 58.04 -26.64 21.22
CA ASP H 342 57.12 -27.12 22.22
C ASP H 342 56.32 -28.41 22.00
N LEU H 343 55.26 -28.52 21.21
CA LEU H 343 54.61 -29.78 20.89
C LEU H 343 54.82 -30.20 19.45
N ILE H 344 55.39 -29.41 18.55
CA ILE H 344 56.01 -29.85 17.31
C ILE H 344 57.48 -30.09 17.58
N ASP H 345 57.87 -30.50 18.79
CA ASP H 345 59.20 -30.89 19.19
C ASP H 345 59.58 -32.26 18.64
N GLY H 346 60.66 -32.45 17.88
CA GLY H 346 61.19 -33.73 17.46
C GLY H 346 60.24 -34.54 16.58
N LEU H 347 59.07 -34.02 16.20
CA LEU H 347 58.07 -34.64 15.36
C LEU H 347 58.52 -34.39 13.92
N SER H 348 58.90 -35.39 13.14
CA SER H 348 59.07 -35.25 11.71
C SER H 348 57.78 -35.58 10.95
N LEU H 349 57.04 -34.50 10.67
CA LEU H 349 55.75 -34.57 10.01
C LEU H 349 55.69 -33.78 8.71
N ARG H 350 54.85 -34.31 7.81
CA ARG H 350 54.68 -33.90 6.43
C ARG H 350 53.29 -34.25 5.92
N ASN H 351 52.91 -33.60 4.82
CA ASN H 351 51.56 -33.61 4.29
C ASN H 351 51.20 -34.92 3.60
N LEU H 352 49.91 -35.26 3.53
CA LEU H 352 49.44 -36.49 2.96
C LEU H 352 48.31 -36.25 1.96
N ASP H 353 48.27 -37.17 0.99
CA ASP H 353 47.06 -37.83 0.52
C ASP H 353 47.39 -39.31 0.42
N PRO H 354 47.16 -40.24 1.34
CA PRO H 354 48.12 -41.29 1.62
C PRO H 354 47.92 -42.51 0.74
N ARG H 355 48.93 -43.35 0.48
CA ARG H 355 49.04 -44.31 -0.60
C ARG H 355 48.71 -45.67 0.01
N LEU H 356 47.66 -45.71 0.84
CA LEU H 356 46.99 -46.91 1.30
C LEU H 356 45.48 -46.90 1.12
N LYS H 357 44.77 -47.99 1.42
CA LYS H 357 43.35 -48.27 1.41
C LYS H 357 42.65 -48.01 2.73
N ASP H 358 41.33 -47.96 2.94
CA ASP H 358 40.19 -48.10 2.05
C ASP H 358 39.05 -47.14 2.32
N ARG H 359 39.27 -46.15 3.17
CA ARG H 359 38.25 -45.62 4.07
C ARG H 359 36.99 -45.20 3.34
N LEU H 360 37.11 -44.17 2.50
CA LEU H 360 36.04 -43.47 1.83
C LEU H 360 36.49 -42.78 0.54
N GLN H 361 35.78 -41.73 0.14
CA GLN H 361 35.88 -41.07 -1.15
C GLN H 361 35.89 -39.56 -1.16
N ILE H 362 36.08 -39.00 0.04
CA ILE H 362 36.08 -37.55 0.12
C ILE H 362 37.37 -37.03 0.74
N PRO H 363 38.04 -35.96 0.33
CA PRO H 363 39.22 -35.40 0.95
C PRO H 363 39.06 -34.91 2.39
N LYS H 364 37.85 -34.59 2.83
CA LYS H 364 37.47 -34.04 4.12
C LYS H 364 38.01 -34.79 5.33
N ASP H 365 38.04 -36.11 5.26
CA ASP H 365 38.53 -36.98 6.32
C ASP H 365 39.95 -37.48 6.15
N VAL H 366 40.78 -36.93 5.26
CA VAL H 366 42.10 -37.38 4.86
C VAL H 366 43.12 -36.29 4.54
N ASN H 367 42.73 -35.03 4.41
CA ASN H 367 43.68 -33.95 4.50
C ASN H 367 43.97 -33.77 5.99
N GLY H 368 45.16 -33.23 6.27
CA GLY H 368 45.85 -33.32 7.54
C GLY H 368 47.36 -33.46 7.39
N VAL H 369 48.03 -34.19 8.27
CA VAL H 369 49.47 -34.44 8.27
C VAL H 369 49.96 -35.74 8.87
N LEU H 370 50.88 -36.44 8.20
CA LEU H 370 51.31 -37.77 8.58
C LEU H 370 52.59 -37.79 9.39
N VAL H 371 52.70 -38.72 10.33
CA VAL H 371 53.52 -38.66 11.52
C VAL H 371 54.57 -39.74 11.32
N ASP H 372 55.71 -39.35 10.74
CA ASP H 372 56.80 -40.25 10.48
C ASP H 372 57.65 -40.62 11.69
N SER H 373 57.83 -39.71 12.65
CA SER H 373 58.48 -39.99 13.93
C SER H 373 57.79 -39.22 15.06
N VAL H 374 57.97 -39.78 16.26
CA VAL H 374 57.46 -39.20 17.49
C VAL H 374 58.49 -39.22 18.59
N LYS H 375 59.27 -38.15 18.75
CA LYS H 375 60.26 -38.03 19.81
C LYS H 375 59.67 -38.39 21.16
N GLU H 376 60.35 -39.24 21.92
CA GLU H 376 59.86 -39.83 23.15
C GLU H 376 59.41 -38.76 24.13
N LYS H 377 60.24 -37.74 24.15
CA LYS H 377 60.11 -36.64 25.08
C LYS H 377 58.81 -35.87 24.88
N SER H 378 58.31 -35.91 23.64
CA SER H 378 57.16 -35.13 23.21
C SER H 378 55.91 -35.57 23.96
N LYS H 379 55.00 -34.61 24.17
CA LYS H 379 53.78 -34.88 24.90
C LYS H 379 52.78 -35.76 24.17
N GLY H 380 52.98 -36.23 22.94
CA GLY H 380 52.20 -37.34 22.44
C GLY H 380 52.52 -38.77 22.87
N LYS H 381 53.80 -39.10 23.05
CA LYS H 381 54.26 -40.34 23.63
C LYS H 381 53.92 -40.45 25.10
N ASN H 382 53.91 -39.34 25.85
CA ASN H 382 53.38 -39.26 27.20
C ASN H 382 51.89 -39.55 27.27
N SER H 383 51.19 -39.69 26.15
CA SER H 383 49.76 -39.49 26.01
C SER H 383 49.11 -40.33 24.92
N GLY H 384 49.69 -41.48 24.58
CA GLY H 384 49.17 -42.36 23.55
C GLY H 384 49.50 -42.19 22.08
N PHE H 385 50.31 -41.21 21.65
CA PHE H 385 50.71 -41.06 20.27
C PHE H 385 51.84 -41.96 19.85
N GLN H 386 51.81 -42.44 18.60
CA GLN H 386 52.71 -43.45 18.09
C GLN H 386 53.08 -43.12 16.65
N GLU H 387 54.24 -43.61 16.21
CA GLU H 387 54.66 -43.53 14.82
C GLU H 387 53.69 -44.07 13.77
N GLY H 388 53.64 -43.54 12.55
CA GLY H 388 52.79 -43.85 11.41
C GLY H 388 51.34 -43.53 11.70
N ASP H 389 50.95 -42.75 12.71
CA ASP H 389 49.64 -42.13 12.69
C ASP H 389 49.64 -40.93 11.76
N ILE H 390 48.46 -40.32 11.69
CA ILE H 390 48.12 -39.11 10.96
C ILE H 390 47.30 -38.17 11.82
N ILE H 391 47.67 -36.90 11.95
CA ILE H 391 46.87 -35.92 12.66
C ILE H 391 45.83 -35.33 11.71
N ILE H 392 44.57 -35.29 12.10
CA ILE H 392 43.42 -34.86 11.33
C ILE H 392 42.69 -33.66 11.91
N GLY H 393 42.80 -33.46 13.22
CA GLY H 393 42.65 -32.12 13.76
C GLY H 393 43.22 -31.99 15.16
N VAL H 394 43.52 -30.74 15.54
CA VAL H 394 44.24 -30.33 16.72
C VAL H 394 43.30 -29.55 17.63
N GLY H 395 42.97 -30.09 18.81
CA GLY H 395 42.12 -29.52 19.83
C GLY H 395 40.67 -29.32 19.38
N GLN H 396 40.03 -30.34 18.83
CA GLN H 396 38.72 -30.31 18.19
C GLN H 396 38.63 -29.23 17.12
N SER H 397 39.67 -29.07 16.29
CA SER H 397 39.67 -28.37 15.02
C SER H 397 40.43 -29.06 13.90
N GLU H 398 39.84 -29.08 12.71
CA GLU H 398 40.32 -29.88 11.60
C GLU H 398 41.39 -29.11 10.82
N ILE H 399 42.36 -29.80 10.22
CA ILE H 399 43.47 -29.24 9.48
C ILE H 399 43.71 -29.93 8.15
N LYS H 400 44.21 -29.21 7.14
CA LYS H 400 44.57 -29.83 5.90
C LYS H 400 46.04 -30.22 5.69
N ASN H 401 46.99 -29.59 6.37
CA ASN H 401 48.39 -29.61 6.00
C ASN H 401 49.27 -29.30 7.20
N LEU H 402 50.60 -29.36 7.07
CA LEU H 402 51.48 -28.78 8.07
C LEU H 402 51.21 -27.30 8.36
N LYS H 403 50.66 -26.46 7.49
CA LYS H 403 50.32 -25.10 7.86
C LYS H 403 49.25 -25.03 8.93
N ASP H 404 48.11 -25.71 8.67
CA ASP H 404 46.99 -25.61 9.58
C ASP H 404 47.35 -26.42 10.82
N LEU H 405 48.20 -27.45 10.76
CA LEU H 405 48.83 -28.07 11.91
C LEU H 405 49.62 -27.05 12.70
N GLU H 406 50.59 -26.35 12.09
CA GLU H 406 51.56 -25.53 12.82
C GLU H 406 50.99 -24.22 13.35
N GLN H 407 49.91 -23.74 12.73
CA GLN H 407 49.13 -22.72 13.40
C GLN H 407 48.62 -23.17 14.77
N ALA H 408 48.04 -24.36 14.92
CA ALA H 408 47.39 -24.86 16.10
C ALA H 408 48.42 -25.41 17.07
N LEU H 409 49.50 -26.05 16.61
CA LEU H 409 50.65 -26.43 17.40
C LEU H 409 51.48 -25.22 17.83
N LYS H 410 51.19 -24.02 17.28
CA LYS H 410 51.61 -22.79 17.91
C LYS H 410 50.60 -22.16 18.86
N GLN H 411 49.45 -22.82 19.06
CA GLN H 411 48.45 -22.47 20.07
C GLN H 411 48.48 -23.42 21.25
N VAL H 412 49.04 -24.63 21.24
CA VAL H 412 49.07 -25.64 22.29
C VAL H 412 49.78 -25.24 23.57
N ASN H 413 50.72 -24.28 23.50
CA ASN H 413 51.34 -23.68 24.67
C ASN H 413 50.54 -22.59 25.35
N LYS H 414 49.26 -22.47 24.98
CA LYS H 414 48.17 -21.81 25.67
C LYS H 414 47.20 -22.80 26.31
N LYS H 415 47.57 -24.08 26.42
CA LYS H 415 46.66 -25.16 26.76
C LYS H 415 47.27 -26.05 27.83
N GLU H 416 46.45 -26.42 28.81
CA GLU H 416 46.79 -27.49 29.74
C GLU H 416 47.04 -28.81 29.05
N PHE H 417 46.11 -29.14 28.13
CA PHE H 417 46.16 -30.29 27.26
C PHE H 417 45.41 -30.01 25.97
N THR H 418 45.71 -30.79 24.93
CA THR H 418 45.13 -30.71 23.60
C THR H 418 44.45 -32.02 23.22
N LYS H 419 43.15 -31.91 22.96
CA LYS H 419 42.36 -32.92 22.28
C LYS H 419 42.62 -33.07 20.80
N VAL H 420 43.80 -33.57 20.37
CA VAL H 420 43.96 -33.96 18.99
C VAL H 420 43.13 -35.17 18.65
N TRP H 421 42.89 -35.34 17.35
CA TRP H 421 42.40 -36.58 16.78
C TRP H 421 43.34 -37.03 15.67
N VAL H 422 43.86 -38.25 15.86
CA VAL H 422 44.90 -38.88 15.07
C VAL H 422 44.37 -40.14 14.40
N TYR H 423 44.28 -40.20 13.07
CA TYR H 423 43.98 -41.40 12.32
C TYR H 423 45.25 -42.25 12.40
N ARG H 424 45.05 -43.57 12.34
CA ARG H 424 46.02 -44.62 12.58
C ARG H 424 46.06 -45.55 11.38
N ASN H 425 46.27 -46.86 11.44
CA ASN H 425 46.16 -47.80 10.33
C ASN H 425 44.69 -47.95 9.98
N GLY H 426 43.72 -47.66 10.85
CA GLY H 426 42.35 -47.89 10.43
C GLY H 426 41.23 -47.07 11.03
N PHE H 427 41.44 -46.44 12.19
CA PHE H 427 40.52 -45.65 12.97
C PHE H 427 41.23 -44.43 13.54
N ALA H 428 40.46 -43.47 14.06
CA ALA H 428 41.06 -42.21 14.50
C ALA H 428 40.63 -41.96 15.93
N THR H 429 41.62 -41.79 16.82
CA THR H 429 41.60 -41.70 18.26
C THR H 429 41.81 -40.26 18.69
N LEU H 430 41.21 -39.91 19.83
CA LEU H 430 41.10 -38.66 20.54
C LEU H 430 41.93 -38.62 21.83
N LEU H 431 43.22 -38.39 21.62
CA LEU H 431 44.21 -38.34 22.67
C LEU H 431 44.07 -37.13 23.58
N VAL H 432 44.89 -36.84 24.60
CA VAL H 432 44.76 -35.77 25.59
C VAL H 432 46.19 -35.38 25.92
N LEU H 433 46.88 -34.59 25.09
CA LEU H 433 48.30 -34.34 25.15
C LEU H 433 48.63 -33.41 26.30
N LYS H 434 49.15 -33.95 27.39
CA LYS H 434 49.71 -33.28 28.54
C LYS H 434 51.10 -33.81 28.88
N VAL I 1 30.09 -7.09 72.66
CA VAL I 1 29.94 -6.79 71.22
C VAL I 1 29.66 -5.30 71.02
N LEU I 2 30.49 -4.62 70.23
CA LEU I 2 30.31 -3.21 69.91
C LEU I 2 29.25 -3.02 68.82
N SER I 3 28.02 -3.27 69.26
CA SER I 3 26.77 -2.95 68.59
C SER I 3 26.36 -1.54 68.99
N TYR I 4 25.57 -0.89 68.13
CA TYR I 4 25.06 0.45 68.41
C TYR I 4 23.55 0.49 68.23
N HIS I 5 22.91 -0.66 68.48
CA HIS I 5 21.48 -0.66 68.70
C HIS I 5 21.01 0.31 69.77
N ASP I 6 21.85 0.98 70.56
CA ASP I 6 21.41 1.76 71.71
C ASP I 6 20.72 3.09 71.41
N SER I 7 20.98 3.61 70.21
CA SER I 7 20.35 4.76 69.60
C SER I 7 19.21 4.32 68.69
N ILE I 8 19.08 3.03 68.38
CA ILE I 8 18.04 2.38 67.61
C ILE I 8 16.86 2.00 68.50
N LYS I 9 17.11 1.69 69.77
CA LYS I 9 16.12 1.40 70.80
C LYS I 9 15.24 2.57 71.19
N ASP I 10 15.87 3.70 71.55
CA ASP I 10 15.14 4.91 71.89
C ASP I 10 14.80 5.77 70.69
N ALA I 11 15.29 5.40 69.50
CA ALA I 11 14.88 6.07 68.28
C ALA I 11 13.45 5.70 67.93
N LYS I 12 13.06 4.44 67.73
CA LYS I 12 11.76 4.04 67.23
C LYS I 12 10.56 4.47 68.04
N LYS I 13 10.77 4.59 69.36
CA LYS I 13 9.85 5.18 70.30
C LYS I 13 9.43 6.61 70.01
N SER I 14 10.21 7.38 69.23
CA SER I 14 9.93 8.66 68.63
C SER I 14 9.71 8.65 67.12
N VAL I 15 10.45 7.81 66.40
CA VAL I 15 10.45 7.78 64.95
C VAL I 15 9.36 6.87 64.43
N VAL I 16 8.14 7.41 64.34
CA VAL I 16 6.91 6.79 63.92
C VAL I 16 6.92 6.27 62.49
N ASN I 17 6.36 5.07 62.23
CA ASN I 17 5.94 4.83 60.87
C ASN I 17 4.48 5.17 60.63
N ILE I 18 4.04 5.26 59.38
CA ILE I 18 2.77 5.90 59.09
C ILE I 18 1.99 5.20 58.00
N SER I 19 0.71 4.93 58.28
CA SER I 19 -0.33 4.25 57.53
C SER I 19 -1.28 5.22 56.84
N THR I 20 -0.76 6.40 56.49
CA THR I 20 -1.42 7.53 55.87
C THR I 20 -2.54 7.26 54.88
N SER I 21 -3.77 6.95 55.33
CA SER I 21 -4.91 6.68 54.47
C SER I 21 -5.43 8.00 53.90
N LYS I 22 -5.17 8.35 52.64
CA LYS I 22 -5.73 9.44 51.87
C LYS I 22 -6.16 8.96 50.49
N THR I 23 -7.32 9.36 49.98
CA THR I 23 -7.80 8.75 48.76
C THR I 23 -7.22 9.46 47.54
N ILE I 24 -6.65 10.67 47.61
CA ILE I 24 -6.06 11.44 46.54
C ILE I 24 -4.60 11.53 46.98
N THR I 25 -3.82 10.53 46.56
CA THR I 25 -2.37 10.53 46.58
C THR I 25 -1.96 10.70 45.13
N ARG I 26 -2.53 11.73 44.50
CA ARG I 26 -2.22 12.07 43.12
C ARG I 26 -1.14 13.14 43.10
N ALA I 27 -0.67 13.76 44.20
CA ALA I 27 0.58 14.47 44.23
C ALA I 27 1.82 13.59 44.31
N ASN I 28 1.91 12.75 45.34
CA ASN I 28 3.02 11.82 45.45
C ASN I 28 2.88 10.55 44.61
N ARG I 29 2.48 10.73 43.36
CA ARG I 29 2.25 9.64 42.44
C ARG I 29 3.58 9.54 41.71
N PRO I 30 4.04 8.38 41.24
CA PRO I 30 5.30 8.23 40.55
C PRO I 30 5.29 8.99 39.23
N SER I 31 6.29 9.80 38.89
CA SER I 31 6.50 10.40 37.57
C SER I 31 6.76 9.34 36.50
N PRO I 32 6.40 9.51 35.23
CA PRO I 32 6.49 8.50 34.19
C PRO I 32 7.92 8.14 33.84
N LEU I 33 8.35 7.00 34.39
CA LEU I 33 9.66 6.46 34.11
C LEU I 33 9.53 4.96 33.85
N ASP I 34 10.47 4.42 33.09
CA ASP I 34 10.70 3.00 32.91
C ASP I 34 11.16 2.29 34.17
N ASP I 35 10.39 2.43 35.26
CA ASP I 35 10.62 1.62 36.44
C ASP I 35 10.19 0.20 36.21
N PHE I 36 10.17 -0.64 37.27
CA PHE I 36 9.59 -1.96 37.16
C PHE I 36 8.08 -2.02 37.00
N PHE I 37 7.52 -1.63 35.85
CA PHE I 37 6.12 -1.70 35.47
C PHE I 37 5.93 -2.93 34.60
N ASN I 38 4.65 -3.26 34.44
CA ASN I 38 4.08 -4.48 33.89
C ASN I 38 4.19 -5.68 34.81
N ASP I 39 5.27 -5.75 35.59
CA ASP I 39 5.48 -6.69 36.67
C ASP I 39 5.93 -6.10 38.00
N PRO I 40 5.08 -5.28 38.63
CA PRO I 40 5.30 -4.85 40.01
C PRO I 40 4.68 -5.90 40.92
N TYR I 41 5.38 -6.29 41.99
CA TYR I 41 4.76 -7.14 42.97
C TYR I 41 4.44 -6.35 44.23
N PHE I 42 5.32 -6.24 45.22
CA PHE I 42 5.38 -5.17 46.20
C PHE I 42 6.03 -3.91 45.66
N LYS I 43 5.43 -2.80 46.10
CA LYS I 43 6.04 -1.52 45.75
C LYS I 43 7.44 -1.40 46.34
N GLN I 44 8.34 -0.84 45.54
CA GLN I 44 9.73 -0.54 45.87
C GLN I 44 10.59 -1.77 46.06
N PHE I 45 10.06 -2.97 45.79
CA PHE I 45 10.84 -4.16 45.48
C PHE I 45 11.48 -4.11 44.10
N PHE I 46 12.04 -5.23 43.64
CA PHE I 46 12.58 -5.48 42.33
C PHE I 46 12.38 -6.88 41.78
N ASP I 47 12.08 -7.83 42.67
CA ASP I 47 12.04 -9.25 42.41
C ASP I 47 10.74 -9.71 41.77
N PHE I 48 10.78 -10.97 41.33
CA PHE I 48 9.91 -11.57 40.34
C PHE I 48 8.77 -12.29 41.05
N ASP I 49 8.13 -13.29 40.44
CA ASP I 49 6.93 -13.90 40.95
C ASP I 49 7.28 -14.67 42.21
N PHE I 50 6.92 -14.10 43.36
CA PHE I 50 7.07 -14.72 44.66
C PHE I 50 5.78 -15.11 45.37
N PRO I 51 5.69 -16.20 46.14
CA PRO I 51 4.47 -16.84 46.59
C PRO I 51 3.59 -16.07 47.55
N GLN I 52 4.19 -15.06 48.19
CA GLN I 52 3.50 -14.05 48.96
C GLN I 52 2.76 -13.01 48.14
N ARG I 53 1.54 -13.26 47.65
CA ARG I 53 0.71 -12.42 46.82
C ARG I 53 0.28 -11.06 47.35
N LYS I 54 -0.64 -10.35 46.70
CA LYS I 54 -0.97 -9.05 47.23
C LYS I 54 -1.51 -9.13 48.65
N GLY I 55 -0.85 -8.35 49.54
CA GLY I 55 -1.02 -8.56 50.96
C GLY I 55 -0.04 -7.82 51.85
N LYS I 56 0.83 -6.93 51.36
CA LYS I 56 1.72 -6.09 52.15
C LYS I 56 1.92 -4.64 51.75
N ASN I 57 2.22 -4.45 50.45
CA ASN I 57 2.61 -3.17 49.94
C ASN I 57 2.01 -2.72 48.61
N ASP I 58 0.71 -2.38 48.55
CA ASP I 58 -0.02 -1.99 47.36
C ASP I 58 -0.90 -0.78 47.63
N LYS I 59 -1.34 -0.46 48.85
CA LYS I 59 -2.24 0.62 49.19
C LYS I 59 -1.74 1.98 48.71
N GLU I 60 -0.43 2.17 48.49
CA GLU I 60 0.21 3.46 48.33
C GLU I 60 -0.18 4.23 47.06
N VAL I 61 -1.05 3.63 46.23
CA VAL I 61 -1.71 4.34 45.15
C VAL I 61 -2.96 5.08 45.58
N VAL I 62 -3.67 4.62 46.62
CA VAL I 62 -4.82 5.23 47.25
C VAL I 62 -4.58 5.45 48.74
N SER I 63 -3.33 5.64 49.16
CA SER I 63 -2.86 5.83 50.51
C SER I 63 -1.48 6.50 50.50
N SER I 64 -0.72 6.50 51.61
CA SER I 64 0.71 6.73 51.64
C SER I 64 1.37 5.80 52.65
N LEU I 65 2.59 5.29 52.37
CA LEU I 65 3.44 4.72 53.39
C LEU I 65 4.49 5.73 53.79
N GLY I 66 5.05 5.66 55.00
CA GLY I 66 6.04 6.58 55.53
C GLY I 66 6.66 6.46 56.92
N SER I 67 7.47 7.48 57.19
CA SER I 67 8.01 7.78 58.49
C SER I 67 7.87 9.23 58.96
N GLY I 68 7.83 9.42 60.28
CA GLY I 68 7.78 10.70 60.96
C GLY I 68 8.42 10.73 62.34
N VAL I 69 8.46 11.87 63.03
CA VAL I 69 9.10 11.92 64.33
C VAL I 69 8.28 12.70 65.34
N ILE I 70 8.16 12.19 66.58
CA ILE I 70 7.42 12.86 67.62
C ILE I 70 8.31 13.86 68.34
N ILE I 71 8.00 15.16 68.23
CA ILE I 71 8.95 16.21 68.54
C ILE I 71 8.80 16.67 69.99
N SER I 72 7.55 16.68 70.48
CA SER I 72 7.15 16.97 71.84
C SER I 72 6.34 15.84 72.46
N LYS I 73 6.44 15.69 73.78
CA LYS I 73 5.62 14.82 74.60
C LYS I 73 4.13 15.03 74.48
N ASP I 74 3.70 16.14 73.85
CA ASP I 74 2.32 16.42 73.53
C ASP I 74 1.80 15.69 72.30
N GLY I 75 2.71 14.96 71.63
CA GLY I 75 2.39 14.14 70.48
C GLY I 75 2.22 14.93 69.19
N TYR I 76 2.92 16.06 69.14
CA TYR I 76 3.21 16.69 67.87
C TYR I 76 4.31 15.97 67.12
N ILE I 77 3.93 15.22 66.08
CA ILE I 77 4.75 14.52 65.12
C ILE I 77 5.04 15.42 63.92
N VAL I 78 6.16 15.20 63.23
CA VAL I 78 6.38 15.92 61.98
C VAL I 78 6.81 14.90 60.92
N THR I 79 6.43 15.23 59.70
CA THR I 79 6.95 14.61 58.50
C THR I 79 6.69 15.57 57.34
N ASN I 80 7.15 15.14 56.17
CA ASN I 80 7.13 15.70 54.83
C ASN I 80 5.77 16.18 54.33
N ASN I 81 5.57 17.24 53.55
CA ASN I 81 4.33 17.66 52.93
C ASN I 81 3.91 16.92 51.69
N HIS I 82 4.77 16.49 50.76
CA HIS I 82 4.23 15.71 49.66
C HIS I 82 3.59 14.42 50.16
N VAL I 83 4.05 13.83 51.27
CA VAL I 83 3.51 12.79 52.11
C VAL I 83 2.16 13.05 52.77
N VAL I 84 1.81 14.29 53.13
CA VAL I 84 0.52 14.67 53.65
C VAL I 84 -0.15 15.70 52.75
N ASP I 85 0.07 15.86 51.44
CA ASP I 85 -0.81 16.55 50.52
C ASP I 85 -2.08 15.72 50.45
N ASP I 86 -3.21 16.40 50.66
CA ASP I 86 -4.55 15.88 50.85
C ASP I 86 -4.66 14.85 51.97
N ALA I 87 -4.65 15.22 53.25
CA ALA I 87 -4.17 14.42 54.36
C ALA I 87 -5.24 13.60 55.07
N ASP I 88 -6.46 13.52 54.50
CA ASP I 88 -7.60 12.78 55.02
C ASP I 88 -7.42 12.19 56.40
N THR I 89 -6.93 10.95 56.44
CA THR I 89 -6.89 10.13 57.62
C THR I 89 -5.51 9.53 57.87
N ILE I 90 -4.66 10.37 58.46
CA ILE I 90 -3.26 10.06 58.53
C ILE I 90 -2.97 9.08 59.68
N THR I 91 -3.23 7.79 59.48
CA THR I 91 -3.16 6.76 60.49
C THR I 91 -1.69 6.45 60.68
N VAL I 92 -1.29 6.12 61.91
CA VAL I 92 0.09 5.80 62.21
C VAL I 92 0.37 4.32 62.48
N ASN I 93 1.64 3.91 62.43
CA ASN I 93 2.08 2.66 63.02
C ASN I 93 3.39 2.88 63.76
N LEU I 94 3.37 3.00 65.09
CA LEU I 94 4.55 3.29 65.88
C LEU I 94 5.31 2.00 66.17
N PRO I 95 6.55 1.92 65.69
CA PRO I 95 7.45 0.84 66.01
C PRO I 95 7.85 0.87 67.48
N GLY I 96 7.61 -0.25 68.16
CA GLY I 96 7.73 -0.34 69.61
C GLY I 96 6.61 0.26 70.44
N SER I 97 5.42 0.51 69.90
CA SER I 97 4.16 0.53 70.61
C SER I 97 2.97 -0.10 69.88
N ASP I 98 2.94 -0.07 68.55
CA ASP I 98 1.88 -0.55 67.70
C ASP I 98 0.52 0.05 68.02
N ILE I 99 0.43 1.36 68.11
CA ILE I 99 -0.81 2.11 68.04
C ILE I 99 -1.29 2.36 66.62
N GLU I 100 -2.57 2.10 66.33
CA GLU I 100 -3.20 2.33 65.03
C GLU I 100 -4.33 3.34 65.06
N TYR I 101 -4.11 4.62 65.39
CA TYR I 101 -5.05 5.72 65.31
C TYR I 101 -4.85 6.66 64.13
N LYS I 102 -5.86 7.43 63.72
CA LYS I 102 -5.77 8.58 62.85
C LYS I 102 -5.00 9.59 63.67
N ALA I 103 -4.19 10.43 63.03
CA ALA I 103 -3.79 11.72 63.55
C ALA I 103 -4.54 12.95 63.02
N LYS I 104 -4.56 14.04 63.80
CA LYS I 104 -5.07 15.32 63.37
C LYS I 104 -4.04 16.16 62.64
N LEU I 105 -4.36 16.73 61.48
CA LEU I 105 -3.38 17.53 60.76
C LEU I 105 -3.51 18.91 61.40
N ILE I 106 -2.44 19.33 62.08
CA ILE I 106 -2.48 20.65 62.66
C ILE I 106 -2.18 21.78 61.69
N GLY I 107 -1.15 21.58 60.88
CA GLY I 107 -0.76 22.43 59.76
C GLY I 107 0.25 21.81 58.79
N LYS I 108 0.34 22.21 57.53
CA LYS I 108 1.33 21.68 56.61
C LYS I 108 1.80 22.80 55.69
N ASP I 109 3.00 22.73 55.11
CA ASP I 109 3.61 23.82 54.38
C ASP I 109 4.32 23.24 53.16
N PRO I 110 3.77 23.63 52.00
CA PRO I 110 4.29 22.99 50.81
C PRO I 110 5.59 23.59 50.30
N LYS I 111 6.04 24.65 50.97
CA LYS I 111 7.20 25.47 50.71
C LYS I 111 8.52 24.90 51.19
N THR I 112 8.54 24.44 52.45
CA THR I 112 9.62 23.62 52.96
C THR I 112 9.34 22.12 52.91
N ASP I 113 8.10 21.78 52.51
CA ASP I 113 7.58 20.43 52.42
C ASP I 113 7.59 19.78 53.79
N LEU I 114 7.08 20.43 54.84
CA LEU I 114 6.95 19.80 56.14
C LEU I 114 5.55 20.03 56.70
N ALA I 115 5.18 19.24 57.71
CA ALA I 115 3.92 19.37 58.41
C ALA I 115 3.91 18.99 59.89
N VAL I 116 3.07 19.62 60.70
CA VAL I 116 2.87 19.27 62.10
C VAL I 116 1.55 18.55 62.30
N ILE I 117 1.56 17.44 63.05
CA ILE I 117 0.48 16.48 63.11
C ILE I 117 0.34 16.02 64.55
N LYS I 118 -0.80 16.19 65.21
CA LYS I 118 -1.08 15.66 66.54
C LYS I 118 -1.69 14.27 66.47
N ILE I 119 -0.88 13.31 66.94
CA ILE I 119 -1.40 11.97 67.16
C ILE I 119 -2.10 11.91 68.51
N GLU I 120 -3.21 11.18 68.55
CA GLU I 120 -4.15 11.45 69.61
C GLU I 120 -4.22 10.39 70.71
N ALA I 121 -3.10 10.28 71.43
CA ALA I 121 -2.73 9.35 72.49
C ALA I 121 -2.05 10.04 73.65
N ASN I 122 -1.71 9.21 74.65
CA ASN I 122 -0.89 9.46 75.82
C ASN I 122 0.41 8.75 76.15
N ASN I 123 1.31 9.26 77.00
CA ASN I 123 2.70 8.87 77.14
C ASN I 123 3.59 8.84 75.89
N LEU I 124 3.17 9.66 74.93
CA LEU I 124 3.87 9.77 73.67
C LEU I 124 5.26 10.39 73.80
N SER I 125 6.14 10.01 72.89
CA SER I 125 7.54 10.37 72.90
C SER I 125 7.81 11.85 72.71
N ALA I 126 9.04 12.31 73.06
CA ALA I 126 9.76 13.45 72.54
C ALA I 126 11.12 12.96 72.08
N ILE I 127 11.53 13.39 70.88
CA ILE I 127 12.93 13.37 70.50
C ILE I 127 13.69 14.53 71.14
N THR I 128 14.99 14.38 71.37
CA THR I 128 15.92 15.39 71.84
C THR I 128 16.38 16.22 70.63
N PHE I 129 15.73 17.38 70.48
CA PHE I 129 15.82 18.40 69.45
C PHE I 129 17.05 19.30 69.40
N THR I 130 18.21 18.77 69.02
CA THR I 130 19.46 19.50 69.08
C THR I 130 19.65 20.35 67.82
N ASN I 131 20.62 21.25 67.98
CA ASN I 131 21.08 22.05 66.87
C ASN I 131 21.90 21.33 65.81
N SER I 132 21.76 21.83 64.58
CA SER I 132 22.32 21.25 63.37
C SER I 132 23.49 22.09 62.91
N ASP I 133 23.71 23.31 63.38
CA ASP I 133 24.94 24.01 63.06
C ASP I 133 26.07 23.76 64.05
N ASP I 134 26.13 22.53 64.57
CA ASP I 134 27.26 22.06 65.34
C ASP I 134 27.90 20.85 64.67
N LEU I 135 27.80 20.76 63.34
CA LEU I 135 28.25 19.64 62.55
C LEU I 135 29.44 20.04 61.67
N MET I 136 30.35 19.10 61.41
CA MET I 136 31.48 19.02 60.52
C MET I 136 31.36 17.82 59.60
N GLU I 137 32.15 17.79 58.52
CA GLU I 137 32.22 16.62 57.65
C GLU I 137 32.94 15.50 58.39
N GLY I 138 32.60 14.22 58.25
CA GLY I 138 33.18 13.10 58.97
C GLY I 138 32.66 12.91 60.38
N ASP I 139 31.74 13.76 60.86
CA ASP I 139 30.91 13.43 62.02
C ASP I 139 29.97 12.25 61.89
N VAL I 140 29.78 11.37 62.90
CA VAL I 140 29.05 10.13 62.86
C VAL I 140 27.60 10.29 63.29
N VAL I 141 26.77 9.66 62.45
CA VAL I 141 25.34 9.73 62.32
C VAL I 141 24.67 8.38 62.13
N PHE I 142 23.34 8.34 62.33
CA PHE I 142 22.36 7.33 61.97
C PHE I 142 21.16 7.92 61.24
N ALA I 143 20.61 7.23 60.23
CA ALA I 143 19.50 7.65 59.42
C ALA I 143 18.44 6.56 59.50
N LEU I 144 17.23 6.96 59.91
CA LEU I 144 16.20 6.16 60.54
C LEU I 144 14.88 6.33 59.79
N GLY I 145 13.97 5.37 59.85
CA GLY I 145 12.63 5.44 59.30
C GLY I 145 12.13 4.12 58.74
N ASN I 146 11.24 4.13 57.74
CA ASN I 146 10.61 2.97 57.14
C ASN I 146 11.13 2.78 55.71
N PRO I 147 12.36 2.38 55.37
CA PRO I 147 12.87 2.34 54.04
C PRO I 147 12.08 1.29 53.26
N PHE I 148 11.35 1.69 52.21
CA PHE I 148 10.71 0.87 51.21
C PHE I 148 9.82 -0.22 51.78
N GLY I 149 9.31 -0.03 53.00
CA GLY I 149 8.30 -0.86 53.64
C GLY I 149 8.80 -2.04 54.45
N VAL I 150 10.07 -2.17 54.84
CA VAL I 150 10.54 -3.21 55.73
C VAL I 150 10.13 -3.06 57.19
N GLY I 151 9.60 -1.89 57.58
CA GLY I 151 9.30 -1.47 58.93
C GLY I 151 10.46 -0.61 59.43
N PHE I 152 10.57 -0.44 60.75
CA PHE I 152 11.59 0.45 61.28
C PHE I 152 13.00 -0.10 61.21
N SER I 153 13.80 0.47 60.32
CA SER I 153 15.16 0.05 60.04
C SER I 153 16.05 1.26 59.83
N VAL I 154 17.28 1.15 60.31
CA VAL I 154 18.26 2.22 60.43
C VAL I 154 19.52 1.84 59.67
N THR I 155 20.17 2.87 59.15
CA THR I 155 21.57 2.79 58.78
C THR I 155 22.52 3.78 59.43
N SER I 156 23.77 3.37 59.71
CA SER I 156 24.70 4.22 60.41
C SER I 156 25.71 4.77 59.40
N GLY I 157 26.36 5.91 59.65
CA GLY I 157 27.05 6.64 58.60
C GLY I 157 27.80 7.87 59.08
N ILE I 158 28.37 8.58 58.11
CA ILE I 158 29.10 9.83 58.24
C ILE I 158 28.58 10.86 57.25
N ILE I 159 28.72 12.13 57.63
CA ILE I 159 28.52 13.30 56.79
C ILE I 159 29.62 13.31 55.74
N SER I 160 29.18 13.35 54.48
CA SER I 160 29.94 13.63 53.27
C SER I 160 29.70 15.04 52.74
N ALA I 161 28.58 15.71 53.04
CA ALA I 161 28.63 17.14 52.83
C ALA I 161 27.59 17.92 53.62
N LEU I 162 27.82 19.24 53.66
CA LEU I 162 27.10 20.18 54.49
C LEU I 162 26.37 21.30 53.80
N ASN I 163 25.15 21.64 54.24
CA ASN I 163 24.37 22.80 53.86
C ASN I 163 24.17 23.10 52.38
N LYS I 164 23.23 22.42 51.71
CA LYS I 164 23.04 22.61 50.29
C LYS I 164 21.57 22.87 49.98
N ASP I 165 21.31 24.12 49.57
CA ASP I 165 20.30 24.45 48.60
C ASP I 165 20.79 24.20 47.18
N ASN I 166 20.03 24.47 46.12
CA ASN I 166 20.26 24.12 44.73
C ASN I 166 19.89 22.66 44.54
N ILE I 167 19.01 22.17 45.41
CA ILE I 167 18.28 20.91 45.29
C ILE I 167 16.87 21.15 44.79
N GLY I 168 16.13 22.16 45.25
CA GLY I 168 14.93 22.57 44.58
C GLY I 168 13.79 21.57 44.49
N LEU I 169 13.56 20.82 45.57
CA LEU I 169 12.49 19.85 45.71
C LEU I 169 11.13 20.54 45.80
N ASN I 170 11.14 21.73 46.39
CA ASN I 170 10.04 22.68 46.46
C ASN I 170 10.44 24.15 46.43
N GLN I 171 10.33 24.89 47.52
CA GLN I 171 10.73 26.28 47.59
C GLN I 171 11.82 26.69 48.56
N TYR I 172 12.01 25.98 49.67
CA TYR I 172 13.01 26.29 50.67
C TYR I 172 13.70 25.02 51.12
N GLU I 173 15.04 25.03 51.11
CA GLU I 173 15.97 23.90 51.12
C GLU I 173 17.34 24.37 51.62
N ASN I 174 18.00 23.56 52.44
CA ASN I 174 19.38 23.69 52.85
C ASN I 174 19.77 22.33 53.45
N PHE I 175 19.92 21.24 52.69
CA PHE I 175 20.23 19.89 53.07
C PHE I 175 21.64 19.63 53.56
N ILE I 176 21.75 18.59 54.39
CA ILE I 176 22.97 18.00 54.89
C ILE I 176 23.02 16.59 54.35
N GLN I 177 24.19 16.10 53.91
CA GLN I 177 24.30 14.85 53.19
C GLN I 177 25.11 13.75 53.84
N THR I 178 24.60 12.52 53.94
CA THR I 178 25.25 11.35 54.50
C THR I 178 25.24 10.13 53.59
N ASP I 179 26.15 9.19 53.77
CA ASP I 179 26.34 8.01 52.95
C ASP I 179 25.22 7.02 53.22
N ALA I 180 24.68 7.10 54.44
CA ALA I 180 23.88 6.05 55.04
C ALA I 180 22.66 5.62 54.23
N SER I 181 22.40 4.33 53.97
CA SER I 181 21.38 4.03 52.99
C SER I 181 19.94 4.28 53.44
N ILE I 182 19.25 5.05 52.60
CA ILE I 182 17.96 5.65 52.89
C ILE I 182 17.10 5.65 51.64
N ASN I 183 15.81 5.36 51.78
CA ASN I 183 14.82 5.28 50.71
C ASN I 183 13.57 6.11 50.92
N PRO I 184 12.68 6.35 49.94
CA PRO I 184 11.27 6.66 50.08
C PRO I 184 10.63 5.69 51.06
N GLY I 185 9.85 6.30 51.96
CA GLY I 185 9.54 5.71 53.24
C GLY I 185 10.38 6.01 54.48
N ASN I 186 11.64 6.47 54.36
CA ASN I 186 12.29 7.30 55.35
C ASN I 186 11.82 8.74 55.43
N SER I 187 10.87 9.13 54.56
CA SER I 187 10.64 10.51 54.20
C SER I 187 10.02 11.16 55.43
N GLY I 188 10.68 12.12 56.07
CA GLY I 188 10.25 12.72 57.32
C GLY I 188 10.65 11.97 58.58
N GLY I 189 11.24 10.78 58.50
CA GLY I 189 12.09 10.13 59.46
C GLY I 189 13.40 10.84 59.73
N ALA I 190 13.94 10.68 60.95
CA ALA I 190 15.11 11.31 61.55
C ALA I 190 16.45 11.07 60.88
N LEU I 191 17.39 12.00 61.11
CA LEU I 191 18.82 11.81 61.06
C LEU I 191 19.33 12.24 62.43
N VAL I 192 19.82 11.26 63.17
CA VAL I 192 20.34 11.45 64.51
C VAL I 192 21.86 11.30 64.54
N ASP I 193 22.49 12.06 65.44
CA ASP I 193 23.91 11.83 65.64
C ASP I 193 24.32 10.66 66.53
N SER I 194 25.62 10.62 66.88
CA SER I 194 26.14 9.60 67.75
C SER I 194 25.53 9.59 69.14
N ARG I 195 25.14 10.74 69.70
CA ARG I 195 24.42 10.93 70.94
C ARG I 195 22.91 10.88 70.77
N GLY I 196 22.44 10.31 69.66
CA GLY I 196 21.02 10.17 69.36
C GLY I 196 20.09 11.36 69.54
N TYR I 197 20.62 12.54 69.22
CA TYR I 197 19.89 13.79 69.05
C TYR I 197 19.50 14.02 67.60
N LEU I 198 18.34 14.61 67.31
CA LEU I 198 17.81 15.00 66.03
C LEU I 198 18.70 16.08 65.43
N VAL I 199 19.50 15.73 64.40
CA VAL I 199 20.27 16.61 63.54
C VAL I 199 19.76 16.86 62.14
N GLY I 200 18.88 16.02 61.59
CA GLY I 200 18.27 16.19 60.29
C GLY I 200 17.05 15.32 60.02
N ILE I 201 16.38 15.45 58.88
CA ILE I 201 15.09 14.86 58.55
C ILE I 201 15.11 14.53 57.06
N ASN I 202 15.28 13.22 56.79
CA ASN I 202 15.32 12.68 55.45
C ASN I 202 14.12 13.13 54.63
N SER I 203 14.31 13.61 53.40
CA SER I 203 13.17 13.88 52.55
C SER I 203 13.22 13.27 51.15
N ALA I 204 14.42 13.25 50.56
CA ALA I 204 14.71 12.79 49.22
C ALA I 204 16.19 12.50 49.02
N ILE I 205 16.64 11.93 47.90
CA ILE I 205 17.92 11.29 47.67
C ILE I 205 18.32 11.45 46.21
N LEU I 206 19.58 11.76 45.87
CA LEU I 206 20.25 11.52 44.60
C LEU I 206 20.61 10.05 44.42
N SER I 207 19.63 9.14 44.35
CA SER I 207 19.80 7.79 43.88
C SER I 207 19.45 7.53 42.43
N ARG I 208 19.47 6.29 41.96
CA ARG I 208 19.00 5.93 40.63
C ARG I 208 17.75 5.08 40.54
N GLY I 209 17.73 3.98 41.30
CA GLY I 209 16.65 3.04 41.51
C GLY I 209 15.93 3.22 42.83
N GLY I 210 16.01 4.40 43.46
CA GLY I 210 15.36 4.73 44.71
C GLY I 210 15.98 4.15 45.98
N GLY I 211 16.88 3.18 45.93
CA GLY I 211 17.77 2.85 47.02
C GLY I 211 19.09 3.60 47.05
N ASN I 212 19.57 4.13 48.18
CA ASN I 212 20.59 5.16 48.09
C ASN I 212 21.93 4.66 47.58
N ASN I 213 22.68 5.56 46.95
CA ASN I 213 23.98 5.37 46.34
C ASN I 213 25.05 6.15 47.08
N GLY I 214 24.92 6.32 48.40
CA GLY I 214 25.63 7.26 49.23
C GLY I 214 25.40 8.77 49.11
N ILE I 215 24.23 9.16 48.64
CA ILE I 215 23.87 10.53 48.33
C ILE I 215 22.53 11.02 48.85
N GLY I 216 22.22 10.78 50.13
CA GLY I 216 20.92 11.09 50.70
C GLY I 216 20.87 12.43 51.40
N PHE I 217 19.67 13.02 51.40
CA PHE I 217 19.59 14.40 51.85
C PHE I 217 18.57 14.56 52.97
N ALA I 218 18.97 15.20 54.07
CA ALA I 218 18.27 15.52 55.30
C ALA I 218 18.14 17.02 55.46
N ILE I 219 16.97 17.52 55.89
CA ILE I 219 16.67 18.90 56.22
C ILE I 219 17.28 19.15 57.58
N PRO I 220 17.71 20.36 57.96
CA PRO I 220 18.41 20.56 59.21
C PRO I 220 17.47 20.68 60.41
N SER I 221 17.83 20.14 61.57
CA SER I 221 17.02 20.10 62.77
C SER I 221 16.66 21.51 63.22
N ASN I 222 17.60 22.45 63.27
CA ASN I 222 17.43 23.83 63.74
C ASN I 222 16.51 24.51 62.73
N MET I 223 16.38 24.07 61.48
CA MET I 223 15.33 24.47 60.56
C MET I 223 13.94 23.93 60.87
N VAL I 224 13.72 22.61 60.92
CA VAL I 224 12.44 21.98 61.12
C VAL I 224 11.80 22.26 62.47
N LYS I 225 12.65 22.62 63.44
CA LYS I 225 12.24 23.16 64.72
C LYS I 225 11.47 24.45 64.61
N ASP I 226 11.91 25.45 63.84
CA ASP I 226 11.16 26.69 63.67
C ASP I 226 10.02 26.67 62.67
N ILE I 227 10.16 25.82 61.66
CA ILE I 227 9.04 25.45 60.82
C ILE I 227 7.87 24.91 61.64
N ALA I 228 8.10 23.91 62.48
CA ALA I 228 7.17 23.27 63.38
C ALA I 228 6.53 24.36 64.25
N LYS I 229 7.25 25.18 65.01
CA LYS I 229 6.73 26.23 65.86
C LYS I 229 5.79 27.09 65.04
N LYS I 230 6.07 27.50 63.81
CA LYS I 230 5.12 28.32 63.09
C LYS I 230 3.86 27.53 62.76
N LEU I 231 3.87 26.24 62.39
CA LEU I 231 2.75 25.39 62.04
C LEU I 231 1.91 25.03 63.26
N ILE I 232 2.45 24.78 64.46
CA ILE I 232 1.75 24.60 65.72
C ILE I 232 0.93 25.85 66.01
N GLU I 233 1.52 27.03 65.81
CA GLU I 233 0.99 28.28 66.30
C GLU I 233 -0.15 28.82 65.46
N LYS I 234 -0.32 28.38 64.21
CA LYS I 234 -1.45 28.82 63.43
C LYS I 234 -1.84 27.99 62.21
N GLY I 235 -1.18 26.85 62.04
CA GLY I 235 -1.60 25.88 61.03
C GLY I 235 -1.11 26.05 59.60
N LYS I 236 -0.35 27.13 59.43
CA LYS I 236 0.58 27.32 58.34
C LYS I 236 1.73 28.23 58.76
N ILE I 237 2.66 28.40 57.82
CA ILE I 237 3.73 29.39 57.85
C ILE I 237 3.33 30.49 56.88
N ASP I 238 3.69 31.74 57.18
CA ASP I 238 3.48 32.81 56.24
C ASP I 238 4.83 33.49 56.08
N ARG I 239 5.30 33.47 54.84
CA ARG I 239 6.61 33.96 54.43
C ARG I 239 6.53 35.17 53.51
N GLY I 240 7.36 36.21 53.54
CA GLY I 240 7.50 37.40 52.72
C GLY I 240 8.75 37.19 51.88
N PHE I 241 9.46 38.32 51.76
CA PHE I 241 10.67 38.62 51.02
C PHE I 241 11.09 40.03 51.36
N LEU I 242 12.16 40.57 50.76
CA LEU I 242 12.54 41.97 50.71
C LEU I 242 12.28 42.47 49.29
N GLY I 243 11.79 41.66 48.35
CA GLY I 243 11.49 42.08 46.99
C GLY I 243 12.71 42.38 46.13
N VAL I 244 13.43 41.35 45.66
CA VAL I 244 14.75 41.47 45.08
C VAL I 244 14.98 40.25 44.21
N THR I 245 15.82 40.37 43.18
CA THR I 245 16.54 39.26 42.60
C THR I 245 18.01 39.30 42.98
N ILE I 246 18.60 38.11 43.16
CA ILE I 246 19.87 37.94 43.83
C ILE I 246 20.67 36.81 43.19
N LEU I 247 22.00 36.81 43.34
CA LEU I 247 22.97 35.84 42.87
C LEU I 247 24.10 35.77 43.88
N ALA I 248 25.08 34.89 43.65
CA ALA I 248 26.33 34.95 44.38
C ALA I 248 27.36 35.88 43.74
N LEU I 249 28.18 36.52 44.57
CA LEU I 249 29.33 37.28 44.11
C LEU I 249 30.52 36.38 43.78
N GLN I 250 30.85 36.53 42.51
CA GLN I 250 31.83 35.69 41.84
C GLN I 250 33.20 36.31 41.77
N GLY I 251 34.23 35.47 41.69
CA GLY I 251 35.62 35.86 41.72
C GLY I 251 36.09 37.02 40.85
N ASP I 252 35.60 37.30 39.63
CA ASP I 252 35.90 38.55 38.97
C ASP I 252 34.91 39.62 39.36
N THR I 253 33.66 39.34 39.74
CA THR I 253 32.64 40.33 40.05
C THR I 253 33.11 41.08 41.29
N LYS I 254 33.81 40.45 42.24
CA LYS I 254 34.51 41.02 43.37
C LYS I 254 35.38 42.18 42.89
N LYS I 255 36.39 41.93 42.07
CA LYS I 255 37.22 42.94 41.45
C LYS I 255 36.58 44.01 40.59
N ALA I 256 35.74 43.66 39.60
CA ALA I 256 35.08 44.60 38.73
C ALA I 256 34.20 45.52 39.56
N TYR I 257 33.55 44.98 40.59
CA TYR I 257 32.70 45.79 41.46
C TYR I 257 33.38 46.12 42.77
N LYS I 258 34.68 46.38 42.79
CA LYS I 258 35.45 47.16 43.75
C LYS I 258 35.51 46.54 45.15
N ASN I 259 35.61 45.22 45.21
CA ASN I 259 36.16 44.48 46.33
C ASN I 259 35.41 44.54 47.65
N GLN I 260 34.18 45.05 47.66
CA GLN I 260 33.09 44.72 48.56
C GLN I 260 32.68 43.25 48.50
N GLU I 261 32.13 42.62 49.54
CA GLU I 261 31.93 41.20 49.79
C GLU I 261 30.57 40.97 50.41
N GLY I 262 29.65 40.32 49.68
CA GLY I 262 28.33 39.90 50.08
C GLY I 262 27.58 39.20 48.95
N ALA I 263 26.28 38.94 49.14
CA ALA I 263 25.56 38.49 47.96
C ALA I 263 25.34 39.60 46.95
N LEU I 264 25.50 39.20 45.69
CA LEU I 264 25.21 40.02 44.53
C LEU I 264 23.73 40.18 44.25
N ILE I 265 23.28 41.44 44.32
CA ILE I 265 22.02 41.87 43.77
C ILE I 265 22.15 41.62 42.27
N THR I 266 21.15 41.15 41.54
CA THR I 266 21.11 41.17 40.09
C THR I 266 20.09 42.15 39.54
N ASP I 267 18.88 42.21 40.09
CA ASP I 267 17.92 43.26 39.76
C ASP I 267 16.92 43.41 40.89
N VAL I 268 17.04 44.48 41.67
CA VAL I 268 16.09 44.66 42.75
C VAL I 268 14.70 44.82 42.15
N GLN I 269 13.68 44.23 42.78
CA GLN I 269 12.34 44.07 42.25
C GLN I 269 11.53 45.34 42.43
N LYS I 270 12.30 46.44 42.55
CA LYS I 270 11.89 47.82 42.56
C LYS I 270 10.99 48.23 43.71
N GLY I 271 11.39 49.32 44.37
CA GLY I 271 10.61 50.09 45.32
C GLY I 271 10.06 49.33 46.51
N SER I 272 10.24 48.00 46.47
CA SER I 272 10.29 47.09 47.59
C SER I 272 10.95 47.51 48.90
N SER I 273 10.86 46.74 49.99
CA SER I 273 11.67 47.08 51.14
C SER I 273 13.19 47.14 50.98
N ALA I 274 13.69 46.37 50.01
CA ALA I 274 15.04 46.61 49.52
C ALA I 274 15.33 48.08 49.17
N ASP I 275 14.56 48.53 48.18
CA ASP I 275 14.76 49.78 47.48
C ASP I 275 14.27 50.95 48.33
N GLU I 276 13.14 50.84 49.01
CA GLU I 276 12.66 51.73 50.05
C GLU I 276 13.36 51.74 51.40
N ALA I 277 14.41 50.93 51.57
CA ALA I 277 15.40 51.20 52.59
C ALA I 277 16.62 51.90 52.00
N GLY I 278 16.97 51.57 50.76
CA GLY I 278 18.06 52.18 50.01
C GLY I 278 18.77 51.25 49.05
N LEU I 279 18.49 49.95 48.93
CA LEU I 279 19.19 48.97 48.12
C LEU I 279 19.03 49.30 46.65
N LYS I 280 20.11 49.22 45.84
CA LYS I 280 20.12 49.40 44.41
C LYS I 280 20.83 48.24 43.73
N ARG I 281 21.26 48.29 42.47
CA ARG I 281 22.17 47.44 41.72
C ARG I 281 23.54 48.09 41.74
N GLY I 282 24.60 47.27 41.72
CA GLY I 282 25.92 47.59 42.24
C GLY I 282 26.07 47.48 43.75
N ASP I 283 24.97 47.26 44.47
CA ASP I 283 24.79 46.95 45.87
C ASP I 283 24.81 45.50 46.30
N LEU I 284 25.52 45.21 47.40
CA LEU I 284 25.54 43.89 47.98
C LEU I 284 24.91 43.75 49.36
N VAL I 285 24.17 42.70 49.70
CA VAL I 285 23.60 42.63 51.03
C VAL I 285 24.40 41.76 51.98
N THR I 286 24.73 42.18 53.21
CA THR I 286 25.74 41.52 54.01
C THR I 286 25.15 40.82 55.23
N LYS I 287 24.25 41.45 55.99
CA LYS I 287 23.71 40.87 57.21
C LYS I 287 22.27 41.30 57.49
N VAL I 288 21.41 40.35 57.88
CA VAL I 288 20.12 40.45 58.53
C VAL I 288 20.37 40.36 60.04
N ASN I 289 19.46 40.91 60.84
CA ASN I 289 19.69 41.21 62.24
C ASN I 289 20.14 39.98 63.03
N ASN I 290 19.90 38.77 62.52
CA ASN I 290 20.38 37.50 63.03
C ASN I 290 21.21 36.64 62.10
N LYS I 291 21.33 36.88 60.79
CA LYS I 291 21.74 35.93 59.78
C LYS I 291 22.65 36.57 58.72
N VAL I 292 23.79 36.01 58.32
CA VAL I 292 24.84 36.58 57.50
C VAL I 292 24.75 36.05 56.08
N ILE I 293 24.85 36.93 55.08
CA ILE I 293 24.59 36.65 53.68
C ILE I 293 25.86 36.79 52.84
N LYS I 294 26.16 35.77 52.04
CA LYS I 294 27.11 35.79 50.95
C LYS I 294 26.54 35.31 49.62
N SER I 295 25.37 34.67 49.66
CA SER I 295 24.94 33.98 48.46
C SER I 295 23.41 33.97 48.41
N PRO I 296 22.74 33.71 47.27
CA PRO I 296 21.34 33.94 47.02
C PRO I 296 20.42 33.07 47.86
N ILE I 297 20.85 31.82 48.03
CA ILE I 297 20.20 30.79 48.83
C ILE I 297 20.21 31.07 50.32
N ASP I 298 21.21 31.82 50.77
CA ASP I 298 21.31 32.36 52.11
C ASP I 298 20.15 33.31 52.30
N LEU I 299 20.00 34.48 51.66
CA LEU I 299 18.82 35.27 51.93
C LEU I 299 17.52 34.54 51.67
N LYS I 300 17.45 33.75 50.60
CA LYS I 300 16.25 33.03 50.21
C LYS I 300 15.62 32.14 51.26
N ASN I 301 16.43 31.33 51.96
CA ASN I 301 16.02 30.42 53.01
C ASN I 301 15.89 31.13 54.36
N TYR I 302 16.72 32.14 54.51
CA TYR I 302 16.68 33.06 55.63
C TYR I 302 15.36 33.80 55.73
N ILE I 303 14.77 34.14 54.59
CA ILE I 303 13.39 34.54 54.51
C ILE I 303 12.36 33.42 54.58
N GLY I 304 12.54 32.22 54.03
CA GLY I 304 11.78 31.04 54.42
C GLY I 304 11.63 30.89 55.93
N THR I 305 12.51 31.43 56.76
CA THR I 305 12.35 31.39 58.20
C THR I 305 11.88 32.64 58.91
N LEU I 306 11.33 33.65 58.24
CA LEU I 306 10.90 34.91 58.81
C LEU I 306 9.48 35.25 58.39
N GLU I 307 8.70 35.75 59.35
CA GLU I 307 7.33 36.09 59.05
C GLU I 307 7.15 37.53 58.62
N ILE I 308 6.05 37.97 58.01
CA ILE I 308 5.75 39.25 57.40
C ILE I 308 5.63 40.45 58.32
N GLY I 309 5.99 41.64 57.82
CA GLY I 309 5.63 42.96 58.31
C GLY I 309 6.47 43.54 59.44
N GLN I 310 7.25 42.73 60.15
CA GLN I 310 8.34 43.09 61.03
C GLN I 310 9.49 43.77 60.29
N LYS I 311 10.08 44.86 60.78
CA LYS I 311 11.15 45.60 60.14
C LYS I 311 12.49 45.02 60.55
N ILE I 312 13.22 44.53 59.54
CA ILE I 312 14.61 44.08 59.59
C ILE I 312 15.54 45.27 59.42
N SER I 313 16.33 45.64 60.44
CA SER I 313 17.46 46.53 60.20
C SER I 313 18.70 45.82 59.68
N LEU I 314 18.69 45.36 58.43
CA LEU I 314 19.76 44.68 57.71
C LEU I 314 20.79 45.68 57.21
N SER I 315 22.00 45.20 56.91
CA SER I 315 23.15 45.92 56.41
C SER I 315 23.54 45.60 54.98
N TYR I 316 23.97 46.60 54.20
CA TYR I 316 24.31 46.39 52.80
C TYR I 316 25.35 47.40 52.32
N GLU I 317 26.25 46.97 51.43
CA GLU I 317 27.22 47.82 50.79
C GLU I 317 26.97 48.21 49.33
N ARG I 318 27.80 49.15 48.85
CA ARG I 318 27.77 49.73 47.53
C ARG I 318 29.07 50.42 47.16
N ASP I 319 29.69 50.02 46.05
CA ASP I 319 31.06 50.29 45.64
C ASP I 319 32.13 49.92 46.66
N GLY I 320 32.29 50.71 47.72
CA GLY I 320 33.12 50.33 48.85
C GLY I 320 32.74 50.89 50.21
N GLU I 321 31.45 50.95 50.52
CA GLU I 321 30.93 51.46 51.79
C GLU I 321 29.69 50.69 52.20
N ASN I 322 29.58 50.30 53.47
CA ASN I 322 28.40 49.69 54.05
C ASN I 322 27.49 50.74 54.66
N LYS I 323 26.19 50.47 54.55
CA LYS I 323 25.12 51.18 55.23
C LYS I 323 24.27 50.23 56.05
N GLN I 324 23.55 50.73 57.04
CA GLN I 324 22.45 50.00 57.64
C GLN I 324 21.14 50.77 57.49
N ALA I 325 20.11 50.03 57.07
CA ALA I 325 18.79 50.59 56.84
C ALA I 325 17.66 49.69 57.29
N SER I 326 16.39 50.11 57.20
CA SER I 326 15.32 49.34 57.80
C SER I 326 14.26 48.85 56.81
N PHE I 327 14.15 47.52 56.67
CA PHE I 327 13.47 46.81 55.62
C PHE I 327 12.27 46.03 56.11
N ILE I 328 11.02 46.43 55.85
CA ILE I 328 9.87 45.63 56.20
C ILE I 328 9.91 44.32 55.44
N LEU I 329 9.54 43.17 56.01
CA LEU I 329 9.38 42.01 55.15
C LEU I 329 8.18 42.22 54.26
N LYS I 330 8.38 42.22 52.93
CA LYS I 330 7.34 42.27 51.92
C LYS I 330 7.50 41.14 50.92
N GLY I 331 6.51 40.30 50.61
CA GLY I 331 6.63 39.25 49.63
C GLY I 331 6.68 39.76 48.19
N GLU I 332 6.55 38.81 47.25
CA GLU I 332 6.38 39.02 45.82
C GLU I 332 5.09 39.73 45.43
N LYS I 333 4.06 39.51 46.26
CA LYS I 333 2.71 40.03 46.16
C LYS I 333 2.68 41.38 46.86
N GLU I 334 3.74 42.19 46.93
CA GLU I 334 3.91 43.18 47.98
C GLU I 334 4.77 44.39 47.67
N ASN I 335 5.02 44.74 46.42
CA ASN I 335 5.98 45.75 46.03
C ASN I 335 5.56 46.76 44.98
N PRO I 336 5.58 48.06 45.33
CA PRO I 336 5.55 49.17 44.39
C PRO I 336 6.95 49.61 44.02
N LYS I 337 7.28 50.39 42.99
CA LYS I 337 8.51 50.30 42.23
C LYS I 337 9.10 51.53 41.55
N GLY I 338 10.37 51.95 41.53
CA GLY I 338 11.66 51.55 42.04
C GLY I 338 12.76 52.02 41.10
N VAL I 339 14.05 51.71 41.30
CA VAL I 339 15.12 52.33 40.55
C VAL I 339 16.44 51.59 40.46
N GLN I 340 17.17 51.57 39.34
CA GLN I 340 18.40 50.84 39.06
C GLN I 340 19.29 51.54 38.06
N SER I 341 20.56 51.17 37.83
CA SER I 341 21.42 51.42 36.69
C SER I 341 22.59 50.53 36.32
N ASP I 342 23.80 50.63 36.89
CA ASP I 342 25.07 50.06 36.49
C ASP I 342 25.71 50.51 35.18
N LEU I 343 25.83 49.64 34.16
CA LEU I 343 26.33 50.11 32.89
C LEU I 343 25.58 51.21 32.17
N ILE I 344 24.62 51.90 32.80
CA ILE I 344 23.91 53.05 32.27
C ILE I 344 24.04 54.27 33.13
N ASP I 345 25.01 54.25 34.05
CA ASP I 345 25.13 55.34 35.02
C ASP I 345 25.86 56.47 34.32
N GLY I 346 25.21 57.64 34.28
CA GLY I 346 25.66 58.87 33.66
C GLY I 346 25.97 58.69 32.18
N LEU I 347 25.14 57.92 31.48
CA LEU I 347 25.11 57.64 30.06
C LEU I 347 23.93 58.37 29.45
N SER I 348 24.16 59.31 28.53
CA SER I 348 23.18 59.94 27.67
C SER I 348 23.13 59.25 26.32
N LEU I 349 22.10 58.42 26.09
CA LEU I 349 21.98 57.65 24.86
C LEU I 349 20.58 57.64 24.25
N ARG I 350 20.53 57.60 22.92
CA ARG I 350 19.35 57.77 22.08
C ARG I 350 19.34 56.98 20.79
N ASN I 351 18.13 56.66 20.30
CA ASN I 351 17.84 55.96 19.08
C ASN I 351 18.27 56.69 17.83
N LEU I 352 18.37 56.01 16.68
CA LEU I 352 19.12 56.53 15.55
C LEU I 352 18.80 55.86 14.23
N ASP I 353 18.97 56.62 13.15
CA ASP I 353 19.56 56.24 11.88
C ASP I 353 20.40 57.39 11.39
N PRO I 354 21.73 57.37 11.59
CA PRO I 354 22.60 58.51 11.69
C PRO I 354 22.85 59.16 10.33
N ARG I 355 22.98 60.49 10.38
CA ARG I 355 23.16 61.34 9.22
C ARG I 355 24.64 61.60 8.97
N LEU I 356 25.28 60.46 8.73
CA LEU I 356 26.69 60.26 8.48
C LEU I 356 26.85 59.25 7.34
N LYS I 357 28.06 58.84 6.93
CA LYS I 357 28.46 58.04 5.79
C LYS I 357 29.38 56.98 6.37
N ASP I 358 29.61 55.80 5.79
CA ASP I 358 29.18 55.39 4.47
C ASP I 358 28.71 53.94 4.53
N ARG I 359 29.50 53.03 5.10
CA ARG I 359 29.33 51.61 5.27
C ARG I 359 28.41 51.00 4.24
N LEU I 360 27.17 50.70 4.62
CA LEU I 360 26.33 49.64 4.07
C LEU I 360 24.86 50.02 4.14
N GLN I 361 24.09 49.42 3.23
CA GLN I 361 22.71 49.75 2.95
C GLN I 361 21.71 49.04 3.85
N ILE I 362 22.05 48.05 4.67
CA ILE I 362 21.05 47.41 5.49
C ILE I 362 20.90 48.09 6.84
N PRO I 363 19.69 48.33 7.38
CA PRO I 363 19.50 48.76 8.75
C PRO I 363 20.13 47.88 9.83
N LYS I 364 20.18 46.56 9.62
CA LYS I 364 20.66 45.47 10.45
C LYS I 364 21.94 45.90 11.13
N ASP I 365 22.89 46.58 10.48
CA ASP I 365 24.16 46.86 11.10
C ASP I 365 24.39 48.30 11.55
N VAL I 366 23.32 49.08 11.70
CA VAL I 366 23.28 50.44 12.20
C VAL I 366 22.21 50.83 13.20
N ASN I 367 21.03 50.19 13.11
CA ASN I 367 20.01 50.41 14.12
C ASN I 367 20.60 49.93 15.43
N GLY I 368 20.37 50.64 16.52
CA GLY I 368 20.91 50.45 17.85
C GLY I 368 20.76 51.72 18.66
N VAL I 369 21.82 52.29 19.24
CA VAL I 369 21.72 53.48 20.07
C VAL I 369 23.00 54.28 20.05
N LEU I 370 22.90 55.62 19.95
CA LEU I 370 23.94 56.62 19.90
C LEU I 370 24.44 57.10 21.26
N VAL I 371 25.72 57.44 21.40
CA VAL I 371 26.40 57.83 22.61
C VAL I 371 26.58 59.34 22.60
N ASP I 372 25.86 60.04 23.49
CA ASP I 372 26.18 61.45 23.63
C ASP I 372 27.35 61.65 24.59
N SER I 373 27.34 61.03 25.77
CA SER I 373 28.27 61.35 26.84
C SER I 373 28.57 60.10 27.66
N VAL I 374 29.76 60.00 28.26
CA VAL I 374 30.09 58.86 29.08
C VAL I 374 30.75 59.42 30.33
N LYS I 375 30.09 59.26 31.49
CA LYS I 375 30.65 59.57 32.79
C LYS I 375 31.72 58.58 33.18
N GLU I 376 32.92 59.08 33.47
CA GLU I 376 34.18 58.40 33.66
C GLU I 376 34.22 57.23 34.63
N LYS I 377 33.43 57.28 35.69
CA LYS I 377 33.26 56.28 36.72
C LYS I 377 32.63 54.99 36.21
N SER I 378 31.89 55.14 35.11
CA SER I 378 31.13 54.03 34.58
C SER I 378 32.04 52.99 33.94
N LYS I 379 31.69 51.70 34.05
CA LYS I 379 32.50 50.55 33.69
C LYS I 379 32.92 50.46 32.24
N GLY I 380 32.26 51.26 31.40
CA GLY I 380 32.55 51.68 30.04
C GLY I 380 33.89 52.40 30.00
N LYS I 381 34.08 53.47 30.78
CA LYS I 381 35.30 54.24 30.70
C LYS I 381 36.43 53.68 31.59
N ASN I 382 36.13 52.85 32.58
CA ASN I 382 37.07 51.84 32.99
C ASN I 382 37.69 51.00 31.89
N SER I 383 36.96 50.82 30.79
CA SER I 383 37.23 49.82 29.76
C SER I 383 37.17 50.35 28.34
N GLY I 384 37.51 51.63 28.13
CA GLY I 384 37.65 52.22 26.81
C GLY I 384 36.39 52.50 25.99
N PHE I 385 35.25 52.71 26.66
CA PHE I 385 34.05 53.15 25.99
C PHE I 385 34.16 54.66 25.89
N GLN I 386 33.58 55.31 24.88
CA GLN I 386 33.83 56.71 24.60
C GLN I 386 32.63 57.36 23.92
N GLU I 387 32.60 58.69 24.06
CA GLU I 387 31.77 59.62 23.32
C GLU I 387 31.78 59.49 21.80
N GLY I 388 30.64 59.54 21.11
CA GLY I 388 30.72 59.44 19.67
C GLY I 388 30.50 58.01 19.19
N ASP I 389 30.52 56.99 20.04
CA ASP I 389 30.20 55.61 19.75
C ASP I 389 28.70 55.43 19.57
N ILE I 390 28.35 54.28 18.98
CA ILE I 390 27.02 53.81 18.70
C ILE I 390 27.03 52.37 19.19
N ILE I 391 26.17 51.99 20.14
CA ILE I 391 26.04 50.63 20.60
C ILE I 391 25.15 49.96 19.58
N ILE I 392 25.66 48.88 18.99
CA ILE I 392 24.97 47.95 18.12
C ILE I 392 24.61 46.66 18.86
N GLY I 393 25.42 46.29 19.84
CA GLY I 393 25.05 45.18 20.70
C GLY I 393 25.70 45.12 22.08
N VAL I 394 25.12 44.34 23.00
CA VAL I 394 25.54 44.11 24.36
C VAL I 394 25.49 42.67 24.84
N GLY I 395 26.69 42.11 24.89
CA GLY I 395 26.99 40.74 25.26
C GLY I 395 26.81 39.84 24.04
N GLN I 396 27.38 40.07 22.86
CA GLN I 396 27.35 39.27 21.66
C GLN I 396 26.00 39.28 20.94
N SER I 397 24.99 39.98 21.46
CA SER I 397 23.59 40.05 21.07
C SER I 397 23.26 41.48 20.68
N GLU I 398 22.37 41.65 19.70
CA GLU I 398 22.19 42.92 19.02
C GLU I 398 20.91 43.64 19.46
N ILE I 399 20.94 44.98 19.42
CA ILE I 399 19.87 45.87 19.82
C ILE I 399 19.41 46.76 18.67
N LYS I 400 18.13 47.14 18.61
CA LYS I 400 17.66 48.17 17.69
C LYS I 400 17.53 49.56 18.26
N ASN I 401 17.43 49.70 19.59
CA ASN I 401 17.04 50.92 20.27
C ASN I 401 17.23 50.91 21.78
N LEU I 402 16.90 51.99 22.50
CA LEU I 402 16.87 52.22 23.93
C LEU I 402 16.07 51.07 24.52
N LYS I 403 14.92 50.60 24.02
CA LYS I 403 14.20 49.42 24.46
C LYS I 403 15.08 48.18 24.54
N ASP I 404 15.72 47.73 23.47
CA ASP I 404 16.68 46.64 23.51
C ASP I 404 17.93 46.90 24.32
N LEU I 405 18.50 48.11 24.24
CA LEU I 405 19.59 48.48 25.12
C LEU I 405 19.26 48.28 26.59
N GLU I 406 18.12 48.83 27.05
CA GLU I 406 17.78 48.84 28.45
C GLU I 406 17.40 47.48 29.03
N GLN I 407 16.88 46.59 28.17
CA GLN I 407 16.68 45.18 28.41
C GLN I 407 18.00 44.45 28.66
N ALA I 408 19.04 44.66 27.86
CA ALA I 408 20.38 44.16 28.13
C ALA I 408 21.11 44.80 29.30
N LEU I 409 21.00 46.13 29.43
CA LEU I 409 21.50 46.94 30.51
C LEU I 409 20.84 46.67 31.85
N LYS I 410 19.58 46.21 31.95
CA LYS I 410 18.96 45.56 33.08
C LYS I 410 19.58 44.19 33.37
N GLN I 411 20.18 43.44 32.45
CA GLN I 411 20.91 42.24 32.82
C GLN I 411 22.39 42.44 33.17
N VAL I 412 23.03 43.60 32.97
CA VAL I 412 24.46 43.69 33.21
C VAL I 412 24.94 43.55 34.65
N ASN I 413 24.15 43.76 35.70
CA ASN I 413 24.60 43.45 37.04
C ASN I 413 24.23 42.00 37.30
N LYS I 414 24.07 41.21 36.24
CA LYS I 414 24.07 39.76 36.30
C LYS I 414 25.24 39.13 35.57
N LYS I 415 26.21 40.00 35.29
CA LYS I 415 27.45 39.79 34.58
C LYS I 415 28.67 40.40 35.26
N GLU I 416 29.81 39.72 35.10
CA GLU I 416 30.98 40.22 35.78
C GLU I 416 31.74 41.21 34.90
N PHE I 417 31.75 40.89 33.62
CA PHE I 417 31.88 41.82 32.50
C PHE I 417 30.81 41.57 31.45
N THR I 418 30.70 42.50 30.50
CA THR I 418 29.99 42.44 29.24
C THR I 418 30.87 42.61 28.00
N LYS I 419 30.55 41.82 26.98
CA LYS I 419 31.08 41.98 25.63
C LYS I 419 30.13 42.87 24.84
N VAL I 420 30.34 44.19 24.88
CA VAL I 420 29.72 45.15 23.98
C VAL I 420 30.36 45.29 22.61
N TRP I 421 29.56 45.62 21.59
CA TRP I 421 30.09 46.05 20.30
C TRP I 421 29.69 47.48 19.97
N VAL I 422 30.67 48.35 19.80
CA VAL I 422 30.31 49.74 19.54
C VAL I 422 30.96 50.21 18.24
N TYR I 423 30.10 50.62 17.31
CA TYR I 423 30.42 51.35 16.09
C TYR I 423 30.87 52.76 16.42
N ARG I 424 32.11 52.99 16.01
CA ARG I 424 32.86 54.22 16.19
C ARG I 424 32.65 55.17 15.02
N ASN I 425 33.60 56.02 14.62
CA ASN I 425 33.41 56.81 13.41
C ASN I 425 33.47 55.98 12.14
N GLY I 426 33.92 54.72 12.11
CA GLY I 426 34.20 53.95 10.92
C GLY I 426 34.09 52.43 11.01
N PHE I 427 34.13 51.85 12.21
CA PHE I 427 34.32 50.47 12.58
C PHE I 427 33.76 50.19 13.96
N ALA I 428 33.28 48.96 14.14
CA ALA I 428 32.77 48.48 15.41
C ALA I 428 33.85 47.72 16.18
N THR I 429 34.18 48.19 17.37
CA THR I 429 35.14 47.55 18.23
C THR I 429 34.43 46.70 19.27
N LEU I 430 34.96 45.54 19.63
CA LEU I 430 34.51 44.73 20.75
C LEU I 430 35.26 45.02 22.04
N LEU I 431 34.52 45.28 23.13
CA LEU I 431 35.05 45.77 24.37
C LEU I 431 34.69 44.80 25.48
N VAL I 432 35.25 45.03 26.67
CA VAL I 432 35.30 44.12 27.80
C VAL I 432 35.10 44.77 29.16
N LEU I 433 33.84 45.13 29.41
CA LEU I 433 33.52 46.17 30.38
C LEU I 433 33.43 45.70 31.82
N LYS I 434 34.34 46.22 32.66
CA LYS I 434 34.50 45.90 34.07
C LYS I 434 34.50 47.13 34.97
N VAL J 1 14.80 -72.20 -25.92
CA VAL J 1 13.59 -71.51 -25.45
C VAL J 1 12.76 -71.08 -26.65
N LEU J 2 11.43 -71.07 -26.63
CA LEU J 2 10.70 -70.62 -27.80
C LEU J 2 10.83 -69.10 -27.91
N SER J 3 11.55 -68.54 -28.88
CA SER J 3 11.83 -67.13 -28.92
C SER J 3 11.14 -66.45 -30.09
N TYR J 4 10.73 -65.20 -29.88
CA TYR J 4 10.17 -64.37 -30.91
C TYR J 4 11.18 -63.39 -31.49
N HIS J 5 12.47 -63.75 -31.31
CA HIS J 5 13.55 -62.92 -31.79
C HIS J 5 13.78 -62.88 -33.28
N ASP J 6 13.07 -63.78 -33.96
CA ASP J 6 13.17 -63.90 -35.40
C ASP J 6 12.49 -62.78 -36.17
N SER J 7 11.25 -62.40 -35.83
CA SER J 7 10.71 -61.20 -36.41
C SER J 7 11.38 -59.89 -35.99
N ILE J 8 12.25 -59.99 -34.98
CA ILE J 8 12.93 -58.85 -34.39
C ILE J 8 14.30 -58.70 -35.06
N LYS J 9 14.76 -59.81 -35.66
CA LYS J 9 15.94 -59.87 -36.48
C LYS J 9 15.79 -59.39 -37.92
N ASP J 10 14.70 -59.82 -38.56
CA ASP J 10 14.44 -59.46 -39.95
C ASP J 10 13.87 -58.07 -40.15
N ALA J 11 12.92 -57.75 -39.27
CA ALA J 11 12.27 -56.45 -39.43
C ALA J 11 13.12 -55.20 -39.21
N LYS J 12 14.14 -55.29 -38.37
CA LYS J 12 15.11 -54.22 -38.16
C LYS J 12 15.86 -53.79 -39.42
N LYS J 13 16.19 -54.78 -40.25
CA LYS J 13 16.97 -54.55 -41.45
C LYS J 13 16.27 -53.52 -42.32
N SER J 14 14.94 -53.41 -42.19
CA SER J 14 14.06 -52.49 -42.88
C SER J 14 13.70 -51.26 -42.05
N VAL J 15 13.56 -51.41 -40.73
CA VAL J 15 13.06 -50.44 -39.77
C VAL J 15 14.25 -49.59 -39.34
N VAL J 16 14.54 -48.51 -40.07
CA VAL J 16 15.55 -47.52 -39.73
C VAL J 16 15.10 -46.67 -38.54
N ASN J 17 16.11 -46.31 -37.74
CA ASN J 17 16.09 -45.21 -36.80
C ASN J 17 16.51 -43.93 -37.51
N ILE J 18 16.11 -42.72 -37.09
CA ILE J 18 16.41 -41.50 -37.82
C ILE J 18 16.94 -40.48 -36.83
N SER J 19 17.89 -39.70 -37.36
CA SER J 19 18.75 -38.74 -36.69
C SER J 19 18.61 -37.30 -37.16
N THR J 20 17.94 -37.16 -38.31
CA THR J 20 17.04 -36.10 -38.74
C THR J 20 17.53 -34.70 -38.40
N SER J 21 18.80 -34.37 -38.69
CA SER J 21 19.53 -33.12 -38.57
C SER J 21 19.02 -31.92 -39.35
N LYS J 22 17.76 -31.54 -39.13
CA LYS J 22 17.03 -30.39 -39.64
C LYS J 22 17.09 -29.22 -38.68
N THR J 23 17.30 -27.98 -39.12
CA THR J 23 17.55 -26.79 -38.33
C THR J 23 16.27 -26.25 -37.70
N ILE J 24 15.14 -26.35 -38.41
CA ILE J 24 13.82 -26.05 -37.87
C ILE J 24 13.04 -27.26 -37.39
N THR J 25 13.15 -27.57 -36.10
CA THR J 25 12.26 -28.44 -35.34
C THR J 25 11.29 -27.61 -34.52
N ARG J 26 10.38 -26.86 -35.15
CA ARG J 26 9.48 -25.97 -34.43
C ARG J 26 8.05 -26.49 -34.56
N ALA J 27 7.79 -27.50 -35.39
CA ALA J 27 6.49 -28.08 -35.57
C ALA J 27 6.36 -29.29 -34.64
N ASN J 28 7.43 -30.06 -34.44
CA ASN J 28 7.53 -31.15 -33.48
C ASN J 28 8.00 -30.65 -32.13
N ARG J 29 7.25 -29.76 -31.49
CA ARG J 29 7.68 -28.86 -30.43
C ARG J 29 6.98 -29.06 -29.10
N PRO J 30 7.62 -29.06 -27.93
CA PRO J 30 6.89 -29.17 -26.68
C PRO J 30 5.98 -28.00 -26.42
N SER J 31 4.68 -28.30 -26.37
CA SER J 31 3.53 -27.43 -26.12
C SER J 31 3.57 -26.88 -24.70
N PRO J 32 2.79 -25.87 -24.30
CA PRO J 32 2.66 -25.54 -22.89
C PRO J 32 1.91 -26.59 -22.08
N LEU J 33 2.69 -27.60 -21.70
CA LEU J 33 2.32 -28.76 -20.90
C LEU J 33 3.19 -28.82 -19.65
N ASP J 34 2.69 -29.34 -18.53
CA ASP J 34 3.39 -29.58 -17.29
C ASP J 34 4.12 -30.93 -17.22
N ASP J 35 4.72 -31.39 -18.32
CA ASP J 35 5.66 -32.50 -18.39
C ASP J 35 6.98 -32.01 -17.83
N PHE J 36 7.92 -32.92 -17.56
CA PHE J 36 9.09 -32.62 -16.75
C PHE J 36 10.02 -31.53 -17.27
N PHE J 37 10.20 -30.55 -16.38
CA PHE J 37 10.89 -29.30 -16.66
C PHE J 37 11.59 -28.68 -15.46
N ASN J 38 12.45 -27.69 -15.73
CA ASN J 38 13.51 -27.26 -14.83
C ASN J 38 14.60 -28.30 -14.73
N ASP J 39 14.34 -29.61 -14.64
CA ASP J 39 15.31 -30.67 -14.54
C ASP J 39 15.30 -31.65 -15.71
N PRO J 40 15.35 -31.23 -16.98
CA PRO J 40 15.29 -32.15 -18.09
C PRO J 40 16.67 -32.60 -18.49
N TYR J 41 16.96 -33.86 -18.13
CA TYR J 41 18.13 -34.66 -18.41
C TYR J 41 18.19 -35.17 -19.86
N PHE J 42 18.28 -36.48 -20.08
CA PHE J 42 18.04 -36.97 -21.42
C PHE J 42 16.56 -36.90 -21.74
N LYS J 43 16.17 -36.22 -22.81
CA LYS J 43 14.80 -36.08 -23.28
C LYS J 43 14.00 -37.37 -23.17
N GLN J 44 12.73 -37.32 -22.74
CA GLN J 44 11.88 -38.48 -22.55
C GLN J 44 12.19 -39.36 -21.34
N PHE J 45 13.08 -39.00 -20.42
CA PHE J 45 13.34 -39.84 -19.27
C PHE J 45 12.39 -39.56 -18.11
N PHE J 46 12.75 -39.87 -16.88
CA PHE J 46 12.18 -39.23 -15.71
C PHE J 46 13.01 -39.13 -14.43
N ASP J 47 14.18 -39.77 -14.43
CA ASP J 47 15.17 -39.79 -13.36
C ASP J 47 15.77 -38.45 -12.98
N PHE J 48 16.16 -38.42 -11.70
CA PHE J 48 17.07 -37.43 -11.14
C PHE J 48 18.54 -37.61 -11.51
N ASP J 49 19.46 -36.76 -11.03
CA ASP J 49 20.78 -36.58 -11.57
C ASP J 49 21.65 -37.83 -11.52
N PHE J 50 21.58 -38.62 -12.59
CA PHE J 50 22.37 -39.81 -12.82
C PHE J 50 23.73 -39.46 -13.40
N PRO J 51 24.84 -40.13 -13.06
CA PRO J 51 26.19 -39.77 -13.40
C PRO J 51 26.62 -39.75 -14.86
N GLN J 52 25.73 -39.48 -15.82
CA GLN J 52 25.88 -39.46 -17.26
C GLN J 52 25.22 -38.18 -17.74
N ARG J 53 26.09 -37.17 -17.82
CA ARG J 53 25.74 -35.81 -18.23
C ARG J 53 25.35 -35.71 -19.69
N LYS J 54 25.02 -34.50 -20.17
CA LYS J 54 24.50 -34.32 -21.51
C LYS J 54 25.51 -34.84 -22.52
N GLY J 55 25.03 -35.51 -23.57
CA GLY J 55 25.85 -36.15 -24.59
C GLY J 55 25.21 -37.33 -25.31
N LYS J 56 23.89 -37.45 -25.16
CA LYS J 56 23.03 -38.53 -25.60
C LYS J 56 21.78 -37.99 -26.28
N ASN J 57 20.66 -37.84 -25.57
CA ASN J 57 19.41 -37.50 -26.20
C ASN J 57 19.01 -36.06 -25.84
N ASP J 58 19.13 -35.05 -26.69
CA ASP J 58 19.01 -33.62 -26.49
C ASP J 58 18.75 -32.85 -27.77
N LYS J 59 19.43 -33.30 -28.83
CA LYS J 59 19.36 -32.75 -30.16
C LYS J 59 17.97 -32.47 -30.74
N GLU J 60 16.89 -33.01 -30.17
CA GLU J 60 15.51 -32.92 -30.59
C GLU J 60 14.86 -31.57 -30.90
N VAL J 61 15.57 -30.57 -30.37
CA VAL J 61 15.27 -29.17 -30.50
C VAL J 61 15.66 -28.52 -31.82
N VAL J 62 16.87 -28.81 -32.28
CA VAL J 62 17.45 -28.35 -33.52
C VAL J 62 17.81 -29.43 -34.54
N SER J 63 17.07 -30.54 -34.41
CA SER J 63 17.21 -31.82 -35.05
C SER J 63 15.99 -32.65 -34.67
N SER J 64 15.89 -33.96 -34.91
CA SER J 64 14.89 -34.83 -34.32
C SER J 64 15.33 -36.28 -34.17
N LEU J 65 14.60 -37.13 -33.45
CA LEU J 65 14.69 -38.58 -33.53
C LEU J 65 13.42 -39.23 -34.05
N GLY J 66 13.55 -40.35 -34.76
CA GLY J 66 12.45 -41.13 -35.30
C GLY J 66 12.67 -42.60 -35.69
N SER J 67 11.66 -43.11 -36.37
CA SER J 67 11.63 -44.44 -36.96
C SER J 67 10.95 -44.39 -38.33
N GLY J 68 11.18 -45.41 -39.16
CA GLY J 68 10.77 -45.50 -40.54
C GLY J 68 11.08 -46.87 -41.16
N VAL J 69 10.47 -47.18 -42.30
CA VAL J 69 10.47 -48.51 -42.86
C VAL J 69 10.90 -48.44 -44.32
N ILE J 70 11.95 -49.18 -44.70
CA ILE J 70 12.25 -49.35 -46.11
C ILE J 70 11.25 -50.32 -46.74
N ILE J 71 10.56 -49.74 -47.71
CA ILE J 71 9.51 -50.30 -48.53
C ILE J 71 9.95 -51.16 -49.71
N SER J 72 11.04 -50.70 -50.33
CA SER J 72 11.52 -51.12 -51.64
C SER J 72 13.04 -51.17 -51.71
N LYS J 73 13.56 -52.15 -52.45
CA LYS J 73 14.96 -52.51 -52.49
C LYS J 73 15.77 -51.45 -53.23
N ASP J 74 15.10 -50.41 -53.72
CA ASP J 74 15.70 -49.14 -54.08
C ASP J 74 16.20 -48.36 -52.87
N GLY J 75 15.79 -48.64 -51.62
CA GLY J 75 15.98 -47.84 -50.43
C GLY J 75 14.95 -46.73 -50.25
N TYR J 76 13.70 -46.86 -50.68
CA TYR J 76 12.68 -45.87 -50.41
C TYR J 76 12.06 -46.20 -49.06
N ILE J 77 12.15 -45.26 -48.12
CA ILE J 77 11.64 -45.39 -46.77
C ILE J 77 10.40 -44.51 -46.73
N VAL J 78 9.45 -44.93 -45.89
CA VAL J 78 8.32 -44.17 -45.40
C VAL J 78 8.58 -43.73 -43.96
N THR J 79 8.15 -42.53 -43.56
CA THR J 79 7.91 -42.18 -42.17
C THR J 79 6.83 -41.10 -42.13
N ASN J 80 6.39 -40.80 -40.91
CA ASN J 80 5.50 -39.69 -40.61
C ASN J 80 6.05 -38.39 -41.20
N ASN J 81 5.19 -37.61 -41.85
CA ASN J 81 5.52 -36.25 -42.21
C ASN J 81 5.90 -35.42 -41.00
N HIS J 82 5.30 -35.48 -39.81
CA HIS J 82 5.65 -34.73 -38.61
C HIS J 82 7.08 -34.95 -38.12
N VAL J 83 7.85 -35.87 -38.72
CA VAL J 83 9.27 -36.07 -38.60
C VAL J 83 10.18 -35.30 -39.56
N VAL J 84 9.52 -35.01 -40.70
CA VAL J 84 10.13 -34.43 -41.88
C VAL J 84 9.49 -33.20 -42.50
N ASP J 85 8.83 -32.34 -41.70
CA ASP J 85 8.77 -30.91 -41.87
C ASP J 85 10.16 -30.30 -41.85
N ASP J 86 10.40 -29.47 -42.86
CA ASP J 86 11.67 -28.90 -43.25
C ASP J 86 12.83 -29.86 -43.13
N ALA J 87 12.68 -30.93 -43.91
CA ALA J 87 13.72 -31.90 -44.19
C ALA J 87 15.03 -31.52 -44.87
N ASP J 88 15.95 -30.98 -44.07
CA ASP J 88 17.29 -30.64 -44.50
C ASP J 88 18.11 -31.90 -44.60
N THR J 89 18.97 -32.07 -43.58
CA THR J 89 19.87 -33.20 -43.42
C THR J 89 19.27 -34.30 -42.55
N ILE J 90 18.41 -35.13 -43.17
CA ILE J 90 17.58 -36.11 -42.51
C ILE J 90 18.34 -37.43 -42.56
N THR J 91 19.51 -37.45 -41.89
CA THR J 91 20.36 -38.59 -41.61
C THR J 91 19.70 -39.78 -40.92
N VAL J 92 20.02 -41.01 -41.30
CA VAL J 92 19.52 -42.26 -40.75
C VAL J 92 20.59 -43.00 -39.97
N ASN J 93 20.11 -43.95 -39.17
CA ASN J 93 20.76 -44.90 -38.27
C ASN J 93 20.17 -46.31 -38.32
N LEU J 94 20.62 -47.11 -39.27
CA LEU J 94 19.97 -48.39 -39.55
C LEU J 94 20.51 -49.39 -38.54
N PRO J 95 19.75 -49.96 -37.59
CA PRO J 95 20.05 -51.11 -36.77
C PRO J 95 20.52 -52.24 -37.67
N GLY J 96 21.67 -52.80 -37.30
CA GLY J 96 22.28 -53.89 -38.03
C GLY J 96 23.15 -53.64 -39.24
N SER J 97 23.48 -52.37 -39.51
CA SER J 97 24.36 -51.91 -40.56
C SER J 97 24.90 -50.50 -40.42
N ASP J 98 24.20 -49.62 -39.70
CA ASP J 98 24.72 -48.41 -39.12
C ASP J 98 25.21 -47.30 -40.05
N ILE J 99 24.46 -47.11 -41.15
CA ILE J 99 24.76 -46.27 -42.30
C ILE J 99 24.36 -44.84 -42.02
N GLU J 100 25.31 -43.96 -41.67
CA GLU J 100 25.15 -42.61 -41.17
C GLU J 100 25.20 -41.67 -42.36
N TYR J 101 24.25 -41.80 -43.27
CA TYR J 101 23.98 -40.92 -44.40
C TYR J 101 22.66 -40.19 -44.28
N LYS J 102 22.67 -39.02 -44.92
CA LYS J 102 21.47 -38.30 -45.32
C LYS J 102 20.54 -39.29 -46.00
N ALA J 103 19.26 -38.90 -46.11
CA ALA J 103 18.28 -39.42 -47.03
C ALA J 103 17.70 -38.28 -47.86
N LYS J 104 17.17 -38.66 -49.02
CA LYS J 104 16.51 -37.73 -49.92
C LYS J 104 14.98 -37.83 -49.80
N LEU J 105 14.35 -36.76 -49.31
CA LEU J 105 12.91 -36.63 -49.21
C LEU J 105 12.39 -36.47 -50.63
N ILE J 106 11.78 -37.52 -51.15
CA ILE J 106 11.21 -37.50 -52.49
C ILE J 106 9.97 -36.60 -52.41
N GLY J 107 9.14 -36.84 -51.40
CA GLY J 107 7.88 -36.12 -51.31
C GLY J 107 7.11 -36.46 -50.04
N LYS J 108 6.27 -35.53 -49.58
CA LYS J 108 5.55 -35.59 -48.32
C LYS J 108 4.11 -35.16 -48.48
N ASP J 109 3.28 -35.39 -47.46
CA ASP J 109 1.86 -35.12 -47.41
C ASP J 109 1.49 -34.82 -45.97
N PRO J 110 1.32 -33.55 -45.59
CA PRO J 110 0.76 -33.15 -44.31
C PRO J 110 -0.69 -33.35 -43.91
N LYS J 111 -1.33 -34.24 -44.66
CA LYS J 111 -2.75 -34.52 -44.54
C LYS J 111 -3.08 -35.90 -44.00
N THR J 112 -2.44 -36.90 -44.62
CA THR J 112 -2.24 -38.27 -44.19
C THR J 112 -0.97 -38.36 -43.35
N ASP J 113 -0.16 -37.32 -43.33
CA ASP J 113 1.06 -37.22 -42.55
C ASP J 113 2.15 -38.21 -42.92
N LEU J 114 2.41 -38.45 -44.20
CA LEU J 114 3.38 -39.42 -44.68
C LEU J 114 4.37 -38.86 -45.68
N ALA J 115 5.54 -39.50 -45.74
CA ALA J 115 6.62 -39.04 -46.59
C ALA J 115 7.29 -40.27 -47.19
N VAL J 116 7.70 -40.13 -48.46
CA VAL J 116 8.61 -41.05 -49.09
C VAL J 116 10.01 -40.46 -49.23
N ILE J 117 11.05 -41.24 -48.93
CA ILE J 117 12.40 -40.75 -48.78
C ILE J 117 13.35 -41.81 -49.32
N LYS J 118 14.19 -41.49 -50.30
CA LYS J 118 15.23 -42.35 -50.83
C LYS J 118 16.44 -42.32 -49.91
N ILE J 119 16.74 -43.32 -49.09
CA ILE J 119 18.00 -43.51 -48.39
C ILE J 119 19.03 -43.97 -49.42
N GLU J 120 20.08 -43.17 -49.63
CA GLU J 120 20.98 -43.00 -50.76
C GLU J 120 22.17 -43.93 -50.65
N ALA J 121 21.97 -45.22 -50.34
CA ALA J 121 22.90 -46.32 -50.41
C ALA J 121 22.32 -47.41 -51.30
N ASN J 122 23.05 -48.53 -51.37
CA ASN J 122 22.62 -49.66 -52.16
C ASN J 122 22.47 -50.93 -51.33
N ASN J 123 21.89 -51.99 -51.88
CA ASN J 123 21.41 -53.24 -51.32
C ASN J 123 20.53 -53.01 -50.10
N LEU J 124 19.84 -51.86 -49.99
CA LEU J 124 18.92 -51.56 -48.92
C LEU J 124 17.76 -52.53 -48.73
N SER J 125 17.12 -52.61 -47.56
CA SER J 125 16.11 -53.65 -47.39
C SER J 125 14.78 -53.29 -48.02
N ALA J 126 13.74 -54.08 -47.74
CA ALA J 126 12.45 -53.93 -48.38
C ALA J 126 11.47 -54.80 -47.60
N ILE J 127 10.37 -54.22 -47.12
CA ILE J 127 9.44 -54.93 -46.25
C ILE J 127 8.35 -55.54 -47.12
N THR J 128 7.89 -56.74 -46.73
CA THR J 128 6.85 -57.50 -47.39
C THR J 128 5.46 -56.94 -47.15
N PHE J 129 4.82 -56.21 -48.06
CA PHE J 129 3.77 -55.25 -47.76
C PHE J 129 2.36 -55.82 -47.88
N THR J 130 1.93 -56.72 -46.98
CA THR J 130 0.65 -57.37 -46.98
C THR J 130 -0.57 -56.50 -46.72
N ASN J 131 -1.80 -56.96 -46.91
CA ASN J 131 -2.98 -56.18 -46.61
C ASN J 131 -3.23 -55.99 -45.12
N SER J 132 -3.56 -54.75 -44.78
CA SER J 132 -3.96 -54.37 -43.45
C SER J 132 -5.40 -54.67 -43.05
N ASP J 133 -6.23 -55.12 -43.98
CA ASP J 133 -7.65 -55.39 -43.87
C ASP J 133 -8.02 -56.86 -43.93
N ASP J 134 -7.03 -57.77 -43.97
CA ASP J 134 -7.17 -59.19 -43.73
C ASP J 134 -6.97 -59.58 -42.27
N LEU J 135 -7.36 -58.65 -41.40
CA LEU J 135 -6.97 -58.59 -40.01
C LEU J 135 -8.13 -58.32 -39.04
N MET J 136 -7.93 -58.84 -37.84
CA MET J 136 -8.93 -58.94 -36.79
C MET J 136 -8.41 -58.68 -35.37
N GLU J 137 -9.35 -58.41 -34.47
CA GLU J 137 -9.06 -58.29 -33.06
C GLU J 137 -8.53 -59.65 -32.59
N GLY J 138 -7.62 -59.65 -31.63
CA GLY J 138 -6.93 -60.81 -31.08
C GLY J 138 -5.85 -61.40 -31.97
N ASP J 139 -5.58 -60.95 -33.19
CA ASP J 139 -4.41 -61.25 -34.00
C ASP J 139 -3.13 -60.89 -33.27
N VAL J 140 -2.19 -61.84 -33.08
CA VAL J 140 -0.83 -61.68 -32.62
C VAL J 140 -0.03 -60.82 -33.57
N VAL J 141 0.51 -59.66 -33.19
CA VAL J 141 1.29 -58.73 -33.99
C VAL J 141 2.57 -58.34 -33.27
N PHE J 142 3.49 -57.62 -33.90
CA PHE J 142 4.60 -56.96 -33.22
C PHE J 142 4.51 -55.49 -33.61
N ALA J 143 4.88 -54.60 -32.68
CA ALA J 143 5.02 -53.17 -32.81
C ALA J 143 6.47 -52.75 -32.63
N LEU J 144 7.01 -51.86 -33.47
CA LEU J 144 8.43 -51.67 -33.55
C LEU J 144 8.81 -50.18 -33.62
N GLY J 145 10.12 -49.99 -33.49
CA GLY J 145 10.82 -48.73 -33.71
C GLY J 145 11.89 -48.35 -32.69
N ASN J 146 12.00 -47.04 -32.51
CA ASN J 146 12.87 -46.36 -31.58
C ASN J 146 12.11 -45.63 -30.49
N PRO J 147 11.78 -46.27 -29.37
CA PRO J 147 11.13 -45.68 -28.22
C PRO J 147 12.13 -44.78 -27.51
N PHE J 148 11.88 -43.48 -27.38
CA PHE J 148 12.61 -42.58 -26.52
C PHE J 148 14.10 -42.56 -26.84
N GLY J 149 14.61 -42.91 -28.01
CA GLY J 149 16.06 -42.90 -28.16
C GLY J 149 16.84 -44.12 -27.69
N VAL J 150 16.16 -45.16 -27.19
CA VAL J 150 16.84 -46.29 -26.59
C VAL J 150 17.62 -47.21 -27.52
N GLY J 151 17.62 -46.92 -28.82
CA GLY J 151 17.92 -47.87 -29.88
C GLY J 151 16.64 -48.56 -30.33
N PHE J 152 16.83 -49.56 -31.21
CA PHE J 152 15.76 -50.29 -31.86
C PHE J 152 15.19 -51.26 -30.84
N SER J 153 13.88 -51.18 -30.64
CA SER J 153 13.20 -52.05 -29.71
C SER J 153 11.79 -52.42 -30.18
N VAL J 154 11.31 -53.59 -29.76
CA VAL J 154 10.06 -54.12 -30.26
C VAL J 154 9.24 -54.64 -29.08
N THR J 155 7.92 -54.61 -29.31
CA THR J 155 6.93 -55.12 -28.38
C THR J 155 6.00 -56.07 -29.14
N SER J 156 5.34 -56.96 -28.38
CA SER J 156 4.28 -57.86 -28.81
C SER J 156 2.97 -57.18 -28.45
N GLY J 157 1.91 -57.45 -29.23
CA GLY J 157 0.52 -57.19 -28.92
C GLY J 157 -0.52 -58.08 -29.59
N ILE J 158 -1.79 -57.94 -29.26
CA ILE J 158 -3.02 -58.36 -29.91
C ILE J 158 -3.89 -57.12 -30.11
N ILE J 159 -4.51 -57.15 -31.29
CA ILE J 159 -5.39 -56.13 -31.81
C ILE J 159 -6.55 -55.84 -30.86
N SER J 160 -6.79 -54.60 -30.43
CA SER J 160 -7.74 -54.11 -29.45
C SER J 160 -8.77 -53.18 -30.08
N ALA J 161 -8.54 -52.59 -31.26
CA ALA J 161 -9.49 -51.93 -32.14
C ALA J 161 -9.14 -51.69 -33.59
N LEU J 162 -10.10 -51.45 -34.50
CA LEU J 162 -9.94 -51.54 -35.95
C LEU J 162 -10.47 -50.31 -36.69
N ASN J 163 -9.75 -49.83 -37.70
CA ASN J 163 -10.12 -48.83 -38.69
C ASN J 163 -10.85 -47.62 -38.12
N LYS J 164 -10.15 -46.83 -37.30
CA LYS J 164 -10.74 -45.77 -36.50
C LYS J 164 -10.14 -44.43 -36.86
N ASP J 165 -10.99 -43.70 -37.61
CA ASP J 165 -10.97 -42.25 -37.60
C ASP J 165 -11.84 -41.70 -36.48
N ASN J 166 -12.09 -40.39 -36.39
CA ASN J 166 -12.39 -39.74 -35.13
C ASN J 166 -11.16 -39.53 -34.26
N ILE J 167 -9.95 -39.69 -34.81
CA ILE J 167 -8.66 -39.44 -34.19
C ILE J 167 -8.02 -38.11 -34.56
N GLY J 168 -8.09 -37.66 -35.82
CA GLY J 168 -7.79 -36.32 -36.27
C GLY J 168 -6.45 -35.72 -35.85
N LEU J 169 -5.40 -36.37 -36.34
CA LEU J 169 -4.05 -35.91 -36.06
C LEU J 169 -3.74 -34.74 -36.98
N ASN J 170 -4.22 -34.81 -38.23
CA ASN J 170 -3.94 -33.85 -39.26
C ASN J 170 -5.19 -33.62 -40.10
N GLN J 171 -5.70 -34.61 -40.83
CA GLN J 171 -6.75 -34.57 -41.83
C GLN J 171 -7.39 -35.85 -42.30
N TYR J 172 -6.54 -36.83 -42.60
CA TYR J 172 -6.97 -38.15 -43.03
C TYR J 172 -6.46 -39.31 -42.19
N GLU J 173 -7.31 -40.05 -41.50
CA GLU J 173 -6.91 -41.14 -40.65
C GLU J 173 -7.72 -42.42 -40.78
N ASN J 174 -7.19 -43.61 -40.48
CA ASN J 174 -8.01 -44.79 -40.30
C ASN J 174 -7.42 -45.81 -39.35
N PHE J 175 -6.83 -45.43 -38.22
CA PHE J 175 -5.97 -46.16 -37.30
C PHE J 175 -6.54 -47.49 -36.83
N ILE J 176 -5.60 -48.44 -36.72
CA ILE J 176 -5.66 -49.70 -36.02
C ILE J 176 -4.95 -49.66 -34.67
N GLN J 177 -5.54 -50.19 -33.61
CA GLN J 177 -4.88 -50.20 -32.31
C GLN J 177 -4.54 -51.59 -31.82
N THR J 178 -3.45 -51.76 -31.06
CA THR J 178 -3.05 -52.93 -30.30
C THR J 178 -2.72 -52.39 -28.91
N ASP J 179 -2.41 -53.28 -27.97
CA ASP J 179 -2.03 -53.15 -26.59
C ASP J 179 -0.52 -52.94 -26.51
N ALA J 180 0.29 -53.28 -27.51
CA ALA J 180 1.72 -53.04 -27.54
C ALA J 180 2.31 -51.71 -27.12
N SER J 181 3.48 -51.78 -26.48
CA SER J 181 4.12 -50.57 -26.01
C SER J 181 4.97 -49.90 -27.08
N ILE J 182 4.64 -48.64 -27.39
CA ILE J 182 5.13 -47.73 -28.40
C ILE J 182 5.28 -46.33 -27.81
N ASN J 183 6.16 -45.46 -28.29
CA ASN J 183 6.43 -44.13 -27.77
C ASN J 183 6.59 -43.07 -28.87
N PRO J 184 6.60 -41.78 -28.55
CA PRO J 184 7.29 -40.78 -29.33
C PRO J 184 8.67 -41.26 -29.77
N GLY J 185 8.87 -41.48 -31.08
CA GLY J 185 10.07 -41.95 -31.73
C GLY J 185 9.95 -43.26 -32.48
N ASN J 186 8.95 -44.03 -32.04
CA ASN J 186 8.31 -45.04 -32.86
C ASN J 186 7.46 -44.43 -33.96
N SER J 187 7.38 -43.10 -34.05
CA SER J 187 6.73 -42.31 -35.07
C SER J 187 7.34 -42.67 -36.41
N GLY J 188 6.51 -43.21 -37.30
CA GLY J 188 6.89 -43.84 -38.54
C GLY J 188 7.39 -45.28 -38.55
N GLY J 189 7.55 -45.88 -37.38
CA GLY J 189 7.90 -47.29 -37.25
C GLY J 189 6.80 -48.33 -37.42
N ALA J 190 7.16 -49.52 -37.92
CA ALA J 190 6.20 -50.53 -38.29
C ALA J 190 5.35 -51.12 -37.17
N LEU J 191 4.19 -51.65 -37.53
CA LEU J 191 3.34 -52.68 -36.95
C LEU J 191 3.25 -53.82 -37.97
N VAL J 192 3.59 -55.03 -37.56
CA VAL J 192 3.75 -56.18 -38.43
C VAL J 192 2.95 -57.36 -37.87
N ASP J 193 2.52 -58.31 -38.71
CA ASP J 193 1.73 -59.45 -38.28
C ASP J 193 2.74 -60.42 -37.67
N SER J 194 2.21 -61.49 -37.07
CA SER J 194 3.03 -62.56 -36.53
C SER J 194 3.93 -63.35 -37.48
N ARG J 195 3.94 -62.94 -38.76
CA ARG J 195 4.75 -63.50 -39.82
C ARG J 195 5.77 -62.60 -40.46
N GLY J 196 5.78 -61.35 -39.98
CA GLY J 196 6.78 -60.33 -40.23
C GLY J 196 6.42 -59.32 -41.31
N TYR J 197 5.25 -59.42 -41.94
CA TYR J 197 4.70 -58.60 -43.00
C TYR J 197 4.06 -57.34 -42.43
N LEU J 198 4.34 -56.19 -43.03
CA LEU J 198 3.74 -54.93 -42.62
C LEU J 198 2.22 -54.85 -42.60
N VAL J 199 1.71 -54.45 -41.44
CA VAL J 199 0.27 -54.31 -41.30
C VAL J 199 -0.13 -52.88 -40.93
N GLY J 200 0.71 -52.12 -40.23
CA GLY J 200 0.39 -50.80 -39.72
C GLY J 200 1.61 -49.96 -39.39
N ILE J 201 1.52 -48.64 -39.56
CA ILE J 201 2.61 -47.72 -39.33
C ILE J 201 2.29 -46.82 -38.15
N ASN J 202 2.85 -47.10 -36.98
CA ASN J 202 2.59 -46.28 -35.80
C ASN J 202 2.96 -44.83 -36.06
N SER J 203 2.22 -43.99 -35.35
CA SER J 203 2.59 -42.59 -35.21
C SER J 203 2.28 -41.91 -33.89
N ALA J 204 1.20 -42.21 -33.16
CA ALA J 204 0.90 -41.69 -31.84
C ALA J 204 0.27 -42.67 -30.88
N ILE J 205 -0.01 -42.21 -29.65
CA ILE J 205 -0.53 -42.96 -28.53
C ILE J 205 -1.43 -42.17 -27.59
N LEU J 206 -2.62 -42.67 -27.34
CA LEU J 206 -3.39 -42.15 -26.21
C LEU J 206 -2.79 -42.66 -24.92
N SER J 207 -1.77 -41.91 -24.47
CA SER J 207 -1.12 -42.22 -23.22
C SER J 207 -1.28 -41.12 -22.18
N ARG J 208 -0.77 -41.20 -20.94
CA ARG J 208 -0.75 -40.15 -19.94
C ARG J 208 0.62 -39.51 -19.71
N GLY J 209 1.67 -40.16 -20.22
CA GLY J 209 3.00 -39.69 -19.88
C GLY J 209 4.13 -40.14 -20.80
N GLY J 210 3.76 -40.19 -22.08
CA GLY J 210 4.58 -40.35 -23.27
C GLY J 210 5.05 -41.78 -23.50
N GLY J 211 5.11 -42.69 -22.53
CA GLY J 211 5.20 -44.12 -22.78
C GLY J 211 3.78 -44.69 -22.70
N ASN J 212 3.56 -45.89 -23.24
CA ASN J 212 2.29 -46.48 -23.65
C ASN J 212 1.50 -46.85 -22.40
N ASN J 213 0.18 -46.72 -22.52
CA ASN J 213 -0.86 -47.21 -21.63
C ASN J 213 -1.86 -48.07 -22.39
N GLY J 214 -1.39 -48.85 -23.36
CA GLY J 214 -2.12 -49.79 -24.18
C GLY J 214 -3.03 -49.21 -25.25
N ILE J 215 -2.71 -48.06 -25.84
CA ILE J 215 -3.50 -47.36 -26.84
C ILE J 215 -2.65 -46.82 -27.97
N GLY J 216 -1.61 -47.49 -28.47
CA GLY J 216 -0.89 -47.11 -29.66
C GLY J 216 -1.69 -47.19 -30.95
N PHE J 217 -1.41 -46.24 -31.85
CA PHE J 217 -2.14 -46.05 -33.08
C PHE J 217 -1.30 -46.03 -34.34
N ALA J 218 -1.56 -47.03 -35.18
CA ALA J 218 -1.04 -47.30 -36.51
C ALA J 218 -1.93 -47.05 -37.71
N ILE J 219 -1.43 -46.31 -38.72
CA ILE J 219 -2.00 -46.11 -40.03
C ILE J 219 -1.98 -47.44 -40.76
N PRO J 220 -3.09 -47.89 -41.36
CA PRO J 220 -3.18 -49.14 -42.11
C PRO J 220 -2.13 -49.23 -43.21
N SER J 221 -1.54 -50.41 -43.41
CA SER J 221 -0.52 -50.52 -44.43
C SER J 221 -1.01 -50.35 -45.86
N ASN J 222 -2.27 -50.73 -46.12
CA ASN J 222 -2.77 -50.69 -47.48
C ASN J 222 -2.96 -49.24 -47.89
N MET J 223 -3.11 -48.38 -46.88
CA MET J 223 -3.11 -46.95 -47.05
C MET J 223 -1.70 -46.43 -47.31
N VAL J 224 -0.66 -46.73 -46.53
CA VAL J 224 0.67 -46.22 -46.70
C VAL J 224 1.18 -46.68 -48.08
N LYS J 225 0.78 -47.88 -48.51
CA LYS J 225 1.15 -48.45 -49.80
C LYS J 225 0.78 -47.52 -50.95
N ASP J 226 -0.52 -47.19 -50.94
CA ASP J 226 -1.08 -46.36 -51.99
C ASP J 226 -0.79 -44.87 -51.83
N ILE J 227 -0.43 -44.45 -50.62
CA ILE J 227 0.06 -43.11 -50.36
C ILE J 227 1.45 -42.94 -50.96
N ALA J 228 2.40 -43.81 -50.57
CA ALA J 228 3.76 -43.91 -51.04
C ALA J 228 3.88 -43.76 -52.55
N LYS J 229 3.03 -44.48 -53.28
CA LYS J 229 2.96 -44.44 -54.73
C LYS J 229 2.73 -43.08 -55.37
N LYS J 230 1.73 -42.31 -54.92
CA LYS J 230 1.38 -40.97 -55.35
C LYS J 230 2.42 -39.92 -54.98
N LEU J 231 3.08 -40.12 -53.84
CA LEU J 231 4.30 -39.49 -53.38
C LEU J 231 5.50 -39.77 -54.28
N ILE J 232 5.64 -40.93 -54.93
CA ILE J 232 6.81 -41.22 -55.74
C ILE J 232 6.57 -40.80 -57.18
N GLU J 233 5.37 -40.98 -57.74
CA GLU J 233 5.11 -40.47 -59.08
C GLU J 233 5.41 -39.00 -59.37
N LYS J 234 5.23 -38.11 -58.38
CA LYS J 234 5.34 -36.68 -58.55
C LYS J 234 5.70 -35.80 -57.37
N GLY J 235 6.10 -36.38 -56.23
CA GLY J 235 6.57 -35.60 -55.11
C GLY J 235 5.59 -35.10 -54.05
N LYS J 236 4.31 -35.34 -54.35
CA LYS J 236 3.22 -35.11 -53.42
C LYS J 236 2.00 -35.89 -53.88
N ILE J 237 0.96 -35.95 -53.05
CA ILE J 237 -0.37 -36.39 -53.43
C ILE J 237 -1.29 -35.19 -53.63
N ASP J 238 -2.39 -35.35 -54.39
CA ASP J 238 -3.38 -34.33 -54.61
C ASP J 238 -4.72 -35.01 -54.39
N ARG J 239 -5.60 -34.53 -53.52
CA ARG J 239 -6.94 -35.01 -53.23
C ARG J 239 -7.92 -33.86 -53.49
N GLY J 240 -9.07 -34.23 -54.03
CA GLY J 240 -10.21 -33.34 -54.08
C GLY J 240 -11.16 -33.46 -52.89
N PHE J 241 -12.45 -33.58 -53.24
CA PHE J 241 -13.59 -34.13 -52.53
C PHE J 241 -14.64 -34.49 -53.57
N LEU J 242 -15.90 -34.69 -53.22
CA LEU J 242 -17.07 -34.52 -54.06
C LEU J 242 -17.75 -33.20 -53.69
N GLY J 243 -17.12 -32.28 -52.97
CA GLY J 243 -17.61 -30.98 -52.54
C GLY J 243 -18.95 -31.03 -51.81
N VAL J 244 -18.94 -31.58 -50.60
CA VAL J 244 -20.13 -31.86 -49.83
C VAL J 244 -19.92 -31.74 -48.32
N THR J 245 -20.99 -31.83 -47.53
CA THR J 245 -20.88 -32.09 -46.12
C THR J 245 -21.69 -33.26 -45.57
N ILE J 246 -21.21 -34.07 -44.63
CA ILE J 246 -21.63 -35.44 -44.48
C ILE J 246 -21.45 -35.85 -43.02
N LEU J 247 -22.14 -36.97 -42.78
CA LEU J 247 -22.35 -37.55 -41.47
C LEU J 247 -22.71 -39.02 -41.68
N ALA J 248 -23.08 -39.73 -40.60
CA ALA J 248 -23.77 -41.01 -40.60
C ALA J 248 -25.28 -41.02 -40.54
N LEU J 249 -25.98 -41.93 -41.23
CA LEU J 249 -27.39 -42.02 -40.90
C LEU J 249 -27.62 -42.58 -39.50
N GLN J 250 -28.12 -41.73 -38.59
CA GLN J 250 -28.39 -42.19 -37.26
C GLN J 250 -29.69 -42.99 -37.29
N GLY J 251 -30.06 -43.76 -36.26
CA GLY J 251 -31.11 -44.75 -36.39
C GLY J 251 -32.55 -44.28 -36.42
N ASP J 252 -32.86 -43.12 -35.84
CA ASP J 252 -34.21 -42.58 -35.91
C ASP J 252 -34.39 -41.51 -36.99
N THR J 253 -33.30 -40.92 -37.49
CA THR J 253 -33.15 -40.60 -38.88
C THR J 253 -33.53 -41.70 -39.87
N LYS J 254 -32.99 -42.92 -39.84
CA LYS J 254 -33.35 -44.02 -40.71
C LYS J 254 -34.85 -44.15 -40.90
N LYS J 255 -35.58 -44.14 -39.78
CA LYS J 255 -37.02 -44.22 -39.65
C LYS J 255 -37.79 -43.01 -40.17
N ALA J 256 -37.32 -41.81 -39.78
CA ALA J 256 -37.78 -40.53 -40.27
C ALA J 256 -37.48 -40.29 -41.74
N TYR J 257 -36.38 -40.78 -42.30
CA TYR J 257 -35.80 -40.62 -43.62
C TYR J 257 -36.10 -41.84 -44.47
N LYS J 258 -37.18 -42.58 -44.23
CA LYS J 258 -37.66 -43.71 -45.01
C LYS J 258 -36.89 -45.00 -45.21
N ASN J 259 -35.92 -45.33 -44.36
CA ASN J 259 -35.32 -46.61 -44.10
C ASN J 259 -34.18 -47.04 -45.03
N GLN J 260 -33.89 -46.10 -45.92
CA GLN J 260 -32.67 -46.12 -46.70
C GLN J 260 -31.51 -46.35 -45.73
N GLU J 261 -30.39 -46.84 -46.27
CA GLU J 261 -29.19 -47.02 -45.49
C GLU J 261 -27.93 -46.53 -46.18
N GLY J 262 -27.17 -45.65 -45.52
CA GLY J 262 -25.97 -45.06 -46.09
C GLY J 262 -25.42 -43.95 -45.22
N ALA J 263 -24.39 -43.24 -45.68
CA ALA J 263 -23.97 -42.00 -45.02
C ALA J 263 -24.92 -40.86 -45.33
N LEU J 264 -25.33 -40.10 -44.31
CA LEU J 264 -26.09 -38.88 -44.39
C LEU J 264 -25.37 -37.67 -44.96
N ILE J 265 -25.79 -37.08 -46.08
CA ILE J 265 -25.46 -35.74 -46.49
C ILE J 265 -26.13 -34.83 -45.47
N THR J 266 -25.38 -33.86 -44.91
CA THR J 266 -25.92 -32.85 -44.03
C THR J 266 -26.42 -31.67 -44.84
N ASP J 267 -25.56 -31.30 -45.79
CA ASP J 267 -25.72 -30.21 -46.74
C ASP J 267 -24.93 -30.53 -48.00
N VAL J 268 -25.47 -30.55 -49.22
CA VAL J 268 -24.71 -30.60 -50.45
C VAL J 268 -24.04 -29.23 -50.46
N GLN J 269 -22.74 -29.26 -50.75
CA GLN J 269 -22.01 -28.02 -50.94
C GLN J 269 -22.06 -27.62 -52.41
N LYS J 270 -23.31 -27.38 -52.84
CA LYS J 270 -23.65 -26.42 -53.87
C LYS J 270 -22.82 -26.47 -55.16
N GLY J 271 -23.43 -27.11 -56.16
CA GLY J 271 -23.08 -27.16 -57.56
C GLY J 271 -21.70 -27.72 -57.90
N SER J 272 -21.04 -28.31 -56.91
CA SER J 272 -19.95 -29.26 -56.98
C SER J 272 -20.39 -30.51 -57.71
N SER J 273 -19.58 -31.57 -57.76
CA SER J 273 -19.95 -32.77 -58.48
C SER J 273 -21.16 -33.52 -57.94
N ALA J 274 -21.46 -33.47 -56.64
CA ALA J 274 -22.64 -34.01 -55.99
C ALA J 274 -23.92 -33.44 -56.59
N ASP J 275 -23.93 -32.11 -56.73
CA ASP J 275 -25.08 -31.47 -57.35
C ASP J 275 -25.12 -31.74 -58.84
N GLU J 276 -23.97 -31.64 -59.52
CA GLU J 276 -23.97 -31.74 -60.96
C GLU J 276 -24.23 -33.14 -61.49
N ALA J 277 -24.40 -34.10 -60.57
CA ALA J 277 -24.66 -35.49 -60.86
C ALA J 277 -25.96 -35.95 -60.20
N GLY J 278 -26.62 -35.02 -59.49
CA GLY J 278 -28.00 -35.23 -59.13
C GLY J 278 -28.25 -35.53 -57.67
N LEU J 279 -27.23 -35.57 -56.81
CA LEU J 279 -27.20 -35.80 -55.38
C LEU J 279 -27.62 -34.53 -54.66
N LYS J 280 -28.54 -34.65 -53.69
CA LYS J 280 -29.13 -33.61 -52.87
C LYS J 280 -29.00 -33.99 -51.40
N ARG J 281 -29.83 -33.31 -50.62
CA ARG J 281 -30.08 -33.68 -49.23
C ARG J 281 -31.40 -34.41 -49.04
N GLY J 282 -31.56 -35.07 -47.88
CA GLY J 282 -32.33 -36.26 -47.60
C GLY J 282 -31.80 -37.55 -48.23
N ASP J 283 -30.83 -37.41 -49.13
CA ASP J 283 -30.17 -38.49 -49.84
C ASP J 283 -29.16 -39.19 -48.94
N LEU J 284 -28.85 -40.45 -49.22
CA LEU J 284 -27.79 -41.26 -48.64
C LEU J 284 -26.72 -41.77 -49.60
N VAL J 285 -25.46 -41.62 -49.19
CA VAL J 285 -24.40 -42.07 -50.07
C VAL J 285 -24.16 -43.54 -49.78
N THR J 286 -23.97 -44.36 -50.83
CA THR J 286 -23.84 -45.79 -50.67
C THR J 286 -22.53 -46.41 -51.12
N LYS J 287 -22.02 -46.01 -52.29
CA LYS J 287 -20.83 -46.56 -52.90
C LYS J 287 -20.29 -45.66 -54.00
N VAL J 288 -19.01 -45.31 -53.81
CA VAL J 288 -18.02 -45.00 -54.82
C VAL J 288 -17.65 -46.32 -55.49
N ASN J 289 -17.22 -46.26 -56.75
CA ASN J 289 -17.00 -47.35 -57.68
C ASN J 289 -16.13 -48.47 -57.13
N ASN J 290 -15.15 -48.14 -56.28
CA ASN J 290 -14.35 -49.10 -55.53
C ASN J 290 -14.54 -49.25 -54.04
N LYS J 291 -15.29 -48.40 -53.32
CA LYS J 291 -15.34 -48.29 -51.88
C LYS J 291 -16.73 -48.02 -51.31
N VAL J 292 -17.14 -48.66 -50.22
CA VAL J 292 -18.49 -48.71 -49.69
C VAL J 292 -18.73 -47.76 -48.52
N ILE J 293 -19.89 -47.11 -48.47
CA ILE J 293 -20.05 -45.93 -47.65
C ILE J 293 -21.27 -46.05 -46.76
N LYS J 294 -21.08 -45.78 -45.47
CA LYS J 294 -22.14 -45.60 -44.48
C LYS J 294 -21.90 -44.48 -43.48
N SER J 295 -20.69 -43.91 -43.48
CA SER J 295 -20.22 -42.92 -42.54
C SER J 295 -19.51 -41.76 -43.24
N PRO J 296 -19.29 -40.61 -42.62
CA PRO J 296 -18.59 -39.48 -43.23
C PRO J 296 -17.10 -39.67 -43.45
N ILE J 297 -16.43 -40.25 -42.45
CA ILE J 297 -15.05 -40.69 -42.50
C ILE J 297 -14.83 -41.78 -43.53
N ASP J 298 -15.84 -42.57 -43.91
CA ASP J 298 -15.66 -43.36 -45.12
C ASP J 298 -15.33 -42.57 -46.38
N LEU J 299 -16.27 -41.80 -46.94
CA LEU J 299 -16.05 -40.94 -48.09
C LEU J 299 -14.86 -40.01 -47.96
N LYS J 300 -14.62 -39.53 -46.73
CA LYS J 300 -13.53 -38.64 -46.41
C LYS J 300 -12.17 -39.19 -46.81
N ASN J 301 -11.86 -40.41 -46.38
CA ASN J 301 -10.54 -41.04 -46.41
C ASN J 301 -10.48 -41.84 -47.70
N TYR J 302 -11.63 -42.06 -48.35
CA TYR J 302 -11.69 -42.56 -49.71
C TYR J 302 -11.29 -41.55 -50.77
N ILE J 303 -11.67 -40.30 -50.51
CA ILE J 303 -11.19 -39.08 -51.14
C ILE J 303 -9.73 -38.90 -50.74
N GLY J 304 -9.37 -39.16 -49.48
CA GLY J 304 -8.04 -39.30 -48.94
C GLY J 304 -7.19 -40.35 -49.63
N THR J 305 -7.66 -41.11 -50.63
CA THR J 305 -6.94 -42.03 -51.49
C THR J 305 -7.33 -41.94 -52.96
N LEU J 306 -7.59 -40.77 -53.53
CA LEU J 306 -7.97 -40.53 -54.92
C LEU J 306 -7.46 -39.17 -55.36
N GLU J 307 -6.91 -39.20 -56.58
CA GLU J 307 -6.39 -38.07 -57.31
C GLU J 307 -7.38 -37.56 -58.35
N ILE J 308 -7.19 -36.32 -58.78
CA ILE J 308 -8.09 -35.51 -59.59
C ILE J 308 -8.22 -35.90 -61.06
N GLY J 309 -9.40 -35.68 -61.62
CA GLY J 309 -9.74 -35.73 -63.03
C GLY J 309 -10.49 -36.97 -63.49
N GLN J 310 -10.22 -38.11 -62.85
CA GLN J 310 -10.68 -39.45 -63.14
C GLN J 310 -12.11 -39.42 -62.63
N LYS J 311 -13.10 -39.36 -63.52
CA LYS J 311 -14.49 -39.20 -63.12
C LYS J 311 -15.03 -40.48 -62.51
N ILE J 312 -16.05 -40.31 -61.67
CA ILE J 312 -16.54 -41.21 -60.64
C ILE J 312 -18.05 -41.33 -60.70
N SER J 313 -18.48 -42.47 -61.25
CA SER J 313 -19.82 -43.02 -61.37
C SER J 313 -20.59 -43.52 -60.16
N LEU J 314 -20.54 -42.75 -59.06
CA LEU J 314 -21.04 -43.08 -57.74
C LEU J 314 -22.56 -43.32 -57.70
N SER J 315 -22.91 -44.08 -56.67
CA SER J 315 -24.25 -44.31 -56.19
C SER J 315 -24.62 -43.75 -54.83
N TYR J 316 -25.84 -43.20 -54.88
CA TYR J 316 -26.54 -42.57 -53.77
C TYR J 316 -28.02 -42.88 -53.88
N GLU J 317 -28.77 -42.87 -52.77
CA GLU J 317 -30.21 -43.06 -52.80
C GLU J 317 -30.87 -41.84 -52.16
N ARG J 318 -32.17 -41.81 -52.49
CA ARG J 318 -33.14 -40.92 -51.88
C ARG J 318 -34.40 -41.69 -51.53
N ASP J 319 -34.83 -41.67 -50.27
CA ASP J 319 -36.05 -42.15 -49.63
C ASP J 319 -36.27 -43.65 -49.71
N GLY J 320 -36.06 -44.21 -50.91
CA GLY J 320 -36.46 -45.48 -51.48
C GLY J 320 -35.92 -45.85 -52.85
N GLU J 321 -35.09 -45.02 -53.49
CA GLU J 321 -34.54 -45.12 -54.83
C GLU J 321 -33.07 -44.74 -54.97
N ASN J 322 -32.35 -45.66 -55.59
CA ASN J 322 -30.94 -45.48 -55.88
C ASN J 322 -30.62 -45.15 -57.33
N LYS J 323 -29.60 -44.32 -57.50
CA LYS J 323 -29.27 -43.65 -58.74
C LYS J 323 -27.78 -43.44 -58.98
N GLN J 324 -27.34 -43.68 -60.22
CA GLN J 324 -25.92 -43.69 -60.50
C GLN J 324 -25.60 -42.77 -61.66
N ALA J 325 -24.57 -41.94 -61.44
CA ALA J 325 -24.13 -40.84 -62.29
C ALA J 325 -22.75 -40.31 -61.92
N SER J 326 -22.04 -39.54 -62.73
CA SER J 326 -20.60 -39.37 -62.68
C SER J 326 -20.17 -38.00 -62.19
N PHE J 327 -19.06 -37.97 -61.44
CA PHE J 327 -18.63 -36.85 -60.64
C PHE J 327 -17.18 -36.60 -61.01
N ILE J 328 -16.79 -35.32 -61.14
CA ILE J 328 -15.38 -34.99 -61.06
C ILE J 328 -15.13 -34.82 -59.57
N LEU J 329 -13.91 -35.21 -59.21
CA LEU J 329 -13.47 -35.17 -57.82
C LEU J 329 -13.08 -33.75 -57.42
N LYS J 330 -14.06 -32.92 -57.04
CA LYS J 330 -14.01 -31.49 -56.86
C LYS J 330 -13.89 -31.20 -55.37
N GLY J 331 -12.72 -30.65 -55.02
CA GLY J 331 -12.31 -30.20 -53.70
C GLY J 331 -13.20 -29.11 -53.12
N GLU J 332 -12.94 -28.73 -51.85
CA GLU J 332 -13.40 -27.49 -51.25
C GLU J 332 -12.84 -26.28 -51.97
N LYS J 333 -11.99 -26.35 -52.99
CA LYS J 333 -11.46 -25.32 -53.88
C LYS J 333 -12.01 -25.40 -55.29
N GLU J 334 -13.16 -26.01 -55.60
CA GLU J 334 -13.50 -26.37 -56.96
C GLU J 334 -15.00 -26.45 -57.26
N ASN J 335 -15.81 -25.62 -56.61
CA ASN J 335 -17.19 -25.85 -56.27
C ASN J 335 -18.21 -24.82 -56.73
N PRO J 336 -18.96 -25.06 -57.80
CA PRO J 336 -19.84 -24.07 -58.41
C PRO J 336 -21.35 -24.19 -58.32
N LYS J 337 -21.88 -24.11 -57.09
CA LYS J 337 -23.17 -23.67 -56.61
C LYS J 337 -24.54 -24.16 -57.06
N GLY J 338 -25.37 -24.58 -56.11
CA GLY J 338 -26.47 -25.53 -56.19
C GLY J 338 -27.41 -25.71 -55.01
N VAL J 339 -28.29 -26.71 -54.83
CA VAL J 339 -29.62 -26.70 -54.25
C VAL J 339 -29.92 -27.61 -53.07
N GLN J 340 -30.93 -27.24 -52.29
CA GLN J 340 -31.40 -27.99 -51.14
C GLN J 340 -32.82 -27.76 -50.64
N SER J 341 -33.42 -28.72 -49.92
CA SER J 341 -34.76 -28.69 -49.40
C SER J 341 -35.10 -29.32 -48.06
N ASP J 342 -35.65 -30.54 -48.00
CA ASP J 342 -36.11 -31.24 -46.82
C ASP J 342 -37.20 -30.58 -46.00
N LEU J 343 -36.99 -30.16 -44.76
CA LEU J 343 -38.04 -29.49 -44.01
C LEU J 343 -38.53 -28.19 -44.65
N ILE J 344 -37.76 -27.55 -45.54
CA ILE J 344 -38.27 -26.47 -46.35
C ILE J 344 -38.95 -26.92 -47.64
N ASP J 345 -39.32 -28.20 -47.84
CA ASP J 345 -39.85 -28.66 -49.10
C ASP J 345 -41.33 -28.37 -49.34
N GLY J 346 -41.73 -27.79 -50.47
CA GLY J 346 -43.14 -27.53 -50.71
C GLY J 346 -43.89 -26.66 -49.71
N LEU J 347 -43.17 -25.90 -48.87
CA LEU J 347 -43.69 -24.98 -47.88
C LEU J 347 -43.81 -23.64 -48.57
N SER J 348 -44.83 -22.83 -48.31
CA SER J 348 -44.95 -21.47 -48.78
C SER J 348 -45.07 -20.55 -47.57
N LEU J 349 -44.02 -19.78 -47.32
CA LEU J 349 -43.66 -19.06 -46.11
C LEU J 349 -43.16 -17.66 -46.45
N ARG J 350 -43.53 -16.62 -45.70
CA ARG J 350 -43.06 -15.26 -45.77
C ARG J 350 -43.05 -14.59 -44.41
N ASN J 351 -42.30 -13.49 -44.28
CA ASN J 351 -42.21 -12.63 -43.12
C ASN J 351 -43.52 -12.13 -42.54
N LEU J 352 -43.56 -11.88 -41.22
CA LEU J 352 -44.74 -11.31 -40.61
C LEU J 352 -44.39 -10.16 -39.68
N ASP J 353 -45.23 -9.13 -39.69
CA ASP J 353 -45.76 -8.42 -38.53
C ASP J 353 -47.26 -8.46 -38.77
N PRO J 354 -47.92 -9.38 -38.05
CA PRO J 354 -49.19 -9.93 -38.50
C PRO J 354 -50.36 -9.01 -38.21
N ARG J 355 -51.42 -9.12 -38.99
CA ARG J 355 -52.66 -8.36 -38.86
C ARG J 355 -53.84 -9.12 -38.29
N LEU J 356 -53.67 -9.44 -37.00
CA LEU J 356 -54.68 -10.13 -36.22
C LEU J 356 -54.38 -9.95 -34.74
N LYS J 357 -55.42 -9.77 -33.92
CA LYS J 357 -55.21 -9.73 -32.49
C LYS J 357 -54.77 -11.06 -31.89
N ASP J 358 -54.18 -11.08 -30.70
CA ASP J 358 -53.82 -10.09 -29.70
C ASP J 358 -52.48 -10.36 -29.03
N ARG J 359 -52.47 -11.34 -28.12
CA ARG J 359 -51.44 -11.68 -27.16
C ARG J 359 -50.87 -10.55 -26.31
N LEU J 360 -49.79 -9.91 -26.76
CA LEU J 360 -48.81 -9.18 -25.98
C LEU J 360 -48.21 -8.04 -26.80
N GLN J 361 -47.50 -7.11 -26.15
CA GLN J 361 -47.19 -5.79 -26.65
C GLN J 361 -45.73 -5.68 -27.07
N ILE J 362 -45.11 -6.79 -27.46
CA ILE J 362 -43.70 -6.91 -27.76
C ILE J 362 -43.56 -7.62 -29.09
N PRO J 363 -42.77 -7.13 -30.06
CA PRO J 363 -42.48 -7.92 -31.24
C PRO J 363 -41.71 -9.23 -31.10
N LYS J 364 -41.35 -9.61 -29.88
CA LYS J 364 -40.42 -10.68 -29.54
C LYS J 364 -41.12 -12.02 -29.72
N ASP J 365 -42.41 -12.16 -29.45
CA ASP J 365 -43.12 -13.43 -29.50
C ASP J 365 -43.81 -13.56 -30.85
N VAL J 366 -43.49 -12.67 -31.80
CA VAL J 366 -44.31 -12.46 -32.97
C VAL J 366 -43.48 -12.10 -34.20
N ASN J 367 -42.17 -11.85 -34.08
CA ASN J 367 -41.32 -11.78 -35.26
C ASN J 367 -40.82 -13.17 -35.64
N GLY J 368 -41.08 -13.54 -36.90
CA GLY J 368 -40.90 -14.91 -37.33
C GLY J 368 -41.17 -15.17 -38.81
N VAL J 369 -41.92 -16.18 -39.25
CA VAL J 369 -42.39 -16.37 -40.60
C VAL J 369 -43.79 -16.93 -40.41
N LEU J 370 -44.67 -16.50 -41.32
CA LEU J 370 -46.00 -17.10 -41.49
C LEU J 370 -46.09 -18.16 -42.58
N VAL J 371 -46.90 -19.18 -42.28
CA VAL J 371 -47.05 -20.38 -43.07
C VAL J 371 -48.27 -20.25 -43.97
N ASP J 372 -48.06 -19.77 -45.20
CA ASP J 372 -49.11 -19.78 -46.21
C ASP J 372 -49.52 -21.22 -46.51
N SER J 373 -48.64 -22.20 -46.73
CA SER J 373 -48.96 -23.60 -46.91
C SER J 373 -47.94 -24.60 -46.36
N VAL J 374 -48.35 -25.87 -46.28
CA VAL J 374 -47.59 -27.06 -45.99
C VAL J 374 -48.01 -28.28 -46.80
N LYS J 375 -47.00 -28.97 -47.36
CA LYS J 375 -47.13 -30.14 -48.21
C LYS J 375 -47.42 -31.45 -47.47
N GLU J 376 -48.17 -32.35 -48.13
CA GLU J 376 -48.59 -33.56 -47.45
C GLU J 376 -47.38 -34.42 -47.15
N LYS J 377 -46.48 -34.52 -48.13
CA LYS J 377 -45.22 -35.25 -48.03
C LYS J 377 -44.31 -34.74 -46.92
N SER J 378 -44.25 -33.43 -46.62
CA SER J 378 -43.18 -32.79 -45.89
C SER J 378 -43.11 -33.27 -44.45
N LYS J 379 -41.91 -33.38 -43.90
CA LYS J 379 -41.75 -33.93 -42.57
C LYS J 379 -42.57 -33.16 -41.53
N GLY J 380 -42.86 -31.92 -41.88
CA GLY J 380 -43.80 -31.10 -41.12
C GLY J 380 -45.13 -31.80 -40.88
N LYS J 381 -45.95 -32.04 -41.90
CA LYS J 381 -47.23 -32.70 -41.80
C LYS J 381 -47.11 -34.10 -41.20
N ASN J 382 -46.00 -34.81 -41.35
CA ASN J 382 -45.79 -36.10 -40.74
C ASN J 382 -45.79 -36.08 -39.22
N SER J 383 -45.46 -34.91 -38.63
CA SER J 383 -45.36 -34.61 -37.23
C SER J 383 -46.25 -33.42 -36.90
N GLY J 384 -47.41 -33.25 -37.54
CA GLY J 384 -48.44 -32.30 -37.21
C GLY J 384 -48.06 -30.82 -37.29
N PHE J 385 -47.20 -30.41 -38.22
CA PHE J 385 -47.24 -29.06 -38.71
C PHE J 385 -48.38 -28.79 -39.68
N GLN J 386 -48.98 -27.61 -39.68
CA GLN J 386 -50.21 -27.32 -40.41
C GLN J 386 -50.24 -25.93 -41.03
N GLU J 387 -51.08 -25.77 -42.05
CA GLU J 387 -51.36 -24.54 -42.75
C GLU J 387 -51.94 -23.52 -41.78
N GLY J 388 -51.64 -22.23 -41.97
CA GLY J 388 -52.05 -21.19 -41.05
C GLY J 388 -51.28 -21.13 -39.72
N ASP J 389 -50.22 -21.93 -39.57
CA ASP J 389 -49.26 -21.68 -38.52
C ASP J 389 -48.27 -20.57 -38.83
N ILE J 390 -47.58 -20.14 -37.77
CA ILE J 390 -46.46 -19.22 -37.73
C ILE J 390 -45.28 -20.01 -37.19
N ILE J 391 -44.09 -20.00 -37.79
CA ILE J 391 -42.96 -20.59 -37.08
C ILE J 391 -42.36 -19.58 -36.12
N ILE J 392 -42.13 -20.00 -34.87
CA ILE J 392 -41.45 -19.27 -33.81
C ILE J 392 -39.97 -19.61 -33.84
N GLY J 393 -39.70 -20.90 -33.67
CA GLY J 393 -38.38 -21.47 -33.57
C GLY J 393 -38.22 -22.86 -34.19
N VAL J 394 -36.98 -23.32 -34.40
CA VAL J 394 -36.62 -24.33 -35.37
C VAL J 394 -35.55 -25.18 -34.67
N GLY J 395 -36.03 -26.06 -33.80
CA GLY J 395 -35.13 -26.90 -33.02
C GLY J 395 -34.62 -26.16 -31.79
N GLN J 396 -35.57 -25.73 -30.95
CA GLN J 396 -35.38 -24.78 -29.87
C GLN J 396 -34.96 -23.38 -30.28
N SER J 397 -34.21 -23.11 -31.35
CA SER J 397 -33.65 -21.80 -31.65
C SER J 397 -34.76 -20.97 -32.27
N GLU J 398 -34.96 -19.76 -31.71
CA GLU J 398 -35.93 -18.80 -32.18
C GLU J 398 -35.46 -18.03 -33.41
N ILE J 399 -36.24 -17.72 -34.45
CA ILE J 399 -35.96 -17.13 -35.73
C ILE J 399 -36.69 -15.80 -35.88
N LYS J 400 -36.38 -14.86 -36.78
CA LYS J 400 -37.01 -13.56 -36.93
C LYS J 400 -37.59 -13.26 -38.30
N ASN J 401 -37.19 -14.02 -39.31
CA ASN J 401 -37.49 -13.84 -40.72
C ASN J 401 -37.08 -15.08 -41.48
N LEU J 402 -37.33 -14.97 -42.79
CA LEU J 402 -36.96 -15.92 -43.81
C LEU J 402 -35.48 -16.25 -43.85
N LYS J 403 -34.64 -15.27 -43.51
CA LYS J 403 -33.21 -15.39 -43.35
C LYS J 403 -32.75 -16.28 -42.20
N ASP J 404 -33.45 -16.22 -41.06
CA ASP J 404 -33.24 -17.05 -39.90
C ASP J 404 -33.97 -18.40 -39.95
N LEU J 405 -35.12 -18.52 -40.61
CA LEU J 405 -35.68 -19.79 -41.05
C LEU J 405 -34.73 -20.52 -41.98
N GLU J 406 -34.32 -19.94 -43.12
CA GLU J 406 -33.48 -20.67 -44.03
C GLU J 406 -32.15 -21.01 -43.40
N GLN J 407 -31.54 -20.23 -42.48
CA GLN J 407 -30.43 -20.75 -41.74
C GLN J 407 -30.76 -22.02 -40.99
N ALA J 408 -31.90 -22.06 -40.28
CA ALA J 408 -32.08 -23.17 -39.36
C ALA J 408 -32.66 -24.35 -40.12
N LEU J 409 -33.35 -24.19 -41.25
CA LEU J 409 -33.77 -25.23 -42.18
C LEU J 409 -32.74 -25.84 -43.12
N LYS J 410 -31.61 -25.14 -43.29
CA LYS J 410 -30.34 -25.77 -43.57
C LYS J 410 -29.89 -26.75 -42.49
N GLN J 411 -30.03 -26.44 -41.20
CA GLN J 411 -29.47 -27.25 -40.14
C GLN J 411 -30.30 -28.51 -39.88
N VAL J 412 -31.51 -28.68 -40.41
CA VAL J 412 -32.39 -29.80 -40.14
C VAL J 412 -31.91 -31.18 -40.56
N ASN J 413 -31.10 -31.27 -41.62
CA ASN J 413 -30.68 -32.55 -42.14
C ASN J 413 -29.40 -32.92 -41.40
N LYS J 414 -29.11 -32.29 -40.26
CA LYS J 414 -28.13 -32.65 -39.24
C LYS J 414 -28.83 -33.01 -37.95
N LYS J 415 -30.12 -33.35 -37.94
CA LYS J 415 -31.00 -33.65 -36.82
C LYS J 415 -31.99 -34.77 -37.14
N GLU J 416 -32.11 -35.82 -36.33
CA GLU J 416 -33.06 -36.90 -36.54
C GLU J 416 -34.50 -36.45 -36.69
N PHE J 417 -34.93 -35.60 -35.76
CA PHE J 417 -36.14 -34.81 -35.64
C PHE J 417 -35.95 -33.33 -35.33
N THR J 418 -36.78 -32.35 -35.70
CA THR J 418 -36.68 -30.97 -35.29
C THR J 418 -37.70 -30.56 -34.24
N LYS J 419 -37.25 -30.02 -33.11
CA LYS J 419 -38.08 -29.48 -32.05
C LYS J 419 -38.54 -28.07 -32.39
N VAL J 420 -39.51 -27.98 -33.28
CA VAL J 420 -40.11 -26.75 -33.77
C VAL J 420 -41.17 -26.24 -32.80
N TRP J 421 -41.41 -24.93 -32.80
CA TRP J 421 -42.39 -24.23 -32.00
C TRP J 421 -43.22 -23.33 -32.90
N VAL J 422 -44.53 -23.60 -33.02
CA VAL J 422 -45.26 -22.95 -34.09
C VAL J 422 -46.50 -22.21 -33.58
N TYR J 423 -46.65 -20.89 -33.72
CA TYR J 423 -47.79 -20.12 -33.28
C TYR J 423 -48.98 -20.47 -34.16
N ARG J 424 -50.08 -20.85 -33.52
CA ARG J 424 -51.31 -21.10 -34.24
C ARG J 424 -52.19 -19.86 -34.28
N ASN J 425 -53.46 -20.05 -34.65
CA ASN J 425 -54.45 -18.99 -34.69
C ASN J 425 -54.59 -18.31 -33.34
N GLY J 426 -54.21 -18.90 -32.20
CA GLY J 426 -54.37 -18.42 -30.84
C GLY J 426 -53.20 -18.78 -29.95
N PHE J 427 -52.46 -19.87 -30.17
CA PHE J 427 -51.52 -20.43 -29.22
C PHE J 427 -50.38 -21.20 -29.86
N ALA J 428 -49.14 -21.16 -29.37
CA ALA J 428 -48.11 -21.89 -30.09
C ALA J 428 -47.83 -23.31 -29.65
N THR J 429 -47.59 -24.28 -30.54
CA THR J 429 -47.34 -25.66 -30.15
C THR J 429 -45.98 -26.28 -30.42
N LEU J 430 -45.43 -26.98 -29.43
CA LEU J 430 -44.19 -27.73 -29.52
C LEU J 430 -44.37 -28.97 -30.39
N LEU J 431 -43.72 -29.16 -31.54
CA LEU J 431 -43.88 -30.36 -32.34
C LEU J 431 -42.57 -31.12 -32.46
N VAL J 432 -42.49 -32.28 -33.11
CA VAL J 432 -41.29 -33.09 -33.12
C VAL J 432 -41.01 -33.74 -34.46
N LEU J 433 -40.50 -32.89 -35.35
CA LEU J 433 -40.46 -33.21 -36.76
C LEU J 433 -39.47 -34.23 -37.31
N LYS J 434 -39.97 -35.44 -37.51
CA LYS J 434 -39.39 -36.64 -38.06
C LYS J 434 -39.76 -36.66 -39.55
N VAL K 1 -6.00 -76.03 -17.79
CA VAL K 1 -5.72 -74.66 -18.25
C VAL K 1 -4.21 -74.46 -18.38
N LEU K 2 -3.62 -73.75 -19.35
CA LEU K 2 -2.19 -73.55 -19.48
C LEU K 2 -1.85 -72.44 -18.49
N SER K 3 -1.73 -72.84 -17.23
CA SER K 3 -1.35 -71.95 -16.15
C SER K 3 0.15 -72.01 -15.93
N TYR K 4 0.82 -70.86 -15.75
CA TYR K 4 2.20 -70.66 -15.37
C TYR K 4 2.44 -70.47 -13.88
N HIS K 5 1.48 -70.95 -13.09
CA HIS K 5 1.62 -70.97 -11.65
C HIS K 5 2.79 -71.82 -11.17
N ASP K 6 3.26 -72.74 -12.01
CA ASP K 6 4.46 -73.53 -11.81
C ASP K 6 5.74 -72.81 -11.41
N SER K 7 6.10 -71.75 -12.15
CA SER K 7 7.22 -70.94 -11.72
C SER K 7 6.87 -70.15 -10.47
N ILE K 8 5.70 -69.52 -10.43
CA ILE K 8 5.20 -68.85 -9.24
C ILE K 8 5.15 -69.74 -8.02
N LYS K 9 5.07 -71.07 -8.13
CA LYS K 9 5.10 -71.95 -6.97
C LYS K 9 6.48 -72.20 -6.36
N ASP K 10 7.56 -72.40 -7.11
CA ASP K 10 8.88 -72.62 -6.54
C ASP K 10 9.59 -71.30 -6.32
N ALA K 11 9.41 -70.31 -7.19
CA ALA K 11 10.16 -69.09 -7.08
C ALA K 11 9.95 -68.31 -5.78
N LYS K 12 8.74 -68.25 -5.24
CA LYS K 12 8.44 -67.62 -3.98
C LYS K 12 9.23 -68.20 -2.80
N LYS K 13 9.59 -69.48 -2.83
CA LYS K 13 10.34 -70.22 -1.82
C LYS K 13 11.79 -69.81 -1.79
N SER K 14 12.27 -69.03 -2.75
CA SER K 14 13.50 -68.25 -2.73
C SER K 14 13.19 -66.78 -2.89
N VAL K 15 12.02 -66.16 -2.77
CA VAL K 15 11.76 -64.74 -2.90
C VAL K 15 11.00 -64.21 -1.70
N VAL K 16 11.83 -63.62 -0.84
CA VAL K 16 11.37 -63.08 0.43
C VAL K 16 10.68 -61.77 0.14
N ASN K 17 9.78 -61.43 1.08
CA ASN K 17 9.39 -60.06 1.35
C ASN K 17 10.21 -59.62 2.56
N ILE K 18 10.34 -58.30 2.77
CA ILE K 18 11.32 -57.80 3.72
C ILE K 18 10.53 -56.91 4.65
N SER K 19 10.50 -57.28 5.93
CA SER K 19 10.12 -56.57 7.14
C SER K 19 11.27 -55.71 7.65
N THR K 20 11.76 -54.78 6.84
CA THR K 20 13.03 -54.08 6.84
C THR K 20 13.28 -53.04 7.93
N SER K 21 13.01 -53.43 9.18
CA SER K 21 12.81 -52.63 10.37
C SER K 21 14.02 -51.92 10.97
N LYS K 22 14.40 -50.93 10.18
CA LYS K 22 15.37 -49.93 10.59
C LYS K 22 14.75 -48.59 10.97
N THR K 23 15.37 -47.85 11.89
CA THR K 23 14.77 -46.57 12.21
C THR K 23 15.14 -45.40 11.32
N ILE K 24 16.32 -45.47 10.68
CA ILE K 24 16.77 -44.53 9.68
C ILE K 24 16.43 -45.03 8.28
N THR K 25 15.21 -44.74 7.77
CA THR K 25 14.88 -44.70 6.37
C THR K 25 15.07 -43.28 5.84
N ARG K 26 16.26 -42.70 5.73
CA ARG K 26 16.58 -41.33 5.33
C ARG K 26 17.30 -41.21 4.00
N ALA K 27 18.12 -42.19 3.62
CA ALA K 27 18.56 -42.37 2.25
C ALA K 27 17.41 -42.85 1.37
N ASN K 28 16.76 -43.93 1.78
CA ASN K 28 15.58 -44.41 1.09
C ASN K 28 14.30 -43.72 1.52
N ARG K 29 14.43 -42.41 1.79
CA ARG K 29 13.35 -41.45 1.89
C ARG K 29 12.85 -41.06 0.51
N PRO K 30 11.57 -40.68 0.41
CA PRO K 30 11.06 -39.96 -0.74
C PRO K 30 11.83 -38.69 -1.03
N SER K 31 12.40 -38.52 -2.22
CA SER K 31 12.74 -37.19 -2.69
C SER K 31 11.45 -36.44 -2.93
N PRO K 32 11.53 -35.15 -2.59
CA PRO K 32 10.38 -34.29 -2.74
C PRO K 32 9.91 -34.09 -4.19
N LEU K 33 8.83 -34.77 -4.57
CA LEU K 33 8.04 -34.67 -5.79
C LEU K 33 6.66 -34.13 -5.47
N ASP K 34 5.93 -33.58 -6.45
CA ASP K 34 4.53 -33.28 -6.32
C ASP K 34 3.74 -34.58 -6.47
N ASP K 35 3.83 -35.47 -5.48
CA ASP K 35 3.23 -36.79 -5.41
C ASP K 35 1.87 -36.70 -4.73
N PHE K 36 1.21 -37.79 -4.34
CA PHE K 36 0.15 -37.68 -3.34
C PHE K 36 0.63 -37.41 -1.93
N PHE K 37 0.98 -36.17 -1.59
CA PHE K 37 0.91 -35.54 -0.29
C PHE K 37 -0.50 -35.10 0.09
N ASN K 38 -0.60 -34.52 1.29
CA ASN K 38 -1.81 -34.04 1.92
C ASN K 38 -2.66 -35.21 2.40
N ASP K 39 -3.04 -36.19 1.58
CA ASP K 39 -3.96 -37.26 1.92
C ASP K 39 -3.33 -38.63 1.74
N PRO K 40 -2.10 -38.92 2.15
CA PRO K 40 -1.59 -40.27 2.00
C PRO K 40 -2.29 -41.27 2.92
N TYR K 41 -3.15 -42.14 2.38
CA TYR K 41 -3.73 -43.26 3.10
C TYR K 41 -2.72 -44.38 3.35
N PHE K 42 -2.66 -45.39 2.48
CA PHE K 42 -1.59 -46.35 2.65
C PHE K 42 -0.52 -45.85 1.70
N LYS K 43 0.75 -46.19 1.91
CA LYS K 43 1.79 -45.94 0.92
C LYS K 43 1.55 -46.68 -0.39
N GLN K 44 1.90 -45.98 -1.46
CA GLN K 44 1.95 -46.48 -2.83
C GLN K 44 0.60 -46.67 -3.50
N PHE K 45 -0.40 -46.04 -2.90
CA PHE K 45 -1.78 -46.06 -3.35
C PHE K 45 -2.03 -44.88 -4.29
N PHE K 46 -3.31 -44.71 -4.62
CA PHE K 46 -3.90 -43.59 -5.33
C PHE K 46 -5.37 -43.44 -5.01
N ASP K 47 -5.93 -44.38 -4.24
CA ASP K 47 -7.35 -44.50 -4.03
C ASP K 47 -7.87 -43.50 -2.99
N PHE K 48 -9.09 -42.95 -3.03
CA PHE K 48 -9.61 -42.02 -2.05
C PHE K 48 -10.17 -42.77 -0.85
N ASP K 49 -10.44 -42.08 0.25
CA ASP K 49 -10.82 -42.52 1.57
C ASP K 49 -11.67 -43.77 1.63
N PHE K 50 -11.11 -44.92 2.00
CA PHE K 50 -11.78 -46.19 2.19
C PHE K 50 -11.76 -46.65 3.64
N PRO K 51 -12.80 -47.39 4.04
CA PRO K 51 -13.10 -47.71 5.41
C PRO K 51 -11.93 -48.27 6.21
N GLN K 52 -11.14 -49.16 5.61
CA GLN K 52 -10.00 -49.87 6.17
C GLN K 52 -8.90 -48.85 6.42
N ARG K 53 -8.88 -48.30 7.64
CA ARG K 53 -8.04 -47.33 8.31
C ARG K 53 -6.60 -47.80 8.39
N LYS K 54 -5.69 -46.93 8.86
CA LYS K 54 -4.29 -47.20 9.06
C LYS K 54 -3.96 -48.49 9.81
N GLY K 55 -2.74 -49.02 9.71
CA GLY K 55 -2.37 -50.40 9.95
C GLY K 55 -1.47 -51.06 8.92
N LYS K 56 -2.12 -51.38 7.80
CA LYS K 56 -1.58 -52.15 6.70
C LYS K 56 -0.25 -51.61 6.17
N ASN K 57 -0.16 -50.37 5.69
CA ASN K 57 1.07 -49.86 5.11
C ASN K 57 1.28 -48.39 5.48
N ASP K 58 1.95 -48.16 6.60
CA ASP K 58 2.51 -46.90 7.07
C ASP K 58 3.99 -47.04 7.39
N LYS K 59 4.50 -48.27 7.47
CA LYS K 59 5.80 -48.48 8.05
C LYS K 59 7.02 -47.86 7.38
N GLU K 60 6.93 -47.63 6.07
CA GLU K 60 8.03 -47.40 5.17
C GLU K 60 8.87 -46.16 5.47
N VAL K 61 8.38 -45.28 6.35
CA VAL K 61 9.13 -44.08 6.66
C VAL K 61 10.10 -44.30 7.82
N VAL K 62 9.86 -45.26 8.72
CA VAL K 62 10.71 -45.67 9.82
C VAL K 62 10.95 -47.18 9.87
N SER K 63 10.93 -47.76 8.67
CA SER K 63 11.12 -49.16 8.37
C SER K 63 11.28 -49.22 6.85
N SER K 64 11.38 -50.39 6.21
CA SER K 64 11.03 -50.44 4.81
C SER K 64 10.19 -51.66 4.55
N LEU K 65 9.49 -51.60 3.41
CA LEU K 65 9.00 -52.75 2.70
C LEU K 65 9.81 -53.13 1.47
N GLY K 66 10.13 -54.41 1.25
CA GLY K 66 10.99 -54.82 0.15
C GLY K 66 10.86 -56.29 -0.22
N SER K 67 11.57 -56.70 -1.28
CA SER K 67 11.78 -58.07 -1.69
C SER K 67 13.23 -58.35 -2.03
N GLY K 68 13.60 -59.58 -1.68
CA GLY K 68 14.92 -60.11 -1.95
C GLY K 68 14.95 -61.55 -2.45
N VAL K 69 16.12 -62.13 -2.78
CA VAL K 69 16.22 -63.49 -3.29
C VAL K 69 17.15 -64.35 -2.46
N ILE K 70 16.76 -65.57 -2.10
CA ILE K 70 17.53 -66.56 -1.37
C ILE K 70 18.43 -67.31 -2.33
N ILE K 71 19.73 -67.07 -2.20
CA ILE K 71 20.70 -67.45 -3.20
C ILE K 71 21.23 -68.85 -2.89
N SER K 72 21.32 -69.27 -1.62
CA SER K 72 21.94 -70.51 -1.19
C SER K 72 21.35 -71.11 0.09
N LYS K 73 21.44 -72.43 0.19
CA LYS K 73 20.77 -73.24 1.19
C LYS K 73 21.21 -72.83 2.59
N ASP K 74 22.43 -72.30 2.65
CA ASP K 74 22.90 -71.76 3.91
C ASP K 74 22.26 -70.49 4.48
N GLY K 75 21.42 -69.84 3.67
CA GLY K 75 20.36 -68.89 3.99
C GLY K 75 20.77 -67.48 3.59
N TYR K 76 21.61 -67.32 2.57
CA TYR K 76 22.11 -66.07 2.03
C TYR K 76 21.07 -65.46 1.11
N ILE K 77 20.20 -64.56 1.57
CA ILE K 77 19.45 -63.63 0.75
C ILE K 77 20.24 -62.47 0.14
N VAL K 78 19.79 -61.96 -0.99
CA VAL K 78 20.23 -60.77 -1.69
C VAL K 78 19.12 -59.73 -1.80
N THR K 79 19.41 -58.43 -1.70
CA THR K 79 18.52 -57.38 -2.16
C THR K 79 19.34 -56.11 -2.39
N ASN K 80 18.69 -55.04 -2.83
CA ASN K 80 19.36 -53.76 -3.00
C ASN K 80 19.89 -53.14 -1.71
N ASN K 81 21.05 -52.48 -1.74
CA ASN K 81 21.51 -51.73 -0.59
C ASN K 81 20.76 -50.44 -0.31
N HIS K 82 20.03 -49.85 -1.25
CA HIS K 82 19.13 -48.76 -0.94
C HIS K 82 18.06 -49.17 0.05
N VAL K 83 17.76 -50.47 0.12
CA VAL K 83 16.78 -51.12 0.96
C VAL K 83 17.41 -51.36 2.32
N VAL K 84 18.70 -51.71 2.35
CA VAL K 84 19.30 -52.12 3.60
C VAL K 84 20.48 -51.28 4.05
N ASP K 85 20.51 -50.00 3.66
CA ASP K 85 21.45 -49.05 4.22
C ASP K 85 20.94 -48.66 5.62
N ASP K 86 21.81 -48.77 6.63
CA ASP K 86 21.50 -48.66 8.04
C ASP K 86 20.58 -49.76 8.57
N ALA K 87 20.83 -51.01 8.20
CA ALA K 87 20.03 -52.17 8.57
C ALA K 87 20.04 -52.59 10.03
N ASP K 88 19.13 -52.02 10.85
CA ASP K 88 19.03 -52.44 12.23
C ASP K 88 18.41 -53.82 12.42
N THR K 89 17.10 -53.93 12.15
CA THR K 89 16.39 -55.15 12.49
C THR K 89 15.78 -55.49 11.15
N ILE K 90 16.61 -56.04 10.26
CA ILE K 90 16.12 -56.34 8.93
C ILE K 90 15.58 -57.76 8.90
N THR K 91 14.36 -57.92 9.40
CA THR K 91 13.47 -59.05 9.30
C THR K 91 12.99 -59.31 7.88
N VAL K 92 12.60 -60.55 7.60
CA VAL K 92 12.02 -60.98 6.34
C VAL K 92 10.77 -61.80 6.61
N ASN K 93 9.70 -61.71 5.80
CA ASN K 93 8.59 -62.65 5.86
C ASN K 93 8.67 -63.41 4.54
N LEU K 94 8.60 -64.73 4.72
CA LEU K 94 8.86 -65.60 3.61
C LEU K 94 7.57 -66.08 2.95
N PRO K 95 7.10 -65.57 1.81
CA PRO K 95 5.95 -66.14 1.14
C PRO K 95 6.22 -67.55 0.61
N GLY K 96 5.43 -68.52 1.10
CA GLY K 96 5.68 -69.95 0.97
C GLY K 96 6.46 -70.49 2.15
N SER K 97 6.64 -69.76 3.25
CA SER K 97 6.69 -70.36 4.56
C SER K 97 6.36 -69.64 5.86
N ASP K 98 6.00 -68.37 5.69
CA ASP K 98 5.52 -67.41 6.67
C ASP K 98 6.31 -67.25 7.96
N ILE K 99 7.58 -67.64 8.05
CA ILE K 99 8.53 -67.30 9.11
C ILE K 99 8.86 -65.82 9.13
N GLU K 100 9.36 -65.30 10.25
CA GLU K 100 9.56 -63.89 10.56
C GLU K 100 10.70 -63.68 11.55
N TYR K 101 11.97 -63.65 11.15
CA TYR K 101 13.10 -63.51 12.04
C TYR K 101 14.03 -62.36 11.70
N LYS K 102 14.78 -61.73 12.61
CA LYS K 102 15.84 -60.82 12.19
C LYS K 102 16.81 -61.56 11.26
N ALA K 103 17.27 -60.91 10.20
CA ALA K 103 18.29 -61.30 9.25
C ALA K 103 19.54 -60.48 9.50
N LYS K 104 20.73 -61.04 9.23
CA LYS K 104 22.01 -60.41 9.46
C LYS K 104 22.68 -59.91 8.19
N LEU K 105 23.04 -58.62 8.15
CA LEU K 105 23.86 -58.06 7.08
C LEU K 105 25.29 -58.57 7.11
N ILE K 106 25.61 -59.55 6.26
CA ILE K 106 26.95 -60.10 6.17
C ILE K 106 27.81 -59.03 5.50
N GLY K 107 27.26 -58.42 4.46
CA GLY K 107 27.96 -57.29 3.87
C GLY K 107 27.17 -56.61 2.76
N LYS K 108 27.63 -55.41 2.43
CA LYS K 108 27.04 -54.54 1.44
C LYS K 108 27.97 -53.72 0.55
N ASP K 109 27.54 -53.23 -0.61
CA ASP K 109 28.28 -52.37 -1.52
C ASP K 109 27.40 -51.33 -2.21
N PRO K 110 27.52 -50.04 -1.89
CA PRO K 110 26.69 -49.01 -2.47
C PRO K 110 27.13 -48.64 -3.88
N LYS K 111 28.17 -49.30 -4.40
CA LYS K 111 28.66 -48.93 -5.72
C LYS K 111 27.74 -49.61 -6.72
N THR K 112 27.34 -50.86 -6.45
CA THR K 112 26.43 -51.69 -7.22
C THR K 112 25.02 -51.77 -6.65
N ASP K 113 24.83 -51.23 -5.44
CA ASP K 113 23.56 -51.29 -4.76
C ASP K 113 23.14 -52.71 -4.44
N LEU K 114 23.99 -53.54 -3.83
CA LEU K 114 23.71 -54.95 -3.58
C LEU K 114 24.25 -55.33 -2.21
N ALA K 115 23.77 -56.40 -1.56
CA ALA K 115 23.98 -56.86 -0.21
C ALA K 115 23.61 -58.34 -0.08
N VAL K 116 24.44 -58.95 0.74
CA VAL K 116 24.20 -60.32 1.19
C VAL K 116 23.88 -60.39 2.67
N ILE K 117 22.79 -61.07 3.00
CA ILE K 117 22.12 -61.08 4.30
C ILE K 117 21.84 -62.53 4.62
N LYS K 118 22.14 -63.02 5.83
CA LYS K 118 21.81 -64.31 6.38
C LYS K 118 20.57 -64.40 7.25
N ILE K 119 19.54 -65.12 6.82
CA ILE K 119 18.37 -65.40 7.65
C ILE K 119 18.52 -66.64 8.50
N GLU K 120 18.27 -66.61 9.82
CA GLU K 120 18.80 -67.45 10.87
C GLU K 120 17.98 -68.69 11.19
N ALA K 121 17.80 -69.52 10.16
CA ALA K 121 16.82 -70.59 10.14
C ALA K 121 17.38 -71.79 9.40
N ASN K 122 16.55 -72.84 9.36
CA ASN K 122 16.89 -74.02 8.57
C ASN K 122 15.98 -74.40 7.41
N ASN K 123 16.43 -75.39 6.65
CA ASN K 123 15.80 -75.79 5.40
C ASN K 123 15.47 -74.65 4.43
N LEU K 124 16.39 -73.69 4.31
CA LEU K 124 16.17 -72.51 3.50
C LEU K 124 16.52 -72.81 2.05
N SER K 125 15.74 -72.23 1.13
CA SER K 125 15.85 -72.53 -0.29
C SER K 125 17.11 -71.90 -0.86
N ALA K 126 17.56 -72.41 -2.01
CA ALA K 126 18.42 -71.81 -3.01
C ALA K 126 17.78 -71.69 -4.39
N ILE K 127 18.13 -70.69 -5.19
CA ILE K 127 17.51 -70.40 -6.47
C ILE K 127 18.43 -70.84 -7.59
N THR K 128 17.97 -71.35 -8.75
CA THR K 128 18.80 -71.96 -9.76
C THR K 128 19.52 -70.81 -10.48
N PHE K 129 20.85 -70.76 -10.49
CA PHE K 129 21.56 -69.56 -10.88
C PHE K 129 22.11 -69.76 -12.28
N THR K 130 21.20 -69.85 -13.25
CA THR K 130 21.53 -69.76 -14.66
C THR K 130 22.19 -68.50 -15.19
N ASN K 131 22.83 -68.53 -16.36
CA ASN K 131 23.49 -67.39 -16.95
C ASN K 131 22.55 -66.37 -17.58
N SER K 132 22.91 -65.08 -17.52
CA SER K 132 22.10 -63.94 -17.93
C SER K 132 22.50 -63.39 -19.29
N ASP K 133 23.55 -63.94 -19.90
CA ASP K 133 23.98 -63.75 -21.28
C ASP K 133 23.72 -64.93 -22.20
N ASP K 134 22.63 -65.66 -21.95
CA ASP K 134 22.16 -66.63 -22.93
C ASP K 134 20.88 -66.16 -23.61
N LEU K 135 20.57 -64.86 -23.52
CA LEU K 135 19.29 -64.20 -23.67
C LEU K 135 19.15 -63.36 -24.94
N MET K 136 17.99 -63.38 -25.61
CA MET K 136 17.62 -62.58 -26.77
C MET K 136 16.43 -61.71 -26.43
N GLU K 137 16.14 -60.73 -27.28
CA GLU K 137 14.97 -59.86 -27.16
C GLU K 137 13.76 -60.66 -27.61
N GLY K 138 12.70 -60.41 -26.85
CA GLY K 138 11.51 -61.23 -27.05
C GLY K 138 11.64 -62.66 -26.56
N ASP K 139 12.55 -63.08 -25.67
CA ASP K 139 12.56 -64.25 -24.82
C ASP K 139 11.66 -64.17 -23.59
N VAL K 140 11.05 -65.28 -23.20
CA VAL K 140 10.02 -65.42 -22.19
C VAL K 140 10.64 -65.56 -20.82
N VAL K 141 10.10 -64.80 -19.87
CA VAL K 141 10.58 -64.57 -18.52
C VAL K 141 9.45 -64.22 -17.57
N PHE K 142 9.71 -64.27 -16.25
CA PHE K 142 8.77 -63.92 -15.21
C PHE K 142 9.39 -62.95 -14.21
N ALA K 143 8.62 -61.97 -13.73
CA ALA K 143 9.15 -60.93 -12.88
C ALA K 143 8.50 -60.94 -11.49
N LEU K 144 9.24 -60.94 -10.38
CA LEU K 144 8.75 -61.42 -9.10
C LEU K 144 8.94 -60.41 -7.98
N GLY K 145 8.09 -60.59 -6.96
CA GLY K 145 8.32 -59.99 -5.66
C GLY K 145 7.07 -59.57 -4.89
N ASN K 146 7.09 -58.37 -4.30
CA ASN K 146 5.91 -57.82 -3.66
C ASN K 146 5.57 -56.40 -4.12
N PRO K 147 4.93 -56.23 -5.28
CA PRO K 147 4.76 -54.91 -5.85
C PRO K 147 3.88 -53.95 -5.06
N PHE K 148 4.44 -52.81 -4.66
CA PHE K 148 3.78 -51.86 -3.78
C PHE K 148 2.94 -52.43 -2.65
N GLY K 149 3.42 -53.52 -2.06
CA GLY K 149 2.92 -54.12 -0.83
C GLY K 149 1.55 -54.79 -0.87
N VAL K 150 1.12 -55.35 -2.00
CA VAL K 150 -0.02 -56.24 -2.04
C VAL K 150 0.18 -57.55 -1.28
N GLY K 151 1.42 -57.99 -1.12
CA GLY K 151 1.67 -59.41 -1.00
C GLY K 151 2.62 -59.90 -2.08
N PHE K 152 2.98 -61.19 -2.02
CA PHE K 152 3.69 -61.82 -3.11
C PHE K 152 2.80 -61.92 -4.33
N SER K 153 3.23 -61.35 -5.46
CA SER K 153 2.44 -61.37 -6.68
C SER K 153 3.34 -61.35 -7.92
N VAL K 154 3.12 -62.12 -8.98
CA VAL K 154 3.99 -62.17 -10.14
C VAL K 154 3.33 -61.58 -11.38
N THR K 155 4.24 -61.18 -12.29
CA THR K 155 3.88 -60.92 -13.66
C THR K 155 4.77 -61.63 -14.68
N SER K 156 4.26 -61.95 -15.87
CA SER K 156 4.96 -62.51 -17.00
C SER K 156 5.32 -61.46 -18.04
N GLY K 157 6.35 -61.69 -18.85
CA GLY K 157 6.86 -60.81 -19.90
C GLY K 157 7.78 -61.40 -20.96
N ILE K 158 8.35 -60.49 -21.75
CA ILE K 158 9.39 -60.71 -22.72
C ILE K 158 10.32 -59.52 -22.62
N ILE K 159 11.60 -59.69 -23.02
CA ILE K 159 12.61 -58.65 -22.98
C ILE K 159 12.37 -57.65 -24.10
N SER K 160 12.53 -56.35 -23.88
CA SER K 160 12.39 -55.33 -24.90
C SER K 160 13.65 -54.55 -25.21
N ALA K 161 14.66 -54.59 -24.33
CA ALA K 161 16.04 -54.21 -24.55
C ALA K 161 16.96 -55.04 -23.66
N LEU K 162 18.24 -55.19 -23.99
CA LEU K 162 19.24 -55.90 -23.22
C LEU K 162 20.47 -55.10 -22.81
N ASN K 163 21.00 -55.46 -21.64
CA ASN K 163 22.37 -55.21 -21.20
C ASN K 163 22.87 -53.83 -21.57
N LYS K 164 22.27 -52.80 -20.95
CA LYS K 164 22.38 -51.38 -21.21
C LYS K 164 22.61 -50.51 -19.98
N ASP K 165 23.81 -49.92 -19.87
CA ASP K 165 24.05 -48.96 -18.81
C ASP K 165 23.47 -47.64 -19.30
N ASN K 166 24.12 -46.56 -18.88
CA ASN K 166 23.71 -45.17 -18.91
C ASN K 166 22.48 -44.72 -18.14
N ILE K 167 22.18 -45.43 -17.04
CA ILE K 167 21.01 -45.34 -16.20
C ILE K 167 21.42 -44.84 -14.82
N GLY K 168 22.50 -45.34 -14.22
CA GLY K 168 23.17 -44.54 -13.21
C GLY K 168 22.53 -44.45 -11.84
N LEU K 169 21.72 -45.40 -11.36
CA LEU K 169 21.16 -45.28 -10.03
C LEU K 169 22.13 -45.17 -8.86
N ASN K 170 23.29 -45.80 -9.02
CA ASN K 170 24.46 -45.81 -8.17
C ASN K 170 25.65 -45.58 -9.11
N GLN K 171 26.60 -46.51 -9.15
CA GLN K 171 27.86 -46.38 -9.86
C GLN K 171 28.07 -47.54 -10.82
N TYR K 172 27.41 -48.68 -10.61
CA TYR K 172 27.75 -49.90 -11.31
C TYR K 172 26.48 -50.56 -11.81
N GLU K 173 26.34 -50.70 -13.13
CA GLU K 173 25.09 -50.89 -13.84
C GLU K 173 25.28 -51.64 -15.15
N ASN K 174 24.42 -52.59 -15.50
CA ASN K 174 24.30 -53.19 -16.83
C ASN K 174 22.88 -53.65 -17.13
N PHE K 175 21.87 -52.78 -17.00
CA PHE K 175 20.47 -53.16 -17.07
C PHE K 175 19.94 -53.88 -18.32
N ILE K 176 19.05 -54.84 -18.08
CA ILE K 176 18.20 -55.53 -19.03
C ILE K 176 16.77 -55.06 -18.76
N GLN K 177 15.93 -54.99 -19.80
CA GLN K 177 14.61 -54.42 -19.65
C GLN K 177 13.54 -55.31 -20.24
N THR K 178 12.44 -55.51 -19.49
CA THR K 178 11.29 -56.32 -19.82
C THR K 178 9.96 -55.60 -19.69
N ASP K 179 8.87 -56.05 -20.30
CA ASP K 179 7.55 -55.43 -20.31
C ASP K 179 6.75 -55.72 -19.07
N ALA K 180 7.18 -56.63 -18.18
CA ALA K 180 6.38 -57.11 -17.07
C ALA K 180 6.09 -56.03 -16.03
N SER K 181 4.87 -55.80 -15.57
CA SER K 181 4.57 -54.72 -14.63
C SER K 181 5.18 -55.11 -13.30
N ILE K 182 5.97 -54.21 -12.68
CA ILE K 182 6.78 -54.39 -11.50
C ILE K 182 6.82 -53.01 -10.84
N ASN K 183 6.89 -52.96 -9.51
CA ASN K 183 6.75 -51.73 -8.75
C ASN K 183 7.92 -51.55 -7.79
N PRO K 184 8.09 -50.39 -7.17
CA PRO K 184 8.71 -50.32 -5.87
C PRO K 184 8.20 -51.42 -4.94
N GLY K 185 9.02 -51.84 -3.98
CA GLY K 185 8.80 -53.05 -3.21
C GLY K 185 9.21 -54.33 -3.93
N ASN K 186 9.44 -54.38 -5.25
CA ASN K 186 10.19 -55.39 -5.95
C ASN K 186 11.67 -55.04 -6.12
N SER K 187 12.20 -53.89 -5.71
CA SER K 187 13.61 -53.53 -5.71
C SER K 187 14.54 -54.52 -5.02
N GLY K 188 14.88 -55.57 -5.77
CA GLY K 188 15.73 -56.69 -5.44
C GLY K 188 14.99 -58.02 -5.53
N GLY K 189 13.74 -58.05 -5.99
CA GLY K 189 13.05 -59.25 -6.41
C GLY K 189 13.52 -59.78 -7.76
N ALA K 190 13.43 -61.08 -8.00
CA ALA K 190 13.98 -61.66 -9.21
C ALA K 190 13.22 -61.30 -10.49
N LEU K 191 13.91 -61.63 -11.57
CA LEU K 191 13.52 -61.84 -12.96
C LEU K 191 14.10 -63.22 -13.19
N VAL K 192 13.25 -64.20 -13.52
CA VAL K 192 13.54 -65.61 -13.73
C VAL K 192 13.07 -65.95 -15.15
N ASP K 193 13.53 -67.08 -15.69
CA ASP K 193 13.23 -67.45 -17.05
C ASP K 193 11.88 -68.15 -17.11
N SER K 194 11.46 -68.46 -18.34
CA SER K 194 10.30 -69.33 -18.44
C SER K 194 10.44 -70.79 -18.01
N ARG K 195 11.51 -71.13 -17.30
CA ARG K 195 11.90 -72.37 -16.65
C ARG K 195 12.19 -72.17 -15.17
N GLY K 196 11.99 -70.99 -14.56
CA GLY K 196 12.16 -70.69 -13.15
C GLY K 196 13.56 -70.33 -12.69
N TYR K 197 14.59 -70.13 -13.51
CA TYR K 197 15.95 -69.92 -13.05
C TYR K 197 16.34 -68.45 -13.17
N LEU K 198 17.29 -68.03 -12.32
CA LEU K 198 17.59 -66.64 -12.06
C LEU K 198 18.47 -66.04 -13.13
N VAL K 199 17.87 -65.04 -13.79
CA VAL K 199 18.46 -64.34 -14.92
C VAL K 199 18.72 -62.88 -14.64
N GLY K 200 17.89 -62.26 -13.80
CA GLY K 200 17.96 -60.88 -13.42
C GLY K 200 17.31 -60.52 -12.09
N ILE K 201 17.46 -59.24 -11.73
CA ILE K 201 17.00 -58.83 -10.42
C ILE K 201 16.49 -57.40 -10.62
N ASN K 202 15.18 -57.27 -10.36
CA ASN K 202 14.49 -56.03 -10.63
C ASN K 202 14.93 -54.97 -9.62
N SER K 203 15.26 -53.76 -10.06
CA SER K 203 15.82 -52.75 -9.17
C SER K 203 15.09 -51.43 -9.08
N ALA K 204 14.84 -50.85 -10.26
CA ALA K 204 13.96 -49.72 -10.49
C ALA K 204 13.26 -49.84 -11.83
N ILE K 205 12.38 -48.89 -12.13
CA ILE K 205 11.52 -48.79 -13.29
C ILE K 205 11.63 -47.37 -13.81
N LEU K 206 11.82 -47.13 -15.11
CA LEU K 206 11.38 -45.91 -15.74
C LEU K 206 9.87 -45.89 -15.96
N SER K 207 9.17 -45.10 -15.14
CA SER K 207 7.73 -44.96 -15.15
C SER K 207 7.21 -43.64 -14.57
N ARG K 208 5.91 -43.36 -14.59
CA ARG K 208 5.32 -42.07 -14.35
C ARG K 208 4.60 -41.94 -13.01
N GLY K 209 4.17 -43.08 -12.46
CA GLY K 209 3.66 -43.17 -11.11
C GLY K 209 3.79 -44.52 -10.42
N GLY K 210 5.00 -45.09 -10.50
CA GLY K 210 5.53 -46.19 -9.74
C GLY K 210 5.18 -47.56 -10.31
N GLY K 211 3.94 -47.75 -10.77
CA GLY K 211 3.57 -48.86 -11.62
C GLY K 211 4.15 -48.83 -13.02
N ASN K 212 4.66 -49.98 -13.49
CA ASN K 212 5.52 -49.98 -14.65
C ASN K 212 4.74 -49.86 -15.95
N ASN K 213 5.09 -48.79 -16.67
CA ASN K 213 4.63 -48.53 -18.03
C ASN K 213 5.26 -49.42 -19.10
N GLY K 214 5.89 -50.55 -18.78
CA GLY K 214 6.51 -51.51 -19.68
C GLY K 214 8.01 -51.43 -19.89
N ILE K 215 8.77 -50.76 -19.03
CA ILE K 215 10.19 -50.47 -19.17
C ILE K 215 10.91 -50.64 -17.85
N GLY K 216 10.77 -51.78 -17.17
CA GLY K 216 11.32 -52.01 -15.85
C GLY K 216 12.63 -52.77 -15.98
N PHE K 217 13.61 -52.60 -15.10
CA PHE K 217 14.99 -52.93 -15.35
C PHE K 217 15.65 -53.84 -14.31
N ALA K 218 16.32 -54.89 -14.79
CA ALA K 218 17.04 -55.92 -14.05
C ALA K 218 18.56 -55.88 -14.10
N ILE K 219 19.21 -56.14 -12.96
CA ILE K 219 20.64 -56.37 -12.85
C ILE K 219 20.88 -57.82 -13.27
N PRO K 220 21.90 -58.07 -14.07
CA PRO K 220 22.21 -59.43 -14.50
C PRO K 220 22.48 -60.43 -13.38
N SER K 221 22.01 -61.68 -13.50
CA SER K 221 22.24 -62.69 -12.50
C SER K 221 23.73 -62.97 -12.31
N ASN K 222 24.42 -63.09 -13.45
CA ASN K 222 25.84 -63.41 -13.46
C ASN K 222 26.67 -62.32 -12.78
N MET K 223 26.31 -61.03 -12.77
CA MET K 223 27.00 -60.01 -11.99
C MET K 223 26.66 -60.10 -10.53
N VAL K 224 25.39 -60.36 -10.15
CA VAL K 224 25.04 -60.47 -8.76
C VAL K 224 25.82 -61.68 -8.25
N LYS K 225 25.91 -62.82 -8.93
CA LYS K 225 26.59 -64.00 -8.44
C LYS K 225 28.03 -63.68 -8.03
N ASP K 226 28.70 -62.76 -8.73
CA ASP K 226 30.09 -62.45 -8.44
C ASP K 226 30.28 -61.48 -7.29
N ILE K 227 29.49 -60.40 -7.32
CA ILE K 227 29.23 -59.52 -6.19
C ILE K 227 28.83 -60.21 -4.90
N ALA K 228 27.98 -61.23 -5.03
CA ALA K 228 27.55 -62.03 -3.89
C ALA K 228 28.71 -62.82 -3.31
N LYS K 229 29.55 -63.45 -4.12
CA LYS K 229 30.72 -64.16 -3.62
C LYS K 229 31.64 -63.16 -2.94
N LYS K 230 32.03 -62.04 -3.53
CA LYS K 230 32.98 -61.08 -3.01
C LYS K 230 32.49 -60.57 -1.65
N LEU K 231 31.17 -60.48 -1.46
CA LEU K 231 30.49 -60.09 -0.24
C LEU K 231 30.62 -61.12 0.87
N ILE K 232 30.48 -62.41 0.54
CA ILE K 232 30.52 -63.51 1.49
C ILE K 232 31.91 -63.83 2.01
N GLU K 233 32.94 -63.36 1.31
CA GLU K 233 34.33 -63.45 1.72
C GLU K 233 34.90 -62.36 2.61
N LYS K 234 34.62 -61.07 2.42
CA LYS K 234 35.15 -60.03 3.29
C LYS K 234 34.13 -59.06 3.86
N GLY K 235 32.84 -59.39 3.87
CA GLY K 235 31.79 -58.45 4.20
C GLY K 235 31.66 -57.27 3.24
N LYS K 236 32.47 -57.08 2.20
CA LYS K 236 32.39 -56.02 1.21
C LYS K 236 32.93 -56.43 -0.15
N ILE K 237 33.00 -55.48 -1.08
CA ILE K 237 33.63 -55.55 -2.39
C ILE K 237 34.65 -54.43 -2.56
N ASP K 238 35.92 -54.74 -2.87
CA ASP K 238 36.91 -53.77 -3.26
C ASP K 238 37.00 -53.65 -4.78
N ARG K 239 37.05 -52.38 -5.19
CA ARG K 239 37.14 -51.99 -6.58
C ARG K 239 38.47 -51.28 -6.84
N GLY K 240 39.10 -51.52 -7.98
CA GLY K 240 40.19 -50.72 -8.53
C GLY K 240 39.77 -49.81 -9.68
N PHE K 241 40.69 -49.64 -10.62
CA PHE K 241 40.44 -49.19 -11.98
C PHE K 241 41.69 -49.41 -12.81
N LEU K 242 41.96 -48.82 -13.98
CA LEU K 242 43.26 -48.74 -14.63
C LEU K 242 43.77 -47.31 -14.66
N GLY K 243 43.07 -46.37 -14.01
CA GLY K 243 43.55 -45.00 -13.97
C GLY K 243 43.31 -44.22 -15.26
N VAL K 244 42.09 -44.17 -15.80
CA VAL K 244 41.87 -43.50 -17.06
C VAL K 244 40.41 -43.10 -17.23
N THR K 245 40.17 -41.87 -17.66
CA THR K 245 38.93 -41.38 -18.25
C THR K 245 38.76 -41.69 -19.73
N ILE K 246 37.56 -42.14 -20.07
CA ILE K 246 37.26 -42.95 -21.23
C ILE K 246 35.91 -42.74 -21.88
N LEU K 247 35.78 -43.15 -23.15
CA LEU K 247 34.66 -42.93 -24.05
C LEU K 247 34.53 -44.03 -25.09
N ALA K 248 33.46 -44.07 -25.89
CA ALA K 248 33.41 -45.07 -26.93
C ALA K 248 34.05 -44.44 -28.15
N LEU K 249 34.81 -45.17 -28.97
CA LEU K 249 35.11 -44.72 -30.33
C LEU K 249 33.87 -44.47 -31.18
N GLN K 250 33.73 -43.28 -31.77
CA GLN K 250 32.67 -42.93 -32.68
C GLN K 250 33.09 -42.95 -34.14
N GLY K 251 32.22 -42.83 -35.14
CA GLY K 251 32.52 -43.22 -36.50
C GLY K 251 33.44 -42.25 -37.23
N ASP K 252 33.59 -41.00 -36.79
CA ASP K 252 34.44 -40.04 -37.46
C ASP K 252 35.75 -39.83 -36.71
N THR K 253 35.84 -40.01 -35.39
CA THR K 253 36.97 -40.48 -34.61
C THR K 253 37.53 -41.69 -35.33
N LYS K 254 36.77 -42.73 -35.70
CA LYS K 254 37.33 -43.97 -36.17
C LYS K 254 38.12 -43.79 -37.46
N LYS K 255 37.49 -43.10 -38.43
CA LYS K 255 38.10 -42.70 -39.68
C LYS K 255 39.33 -41.85 -39.40
N ALA K 256 39.27 -40.86 -38.50
CA ALA K 256 40.33 -39.89 -38.30
C ALA K 256 41.53 -40.57 -37.66
N TYR K 257 41.30 -41.29 -36.56
CA TYR K 257 42.31 -42.01 -35.81
C TYR K 257 42.54 -43.41 -36.37
N LYS K 258 42.58 -43.53 -37.70
CA LYS K 258 43.19 -44.61 -38.45
C LYS K 258 42.58 -45.99 -38.31
N ASN K 259 41.25 -46.08 -38.18
CA ASN K 259 40.40 -47.25 -38.25
C ASN K 259 40.79 -48.41 -37.35
N GLN K 260 41.40 -48.11 -36.20
CA GLN K 260 41.31 -48.89 -34.98
C GLN K 260 39.90 -48.88 -34.43
N GLU K 261 39.59 -49.89 -33.58
CA GLU K 261 38.31 -50.07 -32.94
C GLU K 261 38.54 -50.61 -31.54
N GLY K 262 38.10 -49.86 -30.52
CA GLY K 262 37.98 -50.30 -29.15
C GLY K 262 37.21 -49.18 -28.45
N ALA K 263 37.30 -49.19 -27.11
CA ALA K 263 37.00 -48.02 -26.31
C ALA K 263 38.08 -46.96 -26.43
N LEU K 264 37.68 -45.70 -26.54
CA LEU K 264 38.49 -44.52 -26.75
C LEU K 264 38.89 -43.97 -25.39
N ILE K 265 40.20 -44.10 -25.12
CA ILE K 265 40.84 -43.38 -24.04
C ILE K 265 40.89 -41.92 -24.44
N THR K 266 40.15 -41.06 -23.73
CA THR K 266 40.03 -39.64 -24.01
C THR K 266 41.20 -38.88 -23.38
N ASP K 267 41.69 -39.32 -22.23
CA ASP K 267 42.62 -38.60 -21.38
C ASP K 267 43.01 -39.55 -20.26
N VAL K 268 44.21 -40.14 -20.24
CA VAL K 268 44.64 -41.04 -19.20
C VAL K 268 44.79 -40.31 -17.87
N GLN K 269 44.32 -40.86 -16.75
CA GLN K 269 44.53 -40.26 -15.45
C GLN K 269 46.00 -40.51 -15.07
N LYS K 270 46.95 -40.16 -15.93
CA LYS K 270 48.37 -39.89 -15.90
C LYS K 270 49.10 -40.89 -15.02
N GLY K 271 50.11 -41.56 -15.60
CA GLY K 271 51.10 -42.28 -14.84
C GLY K 271 50.67 -43.45 -13.96
N SER K 272 49.41 -43.87 -14.04
CA SER K 272 48.72 -45.01 -13.47
C SER K 272 49.16 -46.27 -14.20
N SER K 273 48.57 -47.41 -13.84
CA SER K 273 48.92 -48.65 -14.51
C SER K 273 48.59 -48.59 -16.00
N ALA K 274 47.59 -47.82 -16.43
CA ALA K 274 47.54 -47.51 -17.83
C ALA K 274 48.87 -47.05 -18.42
N ASP K 275 49.50 -46.02 -17.83
CA ASP K 275 50.61 -45.29 -18.40
C ASP K 275 51.92 -46.00 -18.08
N GLU K 276 52.23 -46.60 -16.94
CA GLU K 276 53.10 -47.74 -16.73
C GLU K 276 52.91 -48.91 -17.69
N ALA K 277 51.78 -49.08 -18.38
CA ALA K 277 51.50 -50.08 -19.39
C ALA K 277 51.73 -49.58 -20.81
N GLY K 278 51.92 -48.27 -21.00
CA GLY K 278 52.16 -47.67 -22.30
C GLY K 278 50.87 -47.17 -22.94
N LEU K 279 49.75 -47.18 -22.23
CA LEU K 279 48.50 -46.72 -22.81
C LEU K 279 48.46 -45.20 -22.76
N LYS K 280 48.26 -44.48 -23.86
CA LYS K 280 48.36 -43.03 -23.96
C LYS K 280 47.07 -42.44 -24.51
N ARG K 281 47.09 -41.23 -25.06
CA ARG K 281 45.97 -40.62 -25.75
C ARG K 281 46.21 -40.77 -27.24
N GLY K 282 45.09 -40.91 -27.96
CA GLY K 282 45.00 -41.52 -29.27
C GLY K 282 45.01 -43.04 -29.29
N ASP K 283 45.14 -43.70 -28.15
CA ASP K 283 45.08 -45.15 -27.99
C ASP K 283 43.70 -45.65 -27.67
N LEU K 284 43.45 -46.90 -28.07
CA LEU K 284 42.26 -47.69 -27.84
C LEU K 284 42.39 -49.01 -27.10
N VAL K 285 41.51 -49.18 -26.11
CA VAL K 285 41.51 -50.39 -25.30
C VAL K 285 40.54 -51.42 -25.84
N THR K 286 40.98 -52.69 -25.89
CA THR K 286 40.33 -53.65 -26.74
C THR K 286 39.94 -54.93 -25.98
N LYS K 287 40.73 -55.44 -25.04
CA LYS K 287 40.34 -56.61 -24.29
C LYS K 287 41.19 -56.88 -23.06
N VAL K 288 40.50 -56.92 -21.90
CA VAL K 288 40.97 -57.53 -20.67
C VAL K 288 41.17 -59.01 -20.95
N ASN K 289 42.15 -59.68 -20.32
CA ASN K 289 42.27 -61.13 -20.41
C ASN K 289 41.07 -62.03 -20.24
N ASN K 290 40.02 -61.48 -19.62
CA ASN K 290 38.69 -62.06 -19.51
C ASN K 290 37.54 -61.37 -20.22
N LYS K 291 37.60 -60.14 -20.74
CA LYS K 291 36.45 -59.36 -21.13
C LYS K 291 36.79 -58.42 -22.29
N VAL K 292 35.84 -58.16 -23.20
CA VAL K 292 35.96 -57.50 -24.49
C VAL K 292 35.53 -56.04 -24.37
N ILE K 293 36.30 -55.10 -24.90
CA ILE K 293 36.13 -53.67 -24.73
C ILE K 293 36.04 -52.86 -26.01
N LYS K 294 34.91 -52.14 -26.13
CA LYS K 294 34.49 -51.24 -27.18
C LYS K 294 34.05 -49.88 -26.64
N SER K 295 33.71 -49.72 -25.36
CA SER K 295 33.10 -48.53 -24.79
C SER K 295 33.50 -48.21 -23.36
N PRO K 296 33.13 -47.05 -22.82
CA PRO K 296 33.60 -46.67 -21.51
C PRO K 296 33.06 -47.56 -20.41
N ILE K 297 31.77 -47.88 -20.59
CA ILE K 297 30.93 -48.54 -19.62
C ILE K 297 31.42 -49.97 -19.44
N ASP K 298 31.97 -50.57 -20.49
CA ASP K 298 32.56 -51.90 -20.45
C ASP K 298 33.62 -51.98 -19.36
N LEU K 299 34.74 -51.25 -19.45
CA LEU K 299 35.90 -51.21 -18.58
C LEU K 299 35.48 -50.71 -17.21
N LYS K 300 34.59 -49.72 -17.11
CA LYS K 300 33.94 -49.23 -15.91
C LYS K 300 33.35 -50.39 -15.13
N ASN K 301 32.35 -51.07 -15.68
CA ASN K 301 31.58 -52.19 -15.18
C ASN K 301 32.28 -53.54 -15.12
N TYR K 302 33.37 -53.71 -15.86
CA TYR K 302 34.34 -54.78 -15.64
C TYR K 302 35.21 -54.56 -14.43
N ILE K 303 35.75 -53.35 -14.22
CA ILE K 303 36.36 -52.98 -12.97
C ILE K 303 35.38 -53.22 -11.83
N GLY K 304 34.08 -52.98 -11.97
CA GLY K 304 33.01 -53.25 -11.03
C GLY K 304 32.71 -54.70 -10.79
N THR K 305 33.60 -55.62 -11.18
CA THR K 305 33.67 -56.97 -10.64
C THR K 305 35.10 -57.39 -10.39
N LEU K 306 36.12 -56.62 -10.80
CA LEU K 306 37.53 -56.87 -10.59
C LEU K 306 38.05 -56.33 -9.27
N GLU K 307 38.64 -57.14 -8.39
CA GLU K 307 39.38 -56.68 -7.22
C GLU K 307 40.84 -56.30 -7.36
N ILE K 308 41.36 -55.74 -6.25
CA ILE K 308 42.52 -54.88 -6.26
C ILE K 308 43.82 -55.64 -6.53
N GLY K 309 44.73 -54.94 -7.21
CA GLY K 309 46.15 -55.20 -7.28
C GLY K 309 46.55 -56.26 -8.28
N GLN K 310 45.73 -57.28 -8.57
CA GLN K 310 46.00 -58.27 -9.59
C GLN K 310 46.37 -57.60 -10.91
N LYS K 311 47.48 -58.06 -11.48
CA LYS K 311 47.88 -57.61 -12.80
C LYS K 311 47.04 -58.25 -13.89
N ILE K 312 46.82 -57.47 -14.96
CA ILE K 312 45.94 -57.65 -16.09
C ILE K 312 46.80 -57.37 -17.32
N SER K 313 47.10 -58.37 -18.15
CA SER K 313 47.72 -58.16 -19.44
C SER K 313 46.74 -57.71 -20.52
N LEU K 314 46.16 -56.53 -20.30
CA LEU K 314 45.14 -56.12 -21.25
C LEU K 314 45.75 -55.66 -22.56
N SER K 315 44.97 -55.71 -23.65
CA SER K 315 45.38 -55.28 -24.96
C SER K 315 44.74 -53.98 -25.39
N TYR K 316 45.54 -53.24 -26.17
CA TYR K 316 45.26 -51.90 -26.64
C TYR K 316 45.94 -51.68 -27.98
N GLU K 317 45.36 -50.86 -28.85
CA GLU K 317 46.01 -50.40 -30.06
C GLU K 317 46.23 -48.90 -30.10
N ARG K 318 47.05 -48.34 -30.99
CA ARG K 318 47.19 -46.93 -31.29
C ARG K 318 47.33 -46.75 -32.79
N ASP K 319 46.56 -45.87 -33.43
CA ASP K 319 46.61 -45.57 -34.86
C ASP K 319 46.24 -46.74 -35.77
N GLY K 320 47.20 -47.63 -35.99
CA GLY K 320 47.05 -48.94 -36.57
C GLY K 320 47.92 -50.05 -35.97
N GLU K 321 48.31 -49.94 -34.70
CA GLU K 321 49.27 -50.81 -34.05
C GLU K 321 48.88 -51.30 -32.65
N ASN K 322 48.73 -52.62 -32.50
CA ASN K 322 48.23 -53.27 -31.30
C ASN K 322 49.32 -53.77 -30.38
N LYS K 323 49.10 -53.71 -29.06
CA LYS K 323 50.07 -54.05 -28.04
C LYS K 323 49.30 -54.84 -26.99
N GLN K 324 49.93 -55.63 -26.14
CA GLN K 324 49.44 -56.23 -24.91
C GLN K 324 50.51 -55.89 -23.87
N ALA K 325 50.17 -55.46 -22.66
CA ALA K 325 51.04 -55.06 -21.58
C ALA K 325 50.34 -55.22 -20.24
N SER K 326 51.14 -55.33 -19.18
CA SER K 326 50.68 -55.69 -17.86
C SER K 326 50.36 -54.55 -16.92
N PHE K 327 49.14 -54.43 -16.38
CA PHE K 327 48.60 -53.35 -15.57
C PHE K 327 48.21 -53.92 -14.22
N ILE K 328 48.64 -53.31 -13.11
CA ILE K 328 48.02 -53.38 -11.80
C ILE K 328 46.64 -52.74 -11.79
N LEU K 329 45.69 -53.28 -11.02
CA LEU K 329 44.38 -52.68 -10.82
C LEU K 329 44.34 -51.46 -9.93
N LYS K 330 44.60 -50.27 -10.47
CA LYS K 330 44.97 -49.04 -9.79
C LYS K 330 43.71 -48.18 -9.78
N GLY K 331 43.16 -47.95 -8.58
CA GLY K 331 42.03 -47.08 -8.32
C GLY K 331 42.34 -45.61 -8.57
N GLU K 332 41.33 -44.77 -8.36
CA GLU K 332 41.40 -43.33 -8.48
C GLU K 332 42.22 -42.59 -7.43
N LYS K 333 42.68 -43.42 -6.51
CA LYS K 333 43.53 -43.07 -5.38
C LYS K 333 45.01 -43.44 -5.49
N GLU K 334 45.38 -44.05 -6.61
CA GLU K 334 46.47 -45.00 -6.72
C GLU K 334 47.45 -44.71 -7.85
N ASN K 335 47.45 -43.55 -8.52
CA ASN K 335 47.83 -43.37 -9.90
C ASN K 335 48.81 -42.22 -10.12
N PRO K 336 50.10 -42.49 -10.37
CA PRO K 336 51.06 -41.40 -10.21
C PRO K 336 51.70 -40.94 -11.51
N LYS K 337 51.03 -40.04 -12.22
CA LYS K 337 51.39 -39.05 -13.23
C LYS K 337 52.19 -39.30 -14.49
N GLY K 338 51.89 -38.78 -15.69
CA GLY K 338 52.43 -39.18 -16.97
C GLY K 338 51.92 -38.47 -18.22
N VAL K 339 51.85 -39.10 -19.40
CA VAL K 339 51.94 -38.49 -20.71
C VAL K 339 50.95 -38.70 -21.84
N GLN K 340 50.84 -37.85 -22.88
CA GLN K 340 49.54 -37.25 -23.14
C GLN K 340 49.25 -36.56 -24.47
N SER K 341 50.02 -36.52 -25.56
CA SER K 341 49.94 -35.48 -26.56
C SER K 341 48.83 -35.40 -27.61
N ASP K 342 48.64 -36.45 -28.41
CA ASP K 342 47.61 -36.51 -29.41
C ASP K 342 47.39 -35.47 -30.50
N LEU K 343 47.13 -34.20 -30.18
CA LEU K 343 46.93 -33.12 -31.13
C LEU K 343 47.75 -31.88 -30.76
N ILE K 344 48.54 -31.91 -29.68
CA ILE K 344 49.74 -31.12 -29.52
C ILE K 344 51.01 -31.82 -29.96
N ASP K 345 50.88 -32.74 -30.92
CA ASP K 345 51.98 -33.66 -31.10
C ASP K 345 53.09 -33.15 -32.03
N GLY K 346 54.21 -32.72 -31.45
CA GLY K 346 55.36 -32.29 -32.21
C GLY K 346 55.16 -30.93 -32.87
N LEU K 347 54.08 -30.27 -32.48
CA LEU K 347 53.94 -28.84 -32.73
C LEU K 347 54.82 -28.02 -31.77
N SER K 348 55.64 -27.08 -32.22
CA SER K 348 56.34 -26.19 -31.32
C SER K 348 55.73 -24.80 -31.25
N LEU K 349 55.11 -24.43 -30.12
CA LEU K 349 54.21 -23.29 -30.04
C LEU K 349 54.53 -22.49 -28.79
N ARG K 350 54.52 -21.16 -28.94
CA ARG K 350 54.96 -20.25 -27.89
C ARG K 350 54.04 -19.05 -27.74
N ASN K 351 54.01 -18.43 -26.56
CA ASN K 351 53.09 -17.36 -26.22
C ASN K 351 53.47 -16.13 -27.03
N LEU K 352 52.51 -15.27 -27.35
CA LEU K 352 52.74 -14.10 -28.17
C LEU K 352 52.12 -12.83 -27.60
N ASP K 353 52.66 -11.72 -28.10
CA ASP K 353 52.04 -10.45 -28.43
C ASP K 353 52.81 -9.79 -29.57
N PRO K 354 52.29 -9.88 -30.79
CA PRO K 354 53.24 -10.20 -31.84
C PRO K 354 53.95 -9.00 -32.45
N ARG K 355 55.02 -9.24 -33.21
CA ARG K 355 55.99 -8.31 -33.75
C ARG K 355 55.81 -8.07 -35.25
N LEU K 356 54.58 -7.82 -35.73
CA LEU K 356 54.25 -7.39 -37.09
C LEU K 356 52.99 -6.56 -36.99
N LYS K 357 52.72 -5.81 -38.07
CA LYS K 357 51.47 -5.13 -38.38
C LYS K 357 50.38 -6.14 -38.74
N ASP K 358 49.10 -5.79 -38.84
CA ASP K 358 48.48 -4.51 -38.55
C ASP K 358 47.20 -4.48 -37.74
N ARG K 359 46.22 -5.25 -38.22
CA ARG K 359 44.96 -5.51 -37.55
C ARG K 359 44.17 -4.40 -36.86
N LEU K 360 44.32 -4.13 -35.57
CA LEU K 360 43.28 -3.71 -34.66
C LEU K 360 43.88 -3.21 -33.36
N GLN K 361 43.09 -2.55 -32.50
CA GLN K 361 43.46 -1.81 -31.31
C GLN K 361 42.96 -2.56 -30.08
N ILE K 362 42.89 -3.89 -30.03
CA ILE K 362 42.56 -4.71 -28.88
C ILE K 362 43.28 -6.05 -28.86
N PRO K 363 43.91 -6.50 -27.77
CA PRO K 363 44.67 -7.73 -27.88
C PRO K 363 43.78 -8.96 -27.94
N LYS K 364 42.48 -8.85 -27.73
CA LYS K 364 41.48 -9.89 -27.67
C LYS K 364 41.53 -10.87 -28.84
N ASP K 365 41.92 -10.38 -30.01
CA ASP K 365 42.01 -11.09 -31.27
C ASP K 365 43.41 -11.55 -31.66
N VAL K 366 44.35 -11.41 -30.74
CA VAL K 366 45.75 -11.49 -31.07
C VAL K 366 46.66 -11.97 -29.95
N ASN K 367 46.11 -12.11 -28.74
CA ASN K 367 46.45 -13.18 -27.82
C ASN K 367 45.96 -14.55 -28.23
N GLY K 368 46.70 -15.53 -27.70
CA GLY K 368 46.65 -16.86 -28.26
C GLY K 368 47.93 -17.63 -27.99
N VAL K 369 48.53 -18.10 -29.08
CA VAL K 369 49.79 -18.81 -29.18
C VAL K 369 50.23 -18.88 -30.64
N LEU K 370 51.51 -18.60 -30.88
CA LEU K 370 52.16 -18.58 -32.17
C LEU K 370 52.64 -19.99 -32.52
N VAL K 371 52.61 -20.35 -33.80
CA VAL K 371 52.98 -21.65 -34.32
C VAL K 371 54.35 -21.48 -34.95
N ASP K 372 55.37 -21.92 -34.21
CA ASP K 372 56.73 -22.15 -34.65
C ASP K 372 56.93 -23.39 -35.51
N SER K 373 56.45 -24.61 -35.19
CA SER K 373 56.41 -25.76 -36.07
C SER K 373 55.13 -26.59 -36.06
N VAL K 374 54.80 -27.30 -37.14
CA VAL K 374 53.73 -28.27 -37.26
C VAL K 374 54.36 -29.52 -37.88
N LYS K 375 54.39 -30.61 -37.11
CA LYS K 375 54.78 -31.90 -37.61
C LYS K 375 53.83 -32.45 -38.66
N GLU K 376 54.32 -33.11 -39.72
CA GLU K 376 53.60 -33.79 -40.78
C GLU K 376 52.52 -34.78 -40.36
N LYS K 377 52.87 -35.70 -39.46
CA LYS K 377 51.92 -36.69 -39.00
C LYS K 377 50.71 -36.03 -38.37
N SER K 378 50.85 -34.78 -37.89
CA SER K 378 49.89 -34.21 -36.97
C SER K 378 48.61 -33.86 -37.70
N LYS K 379 47.52 -33.96 -36.94
CA LYS K 379 46.19 -33.75 -37.49
C LYS K 379 45.85 -32.34 -37.95
N GLY K 380 46.71 -31.38 -37.65
CA GLY K 380 46.56 -30.09 -38.28
C GLY K 380 47.07 -30.09 -39.72
N LYS K 381 48.19 -30.77 -40.01
CA LYS K 381 48.82 -30.60 -41.31
C LYS K 381 48.10 -31.42 -42.37
N ASN K 382 47.64 -32.62 -42.01
CA ASN K 382 46.64 -33.32 -42.77
C ASN K 382 45.33 -32.56 -42.95
N SER K 383 45.10 -31.40 -42.31
CA SER K 383 43.83 -30.73 -42.19
C SER K 383 44.01 -29.23 -42.40
N GLY K 384 45.04 -28.76 -43.10
CA GLY K 384 45.25 -27.40 -43.51
C GLY K 384 45.79 -26.43 -42.45
N PHE K 385 46.41 -26.89 -41.37
CA PHE K 385 47.11 -26.11 -40.37
C PHE K 385 48.60 -26.04 -40.62
N GLN K 386 49.26 -24.88 -40.62
CA GLN K 386 50.58 -24.58 -41.16
C GLN K 386 51.54 -23.79 -40.27
N GLU K 387 52.83 -23.91 -40.59
CA GLU K 387 53.83 -23.10 -39.92
C GLU K 387 53.67 -21.59 -40.12
N GLY K 388 53.85 -20.78 -39.07
CA GLY K 388 53.63 -19.36 -39.12
C GLY K 388 52.22 -18.84 -38.82
N ASP K 389 51.31 -19.79 -38.59
CA ASP K 389 50.06 -19.57 -37.89
C ASP K 389 50.14 -19.17 -36.43
N ILE K 390 49.02 -18.68 -35.89
CA ILE K 390 48.75 -18.23 -34.53
C ILE K 390 47.42 -18.89 -34.23
N ILE K 391 47.31 -19.71 -33.18
CA ILE K 391 46.03 -20.19 -32.69
C ILE K 391 45.29 -19.27 -31.73
N ILE K 392 44.13 -18.76 -32.16
CA ILE K 392 43.26 -17.95 -31.34
C ILE K 392 42.14 -18.75 -30.66
N GLY K 393 41.75 -19.89 -31.24
CA GLY K 393 40.80 -20.80 -30.62
C GLY K 393 40.97 -22.26 -30.99
N VAL K 394 40.34 -23.10 -30.17
CA VAL K 394 40.53 -24.55 -30.16
C VAL K 394 39.16 -25.21 -30.11
N GLY K 395 38.22 -24.78 -30.96
CA GLY K 395 36.94 -25.41 -31.22
C GLY K 395 35.81 -24.52 -30.75
N GLN K 396 35.55 -23.47 -31.54
CA GLN K 396 34.85 -22.27 -31.12
C GLN K 396 35.14 -21.71 -29.74
N SER K 397 36.35 -21.97 -29.25
CA SER K 397 36.80 -21.64 -27.91
C SER K 397 38.13 -20.90 -27.77
N GLU K 398 38.01 -19.56 -27.69
CA GLU K 398 39.16 -18.67 -27.81
C GLU K 398 40.09 -18.82 -26.62
N ILE K 399 41.42 -18.73 -26.77
CA ILE K 399 42.49 -19.07 -25.87
C ILE K 399 43.35 -17.82 -25.79
N LYS K 400 44.12 -17.74 -24.69
CA LYS K 400 45.04 -16.64 -24.44
C LYS K 400 46.52 -16.90 -24.24
N ASN K 401 46.91 -18.13 -23.88
CA ASN K 401 48.29 -18.54 -23.77
C ASN K 401 48.33 -20.04 -23.88
N LEU K 402 49.58 -20.53 -23.92
CA LEU K 402 49.99 -21.92 -23.81
C LEU K 402 49.24 -22.79 -22.79
N LYS K 403 48.87 -22.31 -21.60
CA LYS K 403 48.02 -22.99 -20.65
C LYS K 403 46.65 -23.27 -21.25
N ASP K 404 45.96 -22.22 -21.72
CA ASP K 404 44.60 -22.34 -22.20
C ASP K 404 44.53 -23.17 -23.47
N LEU K 405 45.58 -23.06 -24.30
CA LEU K 405 45.71 -23.99 -25.40
C LEU K 405 45.77 -25.44 -24.94
N GLU K 406 46.66 -25.83 -24.02
CA GLU K 406 46.68 -27.21 -23.59
C GLU K 406 45.47 -27.65 -22.78
N GLN K 407 44.61 -26.80 -22.20
CA GLN K 407 43.32 -27.24 -21.72
C GLN K 407 42.57 -27.87 -22.86
N ALA K 408 42.43 -27.12 -23.96
CA ALA K 408 41.75 -27.56 -25.17
C ALA K 408 42.50 -28.60 -26.00
N LEU K 409 43.83 -28.72 -25.99
CA LEU K 409 44.53 -29.87 -26.54
C LEU K 409 44.58 -31.07 -25.59
N LYS K 410 44.17 -30.94 -24.33
CA LYS K 410 43.78 -32.05 -23.50
C LYS K 410 42.27 -32.24 -23.58
N GLN K 411 41.56 -31.57 -24.50
CA GLN K 411 40.16 -31.84 -24.78
C GLN K 411 39.83 -32.30 -26.18
N VAL K 412 40.73 -32.10 -27.15
CA VAL K 412 40.61 -32.59 -28.50
C VAL K 412 40.41 -34.08 -28.77
N ASN K 413 40.85 -34.90 -27.80
CA ASN K 413 40.56 -36.33 -27.73
C ASN K 413 39.23 -36.68 -27.11
N LYS K 414 38.36 -35.68 -26.88
CA LYS K 414 36.93 -35.82 -26.69
C LYS K 414 36.13 -35.23 -27.85
N LYS K 415 36.81 -35.15 -29.00
CA LYS K 415 36.36 -34.57 -30.25
C LYS K 415 36.80 -35.42 -31.43
N GLU K 416 35.86 -35.63 -32.35
CA GLU K 416 36.14 -36.40 -33.54
C GLU K 416 36.94 -35.49 -34.45
N PHE K 417 36.76 -34.19 -34.33
CA PHE K 417 37.39 -33.14 -35.13
C PHE K 417 37.28 -31.85 -34.33
N THR K 418 38.20 -30.92 -34.55
CA THR K 418 38.33 -29.64 -33.89
C THR K 418 38.26 -28.47 -34.87
N LYS K 419 37.25 -27.63 -34.65
CA LYS K 419 37.08 -26.30 -35.21
C LYS K 419 38.07 -25.29 -34.65
N VAL K 420 39.35 -25.62 -34.67
CA VAL K 420 40.30 -24.56 -34.39
C VAL K 420 40.04 -23.36 -35.30
N TRP K 421 40.28 -22.16 -34.75
CA TRP K 421 40.43 -20.91 -35.47
C TRP K 421 41.83 -20.37 -35.24
N VAL K 422 42.51 -20.17 -36.36
CA VAL K 422 43.90 -19.78 -36.50
C VAL K 422 43.95 -18.49 -37.32
N TYR K 423 45.00 -17.71 -37.12
CA TYR K 423 45.34 -16.46 -37.79
C TYR K 423 46.68 -16.60 -38.49
N ARG K 424 46.69 -16.31 -39.80
CA ARG K 424 47.85 -16.19 -40.65
C ARG K 424 48.33 -14.76 -40.69
N ASN K 425 49.35 -14.53 -41.53
CA ASN K 425 49.99 -13.25 -41.71
C ASN K 425 49.06 -12.10 -42.07
N GLY K 426 47.98 -12.40 -42.80
CA GLY K 426 46.98 -11.36 -42.94
C GLY K 426 45.60 -11.56 -42.32
N PHE K 427 45.10 -12.80 -42.17
CA PHE K 427 43.71 -13.09 -41.91
C PHE K 427 43.47 -14.46 -41.30
N ALA K 428 42.33 -14.59 -40.61
CA ALA K 428 41.96 -15.80 -39.90
C ALA K 428 41.36 -16.87 -40.80
N THR K 429 41.38 -18.14 -40.38
CA THR K 429 40.82 -19.30 -41.04
C THR K 429 40.17 -20.23 -40.02
N LEU K 430 39.26 -21.09 -40.48
CA LEU K 430 38.47 -22.02 -39.72
C LEU K 430 38.60 -23.45 -40.24
N LEU K 431 39.20 -24.30 -39.40
CA LEU K 431 39.71 -25.55 -39.91
C LEU K 431 38.99 -26.73 -39.28
N VAL K 432 39.04 -27.94 -39.84
CA VAL K 432 38.31 -29.17 -39.55
C VAL K 432 39.30 -30.30 -39.35
N LEU K 433 39.89 -30.40 -38.16
CA LEU K 433 41.13 -31.09 -37.86
C LEU K 433 40.82 -32.58 -37.72
N LYS K 434 41.22 -33.42 -38.68
CA LYS K 434 40.88 -34.83 -38.72
C LYS K 434 42.11 -35.65 -39.08
N VAL L 1 -2.51 -68.15 -38.34
CA VAL L 1 -2.46 -67.23 -37.20
C VAL L 1 -3.29 -67.74 -36.03
N LEU L 2 -2.66 -67.94 -34.87
CA LEU L 2 -3.30 -68.27 -33.62
C LEU L 2 -3.76 -66.95 -33.00
N SER L 3 -5.06 -66.68 -33.19
CA SER L 3 -5.77 -65.60 -32.54
C SER L 3 -6.77 -66.22 -31.58
N TYR L 4 -6.88 -65.65 -30.37
CA TYR L 4 -7.97 -65.87 -29.42
C TYR L 4 -8.97 -64.73 -29.49
N HIS L 5 -9.49 -64.35 -30.66
CA HIS L 5 -10.79 -63.71 -30.79
C HIS L 5 -12.00 -64.59 -30.56
N ASP L 6 -11.78 -65.89 -30.29
CA ASP L 6 -12.96 -66.72 -30.23
C ASP L 6 -13.82 -66.45 -28.99
N SER L 7 -13.26 -66.20 -27.80
CA SER L 7 -13.87 -65.79 -26.56
C SER L 7 -14.48 -64.42 -26.79
N ILE L 8 -13.86 -63.70 -27.73
CA ILE L 8 -14.18 -62.30 -27.96
C ILE L 8 -15.40 -62.18 -28.85
N LYS L 9 -15.64 -63.18 -29.70
CA LYS L 9 -16.79 -63.35 -30.56
C LYS L 9 -17.98 -63.74 -29.71
N ASP L 10 -17.98 -64.58 -28.66
CA ASP L 10 -19.21 -64.98 -28.00
C ASP L 10 -19.48 -64.15 -26.75
N ALA L 11 -18.48 -63.63 -26.04
CA ALA L 11 -18.67 -62.80 -24.88
C ALA L 11 -19.26 -61.43 -25.23
N LYS L 12 -19.09 -60.84 -26.42
CA LYS L 12 -19.71 -59.59 -26.82
C LYS L 12 -21.21 -59.73 -27.03
N LYS L 13 -21.73 -60.95 -27.20
CA LYS L 13 -23.15 -61.22 -27.22
C LYS L 13 -23.86 -61.31 -25.87
N SER L 14 -23.06 -61.59 -24.85
CA SER L 14 -23.39 -61.38 -23.44
C SER L 14 -22.97 -60.04 -22.84
N VAL L 15 -21.95 -59.30 -23.28
CA VAL L 15 -21.49 -58.10 -22.63
C VAL L 15 -22.26 -56.91 -23.18
N VAL L 16 -22.84 -56.03 -22.35
CA VAL L 16 -23.50 -54.80 -22.75
C VAL L 16 -22.56 -53.65 -22.44
N ASN L 17 -22.58 -52.61 -23.28
CA ASN L 17 -22.12 -51.26 -23.11
C ASN L 17 -23.36 -50.42 -22.76
N ILE L 18 -23.19 -49.32 -22.04
CA ILE L 18 -24.34 -48.72 -21.38
C ILE L 18 -24.50 -47.24 -21.71
N SER L 19 -25.73 -46.81 -21.97
CA SER L 19 -26.13 -45.45 -22.28
C SER L 19 -26.93 -44.84 -21.14
N THR L 20 -26.28 -44.49 -20.03
CA THR L 20 -26.96 -44.49 -18.75
C THR L 20 -27.71 -43.20 -18.56
N SER L 21 -28.66 -42.75 -19.37
CA SER L 21 -29.17 -41.39 -19.36
C SER L 21 -29.90 -41.09 -18.06
N LYS L 22 -29.29 -40.26 -17.21
CA LYS L 22 -29.73 -40.07 -15.86
C LYS L 22 -29.16 -38.73 -15.42
N THR L 23 -30.07 -37.83 -15.03
CA THR L 23 -29.81 -36.47 -14.61
C THR L 23 -28.98 -36.23 -13.36
N ILE L 24 -28.97 -37.15 -12.40
CA ILE L 24 -28.22 -37.22 -11.16
C ILE L 24 -27.17 -38.31 -11.30
N THR L 25 -26.12 -38.10 -12.10
CA THR L 25 -24.84 -38.73 -11.96
C THR L 25 -23.93 -37.95 -11.01
N ARG L 26 -24.25 -38.03 -9.72
CA ARG L 26 -23.56 -37.28 -8.70
C ARG L 26 -22.71 -38.14 -7.78
N ALA L 27 -23.04 -39.44 -7.66
CA ALA L 27 -22.15 -40.48 -7.20
C ALA L 27 -20.97 -40.70 -8.15
N ASN L 28 -21.14 -40.76 -9.48
CA ASN L 28 -20.06 -40.82 -10.44
C ASN L 28 -19.44 -39.50 -10.82
N ARG L 29 -19.58 -38.48 -9.97
CA ARG L 29 -18.87 -37.22 -10.00
C ARG L 29 -17.36 -37.42 -9.92
N PRO L 30 -16.61 -36.88 -10.88
CA PRO L 30 -15.18 -36.77 -10.73
C PRO L 30 -14.70 -36.06 -9.47
N SER L 31 -13.77 -36.70 -8.75
CA SER L 31 -13.28 -36.14 -7.51
C SER L 31 -12.22 -35.07 -7.79
N PRO L 32 -11.94 -34.13 -6.89
CA PRO L 32 -10.91 -33.11 -7.03
C PRO L 32 -9.53 -33.73 -7.16
N LEU L 33 -9.09 -34.04 -8.38
CA LEU L 33 -7.73 -34.42 -8.70
C LEU L 33 -7.32 -33.51 -9.84
N ASP L 34 -6.01 -33.41 -10.07
CA ASP L 34 -5.42 -32.60 -11.13
C ASP L 34 -5.41 -33.25 -12.50
N ASP L 35 -6.45 -33.97 -12.92
CA ASP L 35 -6.63 -34.59 -14.22
C ASP L 35 -6.98 -33.55 -15.27
N PHE L 36 -7.00 -33.91 -16.55
CA PHE L 36 -6.96 -32.88 -17.56
C PHE L 36 -8.19 -31.97 -17.65
N PHE L 37 -7.97 -30.68 -17.40
CA PHE L 37 -8.97 -29.70 -17.06
C PHE L 37 -8.72 -28.33 -17.69
N ASN L 38 -9.74 -27.51 -17.98
CA ASN L 38 -9.74 -26.44 -18.96
C ASN L 38 -9.62 -26.90 -20.42
N ASP L 39 -9.18 -28.12 -20.71
CA ASP L 39 -9.22 -28.72 -22.02
C ASP L 39 -9.84 -30.11 -22.08
N PRO L 40 -10.88 -30.49 -21.35
CA PRO L 40 -11.60 -31.74 -21.49
C PRO L 40 -12.44 -31.89 -22.75
N TYR L 41 -11.79 -32.37 -23.82
CA TYR L 41 -12.32 -32.73 -25.12
C TYR L 41 -13.16 -33.98 -25.03
N PHE L 42 -12.75 -35.13 -25.57
CA PHE L 42 -13.49 -36.35 -25.36
C PHE L 42 -13.07 -36.92 -24.00
N LYS L 43 -14.06 -37.44 -23.27
CA LYS L 43 -13.80 -37.92 -21.93
C LYS L 43 -12.76 -39.03 -21.94
N GLN L 44 -11.82 -39.00 -20.98
CA GLN L 44 -10.72 -39.91 -20.77
C GLN L 44 -9.57 -40.04 -21.76
N PHE L 45 -9.47 -39.08 -22.68
CA PHE L 45 -8.40 -39.04 -23.66
C PHE L 45 -7.23 -38.32 -23.00
N PHE L 46 -6.34 -37.67 -23.74
CA PHE L 46 -5.33 -36.72 -23.27
C PHE L 46 -4.98 -35.72 -24.37
N ASP L 47 -5.05 -36.17 -25.63
CA ASP L 47 -4.77 -35.47 -26.87
C ASP L 47 -5.20 -34.01 -26.92
N PHE L 48 -4.32 -33.19 -27.50
CA PHE L 48 -4.50 -31.81 -27.92
C PHE L 48 -5.43 -31.82 -29.12
N ASP L 49 -6.04 -30.65 -29.36
CA ASP L 49 -7.08 -30.37 -30.34
C ASP L 49 -6.96 -31.19 -31.61
N PHE L 50 -7.92 -32.09 -31.86
CA PHE L 50 -8.19 -32.91 -33.02
C PHE L 50 -9.39 -32.24 -33.67
N PRO L 51 -9.65 -32.22 -34.98
CA PRO L 51 -10.82 -31.66 -35.65
C PRO L 51 -12.19 -32.20 -35.27
N GLN L 52 -12.35 -33.34 -34.61
CA GLN L 52 -13.65 -33.87 -34.23
C GLN L 52 -14.25 -33.17 -33.02
N ARG L 53 -14.94 -32.05 -33.23
CA ARG L 53 -15.54 -31.23 -32.20
C ARG L 53 -16.53 -32.08 -31.41
N LYS L 54 -16.88 -31.58 -30.23
CA LYS L 54 -17.78 -32.19 -29.27
C LYS L 54 -18.96 -32.86 -29.94
N GLY L 55 -19.22 -34.13 -29.59
CA GLY L 55 -20.06 -35.06 -30.32
C GLY L 55 -19.90 -36.55 -30.05
N LYS L 56 -18.82 -36.97 -29.40
CA LYS L 56 -18.49 -38.35 -29.14
C LYS L 56 -18.41 -38.77 -27.68
N ASN L 57 -17.87 -37.93 -26.79
CA ASN L 57 -17.74 -38.29 -25.39
C ASN L 57 -17.80 -37.08 -24.47
N ASP L 58 -18.96 -36.82 -23.84
CA ASP L 58 -19.36 -35.65 -23.08
C ASP L 58 -20.51 -35.98 -22.13
N LYS L 59 -21.32 -36.99 -22.44
CA LYS L 59 -22.57 -37.27 -21.76
C LYS L 59 -22.57 -37.56 -20.26
N GLU L 60 -21.40 -37.86 -19.68
CA GLU L 60 -21.16 -38.39 -18.36
C GLU L 60 -21.51 -37.37 -17.27
N VAL L 61 -21.99 -36.18 -17.60
CA VAL L 61 -22.56 -35.14 -16.77
C VAL L 61 -24.06 -35.29 -16.54
N VAL L 62 -24.78 -35.90 -17.49
CA VAL L 62 -26.21 -36.05 -17.48
C VAL L 62 -26.53 -37.48 -17.93
N SER L 63 -25.55 -38.38 -17.80
CA SER L 63 -25.68 -39.78 -18.17
C SER L 63 -24.45 -40.50 -17.62
N SER L 64 -24.27 -41.81 -17.84
CA SER L 64 -22.99 -42.41 -17.58
C SER L 64 -22.45 -43.25 -18.74
N LEU L 65 -21.19 -43.70 -18.65
CA LEU L 65 -20.60 -44.70 -19.51
C LEU L 65 -19.97 -45.79 -18.66
N GLY L 66 -20.18 -47.04 -19.08
CA GLY L 66 -19.83 -48.32 -18.51
C GLY L 66 -20.31 -49.55 -19.28
N SER L 67 -20.22 -50.66 -18.55
CA SER L 67 -20.27 -52.00 -19.12
C SER L 67 -21.04 -52.93 -18.20
N GLY L 68 -21.42 -54.10 -18.72
CA GLY L 68 -21.84 -55.22 -17.91
C GLY L 68 -22.20 -56.49 -18.68
N VAL L 69 -22.79 -57.50 -18.04
CA VAL L 69 -22.91 -58.81 -18.67
C VAL L 69 -24.35 -59.27 -18.52
N ILE L 70 -24.93 -59.80 -19.59
CA ILE L 70 -26.17 -60.55 -19.55
C ILE L 70 -25.98 -61.98 -19.06
N ILE L 71 -26.36 -62.18 -17.79
CA ILE L 71 -26.16 -63.40 -17.02
C ILE L 71 -27.00 -64.63 -17.37
N SER L 72 -28.31 -64.36 -17.56
CA SER L 72 -29.26 -65.36 -17.96
C SER L 72 -30.26 -64.87 -19.00
N LYS L 73 -30.95 -65.78 -19.68
CA LYS L 73 -31.71 -65.59 -20.90
C LYS L 73 -32.98 -64.79 -20.70
N ASP L 74 -33.26 -64.55 -19.42
CA ASP L 74 -34.23 -63.60 -18.95
C ASP L 74 -33.93 -62.16 -19.34
N GLY L 75 -32.74 -62.00 -19.95
CA GLY L 75 -32.14 -60.72 -20.27
C GLY L 75 -31.63 -59.93 -19.06
N TYR L 76 -31.13 -60.62 -18.04
CA TYR L 76 -30.71 -60.07 -16.77
C TYR L 76 -29.27 -59.57 -16.84
N ILE L 77 -29.06 -58.25 -16.96
CA ILE L 77 -27.77 -57.61 -16.92
C ILE L 77 -27.30 -57.23 -15.52
N VAL L 78 -25.99 -57.32 -15.27
CA VAL L 78 -25.41 -56.80 -14.04
C VAL L 78 -24.23 -55.90 -14.42
N THR L 79 -24.17 -54.81 -13.65
CA THR L 79 -23.08 -53.86 -13.58
C THR L 79 -22.93 -53.35 -12.16
N ASN L 80 -22.05 -52.37 -11.93
CA ASN L 80 -21.93 -51.80 -10.61
C ASN L 80 -23.10 -50.91 -10.24
N ASN L 81 -23.38 -50.67 -8.96
CA ASN L 81 -24.34 -49.70 -8.49
C ASN L 81 -23.94 -48.26 -8.82
N HIS L 82 -22.65 -47.94 -8.73
CA HIS L 82 -22.22 -46.56 -8.86
C HIS L 82 -22.52 -46.07 -10.26
N VAL L 83 -22.28 -46.94 -11.23
CA VAL L 83 -22.52 -46.72 -12.65
C VAL L 83 -23.96 -46.30 -12.88
N VAL L 84 -24.95 -46.95 -12.28
CA VAL L 84 -26.37 -46.76 -12.50
C VAL L 84 -27.09 -45.80 -11.54
N ASP L 85 -26.55 -45.56 -10.34
CA ASP L 85 -27.11 -44.89 -9.18
C ASP L 85 -27.98 -43.73 -9.63
N ASP L 86 -29.23 -43.67 -9.16
CA ASP L 86 -30.33 -42.91 -9.72
C ASP L 86 -30.72 -43.25 -11.15
N ALA L 87 -31.10 -44.52 -11.27
CA ALA L 87 -31.24 -45.32 -12.47
C ALA L 87 -32.50 -45.03 -13.27
N ASP L 88 -32.68 -43.73 -13.56
CA ASP L 88 -33.83 -43.21 -14.25
C ASP L 88 -34.11 -43.87 -15.59
N THR L 89 -33.49 -43.41 -16.68
CA THR L 89 -33.58 -43.85 -18.06
C THR L 89 -32.29 -44.50 -18.55
N ILE L 90 -31.87 -45.62 -17.92
CA ILE L 90 -30.64 -46.33 -18.14
C ILE L 90 -30.67 -47.18 -19.40
N THR L 91 -30.30 -46.53 -20.49
CA THR L 91 -30.36 -47.12 -21.81
C THR L 91 -29.19 -48.04 -22.08
N VAL L 92 -29.23 -48.91 -23.10
CA VAL L 92 -28.18 -49.84 -23.46
C VAL L 92 -27.66 -49.74 -24.89
N ASN L 93 -26.50 -50.29 -25.24
CA ASN L 93 -26.07 -50.74 -26.54
C ASN L 93 -25.30 -52.05 -26.37
N LEU L 94 -25.89 -53.12 -26.90
CA LEU L 94 -25.26 -54.42 -26.82
C LEU L 94 -24.33 -54.58 -28.02
N PRO L 95 -23.03 -54.87 -27.89
CA PRO L 95 -22.16 -55.19 -29.00
C PRO L 95 -22.67 -56.42 -29.73
N GLY L 96 -22.46 -56.44 -31.05
CA GLY L 96 -22.88 -57.47 -31.96
C GLY L 96 -24.38 -57.44 -32.24
N SER L 97 -25.23 -56.50 -31.81
CA SER L 97 -26.59 -56.38 -32.29
C SER L 97 -27.20 -54.97 -32.27
N ASP L 98 -26.59 -54.02 -31.56
CA ASP L 98 -26.89 -52.61 -31.55
C ASP L 98 -28.21 -52.09 -31.00
N ILE L 99 -28.89 -52.86 -30.14
CA ILE L 99 -30.18 -52.55 -29.59
C ILE L 99 -30.15 -51.40 -28.59
N GLU L 100 -31.08 -50.47 -28.57
CA GLU L 100 -30.99 -49.28 -27.73
C GLU L 100 -32.28 -48.94 -27.00
N TYR L 101 -32.62 -49.77 -26.01
CA TYR L 101 -33.79 -49.65 -25.15
C TYR L 101 -33.25 -49.19 -23.80
N LYS L 102 -34.21 -48.67 -23.02
CA LYS L 102 -34.02 -48.49 -21.59
C LYS L 102 -34.10 -49.86 -20.95
N ALA L 103 -33.43 -49.99 -19.80
CA ALA L 103 -33.48 -51.21 -19.02
C ALA L 103 -34.00 -50.76 -17.65
N LYS L 104 -34.57 -51.79 -17.01
CA LYS L 104 -35.29 -51.81 -15.75
C LYS L 104 -34.35 -52.15 -14.61
N LEU L 105 -34.27 -51.38 -13.53
CA LEU L 105 -33.65 -51.69 -12.25
C LEU L 105 -34.53 -52.63 -11.44
N ILE L 106 -34.20 -53.93 -11.45
CA ILE L 106 -34.86 -54.94 -10.67
C ILE L 106 -34.36 -54.78 -9.24
N GLY L 107 -33.05 -54.57 -9.07
CA GLY L 107 -32.49 -54.45 -7.74
C GLY L 107 -31.06 -53.91 -7.65
N LYS L 108 -30.75 -53.20 -6.57
CA LYS L 108 -29.43 -52.71 -6.20
C LYS L 108 -29.03 -53.14 -4.81
N ASP L 109 -27.72 -53.07 -4.56
CA ASP L 109 -27.07 -53.16 -3.28
C ASP L 109 -25.83 -52.28 -3.30
N PRO L 110 -25.68 -51.21 -2.51
CA PRO L 110 -24.58 -50.28 -2.54
C PRO L 110 -23.36 -50.67 -1.70
N LYS L 111 -23.39 -51.91 -1.22
CA LYS L 111 -22.44 -52.43 -0.26
C LYS L 111 -21.47 -53.41 -0.91
N THR L 112 -21.89 -54.32 -1.79
CA THR L 112 -21.07 -54.90 -2.83
C THR L 112 -21.08 -54.04 -4.08
N ASP L 113 -22.05 -53.11 -4.17
CA ASP L 113 -22.20 -52.19 -5.27
C ASP L 113 -22.54 -52.92 -6.56
N LEU L 114 -23.57 -53.77 -6.55
CA LEU L 114 -24.00 -54.62 -7.63
C LEU L 114 -25.47 -54.35 -7.91
N ALA L 115 -25.80 -54.09 -9.19
CA ALA L 115 -27.17 -54.00 -9.65
C ALA L 115 -27.55 -55.12 -10.60
N VAL L 116 -28.79 -55.60 -10.44
CA VAL L 116 -29.52 -56.46 -11.35
C VAL L 116 -30.60 -55.62 -12.04
N ILE L 117 -30.50 -55.82 -13.35
CA ILE L 117 -31.26 -55.01 -14.28
C ILE L 117 -31.76 -55.90 -15.41
N LYS L 118 -33.01 -55.75 -15.86
CA LYS L 118 -33.72 -56.40 -16.93
C LYS L 118 -33.76 -55.47 -18.15
N ILE L 119 -33.17 -55.89 -19.26
CA ILE L 119 -33.34 -55.29 -20.57
C ILE L 119 -34.39 -55.91 -21.48
N GLU L 120 -35.32 -55.16 -22.07
CA GLU L 120 -36.64 -55.53 -22.56
C GLU L 120 -36.64 -56.05 -23.98
N ALA L 121 -35.99 -57.19 -24.27
CA ALA L 121 -35.97 -57.76 -25.60
C ALA L 121 -36.04 -59.28 -25.55
N ASN L 122 -36.41 -59.89 -26.68
CA ASN L 122 -36.25 -61.32 -26.81
C ASN L 122 -34.88 -61.79 -27.28
N ASN L 123 -34.54 -63.05 -26.98
CA ASN L 123 -33.38 -63.86 -27.24
C ASN L 123 -32.10 -63.15 -26.82
N LEU L 124 -32.20 -62.54 -25.64
CA LEU L 124 -30.95 -62.13 -25.03
C LEU L 124 -30.21 -63.37 -24.55
N SER L 125 -28.88 -63.22 -24.55
CA SER L 125 -27.97 -64.23 -24.07
C SER L 125 -27.90 -64.50 -22.57
N ALA L 126 -27.22 -65.61 -22.23
CA ALA L 126 -26.61 -65.90 -20.94
C ALA L 126 -25.11 -65.70 -20.99
N ILE L 127 -24.46 -65.88 -19.84
CA ILE L 127 -23.08 -66.32 -19.74
C ILE L 127 -22.87 -67.60 -18.94
N THR L 128 -22.03 -68.52 -19.43
CA THR L 128 -21.62 -69.72 -18.72
C THR L 128 -20.94 -69.23 -17.44
N PHE L 129 -21.53 -69.24 -16.23
CA PHE L 129 -21.02 -68.68 -14.99
C PHE L 129 -20.34 -69.74 -14.15
N THR L 130 -19.09 -70.12 -14.46
CA THR L 130 -18.13 -71.03 -13.85
C THR L 130 -17.70 -70.37 -12.55
N ASN L 131 -17.09 -71.24 -11.74
CA ASN L 131 -16.54 -70.91 -10.44
C ASN L 131 -15.24 -70.14 -10.58
N SER L 132 -15.16 -69.20 -9.63
CA SER L 132 -14.01 -68.32 -9.65
C SER L 132 -12.99 -68.67 -8.57
N ASP L 133 -13.30 -69.67 -7.74
CA ASP L 133 -12.39 -70.29 -6.79
C ASP L 133 -11.64 -71.52 -7.26
N ASP L 134 -12.02 -72.01 -8.45
CA ASP L 134 -11.27 -72.90 -9.34
C ASP L 134 -10.00 -72.26 -9.87
N LEU L 135 -9.62 -71.04 -9.50
CA LEU L 135 -8.51 -70.29 -10.05
C LEU L 135 -7.17 -70.21 -9.33
N MET L 136 -6.10 -70.15 -10.11
CA MET L 136 -4.70 -70.09 -9.73
C MET L 136 -4.08 -68.81 -10.26
N GLU L 137 -3.09 -68.26 -9.54
CA GLU L 137 -2.25 -67.19 -10.05
C GLU L 137 -1.41 -67.70 -11.21
N GLY L 138 -1.49 -66.95 -12.31
CA GLY L 138 -0.91 -67.22 -13.62
C GLY L 138 -1.78 -68.12 -14.49
N ASP L 139 -3.06 -68.31 -14.14
CA ASP L 139 -4.10 -68.66 -15.09
C ASP L 139 -4.42 -67.62 -16.15
N VAL L 140 -4.64 -68.10 -17.38
CA VAL L 140 -4.95 -67.29 -18.55
C VAL L 140 -6.42 -66.92 -18.58
N VAL L 141 -6.63 -65.63 -18.90
CA VAL L 141 -7.91 -64.96 -18.85
C VAL L 141 -8.08 -63.92 -19.95
N PHE L 142 -9.26 -63.32 -20.03
CA PHE L 142 -9.49 -62.06 -20.70
C PHE L 142 -10.40 -61.09 -19.96
N ALA L 143 -10.22 -59.80 -20.25
CA ALA L 143 -10.89 -58.72 -19.54
C ALA L 143 -11.49 -57.77 -20.56
N LEU L 144 -12.80 -57.60 -20.42
CA LEU L 144 -13.67 -57.21 -21.51
C LEU L 144 -14.60 -56.08 -21.08
N GLY L 145 -14.88 -55.10 -21.94
CA GLY L 145 -15.81 -54.04 -21.66
C GLY L 145 -15.79 -52.91 -22.69
N ASN L 146 -16.03 -51.68 -22.21
CA ASN L 146 -16.11 -50.48 -23.00
C ASN L 146 -15.06 -49.50 -22.51
N PRO L 147 -13.76 -49.75 -22.68
CA PRO L 147 -12.71 -48.85 -22.23
C PRO L 147 -12.70 -47.47 -22.87
N PHE L 148 -13.07 -46.43 -22.12
CA PHE L 148 -13.06 -45.03 -22.54
C PHE L 148 -13.79 -44.67 -23.83
N GLY L 149 -14.90 -45.43 -23.95
CA GLY L 149 -15.81 -45.14 -25.03
C GLY L 149 -15.30 -45.58 -26.39
N VAL L 150 -14.21 -46.34 -26.49
CA VAL L 150 -13.82 -46.84 -27.78
C VAL L 150 -14.81 -47.79 -28.44
N GLY L 151 -15.80 -48.35 -27.73
CA GLY L 151 -16.67 -49.39 -28.21
C GLY L 151 -16.36 -50.58 -27.32
N PHE L 152 -16.97 -51.72 -27.63
CA PHE L 152 -16.58 -52.95 -26.97
C PHE L 152 -15.11 -53.23 -27.31
N SER L 153 -14.24 -53.35 -26.31
CA SER L 153 -12.92 -53.92 -26.44
C SER L 153 -12.52 -54.85 -25.29
N VAL L 154 -11.41 -55.55 -25.52
CA VAL L 154 -10.91 -56.65 -24.70
C VAL L 154 -9.39 -56.62 -24.67
N THR L 155 -8.86 -57.13 -23.57
CA THR L 155 -7.45 -57.44 -23.41
C THR L 155 -7.28 -58.84 -22.86
N SER L 156 -6.17 -59.49 -23.23
CA SER L 156 -5.76 -60.72 -22.58
C SER L 156 -4.84 -60.48 -21.40
N GLY L 157 -4.80 -61.48 -20.50
CA GLY L 157 -3.94 -61.41 -19.33
C GLY L 157 -3.77 -62.72 -18.59
N ILE L 158 -3.02 -62.55 -17.50
CA ILE L 158 -2.84 -63.61 -16.52
C ILE L 158 -3.29 -63.09 -15.17
N ILE L 159 -3.70 -64.04 -14.32
CA ILE L 159 -3.96 -63.81 -12.91
C ILE L 159 -2.69 -63.40 -12.17
N SER L 160 -2.72 -62.50 -11.20
CA SER L 160 -1.61 -61.96 -10.45
C SER L 160 -1.81 -61.83 -8.95
N ALA L 161 -3.02 -62.11 -8.46
CA ALA L 161 -3.41 -62.22 -7.07
C ALA L 161 -4.85 -62.69 -6.98
N LEU L 162 -5.17 -63.19 -5.78
CA LEU L 162 -6.42 -63.85 -5.47
C LEU L 162 -7.16 -63.31 -4.25
N ASN L 163 -8.48 -63.15 -4.30
CA ASN L 163 -9.43 -63.05 -3.21
C ASN L 163 -8.98 -62.02 -2.19
N LYS L 164 -8.90 -60.73 -2.52
CA LYS L 164 -8.41 -59.60 -1.78
C LYS L 164 -9.48 -58.61 -1.31
N ASP L 165 -9.41 -58.27 -0.02
CA ASP L 165 -10.17 -57.21 0.61
C ASP L 165 -9.09 -56.19 0.93
N ASN L 166 -9.34 -55.31 1.91
CA ASN L 166 -8.72 -54.02 2.14
C ASN L 166 -8.77 -53.00 1.01
N ILE L 167 -9.45 -53.32 -0.08
CA ILE L 167 -9.54 -52.46 -1.25
C ILE L 167 -10.58 -51.38 -0.99
N GLY L 168 -11.63 -51.72 -0.23
CA GLY L 168 -12.37 -50.72 0.51
C GLY L 168 -13.20 -49.78 -0.34
N LEU L 169 -13.45 -50.10 -1.62
CA LEU L 169 -14.25 -49.30 -2.52
C LEU L 169 -15.63 -48.99 -1.99
N ASN L 170 -16.24 -49.93 -1.26
CA ASN L 170 -17.61 -49.85 -0.81
C ASN L 170 -17.59 -50.32 0.65
N GLN L 171 -18.06 -51.55 0.83
CA GLN L 171 -18.11 -52.21 2.13
C GLN L 171 -17.65 -53.66 2.18
N TYR L 172 -17.93 -54.46 1.15
CA TYR L 172 -17.56 -55.86 1.03
C TYR L 172 -16.83 -56.07 -0.30
N GLU L 173 -15.53 -56.37 -0.19
CA GLU L 173 -14.51 -56.53 -1.22
C GLU L 173 -13.83 -57.88 -1.12
N ASN L 174 -13.56 -58.61 -2.21
CA ASN L 174 -12.94 -59.91 -2.12
C ASN L 174 -12.20 -60.25 -3.41
N PHE L 175 -11.72 -59.19 -4.07
CA PHE L 175 -11.26 -59.13 -5.45
C PHE L 175 -10.09 -59.97 -5.93
N ILE L 176 -9.98 -60.26 -7.22
CA ILE L 176 -9.02 -61.04 -7.99
C ILE L 176 -8.16 -60.09 -8.81
N GLN L 177 -6.85 -60.28 -8.90
CA GLN L 177 -5.93 -59.48 -9.70
C GLN L 177 -5.60 -60.17 -11.01
N THR L 178 -5.46 -59.38 -12.09
CA THR L 178 -4.91 -59.74 -13.38
C THR L 178 -4.07 -58.53 -13.78
N ASP L 179 -3.18 -58.75 -14.77
CA ASP L 179 -2.42 -57.65 -15.31
C ASP L 179 -3.10 -56.85 -16.41
N ALA L 180 -4.02 -57.45 -17.17
CA ALA L 180 -4.57 -56.83 -18.36
C ALA L 180 -5.26 -55.47 -18.22
N SER L 181 -5.08 -54.65 -19.26
CA SER L 181 -5.66 -53.31 -19.34
C SER L 181 -7.15 -53.14 -19.48
N ILE L 182 -7.63 -52.38 -18.49
CA ILE L 182 -8.98 -52.06 -18.11
C ILE L 182 -9.10 -50.65 -17.53
N ASN L 183 -10.20 -49.95 -17.78
CA ASN L 183 -10.42 -48.56 -17.45
C ASN L 183 -11.74 -48.44 -16.69
N PRO L 184 -12.02 -47.30 -16.04
CA PRO L 184 -13.35 -46.76 -16.00
C PRO L 184 -14.04 -46.82 -17.37
N GLY L 185 -15.31 -47.23 -17.36
CA GLY L 185 -16.02 -47.53 -18.58
C GLY L 185 -16.02 -49.01 -18.90
N ASN L 186 -15.08 -49.83 -18.43
CA ASN L 186 -15.20 -51.26 -18.28
C ASN L 186 -15.98 -51.61 -17.03
N SER L 187 -16.34 -50.57 -16.26
CA SER L 187 -17.05 -50.60 -14.99
C SER L 187 -18.26 -51.51 -14.89
N GLY L 188 -17.99 -52.73 -14.40
CA GLY L 188 -18.98 -53.76 -14.14
C GLY L 188 -18.95 -54.91 -15.13
N GLY L 189 -17.98 -54.83 -16.04
CA GLY L 189 -17.81 -55.71 -17.18
C GLY L 189 -17.05 -56.98 -16.83
N ALA L 190 -16.84 -57.92 -17.75
CA ALA L 190 -16.32 -59.24 -17.45
C ALA L 190 -14.82 -59.39 -17.40
N LEU L 191 -14.37 -60.31 -16.54
CA LEU L 191 -13.22 -61.17 -16.72
C LEU L 191 -13.79 -62.56 -16.94
N VAL L 192 -13.35 -63.20 -18.04
CA VAL L 192 -13.67 -64.56 -18.41
C VAL L 192 -12.35 -65.31 -18.46
N ASP L 193 -12.38 -66.63 -18.43
CA ASP L 193 -11.18 -67.42 -18.57
C ASP L 193 -10.85 -67.69 -20.03
N SER L 194 -9.73 -68.37 -20.26
CA SER L 194 -9.38 -69.00 -21.51
C SER L 194 -10.30 -70.05 -22.13
N ARG L 195 -11.51 -70.26 -21.60
CA ARG L 195 -12.59 -71.06 -22.13
C ARG L 195 -13.85 -70.22 -22.39
N GLY L 196 -13.78 -68.92 -22.10
CA GLY L 196 -14.83 -67.92 -22.17
C GLY L 196 -15.94 -67.95 -21.13
N TYR L 197 -15.67 -68.63 -20.01
CA TYR L 197 -16.59 -68.69 -18.89
C TYR L 197 -16.36 -67.51 -17.95
N LEU L 198 -17.38 -67.00 -17.26
CA LEU L 198 -17.31 -65.86 -16.36
C LEU L 198 -16.63 -66.22 -15.04
N VAL L 199 -15.60 -65.49 -14.63
CA VAL L 199 -14.75 -65.74 -13.48
C VAL L 199 -14.50 -64.55 -12.58
N GLY L 200 -14.56 -63.36 -13.18
CA GLY L 200 -14.51 -62.09 -12.46
C GLY L 200 -15.27 -60.96 -13.14
N ILE L 201 -15.49 -59.85 -12.44
CA ILE L 201 -16.20 -58.67 -12.90
C ILE L 201 -15.45 -57.44 -12.44
N ASN L 202 -14.92 -56.62 -13.36
CA ASN L 202 -14.06 -55.50 -13.07
C ASN L 202 -14.82 -54.23 -12.70
N SER L 203 -14.55 -53.72 -11.51
CA SER L 203 -15.15 -52.51 -10.98
C SER L 203 -14.30 -51.26 -11.09
N ALA L 204 -13.05 -51.28 -10.63
CA ALA L 204 -12.03 -50.26 -10.58
C ALA L 204 -10.61 -50.77 -10.36
N ILE L 205 -9.59 -49.95 -10.66
CA ILE L 205 -8.21 -50.34 -10.94
C ILE L 205 -7.26 -49.49 -10.12
N LEU L 206 -6.14 -50.12 -9.78
CA LEU L 206 -5.04 -49.40 -9.17
C LEU L 206 -4.06 -48.74 -10.14
N SER L 207 -4.49 -47.57 -10.62
CA SER L 207 -3.93 -46.79 -11.70
C SER L 207 -3.61 -45.33 -11.37
N ARG L 208 -2.82 -44.73 -12.26
CA ARG L 208 -2.32 -43.39 -12.12
C ARG L 208 -2.86 -42.31 -13.04
N GLY L 209 -3.63 -42.66 -14.08
CA GLY L 209 -4.39 -41.77 -14.93
C GLY L 209 -5.50 -42.56 -15.59
N GLY L 210 -6.14 -43.45 -14.81
CA GLY L 210 -7.30 -44.14 -15.33
C GLY L 210 -7.16 -45.23 -16.40
N GLY L 211 -6.11 -45.16 -17.20
CA GLY L 211 -5.60 -46.30 -17.95
C GLY L 211 -4.82 -47.28 -17.09
N ASN L 212 -4.80 -48.59 -17.34
CA ASN L 212 -4.24 -49.59 -16.45
C ASN L 212 -2.71 -49.52 -16.40
N ASN L 213 -2.14 -49.76 -15.21
CA ASN L 213 -0.71 -49.82 -14.99
C ASN L 213 -0.23 -51.23 -14.61
N GLY L 214 -1.09 -52.24 -14.61
CA GLY L 214 -0.69 -53.64 -14.47
C GLY L 214 -1.33 -54.40 -13.34
N ILE L 215 -2.40 -53.80 -12.80
CA ILE L 215 -2.90 -54.06 -11.47
C ILE L 215 -4.43 -54.07 -11.37
N GLY L 216 -5.07 -54.85 -12.22
CA GLY L 216 -6.51 -54.85 -12.41
C GLY L 216 -7.32 -55.71 -11.46
N PHE L 217 -8.52 -55.29 -11.04
CA PHE L 217 -9.31 -56.00 -10.05
C PHE L 217 -10.67 -56.45 -10.51
N ALA L 218 -11.03 -57.74 -10.47
CA ALA L 218 -12.27 -58.43 -10.77
C ALA L 218 -12.91 -58.97 -9.50
N ILE L 219 -14.20 -58.71 -9.28
CA ILE L 219 -14.94 -59.31 -8.20
C ILE L 219 -15.14 -60.75 -8.64
N PRO L 220 -15.16 -61.76 -7.76
CA PRO L 220 -15.34 -63.14 -8.14
C PRO L 220 -16.72 -63.41 -8.70
N SER L 221 -16.89 -64.29 -9.68
CA SER L 221 -18.16 -64.67 -10.27
C SER L 221 -19.08 -65.37 -9.28
N ASN L 222 -18.57 -66.08 -8.28
CA ASN L 222 -19.44 -66.73 -7.31
C ASN L 222 -20.15 -65.81 -6.33
N MET L 223 -19.48 -64.72 -5.89
CA MET L 223 -20.05 -63.57 -5.23
C MET L 223 -21.12 -62.91 -6.09
N VAL L 224 -20.92 -62.46 -7.33
CA VAL L 224 -22.04 -61.86 -8.02
C VAL L 224 -23.21 -62.80 -8.31
N LYS L 225 -22.96 -64.10 -8.41
CA LYS L 225 -24.04 -65.03 -8.70
C LYS L 225 -24.98 -65.06 -7.52
N ASP L 226 -24.42 -65.23 -6.33
CA ASP L 226 -25.09 -65.36 -5.05
C ASP L 226 -25.77 -64.03 -4.77
N ILE L 227 -25.13 -62.86 -4.96
CA ILE L 227 -25.62 -61.50 -4.81
C ILE L 227 -26.84 -61.31 -5.70
N ALA L 228 -26.70 -61.62 -6.99
CA ALA L 228 -27.83 -61.40 -7.87
C ALA L 228 -29.06 -62.25 -7.63
N LYS L 229 -29.03 -63.45 -7.03
CA LYS L 229 -30.23 -64.22 -6.76
C LYS L 229 -31.08 -63.43 -5.79
N LYS L 230 -30.43 -62.70 -4.88
CA LYS L 230 -31.08 -61.83 -3.91
C LYS L 230 -31.77 -60.61 -4.50
N LEU L 231 -31.08 -59.98 -5.44
CA LEU L 231 -31.61 -58.82 -6.11
C LEU L 231 -32.78 -59.21 -6.99
N ILE L 232 -32.83 -60.38 -7.62
CA ILE L 232 -33.93 -60.95 -8.37
C ILE L 232 -35.11 -61.29 -7.47
N GLU L 233 -34.85 -61.76 -6.25
CA GLU L 233 -35.87 -62.28 -5.35
C GLU L 233 -36.56 -61.22 -4.51
N LYS L 234 -36.02 -60.06 -4.15
CA LYS L 234 -36.70 -59.00 -3.44
C LYS L 234 -36.27 -57.65 -3.99
N GLY L 235 -35.43 -57.52 -5.03
CA GLY L 235 -35.04 -56.19 -5.45
C GLY L 235 -33.94 -55.58 -4.59
N LYS L 236 -33.31 -56.29 -3.65
CA LYS L 236 -32.30 -55.81 -2.73
C LYS L 236 -31.59 -56.98 -2.05
N ILE L 237 -30.48 -56.68 -1.37
CA ILE L 237 -29.84 -57.66 -0.51
C ILE L 237 -29.81 -57.19 0.93
N ASP L 238 -30.08 -58.06 1.91
CA ASP L 238 -30.21 -57.78 3.33
C ASP L 238 -29.05 -58.41 4.09
N ARG L 239 -28.25 -57.63 4.83
CA ARG L 239 -27.04 -58.10 5.49
C ARG L 239 -27.14 -58.11 7.02
N GLY L 240 -26.82 -59.21 7.70
CA GLY L 240 -26.76 -59.17 9.15
C GLY L 240 -25.39 -58.76 9.69
N PHE L 241 -25.00 -59.27 10.86
CA PHE L 241 -23.66 -59.62 11.26
C PHE L 241 -23.75 -60.85 12.15
N LEU L 242 -22.75 -61.09 13.00
CA LEU L 242 -22.96 -61.73 14.28
C LEU L 242 -22.99 -60.79 15.47
N GLY L 243 -22.59 -59.54 15.23
CA GLY L 243 -22.50 -58.51 16.25
C GLY L 243 -21.19 -58.54 17.00
N VAL L 244 -20.06 -58.21 16.37
CA VAL L 244 -18.70 -58.51 16.81
C VAL L 244 -17.67 -57.63 16.13
N THR L 245 -16.52 -57.29 16.72
CA THR L 245 -15.31 -56.74 16.17
C THR L 245 -14.15 -57.72 16.10
N ILE L 246 -13.44 -57.77 14.97
CA ILE L 246 -12.70 -58.96 14.60
C ILE L 246 -11.54 -58.60 13.67
N LEU L 247 -10.45 -59.34 13.82
CA LEU L 247 -9.18 -59.25 13.13
C LEU L 247 -8.61 -60.59 12.71
N ALA L 248 -7.42 -60.67 12.11
CA ALA L 248 -6.71 -61.93 11.96
C ALA L 248 -5.85 -62.18 13.19
N LEU L 249 -5.51 -63.44 13.40
CA LEU L 249 -4.57 -63.71 14.48
C LEU L 249 -3.19 -63.22 14.06
N GLN L 250 -2.61 -62.51 15.04
CA GLN L 250 -1.29 -61.92 14.91
C GLN L 250 -0.24 -62.90 15.43
N GLY L 251 0.96 -62.75 14.87
CA GLY L 251 2.03 -63.70 15.08
C GLY L 251 2.36 -64.21 16.47
N ASP L 252 2.78 -63.29 17.34
CA ASP L 252 3.12 -63.61 18.70
C ASP L 252 1.84 -63.76 19.51
N THR L 253 0.69 -63.17 19.13
CA THR L 253 -0.59 -63.45 19.73
C THR L 253 -0.98 -64.92 19.68
N LYS L 254 -0.55 -65.68 18.67
CA LYS L 254 -0.75 -67.11 18.66
C LYS L 254 -0.06 -67.72 19.86
N LYS L 255 1.21 -67.32 20.07
CA LYS L 255 2.00 -67.85 21.16
C LYS L 255 1.46 -67.42 22.52
N ALA L 256 1.08 -66.14 22.59
CA ALA L 256 0.52 -65.62 23.83
C ALA L 256 -0.78 -66.26 24.29
N TYR L 257 -1.77 -66.47 23.42
CA TYR L 257 -3.09 -66.94 23.77
C TYR L 257 -3.32 -68.44 23.65
N LYS L 258 -2.28 -69.22 23.93
CA LYS L 258 -2.16 -70.68 23.96
C LYS L 258 -2.47 -71.35 22.63
N ASN L 259 -1.96 -70.84 21.51
CA ASN L 259 -1.73 -71.47 20.23
C ASN L 259 -2.93 -71.88 19.39
N GLN L 260 -4.14 -71.47 19.79
CA GLN L 260 -5.37 -71.55 19.02
C GLN L 260 -5.24 -70.84 17.69
N GLU L 261 -6.15 -71.08 16.74
CA GLU L 261 -6.05 -70.55 15.40
C GLU L 261 -7.32 -70.23 14.61
N GLY L 262 -7.46 -69.01 14.10
CA GLY L 262 -8.72 -68.54 13.54
C GLY L 262 -8.72 -67.03 13.67
N ALA L 263 -9.89 -66.44 13.41
CA ALA L 263 -10.05 -65.01 13.56
C ALA L 263 -10.06 -64.53 15.01
N LEU L 264 -9.39 -63.40 15.20
CA LEU L 264 -9.12 -62.79 16.49
C LEU L 264 -10.25 -61.82 16.77
N ILE L 265 -11.07 -61.94 17.82
CA ILE L 265 -12.14 -61.08 18.28
C ILE L 265 -11.54 -59.91 19.04
N THR L 266 -11.06 -58.85 18.37
CA THR L 266 -10.64 -57.70 19.11
C THR L 266 -11.63 -57.17 20.15
N ASP L 267 -12.93 -57.16 19.82
CA ASP L 267 -13.94 -56.84 20.80
C ASP L 267 -15.27 -57.47 20.44
N VAL L 268 -15.94 -58.14 21.38
CA VAL L 268 -17.32 -58.54 21.17
C VAL L 268 -18.23 -57.33 21.16
N GLN L 269 -19.07 -57.09 20.16
CA GLN L 269 -20.09 -56.06 20.12
C GLN L 269 -21.39 -56.48 20.77
N LYS L 270 -21.14 -56.78 22.05
CA LYS L 270 -21.94 -56.84 23.25
C LYS L 270 -23.30 -57.51 23.11
N GLY L 271 -23.52 -58.64 23.79
CA GLY L 271 -24.83 -59.26 23.93
C GLY L 271 -25.60 -59.32 22.62
N SER L 272 -24.93 -59.66 21.52
CA SER L 272 -25.45 -59.67 20.17
C SER L 272 -26.03 -61.06 19.91
N SER L 273 -25.45 -61.75 18.92
CA SER L 273 -25.59 -63.18 18.84
C SER L 273 -24.25 -63.82 19.20
N ALA L 274 -23.10 -63.16 19.05
CA ALA L 274 -21.78 -63.65 19.43
C ALA L 274 -21.72 -64.03 20.89
N ASP L 275 -22.28 -63.12 21.69
CA ASP L 275 -22.14 -63.28 23.12
C ASP L 275 -22.96 -64.34 23.86
N GLU L 276 -24.23 -64.51 23.47
CA GLU L 276 -25.20 -65.42 24.05
C GLU L 276 -24.90 -66.85 23.63
N ALA L 277 -24.31 -66.98 22.43
CA ALA L 277 -23.75 -68.22 21.97
C ALA L 277 -22.44 -68.61 22.67
N GLY L 278 -21.68 -67.67 23.23
CA GLY L 278 -20.62 -67.93 24.19
C GLY L 278 -19.27 -67.34 23.77
N LEU L 279 -19.19 -66.67 22.63
CA LEU L 279 -17.99 -65.96 22.21
C LEU L 279 -17.66 -64.74 23.08
N LYS L 280 -16.39 -64.63 23.47
CA LYS L 280 -15.84 -63.59 24.33
C LYS L 280 -14.62 -62.95 23.69
N ARG L 281 -14.01 -62.00 24.41
CA ARG L 281 -12.64 -61.64 24.07
C ARG L 281 -11.66 -62.62 24.68
N GLY L 282 -10.62 -63.02 23.92
CA GLY L 282 -9.73 -64.11 24.27
C GLY L 282 -9.95 -65.35 23.44
N ASP L 283 -11.18 -65.50 22.95
CA ASP L 283 -11.58 -66.44 21.92
C ASP L 283 -11.18 -66.16 20.48
N LEU L 284 -11.19 -67.22 19.66
CA LEU L 284 -11.17 -67.11 18.22
C LEU L 284 -12.42 -67.70 17.57
N VAL L 285 -12.74 -67.28 16.35
CA VAL L 285 -13.75 -67.86 15.48
C VAL L 285 -13.17 -68.74 14.39
N THR L 286 -13.57 -70.01 14.26
CA THR L 286 -12.95 -70.97 13.38
C THR L 286 -13.73 -71.23 12.10
N LYS L 287 -15.03 -71.51 12.16
CA LYS L 287 -15.81 -71.94 11.01
C LYS L 287 -17.32 -71.79 11.08
N VAL L 288 -17.88 -71.00 10.15
CA VAL L 288 -19.29 -71.03 9.82
C VAL L 288 -19.68 -72.40 9.27
N ASN L 289 -20.96 -72.74 9.28
CA ASN L 289 -21.51 -73.98 8.77
C ASN L 289 -21.06 -74.30 7.34
N ASN L 290 -20.43 -73.41 6.59
CA ASN L 290 -20.14 -73.59 5.17
C ASN L 290 -18.87 -72.89 4.73
N LYS L 291 -18.23 -72.10 5.59
CA LYS L 291 -17.19 -71.12 5.30
C LYS L 291 -16.25 -71.01 6.49
N VAL L 292 -14.94 -71.03 6.25
CA VAL L 292 -13.92 -71.23 7.27
C VAL L 292 -13.16 -69.93 7.49
N ILE L 293 -12.89 -69.64 8.77
CA ILE L 293 -12.54 -68.32 9.26
C ILE L 293 -11.19 -68.37 9.97
N LYS L 294 -10.35 -67.57 9.32
CA LYS L 294 -8.97 -67.27 9.70
C LYS L 294 -8.85 -65.77 9.95
N SER L 295 -9.59 -64.96 9.19
CA SER L 295 -9.44 -63.51 9.14
C SER L 295 -10.75 -62.75 9.29
N PRO L 296 -10.72 -61.42 9.45
CA PRO L 296 -11.89 -60.60 9.68
C PRO L 296 -12.61 -60.45 8.33
N ILE L 297 -11.88 -60.21 7.24
CA ILE L 297 -12.49 -60.15 5.93
C ILE L 297 -13.01 -61.49 5.44
N ASP L 298 -12.74 -62.60 6.11
CA ASP L 298 -13.58 -63.78 5.97
C ASP L 298 -14.96 -63.58 6.58
N LEU L 299 -15.15 -63.48 7.90
CA LEU L 299 -16.45 -63.31 8.52
C LEU L 299 -17.29 -62.12 8.05
N LYS L 300 -16.62 -60.99 7.85
CA LYS L 300 -17.16 -59.85 7.13
C LYS L 300 -17.84 -60.15 5.80
N ASN L 301 -17.10 -60.63 4.78
CA ASN L 301 -17.77 -60.96 3.53
C ASN L 301 -18.66 -62.19 3.58
N TYR L 302 -18.44 -63.18 4.46
CA TYR L 302 -19.34 -64.26 4.80
C TYR L 302 -20.73 -63.90 5.32
N ILE L 303 -20.75 -62.80 6.06
CA ILE L 303 -21.96 -62.11 6.43
C ILE L 303 -22.50 -61.28 5.27
N GLY L 304 -21.61 -60.69 4.47
CA GLY L 304 -21.80 -60.07 3.17
C GLY L 304 -22.38 -60.96 2.09
N THR L 305 -22.67 -62.22 2.45
CA THR L 305 -23.39 -63.20 1.65
C THR L 305 -24.45 -63.93 2.46
N LEU L 306 -24.89 -63.40 3.61
CA LEU L 306 -25.85 -64.08 4.45
C LEU L 306 -26.96 -63.09 4.79
N GLU L 307 -28.18 -63.65 4.81
CA GLU L 307 -29.39 -62.88 5.04
C GLU L 307 -30.01 -63.03 6.41
N ILE L 308 -30.82 -62.09 6.89
CA ILE L 308 -31.22 -61.83 8.27
C ILE L 308 -31.98 -62.94 8.99
N GLY L 309 -31.71 -63.06 10.29
CA GLY L 309 -32.52 -63.86 11.19
C GLY L 309 -32.42 -65.39 11.21
N GLN L 310 -31.67 -66.01 10.30
CA GLN L 310 -31.29 -67.40 10.31
C GLN L 310 -30.29 -67.61 11.44
N LYS L 311 -30.24 -68.83 11.98
CA LYS L 311 -29.39 -69.24 13.07
C LYS L 311 -28.32 -70.19 12.53
N ILE L 312 -27.10 -69.88 12.96
CA ILE L 312 -25.88 -70.42 12.38
C ILE L 312 -25.17 -71.14 13.51
N SER L 313 -24.94 -72.45 13.41
CA SER L 313 -24.17 -73.29 14.30
C SER L 313 -22.68 -73.34 13.98
N LEU L 314 -22.09 -72.16 14.15
CA LEU L 314 -20.66 -72.03 13.94
C LEU L 314 -19.82 -72.54 15.09
N SER L 315 -18.55 -72.88 14.84
CA SER L 315 -17.55 -73.22 15.83
C SER L 315 -16.64 -72.06 16.20
N TYR L 316 -16.15 -72.03 17.44
CA TYR L 316 -15.27 -71.03 18.00
C TYR L 316 -14.43 -71.66 19.12
N GLU L 317 -13.16 -71.25 19.30
CA GLU L 317 -12.36 -71.75 20.40
C GLU L 317 -11.88 -70.63 21.32
N ARG L 318 -11.35 -71.01 22.49
CA ARG L 318 -10.66 -70.22 23.48
C ARG L 318 -9.46 -71.08 23.91
N ASP L 319 -8.33 -70.46 24.19
CA ASP L 319 -7.22 -71.06 24.92
C ASP L 319 -6.63 -72.40 24.50
N GLY L 320 -7.14 -73.20 23.56
CA GLY L 320 -6.92 -74.63 23.59
C GLY L 320 -8.15 -75.51 23.46
N GLU L 321 -9.39 -75.02 23.32
CA GLU L 321 -10.57 -75.83 23.19
C GLU L 321 -11.79 -75.22 22.48
N ASN L 322 -12.35 -76.04 21.60
CA ASN L 322 -13.34 -75.58 20.64
C ASN L 322 -14.78 -75.85 21.09
N LYS L 323 -15.73 -74.94 20.82
CA LYS L 323 -17.13 -75.03 21.14
C LYS L 323 -17.89 -74.87 19.82
N GLN L 324 -19.03 -75.54 19.84
CA GLN L 324 -20.13 -75.13 18.99
C GLN L 324 -21.19 -74.43 19.83
N ALA L 325 -21.80 -73.42 19.22
CA ALA L 325 -23.06 -72.85 19.68
C ALA L 325 -23.79 -72.25 18.49
N SER L 326 -24.99 -71.71 18.72
CA SER L 326 -25.77 -71.16 17.63
C SER L 326 -26.03 -69.67 17.69
N PHE L 327 -25.82 -68.97 16.57
CA PHE L 327 -25.70 -67.54 16.41
C PHE L 327 -26.79 -67.01 15.47
N ILE L 328 -27.72 -66.18 15.91
CA ILE L 328 -28.59 -65.51 14.97
C ILE L 328 -27.86 -64.51 14.08
N LEU L 329 -28.20 -64.33 12.80
CA LEU L 329 -27.62 -63.24 12.04
C LEU L 329 -28.30 -61.92 12.41
N LYS L 330 -27.60 -61.15 13.24
CA LYS L 330 -27.91 -59.96 13.99
C LYS L 330 -26.89 -58.88 13.64
N GLY L 331 -27.26 -57.78 12.99
CA GLY L 331 -26.26 -56.75 12.76
C GLY L 331 -25.86 -55.86 13.93
N GLU L 332 -25.18 -54.75 13.61
CA GLU L 332 -24.78 -53.74 14.59
C GLU L 332 -26.03 -53.00 15.07
N LYS L 333 -27.09 -53.18 14.28
CA LYS L 333 -28.47 -52.75 14.47
C LYS L 333 -29.32 -53.63 15.35
N GLU L 334 -28.74 -54.60 16.08
CA GLU L 334 -29.53 -55.70 16.60
C GLU L 334 -28.99 -56.26 17.91
N ASN L 335 -28.22 -55.54 18.74
CA ASN L 335 -27.38 -56.16 19.73
C ASN L 335 -27.52 -55.68 21.18
N PRO L 336 -28.29 -56.35 22.03
CA PRO L 336 -28.56 -56.11 23.44
C PRO L 336 -27.56 -56.14 24.58
N LYS L 337 -26.24 -56.07 24.34
CA LYS L 337 -25.17 -55.86 25.29
C LYS L 337 -24.72 -56.96 26.25
N GLY L 338 -23.42 -57.10 26.50
CA GLY L 338 -22.80 -58.23 27.18
C GLY L 338 -21.36 -58.00 27.67
N VAL L 339 -20.37 -58.90 27.69
CA VAL L 339 -19.26 -59.06 28.61
C VAL L 339 -17.92 -59.37 27.98
N GLN L 340 -16.82 -58.89 28.55
CA GLN L 340 -15.42 -59.09 28.21
C GLN L 340 -14.31 -58.82 29.23
N SER L 341 -13.13 -59.45 29.14
CA SER L 341 -12.11 -59.45 30.16
C SER L 341 -10.70 -59.33 29.60
N ASP L 342 -10.00 -60.42 29.30
CA ASP L 342 -8.57 -60.36 29.04
C ASP L 342 -7.62 -59.90 30.15
N LEU L 343 -6.95 -58.75 29.97
CA LEU L 343 -5.96 -58.28 30.92
C LEU L 343 -6.57 -57.64 32.16
N ILE L 344 -7.90 -57.57 32.26
CA ILE L 344 -8.52 -57.27 33.53
C ILE L 344 -9.03 -58.53 34.23
N ASP L 345 -8.66 -59.74 33.79
CA ASP L 345 -9.17 -60.98 34.33
C ASP L 345 -8.65 -61.37 35.71
N GLY L 346 -9.62 -61.60 36.60
CA GLY L 346 -9.28 -61.77 38.00
C GLY L 346 -8.46 -60.69 38.67
N LEU L 347 -8.60 -59.43 38.25
CA LEU L 347 -7.85 -58.28 38.71
C LEU L 347 -8.72 -57.35 39.56
N SER L 348 -8.80 -57.59 40.88
CA SER L 348 -9.29 -56.64 41.87
C SER L 348 -8.35 -55.44 41.95
N LEU L 349 -8.80 -54.41 41.24
CA LEU L 349 -8.11 -53.14 41.09
C LEU L 349 -9.02 -51.94 41.37
N ARG L 350 -8.59 -50.85 42.00
CA ARG L 350 -9.34 -49.72 42.55
C ARG L 350 -8.54 -48.43 42.33
N ASN L 351 -9.22 -47.31 42.13
CA ASN L 351 -8.76 -45.94 41.97
C ASN L 351 -7.99 -45.42 43.18
N LEU L 352 -6.97 -44.58 43.09
CA LEU L 352 -6.06 -44.23 44.16
C LEU L 352 -5.75 -42.73 44.13
N ASP L 353 -5.58 -42.24 45.36
CA ASP L 353 -4.60 -41.23 45.71
C ASP L 353 -3.98 -41.77 46.99
N PRO L 354 -2.79 -42.36 47.01
CA PRO L 354 -2.40 -43.33 48.03
C PRO L 354 -1.87 -42.63 49.27
N ARG L 355 -1.80 -43.47 50.31
CA ARG L 355 -1.33 -43.06 51.63
C ARG L 355 -0.11 -43.78 52.16
N LEU L 356 1.01 -43.64 51.45
CA LEU L 356 2.32 -44.20 51.78
C LEU L 356 3.31 -43.30 51.05
N LYS L 357 4.55 -43.23 51.53
CA LYS L 357 5.64 -42.40 51.06
C LYS L 357 6.38 -43.03 49.90
N ASP L 358 6.95 -42.30 48.94
CA ASP L 358 6.99 -40.85 48.92
C ASP L 358 6.84 -40.20 47.54
N ARG L 359 7.68 -40.55 46.56
CA ARG L 359 7.82 -39.81 45.33
C ARG L 359 7.85 -38.29 45.48
N LEU L 360 7.02 -37.58 44.70
CA LEU L 360 7.02 -36.15 44.51
C LEU L 360 5.67 -35.51 44.76
N GLN L 361 5.66 -34.18 44.75
CA GLN L 361 4.49 -33.40 45.09
C GLN L 361 3.52 -33.11 43.95
N ILE L 362 2.99 -34.10 43.22
CA ILE L 362 2.21 -33.92 42.01
C ILE L 362 1.08 -34.94 42.01
N PRO L 363 -0.03 -34.75 41.29
CA PRO L 363 -0.94 -35.85 40.99
C PRO L 363 -0.68 -36.68 39.74
N LYS L 364 0.04 -36.07 38.81
CA LYS L 364 0.19 -36.52 37.43
C LYS L 364 0.73 -37.92 37.20
N ASP L 365 1.61 -38.37 38.09
CA ASP L 365 2.38 -39.60 38.01
C ASP L 365 1.86 -40.50 39.10
N VAL L 366 0.78 -40.23 39.84
CA VAL L 366 0.42 -41.02 41.00
C VAL L 366 -1.04 -41.48 41.02
N ASN L 367 -1.88 -40.77 40.26
CA ASN L 367 -3.18 -41.34 39.95
C ASN L 367 -3.02 -42.40 38.87
N GLY L 368 -4.03 -43.22 38.55
CA GLY L 368 -3.92 -44.53 37.93
C GLY L 368 -4.73 -45.42 38.87
N VAL L 369 -4.32 -46.69 38.96
CA VAL L 369 -5.08 -47.68 39.68
C VAL L 369 -4.17 -48.62 40.46
N LEU L 370 -4.59 -48.89 41.70
CA LEU L 370 -3.80 -49.68 42.62
C LEU L 370 -4.26 -51.13 42.46
N VAL L 371 -3.34 -52.06 42.70
CA VAL L 371 -3.55 -53.50 42.65
C VAL L 371 -3.78 -54.19 43.97
N ASP L 372 -5.02 -54.49 44.40
CA ASP L 372 -5.32 -55.44 45.46
C ASP L 372 -4.82 -56.85 45.14
N SER L 373 -5.06 -57.47 43.99
CA SER L 373 -4.74 -58.84 43.69
C SER L 373 -4.68 -59.21 42.21
N VAL L 374 -3.99 -60.30 41.86
CA VAL L 374 -3.63 -60.64 40.51
C VAL L 374 -3.81 -62.13 40.33
N LYS L 375 -4.70 -62.62 39.47
CA LYS L 375 -4.91 -64.01 39.15
C LYS L 375 -3.71 -64.61 38.43
N GLU L 376 -3.27 -65.81 38.83
CA GLU L 376 -2.20 -66.58 38.24
C GLU L 376 -2.25 -66.72 36.73
N LYS L 377 -3.40 -67.14 36.20
CA LYS L 377 -3.65 -67.29 34.77
C LYS L 377 -3.47 -66.00 33.99
N SER L 378 -3.64 -64.84 34.62
CA SER L 378 -3.68 -63.54 33.96
C SER L 378 -2.34 -63.34 33.26
N LYS L 379 -2.33 -62.77 32.06
CA LYS L 379 -1.15 -62.46 31.27
C LYS L 379 -0.13 -61.55 31.96
N GLY L 380 -0.63 -60.62 32.77
CA GLY L 380 0.14 -60.07 33.86
C GLY L 380 1.16 -60.98 34.51
N LYS L 381 0.73 -62.09 35.13
CA LYS L 381 1.57 -62.95 35.95
C LYS L 381 2.51 -63.77 35.09
N ASN L 382 2.21 -63.99 33.80
CA ASN L 382 3.13 -64.55 32.83
C ASN L 382 4.20 -63.56 32.40
N SER L 383 4.23 -62.35 32.97
CA SER L 383 4.95 -61.20 32.46
C SER L 383 5.21 -60.20 33.57
N GLY L 384 5.40 -60.70 34.80
CA GLY L 384 6.03 -59.92 35.85
C GLY L 384 5.21 -58.80 36.49
N PHE L 385 3.88 -58.78 36.39
CA PHE L 385 3.00 -57.91 37.14
C PHE L 385 2.49 -58.63 38.39
N GLN L 386 2.53 -57.98 39.55
CA GLN L 386 2.56 -58.55 40.88
C GLN L 386 1.54 -57.90 41.80
N GLU L 387 1.19 -58.60 42.91
CA GLU L 387 0.26 -58.16 43.93
C GLU L 387 0.75 -56.92 44.68
N GLY L 388 0.05 -55.79 44.53
CA GLY L 388 0.43 -54.52 45.09
C GLY L 388 1.22 -53.55 44.20
N ASP L 389 1.34 -53.89 42.92
CA ASP L 389 1.60 -52.94 41.86
C ASP L 389 0.50 -51.89 41.71
N ILE L 390 0.80 -50.85 40.93
CA ILE L 390 -0.03 -49.72 40.58
C ILE L 390 0.15 -49.29 39.14
N ILE L 391 -0.90 -49.21 38.32
CA ILE L 391 -0.75 -49.02 36.89
C ILE L 391 -1.01 -47.55 36.59
N ILE L 392 0.02 -46.96 35.98
CA ILE L 392 0.20 -45.57 35.62
C ILE L 392 -0.22 -45.38 34.16
N GLY L 393 0.14 -46.35 33.34
CA GLY L 393 -0.39 -46.50 32.00
C GLY L 393 -0.32 -47.84 31.27
N VAL L 394 -1.07 -47.97 30.18
CA VAL L 394 -1.52 -49.22 29.60
C VAL L 394 -1.25 -49.37 28.11
N GLY L 395 0.01 -49.68 27.83
CA GLY L 395 0.59 -49.54 26.51
C GLY L 395 1.04 -48.14 26.12
N GLN L 396 2.07 -47.65 26.81
CA GLN L 396 2.72 -46.40 26.47
C GLN L 396 1.76 -45.23 26.59
N SER L 397 0.68 -45.29 27.38
CA SER L 397 -0.32 -44.27 27.43
C SER L 397 -1.00 -44.29 28.80
N GLU L 398 -1.09 -43.11 29.42
CA GLU L 398 -1.27 -42.95 30.86
C GLU L 398 -2.74 -42.91 31.26
N ILE L 399 -3.12 -43.24 32.50
CA ILE L 399 -4.49 -43.40 32.95
C ILE L 399 -4.62 -42.61 34.25
N LYS L 400 -5.79 -42.04 34.57
CA LYS L 400 -6.05 -41.48 35.88
C LYS L 400 -6.82 -42.41 36.81
N ASN L 401 -7.43 -43.51 36.32
CA ASN L 401 -8.45 -44.28 37.00
C ASN L 401 -8.79 -45.65 36.45
N LEU L 402 -9.84 -46.32 36.92
CA LEU L 402 -10.60 -47.41 36.31
C LEU L 402 -11.26 -47.09 34.98
N LYS L 403 -11.73 -45.85 34.78
CA LYS L 403 -12.49 -45.56 33.58
C LYS L 403 -11.57 -45.48 32.36
N ASP L 404 -10.39 -44.88 32.57
CA ASP L 404 -9.32 -44.81 31.61
C ASP L 404 -8.72 -46.20 31.43
N LEU L 405 -8.57 -46.98 32.51
CA LEU L 405 -8.02 -48.32 32.45
C LEU L 405 -8.91 -49.28 31.67
N GLU L 406 -10.18 -49.41 32.03
CA GLU L 406 -11.02 -50.32 31.27
C GLU L 406 -11.14 -49.91 29.80
N GLN L 407 -10.93 -48.67 29.36
CA GLN L 407 -10.84 -48.39 27.94
C GLN L 407 -9.67 -49.08 27.28
N ALA L 408 -8.45 -48.87 27.80
CA ALA L 408 -7.25 -49.49 27.29
C ALA L 408 -7.17 -51.01 27.38
N LEU L 409 -7.65 -51.55 28.50
CA LEU L 409 -7.79 -52.96 28.73
C LEU L 409 -8.99 -53.51 27.96
N LYS L 410 -10.02 -52.79 27.52
CA LYS L 410 -10.89 -53.16 26.41
C LYS L 410 -10.15 -53.11 25.09
N GLN L 411 -8.89 -52.67 24.93
CA GLN L 411 -8.15 -52.69 23.68
C GLN L 411 -6.93 -53.61 23.72
N VAL L 412 -6.63 -54.29 24.83
CA VAL L 412 -5.57 -55.27 24.87
C VAL L 412 -5.70 -56.48 23.97
N ASN L 413 -6.88 -56.88 23.47
CA ASN L 413 -7.16 -57.87 22.46
C ASN L 413 -7.03 -57.37 21.03
N LYS L 414 -6.72 -56.08 20.86
CA LYS L 414 -6.17 -55.46 19.68
C LYS L 414 -4.66 -55.37 19.77
N LYS L 415 -3.95 -55.73 20.85
CA LYS L 415 -2.50 -55.85 20.93
C LYS L 415 -2.06 -57.29 20.88
N GLU L 416 -0.77 -57.53 20.64
CA GLU L 416 -0.08 -58.80 20.85
C GLU L 416 0.38 -58.88 22.31
N PHE L 417 0.95 -57.78 22.80
CA PHE L 417 1.34 -57.61 24.19
C PHE L 417 1.26 -56.16 24.65
N THR L 418 1.04 -56.00 25.96
CA THR L 418 0.91 -54.68 26.56
C THR L 418 2.17 -54.20 27.28
N LYS L 419 2.70 -53.08 26.83
CA LYS L 419 3.66 -52.27 27.56
C LYS L 419 2.94 -51.47 28.63
N VAL L 420 2.53 -52.18 29.69
CA VAL L 420 2.07 -51.48 30.86
C VAL L 420 3.21 -50.79 31.62
N TRP L 421 3.04 -49.60 32.19
CA TRP L 421 3.89 -49.02 33.22
C TRP L 421 3.27 -49.10 34.62
N VAL L 422 3.98 -49.86 35.47
CA VAL L 422 3.55 -50.13 36.83
C VAL L 422 4.56 -49.71 37.90
N TYR L 423 3.97 -48.90 38.77
CA TYR L 423 4.62 -48.43 39.98
C TYR L 423 4.40 -49.46 41.08
N ARG L 424 5.47 -49.58 41.86
CA ARG L 424 5.60 -50.37 43.06
C ARG L 424 5.78 -49.62 44.38
N ASN L 425 6.43 -50.15 45.41
CA ASN L 425 6.64 -49.51 46.69
C ASN L 425 7.61 -48.35 46.60
N GLY L 426 8.49 -48.29 45.60
CA GLY L 426 9.50 -47.32 45.30
C GLY L 426 9.57 -46.61 43.95
N PHE L 427 9.30 -47.33 42.85
CA PHE L 427 9.65 -46.96 41.50
C PHE L 427 8.78 -47.73 40.51
N ALA L 428 8.86 -47.29 39.24
CA ALA L 428 8.02 -47.85 38.21
C ALA L 428 8.75 -48.70 37.17
N THR L 429 8.26 -49.90 36.92
CA THR L 429 8.85 -50.84 35.99
C THR L 429 8.01 -50.96 34.72
N LEU L 430 8.56 -51.34 33.56
CA LEU L 430 7.84 -51.49 32.32
C LEU L 430 7.78 -53.00 32.06
N LEU L 431 6.65 -53.46 31.51
CA LEU L 431 6.47 -54.90 31.46
C LEU L 431 6.11 -55.27 30.03
N VAL L 432 5.91 -56.54 29.70
CA VAL L 432 5.61 -57.09 28.38
C VAL L 432 4.56 -58.20 28.33
N LEU L 433 3.31 -57.81 28.52
CA LEU L 433 2.22 -58.67 28.97
C LEU L 433 1.65 -59.44 27.79
N LYS L 434 2.11 -60.69 27.64
CA LYS L 434 1.66 -61.75 26.78
C LYS L 434 1.33 -63.09 27.42
#